data_6NM5
#
_entry.id   6NM5
#
_cell.length_a   1
_cell.length_b   1
_cell.length_c   1
_cell.angle_alpha   90.000
_cell.angle_beta   90.000
_cell.angle_gamma   90.000
#
_symmetry.space_group_name_H-M   'P 1'
#
loop_
_entity.id
_entity.type
_entity.pdbx_description
1 polymer 'Type IV conjugative transfer system pilin TraA'
2 polymer 'Maturation protein'
3 non-polymer '(2R)-2,3-dihydroxypropyl ethyl hydrogen (S)-phosphate'
#
loop_
_entity_poly.entity_id
_entity_poly.type
_entity_poly.pdbx_seq_one_letter_code
_entity_poly.pdbx_strand_id
1 'polypeptide(L)' QDLMASGNTTVKATFGKDSSVVKWVVLAEVLVGAVMYMMTKNVKFLAGFAIISVFIAVGMAVVGL 1A,1B,1C,1D,1E,1F,1G,1H,1I,1J,1K,1L,1M,1N,1O,2A,2B,2C,2D,2E,2F,2G,2H,2I,2J,2K,2L,2M,2N,2O,3A,3B,3C,3D,3E,3F,3G,3H,3I,3J,3K,3L,3M,3N,3O,4A,4B,4C,4D,4E,4F,4G,4H,4I,4J,4K,4L,4M,4N,4O,5A,5B,5C,5D,5E,5F,5G,5H,5I,5J,5K,5L,5M,5N,5O
2 'polypeptide(L)'
;MRAFSTLDRENETFVPSVRVYADGETEDNSFSLKYRSNWTPGRFNSTGAKTKQWHYPSPYSRGALSVTSIDQGAYKRSGS
SWGRPYEEKAGFGFSLDARSCYSLFPVSQNLTYIEVPQNVANRASTEVLQKVTQGNFNLGVALAEARSTASQLATQTIAL
VKAYTAARRGNWRQALRYLALNEDRKFRSKHVAGRWLELQFGWLPLMSDIQGAYEMLTKVHLQEFLPMRAVRQVGTNIKL
DGRLSYPAANFQTTCNISRRIVIWFYINDARLAWLSSLGILNPLGIVWEKVPFSFVVDWLLPVGNMLEGLTAPVGCSYMS
GTVTDVITGESIISVDAPYGWTVERQGTAKAQISAMHRGVQSVWPTTGAYVKSPFSMVHTLDALALIRQRLSR
;
M
#
# COMPACT_ATOMS: atom_id res chain seq x y z
N GLN A 1 -39.60 35.25 53.96
CA GLN A 1 -39.68 36.68 53.73
C GLN A 1 -41.12 37.17 53.86
N ASP A 2 -41.35 38.43 53.51
CA ASP A 2 -42.67 39.04 53.57
C ASP A 2 -43.34 38.96 52.20
N LEU A 3 -44.39 39.75 52.02
CA LEU A 3 -45.12 39.78 50.76
C LEU A 3 -44.58 40.89 49.85
N MET A 4 -44.88 40.76 48.56
CA MET A 4 -44.43 41.72 47.57
C MET A 4 -45.58 42.24 46.70
N ALA A 5 -46.82 41.87 46.99
CA ALA A 5 -47.97 42.34 46.21
C ALA A 5 -48.46 43.71 46.65
N SER A 6 -48.01 44.21 47.79
CA SER A 6 -48.44 45.52 48.27
C SER A 6 -47.24 46.40 48.58
N GLY A 7 -47.32 47.17 49.67
CA GLY A 7 -46.24 48.04 50.05
C GLY A 7 -46.13 49.33 49.26
N ASN A 8 -47.22 49.75 48.61
CA ASN A 8 -47.21 50.98 47.82
C ASN A 8 -48.41 51.88 48.06
N THR A 9 -49.54 51.35 48.52
CA THR A 9 -50.76 52.11 48.77
C THR A 9 -51.18 52.90 47.53
N THR A 10 -51.19 52.21 46.39
CA THR A 10 -51.57 52.80 45.11
C THR A 10 -53.02 52.51 44.74
N VAL A 11 -53.46 51.25 44.87
CA VAL A 11 -54.82 50.90 44.52
C VAL A 11 -55.81 51.44 45.55
N LYS A 12 -55.36 51.73 46.77
CA LYS A 12 -56.26 52.25 47.78
C LYS A 12 -56.66 53.70 47.48
N ALA A 13 -55.73 54.47 46.89
CA ALA A 13 -56.01 55.86 46.54
C ALA A 13 -56.76 56.00 45.22
N THR A 14 -56.80 54.94 44.41
CA THR A 14 -57.49 54.97 43.12
C THR A 14 -58.92 54.45 43.21
N PHE A 15 -59.11 53.31 43.86
CA PHE A 15 -60.43 52.69 44.03
C PHE A 15 -60.78 52.75 45.51
N GLY A 16 -61.46 53.82 45.91
CA GLY A 16 -61.85 53.99 47.29
C GLY A 16 -62.93 55.04 47.43
N LYS A 17 -63.16 55.44 48.69
CA LYS A 17 -64.18 56.45 48.96
C LYS A 17 -63.66 57.86 48.66
N ASP A 18 -62.43 58.15 49.05
CA ASP A 18 -61.82 59.47 48.83
C ASP A 18 -61.04 59.52 47.51
N SER A 19 -61.64 58.96 46.45
CA SER A 19 -60.99 58.94 45.15
C SER A 19 -61.88 59.57 44.09
N SER A 20 -61.85 59.01 42.88
CA SER A 20 -62.65 59.52 41.77
C SER A 20 -63.70 58.52 41.29
N VAL A 21 -63.76 57.33 41.89
CA VAL A 21 -64.73 56.33 41.46
C VAL A 21 -66.13 56.71 41.96
N VAL A 22 -66.23 57.33 43.13
CA VAL A 22 -67.52 57.67 43.69
C VAL A 22 -68.20 58.80 42.92
N LYS A 23 -67.46 59.54 42.09
CA LYS A 23 -68.04 60.63 41.32
C LYS A 23 -68.61 60.17 39.99
N TRP A 24 -68.11 59.08 39.43
CA TRP A 24 -68.61 58.57 38.15
C TRP A 24 -69.77 57.60 38.30
N VAL A 25 -69.93 56.99 39.49
CA VAL A 25 -71.03 56.05 39.71
C VAL A 25 -72.35 56.74 40.02
N VAL A 26 -72.34 58.05 40.27
CA VAL A 26 -73.56 58.77 40.58
C VAL A 26 -74.19 59.41 39.35
N LEU A 27 -73.40 59.70 38.31
CA LEU A 27 -73.92 60.30 37.09
C LEU A 27 -74.49 59.29 36.11
N ALA A 28 -74.16 58.00 36.28
CA ALA A 28 -74.68 56.99 35.37
C ALA A 28 -76.13 56.64 35.65
N GLU A 29 -76.62 56.91 36.85
CA GLU A 29 -78.01 56.60 37.18
C GLU A 29 -78.96 57.62 36.56
N VAL A 30 -78.62 58.91 36.63
CA VAL A 30 -79.47 59.95 36.06
C VAL A 30 -79.40 59.97 34.54
N LEU A 31 -78.35 59.40 33.96
CA LEU A 31 -78.22 59.41 32.51
C LEU A 31 -79.20 58.44 31.84
N VAL A 32 -79.54 57.35 32.52
CA VAL A 32 -80.45 56.36 31.97
C VAL A 32 -81.73 56.19 32.77
N GLY A 33 -81.79 56.69 34.01
CA GLY A 33 -82.98 56.55 34.82
C GLY A 33 -83.93 57.72 34.70
N ALA A 34 -83.43 58.86 34.27
CA ALA A 34 -84.23 60.07 34.10
C ALA A 34 -84.57 60.38 32.65
N VAL A 35 -84.33 59.43 31.74
CA VAL A 35 -84.62 59.64 30.33
C VAL A 35 -85.68 58.68 29.79
N MET A 36 -86.06 57.66 30.56
CA MET A 36 -87.07 56.71 30.13
C MET A 36 -88.49 57.12 30.52
N TYR A 37 -88.68 58.40 30.87
CA TYR A 37 -90.02 58.88 31.22
C TYR A 37 -90.92 59.04 30.01
N MET A 38 -90.39 58.90 28.79
CA MET A 38 -91.19 59.05 27.58
C MET A 38 -91.80 57.73 27.12
N MET A 39 -91.06 56.63 27.24
CA MET A 39 -91.54 55.33 26.78
C MET A 39 -92.28 54.58 27.89
N THR A 40 -91.71 54.54 29.10
CA THR A 40 -92.30 53.80 30.20
C THR A 40 -93.19 54.70 31.07
N LYS A 41 -92.59 55.73 31.67
CA LYS A 41 -93.28 56.65 32.57
C LYS A 41 -93.93 55.89 33.74
N ASN A 42 -93.06 55.33 34.58
CA ASN A 42 -93.48 54.56 35.73
C ASN A 42 -92.45 54.76 36.84
N VAL A 43 -92.94 54.87 38.07
CA VAL A 43 -92.06 55.04 39.23
C VAL A 43 -91.53 53.67 39.64
N LYS A 44 -90.34 53.32 39.13
CA LYS A 44 -89.73 52.04 39.45
C LYS A 44 -88.24 52.20 39.72
N PHE A 45 -87.57 53.01 38.92
CA PHE A 45 -86.13 53.24 39.06
C PHE A 45 -85.85 54.47 39.90
N LEU A 46 -86.54 54.59 41.03
CA LEU A 46 -86.36 55.72 41.93
C LEU A 46 -85.84 55.31 43.31
N ALA A 47 -85.66 54.02 43.57
CA ALA A 47 -85.16 53.54 44.84
C ALA A 47 -83.64 53.49 44.90
N GLY A 48 -82.94 53.94 43.85
CA GLY A 48 -81.50 53.93 43.81
C GLY A 48 -80.83 55.20 44.28
N PHE A 49 -81.57 56.11 44.90
CA PHE A 49 -81.03 57.37 45.39
C PHE A 49 -80.56 57.28 46.84
N ALA A 50 -80.36 56.08 47.36
CA ALA A 50 -79.92 55.91 48.75
C ALA A 50 -79.04 54.67 48.89
N ILE A 51 -79.09 53.78 47.90
CA ILE A 51 -78.28 52.56 47.94
C ILE A 51 -76.87 52.76 47.41
N ILE A 52 -76.51 53.98 47.01
CA ILE A 52 -75.18 54.22 46.49
C ILE A 52 -74.17 54.28 47.64
N SER A 53 -74.49 55.05 48.68
CA SER A 53 -73.60 55.16 49.83
C SER A 53 -73.66 53.94 50.74
N VAL A 54 -74.70 53.12 50.62
CA VAL A 54 -74.80 51.93 51.46
C VAL A 54 -73.96 50.79 50.90
N PHE A 55 -73.98 50.61 49.58
CA PHE A 55 -73.20 49.54 48.97
C PHE A 55 -71.70 49.80 49.07
N ILE A 56 -71.28 51.07 49.03
CA ILE A 56 -69.86 51.39 49.14
C ILE A 56 -69.37 51.32 50.57
N ALA A 57 -70.28 51.36 51.55
CA ALA A 57 -69.86 51.30 52.95
C ALA A 57 -69.71 49.86 53.42
N VAL A 58 -70.36 48.92 52.74
CA VAL A 58 -70.28 47.51 53.10
C VAL A 58 -69.31 46.80 52.16
N GLY A 59 -68.58 47.57 51.37
CA GLY A 59 -67.62 47.01 50.44
C GLY A 59 -66.22 47.54 50.64
N MET A 60 -66.10 48.80 51.07
CA MET A 60 -64.79 49.40 51.30
C MET A 60 -64.29 49.14 52.71
N ALA A 61 -65.18 49.14 53.70
CA ALA A 61 -64.82 48.92 55.09
C ALA A 61 -64.80 47.44 55.47
N VAL A 62 -64.47 46.55 54.54
CA VAL A 62 -64.44 45.13 54.82
C VAL A 62 -63.12 44.75 55.48
N VAL A 63 -62.00 45.09 54.84
CA VAL A 63 -60.68 44.78 55.37
C VAL A 63 -60.06 46.04 55.95
N GLY A 64 -59.84 47.05 55.10
CA GLY A 64 -59.26 48.30 55.55
C GLY A 64 -57.79 48.20 55.87
N LEU A 65 -57.02 47.67 54.93
CA LEU A 65 -55.57 47.50 55.10
C LEU A 65 -55.22 46.69 56.35
N GLN B 1 -34.52 11.70 53.25
CA GLN B 1 -34.41 13.10 53.65
C GLN B 1 -35.77 13.76 53.75
N ASP B 2 -35.78 15.05 54.05
CA ASP B 2 -37.02 15.81 54.17
C ASP B 2 -37.38 16.42 52.83
N LEU B 3 -38.40 17.28 52.82
CA LEU B 3 -38.85 17.93 51.60
C LEU B 3 -38.06 19.22 51.35
N MET B 4 -38.12 19.69 50.11
CA MET B 4 -37.43 20.91 49.71
C MET B 4 -38.35 21.93 49.05
N ALA B 5 -39.65 21.66 48.98
CA ALA B 5 -40.58 22.60 48.37
C ALA B 5 -40.98 23.73 49.31
N SER B 6 -40.82 23.55 50.63
CA SER B 6 -41.19 24.57 51.59
C SER B 6 -39.97 25.03 52.37
N GLY B 7 -40.11 25.20 53.69
CA GLY B 7 -39.02 25.63 54.53
C GLY B 7 -38.70 27.11 54.47
N ASN B 8 -39.60 27.93 53.92
CA ASN B 8 -39.38 29.37 53.83
C ASN B 8 -40.56 30.21 54.28
N THR B 9 -41.78 29.67 54.29
CA THR B 9 -42.99 30.39 54.69
C THR B 9 -43.15 31.69 53.89
N THR B 10 -42.96 31.58 52.58
CA THR B 10 -43.08 32.71 51.67
C THR B 10 -44.44 32.79 51.00
N VAL B 11 -44.95 31.67 50.47
CA VAL B 11 -46.25 31.67 49.81
C VAL B 11 -47.38 31.84 50.82
N LYS B 12 -47.15 31.50 52.10
CA LYS B 12 -48.20 31.64 53.10
C LYS B 12 -48.44 33.10 53.44
N ALA B 13 -47.39 33.92 53.45
CA ALA B 13 -47.53 35.35 53.74
C ALA B 13 -47.94 36.17 52.52
N THR B 14 -48.00 35.55 51.34
CA THR B 14 -48.38 36.23 50.11
C THR B 14 -49.81 35.92 49.69
N PHE B 15 -50.19 34.64 49.71
CA PHE B 15 -51.53 34.20 49.34
C PHE B 15 -52.23 33.71 50.60
N GLY B 16 -52.66 34.65 51.44
CA GLY B 16 -53.32 34.31 52.68
C GLY B 16 -54.35 35.35 53.10
N LYS B 17 -54.82 35.26 54.35
CA LYS B 17 -55.80 36.21 54.85
C LYS B 17 -55.16 37.54 55.25
N ASP B 18 -54.01 37.48 55.91
CA ASP B 18 -53.30 38.68 56.34
C ASP B 18 -52.27 39.14 55.30
N SER B 19 -52.69 39.16 54.04
CA SER B 19 -51.80 39.57 52.96
C SER B 19 -52.47 40.60 52.07
N SER B 20 -52.21 40.55 50.77
CA SER B 20 -52.79 41.48 49.81
C SER B 20 -53.83 40.85 48.91
N VAL B 21 -54.06 39.54 49.00
CA VAL B 21 -55.04 38.89 48.15
C VAL B 21 -56.46 39.28 48.59
N VAL B 22 -56.68 39.46 49.89
CA VAL B 22 -58.01 39.80 50.39
C VAL B 22 -58.43 41.21 49.99
N LYS B 23 -57.49 42.05 49.58
CA LYS B 23 -57.82 43.42 49.19
C LYS B 23 -58.16 43.52 47.71
N TRP B 24 -57.50 42.74 46.86
CA TRP B 24 -57.78 42.77 45.43
C TRP B 24 -59.07 42.05 45.06
N VAL B 25 -59.63 41.23 45.97
CA VAL B 25 -60.86 40.51 45.70
C VAL B 25 -62.10 41.22 46.25
N VAL B 26 -61.92 42.23 47.08
CA VAL B 26 -63.06 42.96 47.63
C VAL B 26 -63.46 44.16 46.78
N LEU B 27 -62.54 44.69 45.96
CA LEU B 27 -62.85 45.81 45.10
C LEU B 27 -63.26 45.40 43.70
N ALA B 28 -63.13 44.12 43.35
CA ALA B 28 -63.53 43.65 42.03
C ALA B 28 -65.05 43.56 41.87
N GLU B 29 -65.78 43.42 42.98
CA GLU B 29 -67.24 43.36 42.89
C GLU B 29 -67.84 44.74 42.61
N VAL B 30 -67.33 45.77 43.30
CA VAL B 30 -67.85 47.12 43.09
C VAL B 30 -67.40 47.69 41.75
N LEU B 31 -66.35 47.12 41.14
CA LEU B 31 -65.88 47.63 39.86
C LEU B 31 -66.81 47.24 38.73
N VAL B 32 -67.48 46.09 38.84
CA VAL B 32 -68.38 45.62 37.80
C VAL B 32 -69.83 45.49 38.26
N GLY B 33 -70.08 45.45 39.57
CA GLY B 33 -71.45 45.30 40.05
C GLY B 33 -72.15 46.63 40.26
N ALA B 34 -71.40 47.66 40.63
CA ALA B 34 -71.95 48.98 40.86
C ALA B 34 -72.05 49.82 39.59
N VAL B 35 -71.68 49.26 38.44
CA VAL B 35 -71.74 49.99 37.17
C VAL B 35 -72.67 49.33 36.16
N MET B 36 -73.22 48.15 36.46
CA MET B 36 -74.12 47.47 35.54
C MET B 36 -75.56 47.94 35.66
N TYR B 37 -75.81 49.06 36.34
CA TYR B 37 -77.14 49.64 36.43
C TYR B 37 -77.54 50.41 35.18
N MET B 38 -76.70 50.42 34.15
CA MET B 38 -77.02 51.15 32.93
C MET B 38 -77.86 50.32 31.98
N MET B 39 -77.38 49.13 31.62
CA MET B 39 -78.09 48.26 30.69
C MET B 39 -79.10 47.36 31.39
N THR B 40 -78.74 46.78 32.54
CA THR B 40 -79.62 45.88 33.26
C THR B 40 -80.56 46.64 34.20
N LYS B 41 -79.99 47.25 35.25
CA LYS B 41 -80.76 47.98 36.27
C LYS B 41 -81.81 47.07 36.91
N ASN B 42 -81.31 46.06 37.62
CA ASN B 42 -82.16 45.09 38.29
C ASN B 42 -81.45 44.62 39.56
N VAL B 43 -82.23 44.33 40.60
CA VAL B 43 -81.70 43.84 41.85
C VAL B 43 -81.40 42.36 41.71
N LYS B 44 -80.17 42.03 41.30
CA LYS B 44 -79.78 40.64 41.09
C LYS B 44 -78.37 40.38 41.62
N PHE B 45 -77.46 41.32 41.37
CA PHE B 45 -76.06 41.18 41.78
C PHE B 45 -75.86 41.75 43.18
N LEU B 46 -76.62 41.20 44.13
CA LEU B 46 -76.54 41.62 45.52
C LEU B 46 -76.22 40.47 46.47
N ALA B 47 -75.95 39.28 45.96
CA ALA B 47 -75.63 38.12 46.79
C ALA B 47 -74.14 37.94 47.00
N GLY B 48 -73.33 38.93 46.67
CA GLY B 48 -71.89 38.86 46.84
C GLY B 48 -71.32 39.63 48.00
N PHE B 49 -72.16 40.26 48.81
CA PHE B 49 -71.72 41.04 49.96
C PHE B 49 -71.59 40.20 51.23
N ALA B 50 -71.50 38.87 51.09
CA ALA B 50 -71.38 38.00 52.25
C ALA B 50 -70.55 36.76 51.91
N ILE B 51 -70.46 36.43 50.62
CA ILE B 51 -69.71 35.26 50.19
C ILE B 51 -68.21 35.52 50.09
N ILE B 52 -67.77 36.76 50.33
CA ILE B 52 -66.34 37.05 50.25
C ILE B 52 -65.62 36.51 51.48
N SER B 53 -66.16 36.77 52.67
CA SER B 53 -65.54 36.29 53.89
C SER B 53 -65.75 34.79 54.10
N VAL B 54 -66.73 34.20 53.44
CA VAL B 54 -66.99 32.77 53.58
C VAL B 54 -66.08 31.94 52.68
N PHE B 55 -65.90 32.37 51.43
CA PHE B 55 -65.05 31.62 50.50
C PHE B 55 -63.59 31.70 50.91
N ILE B 56 -63.17 32.80 51.56
CA ILE B 56 -61.78 32.94 51.98
C ILE B 56 -61.48 32.14 53.24
N ALA B 57 -62.51 31.75 54.00
CA ALA B 57 -62.31 30.98 55.22
C ALA B 57 -62.39 29.48 55.00
N VAL B 58 -63.14 29.04 53.99
CA VAL B 58 -63.27 27.61 53.71
C VAL B 58 -62.14 27.09 52.83
N GLY B 59 -61.20 27.93 52.43
CA GLY B 59 -60.10 27.51 51.59
C GLY B 59 -58.74 27.71 52.23
N MET B 60 -58.64 28.71 53.11
CA MET B 60 -57.37 28.98 53.78
C MET B 60 -57.17 28.08 55.00
N ALA B 61 -58.24 27.75 55.72
CA ALA B 61 -58.16 26.91 56.90
C ALA B 61 -58.28 25.43 56.59
N VAL B 62 -57.90 25.02 55.38
CA VAL B 62 -57.98 23.61 55.01
C VAL B 62 -56.79 22.85 55.58
N VAL B 63 -55.57 23.32 55.29
CA VAL B 63 -54.35 22.68 55.79
C VAL B 63 -53.84 23.44 57.00
N GLY B 64 -53.42 24.69 56.78
CA GLY B 64 -52.90 25.52 57.85
C GLY B 64 -51.55 25.09 58.35
N LEU B 65 -50.63 24.82 57.41
CA LEU B 65 -49.27 24.38 57.73
C LEU B 65 -49.27 23.14 58.61
N GLN C 1 -30.96 -9.83 43.33
CA GLN C 1 -30.83 -8.80 44.36
C GLN C 1 -32.17 -8.09 44.59
N ASP C 2 -32.13 -7.00 45.35
CA ASP C 2 -33.33 -6.23 45.64
C ASP C 2 -33.45 -5.06 44.66
N LEU C 3 -34.39 -4.16 44.93
CA LEU C 3 -34.59 -3.01 44.06
C LEU C 3 -33.68 -1.86 44.48
N MET C 4 -33.46 -0.94 43.54
CA MET C 4 -32.61 0.22 43.78
C MET C 4 -33.31 1.54 43.46
N ALA C 5 -34.61 1.53 43.21
CA ALA C 5 -35.33 2.76 42.91
C ALA C 5 -35.86 3.45 44.15
N SER C 6 -35.86 2.78 45.30
CA SER C 6 -36.34 3.37 46.53
C SER C 6 -35.28 3.30 47.63
N GLY C 7 -35.70 3.10 48.87
CA GLY C 7 -34.77 3.01 49.97
C GLY C 7 -34.28 4.33 50.53
N ASN C 8 -34.97 5.43 50.23
CA ASN C 8 -34.58 6.73 50.73
C ASN C 8 -35.78 7.45 51.33
N THR C 9 -36.97 7.09 50.87
CA THR C 9 -38.22 7.70 51.33
C THR C 9 -38.19 9.22 51.18
N THR C 10 -37.76 9.68 50.01
CA THR C 10 -37.67 11.10 49.71
C THR C 10 -38.87 11.61 48.94
N VAL C 11 -39.32 10.88 47.91
CA VAL C 11 -40.47 11.30 47.13
C VAL C 11 -41.76 11.16 47.92
N LYS C 12 -41.78 10.29 48.95
CA LYS C 12 -42.99 10.13 49.74
C LYS C 12 -43.22 11.32 50.66
N ALA C 13 -42.14 11.86 51.23
CA ALA C 13 -42.25 13.03 52.11
C ALA C 13 -42.37 14.33 51.34
N THR C 14 -42.14 14.32 50.03
CA THR C 14 -42.23 15.52 49.20
C THR C 14 -43.57 15.64 48.48
N PHE C 15 -44.04 14.57 47.85
CA PHE C 15 -45.31 14.56 47.14
C PHE C 15 -46.29 13.69 47.94
N GLY C 16 -46.83 14.28 49.01
CA GLY C 16 -47.76 13.56 49.86
C GLY C 16 -48.78 14.47 50.53
N LYS C 17 -49.46 13.94 51.54
CA LYS C 17 -50.46 14.74 52.26
C LYS C 17 -49.81 15.71 53.24
N ASP C 18 -48.89 15.21 54.05
CA ASP C 18 -48.19 16.04 55.05
C ASP C 18 -46.95 16.70 54.47
N SER C 19 -47.12 17.34 53.31
CA SER C 19 -46.00 18.01 52.65
C SER C 19 -46.40 19.40 52.19
N SER C 20 -45.82 19.86 51.07
CA SER C 20 -46.12 21.17 50.53
C SER C 20 -46.99 21.13 49.29
N VAL C 21 -47.34 19.94 48.79
CA VAL C 21 -48.18 19.85 47.59
C VAL C 21 -49.61 20.25 47.90
N VAL C 22 -50.10 19.94 49.11
CA VAL C 22 -51.47 20.25 49.47
C VAL C 22 -51.71 21.75 49.61
N LYS C 23 -50.63 22.54 49.76
CA LYS C 23 -50.78 23.99 49.89
C LYS C 23 -50.78 24.71 48.56
N TRP C 24 -50.05 24.20 47.57
CA TRP C 24 -50.01 24.83 46.25
C TRP C 24 -51.22 24.49 45.40
N VAL C 25 -51.99 23.46 45.77
CA VAL C 25 -53.17 23.08 45.00
C VAL C 25 -54.46 23.68 45.54
N VAL C 26 -54.40 24.37 46.69
CA VAL C 26 -55.59 24.98 47.26
C VAL C 26 -55.71 26.47 46.93
N LEU C 27 -54.59 27.15 46.63
CA LEU C 27 -54.63 28.56 46.29
C LEU C 27 -54.85 28.82 44.81
N ALA C 28 -54.74 27.78 43.97
CA ALA C 28 -54.94 27.96 42.54
C ALA C 28 -56.41 28.17 42.19
N GLU C 29 -57.34 27.70 43.02
CA GLU C 29 -58.75 27.88 42.72
C GLU C 29 -59.23 29.27 43.09
N VAL C 30 -58.85 29.76 44.28
CA VAL C 30 -59.25 31.09 44.70
C VAL C 30 -58.57 32.17 43.86
N LEU C 31 -57.45 31.85 43.22
CA LEU C 31 -56.76 32.85 42.40
C LEU C 31 -57.50 33.12 41.11
N VAL C 32 -58.22 32.13 40.58
CA VAL C 32 -58.95 32.29 39.32
C VAL C 32 -60.45 32.14 39.47
N GLY C 33 -60.94 31.47 40.51
CA GLY C 33 -62.36 31.30 40.70
C GLY C 33 -63.03 32.49 41.35
N ALA C 34 -62.27 33.27 42.09
CA ALA C 34 -62.79 34.45 42.77
C ALA C 34 -62.63 35.72 41.96
N VAL C 35 -62.03 35.65 40.77
CA VAL C 35 -61.85 36.81 39.92
C VAL C 35 -62.58 36.71 38.59
N MET C 36 -63.24 35.58 38.31
CA MET C 36 -63.96 35.40 37.05
C MET C 36 -65.38 35.93 37.11
N TYR C 37 -65.71 36.77 38.09
CA TYR C 37 -67.02 37.38 38.19
C TYR C 37 -67.21 38.55 37.23
N MET C 38 -66.20 38.88 36.42
CA MET C 38 -66.29 40.00 35.50
C MET C 38 -66.91 39.59 34.17
N MET C 39 -66.58 38.41 33.66
CA MET C 39 -67.11 37.96 32.38
C MET C 39 -68.31 37.05 32.53
N THR C 40 -68.28 36.11 33.47
CA THR C 40 -69.36 35.16 33.69
C THR C 40 -70.36 35.67 34.73
N LYS C 41 -69.92 35.83 35.98
CA LYS C 41 -70.77 36.27 37.09
C LYS C 41 -71.96 35.32 37.25
N ASN C 42 -71.65 34.05 37.54
CA ASN C 42 -72.66 33.03 37.73
C ASN C 42 -72.14 32.02 38.74
N VAL C 43 -73.08 31.32 39.38
CA VAL C 43 -72.75 30.27 40.35
C VAL C 43 -72.44 29.01 39.57
N LYS C 44 -71.16 28.80 39.24
CA LYS C 44 -70.75 27.65 38.46
C LYS C 44 -69.48 27.01 39.04
N PHE C 45 -68.48 27.84 39.33
CA PHE C 45 -67.20 27.35 39.85
C PHE C 45 -67.22 27.33 41.39
N LEU C 46 -68.20 26.60 41.92
CA LEU C 46 -68.36 26.46 43.36
C LEU C 46 -68.32 25.02 43.84
N ALA C 47 -68.17 24.04 42.94
CA ALA C 47 -68.12 22.65 43.33
C ALA C 47 -66.73 22.18 43.72
N GLY C 48 -65.70 23.00 43.51
CA GLY C 48 -64.34 22.66 43.85
C GLY C 48 -63.95 22.91 45.29
N PHE C 49 -64.89 23.32 46.14
CA PHE C 49 -64.62 23.60 47.54
C PHE C 49 -64.81 22.37 48.43
N ALA C 50 -64.80 21.17 47.86
CA ALA C 50 -64.98 19.96 48.64
C ALA C 50 -64.26 18.78 47.99
N ILE C 51 -63.95 18.89 46.70
CA ILE C 51 -63.26 17.82 45.98
C ILE C 51 -61.76 17.87 46.13
N ILE C 52 -61.23 18.82 46.90
CA ILE C 52 -59.79 18.92 47.09
C ILE C 52 -59.30 17.83 48.05
N SER C 53 -59.98 17.70 49.19
CA SER C 53 -59.59 16.68 50.16
C SER C 53 -60.03 15.28 49.74
N VAL C 54 -60.94 15.17 48.79
CA VAL C 54 -61.40 13.85 48.35
C VAL C 54 -60.45 13.27 47.31
N PHE C 55 -59.99 14.10 46.37
CA PHE C 55 -59.08 13.61 45.33
C PHE C 55 -57.70 13.28 45.90
N ILE C 56 -57.28 13.98 46.96
CA ILE C 56 -55.98 13.72 47.55
C ILE C 56 -56.01 12.46 48.42
N ALA C 57 -57.18 12.00 48.84
CA ALA C 57 -57.29 10.80 49.66
C ALA C 57 -57.42 9.52 48.84
N VAL C 58 -58.00 9.61 47.64
CA VAL C 58 -58.18 8.45 46.77
C VAL C 58 -56.98 8.22 45.86
N GLY C 59 -55.93 9.02 45.98
CA GLY C 59 -54.75 8.87 45.15
C GLY C 59 -53.48 8.62 45.95
N MET C 60 -53.46 9.10 47.19
CA MET C 60 -52.29 8.90 48.04
C MET C 60 -52.34 7.60 48.80
N ALA C 61 -53.53 7.17 49.23
CA ALA C 61 -53.69 5.93 49.98
C ALA C 61 -53.90 4.72 49.08
N VAL C 62 -53.39 4.76 47.85
CA VAL C 62 -53.53 3.63 46.94
C VAL C 62 -52.55 2.51 47.30
N VAL C 63 -51.26 2.84 47.38
CA VAL C 63 -50.23 1.86 47.73
C VAL C 63 -49.87 2.03 49.20
N GLY C 64 -49.29 3.17 49.55
CA GLY C 64 -48.90 3.44 50.91
C GLY C 64 -47.70 2.63 51.36
N LEU C 65 -46.64 2.64 50.55
CA LEU C 65 -45.40 1.92 50.84
C LEU C 65 -45.66 0.43 51.06
N GLN D 1 -27.09 -25.44 25.26
CA GLN D 1 -27.09 -24.90 26.62
C GLN D 1 -28.39 -24.16 26.92
N ASP D 2 -28.44 -23.51 28.08
CA ASP D 2 -29.62 -22.76 28.49
C ASP D 2 -29.44 -21.29 28.12
N LEU D 3 -30.36 -20.45 28.59
CA LEU D 3 -30.29 -19.02 28.31
C LEU D 3 -29.41 -18.31 29.33
N MET D 4 -28.94 -17.12 28.96
CA MET D 4 -28.09 -16.31 29.82
C MET D 4 -28.63 -14.91 30.05
N ALA D 5 -29.81 -14.59 29.53
CA ALA D 5 -30.38 -13.26 29.72
C ALA D 5 -31.07 -13.11 31.07
N SER D 6 -31.38 -14.21 31.76
CA SER D 6 -32.03 -14.14 33.05
C SER D 6 -31.20 -14.84 34.12
N GLY D 7 -31.87 -15.54 35.04
CA GLY D 7 -31.18 -16.26 36.10
C GLY D 7 -30.77 -15.42 37.28
N ASN D 8 -31.30 -14.20 37.42
CA ASN D 8 -30.95 -13.32 38.53
C ASN D 8 -32.14 -12.77 39.28
N THR D 9 -33.33 -12.73 38.69
CA THR D 9 -34.53 -12.19 39.33
C THR D 9 -34.30 -10.77 39.83
N THR D 10 -33.69 -9.93 38.99
CA THR D 10 -33.40 -8.55 39.33
C THR D 10 -34.40 -7.57 38.73
N VAL D 11 -34.73 -7.74 37.45
CA VAL D 11 -35.68 -6.84 36.80
C VAL D 11 -37.10 -7.09 37.29
N LYS D 12 -37.40 -8.28 37.81
CA LYS D 12 -38.73 -8.56 38.31
C LYS D 12 -38.99 -7.85 39.63
N ALA D 13 -37.99 -7.81 40.52
CA ALA D 13 -38.14 -7.12 41.79
C ALA D 13 -37.96 -5.62 41.67
N THR D 14 -37.44 -5.14 40.54
CA THR D 14 -37.25 -3.71 40.34
C THR D 14 -38.42 -3.07 39.59
N PHE D 15 -38.92 -3.74 38.55
CA PHE D 15 -40.03 -3.25 37.75
C PHE D 15 -41.19 -4.24 37.93
N GLY D 16 -42.00 -4.01 38.96
CA GLY D 16 -43.12 -4.87 39.24
C GLY D 16 -44.14 -4.18 40.10
N LYS D 17 -45.06 -4.98 40.65
CA LYS D 17 -46.11 -4.44 41.51
C LYS D 17 -45.59 -4.15 42.90
N ASP D 18 -44.80 -5.06 43.47
CA ASP D 18 -44.24 -4.88 44.81
C ASP D 18 -42.86 -4.21 44.77
N SER D 19 -42.76 -3.14 43.98
CA SER D 19 -41.51 -2.41 43.84
C SER D 19 -41.83 -0.92 43.99
N SER D 20 -40.93 -0.07 43.50
CA SER D 20 -41.09 1.37 43.57
C SER D 20 -41.72 1.97 42.32
N VAL D 21 -42.05 1.14 41.33
CA VAL D 21 -42.64 1.67 40.10
C VAL D 21 -44.09 2.10 40.34
N VAL D 22 -44.81 1.38 41.21
CA VAL D 22 -46.21 1.71 41.45
C VAL D 22 -46.37 3.02 42.21
N LYS D 23 -45.30 3.52 42.84
CA LYS D 23 -45.37 4.78 43.57
C LYS D 23 -45.08 5.99 42.68
N TRP D 24 -44.16 5.85 41.71
CA TRP D 24 -43.85 6.95 40.82
C TRP D 24 -44.94 7.20 39.77
N VAL D 25 -45.88 6.27 39.61
CA VAL D 25 -46.95 6.43 38.64
C VAL D 25 -48.28 6.79 39.30
N VAL D 26 -48.39 6.67 40.62
CA VAL D 26 -49.63 6.99 41.30
C VAL D 26 -49.73 8.48 41.68
N LEU D 27 -48.60 9.16 41.83
CA LEU D 27 -48.58 10.58 42.15
C LEU D 27 -48.43 11.47 40.93
N ALA D 28 -48.32 10.88 39.73
CA ALA D 28 -48.18 11.68 38.52
C ALA D 28 -49.50 12.29 38.07
N GLU D 29 -50.64 11.75 38.52
CA GLU D 29 -51.94 12.29 38.14
C GLU D 29 -52.30 13.51 38.98
N VAL D 30 -52.00 13.47 40.29
CA VAL D 30 -52.32 14.59 41.15
C VAL D 30 -51.45 15.80 40.85
N LEU D 31 -50.28 15.59 40.24
CA LEU D 31 -49.42 16.71 39.89
C LEU D 31 -49.96 17.48 38.68
N VAL D 32 -50.66 16.80 37.79
CA VAL D 32 -51.22 17.44 36.60
C VAL D 32 -52.73 17.57 36.67
N GLY D 33 -53.43 16.78 37.49
CA GLY D 33 -54.87 16.89 37.59
C GLY D 33 -55.35 17.97 38.52
N ALA D 34 -54.51 18.42 39.45
CA ALA D 34 -54.87 19.47 40.38
C ALA D 34 -54.39 20.85 39.93
N VAL D 35 -53.70 20.94 38.80
CA VAL D 35 -53.21 22.22 38.29
C VAL D 35 -53.91 22.65 37.01
N MET D 36 -54.62 21.75 36.33
CA MET D 36 -55.32 22.10 35.10
C MET D 36 -56.67 22.76 35.35
N TYR D 37 -57.01 23.05 36.60
CA TYR D 37 -58.22 23.79 36.92
C TYR D 37 -58.04 25.30 36.80
N MET D 38 -56.90 25.76 36.29
CA MET D 38 -56.66 27.19 36.15
C MET D 38 -57.09 27.69 34.77
N MET D 39 -56.53 27.11 33.71
CA MET D 39 -56.84 27.53 32.35
C MET D 39 -58.15 26.95 31.85
N THR D 40 -58.44 25.69 32.17
CA THR D 40 -59.64 25.03 31.69
C THR D 40 -60.76 25.06 32.73
N LYS D 41 -60.53 24.46 33.90
CA LYS D 41 -61.52 24.36 34.97
C LYS D 41 -62.79 23.66 34.46
N ASN D 42 -62.63 22.37 34.20
CA ASN D 42 -63.72 21.54 33.72
C ASN D 42 -63.52 20.12 34.22
N VAL D 43 -64.63 19.37 34.28
CA VAL D 43 -64.60 17.99 34.73
C VAL D 43 -64.23 17.10 33.54
N LYS D 44 -62.95 16.75 33.43
CA LYS D 44 -62.48 15.94 32.32
C LYS D 44 -61.46 14.91 32.80
N PHE D 45 -60.45 15.37 33.54
CA PHE D 45 -59.38 14.49 34.02
C PHE D 45 -59.75 13.86 35.35
N LEU D 46 -60.85 13.09 35.33
CA LEU D 46 -61.34 12.39 36.51
C LEU D 46 -61.48 10.89 36.29
N ALA D 47 -61.18 10.39 35.10
CA ALA D 47 -61.28 8.97 34.81
C ALA D 47 -59.98 8.22 35.05
N GLY D 48 -59.00 8.85 35.69
CA GLY D 48 -57.72 8.21 35.96
C GLY D 48 -57.59 7.59 37.34
N PHE D 49 -58.62 7.67 38.17
CA PHE D 49 -58.59 7.11 39.51
C PHE D 49 -59.02 5.64 39.54
N ALA D 50 -58.94 4.94 38.42
CA ALA D 50 -59.32 3.55 38.36
C ALA D 50 -58.53 2.80 37.30
N ILE D 51 -58.02 3.53 36.29
CA ILE D 51 -57.24 2.90 35.23
C ILE D 51 -55.82 2.59 35.64
N ILE D 52 -55.38 3.05 36.82
CA ILE D 52 -54.02 2.79 37.26
C ILE D 52 -53.90 1.34 37.74
N SER D 53 -54.86 0.87 38.54
CA SER D 53 -54.82 -0.49 39.04
C SER D 53 -55.17 -1.51 37.97
N VAL D 54 -55.87 -1.09 36.91
CA VAL D 54 -56.25 -2.01 35.84
C VAL D 54 -55.12 -2.20 34.84
N PHE D 55 -54.46 -1.10 34.44
CA PHE D 55 -53.37 -1.20 33.48
C PHE D 55 -52.15 -1.89 34.07
N ILE D 56 -51.95 -1.77 35.39
CA ILE D 56 -50.81 -2.41 36.02
C ILE D 56 -51.03 -3.91 36.23
N ALA D 57 -52.28 -4.37 36.17
CA ALA D 57 -52.58 -5.79 36.37
C ALA D 57 -52.64 -6.56 35.06
N VAL D 58 -53.02 -5.89 33.95
CA VAL D 58 -53.09 -6.56 32.65
C VAL D 58 -51.76 -6.59 31.93
N GLY D 59 -50.72 -6.01 32.50
CA GLY D 59 -49.41 -6.00 31.87
C GLY D 59 -48.35 -6.75 32.67
N MET D 60 -48.55 -6.84 33.98
CA MET D 60 -47.59 -7.54 34.82
C MET D 60 -47.86 -9.04 34.88
N ALA D 61 -49.13 -9.44 34.87
CA ALA D 61 -49.51 -10.84 34.93
C ALA D 61 -49.59 -11.50 33.55
N VAL D 62 -48.81 -11.01 32.59
CA VAL D 62 -48.83 -11.59 31.25
C VAL D 62 -48.02 -12.88 31.21
N VAL D 63 -46.76 -12.81 31.63
CA VAL D 63 -45.90 -13.98 31.64
C VAL D 63 -45.83 -14.54 33.06
N GLY D 64 -45.29 -13.76 33.98
CA GLY D 64 -45.17 -14.18 35.37
C GLY D 64 -44.12 -15.25 35.58
N LEU D 65 -42.95 -15.06 34.96
CA LEU D 65 -41.84 -15.99 35.07
C LEU D 65 -42.23 -17.41 34.65
N GLN E 1 -21.79 -32.11 2.60
CA GLN E 1 -21.98 -32.21 4.04
C GLN E 1 -23.17 -31.37 4.50
N ASP E 2 -23.42 -31.37 5.81
CA ASP E 2 -24.51 -30.60 6.38
C ASP E 2 -24.03 -29.21 6.81
N LEU E 3 -24.92 -28.47 7.46
CA LEU E 3 -24.60 -27.14 7.93
C LEU E 3 -23.91 -27.19 9.28
N MET E 4 -23.25 -26.09 9.63
CA MET E 4 -22.54 -25.97 10.91
C MET E 4 -22.98 -24.77 11.72
N ALA E 5 -23.96 -24.00 11.23
CA ALA E 5 -24.44 -22.83 11.95
C ALA E 5 -25.43 -23.18 13.06
N SER E 6 -25.97 -24.39 13.05
CA SER E 6 -26.94 -24.79 14.07
C SER E 6 -26.46 -26.02 14.83
N GLY E 7 -27.38 -26.90 15.20
CA GLY E 7 -27.03 -28.11 15.92
C GLY E 7 -26.81 -27.95 17.41
N ASN E 8 -27.15 -26.78 17.97
CA ASN E 8 -26.95 -26.53 19.39
C ASN E 8 -28.22 -26.10 20.13
N THR E 9 -29.23 -25.58 19.42
CA THR E 9 -30.48 -25.12 20.03
C THR E 9 -30.21 -24.11 21.14
N THR E 10 -29.32 -23.15 20.85
CA THR E 10 -28.96 -22.11 21.79
C THR E 10 -29.73 -20.82 21.56
N VAL E 11 -29.86 -20.38 20.31
CA VAL E 11 -30.59 -19.17 20.00
C VAL E 11 -32.09 -19.36 20.19
N LYS E 12 -32.59 -20.60 20.10
CA LYS E 12 -34.01 -20.85 20.29
C LYS E 12 -34.41 -20.70 21.75
N ALA E 13 -33.56 -21.16 22.67
CA ALA E 13 -33.84 -21.05 24.08
C ALA E 13 -33.53 -19.67 24.65
N THR E 14 -32.85 -18.82 23.89
CA THR E 14 -32.52 -17.47 24.32
C THR E 14 -33.46 -16.41 23.74
N PHE E 15 -33.74 -16.49 22.44
CA PHE E 15 -34.62 -15.56 21.76
C PHE E 15 -35.87 -16.33 21.32
N GLY E 16 -36.82 -16.45 22.24
CA GLY E 16 -38.04 -17.16 21.96
C GLY E 16 -39.15 -16.75 22.90
N LYS E 17 -40.23 -17.53 22.87
CA LYS E 17 -41.39 -17.25 23.73
C LYS E 17 -41.12 -17.68 25.17
N ASP E 18 -40.57 -18.88 25.35
CA ASP E 18 -40.29 -19.42 26.68
C ASP E 18 -38.89 -19.05 27.15
N SER E 19 -38.53 -17.77 26.99
CA SER E 19 -37.21 -17.29 27.39
C SER E 19 -37.33 -16.00 28.21
N SER E 20 -36.37 -15.10 28.02
CA SER E 20 -36.36 -13.83 28.73
C SER E 20 -36.68 -12.64 27.84
N VAL E 21 -36.88 -12.86 26.54
CA VAL E 21 -37.19 -11.76 25.64
C VAL E 21 -38.60 -11.25 25.88
N VAL E 22 -39.54 -12.14 26.21
CA VAL E 22 -40.93 -11.73 26.40
C VAL E 22 -41.11 -10.89 27.66
N LYS E 23 -40.14 -10.92 28.58
CA LYS E 23 -40.25 -10.14 29.81
C LYS E 23 -39.70 -8.73 29.66
N TRP E 24 -38.63 -8.55 28.88
CA TRP E 24 -38.05 -7.23 28.68
C TRP E 24 -38.85 -6.36 27.72
N VAL E 25 -39.81 -6.95 26.99
CA VAL E 25 -40.63 -6.18 26.06
C VAL E 25 -42.02 -5.87 26.60
N VAL E 26 -42.41 -6.48 27.72
CA VAL E 26 -43.73 -6.23 28.29
C VAL E 26 -43.72 -5.08 29.30
N LEU E 27 -42.57 -4.78 29.90
CA LEU E 27 -42.45 -3.69 30.85
C LEU E 27 -41.85 -2.42 30.24
N ALA E 28 -41.48 -2.45 28.96
CA ALA E 28 -40.92 -1.28 28.31
C ALA E 28 -41.98 -0.23 27.97
N GLU E 29 -43.24 -0.65 27.80
CA GLU E 29 -44.30 0.31 27.49
C GLU E 29 -44.73 1.08 28.72
N VAL E 30 -44.83 0.42 29.87
CA VAL E 30 -45.24 1.10 31.09
C VAL E 30 -44.14 2.00 31.63
N LEU E 31 -42.89 1.78 31.21
CA LEU E 31 -41.79 2.62 31.67
C LEU E 31 -41.85 4.02 31.07
N VAL E 32 -42.37 4.14 29.85
CA VAL E 32 -42.46 5.44 29.20
C VAL E 32 -43.89 5.85 28.89
N GLY E 33 -44.85 4.93 28.84
CA GLY E 33 -46.22 5.30 28.54
C GLY E 33 -47.01 5.72 29.75
N ALA E 34 -46.65 5.24 30.93
CA ALA E 34 -47.36 5.59 32.16
C ALA E 34 -46.76 6.80 32.86
N VAL E 35 -45.73 7.42 32.28
CA VAL E 35 -45.09 8.59 32.86
C VAL E 35 -45.21 9.82 31.98
N MET E 36 -45.83 9.70 30.81
CA MET E 36 -45.99 10.83 29.89
C MET E 36 -47.27 11.62 30.16
N TYR E 37 -47.88 11.45 31.33
CA TYR E 37 -49.08 12.20 31.70
C TYR E 37 -48.77 13.64 32.11
N MET E 38 -47.52 14.07 32.04
CA MET E 38 -47.15 15.42 32.44
C MET E 38 -47.06 16.37 31.25
N MET E 39 -46.57 15.89 30.10
CA MET E 39 -46.42 16.72 28.91
C MET E 39 -47.66 16.71 28.03
N THR E 40 -48.28 15.54 27.84
CA THR E 40 -49.45 15.42 26.98
C THR E 40 -50.75 15.28 27.78
N LYS E 41 -50.85 14.23 28.60
CA LYS E 41 -52.05 13.94 29.39
C LYS E 41 -53.28 13.83 28.49
N ASN E 42 -53.24 12.80 27.65
CA ASN E 42 -54.33 12.53 26.72
C ASN E 42 -54.40 11.03 26.48
N VAL E 43 -55.58 10.57 26.04
CA VAL E 43 -55.79 9.16 25.74
C VAL E 43 -55.35 8.89 24.31
N LYS E 44 -54.09 8.52 24.13
CA LYS E 44 -53.55 8.26 22.81
C LYS E 44 -52.64 7.03 22.81
N PHE E 45 -51.84 6.88 23.88
CA PHE E 45 -50.92 5.76 23.99
C PHE E 45 -51.55 4.61 24.77
N LEU E 46 -52.73 4.19 24.30
CA LEU E 46 -53.47 3.10 24.91
C LEU E 46 -53.74 1.94 23.96
N ALA E 47 -53.24 2.01 22.72
CA ALA E 47 -53.45 0.96 21.74
C ALA E 47 -52.33 -0.08 21.73
N GLY E 48 -51.46 -0.08 22.74
CA GLY E 48 -50.38 -1.02 22.84
C GLY E 48 -50.53 -2.10 23.88
N PHE E 49 -51.65 -2.14 24.60
CA PHE E 49 -51.90 -3.15 25.62
C PHE E 49 -52.54 -4.41 25.07
N ALA E 50 -52.37 -4.69 23.78
CA ALA E 50 -52.95 -5.88 23.17
C ALA E 50 -52.08 -6.37 22.02
N ILE E 51 -51.16 -5.52 21.54
CA ILE E 51 -50.28 -5.88 20.44
C ILE E 51 -48.96 -6.47 20.91
N ILE E 52 -48.82 -6.76 22.21
CA ILE E 52 -47.58 -7.33 22.72
C ILE E 52 -47.51 -8.81 22.40
N SER E 53 -48.58 -9.55 22.70
CA SER E 53 -48.59 -10.98 22.42
C SER E 53 -48.88 -11.28 20.95
N VAL E 54 -49.30 -10.28 20.18
CA VAL E 54 -49.57 -10.50 18.77
C VAL E 54 -48.29 -10.45 17.95
N PHE E 55 -47.39 -9.52 18.29
CA PHE E 55 -46.13 -9.39 17.56
C PHE E 55 -45.23 -10.60 17.77
N ILE E 56 -45.27 -11.21 18.96
CA ILE E 56 -44.43 -12.37 19.23
C ILE E 56 -45.00 -13.63 18.58
N ALA E 57 -46.28 -13.64 18.22
CA ALA E 57 -46.89 -14.81 17.61
C ALA E 57 -46.76 -14.81 16.09
N VAL E 58 -46.49 -13.66 15.48
CA VAL E 58 -46.34 -13.57 14.03
C VAL E 58 -44.86 -13.46 13.69
N GLY E 59 -44.01 -13.72 14.67
CA GLY E 59 -42.57 -13.66 14.47
C GLY E 59 -41.86 -14.93 14.86
N MET E 60 -42.32 -15.56 15.95
CA MET E 60 -41.70 -16.80 16.41
C MET E 60 -42.21 -18.02 15.66
N ALA E 61 -43.49 -18.03 15.30
CA ALA E 61 -44.10 -19.14 14.59
C ALA E 61 -43.94 -19.04 13.07
N VAL E 62 -42.90 -18.35 12.60
CA VAL E 62 -42.69 -18.22 11.17
C VAL E 62 -42.02 -19.46 10.60
N VAL E 63 -40.89 -19.86 11.18
CA VAL E 63 -40.15 -21.03 10.74
C VAL E 63 -40.42 -22.19 11.69
N GLY E 64 -40.00 -22.04 12.94
CA GLY E 64 -40.21 -23.08 13.94
C GLY E 64 -39.33 -24.30 13.72
N LEU E 65 -38.03 -24.07 13.57
CA LEU E 65 -37.06 -25.14 13.35
C LEU E 65 -37.44 -26.02 12.15
N GLN F 1 -11.71 -29.30 -18.91
CA GLN F 1 -12.17 -30.11 -17.78
C GLN F 1 -13.40 -29.48 -17.12
N ASP F 2 -13.82 -30.05 -16.00
CA ASP F 2 -14.97 -29.56 -15.26
C ASP F 2 -14.55 -28.43 -14.32
N LEU F 3 -15.51 -27.92 -13.57
CA LEU F 3 -15.27 -26.84 -12.62
C LEU F 3 -14.88 -27.40 -11.26
N MET F 4 -14.26 -26.54 -10.44
CA MET F 4 -13.83 -26.92 -9.10
C MET F 4 -14.39 -26.01 -8.02
N ALA F 5 -15.26 -25.06 -8.36
CA ALA F 5 -15.82 -24.17 -7.35
C ALA F 5 -16.97 -24.81 -6.59
N SER F 6 -17.65 -25.79 -7.19
CA SER F 6 -18.77 -26.46 -6.54
C SER F 6 -18.50 -27.95 -6.42
N GLY F 7 -19.56 -28.76 -6.49
CA GLY F 7 -19.43 -30.19 -6.39
C GLY F 7 -19.41 -30.75 -4.99
N ASN F 8 -19.70 -29.92 -3.98
CA ASN F 8 -19.70 -30.37 -2.60
C ASN F 8 -21.04 -30.20 -1.89
N THR F 9 -21.92 -29.34 -2.40
CA THR F 9 -23.23 -29.07 -1.80
C THR F 9 -23.09 -28.68 -0.32
N THR F 10 -22.14 -27.78 -0.06
CA THR F 10 -21.86 -27.29 1.28
C THR F 10 -22.44 -25.90 1.51
N VAL F 11 -22.19 -24.96 0.60
CA VAL F 11 -22.71 -23.60 0.75
C VAL F 11 -24.21 -23.55 0.51
N LYS F 12 -24.76 -24.52 -0.24
CA LYS F 12 -26.19 -24.52 -0.49
C LYS F 12 -26.98 -24.94 0.74
N ALA F 13 -26.43 -25.86 1.54
CA ALA F 13 -27.09 -26.31 2.76
C ALA F 13 -26.91 -25.34 3.91
N THR F 14 -26.04 -24.34 3.78
CA THR F 14 -25.79 -23.35 4.82
C THR F 14 -26.59 -22.07 4.62
N PHE F 15 -26.58 -21.51 3.41
CA PHE F 15 -27.30 -20.28 3.09
C PHE F 15 -28.50 -20.66 2.22
N GLY F 16 -29.55 -21.15 2.87
CA GLY F 16 -30.75 -21.54 2.15
C GLY F 16 -31.97 -21.41 3.02
N LYS F 17 -33.07 -22.01 2.54
CA LYS F 17 -34.33 -21.95 3.27
C LYS F 17 -34.34 -22.92 4.44
N ASP F 18 -34.02 -24.18 4.19
CA ASP F 18 -34.01 -25.22 5.22
C ASP F 18 -32.66 -25.27 5.93
N SER F 19 -32.20 -24.12 6.43
CA SER F 19 -30.92 -24.04 7.12
C SER F 19 -31.07 -23.26 8.42
N SER F 20 -30.07 -22.43 8.74
CA SER F 20 -30.09 -21.63 9.96
C SER F 20 -30.13 -20.13 9.70
N VAL F 21 -30.03 -19.70 8.44
CA VAL F 21 -30.06 -18.27 8.15
C VAL F 21 -31.45 -17.70 8.36
N VAL F 22 -32.50 -18.48 8.06
CA VAL F 22 -33.86 -18.00 8.20
C VAL F 22 -34.26 -17.79 9.65
N LYS F 23 -33.53 -18.40 10.60
CA LYS F 23 -33.84 -18.25 12.01
C LYS F 23 -33.19 -17.02 12.63
N TRP F 24 -32.07 -16.55 12.08
CA TRP F 24 -31.40 -15.36 12.60
C TRP F 24 -31.97 -14.07 12.04
N VAL F 25 -32.50 -14.09 10.81
CA VAL F 25 -33.06 -12.89 10.19
C VAL F 25 -34.49 -12.64 10.60
N VAL F 26 -35.14 -13.59 11.27
CA VAL F 26 -36.53 -13.40 11.68
C VAL F 26 -36.63 -12.72 13.05
N LEU F 27 -35.59 -12.81 13.88
CA LEU F 27 -35.59 -12.18 15.19
C LEU F 27 -35.02 -10.77 15.16
N ALA F 28 -34.46 -10.33 14.04
CA ALA F 28 -33.91 -8.98 13.97
C ALA F 28 -34.98 -7.90 13.91
N GLU F 29 -36.19 -8.24 13.46
CA GLU F 29 -37.25 -7.25 13.40
C GLU F 29 -37.81 -6.96 14.78
N VAL F 30 -38.05 -8.00 15.58
CA VAL F 30 -38.59 -7.80 16.92
C VAL F 30 -37.53 -7.26 17.87
N LEU F 31 -36.24 -7.40 17.53
CA LEU F 31 -35.19 -6.91 18.39
C LEU F 31 -35.07 -5.38 18.33
N VAL F 32 -35.41 -4.79 17.19
CA VAL F 32 -35.32 -3.34 17.03
C VAL F 32 -36.67 -2.68 16.82
N GLY F 33 -37.71 -3.43 16.40
CA GLY F 33 -39.00 -2.82 16.18
C GLY F 33 -39.87 -2.74 17.41
N ALA F 34 -39.75 -3.72 18.31
CA ALA F 34 -40.54 -3.75 19.53
C ALA F 34 -39.93 -2.91 20.66
N VAL F 35 -38.79 -2.25 20.42
CA VAL F 35 -38.14 -1.44 21.43
C VAL F 35 -38.04 0.02 21.04
N MET F 36 -38.38 0.39 19.81
CA MET F 36 -38.31 1.78 19.37
C MET F 36 -39.57 2.57 19.70
N TYR F 37 -40.43 2.06 20.59
CA TYR F 37 -41.62 2.77 21.03
C TYR F 37 -41.32 3.91 22.00
N MET F 38 -40.06 4.08 22.39
CA MET F 38 -39.69 5.13 23.33
C MET F 38 -39.49 6.48 22.66
N MET F 39 -38.92 6.49 21.46
CA MET F 39 -38.64 7.74 20.75
C MET F 39 -39.74 8.10 19.74
N THR F 40 -40.19 7.13 18.95
CA THR F 40 -41.20 7.37 17.92
C THR F 40 -42.61 7.08 18.42
N LYS F 41 -42.88 5.84 18.81
CA LYS F 41 -44.19 5.40 19.26
C LYS F 41 -45.25 5.67 18.19
N ASN F 42 -45.04 5.04 17.04
CA ASN F 42 -45.95 5.19 15.90
C ASN F 42 -45.93 3.89 15.09
N VAL F 43 -47.08 3.55 14.52
CA VAL F 43 -47.19 2.35 13.70
C VAL F 43 -46.57 2.63 12.33
N LYS F 44 -45.30 2.28 12.17
CA LYS F 44 -44.59 2.52 10.93
C LYS F 44 -43.74 1.31 10.54
N PHE F 45 -43.07 0.70 11.52
CA PHE F 45 -42.20 -0.44 11.27
C PHE F 45 -42.94 -1.76 11.45
N LEU F 46 -44.10 -1.88 10.81
CA LEU F 46 -44.91 -3.09 10.86
C LEU F 46 -45.10 -3.75 9.52
N ALA F 47 -44.48 -3.23 8.46
CA ALA F 47 -44.60 -3.82 7.12
C ALA F 47 -43.69 -5.01 6.92
N GLY F 48 -42.82 -5.33 7.88
CA GLY F 48 -41.92 -6.45 7.78
C GLY F 48 -42.46 -7.78 8.25
N PHE F 49 -43.74 -7.83 8.64
CA PHE F 49 -44.34 -9.06 9.11
C PHE F 49 -44.62 -10.07 8.01
N ALA F 50 -44.60 -9.64 6.75
CA ALA F 50 -44.87 -10.55 5.62
C ALA F 50 -43.84 -10.48 4.51
N ILE F 51 -42.91 -9.52 4.50
CA ILE F 51 -41.92 -9.45 3.44
C ILE F 51 -40.69 -10.31 3.69
N ILE F 52 -40.63 -10.97 4.85
CA ILE F 52 -39.48 -11.83 5.15
C ILE F 52 -39.55 -13.11 4.33
N SER F 53 -40.73 -13.75 4.31
CA SER F 53 -40.88 -14.98 3.54
C SER F 53 -40.93 -14.73 2.04
N VAL F 54 -41.20 -13.49 1.62
CA VAL F 54 -41.25 -13.16 0.21
C VAL F 54 -39.85 -12.90 -0.36
N PHE F 55 -39.01 -12.19 0.41
CA PHE F 55 -37.66 -11.91 -0.06
C PHE F 55 -36.82 -13.17 -0.20
N ILE F 56 -37.06 -14.16 0.66
CA ILE F 56 -36.32 -15.42 0.56
C ILE F 56 -36.88 -16.32 -0.55
N ALA F 57 -38.11 -16.06 -1.00
CA ALA F 57 -38.73 -16.86 -2.05
C ALA F 57 -38.46 -16.31 -3.45
N VAL F 58 -37.97 -15.08 -3.56
CA VAL F 58 -37.68 -14.50 -4.87
C VAL F 58 -36.20 -14.55 -5.22
N GLY F 59 -35.32 -14.76 -4.25
CA GLY F 59 -33.90 -14.85 -4.51
C GLY F 59 -33.40 -16.27 -4.59
N MET F 60 -33.93 -17.14 -3.73
CA MET F 60 -33.52 -18.54 -3.75
C MET F 60 -34.11 -19.28 -4.95
N ALA F 61 -35.29 -18.86 -5.42
CA ALA F 61 -35.95 -19.50 -6.56
C ALA F 61 -35.28 -19.18 -7.89
N VAL F 62 -34.27 -18.32 -7.90
CA VAL F 62 -33.58 -18.00 -9.15
C VAL F 62 -32.82 -19.21 -9.66
N VAL F 63 -32.08 -19.87 -8.78
CA VAL F 63 -31.36 -21.09 -9.15
C VAL F 63 -32.03 -22.29 -8.48
N GLY F 64 -31.81 -22.44 -7.17
CA GLY F 64 -32.44 -23.52 -6.44
C GLY F 64 -31.99 -24.90 -6.87
N LEU F 65 -30.79 -25.02 -7.44
CA LEU F 65 -30.25 -26.29 -7.92
C LEU F 65 -31.19 -26.97 -8.90
N GLN G 1 1.70 -19.96 -36.74
CA GLN G 1 0.94 -20.94 -35.98
C GLN G 1 -0.35 -20.35 -35.43
N ASP G 2 -1.02 -21.10 -34.56
CA ASP G 2 -2.27 -20.65 -33.96
C ASP G 2 -2.02 -20.06 -32.58
N LEU G 3 -3.04 -20.03 -31.74
CA LEU G 3 -2.95 -19.50 -30.39
C LEU G 3 -2.77 -20.63 -29.38
N MET G 4 -2.28 -20.27 -28.19
CA MET G 4 -2.04 -21.22 -27.13
C MET G 4 -2.68 -20.83 -25.80
N ALA G 5 -3.41 -19.71 -25.76
CA ALA G 5 -4.04 -19.27 -24.52
C ALA G 5 -5.33 -20.03 -24.21
N SER G 6 -5.92 -20.68 -25.22
CA SER G 6 -7.16 -21.42 -25.01
C SER G 6 -6.97 -22.89 -25.36
N GLY G 7 -7.96 -23.51 -26.00
CA GLY G 7 -7.88 -24.89 -26.37
C GLY G 7 -8.31 -25.87 -25.31
N ASN G 8 -8.90 -25.40 -24.22
CA ASN G 8 -9.35 -26.28 -23.14
C ASN G 8 -10.75 -25.98 -22.63
N THR G 9 -11.25 -24.75 -22.80
CA THR G 9 -12.58 -24.35 -22.33
C THR G 9 -12.76 -24.65 -20.85
N THR G 10 -11.73 -24.31 -20.06
CA THR G 10 -11.77 -24.53 -18.62
C THR G 10 -12.36 -23.34 -17.87
N VAL G 11 -11.96 -22.12 -18.23
CA VAL G 11 -12.48 -20.93 -17.58
C VAL G 11 -13.94 -20.68 -17.96
N LYS G 12 -14.39 -21.21 -19.10
CA LYS G 12 -15.78 -21.01 -19.51
C LYS G 12 -16.73 -21.78 -18.61
N ALA G 13 -16.36 -23.02 -18.24
CA ALA G 13 -17.19 -23.82 -17.36
C ALA G 13 -17.08 -23.43 -15.89
N THR G 14 -16.10 -22.61 -15.54
CA THR G 14 -15.90 -22.14 -14.17
C THR G 14 -16.51 -20.77 -13.92
N PHE G 15 -16.28 -19.83 -14.83
CA PHE G 15 -16.80 -18.47 -14.72
C PHE G 15 -17.80 -18.26 -15.86
N GLY G 16 -19.08 -18.47 -15.57
CA GLY G 16 -20.10 -18.30 -16.58
C GLY G 16 -21.48 -18.24 -15.96
N LYS G 17 -22.48 -18.27 -16.83
CA LYS G 17 -23.88 -18.22 -16.37
C LYS G 17 -24.32 -19.55 -15.81
N ASP G 18 -23.91 -20.66 -16.43
CA ASP G 18 -24.28 -22.00 -15.99
C ASP G 18 -23.23 -22.63 -15.09
N SER G 19 -22.54 -21.82 -14.30
CA SER G 19 -21.50 -22.33 -13.41
C SER G 19 -21.84 -22.05 -11.95
N SER G 20 -20.82 -22.03 -11.09
CA SER G 20 -21.00 -21.78 -9.68
C SER G 20 -20.91 -20.30 -9.31
N VAL G 21 -20.71 -19.42 -10.30
CA VAL G 21 -20.60 -17.99 -10.00
C VAL G 21 -21.97 -17.42 -9.64
N VAL G 22 -23.03 -17.89 -10.29
CA VAL G 22 -24.36 -17.37 -10.03
C VAL G 22 -24.89 -17.79 -8.66
N LYS G 23 -24.30 -18.81 -8.04
CA LYS G 23 -24.74 -19.25 -6.73
C LYS G 23 -24.05 -18.51 -5.59
N TRP G 24 -22.84 -18.00 -5.81
CA TRP G 24 -22.14 -17.24 -4.78
C TRP G 24 -22.54 -15.77 -4.76
N VAL G 25 -23.07 -15.24 -5.86
CA VAL G 25 -23.48 -13.84 -5.91
C VAL G 25 -24.92 -13.63 -5.48
N VAL G 26 -25.71 -14.69 -5.36
CA VAL G 26 -27.11 -14.54 -4.94
C VAL G 26 -27.26 -14.53 -3.43
N LEU G 27 -26.31 -15.11 -2.69
CA LEU G 27 -26.37 -15.12 -1.24
C LEU G 27 -25.72 -13.90 -0.61
N ALA G 28 -24.92 -13.15 -1.36
CA ALA G 28 -24.28 -11.96 -0.82
C ALA G 28 -25.25 -10.82 -0.59
N GLU G 29 -26.37 -10.78 -1.33
CA GLU G 29 -27.34 -9.71 -1.16
C GLU G 29 -28.18 -9.94 0.09
N VAL G 30 -28.66 -11.17 0.28
CA VAL G 30 -29.47 -11.49 1.45
C VAL G 30 -28.64 -11.50 2.72
N LEU G 31 -27.31 -11.64 2.60
CA LEU G 31 -26.46 -11.64 3.78
C LEU G 31 -26.34 -10.24 4.39
N VAL G 32 -26.50 -9.20 3.57
CA VAL G 32 -26.38 -7.83 4.05
C VAL G 32 -27.64 -7.00 3.84
N GLY G 33 -28.47 -7.34 2.85
CA GLY G 33 -29.67 -6.58 2.58
C GLY G 33 -30.81 -6.93 3.52
N ALA G 34 -30.78 -8.14 4.07
CA ALA G 34 -31.82 -8.61 4.99
C ALA G 34 -31.47 -8.35 6.45
N VAL G 35 -30.27 -7.85 6.74
CA VAL G 35 -29.86 -7.56 8.11
C VAL G 35 -29.63 -6.08 8.35
N MET G 36 -29.81 -5.23 7.34
CA MET G 36 -29.61 -3.79 7.50
C MET G 36 -30.85 -3.08 8.04
N TYR G 37 -31.83 -3.82 8.55
CA TYR G 37 -33.00 -3.24 9.17
C TYR G 37 -32.73 -2.75 10.60
N MET G 38 -31.52 -2.94 11.11
CA MET G 38 -31.20 -2.52 12.47
C MET G 38 -30.90 -1.03 12.54
N MET G 39 -30.02 -0.54 11.66
CA MET G 39 -29.63 0.86 11.66
C MET G 39 -30.47 1.70 10.70
N THR G 40 -30.66 1.23 9.47
CA THR G 40 -31.41 1.97 8.46
C THR G 40 -32.91 1.76 8.61
N LYS G 41 -33.39 0.52 8.40
CA LYS G 41 -34.81 0.17 8.47
C LYS G 41 -35.61 1.03 7.49
N ASN G 42 -35.33 0.82 6.20
CA ASN G 42 -36.01 1.55 5.13
C ASN G 42 -36.12 0.66 3.91
N VAL G 43 -36.79 1.17 2.89
CA VAL G 43 -36.95 0.47 1.63
C VAL G 43 -36.00 1.11 0.63
N LYS G 44 -34.79 0.54 0.52
CA LYS G 44 -33.77 1.09 -0.37
C LYS G 44 -33.05 -0.02 -1.13
N PHE G 45 -32.70 -1.09 -0.42
CA PHE G 45 -31.96 -2.21 -1.01
C PHE G 45 -32.93 -3.28 -1.53
N LEU G 46 -33.83 -2.85 -2.41
CA LEU G 46 -34.81 -3.74 -3.01
C LEU G 46 -34.74 -3.79 -4.53
N ALA G 47 -33.83 -3.04 -5.15
CA ALA G 47 -33.71 -3.04 -6.61
C ALA G 47 -32.78 -4.14 -7.13
N GLY G 48 -32.10 -4.85 -6.25
CA GLY G 48 -31.19 -5.91 -6.64
C GLY G 48 -31.84 -7.28 -6.81
N PHE G 49 -33.16 -7.37 -6.76
CA PHE G 49 -33.88 -8.62 -6.91
C PHE G 49 -34.27 -8.92 -8.36
N ALA G 50 -33.65 -8.23 -9.33
CA ALA G 50 -33.97 -8.45 -10.73
C ALA G 50 -32.77 -8.15 -11.61
N ILE G 51 -31.82 -7.38 -11.10
CA ILE G 51 -30.63 -7.02 -11.88
C ILE G 51 -29.55 -8.08 -11.83
N ILE G 52 -29.77 -9.18 -11.11
CA ILE G 52 -28.78 -10.24 -11.03
C ILE G 52 -28.74 -11.04 -12.33
N SER G 53 -29.91 -11.45 -12.81
CA SER G 53 -29.97 -12.22 -14.05
C SER G 53 -29.79 -11.34 -15.29
N VAL G 54 -29.96 -10.03 -15.17
CA VAL G 54 -29.80 -9.14 -16.31
C VAL G 54 -28.33 -8.81 -16.54
N PHE G 55 -27.60 -8.52 -15.45
CA PHE G 55 -26.19 -8.18 -15.59
C PHE G 55 -25.35 -9.39 -16.00
N ILE G 56 -25.75 -10.59 -15.57
CA ILE G 56 -25.00 -11.79 -15.93
C ILE G 56 -25.28 -12.22 -17.37
N ALA G 57 -26.38 -11.75 -17.97
CA ALA G 57 -26.72 -12.10 -19.34
C ALA G 57 -26.07 -11.19 -20.36
N VAL G 58 -25.97 -9.90 -20.06
CA VAL G 58 -25.35 -8.94 -20.98
C VAL G 58 -23.84 -8.88 -20.84
N GLY G 59 -23.27 -9.58 -19.87
CA GLY G 59 -21.82 -9.57 -19.67
C GLY G 59 -21.17 -10.88 -20.05
N MET G 60 -21.97 -11.91 -20.31
CA MET G 60 -21.45 -13.21 -20.69
C MET G 60 -21.64 -13.50 -22.16
N ALA G 61 -22.73 -13.04 -22.76
CA ALA G 61 -22.99 -13.28 -24.18
C ALA G 61 -22.41 -12.16 -25.04
N VAL G 62 -21.23 -11.67 -24.67
CA VAL G 62 -20.58 -10.61 -25.44
C VAL G 62 -19.80 -11.19 -26.61
N VAL G 63 -18.97 -12.20 -26.35
CA VAL G 63 -18.18 -12.84 -27.39
C VAL G 63 -18.81 -14.19 -27.73
N GLY G 64 -18.87 -15.08 -26.74
CA GLY G 64 -19.45 -16.39 -26.94
C GLY G 64 -18.54 -17.32 -27.71
N LEU G 65 -17.31 -17.48 -27.23
CA LEU G 65 -16.31 -18.35 -27.86
C LEU G 65 -16.09 -17.99 -29.32
N GLN H 1 18.36 -5.21 -46.17
CA GLN H 1 17.47 -6.36 -46.06
C GLN H 1 16.16 -5.98 -45.37
N ASP H 2 15.26 -6.95 -45.24
CA ASP H 2 13.97 -6.73 -44.62
C ASP H 2 14.08 -6.95 -43.11
N LEU H 3 12.94 -6.85 -42.42
CA LEU H 3 12.91 -7.05 -40.98
C LEU H 3 12.81 -8.53 -40.65
N MET H 4 13.17 -8.85 -39.40
CA MET H 4 13.14 -10.23 -38.91
C MET H 4 12.29 -10.39 -37.66
N ALA H 5 11.62 -9.34 -37.19
CA ALA H 5 10.80 -9.45 -35.99
C ALA H 5 9.41 -10.01 -36.27
N SER H 6 8.98 -10.02 -37.52
CA SER H 6 7.66 -10.54 -37.87
C SER H 6 7.78 -11.67 -38.89
N GLY H 7 6.85 -11.73 -39.83
CA GLY H 7 6.85 -12.76 -40.86
C GLY H 7 6.30 -14.10 -40.43
N ASN H 8 5.67 -14.19 -39.25
CA ASN H 8 5.09 -15.43 -38.77
C ASN H 8 3.61 -15.35 -38.45
N THR H 9 3.07 -14.14 -38.24
CA THR H 9 1.65 -13.95 -37.90
C THR H 9 1.26 -14.78 -36.69
N THR H 10 2.09 -14.73 -35.65
CA THR H 10 1.85 -15.46 -34.41
C THR H 10 1.23 -14.58 -33.33
N VAL H 11 1.74 -13.36 -33.15
CA VAL H 11 1.20 -12.47 -32.14
C VAL H 11 -0.17 -11.93 -32.54
N LYS H 12 -0.49 -11.92 -33.84
CA LYS H 12 -1.79 -11.44 -34.28
C LYS H 12 -2.89 -12.43 -33.96
N ALA H 13 -2.63 -13.73 -34.11
CA ALA H 13 -3.62 -14.75 -33.79
C ALA H 13 -3.71 -15.04 -32.30
N THR H 14 -2.77 -14.55 -31.50
CA THR H 14 -2.78 -14.76 -30.06
C THR H 14 -3.35 -13.57 -29.29
N PHE H 15 -2.91 -12.37 -29.64
CA PHE H 15 -3.36 -11.13 -28.99
C PHE H 15 -4.17 -10.34 -30.03
N GLY H 16 -5.44 -10.66 -30.14
CA GLY H 16 -6.31 -9.98 -31.08
C GLY H 16 -7.76 -10.12 -30.69
N LYS H 17 -8.64 -9.78 -31.64
CA LYS H 17 -10.08 -9.87 -31.40
C LYS H 17 -10.56 -11.31 -31.54
N ASP H 18 -10.12 -12.02 -32.57
CA ASP H 18 -10.53 -13.40 -32.80
C ASP H 18 -9.59 -14.40 -32.11
N SER H 19 -9.30 -14.14 -30.84
CA SER H 19 -8.40 -15.00 -30.07
C SER H 19 -9.00 -15.32 -28.71
N SER H 20 -8.15 -15.41 -27.68
CA SER H 20 -8.58 -15.71 -26.33
C SER H 20 -8.43 -14.53 -25.39
N VAL H 21 -7.91 -13.40 -25.86
CA VAL H 21 -7.74 -12.24 -24.99
C VAL H 21 -9.08 -11.60 -24.68
N VAL H 22 -10.01 -11.63 -25.63
CA VAL H 22 -11.31 -11.00 -25.45
C VAL H 22 -12.16 -11.76 -24.43
N LYS H 23 -11.83 -13.00 -24.12
CA LYS H 23 -12.59 -13.79 -23.16
C LYS H 23 -12.11 -13.60 -21.73
N TRP H 24 -10.80 -13.37 -21.53
CA TRP H 24 -10.27 -13.17 -20.20
C TRP H 24 -10.51 -11.76 -19.67
N VAL H 25 -10.89 -10.82 -20.54
CA VAL H 25 -11.16 -9.44 -20.12
C VAL H 25 -12.63 -9.14 -19.99
N VAL H 26 -13.52 -10.08 -20.33
CA VAL H 26 -14.95 -9.84 -20.22
C VAL H 26 -15.53 -10.37 -18.91
N LEU H 27 -14.86 -11.32 -18.26
CA LEU H 27 -15.32 -11.87 -16.99
C LEU H 27 -14.61 -11.28 -15.78
N ALA H 28 -13.59 -10.44 -16.00
CA ALA H 28 -12.87 -9.82 -14.90
C ALA H 28 -13.70 -8.76 -14.17
N GLU H 29 -14.73 -8.22 -14.82
CA GLU H 29 -15.57 -7.21 -14.17
C GLU H 29 -16.58 -7.84 -13.23
N VAL H 30 -17.23 -8.92 -13.66
CA VAL H 30 -18.22 -9.57 -12.82
C VAL H 30 -17.58 -10.31 -11.65
N LEU H 31 -16.27 -10.56 -11.71
CA LEU H 31 -15.61 -11.26 -10.63
C LEU H 31 -15.51 -10.40 -9.37
N VAL H 32 -15.48 -9.08 -9.52
CA VAL H 32 -15.38 -8.17 -8.38
C VAL H 32 -16.59 -7.25 -8.36
N GLY H 33 -17.36 -7.25 -9.45
CA GLY H 33 -18.50 -6.35 -9.53
C GLY H 33 -19.76 -6.93 -8.92
N ALA H 34 -19.98 -8.24 -9.07
CA ALA H 34 -21.16 -8.90 -8.54
C ALA H 34 -20.99 -9.41 -7.11
N VAL H 35 -19.82 -9.17 -6.51
CA VAL H 35 -19.56 -9.61 -5.14
C VAL H 35 -19.28 -8.44 -4.20
N MET H 36 -19.23 -7.22 -4.71
CA MET H 36 -18.97 -6.05 -3.88
C MET H 36 -20.23 -5.48 -3.25
N TYR H 37 -21.35 -6.21 -3.31
CA TYR H 37 -22.58 -5.78 -2.66
C TYR H 37 -22.53 -5.94 -1.14
N MET H 38 -21.49 -6.58 -0.60
CA MET H 38 -21.39 -6.78 0.83
C MET H 38 -20.80 -5.57 1.54
N MET H 39 -19.86 -4.87 0.91
CA MET H 39 -19.20 -3.71 1.52
C MET H 39 -19.86 -2.40 1.10
N THR H 40 -19.74 -2.02 -0.16
CA THR H 40 -20.29 -0.76 -0.66
C THR H 40 -21.80 -0.82 -0.83
N LYS H 41 -22.28 -1.72 -1.68
CA LYS H 41 -23.70 -1.87 -1.99
C LYS H 41 -24.28 -0.54 -2.52
N ASN H 42 -23.84 -0.20 -3.73
CA ASN H 42 -24.28 1.02 -4.39
C ASN H 42 -24.28 0.79 -5.90
N VAL H 43 -24.86 1.74 -6.62
CA VAL H 43 -24.90 1.69 -8.08
C VAL H 43 -23.79 2.61 -8.60
N LYS H 44 -22.60 2.04 -8.81
CA LYS H 44 -21.46 2.81 -9.27
C LYS H 44 -20.68 2.04 -10.34
N PHE H 45 -20.47 0.75 -10.11
CA PHE H 45 -19.70 -0.08 -11.04
C PHE H 45 -20.60 -0.65 -12.14
N LEU H 46 -21.21 0.27 -12.89
CA LEU H 46 -22.09 -0.09 -13.99
C LEU H 46 -21.65 0.50 -15.33
N ALA H 47 -20.58 1.28 -15.36
CA ALA H 47 -20.10 1.89 -16.60
C ALA H 47 -19.14 0.99 -17.36
N GLY H 48 -18.95 -0.26 -16.93
CA GLY H 48 -18.05 -1.18 -17.60
C GLY H 48 -18.72 -2.16 -18.54
N PHE H 49 -20.05 -2.14 -18.63
CA PHE H 49 -20.79 -3.04 -19.51
C PHE H 49 -20.93 -2.51 -20.93
N ALA H 50 -20.06 -1.58 -21.33
CA ALA H 50 -20.12 -1.01 -22.68
C ALA H 50 -18.73 -0.61 -23.16
N ILE H 51 -17.80 -0.44 -22.22
CA ILE H 51 -16.43 -0.05 -22.57
C ILE H 51 -15.56 -1.22 -22.96
N ILE H 52 -16.09 -2.44 -22.93
CA ILE H 52 -15.30 -3.61 -23.29
C ILE H 52 -15.11 -3.69 -24.79
N SER H 53 -16.21 -3.54 -25.55
CA SER H 53 -16.13 -3.58 -27.01
C SER H 53 -15.56 -2.31 -27.60
N VAL H 54 -15.54 -1.21 -26.85
CA VAL H 54 -15.01 0.05 -27.35
C VAL H 54 -13.49 0.11 -27.21
N PHE H 55 -12.96 -0.32 -26.05
CA PHE H 55 -11.52 -0.28 -25.84
C PHE H 55 -10.79 -1.29 -26.72
N ILE H 56 -11.44 -2.41 -27.05
CA ILE H 56 -10.82 -3.41 -27.90
C ILE H 56 -10.82 -3.01 -29.37
N ALA H 57 -11.66 -2.06 -29.76
CA ALA H 57 -11.73 -1.61 -31.14
C ALA H 57 -10.83 -0.42 -31.43
N VAL H 58 -10.56 0.41 -30.41
CA VAL H 58 -9.70 1.58 -30.59
C VAL H 58 -8.22 1.25 -30.42
N GLY H 59 -7.88 -0.01 -30.20
CA GLY H 59 -6.49 -0.39 -30.02
C GLY H 59 -6.03 -1.45 -31.02
N MET H 60 -6.95 -2.30 -31.45
CA MET H 60 -6.61 -3.34 -32.41
C MET H 60 -6.61 -2.83 -33.84
N ALA H 61 -7.51 -1.91 -34.18
CA ALA H 61 -7.61 -1.36 -35.52
C ALA H 61 -6.70 -0.15 -35.73
N VAL H 62 -5.62 -0.03 -34.96
CA VAL H 62 -4.71 1.09 -35.11
C VAL H 62 -3.77 0.87 -36.29
N VAL H 63 -3.06 -0.26 -36.30
CA VAL H 63 -2.14 -0.57 -37.38
C VAL H 63 -2.81 -1.52 -38.35
N GLY H 64 -3.12 -2.73 -37.89
CA GLY H 64 -3.77 -3.72 -38.72
C GLY H 64 -2.86 -4.30 -39.78
N LEU H 65 -1.64 -4.65 -39.39
CA LEU H 65 -0.64 -5.21 -40.30
C LEU H 65 -0.40 -4.31 -41.52
N GLN I 1 38.07 8.41 -45.58
CA GLN I 1 37.06 7.52 -46.14
C GLN I 1 35.68 7.85 -45.59
N ASP I 2 34.70 7.02 -45.95
CA ASP I 2 33.33 7.21 -45.49
C ASP I 2 33.09 6.39 -44.23
N LEU I 3 31.84 6.33 -43.79
CA LEU I 3 31.50 5.57 -42.59
C LEU I 3 31.21 4.11 -42.93
N MET I 4 31.29 3.26 -41.92
CA MET I 4 31.03 1.84 -42.08
C MET I 4 29.96 1.31 -41.13
N ALA I 5 29.31 2.17 -40.36
CA ALA I 5 28.27 1.72 -39.44
C ALA I 5 26.91 1.56 -40.12
N SER I 6 26.74 2.12 -41.31
CA SER I 6 25.48 2.00 -42.03
C SER I 6 25.69 1.36 -43.39
N GLY I 7 25.00 1.87 -44.41
CA GLY I 7 25.13 1.34 -45.75
C GLY I 7 24.36 0.06 -46.02
N ASN I 8 23.40 -0.27 -45.16
CA ASN I 8 22.60 -1.48 -45.34
C ASN I 8 21.10 -1.28 -45.17
N THR I 9 20.66 -0.21 -44.49
CA THR I 9 19.24 0.07 -44.27
C THR I 9 18.54 -1.12 -43.62
N THR I 10 19.17 -1.70 -42.61
CA THR I 10 18.63 -2.85 -41.90
C THR I 10 17.91 -2.45 -40.61
N VAL I 11 18.52 -1.59 -39.79
CA VAL I 11 17.89 -1.16 -38.55
C VAL I 11 16.72 -0.21 -38.81
N LYS I 12 16.70 0.46 -39.96
CA LYS I 12 15.60 1.36 -40.27
C LYS I 12 14.32 0.60 -40.59
N ALA I 13 14.44 -0.55 -41.26
CA ALA I 13 13.29 -1.36 -41.58
C ALA I 13 12.83 -2.24 -40.41
N THR I 14 13.63 -2.33 -39.35
CA THR I 14 13.30 -3.14 -38.18
C THR I 14 12.70 -2.31 -37.06
N PHE I 15 13.31 -1.16 -36.74
CA PHE I 15 12.85 -0.26 -35.69
C PHE I 15 12.33 1.01 -36.34
N GLY I 16 11.10 0.94 -36.84
CA GLY I 16 10.49 2.08 -37.50
C GLY I 16 8.99 2.04 -37.40
N LYS I 17 8.35 2.90 -38.20
CA LYS I 17 6.89 2.96 -38.20
C LYS I 17 6.28 1.80 -38.98
N ASP I 18 6.80 1.54 -40.18
CA ASP I 18 6.30 0.45 -41.03
C ASP I 18 7.03 -0.85 -40.75
N SER I 19 7.12 -1.23 -39.48
CA SER I 19 7.81 -2.46 -39.09
C SER I 19 6.96 -3.26 -38.10
N SER I 20 7.61 -3.94 -37.16
CA SER I 20 6.92 -4.75 -36.17
C SER I 20 6.95 -4.15 -34.78
N VAL I 21 7.65 -3.03 -34.58
CA VAL I 21 7.72 -2.42 -33.25
C VAL I 21 6.39 -1.77 -32.89
N VAL I 22 5.68 -1.20 -33.88
CA VAL I 22 4.43 -0.52 -33.60
C VAL I 22 3.33 -1.50 -33.18
N LYS I 23 3.50 -2.79 -33.46
CA LYS I 23 2.50 -3.79 -33.08
C LYS I 23 2.70 -4.30 -31.65
N TRP I 24 3.95 -4.40 -31.20
CA TRP I 24 4.22 -4.88 -29.85
C TRP I 24 4.00 -3.81 -28.79
N VAL I 25 3.92 -2.54 -29.18
CA VAL I 25 3.70 -1.46 -28.21
C VAL I 25 2.24 -1.03 -28.12
N VAL I 26 1.38 -1.56 -28.98
CA VAL I 26 -0.04 -1.18 -28.95
C VAL I 26 -0.88 -2.15 -28.13
N LEU I 27 -0.43 -3.40 -27.95
CA LEU I 27 -1.15 -4.38 -27.17
C LEU I 27 -0.66 -4.49 -25.73
N ALA I 28 0.44 -3.81 -25.40
CA ALA I 28 0.95 -3.85 -24.03
C ALA I 28 0.10 -3.04 -23.06
N GLU I 29 -0.62 -2.04 -23.55
CA GLU I 29 -1.47 -1.23 -22.68
C GLU I 29 -2.72 -1.99 -22.26
N VAL I 30 -3.37 -2.67 -23.21
CA VAL I 30 -4.58 -3.42 -22.90
C VAL I 30 -4.26 -4.68 -22.11
N LEU I 31 -3.01 -5.14 -22.13
CA LEU I 31 -2.64 -6.35 -21.39
C LEU I 31 -2.57 -6.09 -19.89
N VAL I 32 -2.23 -4.87 -19.49
CA VAL I 32 -2.12 -4.53 -18.08
C VAL I 32 -3.08 -3.43 -17.64
N GLY I 33 -3.62 -2.64 -18.57
CA GLY I 33 -4.53 -1.58 -18.20
C GLY I 33 -5.98 -2.02 -18.12
N ALA I 34 -6.34 -3.03 -18.91
CA ALA I 34 -7.70 -3.56 -18.94
C ALA I 34 -7.91 -4.69 -17.94
N VAL I 35 -6.88 -5.04 -17.16
CA VAL I 35 -7.00 -6.11 -16.18
C VAL I 35 -6.83 -5.63 -14.75
N MET I 36 -6.53 -4.34 -14.53
CA MET I 36 -6.35 -3.81 -13.20
C MET I 36 -7.66 -3.39 -12.54
N TYR I 37 -8.80 -3.80 -13.10
CA TYR I 37 -10.10 -3.52 -12.49
C TYR I 37 -10.37 -4.37 -11.26
N MET I 38 -9.54 -5.38 -10.99
CA MET I 38 -9.76 -6.24 -9.84
C MET I 38 -9.41 -5.55 -8.53
N MET I 39 -8.37 -4.71 -8.53
CA MET I 39 -7.91 -4.02 -7.34
C MET I 39 -8.26 -2.54 -7.34
N THR I 40 -8.06 -1.85 -8.47
CA THR I 40 -8.33 -0.42 -8.53
C THR I 40 -9.77 -0.13 -8.91
N LYS I 41 -10.16 -0.53 -10.12
CA LYS I 41 -11.50 -0.29 -10.66
C LYS I 41 -11.84 1.20 -10.63
N ASN I 42 -11.04 1.96 -11.39
CA ASN I 42 -11.21 3.41 -11.50
C ASN I 42 -10.77 3.86 -12.87
N VAL I 43 -11.27 5.02 -13.29
CA VAL I 43 -10.91 5.61 -14.58
C VAL I 43 -9.64 6.43 -14.40
N LYS I 44 -8.48 5.82 -14.64
CA LYS I 44 -7.20 6.50 -14.47
C LYS I 44 -6.25 6.18 -15.62
N PHE I 45 -6.19 4.91 -16.01
CA PHE I 45 -5.29 4.46 -17.07
C PHE I 45 -5.99 4.50 -18.42
N LEU I 46 -6.49 5.69 -18.77
CA LEU I 46 -7.18 5.92 -20.03
C LEU I 46 -6.55 7.01 -20.87
N ALA I 47 -5.43 7.60 -20.42
CA ALA I 47 -4.77 8.67 -21.15
C ALA I 47 -3.78 8.15 -22.19
N GLY I 48 -3.61 6.84 -22.30
CA GLY I 48 -2.68 6.25 -23.25
C GLY I 48 -3.30 5.83 -24.57
N PHE I 49 -4.56 6.15 -24.81
CA PHE I 49 -5.24 5.78 -26.06
C PHE I 49 -5.06 6.82 -27.15
N ALA I 50 -4.04 7.67 -27.05
CA ALA I 50 -3.81 8.71 -28.06
C ALA I 50 -2.33 9.08 -28.12
N ILE I 51 -1.58 8.76 -27.06
CA ILE I 51 -0.16 9.08 -27.03
C ILE I 51 0.70 8.03 -27.71
N ILE I 52 0.09 6.97 -28.25
CA ILE I 52 0.87 5.94 -28.92
C ILE I 52 1.33 6.42 -30.30
N SER I 53 0.40 7.00 -31.07
CA SER I 53 0.75 7.50 -32.40
C SER I 53 1.52 8.81 -32.33
N VAL I 54 1.49 9.50 -31.20
CA VAL I 54 2.21 10.77 -31.05
C VAL I 54 3.68 10.53 -30.70
N PHE I 55 3.94 9.60 -29.78
CA PHE I 55 5.33 9.34 -29.38
C PHE I 55 6.12 8.68 -30.50
N ILE I 56 5.45 7.91 -31.37
CA ILE I 56 6.15 7.26 -32.48
C ILE I 56 6.45 8.25 -33.61
N ALA I 57 5.76 9.38 -33.66
CA ALA I 57 5.99 10.37 -34.71
C ALA I 57 7.02 11.41 -34.32
N VAL I 58 7.16 11.71 -33.02
CA VAL I 58 8.13 12.70 -32.56
C VAL I 58 9.51 12.09 -32.34
N GLY I 59 9.70 10.81 -32.62
CA GLY I 59 10.99 10.17 -32.44
C GLY I 59 11.55 9.59 -33.71
N MET I 60 10.66 9.12 -34.60
CA MET I 60 11.11 8.53 -35.86
C MET I 60 11.45 9.59 -36.90
N ALA I 61 10.72 10.70 -36.92
CA ALA I 61 10.93 11.78 -37.87
C ALA I 61 11.97 12.79 -37.41
N VAL I 62 12.86 12.40 -36.50
CA VAL I 62 13.89 13.32 -36.01
C VAL I 62 15.01 13.44 -37.03
N VAL I 63 15.61 12.32 -37.43
CA VAL I 63 16.69 12.33 -38.41
C VAL I 63 16.13 12.01 -39.79
N GLY I 64 15.60 10.80 -39.96
CA GLY I 64 15.03 10.41 -41.23
C GLY I 64 16.08 10.19 -42.31
N LEU I 65 17.16 9.50 -41.97
CA LEU I 65 18.25 9.21 -42.90
C LEU I 65 18.81 10.49 -43.53
N GLN J 1 58.18 17.99 -36.64
CA GLN J 1 57.23 17.54 -37.65
C GLN J 1 55.80 17.76 -37.18
N ASP J 2 54.84 17.37 -38.01
CA ASP J 2 53.43 17.52 -37.69
C ASP J 2 52.92 16.28 -36.95
N LEU J 3 51.61 16.25 -36.73
CA LEU J 3 50.99 15.13 -36.04
C LEU J 3 50.67 14.00 -37.01
N MET J 4 50.49 12.80 -36.46
CA MET J 4 50.18 11.62 -37.26
C MET J 4 48.94 10.89 -36.79
N ALA J 5 48.22 11.43 -35.80
CA ALA J 5 47.00 10.78 -35.32
C ALA J 5 45.78 11.09 -36.17
N SER J 6 45.86 12.10 -37.04
CA SER J 6 44.74 12.46 -37.89
C SER J 6 45.15 12.44 -39.36
N GLY J 7 44.68 13.43 -40.12
CA GLY J 7 45.01 13.51 -41.53
C GLY J 7 44.20 12.60 -42.43
N ASN J 8 43.09 12.05 -41.95
CA ASN J 8 42.26 11.16 -42.75
C ASN J 8 40.79 11.51 -42.73
N THR J 9 40.30 12.25 -41.73
CA THR J 9 38.89 12.62 -41.60
C THR J 9 37.99 11.39 -41.66
N THR J 10 38.36 10.36 -40.90
CA THR J 10 37.61 9.11 -40.82
C THR J 10 36.71 9.06 -39.60
N VAL J 11 37.23 9.42 -38.43
CA VAL J 11 36.42 9.40 -37.22
C VAL J 11 35.38 10.51 -37.21
N LYS J 12 35.60 11.58 -37.97
CA LYS J 12 34.63 12.67 -38.01
C LYS J 12 33.39 12.27 -38.80
N ALA J 13 33.57 11.51 -39.89
CA ALA J 13 32.45 11.05 -40.69
C ALA J 13 31.74 9.83 -40.10
N THR J 14 32.33 9.20 -39.08
CA THR J 14 31.74 8.03 -38.43
C THR J 14 31.01 8.39 -37.15
N PHE J 15 31.63 9.19 -36.28
CA PHE J 15 31.04 9.61 -35.02
C PHE J 15 30.73 11.11 -35.11
N GLY J 16 29.62 11.42 -35.76
CA GLY J 16 29.21 12.80 -35.93
C GLY J 16 27.71 12.98 -36.08
N LYS J 17 27.28 14.16 -36.52
CA LYS J 17 25.85 14.42 -36.68
C LYS J 17 25.32 13.79 -37.98
N ASP J 18 26.04 13.97 -39.08
CA ASP J 18 25.63 13.42 -40.38
C ASP J 18 26.18 12.01 -40.59
N SER J 19 26.04 11.16 -39.58
CA SER J 19 26.53 9.79 -39.66
C SER J 19 25.46 8.81 -39.21
N SER J 20 25.88 7.69 -38.60
CA SER J 20 24.96 6.67 -38.12
C SER J 20 24.80 6.65 -36.61
N VAL J 21 25.56 7.47 -35.88
CA VAL J 21 25.45 7.48 -34.43
C VAL J 21 24.14 8.13 -33.99
N VAL J 22 23.66 9.14 -34.72
CA VAL J 22 22.43 9.82 -34.34
C VAL J 22 21.20 8.92 -34.52
N LYS J 23 21.32 7.85 -35.30
CA LYS J 23 20.19 6.95 -35.50
C LYS J 23 20.12 5.85 -34.45
N TRP J 24 21.26 5.37 -33.95
CA TRP J 24 21.25 4.33 -32.93
C TRP J 24 20.91 4.88 -31.55
N VAL J 25 21.00 6.20 -31.34
CA VAL J 25 20.69 6.80 -30.06
C VAL J 25 19.26 7.29 -29.97
N VAL J 26 18.54 7.36 -31.08
CA VAL J 26 17.15 7.82 -31.06
C VAL J 26 16.15 6.68 -30.90
N LEU J 27 16.52 5.45 -31.27
CA LEU J 27 15.64 4.30 -31.10
C LEU J 27 15.83 3.58 -29.78
N ALA J 28 16.86 3.93 -29.02
CA ALA J 28 17.08 3.28 -27.72
C ALA J 28 16.08 3.74 -26.67
N GLU J 29 15.50 4.93 -26.83
CA GLU J 29 14.52 5.43 -25.86
C GLU J 29 13.16 4.79 -26.07
N VAL J 30 12.71 4.69 -27.33
CA VAL J 30 11.42 4.08 -27.60
C VAL J 30 11.46 2.57 -27.36
N LEU J 31 12.65 1.97 -27.37
CA LEU J 31 12.75 0.53 -27.11
C LEU J 31 12.46 0.21 -25.65
N VAL J 32 12.73 1.14 -24.74
CA VAL J 32 12.53 0.93 -23.32
C VAL J 32 11.52 1.89 -22.70
N GLY J 33 11.28 3.05 -23.31
CA GLY J 33 10.34 4.01 -22.76
C GLY J 33 8.91 3.71 -23.12
N ALA J 34 8.69 3.09 -24.28
CA ALA J 34 7.35 2.74 -24.72
C ALA J 34 6.87 1.40 -24.16
N VAL J 35 7.74 0.66 -23.48
CA VAL J 35 7.38 -0.64 -22.91
C VAL J 35 7.40 -0.64 -21.39
N MET J 36 7.76 0.47 -20.75
CA MET J 36 7.80 0.53 -19.29
C MET J 36 6.44 0.89 -18.68
N TYR J 37 5.37 0.85 -19.45
CA TYR J 37 4.03 1.07 -18.94
C TYR J 37 3.43 -0.15 -18.26
N MET J 38 4.22 -1.21 -18.07
CA MET J 38 3.70 -2.42 -17.42
C MET J 38 3.78 -2.31 -15.91
N MET J 39 5.00 -2.33 -15.36
CA MET J 39 5.19 -2.26 -13.92
C MET J 39 4.91 -0.88 -13.35
N THR J 40 5.37 0.18 -14.03
CA THR J 40 5.20 1.55 -13.54
C THR J 40 3.86 2.15 -13.98
N LYS J 41 3.68 2.34 -15.29
CA LYS J 41 2.49 2.98 -15.85
C LYS J 41 2.26 4.36 -15.23
N ASN J 42 3.20 5.26 -15.50
CA ASN J 42 3.15 6.61 -14.98
C ASN J 42 3.81 7.55 -15.99
N VAL J 43 3.46 8.83 -15.90
CA VAL J 43 4.03 9.86 -16.76
C VAL J 43 5.32 10.35 -16.08
N LYS J 44 6.44 9.73 -16.44
CA LYS J 44 7.72 10.08 -15.84
C LYS J 44 8.83 10.15 -16.89
N PHE J 45 8.91 9.14 -17.75
CA PHE J 45 9.95 9.06 -18.77
C PHE J 45 9.49 9.78 -20.05
N LEU J 46 9.21 11.07 -19.90
CA LEU J 46 8.79 11.91 -21.01
C LEU J 46 9.68 13.12 -21.22
N ALA J 47 10.78 13.26 -20.47
CA ALA J 47 11.68 14.40 -20.61
C ALA J 47 12.82 14.14 -21.58
N GLY J 48 12.86 12.96 -22.21
CA GLY J 48 13.91 12.63 -23.15
C GLY J 48 13.59 12.88 -24.61
N PHE J 49 12.44 13.48 -24.90
CA PHE J 49 12.03 13.76 -26.27
C PHE J 49 12.48 15.15 -26.75
N ALA J 50 13.50 15.72 -26.10
CA ALA J 50 13.98 17.04 -26.50
C ALA J 50 15.47 17.18 -26.18
N ILE J 51 15.97 16.36 -25.27
CA ILE J 51 17.39 16.41 -24.90
C ILE J 51 18.29 15.64 -25.87
N ILE J 52 17.71 15.00 -26.88
CA ILE J 52 18.53 14.26 -27.85
C ILE J 52 19.23 15.21 -28.79
N SER J 53 18.50 16.17 -29.36
CA SER J 53 19.11 17.14 -30.27
C SER J 53 19.96 18.17 -29.55
N VAL J 54 19.77 18.33 -28.25
CA VAL J 54 20.54 19.30 -27.48
C VAL J 54 21.90 18.74 -27.07
N PHE J 55 21.92 17.47 -26.61
CA PHE J 55 23.18 16.87 -26.19
C PHE J 55 24.11 16.61 -27.37
N ILE J 56 23.55 16.37 -28.56
CA ILE J 56 24.38 16.12 -29.73
C ILE J 56 24.96 17.40 -30.30
N ALA J 57 24.38 18.56 -29.96
CA ALA J 57 24.88 19.83 -30.45
C ALA J 57 25.91 20.47 -29.54
N VAL J 58 25.84 20.19 -28.23
CA VAL J 58 26.80 20.74 -27.28
C VAL J 58 28.06 19.90 -27.15
N GLY J 59 28.17 18.82 -27.91
CA GLY J 59 29.34 17.97 -27.84
C GLY J 59 30.08 17.86 -29.16
N MET J 60 29.34 17.98 -30.27
CA MET J 60 29.96 17.88 -31.58
C MET J 60 30.56 19.21 -32.03
N ALA J 61 29.93 20.33 -31.68
CA ALA J 61 30.40 21.65 -32.07
C ALA J 61 31.40 22.24 -31.07
N VAL J 62 32.11 21.38 -30.33
CA VAL J 62 33.08 21.87 -29.37
C VAL J 62 34.38 22.28 -30.06
N VAL J 63 34.96 21.36 -30.84
CA VAL J 63 36.19 21.63 -31.56
C VAL J 63 35.86 21.97 -33.01
N GLY J 64 35.31 21.01 -33.74
CA GLY J 64 34.95 21.22 -35.12
C GLY J 64 36.15 21.32 -36.05
N LEU J 65 37.12 20.43 -35.87
CA LEU J 65 38.34 20.40 -36.68
C LEU J 65 39.07 21.74 -36.64
N GLN K 1 77.12 19.36 -21.88
CA GLN K 1 76.35 19.59 -23.09
C GLN K 1 74.89 19.88 -22.76
N ASP K 2 74.06 19.95 -23.80
CA ASP K 2 72.63 20.23 -23.63
C ASP K 2 71.87 18.91 -23.57
N LEU K 3 70.54 18.99 -23.59
CA LEU K 3 69.71 17.80 -23.54
C LEU K 3 69.47 17.24 -24.94
N MET K 4 69.08 15.97 -25.00
CA MET K 4 68.82 15.29 -26.25
C MET K 4 67.44 14.66 -26.31
N ALA K 5 66.60 14.85 -25.29
CA ALA K 5 65.27 14.27 -25.28
C ALA K 5 64.26 15.09 -26.07
N SER K 6 64.57 16.36 -26.36
CA SER K 6 63.67 17.22 -27.12
C SER K 6 64.34 17.71 -28.39
N GLY K 7 64.14 19.00 -28.70
CA GLY K 7 64.73 19.59 -29.89
C GLY K 7 64.03 19.26 -31.19
N ASN K 8 62.78 18.78 -31.14
CA ASN K 8 62.04 18.43 -32.34
C ASN K 8 60.61 18.95 -32.35
N THR K 9 60.02 19.27 -31.20
CA THR K 9 58.64 19.76 -31.11
C THR K 9 57.66 18.82 -31.81
N THR K 10 57.83 17.52 -31.54
CA THR K 10 56.98 16.49 -32.12
C THR K 10 55.85 16.06 -31.18
N VAL K 11 56.17 15.82 -29.91
CA VAL K 11 55.15 15.41 -28.95
C VAL K 11 54.22 16.56 -28.60
N LYS K 12 54.67 17.81 -28.77
CA LYS K 12 53.81 18.96 -28.47
C LYS K 12 52.72 19.11 -29.51
N ALA K 13 53.04 18.86 -30.78
CA ALA K 13 52.04 18.95 -31.85
C ALA K 13 51.15 17.73 -31.93
N THR K 14 51.46 16.65 -31.21
CA THR K 14 50.66 15.43 -31.22
C THR K 14 49.75 15.33 -30.01
N PHE K 15 50.27 15.60 -28.82
CA PHE K 15 49.49 15.55 -27.58
C PHE K 15 49.35 16.97 -27.06
N GLY K 16 48.39 17.70 -27.63
CA GLY K 16 48.15 19.06 -27.23
C GLY K 16 46.72 19.48 -27.49
N LYS K 17 46.48 20.78 -27.39
CA LYS K 17 45.14 21.31 -27.62
C LYS K 17 44.81 21.39 -29.11
N ASP K 18 45.75 21.90 -29.91
CA ASP K 18 45.55 22.03 -31.35
C ASP K 18 46.03 20.79 -32.10
N SER K 19 45.60 19.62 -31.62
CA SER K 19 45.98 18.36 -32.25
C SER K 19 44.77 17.45 -32.43
N SER K 20 44.97 16.14 -32.32
CA SER K 20 43.90 15.17 -32.47
C SER K 20 43.45 14.55 -31.15
N VAL K 21 44.11 14.86 -30.04
CA VAL K 21 43.71 14.29 -28.76
C VAL K 21 42.40 14.88 -28.28
N VAL K 22 42.15 16.17 -28.56
CA VAL K 22 40.92 16.81 -28.11
C VAL K 22 39.70 16.28 -28.84
N LYS K 23 39.88 15.61 -29.98
CA LYS K 23 38.75 15.07 -30.73
C LYS K 23 38.37 13.66 -30.28
N TRP K 24 39.35 12.85 -29.88
CA TRP K 24 39.05 11.50 -29.42
C TRP K 24 38.50 11.46 -28.01
N VAL K 25 38.64 12.54 -27.23
CA VAL K 25 38.13 12.58 -25.87
C VAL K 25 36.77 13.25 -25.77
N VAL K 26 36.31 13.91 -26.83
CA VAL K 26 35.00 14.58 -26.79
C VAL K 26 33.87 13.66 -27.25
N LEU K 27 34.16 12.62 -28.03
CA LEU K 27 33.15 11.68 -28.48
C LEU K 27 33.05 10.44 -27.60
N ALA K 28 33.97 10.26 -26.65
CA ALA K 28 33.90 9.11 -25.76
C ALA K 28 32.78 9.23 -24.73
N GLU K 29 32.36 10.45 -24.40
CA GLU K 29 31.29 10.64 -23.44
C GLU K 29 29.93 10.35 -24.06
N VAL K 30 29.69 10.82 -25.28
CA VAL K 30 28.41 10.58 -25.94
C VAL K 30 28.28 9.13 -26.37
N LEU K 31 29.40 8.41 -26.50
CA LEU K 31 29.34 7.00 -26.89
C LEU K 31 28.79 6.13 -25.76
N VAL K 32 29.00 6.53 -24.51
CA VAL K 32 28.53 5.76 -23.37
C VAL K 32 27.53 6.52 -22.51
N GLY K 33 27.47 7.85 -22.58
CA GLY K 33 26.52 8.59 -21.77
C GLY K 33 25.15 8.73 -22.39
N ALA K 34 25.08 8.77 -23.72
CA ALA K 34 23.81 8.88 -24.42
C ALA K 34 23.13 7.54 -24.67
N VAL K 35 23.73 6.44 -24.22
CA VAL K 35 23.15 5.11 -24.40
C VAL K 35 22.86 4.41 -23.09
N MET K 36 23.21 4.99 -21.95
CA MET K 36 22.97 4.38 -20.65
C MET K 36 21.56 4.64 -20.13
N TYR K 37 20.65 5.13 -20.96
CA TYR K 37 19.26 5.32 -20.58
C TYR K 37 18.45 4.04 -20.63
N MET K 38 19.08 2.89 -20.91
CA MET K 38 18.36 1.64 -20.98
C MET K 38 18.17 1.02 -19.60
N MET K 39 19.27 0.74 -18.90
CA MET K 39 19.18 0.11 -17.59
C MET K 39 18.90 1.12 -16.49
N THR K 40 19.52 2.30 -16.54
CA THR K 40 19.38 3.31 -15.51
C THR K 40 18.21 4.26 -15.79
N LYS K 41 18.30 5.02 -16.89
CA LYS K 41 17.29 6.01 -17.26
C LYS K 41 17.09 7.03 -16.12
N ASN K 42 18.16 7.74 -15.81
CA ASN K 42 18.15 8.75 -14.76
C ASN K 42 19.12 9.86 -15.12
N VAL K 43 18.86 11.05 -14.60
CA VAL K 43 19.72 12.20 -14.83
C VAL K 43 20.91 12.13 -13.87
N LYS K 44 22.02 11.58 -14.35
CA LYS K 44 23.22 11.41 -13.51
C LYS K 44 24.48 11.79 -14.29
N PHE K 45 24.66 11.20 -15.47
CA PHE K 45 25.85 11.44 -16.29
C PHE K 45 25.67 12.68 -17.16
N LEU K 46 25.48 13.83 -16.50
CA LEU K 46 25.31 15.10 -17.18
C LEU K 46 26.29 16.16 -16.74
N ALA K 47 27.21 15.84 -15.83
CA ALA K 47 28.18 16.80 -15.34
C ALA K 47 29.47 16.81 -16.14
N GLY K 48 29.57 16.02 -17.21
CA GLY K 48 30.76 15.96 -18.02
C GLY K 48 30.77 16.87 -19.23
N PHE K 49 29.74 17.69 -19.41
CA PHE K 49 29.64 18.60 -20.54
C PHE K 49 30.31 19.95 -20.28
N ALA K 50 31.22 20.00 -19.30
CA ALA K 50 31.91 21.25 -18.99
C ALA K 50 33.31 20.98 -18.46
N ILE K 51 33.53 19.76 -17.93
CA ILE K 51 34.85 19.41 -17.40
C ILE K 51 35.84 19.00 -18.47
N ILE K 52 35.42 18.92 -19.73
CA ILE K 52 36.33 18.54 -20.80
C ILE K 52 37.27 19.69 -21.12
N SER K 53 36.73 20.90 -21.28
CA SER K 53 37.55 22.06 -21.58
C SER K 53 38.34 22.54 -20.38
N VAL K 54 37.93 22.17 -19.17
CA VAL K 54 38.64 22.59 -17.97
C VAL K 54 39.83 21.69 -17.67
N PHE K 55 39.65 20.37 -17.82
CA PHE K 55 40.75 19.45 -17.55
C PHE K 55 41.85 19.56 -18.59
N ILE K 56 41.51 19.94 -19.82
CA ILE K 56 42.52 20.08 -20.87
C ILE K 56 43.30 21.38 -20.73
N ALA K 57 42.78 22.36 -19.99
CA ALA K 57 43.46 23.64 -19.81
C ALA K 57 44.36 23.65 -18.57
N VAL K 58 44.02 22.87 -17.54
CA VAL K 58 44.82 22.83 -16.33
C VAL K 58 45.97 21.83 -16.42
N GLY K 59 46.15 21.17 -17.56
CA GLY K 59 47.22 20.21 -17.73
C GLY K 59 48.17 20.56 -18.85
N MET K 60 47.66 21.25 -19.88
CA MET K 60 48.49 21.63 -21.01
C MET K 60 49.27 22.91 -20.74
N ALA K 61 48.67 23.86 -20.02
CA ALA K 61 49.31 25.14 -19.72
C ALA K 61 50.15 25.08 -18.45
N VAL K 62 50.64 23.90 -18.07
CA VAL K 62 51.47 23.78 -16.87
C VAL K 62 52.89 24.25 -17.15
N VAL K 63 53.54 23.66 -18.16
CA VAL K 63 54.90 24.03 -18.52
C VAL K 63 54.87 24.98 -19.71
N GLY K 64 54.39 24.49 -20.86
CA GLY K 64 54.31 25.31 -22.05
C GLY K 64 55.66 25.60 -22.66
N LEU K 65 56.50 24.58 -22.79
CA LEU K 65 57.84 24.71 -23.36
C LEU K 65 58.67 25.75 -22.64
N GLN L 1 93.09 11.77 -5.54
CA GLN L 1 92.56 12.60 -6.61
C GLN L 1 91.08 12.94 -6.36
N ASP L 2 90.46 13.54 -7.36
CA ASP L 2 89.05 13.92 -7.28
C ASP L 2 88.18 12.84 -7.91
N LEU L 3 86.90 13.15 -8.10
CA LEU L 3 85.96 12.22 -8.69
C LEU L 3 85.94 12.35 -10.20
N MET L 4 85.46 11.30 -10.87
CA MET L 4 85.38 11.27 -12.32
C MET L 4 83.99 10.92 -12.83
N ALA L 5 82.99 10.84 -11.95
CA ALA L 5 81.63 10.51 -12.38
C ALA L 5 80.85 11.73 -12.84
N SER L 6 81.33 12.94 -12.55
CA SER L 6 80.64 14.15 -12.95
C SER L 6 81.57 15.06 -13.75
N GLY L 7 81.48 16.37 -13.51
CA GLY L 7 82.31 17.32 -14.20
C GLY L 7 81.88 17.65 -15.62
N ASN L 8 80.64 17.35 -15.98
CA ASN L 8 80.15 17.63 -17.33
C ASN L 8 78.79 18.32 -17.29
N THR L 9 78.06 18.13 -16.19
CA THR L 9 76.72 18.70 -16.00
C THR L 9 75.80 18.34 -17.15
N THR L 10 75.82 17.06 -17.54
CA THR L 10 74.99 16.57 -18.63
C THR L 10 73.68 15.97 -18.13
N VAL L 11 73.73 15.14 -17.09
CA VAL L 11 72.51 14.53 -16.57
C VAL L 11 71.64 15.55 -15.85
N LYS L 12 72.23 16.65 -15.37
CA LYS L 12 71.44 17.67 -14.69
C LYS L 12 70.56 18.45 -15.67
N ALA L 13 71.07 18.71 -16.88
CA ALA L 13 70.30 19.41 -17.89
C ALA L 13 69.34 18.51 -18.64
N THR L 14 69.43 17.19 -18.46
CA THR L 14 68.56 16.23 -19.12
C THR L 14 67.42 15.77 -18.22
N PHE L 15 67.73 15.42 -16.98
CA PHE L 15 66.74 14.96 -16.00
C PHE L 15 66.59 16.05 -14.94
N GLY L 16 65.83 17.08 -15.25
CA GLY L 16 65.62 18.18 -14.34
C GLY L 16 64.30 18.91 -14.55
N LYS L 17 64.15 20.07 -13.94
CA LYS L 17 62.92 20.85 -14.08
C LYS L 17 62.87 21.58 -15.42
N ASP L 18 63.96 22.24 -15.79
CA ASP L 18 64.04 22.99 -17.04
C ASP L 18 64.54 22.11 -18.20
N SER L 19 63.96 20.91 -18.31
CA SER L 19 64.35 19.98 -19.36
C SER L 19 63.13 19.43 -20.08
N SER L 20 63.20 18.17 -20.51
CA SER L 20 62.10 17.53 -21.22
C SER L 20 61.38 16.48 -20.38
N VAL L 21 61.85 16.19 -19.17
CA VAL L 21 61.20 15.19 -18.34
C VAL L 21 59.87 15.70 -17.82
N VAL L 22 59.77 17.00 -17.52
CA VAL L 22 58.53 17.57 -16.99
C VAL L 22 57.42 17.59 -18.02
N LYS L 23 57.74 17.45 -19.30
CA LYS L 23 56.73 17.45 -20.36
C LYS L 23 56.18 16.05 -20.62
N TRP L 24 57.01 15.01 -20.50
CA TRP L 24 56.55 13.65 -20.72
C TRP L 24 55.74 13.11 -19.56
N VAL L 25 55.81 13.74 -18.38
CA VAL L 25 55.07 13.29 -17.22
C VAL L 25 53.77 14.06 -17.01
N VAL L 26 53.54 15.15 -17.75
CA VAL L 26 52.32 15.92 -17.59
C VAL L 26 51.22 15.48 -18.54
N LEU L 27 51.56 14.83 -19.66
CA LEU L 27 50.57 14.36 -20.60
C LEU L 27 50.22 12.89 -20.41
N ALA L 28 50.91 12.19 -19.51
CA ALA L 28 50.62 10.78 -19.27
C ALA L 28 49.35 10.59 -18.44
N GLU L 29 48.93 11.61 -17.69
CA GLU L 29 47.71 11.50 -16.89
C GLU L 29 46.46 11.67 -17.74
N VAL L 30 46.46 12.62 -18.67
CA VAL L 30 45.30 12.84 -19.53
C VAL L 30 45.12 11.70 -20.52
N LEU L 31 46.18 10.94 -20.81
CA LEU L 31 46.05 9.82 -21.74
C LEU L 31 45.30 8.66 -21.11
N VAL L 32 45.36 8.51 -19.79
CA VAL L 32 44.69 7.42 -19.10
C VAL L 32 43.59 7.89 -18.16
N GLY L 33 43.57 9.17 -17.76
CA GLY L 33 42.55 9.66 -16.86
C GLY L 33 41.31 10.15 -17.57
N ALA L 34 41.48 10.67 -18.79
CA ALA L 34 40.37 11.18 -19.57
C ALA L 34 39.70 10.11 -20.43
N VAL L 35 40.17 8.86 -20.34
CA VAL L 35 39.59 7.78 -21.13
C VAL L 35 38.92 6.71 -20.26
N MET L 36 39.06 6.78 -18.94
CA MET L 36 38.45 5.81 -18.05
C MET L 36 37.00 6.14 -17.72
N TYR L 37 36.39 7.09 -18.43
CA TYR L 37 34.98 7.39 -18.27
C TYR L 37 34.07 6.41 -19.00
N MET L 38 34.63 5.39 -19.66
CA MET L 38 33.84 4.41 -20.39
C MET L 38 33.36 3.29 -19.49
N MET L 39 34.27 2.62 -18.79
CA MET L 39 33.91 1.50 -17.93
C MET L 39 33.52 1.94 -16.53
N THR L 40 34.29 2.86 -15.94
CA THR L 40 34.03 3.32 -14.57
C THR L 40 33.07 4.51 -14.54
N LYS L 41 33.47 5.63 -15.13
CA LYS L 41 32.68 6.88 -15.15
C LYS L 41 32.34 7.31 -13.72
N ASN L 42 33.38 7.78 -13.02
CA ASN L 42 33.25 8.23 -11.65
C ASN L 42 34.26 9.35 -11.40
N VAL L 43 34.11 10.00 -10.25
CA VAL L 43 35.02 11.07 -9.84
C VAL L 43 36.02 10.47 -8.86
N LYS L 44 37.14 9.97 -9.38
CA LYS L 44 38.16 9.34 -8.53
C LYS L 44 39.55 9.80 -8.92
N PHE L 45 39.86 9.78 -10.23
CA PHE L 45 41.17 10.14 -10.73
C PHE L 45 41.24 11.65 -11.02
N LEU L 46 41.01 12.43 -9.96
CA LEU L 46 41.06 13.89 -10.05
C LEU L 46 42.05 14.52 -9.08
N ALA L 47 42.80 13.74 -8.32
CA ALA L 47 43.76 14.26 -7.36
C ALA L 47 45.16 14.39 -7.94
N GLY L 48 45.35 14.08 -9.21
CA GLY L 48 46.64 14.17 -9.86
C GLY L 48 46.94 15.47 -10.55
N PHE L 49 46.02 16.43 -10.51
CA PHE L 49 46.20 17.73 -11.14
C PHE L 49 46.89 18.74 -10.23
N ALA L 50 47.60 18.27 -9.21
CA ALA L 50 48.28 19.16 -8.29
C ALA L 50 49.54 18.52 -7.72
N ILE L 51 49.60 17.18 -7.77
CA ILE L 51 50.76 16.45 -7.25
C ILE L 51 51.90 16.37 -8.26
N ILE L 52 51.72 16.90 -9.47
CA ILE L 52 52.79 16.85 -10.47
C ILE L 52 53.88 17.85 -10.12
N SER L 53 53.50 19.09 -9.80
CA SER L 53 54.48 20.11 -9.45
C SER L 53 55.04 19.91 -8.05
N VAL L 54 54.37 19.13 -7.21
CA VAL L 54 54.85 18.90 -5.85
C VAL L 54 55.90 17.79 -5.84
N PHE L 55 55.67 16.72 -6.59
CA PHE L 55 56.63 15.61 -6.61
C PHE L 55 57.92 16.00 -7.30
N ILE L 56 57.85 16.92 -8.27
CA ILE L 56 59.06 17.35 -8.96
C ILE L 56 59.88 18.34 -8.14
N ALA L 57 59.28 18.97 -7.13
CA ALA L 57 59.98 19.93 -6.29
C ALA L 57 60.63 19.28 -5.08
N VAL L 58 60.07 18.18 -4.57
CA VAL L 58 60.64 17.50 -3.42
C VAL L 58 61.68 16.47 -3.80
N GLY L 59 62.02 16.36 -5.09
CA GLY L 59 63.01 15.40 -5.52
C GLY L 59 64.19 16.04 -6.23
N MET L 60 63.94 17.16 -6.91
CA MET L 60 65.01 17.85 -7.63
C MET L 60 65.82 18.76 -6.71
N ALA L 61 65.17 19.39 -5.74
CA ALA L 61 65.83 20.31 -4.81
C ALA L 61 66.41 19.59 -3.59
N VAL L 62 66.73 18.30 -3.72
CA VAL L 62 67.30 17.56 -2.59
C VAL L 62 68.78 17.87 -2.43
N VAL L 63 69.56 17.67 -3.50
CA VAL L 63 71.00 17.93 -3.47
C VAL L 63 71.27 19.28 -4.11
N GLY L 64 70.99 19.38 -5.41
CA GLY L 64 71.21 20.63 -6.13
C GLY L 64 72.67 20.94 -6.35
N LEU L 65 73.42 19.94 -6.83
CA LEU L 65 74.85 20.08 -7.09
C LEU L 65 75.62 20.56 -5.86
N GLN M 1 105.03 -4.21 8.16
CA GLN M 1 104.72 -2.98 7.45
C GLN M 1 103.26 -2.61 7.62
N ASP M 2 102.83 -1.56 6.91
CA ASP M 2 101.47 -1.08 6.96
C ASP M 2 100.66 -1.69 5.82
N LEU M 3 99.56 -1.04 5.45
CA LEU M 3 98.70 -1.51 4.37
C LEU M 3 98.98 -0.74 3.08
N MET M 4 98.56 -1.32 1.97
CA MET M 4 98.75 -0.72 0.66
C MET M 4 97.45 -0.58 -0.12
N ALA M 5 96.31 -0.87 0.51
CA ALA M 5 95.02 -0.78 -0.16
C ALA M 5 94.40 0.61 -0.08
N SER M 6 94.97 1.51 0.71
CA SER M 6 94.45 2.87 0.84
C SER M 6 95.55 3.90 0.65
N GLY M 7 95.48 5.00 1.40
CA GLY M 7 96.48 6.04 1.29
C GLY M 7 96.38 6.90 0.05
N ASN M 8 95.21 6.96 -0.58
CA ASN M 8 95.04 7.76 -1.78
C ASN M 8 93.79 8.62 -1.67
N THR M 9 92.82 8.18 -0.86
CA THR M 9 91.55 8.88 -0.65
C THR M 9 90.85 9.15 -1.99
N THR M 10 90.81 8.11 -2.83
CA THR M 10 90.18 8.19 -4.15
C THR M 10 88.75 7.68 -4.15
N VAL M 11 88.52 6.50 -3.55
CA VAL M 11 87.17 5.95 -3.51
C VAL M 11 86.28 6.72 -2.55
N LYS M 12 86.86 7.43 -1.57
CA LYS M 12 86.06 8.19 -0.63
C LYS M 12 85.45 9.43 -1.29
N ALA M 13 86.19 10.05 -2.21
CA ALA M 13 85.69 11.22 -2.92
C ALA M 13 84.77 10.86 -4.07
N THR M 14 84.71 9.59 -4.47
CA THR M 14 83.84 9.16 -5.56
C THR M 14 82.53 8.57 -5.05
N PHE M 15 82.59 7.68 -4.06
CA PHE M 15 81.41 7.05 -3.47
C PHE M 15 81.19 7.66 -2.09
N GLY M 16 80.58 8.84 -2.06
CA GLY M 16 80.32 9.52 -0.81
C GLY M 16 79.11 10.43 -0.86
N LYS M 17 78.96 11.29 0.15
CA LYS M 17 77.82 12.21 0.19
C LYS M 17 78.05 13.41 -0.71
N ASP M 18 79.24 14.02 -0.63
CA ASP M 18 79.58 15.19 -1.43
C ASP M 18 80.23 14.79 -2.76
N SER M 19 79.63 13.82 -3.45
CA SER M 19 80.14 13.36 -4.73
C SER M 19 79.06 13.35 -5.79
N SER M 20 79.06 12.33 -6.65
CA SER M 20 78.08 12.21 -7.72
C SER M 20 77.12 11.03 -7.53
N VAL M 21 77.35 10.19 -6.53
CA VAL M 21 76.46 9.05 -6.31
C VAL M 21 75.11 9.50 -5.80
N VAL M 22 75.07 10.56 -4.98
CA VAL M 22 73.82 11.04 -4.42
C VAL M 22 72.91 11.66 -5.48
N LYS M 23 73.47 12.02 -6.64
CA LYS M 23 72.66 12.60 -7.71
C LYS M 23 72.06 11.54 -8.62
N TRP M 24 72.77 10.44 -8.85
CA TRP M 24 72.25 9.38 -9.71
C TRP M 24 71.21 8.52 -9.01
N VAL M 25 71.11 8.60 -7.68
CA VAL M 25 70.13 7.82 -6.93
C VAL M 25 68.86 8.60 -6.62
N VAL M 26 68.84 9.91 -6.88
CA VAL M 26 67.66 10.72 -6.60
C VAL M 26 66.75 10.87 -7.81
N LEU M 27 67.28 10.71 -9.01
CA LEU M 27 66.48 10.82 -10.23
C LEU M 27 65.94 9.47 -10.71
N ALA M 28 66.42 8.37 -10.14
CA ALA M 28 65.93 7.05 -10.53
C ALA M 28 64.52 6.78 -10.02
N GLU M 29 64.08 7.47 -8.95
CA GLU M 29 62.74 7.26 -8.43
C GLU M 29 61.70 7.99 -9.25
N VAL M 30 61.98 9.24 -9.65
CA VAL M 30 61.04 9.99 -10.46
C VAL M 30 60.96 9.46 -11.89
N LEU M 31 61.97 8.72 -12.33
CA LEU M 31 61.93 8.16 -13.68
C LEU M 31 60.93 7.02 -13.78
N VAL M 32 60.68 6.30 -12.69
CA VAL M 32 59.74 5.21 -12.68
C VAL M 32 58.51 5.48 -11.80
N GLY M 33 58.59 6.44 -10.88
CA GLY M 33 57.45 6.72 -10.03
C GLY M 33 56.44 7.66 -10.66
N ALA M 34 56.89 8.55 -11.54
CA ALA M 34 56.03 9.51 -12.21
C ALA M 34 55.42 8.95 -13.49
N VAL M 35 55.76 7.72 -13.88
CA VAL M 35 55.24 7.11 -15.10
C VAL M 35 54.41 5.87 -14.82
N MET M 36 54.35 5.40 -13.58
CA MET M 36 53.58 4.21 -13.24
C MET M 36 52.11 4.50 -13.01
N TYR M 37 51.65 5.72 -13.32
CA TYR M 37 50.24 6.06 -13.24
C TYR M 37 49.44 5.61 -14.47
N MET M 38 50.09 4.92 -15.41
CA MET M 38 49.39 4.49 -16.62
C MET M 38 48.58 3.22 -16.36
N MET M 39 49.22 2.17 -15.87
CA MET M 39 48.54 0.90 -15.63
C MET M 39 47.97 0.81 -14.22
N THR M 40 48.74 1.24 -13.21
CA THR M 40 48.27 1.16 -11.83
C THR M 40 47.37 2.33 -11.47
N LYS M 41 47.92 3.55 -11.48
CA LYS M 41 47.21 4.77 -11.11
C LYS M 41 46.63 4.65 -9.70
N ASN M 42 47.54 4.55 -8.74
CA ASN M 42 47.19 4.41 -7.34
C ASN M 42 48.26 5.08 -6.49
N VAL M 43 47.88 5.47 -5.28
CA VAL M 43 48.80 6.10 -4.33
C VAL M 43 49.50 4.96 -3.58
N LYS M 44 50.70 4.60 -4.05
CA LYS M 44 51.45 3.51 -3.44
C LYS M 44 52.93 3.87 -3.32
N PHE M 45 53.54 4.28 -4.44
CA PHE M 45 54.97 4.59 -4.47
C PHE M 45 55.21 6.05 -4.04
N LEU M 46 54.86 6.33 -2.79
CA LEU M 46 55.04 7.64 -2.21
C LEU M 46 55.85 7.63 -0.92
N ALA M 47 56.32 6.46 -0.48
CA ALA M 47 57.10 6.36 0.74
C ALA M 47 58.60 6.45 0.49
N GLY M 48 59.03 6.79 -0.71
CA GLY M 48 60.43 6.89 -1.05
C GLY M 48 60.98 8.30 -1.11
N PHE M 49 60.16 9.31 -0.81
CA PHE M 49 60.60 10.70 -0.83
C PHE M 49 61.18 11.16 0.50
N ALA M 50 61.62 10.23 1.34
CA ALA M 50 62.19 10.58 2.64
C ALA M 50 63.26 9.57 3.05
N ILE M 51 63.23 8.38 2.44
CA ILE M 51 64.21 7.34 2.77
C ILE M 51 65.49 7.45 1.97
N ILE M 52 65.62 8.48 1.12
CA ILE M 52 66.85 8.65 0.34
C ILE M 52 67.97 9.19 1.21
N SER M 53 67.69 10.25 1.97
CA SER M 53 68.70 10.84 2.84
C SER M 53 68.93 10.03 4.11
N VAL M 54 68.02 9.10 4.43
CA VAL M 54 68.19 8.28 5.63
C VAL M 54 69.13 7.11 5.36
N PHE M 55 68.99 6.46 4.20
CA PHE M 55 69.84 5.33 3.87
C PHE M 55 71.29 5.76 3.63
N ILE M 56 71.50 6.97 3.10
CA ILE M 56 72.85 7.44 2.85
C ILE M 56 73.55 7.89 4.14
N ALA M 57 72.79 8.16 5.21
CA ALA M 57 73.38 8.59 6.47
C ALA M 57 73.68 7.43 7.41
N VAL M 58 73.07 6.26 7.17
CA VAL M 58 73.30 5.09 8.00
C VAL M 58 74.27 4.14 7.29
N GLY M 59 74.86 4.62 6.20
CA GLY M 59 75.80 3.81 5.44
C GLY M 59 77.15 4.49 5.26
N MET M 60 77.15 5.81 5.07
CA MET M 60 78.40 6.54 4.90
C MET M 60 79.07 6.85 6.23
N ALA M 61 78.30 7.11 7.28
CA ALA M 61 78.83 7.43 8.59
C ALA M 61 79.08 6.20 9.44
N VAL M 62 79.33 5.05 8.82
CA VAL M 62 79.58 3.83 9.58
C VAL M 62 81.02 3.78 10.06
N VAL M 63 81.98 3.93 9.15
CA VAL M 63 83.39 3.91 9.49
C VAL M 63 83.92 5.33 9.53
N GLY M 64 83.92 6.00 8.37
CA GLY M 64 84.40 7.36 8.30
C GLY M 64 85.90 7.48 8.43
N LEU M 65 86.63 6.69 7.66
CA LEU M 65 88.09 6.68 7.68
C LEU M 65 88.64 6.43 9.07
N GLN N 1 112.58 -26.60 14.45
CA GLN N 1 112.54 -25.14 14.36
C GLN N 1 111.11 -24.63 14.52
N ASP N 2 110.93 -23.34 14.27
CA ASP N 2 109.63 -22.70 14.37
C ASP N 2 108.99 -22.60 12.98
N LEU N 3 107.98 -21.75 12.85
CA LEU N 3 107.28 -21.57 11.59
C LEU N 3 107.90 -20.41 10.81
N MET N 4 107.64 -20.40 9.50
CA MET N 4 108.15 -19.37 8.62
C MET N 4 107.08 -18.69 7.79
N ALA N 5 105.79 -18.98 8.03
CA ALA N 5 104.71 -18.37 7.27
C ALA N 5 104.24 -17.05 7.88
N SER N 6 104.74 -16.67 9.05
CA SER N 6 104.34 -15.41 9.68
C SER N 6 105.55 -14.60 10.08
N GLY N 7 105.46 -13.89 11.21
CA GLY N 7 106.56 -13.07 11.68
C GLY N 7 106.74 -11.75 10.96
N ASN N 8 105.74 -11.30 10.21
CA ASN N 8 105.81 -10.04 9.49
C ASN N 8 104.66 -9.09 9.78
N THR N 9 103.51 -9.58 10.23
CA THR N 9 102.34 -8.76 10.52
C THR N 9 101.95 -7.91 9.32
N THR N 10 101.93 -8.55 8.15
CA THR N 10 101.57 -7.88 6.90
C THR N 10 100.11 -8.11 6.51
N VAL N 11 99.66 -9.37 6.54
CA VAL N 11 98.27 -9.66 6.20
C VAL N 11 97.31 -9.22 7.29
N LYS N 12 97.79 -9.07 8.53
CA LYS N 12 96.92 -8.64 9.61
C LYS N 12 96.56 -7.16 9.48
N ALA N 13 97.53 -6.33 9.08
CA ALA N 13 97.28 -4.92 8.91
C ALA N 13 96.55 -4.60 7.60
N THR N 14 96.47 -5.55 6.68
CA THR N 14 95.78 -5.35 5.40
C THR N 14 94.34 -5.84 5.43
N PHE N 15 94.10 -7.06 5.91
CA PHE N 15 92.76 -7.64 5.99
C PHE N 15 92.35 -7.69 7.45
N GLY N 16 91.84 -6.56 7.94
CA GLY N 16 91.42 -6.48 9.33
C GLY N 16 90.38 -5.39 9.51
N LYS N 17 90.11 -5.09 10.79
CA LYS N 17 89.13 -4.05 11.10
C LYS N 17 89.70 -2.65 10.88
N ASP N 18 90.89 -2.39 11.41
CA ASP N 18 91.52 -1.08 11.26
C ASP N 18 92.34 -0.99 9.96
N SER N 19 91.71 -1.34 8.85
CA SER N 19 92.37 -1.31 7.55
C SER N 19 91.46 -0.70 6.50
N SER N 20 91.57 -1.18 5.25
CA SER N 20 90.75 -0.69 4.15
C SER N 20 89.67 -1.65 3.72
N VAL N 21 89.61 -2.85 4.31
CA VAL N 21 88.59 -3.82 3.91
C VAL N 21 87.21 -3.37 4.38
N VAL N 22 87.13 -2.73 5.55
CA VAL N 22 85.84 -2.31 6.09
C VAL N 22 85.22 -1.18 5.28
N LYS N 23 86.00 -0.49 4.44
CA LYS N 23 85.48 0.59 3.63
C LYS N 23 84.96 0.13 2.28
N TRP N 24 85.57 -0.91 1.70
CA TRP N 24 85.13 -1.42 0.41
C TRP N 24 83.89 -2.32 0.52
N VAL N 25 83.58 -2.81 1.72
CA VAL N 25 82.42 -3.67 1.91
C VAL N 25 81.16 -2.91 2.30
N VAL N 26 81.28 -1.61 2.60
CA VAL N 26 80.12 -0.81 2.99
C VAL N 26 79.51 -0.06 1.80
N LEU N 27 80.28 0.19 0.75
CA LEU N 27 79.79 0.89 -0.43
C LEU N 27 79.22 -0.04 -1.49
N ALA N 28 79.45 -1.35 -1.38
CA ALA N 28 78.94 -2.29 -2.36
C ALA N 28 77.43 -2.49 -2.23
N GLU N 29 76.88 -2.29 -1.04
CA GLU N 29 75.43 -2.47 -0.84
C GLU N 29 74.66 -1.26 -1.39
N VAL N 30 75.15 -0.05 -1.13
CA VAL N 30 74.47 1.15 -1.61
C VAL N 30 74.64 1.32 -3.11
N LEU N 31 75.62 0.62 -3.71
CA LEU N 31 75.82 0.74 -5.15
C LEU N 31 74.70 0.08 -5.94
N VAL N 32 74.10 -0.98 -5.39
CA VAL N 32 73.03 -1.70 -6.07
C VAL N 32 71.73 -1.73 -5.27
N GLY N 33 71.78 -1.65 -3.94
CA GLY N 33 70.58 -1.68 -3.15
C GLY N 33 69.80 -0.39 -3.18
N ALA N 34 70.48 0.72 -3.50
CA ALA N 34 69.83 2.02 -3.57
C ALA N 34 69.36 2.39 -4.97
N VAL N 35 69.71 1.59 -5.98
CA VAL N 35 69.30 1.85 -7.36
C VAL N 35 68.41 0.76 -7.92
N MET N 36 68.04 -0.24 -7.11
CA MET N 36 67.18 -1.33 -7.57
C MET N 36 65.70 -0.99 -7.45
N TYR N 37 65.35 0.28 -7.25
CA TYR N 37 63.97 0.71 -7.21
C TYR N 37 63.36 0.86 -8.60
N MET N 38 64.11 0.58 -9.66
CA MET N 38 63.58 0.72 -11.01
C MET N 38 62.66 -0.43 -11.37
N MET N 39 63.13 -1.66 -11.19
CA MET N 39 62.34 -2.84 -11.54
C MET N 39 61.58 -3.40 -10.34
N THR N 40 62.25 -3.52 -9.18
CA THR N 40 61.60 -4.09 -8.00
C THR N 40 60.71 -3.06 -7.31
N LYS N 41 61.32 -2.03 -6.74
CA LYS N 41 60.61 -0.98 -6.00
C LYS N 41 59.79 -1.59 -4.86
N ASN N 42 60.50 -2.17 -3.90
CA ASN N 42 59.88 -2.82 -2.74
C ASN N 42 60.81 -2.69 -1.55
N VAL N 43 60.24 -2.87 -0.36
CA VAL N 43 61.01 -2.83 0.88
C VAL N 43 61.53 -4.25 1.13
N LYS N 44 62.76 -4.52 0.69
CA LYS N 44 63.34 -5.84 0.83
C LYS N 44 64.79 -5.76 1.28
N PHE N 45 65.61 -5.00 0.54
CA PHE N 45 67.04 -4.88 0.83
C PHE N 45 67.26 -3.79 1.88
N LEU N 46 66.76 -4.07 3.10
CA LEU N 46 66.91 -3.16 4.22
C LEU N 46 67.52 -3.79 5.45
N ALA N 47 67.68 -5.11 5.48
CA ALA N 47 68.26 -5.79 6.64
C ALA N 47 69.79 -5.81 6.62
N GLY N 48 70.41 -5.41 5.50
CA GLY N 48 71.85 -5.39 5.39
C GLY N 48 72.54 -4.18 5.99
N PHE N 49 71.79 -3.26 6.59
CA PHE N 49 72.35 -2.06 7.19
C PHE N 49 72.75 -2.27 8.65
N ALA N 50 72.83 -3.52 9.10
CA ALA N 50 73.21 -3.80 10.49
C ALA N 50 74.09 -5.04 10.56
N ILE N 51 74.08 -5.87 9.51
CA ILE N 51 74.87 -7.09 9.51
C ILE N 51 76.30 -6.85 9.03
N ILE N 52 76.68 -5.60 8.78
CA ILE N 52 78.05 -5.33 8.32
C ILE N 52 79.02 -5.38 9.50
N SER N 53 78.68 -4.70 10.60
CA SER N 53 79.54 -4.70 11.77
C SER N 53 79.44 -5.99 12.58
N VAL N 54 78.40 -6.80 12.35
CA VAL N 54 78.24 -8.05 13.07
C VAL N 54 79.08 -9.16 12.45
N PHE N 55 79.09 -9.26 11.13
CA PHE N 55 79.86 -10.31 10.47
C PHE N 55 81.36 -10.08 10.60
N ILE N 56 81.79 -8.81 10.64
CA ILE N 56 83.21 -8.51 10.78
C ILE N 56 83.72 -8.74 12.20
N ALA N 57 82.82 -8.81 13.18
CA ALA N 57 83.22 -9.03 14.57
C ALA N 57 83.23 -10.51 14.94
N VAL N 58 82.54 -11.34 14.16
CA VAL N 58 82.50 -12.77 14.42
C VAL N 58 83.47 -13.49 13.48
N GLY N 59 84.28 -12.71 12.78
CA GLY N 59 85.25 -13.26 11.85
C GLY N 59 86.67 -12.83 12.14
N MET N 60 86.84 -11.58 12.57
CA MET N 60 88.18 -11.08 12.87
C MET N 60 88.62 -11.47 14.27
N ALA N 61 87.70 -11.52 15.23
CA ALA N 61 88.01 -11.87 16.61
C ALA N 61 87.97 -13.37 16.86
N VAL N 62 88.23 -14.19 15.84
CA VAL N 62 88.21 -15.63 16.02
C VAL N 62 89.52 -16.13 16.62
N VAL N 63 90.64 -15.78 15.99
CA VAL N 63 91.96 -16.17 16.49
C VAL N 63 92.60 -15.01 17.22
N GLY N 64 92.88 -13.93 16.49
CA GLY N 64 93.49 -12.75 17.08
C GLY N 64 94.95 -12.96 17.44
N LEU N 65 95.73 -13.47 16.49
CA LEU N 65 97.15 -13.73 16.68
C LEU N 65 97.41 -14.63 17.88
N GLN O 1 115.97 -50.44 11.19
CA GLN O 1 116.12 -49.08 11.70
C GLN O 1 114.77 -48.37 11.75
N ASP O 2 114.77 -47.15 12.30
CA ASP O 2 113.55 -46.36 12.42
C ASP O 2 113.30 -45.58 11.13
N LEU O 3 112.22 -44.80 11.12
CA LEU O 3 111.87 -44.00 9.96
C LEU O 3 112.72 -42.73 9.91
N MET O 4 112.75 -42.12 8.73
CA MET O 4 113.51 -40.90 8.50
C MET O 4 112.65 -39.76 7.97
N ALA O 5 111.33 -39.98 7.84
CA ALA O 5 110.45 -38.93 7.35
C ALA O 5 110.10 -37.90 8.42
N SER O 6 110.21 -38.27 9.69
CA SER O 6 109.91 -37.35 10.78
C SER O 6 111.14 -37.08 11.64
N GLY O 7 110.92 -36.76 12.91
CA GLY O 7 112.01 -36.48 13.82
C GLY O 7 112.51 -35.05 13.83
N ASN O 8 111.84 -34.14 13.12
CA ASN O 8 112.24 -32.75 13.05
C ASN O 8 111.17 -31.77 13.53
N THR O 9 109.91 -32.19 13.61
CA THR O 9 108.81 -31.34 14.04
C THR O 9 108.74 -30.06 13.20
N THR O 10 108.83 -30.24 11.89
CA THR O 10 108.79 -29.13 10.94
C THR O 10 107.41 -28.95 10.32
N VAL O 11 106.81 -30.03 9.81
CA VAL O 11 105.49 -29.94 9.19
C VAL O 11 104.40 -29.74 10.24
N LYS O 12 104.65 -30.15 11.50
CA LYS O 12 103.65 -29.97 12.54
C LYS O 12 103.60 -28.54 13.03
N ALA O 13 104.76 -27.89 13.18
CA ALA O 13 104.80 -26.50 13.63
C ALA O 13 104.40 -25.52 12.54
N THR O 14 104.42 -25.94 11.27
CA THR O 14 104.04 -25.07 10.17
C THR O 14 102.56 -25.21 9.82
N PHE O 15 102.09 -26.45 9.69
CA PHE O 15 100.69 -26.74 9.36
C PHE O 15 100.03 -27.31 10.61
N GLY O 16 99.59 -26.42 11.50
CA GLY O 16 98.95 -26.82 12.73
C GLY O 16 97.96 -25.80 13.26
N LYS O 17 97.53 -25.98 14.50
CA LYS O 17 96.58 -25.04 15.10
C LYS O 17 97.27 -23.79 15.62
N ASP O 18 98.41 -23.94 16.28
CA ASP O 18 99.16 -22.81 16.83
C ASP O 18 100.20 -22.28 15.84
N SER O 19 99.81 -22.20 14.57
CA SER O 19 100.71 -21.72 13.54
C SER O 19 100.09 -20.54 12.77
N SER O 20 100.35 -20.47 11.47
CA SER O 20 99.82 -19.40 10.63
C SER O 20 98.75 -19.88 9.66
N VAL O 21 98.44 -21.18 9.65
CA VAL O 21 97.44 -21.69 8.72
C VAL O 21 96.04 -21.24 9.14
N VAL O 22 95.78 -21.16 10.45
CA VAL O 22 94.45 -20.78 10.92
C VAL O 22 94.15 -19.32 10.65
N LYS O 23 95.15 -18.50 10.36
CA LYS O 23 94.93 -17.08 10.08
C LYS O 23 94.66 -16.83 8.60
N TRP O 24 95.29 -17.59 7.71
CA TRP O 24 95.07 -17.41 6.27
C TRP O 24 93.75 -18.01 5.81
N VAL O 25 93.10 -18.83 6.63
CA VAL O 25 91.83 -19.43 6.25
C VAL O 25 90.62 -18.73 6.88
N VAL O 26 90.84 -17.84 7.85
CA VAL O 26 89.73 -17.14 8.48
C VAL O 26 89.36 -15.87 7.73
N LEU O 27 90.29 -15.30 6.96
CA LEU O 27 90.02 -14.09 6.18
C LEU O 27 89.65 -14.38 4.74
N ALA O 28 89.71 -15.64 4.30
CA ALA O 28 89.34 -15.97 2.93
C ALA O 28 87.83 -16.02 2.72
N GLU O 29 87.05 -16.16 3.79
CA GLU O 29 85.60 -16.20 3.66
C GLU O 29 85.03 -14.81 3.40
N VAL O 30 85.54 -13.79 4.09
CA VAL O 30 85.04 -12.43 3.90
C VAL O 30 85.48 -11.86 2.56
N LEU O 31 86.53 -12.41 1.95
CA LEU O 31 87.00 -11.90 0.68
C LEU O 31 86.13 -12.34 -0.48
N VAL O 32 85.50 -13.50 -0.38
CA VAL O 32 84.66 -14.01 -1.46
C VAL O 32 83.19 -14.18 -1.04
N GLY O 33 82.88 -14.19 0.25
CA GLY O 33 81.51 -14.37 0.68
C GLY O 33 80.78 -13.07 0.96
N ALA O 34 81.50 -12.05 1.42
CA ALA O 34 80.94 -10.75 1.72
C ALA O 34 80.95 -9.81 0.52
N VAL O 35 81.38 -10.29 -0.65
CA VAL O 35 81.42 -9.45 -1.85
C VAL O 35 80.36 -9.82 -2.87
N MET O 36 79.59 -10.89 -2.64
CA MET O 36 78.55 -11.30 -3.56
C MET O 36 77.23 -10.56 -3.35
N TYR O 37 77.23 -9.48 -2.55
CA TYR O 37 76.03 -8.69 -2.35
C TYR O 37 75.64 -7.89 -3.59
N MET O 38 76.50 -7.83 -4.60
CA MET O 38 76.19 -7.07 -5.81
C MET O 38 75.37 -7.89 -6.80
N MET O 39 75.64 -9.19 -6.90
CA MET O 39 74.95 -10.04 -7.86
C MET O 39 73.79 -10.78 -7.21
N THR O 40 74.10 -11.69 -6.29
CA THR O 40 73.05 -12.50 -5.68
C THR O 40 72.29 -11.71 -4.62
N LYS O 41 73.00 -11.24 -3.59
CA LYS O 41 72.41 -10.50 -2.47
C LYS O 41 71.31 -11.32 -1.82
N ASN O 42 71.69 -12.30 -1.01
CA ASN O 42 70.74 -13.16 -0.31
C ASN O 42 71.34 -13.55 1.03
N VAL O 43 70.67 -14.47 1.72
CA VAL O 43 71.11 -14.99 3.02
C VAL O 43 71.34 -16.48 2.83
N LYS O 44 72.56 -16.84 2.41
CA LYS O 44 72.90 -18.23 2.17
C LYS O 44 74.30 -18.55 2.69
N PHE O 45 75.26 -17.65 2.43
CA PHE O 45 76.64 -17.85 2.84
C PHE O 45 76.85 -17.38 4.29
N LEU O 46 76.15 -18.03 5.20
CA LEU O 46 76.24 -17.72 6.62
C LEU O 46 76.61 -18.93 7.47
N ALA O 47 76.76 -20.11 6.88
CA ALA O 47 77.12 -21.30 7.64
C ALA O 47 78.63 -21.46 7.82
N GLY O 48 79.44 -20.62 7.19
CA GLY O 48 80.87 -20.70 7.30
C GLY O 48 81.47 -20.07 8.54
N PHE O 49 80.65 -19.48 9.41
CA PHE O 49 81.13 -18.84 10.63
C PHE O 49 81.19 -19.80 11.80
N ALA O 50 81.22 -21.11 11.54
CA ALA O 50 81.28 -22.10 12.61
C ALA O 50 81.99 -23.36 12.15
N ILE O 51 81.98 -23.61 10.84
CA ILE O 51 82.62 -24.81 10.30
C ILE O 51 84.13 -24.68 10.19
N ILE O 52 84.68 -23.48 10.42
CA ILE O 52 86.12 -23.30 10.33
C ILE O 52 86.82 -23.89 11.55
N SER O 53 86.29 -23.61 12.74
CA SER O 53 86.88 -24.14 13.96
C SER O 53 86.62 -25.63 14.15
N VAL O 54 85.62 -26.17 13.46
CA VAL O 54 85.31 -27.59 13.59
C VAL O 54 86.14 -28.43 12.63
N PHE O 55 86.28 -27.98 11.38
CA PHE O 55 87.07 -28.74 10.41
C PHE O 55 88.55 -28.70 10.73
N ILE O 56 89.01 -27.66 11.43
CA ILE O 56 90.42 -27.56 11.79
C ILE O 56 90.76 -28.45 12.98
N ALA O 57 89.76 -28.89 13.74
CA ALA O 57 90.00 -29.74 14.90
C ALA O 57 89.80 -31.22 14.63
N VAL O 58 88.91 -31.57 13.69
CA VAL O 58 88.66 -32.98 13.37
C VAL O 58 89.72 -33.55 12.43
N GLY O 59 90.57 -32.71 11.85
CA GLY O 59 91.61 -33.19 10.95
C GLY O 59 93.00 -33.11 11.53
N MET O 60 93.17 -32.23 12.53
CA MET O 60 94.48 -32.09 13.17
C MET O 60 94.71 -33.13 14.26
N ALA O 61 93.65 -33.50 14.99
CA ALA O 61 93.75 -34.47 16.07
C ALA O 61 93.63 -35.92 15.58
N VAL O 62 93.89 -36.17 14.31
CA VAL O 62 93.80 -37.54 13.79
C VAL O 62 95.01 -38.36 14.24
N VAL O 63 96.21 -37.84 14.01
CA VAL O 63 97.44 -38.53 14.40
C VAL O 63 97.90 -38.00 15.75
N GLY O 64 98.25 -36.72 15.80
CA GLY O 64 98.70 -36.12 17.04
C GLY O 64 100.08 -36.55 17.48
N LEU O 65 100.92 -36.99 16.55
CA LEU O 65 102.27 -37.44 16.83
C LEU O 65 102.30 -38.55 17.89
N GLN P 1 -58.79 -8.92 40.81
CA GLN P 1 -58.72 -8.20 42.08
C GLN P 1 -60.02 -7.45 42.36
N ASP P 2 -59.99 -6.61 43.39
CA ASP P 2 -61.15 -5.83 43.78
C ASP P 2 -61.06 -4.42 43.18
N LEU P 3 -61.97 -3.55 43.60
CA LEU P 3 -62.00 -2.18 43.10
C LEU P 3 -61.08 -1.29 43.94
N MET P 4 -60.70 -0.15 43.35
CA MET P 4 -59.83 0.81 44.01
C MET P 4 -60.42 2.21 44.05
N ALA P 5 -61.62 2.40 43.49
CA ALA P 5 -62.24 3.72 43.48
C ALA P 5 -62.84 4.12 44.82
N SER P 6 -63.00 3.16 45.74
CA SER P 6 -63.58 3.46 47.05
C SER P 6 -62.66 2.98 48.16
N GLY P 7 -63.23 2.40 49.21
CA GLY P 7 -62.46 1.90 50.33
C GLY P 7 -61.94 2.97 51.28
N ASN P 8 -62.52 4.16 51.26
CA ASN P 8 -62.08 5.24 52.14
C ASN P 8 -63.22 5.96 52.86
N THR P 9 -64.46 5.89 52.37
CA THR P 9 -65.61 6.55 52.99
C THR P 9 -65.35 8.04 53.16
N THR P 10 -64.85 8.67 52.10
CA THR P 10 -64.55 10.10 52.13
C THR P 10 -65.67 10.93 51.51
N VAL P 11 -66.16 10.53 50.33
CA VAL P 11 -67.23 11.27 49.68
C VAL P 11 -68.56 11.08 50.40
N LYS P 12 -68.72 9.99 51.17
CA LYS P 12 -69.97 9.77 51.88
C LYS P 12 -70.13 10.74 53.04
N ALA P 13 -69.03 11.11 53.71
CA ALA P 13 -69.09 12.05 54.82
C ALA P 13 -69.10 13.51 54.36
N THR P 14 -68.84 13.77 53.09
CA THR P 14 -68.83 15.13 52.56
C THR P 14 -70.15 15.50 51.87
N PHE P 15 -70.64 14.63 51.00
CA PHE P 15 -71.89 14.85 50.27
C PHE P 15 -72.91 13.83 50.77
N GLY P 16 -73.63 14.19 51.82
CA GLY P 16 -74.62 13.30 52.39
C GLY P 16 -75.61 14.06 53.24
N LYS P 17 -76.40 13.30 54.01
CA LYS P 17 -77.39 13.90 54.89
C LYS P 17 -76.76 14.42 56.17
N ASP P 18 -75.85 13.65 56.76
CA ASP P 18 -75.18 14.04 58.00
C ASP P 18 -73.87 14.77 57.72
N SER P 19 -73.91 15.72 56.78
CA SER P 19 -72.72 16.48 56.42
C SER P 19 -72.99 17.97 56.49
N SER P 20 -72.46 18.73 55.53
CA SER P 20 -72.64 20.18 55.50
C SER P 20 -73.36 20.66 54.25
N VAL P 21 -73.73 19.76 53.34
CA VAL P 21 -74.42 20.18 52.12
C VAL P 21 -75.87 20.52 52.42
N VAL P 22 -76.50 19.83 53.37
CA VAL P 22 -77.90 20.06 53.67
C VAL P 22 -78.11 21.41 54.37
N LYS P 23 -77.06 22.01 54.91
CA LYS P 23 -77.18 23.29 55.58
C LYS P 23 -77.09 24.49 54.63
N TRP P 24 -76.41 24.33 53.50
CA TRP P 24 -76.26 25.42 52.53
C TRP P 24 -77.38 25.45 51.49
N VAL P 25 -78.11 24.34 51.32
CA VAL P 25 -79.20 24.30 50.35
C VAL P 25 -80.50 24.86 50.90
N VAL P 26 -80.56 25.14 52.20
CA VAL P 26 -81.78 25.69 52.79
C VAL P 26 -81.75 27.21 52.89
N LEU P 27 -80.56 27.82 52.92
CA LEU P 27 -80.45 29.27 53.02
C LEU P 27 -80.50 29.96 51.65
N ALA P 28 -80.28 29.22 50.56
CA ALA P 28 -80.30 29.81 49.24
C ALA P 28 -81.72 30.09 48.74
N GLU P 29 -82.73 29.46 49.34
CA GLU P 29 -84.10 29.69 48.90
C GLU P 29 -84.63 31.02 49.45
N VAL P 30 -84.38 31.30 50.72
CA VAL P 30 -84.87 32.55 51.31
C VAL P 30 -84.06 33.75 50.84
N LEU P 31 -82.84 33.53 50.33
CA LEU P 31 -82.02 34.64 49.87
C LEU P 31 -82.56 35.23 48.57
N VAL P 32 -83.17 34.41 47.72
CA VAL P 32 -83.72 34.86 46.45
C VAL P 32 -85.22 34.64 46.35
N GLY P 33 -85.87 34.26 47.44
CA GLY P 33 -87.31 34.03 47.42
C GLY P 33 -88.10 35.08 48.18
N ALA P 34 -87.57 35.48 49.33
CA ALA P 34 -88.22 36.48 50.17
C ALA P 34 -87.76 37.91 49.86
N VAL P 35 -87.12 38.12 48.72
CA VAL P 35 -86.63 39.43 48.33
C VAL P 35 -87.31 39.97 47.08
N MET P 36 -88.08 39.15 46.36
CA MET P 36 -88.76 39.58 45.15
C MET P 36 -90.15 40.14 45.43
N TYR P 37 -90.45 40.48 46.68
CA TYR P 37 -91.75 41.05 47.04
C TYR P 37 -91.90 42.50 46.58
N MET P 38 -90.87 43.11 46.01
CA MET P 38 -90.95 44.49 45.57
C MET P 38 -91.32 44.61 44.10
N MET P 39 -90.82 43.70 43.26
CA MET P 39 -91.11 43.75 41.83
C MET P 39 -92.32 42.92 41.44
N THR P 40 -92.41 41.68 41.94
CA THR P 40 -93.52 40.78 41.61
C THR P 40 -94.61 40.80 42.67
N LYS P 41 -94.28 40.40 43.91
CA LYS P 41 -95.21 40.32 45.02
C LYS P 41 -96.39 39.41 44.67
N ASN P 42 -96.09 38.13 44.56
CA ASN P 42 -97.07 37.11 44.23
C ASN P 42 -96.69 35.82 44.94
N VAL P 43 -97.68 35.20 45.60
CA VAL P 43 -97.46 33.94 46.30
C VAL P 43 -97.32 32.82 45.27
N LYS P 44 -96.09 32.54 44.86
CA LYS P 44 -95.83 31.50 43.87
C LYS P 44 -94.63 30.66 44.27
N PHE P 45 -93.58 31.31 44.77
CA PHE P 45 -92.36 30.63 45.18
C PHE P 45 -92.39 30.22 46.64
N LEU P 46 -93.52 29.69 47.12
CA LEU P 46 -93.65 29.26 48.50
C LEU P 46 -93.86 27.76 48.64
N ALA P 47 -93.84 27.01 47.54
CA ALA P 47 -94.03 25.56 47.57
C ALA P 47 -92.74 24.80 47.78
N GLY P 48 -91.61 25.49 47.93
CA GLY P 48 -90.33 24.86 48.13
C GLY P 48 -89.94 24.64 49.57
N PHE P 49 -90.86 24.80 50.51
CA PHE P 49 -90.58 24.61 51.93
C PHE P 49 -90.87 23.19 52.40
N ALA P 50 -90.97 22.23 51.48
CA ALA P 50 -91.24 20.85 51.85
C ALA P 50 -90.56 19.88 50.89
N ILE P 51 -90.14 20.39 49.72
CA ILE P 51 -89.48 19.54 48.72
C ILE P 51 -87.99 19.42 48.96
N ILE P 52 -87.46 20.06 50.01
CA ILE P 52 -86.02 19.96 50.29
C ILE P 52 -85.69 18.61 50.90
N SER P 53 -86.46 18.19 51.91
CA SER P 53 -86.24 16.91 52.56
C SER P 53 -86.72 15.74 51.72
N VAL P 54 -87.58 15.98 50.74
CA VAL P 54 -88.07 14.89 49.90
C VAL P 54 -87.07 14.55 48.80
N PHE P 55 -86.48 15.58 48.17
CA PHE P 55 -85.52 15.34 47.11
C PHE P 55 -84.23 14.73 47.62
N ILE P 56 -83.84 15.05 48.86
CA ILE P 56 -82.61 14.49 49.42
C ILE P 56 -82.81 13.06 49.90
N ALA P 57 -84.05 12.63 50.12
CA ALA P 57 -84.32 11.27 50.57
C ALA P 57 -84.53 10.30 49.42
N VAL P 58 -84.79 10.80 48.21
CA VAL P 58 -85.00 9.94 47.05
C VAL P 58 -83.73 9.91 46.23
N GLY P 59 -82.66 10.47 46.77
CA GLY P 59 -81.38 10.49 46.08
C GLY P 59 -80.25 9.88 46.88
N MET P 60 -80.28 10.09 48.19
CA MET P 60 -79.23 9.55 49.06
C MET P 60 -79.47 8.09 49.40
N ALA P 61 -80.73 7.69 49.58
CA ALA P 61 -81.08 6.32 49.92
C ALA P 61 -81.28 5.43 48.70
N VAL P 62 -80.59 5.74 47.59
CA VAL P 62 -80.73 4.92 46.39
C VAL P 62 -79.85 3.68 46.47
N VAL P 63 -78.55 3.87 46.72
CA VAL P 63 -77.61 2.76 46.83
C VAL P 63 -77.33 2.47 48.29
N GLY P 64 -76.74 3.44 48.99
CA GLY P 64 -76.44 3.29 50.40
C GLY P 64 -75.28 2.33 50.65
N LEU P 65 -74.17 2.55 49.95
CA LEU P 65 -72.98 1.71 50.08
C LEU P 65 -73.29 0.23 49.85
N GLN Q 1 -54.08 -19.40 19.67
CA GLN Q 1 -54.16 -19.25 21.11
C GLN Q 1 -55.42 -18.50 21.51
N ASP Q 2 -55.55 -18.20 22.81
CA ASP Q 2 -56.71 -17.49 23.33
C ASP Q 2 -56.41 -15.99 23.37
N LEU Q 3 -57.28 -15.24 24.03
CA LEU Q 3 -57.12 -13.79 24.14
C LEU Q 3 -56.30 -13.44 25.38
N MET Q 4 -55.74 -12.23 25.37
CA MET Q 4 -54.92 -11.74 26.47
C MET Q 4 -55.40 -10.41 27.02
N ALA Q 5 -56.52 -9.87 26.53
CA ALA Q 5 -57.04 -8.60 27.03
C ALA Q 5 -57.83 -8.75 28.32
N SER Q 6 -58.24 -9.96 28.67
CA SER Q 6 -59.02 -10.18 29.89
C SER Q 6 -58.32 -11.19 30.79
N GLY Q 7 -59.09 -12.10 31.37
CA GLY Q 7 -58.54 -13.13 32.24
C GLY Q 7 -58.20 -12.65 33.64
N ASN Q 8 -58.71 -11.50 34.06
CA ASN Q 8 -58.43 -10.97 35.39
C ASN Q 8 -59.68 -10.54 36.16
N THR Q 9 -60.78 -10.23 35.48
CA THR Q 9 -62.02 -9.78 36.13
C THR Q 9 -61.77 -8.59 37.04
N THR Q 10 -61.00 -7.62 36.52
CA THR Q 10 -60.67 -6.41 37.25
C THR Q 10 -61.52 -5.23 36.83
N VAL Q 11 -61.70 -5.02 35.53
CA VAL Q 11 -62.53 -3.91 35.05
C VAL Q 11 -64.01 -4.17 35.31
N LYS Q 12 -64.41 -5.42 35.46
CA LYS Q 12 -65.83 -5.72 35.71
C LYS Q 12 -66.22 -5.34 37.13
N ALA Q 13 -65.33 -5.56 38.10
CA ALA Q 13 -65.61 -5.21 39.48
C ALA Q 13 -65.39 -3.73 39.77
N THR Q 14 -64.83 -2.97 38.83
CA THR Q 14 -64.58 -1.54 39.01
C THR Q 14 -65.66 -0.67 38.37
N PHE Q 15 -66.01 -0.94 37.12
CA PHE Q 15 -67.04 -0.19 36.41
C PHE Q 15 -68.27 -1.06 36.23
N GLY Q 16 -69.02 -1.23 37.33
CA GLY Q 16 -70.22 -2.04 37.30
C GLY Q 16 -71.30 -1.56 38.24
N LYS Q 17 -72.28 -2.42 38.52
CA LYS Q 17 -73.36 -2.04 39.42
C LYS Q 17 -72.94 -2.13 40.87
N ASP Q 18 -72.32 -3.24 41.27
CA ASP Q 18 -71.87 -3.44 42.64
C ASP Q 18 -70.46 -2.90 42.87
N SER Q 19 -70.24 -1.64 42.46
CA SER Q 19 -68.95 -1.01 42.62
C SER Q 19 -69.10 0.40 43.18
N SER Q 20 -68.24 1.33 42.72
CA SER Q 20 -68.28 2.71 43.18
C SER Q 20 -68.76 3.68 42.11
N VAL Q 21 -69.04 3.21 40.90
CA VAL Q 21 -69.50 4.10 39.84
C VAL Q 21 -70.92 4.57 40.11
N VAL Q 22 -71.76 3.71 40.69
CA VAL Q 22 -73.15 4.07 40.94
C VAL Q 22 -73.28 5.12 42.03
N LYS Q 23 -72.25 5.34 42.83
CA LYS Q 23 -72.31 6.35 43.89
C LYS Q 23 -71.86 7.72 43.41
N TRP Q 24 -70.91 7.79 42.48
CA TRP Q 24 -70.45 9.07 41.98
C TRP Q 24 -71.38 9.68 40.94
N VAL Q 25 -72.32 8.89 40.39
CA VAL Q 25 -73.24 9.41 39.39
C VAL Q 25 -74.58 9.82 39.99
N VAL Q 26 -74.82 9.55 41.27
CA VAL Q 26 -76.07 9.91 41.92
C VAL Q 26 -75.98 11.25 42.66
N LEU Q 27 -74.78 11.65 43.07
CA LEU Q 27 -74.61 12.93 43.77
C LEU Q 27 -74.40 14.10 42.84
N ALA Q 28 -74.12 13.85 41.55
CA ALA Q 28 -73.92 14.94 40.61
C ALA Q 28 -75.22 15.62 40.22
N GLU Q 29 -76.36 14.94 40.37
CA GLU Q 29 -77.64 15.55 40.02
C GLU Q 29 -78.08 16.53 41.09
N VAL Q 30 -78.01 16.13 42.36
CA VAL Q 30 -78.42 17.01 43.45
C VAL Q 30 -77.42 18.14 43.66
N LEU Q 31 -76.19 17.99 43.17
CA LEU Q 31 -75.20 19.04 43.32
C LEU Q 31 -75.50 20.25 42.44
N VAL Q 32 -76.13 20.03 41.29
CA VAL Q 32 -76.45 21.11 40.37
C VAL Q 32 -77.94 21.27 40.13
N GLY Q 33 -78.75 20.23 40.33
CA GLY Q 33 -80.18 20.33 40.09
C GLY Q 33 -80.95 20.90 41.26
N ALA Q 34 -80.33 20.92 42.44
CA ALA Q 34 -80.95 21.45 43.64
C ALA Q 34 -80.43 22.83 44.02
N VAL Q 35 -79.55 23.42 43.23
CA VAL Q 35 -79.00 24.74 43.49
C VAL Q 35 -79.34 25.73 42.39
N MET Q 36 -80.00 25.30 41.33
CA MET Q 36 -80.36 26.18 40.22
C MET Q 36 -81.67 26.93 40.45
N TYR Q 37 -82.16 26.96 41.69
CA TYR Q 37 -83.35 27.73 42.04
C TYR Q 37 -83.07 29.22 42.19
N MET Q 38 -81.83 29.66 42.00
CA MET Q 38 -81.51 31.08 42.16
C MET Q 38 -81.98 31.89 40.96
N MET Q 39 -81.55 31.49 39.76
CA MET Q 39 -81.90 32.21 38.54
C MET Q 39 -83.17 31.66 37.88
N THR Q 40 -83.29 30.33 37.77
CA THR Q 40 -84.44 29.74 37.12
C THR Q 40 -85.64 29.69 38.06
N LYS Q 41 -85.55 28.91 39.13
CA LYS Q 41 -86.63 28.73 40.10
C LYS Q 41 -87.91 28.25 39.41
N ASN Q 42 -87.82 27.05 38.84
CA ASN Q 42 -88.94 26.45 38.14
C ASN Q 42 -88.87 24.93 38.31
N VAL Q 43 -89.94 24.26 37.88
CA VAL Q 43 -90.02 22.81 37.93
C VAL Q 43 -89.61 22.30 36.56
N LYS Q 44 -88.31 21.98 36.42
CA LYS Q 44 -87.78 21.52 35.15
C LYS Q 44 -86.87 20.31 35.34
N PHE Q 45 -85.87 20.44 36.21
CA PHE Q 45 -84.90 19.37 36.44
C PHE Q 45 -85.41 18.41 37.51
N LEU Q 46 -86.56 17.77 37.20
CA LEU Q 46 -87.17 16.80 38.09
C LEU Q 46 -87.41 15.45 37.44
N ALA Q 47 -87.17 15.31 36.14
CA ALA Q 47 -87.38 14.04 35.44
C ALA Q 47 -86.17 13.13 35.47
N GLY Q 48 -85.18 13.42 36.32
CA GLY Q 48 -83.99 12.61 36.42
C GLY Q 48 -83.89 11.74 37.66
N PHE Q 49 -84.97 11.62 38.43
CA PHE Q 49 -84.98 10.81 39.64
C PHE Q 49 -85.46 9.39 39.39
N ALA Q 50 -85.43 8.93 38.14
CA ALA Q 50 -85.87 7.58 37.82
C ALA Q 50 -85.07 7.01 36.66
N ILE Q 51 -84.36 7.87 35.93
CA ILE Q 51 -83.57 7.42 34.78
C ILE Q 51 -82.17 6.98 35.18
N ILE Q 52 -81.84 7.02 36.48
CA ILE Q 52 -80.51 6.60 36.91
C ILE Q 52 -80.40 5.08 36.92
N SER Q 53 -81.39 4.41 37.51
CA SER Q 53 -81.38 2.95 37.56
C SER Q 53 -81.76 2.32 36.23
N VAL Q 54 -82.39 3.07 35.33
CA VAL Q 54 -82.77 2.52 34.03
C VAL Q 54 -81.59 2.52 33.07
N PHE Q 55 -80.81 3.61 33.06
CA PHE Q 55 -79.67 3.69 32.16
C PHE Q 55 -78.57 2.71 32.55
N ILE Q 56 -78.42 2.43 33.84
CA ILE Q 56 -77.40 1.49 34.28
C ILE Q 56 -77.81 0.04 34.05
N ALA Q 57 -79.10 -0.22 33.87
CA ALA Q 57 -79.58 -1.58 33.63
C ALA Q 57 -79.57 -1.96 32.16
N VAL Q 58 -79.58 -0.97 31.27
CA VAL Q 58 -79.55 -1.22 29.83
C VAL Q 58 -78.13 -1.03 29.31
N GLY Q 59 -77.18 -0.87 30.23
CA GLY Q 59 -75.79 -0.67 29.85
C GLY Q 59 -74.86 -1.72 30.44
N MET Q 60 -75.16 -2.16 31.67
CA MET Q 60 -74.33 -3.17 32.32
C MET Q 60 -74.73 -4.58 31.93
N ALA Q 61 -76.03 -4.83 31.73
CA ALA Q 61 -76.52 -6.14 31.36
C ALA Q 61 -76.54 -6.37 29.85
N VAL Q 62 -75.59 -5.77 29.13
CA VAL Q 62 -75.55 -5.95 27.68
C VAL Q 62 -74.84 -7.25 27.32
N VAL Q 63 -73.63 -7.44 27.81
CA VAL Q 63 -72.86 -8.64 27.55
C VAL Q 63 -72.91 -9.55 28.76
N GLY Q 64 -72.36 -9.08 29.88
CA GLY Q 64 -72.35 -9.86 31.10
C GLY Q 64 -71.38 -11.03 31.06
N LEU Q 65 -70.16 -10.77 30.62
CA LEU Q 65 -69.12 -11.79 30.51
C LEU Q 65 -69.56 -12.98 29.66
N GLN R 1 -50.60 -22.79 -2.64
CA GLN R 1 -50.13 -22.92 -1.27
C GLN R 1 -50.93 -22.03 -0.32
N ASP R 2 -50.54 -22.03 0.95
CA ASP R 2 -51.22 -21.23 1.95
C ASP R 2 -50.61 -19.84 2.05
N LEU R 3 -50.71 -19.22 3.23
CA LEU R 3 -50.16 -17.89 3.46
C LEU R 3 -49.48 -17.85 4.82
N MET R 4 -48.55 -16.92 4.97
CA MET R 4 -47.81 -16.76 6.21
C MET R 4 -48.31 -15.61 7.07
N ALA R 5 -49.25 -14.80 6.57
CA ALA R 5 -49.78 -13.68 7.33
C ALA R 5 -50.75 -14.13 8.43
N SER R 6 -51.36 -15.30 8.30
CA SER R 6 -52.29 -15.79 9.30
C SER R 6 -51.99 -17.23 9.67
N GLY R 7 -53.03 -18.03 9.91
CA GLY R 7 -52.86 -19.42 10.26
C GLY R 7 -52.70 -19.70 11.75
N ASN R 8 -52.96 -18.71 12.61
CA ASN R 8 -52.83 -18.89 14.05
C ASN R 8 -54.10 -18.60 14.82
N THR R 9 -55.08 -17.93 14.22
CA THR R 9 -56.35 -17.58 14.88
C THR R 9 -56.10 -16.84 16.19
N THR R 10 -55.22 -15.85 16.13
CA THR R 10 -54.86 -15.03 17.29
C THR R 10 -55.62 -13.72 17.32
N VAL R 11 -55.63 -12.98 16.20
CA VAL R 11 -56.35 -11.70 16.17
C VAL R 11 -57.85 -11.91 16.13
N LYS R 12 -58.32 -13.08 15.69
CA LYS R 12 -59.76 -13.32 15.65
C LYS R 12 -60.33 -13.53 17.05
N ALA R 13 -59.58 -14.20 17.92
CA ALA R 13 -60.03 -14.43 19.29
C ALA R 13 -59.79 -13.24 20.20
N THR R 14 -59.03 -12.24 19.74
CA THR R 14 -58.75 -11.05 20.53
C THR R 14 -59.66 -9.87 20.15
N PHE R 15 -59.81 -9.60 18.86
CA PHE R 15 -60.66 -8.52 18.37
C PHE R 15 -61.87 -9.14 17.68
N GLY R 16 -62.86 -9.51 18.48
CA GLY R 16 -64.06 -10.11 17.94
C GLY R 16 -65.25 -9.88 18.85
N LYS R 17 -66.32 -10.61 18.57
CA LYS R 17 -67.54 -10.49 19.36
C LYS R 17 -67.41 -11.23 20.68
N ASP R 18 -66.94 -12.47 20.65
CA ASP R 18 -66.78 -13.29 21.84
C ASP R 18 -65.40 -13.10 22.48
N SER R 19 -65.00 -11.83 22.64
CA SER R 19 -63.71 -11.51 23.24
C SER R 19 -63.87 -10.46 24.32
N SER R 20 -62.87 -9.58 24.46
CA SER R 20 -62.90 -8.52 25.46
C SER R 20 -63.12 -7.14 24.89
N VAL R 21 -63.20 -7.00 23.56
CA VAL R 21 -63.40 -5.69 22.96
C VAL R 21 -64.81 -5.19 23.22
N VAL R 22 -65.80 -6.08 23.24
CA VAL R 22 -67.18 -5.67 23.44
C VAL R 22 -67.43 -5.18 24.86
N LYS R 23 -66.54 -5.49 25.80
CA LYS R 23 -66.71 -5.03 27.19
C LYS R 23 -66.08 -3.67 27.42
N TRP R 24 -64.97 -3.37 26.76
CA TRP R 24 -64.32 -2.07 26.92
C TRP R 24 -65.03 -0.96 26.18
N VAL R 25 -65.92 -1.28 25.24
CA VAL R 25 -66.66 -0.27 24.48
C VAL R 25 -68.04 0.01 25.05
N VAL R 26 -68.52 -0.82 25.99
CA VAL R 26 -69.84 -0.59 26.56
C VAL R 26 -69.80 0.26 27.82
N LEU R 27 -68.66 0.32 28.50
CA LEU R 27 -68.53 1.14 29.71
C LEU R 27 -68.02 2.54 29.43
N ALA R 28 -67.51 2.80 28.22
CA ALA R 28 -67.02 4.14 27.90
C ALA R 28 -68.14 5.13 27.69
N GLU R 29 -69.34 4.67 27.35
CA GLU R 29 -70.46 5.59 27.16
C GLU R 29 -71.01 6.08 28.50
N VAL R 30 -71.18 5.16 29.46
CA VAL R 30 -71.69 5.55 30.76
C VAL R 30 -70.66 6.32 31.57
N LEU R 31 -69.38 6.23 31.19
CA LEU R 31 -68.34 6.95 31.92
C LEU R 31 -68.40 8.45 31.65
N VAL R 32 -68.86 8.84 30.47
CA VAL R 32 -68.94 10.26 30.12
C VAL R 32 -70.35 10.72 29.78
N GLY R 33 -71.24 9.83 29.37
CA GLY R 33 -72.60 10.22 29.02
C GLY R 33 -73.49 10.38 30.24
N ALA R 34 -73.21 9.63 31.29
CA ALA R 34 -74.00 9.69 32.52
C ALA R 34 -73.48 10.72 33.51
N VAL R 35 -72.40 11.42 33.19
CA VAL R 35 -71.85 12.45 34.08
C VAL R 35 -71.89 13.84 33.47
N MET R 36 -72.36 13.99 32.23
CA MET R 36 -72.43 15.29 31.58
C MET R 36 -73.71 16.05 31.94
N TYR R 37 -74.43 15.63 32.97
CA TYR R 37 -75.61 16.35 33.45
C TYR R 37 -75.26 17.56 34.30
N MET R 38 -73.98 17.86 34.49
CA MET R 38 -73.58 19.00 35.31
C MET R 38 -73.72 20.31 34.54
N MET R 39 -73.04 20.43 33.40
CA MET R 39 -73.09 21.66 32.62
C MET R 39 -74.25 21.69 31.64
N THR R 40 -74.50 20.58 30.94
CA THR R 40 -75.57 20.52 29.94
C THR R 40 -76.93 20.25 30.59
N LYS R 41 -77.11 19.06 31.15
CA LYS R 41 -78.37 18.64 31.76
C LYS R 41 -79.52 18.74 30.76
N ASN R 42 -79.39 17.95 29.70
CA ASN R 42 -80.39 17.91 28.64
C ASN R 42 -80.41 16.52 28.03
N VAL R 43 -81.59 16.11 27.57
CA VAL R 43 -81.77 14.81 26.92
C VAL R 43 -81.19 14.89 25.51
N LYS R 44 -79.94 14.47 25.35
CA LYS R 44 -79.28 14.54 24.06
C LYS R 44 -78.48 13.28 23.78
N PHE R 45 -77.65 12.87 24.74
CA PHE R 45 -76.78 11.70 24.57
C PHE R 45 -77.52 10.41 24.96
N LEU R 46 -78.59 10.15 24.22
CA LEU R 46 -79.41 8.96 24.43
C LEU R 46 -79.56 8.11 23.18
N ALA R 47 -78.88 8.47 22.08
CA ALA R 47 -78.97 7.70 20.84
C ALA R 47 -77.89 6.65 20.71
N GLY R 48 -77.12 6.39 21.76
CA GLY R 48 -76.06 5.40 21.75
C GLY R 48 -76.35 4.13 22.51
N PHE R 49 -77.57 3.94 23.00
CA PHE R 49 -77.95 2.75 23.74
C PHE R 49 -78.49 1.64 22.84
N ALA R 50 -78.19 1.69 21.54
CA ALA R 50 -78.68 0.67 20.62
C ALA R 50 -77.71 0.50 19.45
N ILE R 51 -76.86 1.50 19.22
CA ILE R 51 -75.89 1.42 18.12
C ILE R 51 -74.63 0.66 18.49
N ILE R 52 -74.53 0.16 19.72
CA ILE R 52 -73.34 -0.59 20.11
C ILE R 52 -73.37 -1.99 19.52
N SER R 53 -74.50 -2.67 19.63
CA SER R 53 -74.63 -4.03 19.08
C SER R 53 -74.76 -4.01 17.56
N VAL R 54 -75.12 -2.88 16.97
CA VAL R 54 -75.26 -2.79 15.53
C VAL R 54 -73.91 -2.56 14.85
N PHE R 55 -73.08 -1.69 15.42
CA PHE R 55 -71.77 -1.41 14.82
C PHE R 55 -70.85 -2.61 14.91
N ILE R 56 -70.99 -3.44 15.95
CA ILE R 56 -70.15 -4.62 16.10
C ILE R 56 -70.59 -5.75 15.18
N ALA R 57 -71.82 -5.71 14.67
CA ALA R 57 -72.33 -6.76 13.79
C ALA R 57 -72.10 -6.44 12.32
N VAL R 58 -72.03 -5.17 11.96
CA VAL R 58 -71.82 -4.78 10.56
C VAL R 58 -70.34 -4.71 10.20
N GLY R 59 -69.45 -5.07 11.12
CA GLY R 59 -68.02 -5.03 10.84
C GLY R 59 -67.34 -6.36 11.03
N MET R 60 -67.84 -7.16 11.97
CA MET R 60 -67.25 -8.47 12.23
C MET R 60 -67.72 -9.52 11.23
N ALA R 61 -68.97 -9.44 10.79
CA ALA R 61 -69.54 -10.39 9.85
C ALA R 61 -69.28 -10.01 8.39
N VAL R 62 -68.25 -9.20 8.13
CA VAL R 62 -67.95 -8.81 6.76
C VAL R 62 -67.20 -9.93 6.04
N VAL R 63 -66.07 -10.37 6.60
CA VAL R 63 -65.28 -11.43 6.00
C VAL R 63 -65.66 -12.77 6.65
N GLY R 64 -65.37 -12.91 7.94
CA GLY R 64 -65.68 -14.12 8.66
C GLY R 64 -64.80 -15.29 8.26
N LEU R 65 -63.49 -15.06 8.19
CA LEU R 65 -62.51 -16.07 7.82
C LEU R 65 -62.83 -16.72 6.47
N GLN S 1 -34.59 -13.41 -22.72
CA GLN S 1 -35.29 -14.34 -21.84
C GLN S 1 -36.56 -13.72 -21.27
N ASP S 2 -37.14 -14.37 -20.27
CA ASP S 2 -38.35 -13.90 -19.63
C ASP S 2 -38.00 -13.10 -18.38
N LEU S 3 -38.99 -12.90 -17.51
CA LEU S 3 -38.78 -12.16 -16.28
C LEU S 3 -38.48 -13.10 -15.12
N MET S 4 -37.88 -12.53 -14.07
CA MET S 4 -37.53 -13.29 -12.88
C MET S 4 -38.10 -12.72 -11.59
N ALA S 5 -38.94 -11.67 -11.69
CA ALA S 5 -39.53 -11.08 -10.49
C ALA S 5 -40.77 -11.81 -10.01
N SER S 6 -41.36 -12.67 -10.85
CA SER S 6 -42.55 -13.42 -10.46
C SER S 6 -42.32 -14.92 -10.61
N GLY S 7 -43.37 -15.64 -11.01
CA GLY S 7 -43.27 -17.07 -11.19
C GLY S 7 -43.37 -17.90 -9.93
N ASN S 8 -43.84 -17.32 -8.82
CA ASN S 8 -43.97 -18.03 -7.56
C ASN S 8 -45.33 -17.91 -6.92
N THR S 9 -46.14 -16.92 -7.30
CA THR S 9 -47.47 -16.70 -6.74
C THR S 9 -47.43 -16.61 -5.22
N THR S 10 -46.47 -15.82 -4.72
CA THR S 10 -46.30 -15.62 -3.27
C THR S 10 -46.93 -14.33 -2.78
N VAL S 11 -46.67 -13.21 -3.47
CA VAL S 11 -47.24 -11.94 -3.06
C VAL S 11 -48.73 -11.86 -3.37
N LYS S 12 -49.20 -12.65 -4.33
CA LYS S 12 -50.63 -12.62 -4.68
C LYS S 12 -51.47 -13.28 -3.58
N ALA S 13 -50.97 -14.37 -2.99
CA ALA S 13 -51.69 -15.04 -1.92
C ALA S 13 -51.53 -14.35 -0.57
N THR S 14 -50.58 -13.42 -0.46
CA THR S 14 -50.35 -12.70 0.78
C THR S 14 -51.12 -11.38 0.83
N PHE S 15 -51.08 -10.62 -0.26
CA PHE S 15 -51.76 -9.33 -0.36
C PHE S 15 -52.86 -9.47 -1.42
N GLY S 16 -54.04 -9.84 -0.98
CA GLY S 16 -55.16 -10.00 -1.89
C GLY S 16 -56.49 -9.98 -1.17
N LYS S 17 -57.53 -10.39 -1.89
CA LYS S 17 -58.87 -10.41 -1.31
C LYS S 17 -59.07 -11.63 -0.42
N ASP S 18 -58.62 -12.80 -0.88
CA ASP S 18 -58.77 -14.03 -0.11
C ASP S 18 -57.55 -14.30 0.74
N SER S 19 -57.01 -13.24 1.37
CA SER S 19 -55.83 -13.37 2.21
C SER S 19 -56.18 -12.83 3.60
N SER S 20 -55.16 -12.42 4.35
CA SER S 20 -55.35 -11.89 5.69
C SER S 20 -55.32 -10.36 5.74
N VAL S 21 -55.16 -9.70 4.60
CA VAL S 21 -55.12 -8.23 4.60
C VAL S 21 -56.50 -7.66 4.86
N VAL S 22 -57.55 -8.32 4.36
CA VAL S 22 -58.91 -7.79 4.53
C VAL S 22 -59.38 -7.88 5.98
N LYS S 23 -58.72 -8.69 6.81
CA LYS S 23 -59.10 -8.82 8.21
C LYS S 23 -58.42 -7.81 9.10
N TRP S 24 -57.16 -7.46 8.82
CA TRP S 24 -56.45 -6.49 9.63
C TRP S 24 -56.87 -5.05 9.36
N VAL S 25 -57.64 -4.81 8.28
CA VAL S 25 -58.10 -3.47 7.95
C VAL S 25 -59.54 -3.22 8.36
N VAL S 26 -60.30 -4.26 8.69
CA VAL S 26 -61.69 -4.09 9.09
C VAL S 26 -61.84 -3.82 10.59
N LEU S 27 -60.86 -4.23 11.41
CA LEU S 27 -60.91 -4.00 12.85
C LEU S 27 -60.22 -2.72 13.28
N ALA S 28 -59.49 -2.06 12.38
CA ALA S 28 -58.83 -0.81 12.74
C ALA S 28 -59.80 0.36 12.86
N GLU S 29 -60.98 0.25 12.23
CA GLU S 29 -61.94 1.34 12.32
C GLU S 29 -62.68 1.32 13.65
N VAL S 30 -63.10 0.12 14.09
CA VAL S 30 -63.81 0.00 15.36
C VAL S 30 -62.88 0.22 16.55
N LEU S 31 -61.57 0.10 16.33
CA LEU S 31 -60.63 0.30 17.43
C LEU S 31 -60.54 1.77 17.84
N VAL S 32 -60.80 2.68 16.90
CA VAL S 32 -60.72 4.12 17.18
C VAL S 32 -62.03 4.84 16.91
N GLY S 33 -62.87 4.34 16.00
CA GLY S 33 -64.11 5.01 15.69
C GLY S 33 -65.20 4.74 16.71
N ALA S 34 -65.03 3.68 17.51
CA ALA S 34 -66.01 3.32 18.53
C ALA S 34 -65.60 3.76 19.94
N VAL S 35 -64.40 4.34 20.09
CA VAL S 35 -63.94 4.80 21.40
C VAL S 35 -63.74 6.31 21.46
N MET S 36 -63.99 7.02 20.36
CA MET S 36 -63.83 8.47 20.33
C MET S 36 -65.07 9.22 20.82
N TYR S 37 -65.99 8.53 21.50
CA TYR S 37 -67.16 9.16 22.08
C TYR S 37 -66.85 9.89 23.39
N MET S 38 -65.61 9.82 23.88
CA MET S 38 -65.27 10.47 25.13
C MET S 38 -65.10 11.97 24.95
N MET S 39 -64.43 12.40 23.88
CA MET S 39 -64.18 13.81 23.62
C MET S 39 -65.14 14.40 22.59
N THR S 40 -65.39 13.69 21.49
CA THR S 40 -66.26 14.19 20.43
C THR S 40 -67.74 13.91 20.74
N LYS S 41 -68.10 12.62 20.80
CA LYS S 41 -69.48 12.19 21.03
C LYS S 41 -70.42 12.79 20.00
N ASN S 42 -70.15 12.48 18.73
CA ASN S 42 -70.95 12.96 17.62
C ASN S 42 -70.94 11.92 16.51
N VAL S 43 -71.97 11.99 15.66
CA VAL S 43 -72.09 11.08 14.52
C VAL S 43 -71.21 11.63 13.41
N LYS S 44 -69.99 11.12 13.30
CA LYS S 44 -69.05 11.60 12.29
C LYS S 44 -68.31 10.44 11.63
N PHE S 45 -67.81 9.50 12.44
CA PHE S 45 -67.04 8.38 11.94
C PHE S 45 -67.96 7.20 11.59
N LEU S 46 -68.90 7.48 10.68
CA LEU S 46 -69.84 6.46 10.22
C LEU S 46 -69.84 6.27 8.71
N ALA S 47 -69.00 6.98 7.97
CA ALA S 47 -68.95 6.84 6.51
C ALA S 47 -67.98 5.76 6.06
N GLY S 48 -67.29 5.09 6.96
CA GLY S 48 -66.35 4.06 6.62
C GLY S 48 -66.88 2.63 6.69
N PHE S 49 -68.19 2.46 6.89
CA PHE S 49 -68.80 1.15 6.97
C PHE S 49 -69.25 0.62 5.62
N ALA S 50 -68.71 1.14 4.52
CA ALA S 50 -69.09 0.69 3.19
C ALA S 50 -67.95 0.87 2.20
N ILE S 51 -66.98 1.72 2.55
CA ILE S 51 -65.85 1.98 1.66
C ILE S 51 -64.72 0.97 1.83
N ILE S 52 -64.89 -0.01 2.72
CA ILE S 52 -63.84 -1.01 2.90
C ILE S 52 -63.86 -2.02 1.77
N SER S 53 -65.03 -2.54 1.43
CA SER S 53 -65.14 -3.51 0.34
C SER S 53 -65.04 -2.86 -1.03
N VAL S 54 -65.19 -1.54 -1.12
CA VAL S 54 -65.08 -0.85 -2.40
C VAL S 54 -63.63 -0.56 -2.75
N PHE S 55 -62.83 -0.12 -1.77
CA PHE S 55 -61.43 0.18 -2.04
C PHE S 55 -60.63 -1.06 -2.37
N ILE S 56 -60.99 -2.21 -1.80
CA ILE S 56 -60.27 -3.45 -2.08
C ILE S 56 -60.62 -4.02 -3.44
N ALA S 57 -61.76 -3.61 -4.02
CA ALA S 57 -62.16 -4.11 -5.33
C ALA S 57 -61.69 -3.23 -6.48
N VAL S 58 -61.31 -1.99 -6.20
CA VAL S 58 -60.83 -1.07 -7.23
C VAL S 58 -59.30 -1.04 -7.19
N GLY S 59 -58.70 -1.95 -6.43
CA GLY S 59 -57.26 -2.01 -6.32
C GLY S 59 -56.71 -3.37 -6.65
N MET S 60 -57.43 -4.43 -6.26
CA MET S 60 -56.97 -5.78 -6.54
C MET S 60 -57.32 -6.23 -7.95
N ALA S 61 -58.45 -5.78 -8.49
CA ALA S 61 -58.89 -6.15 -9.82
C ALA S 61 -58.34 -5.22 -10.90
N VAL S 62 -57.21 -4.55 -10.64
CA VAL S 62 -56.63 -3.64 -11.62
C VAL S 62 -55.87 -4.43 -12.69
N VAL S 63 -54.94 -5.28 -12.27
CA VAL S 63 -54.15 -6.08 -13.20
C VAL S 63 -54.72 -7.48 -13.25
N GLY S 64 -54.67 -8.20 -12.12
CA GLY S 64 -55.18 -9.55 -12.06
C GLY S 64 -54.33 -10.56 -12.80
N LEU S 65 -53.03 -10.51 -12.57
CA LEU S 65 -52.06 -11.41 -13.20
C LEU S 65 -52.16 -11.36 -14.72
N GLN T 1 -19.06 -0.23 -35.68
CA GLN T 1 -19.91 -1.35 -35.31
C GLN T 1 -21.21 -0.87 -34.67
N ASP T 2 -22.02 -1.81 -34.20
CA ASP T 2 -23.28 -1.50 -33.57
C ASP T 2 -23.10 -1.44 -32.04
N LEU T 3 -24.21 -1.35 -31.32
CA LEU T 3 -24.18 -1.27 -29.88
C LEU T 3 -24.18 -2.66 -29.26
N MET T 4 -23.76 -2.74 -28.01
CA MET T 4 -23.69 -3.99 -27.27
C MET T 4 -24.44 -3.96 -25.94
N ALA T 5 -25.13 -2.87 -25.64
CA ALA T 5 -25.87 -2.78 -24.38
C ALA T 5 -27.25 -3.43 -24.45
N SER T 6 -27.75 -3.72 -25.65
CA SER T 6 -29.04 -4.36 -25.79
C SER T 6 -28.93 -5.65 -26.59
N GLY T 7 -29.90 -5.91 -27.46
CA GLY T 7 -29.90 -7.11 -28.27
C GLY T 7 -30.35 -8.36 -27.57
N ASN T 8 -30.93 -8.25 -26.36
CA ASN T 8 -31.40 -9.40 -25.61
C ASN T 8 -32.86 -9.33 -25.21
N THR T 9 -33.46 -8.13 -25.17
CA THR T 9 -34.86 -7.94 -24.78
C THR T 9 -35.14 -8.57 -23.41
N THR T 10 -34.24 -8.31 -22.45
CA THR T 10 -34.37 -8.85 -21.10
C THR T 10 -34.95 -7.83 -20.13
N VAL T 11 -34.44 -6.59 -20.16
CA VAL T 11 -34.94 -5.56 -19.25
C VAL T 11 -36.33 -5.10 -19.65
N LYS T 12 -36.72 -5.27 -20.93
CA LYS T 12 -38.05 -4.87 -21.35
C LYS T 12 -39.12 -5.79 -20.81
N ALA T 13 -38.81 -7.09 -20.69
CA ALA T 13 -39.76 -8.06 -20.15
C ALA T 13 -39.80 -8.08 -18.64
N THR T 14 -38.87 -7.39 -17.97
CA THR T 14 -38.81 -7.34 -16.52
C THR T 14 -39.40 -6.05 -15.96
N PHE T 15 -39.03 -4.90 -16.53
CA PHE T 15 -39.53 -3.60 -16.11
C PHE T 15 -40.42 -3.05 -17.22
N GLY T 16 -41.68 -3.48 -17.23
CA GLY T 16 -42.61 -3.04 -18.24
C GLY T 16 -44.04 -3.16 -17.75
N LYS T 17 -44.97 -3.02 -18.70
CA LYS T 17 -46.39 -3.12 -18.37
C LYS T 17 -46.82 -4.57 -18.19
N ASP T 18 -46.42 -5.44 -19.12
CA ASP T 18 -46.78 -6.85 -19.06
C ASP T 18 -45.75 -7.67 -18.28
N SER T 19 -45.37 -7.18 -17.10
CA SER T 19 -44.39 -7.85 -16.27
C SER T 19 -44.88 -7.97 -14.84
N SER T 20 -43.99 -7.80 -13.87
CA SER T 20 -44.33 -7.88 -12.46
C SER T 20 -44.22 -6.56 -11.73
N VAL T 21 -43.78 -5.49 -12.40
CA VAL T 21 -43.65 -4.20 -11.74
C VAL T 21 -45.01 -3.59 -11.44
N VAL T 22 -45.99 -3.81 -12.32
CA VAL T 22 -47.32 -3.24 -12.13
C VAL T 22 -48.05 -3.86 -10.95
N LYS T 23 -47.61 -5.04 -10.48
CA LYS T 23 -48.25 -5.69 -9.35
C LYS T 23 -47.67 -5.24 -8.01
N TRP T 24 -46.38 -4.87 -7.97
CA TRP T 24 -45.77 -4.42 -6.74
C TRP T 24 -46.05 -2.95 -6.44
N VAL T 25 -46.54 -2.18 -7.43
CA VAL T 25 -46.83 -0.76 -7.22
C VAL T 25 -48.31 -0.51 -6.97
N VAL T 26 -49.14 -1.55 -6.95
CA VAL T 26 -50.57 -1.37 -6.73
C VAL T 26 -50.99 -1.74 -5.31
N LEU T 27 -50.22 -2.58 -4.62
CA LEU T 27 -50.53 -2.98 -3.25
C LEU T 27 -49.79 -2.16 -2.19
N ALA T 28 -48.90 -1.26 -2.61
CA ALA T 28 -48.18 -0.43 -1.65
C ALA T 28 -49.05 0.67 -1.07
N GLU T 29 -50.12 1.07 -1.76
CA GLU T 29 -50.99 2.12 -1.25
C GLU T 29 -51.95 1.57 -0.20
N VAL T 30 -52.48 0.36 -0.44
CA VAL T 30 -53.42 -0.24 0.51
C VAL T 30 -52.69 -0.74 1.75
N LEU T 31 -51.38 -0.89 1.70
CA LEU T 31 -50.62 -1.36 2.85
C LEU T 31 -50.56 -0.31 3.96
N VAL T 32 -50.52 0.97 3.59
CA VAL T 32 -50.45 2.05 4.56
C VAL T 32 -51.58 3.04 4.47
N GLY T 33 -52.18 3.26 3.29
CA GLY T 33 -53.26 4.22 3.16
C GLY T 33 -54.57 3.70 3.70
N ALA T 34 -54.66 2.40 3.93
CA ALA T 34 -55.87 1.78 4.45
C ALA T 34 -55.78 1.43 5.93
N VAL T 35 -54.62 1.63 6.56
CA VAL T 35 -54.44 1.36 7.97
C VAL T 35 -54.08 2.61 8.77
N MET T 36 -53.99 3.76 8.11
CA MET T 36 -53.65 5.02 8.79
C MET T 36 -54.87 5.70 9.40
N TYR T 37 -55.99 5.00 9.53
CA TYR T 37 -57.18 5.57 10.16
C TYR T 37 -57.07 5.65 11.68
N MET T 38 -55.98 5.15 12.26
CA MET T 38 -55.83 5.17 13.71
C MET T 38 -55.36 6.53 14.21
N MET T 39 -54.46 7.18 13.48
CA MET T 39 -53.91 8.47 13.88
C MET T 39 -54.58 9.64 13.17
N THR T 40 -54.72 9.57 11.85
CA THR T 40 -55.31 10.66 11.09
C THR T 40 -56.84 10.56 11.03
N LYS T 41 -57.35 9.50 10.39
CA LYS T 41 -58.78 9.27 10.22
C LYS T 41 -59.43 10.47 9.50
N ASN T 42 -58.99 10.64 8.25
CA ASN T 42 -59.49 11.73 7.41
C ASN T 42 -59.47 11.27 5.96
N VAL T 43 -60.47 11.72 5.19
CA VAL T 43 -60.55 11.39 3.77
C VAL T 43 -59.59 12.28 3.00
N LYS T 44 -58.37 11.79 2.76
CA LYS T 44 -57.36 12.57 2.05
C LYS T 44 -56.59 11.70 1.06
N PHE T 45 -56.15 10.52 1.50
CA PHE T 45 -55.36 9.62 0.65
C PHE T 45 -56.28 8.79 -0.23
N LEU T 46 -57.00 9.47 -1.12
CA LEU T 46 -57.89 8.83 -2.07
C LEU T 46 -57.62 9.20 -3.51
N ALA T 47 -56.65 10.08 -3.77
CA ALA T 47 -56.32 10.48 -5.13
C ALA T 47 -55.36 9.52 -5.82
N GLY T 48 -54.91 8.48 -5.14
CA GLY T 48 -53.99 7.52 -5.70
C GLY T 48 -54.62 6.32 -6.37
N PHE T 49 -55.94 6.28 -6.45
CA PHE T 49 -56.65 5.16 -7.07
C PHE T 49 -56.90 5.37 -8.56
N ALA T 50 -56.14 6.26 -9.20
CA ALA T 50 -56.32 6.52 -10.62
C ALA T 50 -55.00 6.93 -11.27
N ILE T 51 -54.04 7.38 -10.45
CA ILE T 51 -52.74 7.79 -10.97
C ILE T 51 -51.78 6.63 -11.17
N ILE T 52 -52.20 5.41 -10.85
CA ILE T 52 -51.32 4.25 -11.03
C ILE T 52 -51.23 3.88 -12.50
N SER T 53 -52.39 3.77 -13.17
CA SER T 53 -52.41 3.42 -14.59
C SER T 53 -51.96 4.57 -15.48
N VAL T 54 -51.97 5.80 -14.97
CA VAL T 54 -51.53 6.95 -15.76
C VAL T 54 -50.02 7.12 -15.74
N PHE T 55 -49.40 6.94 -14.57
CA PHE T 55 -47.95 7.09 -14.48
C PHE T 55 -47.22 5.96 -15.21
N ILE T 56 -47.83 4.78 -15.30
CA ILE T 56 -47.20 3.67 -16.00
C ILE T 56 -47.33 3.80 -17.52
N ALA T 57 -48.26 4.62 -17.99
CA ALA T 57 -48.45 4.79 -19.43
C ALA T 57 -47.65 5.96 -19.99
N VAL T 58 -47.37 6.98 -19.17
CA VAL T 58 -46.60 8.14 -19.62
C VAL T 58 -45.10 7.94 -19.49
N GLY T 59 -44.66 6.76 -19.07
CA GLY T 59 -43.24 6.49 -18.93
C GLY T 59 -42.76 5.32 -19.75
N MET T 60 -43.64 4.32 -19.94
CA MET T 60 -43.27 3.14 -20.71
C MET T 60 -43.40 3.39 -22.20
N ALA T 61 -44.38 4.18 -22.63
CA ALA T 61 -44.61 4.47 -24.04
C ALA T 61 -43.80 5.66 -24.53
N VAL T 62 -42.69 5.99 -23.87
CA VAL T 62 -41.88 7.12 -24.29
C VAL T 62 -41.00 6.73 -25.47
N VAL T 63 -40.19 5.67 -25.31
CA VAL T 63 -39.30 5.20 -26.37
C VAL T 63 -39.99 4.07 -27.12
N GLY T 64 -40.23 2.95 -26.44
CA GLY T 64 -40.87 1.81 -27.05
C GLY T 64 -39.98 1.09 -28.05
N LEU T 65 -38.73 0.83 -27.66
CA LEU T 65 -37.76 0.14 -28.51
C LEU T 65 -37.59 0.85 -29.85
N GLN U 1 -0.11 14.34 -39.06
CA GLN U 1 -1.12 13.33 -39.35
C GLN U 1 -2.48 13.72 -38.78
N ASP U 2 -3.43 12.81 -38.84
CA ASP U 2 -4.77 13.03 -38.35
C ASP U 2 -4.90 12.48 -36.92
N LEU U 3 -6.13 12.36 -36.44
CA LEU U 3 -6.38 11.85 -35.11
C LEU U 3 -6.61 10.34 -35.15
N MET U 4 -6.44 9.71 -33.97
CA MET U 4 -6.61 8.27 -33.84
C MET U 4 -7.60 7.88 -32.76
N ALA U 5 -8.24 8.84 -32.10
CA ALA U 5 -9.19 8.52 -31.04
C ALA U 5 -10.56 8.14 -31.58
N SER U 6 -10.85 8.45 -32.84
CA SER U 6 -12.14 8.12 -33.43
C SER U 6 -11.97 7.26 -34.67
N GLY U 7 -12.74 7.54 -35.72
CA GLY U 7 -12.66 6.78 -36.95
C GLY U 7 -13.35 5.44 -36.93
N ASN U 8 -14.20 5.17 -35.94
CA ASN U 8 -14.91 3.90 -35.84
C ASN U 8 -16.41 4.04 -35.63
N THR U 9 -16.89 5.18 -35.13
CA THR U 9 -18.32 5.40 -34.88
C THR U 9 -18.90 4.31 -33.99
N THR U 10 -18.18 3.98 -32.92
CA THR U 10 -18.59 2.96 -31.97
C THR U 10 -19.26 3.55 -30.74
N VAL U 11 -18.65 4.58 -30.13
CA VAL U 11 -19.23 5.19 -28.95
C VAL U 11 -20.48 6.01 -29.29
N LYS U 12 -20.61 6.46 -30.55
CA LYS U 12 -21.79 7.23 -30.93
C LYS U 12 -23.03 6.35 -31.01
N ALA U 13 -22.87 5.10 -31.46
CA ALA U 13 -23.99 4.18 -31.54
C ALA U 13 -24.33 3.53 -30.21
N THR U 14 -23.46 3.67 -29.21
CA THR U 14 -23.69 3.09 -27.88
C THR U 14 -24.28 4.10 -26.91
N PHE U 15 -23.72 5.30 -26.86
CA PHE U 15 -24.20 6.36 -25.97
C PHE U 15 -24.81 7.47 -26.84
N GLY U 16 -26.07 7.26 -27.21
CA GLY U 16 -26.77 8.21 -28.04
C GLY U 16 -28.27 8.13 -27.83
N LYS U 17 -28.99 8.79 -28.73
CA LYS U 17 -30.45 8.80 -28.65
C LYS U 17 -31.04 7.49 -29.17
N ASP U 18 -30.57 7.03 -30.32
CA ASP U 18 -31.07 5.79 -30.93
C ASP U 18 -30.26 4.57 -30.46
N SER U 19 -30.07 4.48 -29.15
CA SER U 19 -29.31 3.37 -28.57
C SER U 19 -30.07 2.75 -27.41
N SER U 20 -29.34 2.26 -26.41
CA SER U 20 -29.94 1.63 -25.24
C SER U 20 -29.84 2.48 -23.98
N VAL U 21 -29.19 3.64 -24.04
CA VAL U 21 -29.07 4.48 -22.86
C VAL U 21 -30.40 5.12 -22.50
N VAL U 22 -31.22 5.46 -23.50
CA VAL U 22 -32.50 6.10 -23.24
C VAL U 22 -33.49 5.16 -22.58
N LYS U 23 -33.26 3.85 -22.64
CA LYS U 23 -34.16 2.89 -22.02
C LYS U 23 -33.80 2.60 -20.57
N TRP U 24 -32.51 2.64 -20.21
CA TRP U 24 -32.11 2.40 -18.83
C TRP U 24 -32.35 3.61 -17.93
N VAL U 25 -32.56 4.79 -18.51
CA VAL U 25 -32.78 6.01 -17.73
C VAL U 25 -34.27 6.36 -17.61
N VAL U 26 -35.14 5.68 -18.34
CA VAL U 26 -36.57 5.97 -18.28
C VAL U 26 -37.29 5.12 -17.24
N LEU U 27 -36.74 3.97 -16.86
CA LEU U 27 -37.36 3.10 -15.87
C LEU U 27 -36.81 3.31 -14.47
N ALA U 28 -35.76 4.12 -14.31
CA ALA U 28 -35.20 4.38 -12.99
C ALA U 28 -36.08 5.32 -12.17
N GLU U 29 -36.92 6.12 -12.82
CA GLU U 29 -37.79 7.04 -12.08
C GLU U 29 -38.98 6.31 -11.48
N VAL U 30 -39.59 5.42 -12.25
CA VAL U 30 -40.74 4.66 -11.76
C VAL U 30 -40.33 3.62 -10.73
N LEU U 31 -39.04 3.27 -10.68
CA LEU U 31 -38.59 2.28 -9.71
C LEU U 31 -38.58 2.85 -8.30
N VAL U 32 -38.37 4.16 -8.16
CA VAL U 32 -38.32 4.79 -6.85
C VAL U 32 -39.36 5.89 -6.68
N GLY U 33 -39.80 6.56 -7.74
CA GLY U 33 -40.77 7.63 -7.63
C GLY U 33 -42.19 7.11 -7.45
N ALA U 34 -42.42 5.85 -7.81
CA ALA U 34 -43.74 5.25 -7.70
C ALA U 34 -43.89 4.35 -6.49
N VAL U 35 -42.84 4.17 -5.69
CA VAL U 35 -42.90 3.34 -4.50
C VAL U 35 -42.67 4.13 -3.22
N MET U 36 -42.37 5.43 -3.31
CA MET U 36 -42.15 6.25 -2.13
C MET U 36 -43.44 6.79 -1.53
N TYR U 37 -44.60 6.27 -1.95
CA TYR U 37 -45.87 6.64 -1.35
C TYR U 37 -46.11 5.95 -0.02
N MET U 38 -45.23 5.05 0.41
CA MET U 38 -45.42 4.35 1.67
C MET U 38 -45.04 5.22 2.86
N MET U 39 -44.00 6.04 2.71
CA MET U 39 -43.51 6.90 3.79
C MET U 39 -43.93 8.36 3.61
N THR U 40 -43.73 8.92 2.41
CA THR U 40 -44.06 10.32 2.19
C THR U 40 -45.53 10.49 1.81
N LYS U 41 -45.95 9.87 0.71
CA LYS U 41 -47.31 9.97 0.19
C LYS U 41 -47.69 11.43 -0.05
N ASN U 42 -46.98 12.05 -0.99
CA ASN U 42 -47.21 13.44 -1.34
C ASN U 42 -46.88 13.64 -2.82
N VAL U 43 -47.51 14.64 -3.42
CA VAL U 43 -47.28 14.99 -4.81
C VAL U 43 -45.99 15.82 -4.87
N LYS U 44 -44.86 15.17 -5.10
CA LYS U 44 -43.57 15.84 -5.12
C LYS U 44 -42.72 15.37 -6.29
N PHE U 45 -42.58 14.05 -6.44
CA PHE U 45 -41.74 13.48 -7.50
C PHE U 45 -42.54 13.30 -8.78
N LEU U 46 -43.05 14.43 -9.29
CA LEU U 46 -43.82 14.44 -10.53
C LEU U 46 -43.26 15.37 -11.59
N ALA U 47 -42.15 16.05 -11.34
CA ALA U 47 -41.57 16.97 -12.31
C ALA U 47 -40.57 16.29 -13.24
N GLY U 48 -40.36 14.99 -13.10
CA GLY U 48 -39.43 14.25 -13.94
C GLY U 48 -40.04 13.56 -15.14
N PHE U 49 -41.34 13.77 -15.39
CA PHE U 49 -42.02 13.16 -16.52
C PHE U 49 -41.95 14.01 -17.79
N ALA U 50 -40.98 14.91 -17.88
CA ALA U 50 -40.84 15.77 -19.06
C ALA U 50 -39.39 16.19 -19.25
N ILE U 51 -38.59 16.11 -18.19
CA ILE U 51 -37.18 16.50 -18.28
C ILE U 51 -36.30 15.39 -18.83
N ILE U 52 -36.86 14.22 -19.12
CA ILE U 52 -36.05 13.12 -19.65
C ILE U 52 -35.72 13.37 -21.11
N SER U 53 -36.73 13.74 -21.90
CA SER U 53 -36.51 14.01 -23.32
C SER U 53 -35.80 15.34 -23.56
N VAL U 54 -35.81 16.23 -22.57
CA VAL U 54 -35.15 17.52 -22.73
C VAL U 54 -33.65 17.42 -22.42
N PHE U 55 -33.29 16.70 -21.36
CA PHE U 55 -31.88 16.58 -21.01
C PHE U 55 -31.11 15.76 -22.05
N ILE U 56 -31.78 14.82 -22.71
CA ILE U 56 -31.11 14.00 -23.73
C ILE U 56 -30.94 14.76 -25.03
N ALA U 57 -31.69 15.83 -25.25
CA ALA U 57 -31.59 16.61 -26.48
C ALA U 57 -30.62 17.78 -26.36
N VAL U 58 -30.42 18.31 -25.15
CA VAL U 58 -29.51 19.42 -24.95
C VAL U 58 -28.07 18.97 -24.72
N GLY U 59 -27.79 17.67 -24.81
CA GLY U 59 -26.45 17.17 -24.61
C GLY U 59 -25.93 16.39 -25.81
N MET U 60 -26.82 15.69 -26.51
CA MET U 60 -26.42 14.91 -27.66
C MET U 60 -26.26 15.77 -28.90
N ALA U 61 -27.09 16.81 -29.06
CA ALA U 61 -27.04 17.69 -30.22
C ALA U 61 -26.05 18.85 -30.03
N VAL U 62 -25.07 18.69 -29.15
CA VAL U 62 -24.09 19.76 -28.93
C VAL U 62 -23.04 19.76 -30.04
N VAL U 63 -22.38 18.61 -30.23
CA VAL U 63 -21.35 18.49 -31.26
C VAL U 63 -21.97 17.88 -32.51
N GLY U 64 -22.41 16.63 -32.41
CA GLY U 64 -23.01 15.95 -33.53
C GLY U 64 -22.01 15.59 -34.61
N LEU U 65 -20.88 15.01 -34.21
CA LEU U 65 -19.82 14.60 -35.14
C LEU U 65 -19.36 15.76 -36.02
N GLN V 1 20.06 26.27 -33.32
CA GLN V 1 19.05 25.62 -34.15
C GLN V 1 17.64 25.91 -33.65
N ASP V 2 16.65 25.25 -34.24
CA ASP V 2 15.26 25.42 -33.87
C ASP V 2 14.85 24.33 -32.90
N LEU V 3 13.55 24.24 -32.62
CA LEU V 3 13.01 23.25 -31.70
C LEU V 3 12.71 21.95 -32.44
N MET V 4 12.62 20.86 -31.67
CA MET V 4 12.34 19.55 -32.22
C MET V 4 11.13 18.88 -31.56
N ALA V 5 10.48 19.55 -30.61
CA ALA V 5 9.33 19.00 -29.92
C ALA V 5 8.05 19.08 -30.73
N SER V 6 8.03 19.89 -31.79
CA SER V 6 6.83 20.02 -32.62
C SER V 6 7.15 19.75 -34.08
N GLY V 7 6.57 20.55 -34.99
CA GLY V 7 6.80 20.39 -36.40
C GLY V 7 6.01 19.29 -37.06
N ASN V 8 4.99 18.75 -36.40
CA ASN V 8 4.17 17.68 -36.95
C ASN V 8 2.68 17.94 -36.92
N THR V 9 2.19 18.83 -36.05
CA THR V 9 0.77 19.14 -35.92
C THR V 9 -0.06 17.87 -35.68
N THR V 10 0.43 17.04 -34.76
CA THR V 10 -0.22 15.78 -34.41
C THR V 10 -1.06 15.90 -33.15
N VAL V 11 -0.49 16.49 -32.08
CA VAL V 11 -1.24 16.64 -30.85
C VAL V 11 -2.33 17.70 -30.96
N LYS V 12 -2.18 18.64 -31.91
CA LYS V 12 -3.21 19.66 -32.07
C LYS V 12 -4.47 19.09 -32.69
N ALA V 13 -4.33 18.17 -33.64
CA ALA V 13 -5.48 17.55 -34.28
C ALA V 13 -6.09 16.44 -33.43
N THR V 14 -5.41 15.99 -32.38
CA THR V 14 -5.91 14.95 -31.51
C THR V 14 -6.61 15.49 -30.27
N PHE V 15 -5.99 16.48 -29.60
CA PHE V 15 -6.55 17.10 -28.40
C PHE V 15 -6.92 18.54 -28.75
N GLY V 16 -8.11 18.70 -29.35
CA GLY V 16 -8.57 20.01 -29.74
C GLY V 16 -10.08 20.11 -29.82
N LYS V 17 -10.59 21.19 -30.43
CA LYS V 17 -12.02 21.37 -30.56
C LYS V 17 -12.60 20.51 -31.68
N ASP V 18 -11.95 20.51 -32.84
CA ASP V 18 -12.41 19.73 -33.98
C ASP V 18 -11.81 18.32 -33.99
N SER V 19 -11.85 17.66 -32.83
CA SER V 19 -11.30 16.32 -32.71
C SER V 19 -12.31 15.38 -32.05
N SER V 20 -11.82 14.44 -31.23
CA SER V 20 -12.68 13.49 -30.54
C SER V 20 -12.75 13.73 -29.04
N VAL V 21 -12.02 14.74 -28.53
CA VAL V 21 -12.04 14.99 -27.09
C VAL V 21 -13.37 15.61 -26.67
N VAL V 22 -13.97 16.44 -27.53
CA VAL V 22 -15.23 17.09 -27.17
C VAL V 22 -16.39 16.11 -27.12
N LYS V 23 -16.24 14.91 -27.69
CA LYS V 23 -17.30 13.92 -27.67
C LYS V 23 -17.24 13.01 -26.45
N TRP V 24 -16.03 12.70 -25.96
CA TRP V 24 -15.88 11.84 -24.80
C TRP V 24 -16.15 12.58 -23.49
N VAL V 25 -16.22 13.91 -23.51
CA VAL V 25 -16.47 14.70 -22.31
C VAL V 25 -17.92 15.14 -22.19
N VAL V 26 -18.74 14.93 -23.23
CA VAL V 26 -20.14 15.34 -23.17
C VAL V 26 -21.06 14.21 -22.73
N LEU V 27 -20.63 12.95 -22.88
CA LEU V 27 -21.44 11.81 -22.49
C LEU V 27 -21.15 11.34 -21.06
N ALA V 28 -20.10 11.85 -20.42
CA ALA V 28 -19.78 11.45 -19.06
C ALA V 28 -20.71 12.09 -18.04
N GLU V 29 -21.35 13.20 -18.38
CA GLU V 29 -22.27 13.85 -17.44
C GLU V 29 -23.60 13.11 -17.38
N VAL V 30 -24.13 12.70 -18.55
CA VAL V 30 -25.39 11.99 -18.59
C VAL V 30 -25.25 10.57 -18.08
N LEU V 31 -24.03 10.04 -18.03
CA LEU V 31 -23.83 8.67 -17.56
C LEU V 31 -24.03 8.55 -16.05
N VAL V 32 -23.74 9.62 -15.30
CA VAL V 32 -23.90 9.59 -13.85
C VAL V 32 -24.83 10.68 -13.33
N GLY V 33 -24.97 11.81 -14.02
CA GLY V 33 -25.84 12.86 -13.54
C GLY V 33 -27.31 12.62 -13.83
N ALA V 34 -27.61 11.68 -14.73
CA ALA V 34 -28.98 11.37 -15.09
C ALA V 34 -29.47 10.06 -14.48
N VAL V 35 -28.62 9.33 -13.75
CA VAL V 35 -29.01 8.08 -13.12
C VAL V 35 -28.97 8.17 -11.61
N MET V 36 -28.59 9.30 -11.04
CA MET V 36 -28.52 9.47 -9.59
C MET V 36 -29.87 9.86 -8.98
N TYR V 37 -30.97 9.72 -9.73
CA TYR V 37 -32.29 9.98 -9.18
C TYR V 37 -32.78 8.87 -8.27
N MET V 38 -32.05 7.76 -8.17
CA MET V 38 -32.48 6.67 -7.31
C MET V 38 -32.25 6.99 -5.84
N MET V 39 -31.15 7.67 -5.52
CA MET V 39 -30.81 8.00 -4.14
C MET V 39 -31.10 9.46 -3.80
N THR V 40 -30.59 10.40 -4.61
CA THR V 40 -30.79 11.82 -4.31
C THR V 40 -32.18 12.28 -4.74
N LYS V 41 -32.45 12.24 -6.04
CA LYS V 41 -33.72 12.71 -6.61
C LYS V 41 -33.98 14.16 -6.23
N ASN V 42 -33.08 15.03 -6.67
CA ASN V 42 -33.17 16.46 -6.39
C ASN V 42 -32.57 17.23 -7.55
N VAL V 43 -33.03 18.46 -7.73
CA VAL V 43 -32.53 19.35 -8.78
C VAL V 43 -31.21 19.94 -8.27
N LYS V 44 -30.10 19.32 -8.66
CA LYS V 44 -28.78 19.78 -8.21
C LYS V 44 -27.77 19.75 -9.34
N PHE V 45 -27.63 18.61 -10.00
CA PHE V 45 -26.65 18.44 -11.08
C PHE V 45 -27.27 18.89 -12.40
N LEU V 46 -27.55 20.20 -12.46
CA LEU V 46 -28.11 20.81 -13.65
C LEU V 46 -27.32 22.00 -14.16
N ALA V 47 -26.25 22.40 -13.45
CA ALA V 47 -25.44 23.54 -13.87
C ALA V 47 -24.29 23.14 -14.78
N GLY V 48 -24.24 21.91 -15.25
CA GLY V 48 -23.19 21.44 -16.13
C GLY V 48 -23.55 21.37 -17.60
N PHE V 49 -24.73 21.84 -17.97
CA PHE V 49 -25.19 21.83 -19.36
C PHE V 49 -24.81 23.10 -20.12
N ALA V 50 -23.83 23.85 -19.62
CA ALA V 50 -23.42 25.09 -20.29
C ALA V 50 -21.93 25.34 -20.07
N ILE V 51 -21.34 24.70 -19.06
CA ILE V 51 -19.92 24.88 -18.78
C ILE V 51 -19.03 23.99 -19.64
N ILE V 52 -19.62 23.16 -20.50
CA ILE V 52 -18.80 22.30 -21.36
C ILE V 52 -18.19 23.10 -22.49
N SER V 53 -19.00 23.92 -23.17
CA SER V 53 -18.50 24.73 -24.28
C SER V 53 -17.67 25.91 -23.79
N VAL V 54 -17.80 26.30 -22.52
CA VAL V 54 -17.03 27.42 -21.99
C VAL V 54 -15.63 26.97 -21.57
N PHE V 55 -15.52 25.82 -20.90
CA PHE V 55 -14.21 25.35 -20.46
C PHE V 55 -13.33 24.95 -21.64
N ILE V 56 -13.93 24.48 -22.74
CA ILE V 56 -13.16 24.09 -23.91
C ILE V 56 -12.69 25.30 -24.71
N ALA V 57 -13.31 26.46 -24.52
CA ALA V 57 -12.94 27.66 -25.26
C ALA V 57 -11.92 28.51 -24.51
N VAL V 58 -11.89 28.44 -23.18
CA VAL V 58 -10.95 29.22 -22.39
C VAL V 58 -9.61 28.50 -22.22
N GLY V 59 -9.43 27.34 -22.83
CA GLY V 59 -8.18 26.61 -22.70
C GLY V 59 -7.52 26.33 -24.04
N MET V 60 -8.33 26.14 -25.08
CA MET V 60 -7.79 25.85 -26.41
C MET V 60 -7.34 27.12 -27.11
N ALA V 61 -8.04 28.24 -26.90
CA ALA V 61 -7.70 29.50 -27.54
C ALA V 61 -6.68 30.32 -26.74
N VAL V 62 -5.89 29.66 -25.89
CA VAL V 62 -4.89 30.38 -25.11
C VAL V 62 -3.65 30.69 -25.96
N VAL V 63 -3.05 29.65 -26.54
CA VAL V 63 -1.86 29.82 -27.37
C VAL V 63 -2.29 29.88 -28.83
N GLY V 64 -2.83 28.78 -29.35
CA GLY V 64 -3.26 28.73 -30.73
C GLY V 64 -2.12 28.71 -31.72
N LEU V 65 -1.13 27.86 -31.48
CA LEU V 65 0.05 27.73 -32.34
C LEU V 65 0.76 29.07 -32.53
N GLN W 1 39.64 31.32 -20.34
CA GLN W 1 38.79 31.26 -21.52
C GLN W 1 37.33 31.53 -21.15
N ASP W 2 36.44 31.34 -22.12
CA ASP W 2 35.01 31.57 -21.93
C ASP W 2 34.33 30.24 -21.58
N LEU W 3 33.01 30.25 -21.53
CA LEU W 3 32.25 29.05 -21.22
C LEU W 3 31.99 28.23 -22.48
N MET W 4 31.70 26.95 -22.28
CA MET W 4 31.41 26.04 -23.38
C MET W 4 30.07 25.34 -23.24
N ALA W 5 29.30 25.65 -22.20
CA ALA W 5 28.00 25.02 -21.99
C ALA W 5 26.90 25.64 -22.84
N SER W 6 27.14 26.80 -23.43
CA SER W 6 26.14 27.46 -24.25
C SER W 6 26.68 27.79 -25.64
N GLY W 7 26.36 28.98 -26.14
CA GLY W 7 26.84 29.39 -27.45
C GLY W 7 26.10 28.81 -28.62
N ASN W 8 24.90 28.25 -28.41
CA ASN W 8 24.12 27.67 -29.49
C ASN W 8 22.67 28.10 -29.52
N THR W 9 22.12 28.63 -28.43
CA THR W 9 20.72 29.07 -28.36
C THR W 9 19.77 27.95 -28.79
N THR W 10 20.00 26.75 -28.26
CA THR W 10 19.18 25.59 -28.57
C THR W 10 18.14 25.29 -27.50
N VAL W 11 18.55 25.28 -26.22
CA VAL W 11 17.61 25.01 -25.15
C VAL W 11 16.65 26.17 -24.94
N LYS W 12 17.03 27.38 -25.34
CA LYS W 12 16.13 28.53 -25.17
C LYS W 12 14.96 28.47 -26.15
N ALA W 13 15.21 27.99 -27.37
CA ALA W 13 14.16 27.88 -28.37
C ALA W 13 13.32 26.62 -28.19
N THR W 14 13.73 25.69 -27.33
CA THR W 14 13.00 24.45 -27.08
C THR W 14 12.14 24.53 -25.82
N PHE W 15 12.71 25.03 -24.72
CA PHE W 15 12.00 25.16 -23.44
C PHE W 15 11.81 26.65 -23.16
N GLY W 16 10.78 27.23 -23.76
CA GLY W 16 10.50 28.63 -23.58
C GLY W 16 9.04 28.93 -23.84
N LYS W 17 8.75 30.24 -23.97
CA LYS W 17 7.38 30.66 -24.21
C LYS W 17 6.98 30.46 -25.68
N ASP W 18 7.85 30.85 -26.60
CA ASP W 18 7.59 30.71 -28.03
C ASP W 18 8.06 29.37 -28.57
N SER W 19 7.70 28.29 -27.87
CA SER W 19 8.10 26.96 -28.27
C SER W 19 6.92 26.00 -28.21
N SER W 20 7.19 24.73 -27.88
CA SER W 20 6.14 23.71 -27.77
C SER W 20 5.82 23.33 -26.34
N VAL W 21 6.51 23.90 -25.35
CA VAL W 21 6.23 23.55 -23.96
C VAL W 21 4.90 24.14 -23.52
N VAL W 22 4.54 25.33 -24.01
CA VAL W 22 3.31 25.98 -23.60
C VAL W 22 2.08 25.25 -24.13
N LYS W 23 2.24 24.40 -25.14
CA LYS W 23 1.11 23.65 -25.68
C LYS W 23 0.87 22.33 -24.96
N TRP W 24 1.92 21.66 -24.50
CA TRP W 24 1.77 20.40 -23.80
C TRP W 24 1.32 20.58 -22.36
N VAL W 25 1.40 21.80 -21.81
CA VAL W 25 0.99 22.04 -20.43
C VAL W 25 -0.42 22.60 -20.33
N VAL W 26 -1.05 22.95 -21.45
CA VAL W 26 -2.40 23.50 -21.41
C VAL W 26 -3.47 22.44 -21.64
N LEU W 27 -3.13 21.32 -22.27
CA LEU W 27 -4.08 20.25 -22.51
C LEU W 27 -4.11 19.19 -21.41
N ALA W 28 -3.12 19.21 -20.50
CA ALA W 28 -3.09 18.22 -19.43
C ALA W 28 -4.14 18.52 -18.36
N GLU W 29 -4.58 19.78 -18.24
CA GLU W 29 -5.59 20.12 -17.25
C GLU W 29 -6.98 19.67 -17.69
N VAL W 30 -7.32 19.91 -18.96
CA VAL W 30 -8.63 19.51 -19.47
C VAL W 30 -8.72 18.00 -19.65
N LEU W 31 -7.57 17.31 -19.70
CA LEU W 31 -7.58 15.86 -19.88
C LEU W 31 -8.04 15.14 -18.61
N VAL W 32 -7.77 15.71 -17.45
CA VAL W 32 -8.13 15.10 -16.18
C VAL W 32 -9.09 15.95 -15.35
N GLY W 33 -9.09 17.27 -15.51
CA GLY W 33 -9.96 18.13 -14.73
C GLY W 33 -11.38 18.18 -15.26
N ALA W 34 -11.56 17.88 -16.54
CA ALA W 34 -12.87 17.91 -17.17
C ALA W 34 -13.53 16.54 -17.23
N VAL W 35 -12.87 15.50 -16.72
CA VAL W 35 -13.42 14.14 -16.72
C VAL W 35 -13.65 13.61 -15.32
N MET W 36 -13.29 14.36 -14.29
CA MET W 36 -13.47 13.93 -12.90
C MET W 36 -14.88 14.23 -12.37
N TYR W 37 -15.81 14.57 -13.25
CA TYR W 37 -17.21 14.78 -12.85
C TYR W 37 -17.97 13.47 -12.69
N MET W 38 -17.33 12.32 -12.95
CA MET W 38 -18.02 11.05 -12.83
C MET W 38 -18.13 10.61 -11.37
N MET W 39 -17.08 10.82 -10.58
CA MET W 39 -17.04 10.41 -9.18
C MET W 39 -17.26 11.57 -8.23
N THR W 40 -16.61 12.70 -8.47
CA THR W 40 -16.73 13.85 -7.57
C THR W 40 -17.95 14.71 -7.95
N LYS W 41 -17.93 15.28 -9.15
CA LYS W 41 -19.01 16.16 -9.64
C LYS W 41 -19.22 17.33 -8.68
N ASN W 42 -18.18 18.17 -8.56
CA ASN W 42 -18.21 19.33 -7.70
C ASN W 42 -17.35 20.43 -8.32
N VAL W 43 -17.67 21.67 -7.97
CA VAL W 43 -16.92 22.83 -8.43
C VAL W 43 -15.69 22.97 -7.54
N LYS W 44 -14.57 22.41 -7.98
CA LYS W 44 -13.34 22.43 -7.20
C LYS W 44 -12.13 22.75 -8.07
N PHE W 45 -11.93 21.98 -9.14
CA PHE W 45 -10.79 22.15 -10.03
C PHE W 45 -11.11 23.20 -11.10
N LEU W 46 -11.32 24.42 -10.63
CA LEU W 46 -11.61 25.54 -11.51
C LEU W 46 -10.66 26.72 -11.32
N ALA W 47 -9.74 26.65 -10.36
CA ALA W 47 -8.80 27.74 -10.11
C ALA W 47 -7.52 27.61 -10.93
N GLY W 48 -7.46 26.69 -11.88
CA GLY W 48 -6.29 26.48 -12.70
C GLY W 48 -6.35 27.07 -14.09
N PHE W 49 -7.40 27.81 -14.41
CA PHE W 49 -7.58 28.42 -15.73
C PHE W 49 -6.97 29.81 -15.82
N ALA W 50 -6.07 30.16 -14.89
CA ALA W 50 -5.44 31.47 -14.90
C ALA W 50 -3.99 31.39 -14.42
N ILE W 51 -3.66 30.30 -13.73
CA ILE W 51 -2.29 30.12 -13.21
C ILE W 51 -1.34 29.55 -14.26
N ILE W 52 -1.82 29.28 -15.47
CA ILE W 52 -0.94 28.74 -16.50
C ILE W 52 -0.04 29.84 -17.07
N SER W 53 -0.62 30.99 -17.41
CA SER W 53 0.16 32.09 -17.95
C SER W 53 0.98 32.80 -16.87
N VAL W 54 0.62 32.63 -15.60
CA VAL W 54 1.36 33.26 -14.51
C VAL W 54 2.62 32.48 -14.15
N PHE W 55 2.51 31.15 -14.10
CA PHE W 55 3.68 30.33 -13.75
C PHE W 55 4.72 30.35 -14.86
N ILE W 56 4.30 30.48 -16.11
CA ILE W 56 5.25 30.52 -17.21
C ILE W 56 5.94 31.88 -17.33
N ALA W 57 5.36 32.93 -16.74
CA ALA W 57 5.95 34.26 -16.81
C ALA W 57 6.91 34.54 -15.66
N VAL W 58 6.71 33.90 -14.50
CA VAL W 58 7.58 34.10 -13.35
C VAL W 58 8.78 33.17 -13.35
N GLY W 59 8.95 32.37 -14.41
CA GLY W 59 10.07 31.45 -14.48
C GLY W 59 10.94 31.65 -15.70
N MET W 60 10.32 32.06 -16.81
CA MET W 60 11.06 32.28 -18.04
C MET W 60 11.75 33.65 -18.06
N ALA W 61 11.13 34.66 -17.46
CA ALA W 61 11.68 36.01 -17.42
C ALA W 61 12.59 36.23 -16.23
N VAL W 62 13.18 35.18 -15.68
CA VAL W 62 14.08 35.33 -14.54
C VAL W 62 15.45 35.80 -15.00
N VAL W 63 16.08 35.04 -15.90
CA VAL W 63 17.40 35.39 -16.41
C VAL W 63 17.24 36.12 -17.74
N GLY W 64 16.73 35.42 -18.75
CA GLY W 64 16.54 36.01 -20.06
C GLY W 64 17.84 36.26 -20.80
N LEU W 65 18.72 35.26 -20.81
CA LEU W 65 20.02 35.34 -21.47
C LEU W 65 20.83 36.55 -20.99
N GLN X 1 56.85 27.42 -4.12
CA GLN X 1 56.20 27.97 -5.31
C GLN X 1 54.73 28.25 -5.07
N ASP X 2 54.04 28.67 -6.12
CA ASP X 2 52.62 28.98 -6.03
C ASP X 2 51.78 27.75 -6.40
N LEU X 3 50.47 27.94 -6.47
CA LEU X 3 49.57 26.86 -6.81
C LEU X 3 49.46 26.69 -8.33
N MET X 4 49.01 25.50 -8.74
CA MET X 4 48.85 25.19 -10.15
C MET X 4 47.45 24.72 -10.51
N ALA X 5 46.52 24.72 -9.55
CA ALA X 5 45.16 24.28 -9.84
C ALA X 5 44.31 25.37 -10.47
N SER X 6 44.73 26.63 -10.39
CA SER X 6 43.97 27.73 -10.98
C SER X 6 44.82 28.48 -12.01
N GLY X 7 44.74 29.80 -12.00
CA GLY X 7 45.49 30.61 -12.94
C GLY X 7 44.92 30.68 -14.34
N ASN X 8 43.66 30.28 -14.53
CA ASN X 8 43.03 30.32 -15.84
C ASN X 8 41.66 30.96 -15.84
N THR X 9 40.96 31.03 -14.71
CA THR X 9 39.62 31.61 -14.61
C THR X 9 38.66 30.98 -15.61
N THR X 10 38.71 29.65 -15.69
CA THR X 10 37.86 28.88 -16.59
C THR X 10 36.63 28.32 -15.89
N VAL X 11 36.81 27.72 -14.71
CA VAL X 11 35.67 27.17 -13.98
C VAL X 11 34.79 28.27 -13.39
N LYS X 12 35.35 29.47 -13.20
CA LYS X 12 34.54 30.56 -12.65
C LYS X 12 33.56 31.10 -13.69
N ALA X 13 33.96 31.17 -14.95
CA ALA X 13 33.07 31.63 -16.02
C ALA X 13 32.12 30.56 -16.52
N THR X 14 32.29 29.31 -16.08
CA THR X 14 31.42 28.21 -16.48
C THR X 14 30.36 27.88 -15.44
N PHE X 15 30.76 27.76 -14.18
CA PHE X 15 29.84 27.46 -13.09
C PHE X 15 29.70 28.70 -12.22
N GLY X 16 28.89 29.64 -12.70
CA GLY X 16 28.67 30.89 -11.98
C GLY X 16 27.31 31.50 -12.24
N LYS X 17 27.13 32.76 -11.85
CA LYS X 17 25.85 33.43 -12.05
C LYS X 17 25.69 33.90 -13.49
N ASP X 18 26.72 34.53 -14.04
CA ASP X 18 26.69 35.04 -15.42
C ASP X 18 27.18 34.00 -16.42
N SER X 19 26.66 32.78 -16.30
CA SER X 19 27.04 31.69 -17.19
C SER X 19 25.81 30.96 -17.71
N SER X 20 25.92 29.64 -17.87
CA SER X 20 24.83 28.83 -18.37
C SER X 20 24.20 27.93 -17.31
N VAL X 21 24.75 27.91 -16.09
CA VAL X 21 24.19 27.07 -15.04
C VAL X 21 22.86 27.62 -14.56
N VAL X 22 22.70 28.94 -14.52
CA VAL X 22 21.47 29.53 -14.04
C VAL X 22 20.30 29.30 -14.98
N LYS X 23 20.57 28.93 -16.23
CA LYS X 23 19.51 28.67 -17.19
C LYS X 23 19.02 27.22 -17.16
N TRP X 24 19.91 26.27 -16.89
CA TRP X 24 19.52 24.86 -16.84
C TRP X 24 18.82 24.50 -15.53
N VAL X 25 18.92 25.35 -14.50
CA VAL X 25 18.28 25.06 -13.23
C VAL X 25 16.95 25.78 -13.06
N VAL X 26 16.59 26.68 -13.98
CA VAL X 26 15.33 27.40 -13.88
C VAL X 26 14.20 26.72 -14.66
N LEU X 27 14.53 25.91 -15.66
CA LEU X 27 13.53 25.21 -16.44
C LEU X 27 13.22 23.82 -15.92
N ALA X 28 14.02 23.31 -14.97
CA ALA X 28 13.76 21.99 -14.43
C ALA X 28 12.55 21.96 -13.50
N GLU X 29 12.24 23.08 -12.84
CA GLU X 29 11.09 23.12 -11.95
C GLU X 29 9.78 23.14 -12.75
N VAL X 30 9.72 23.93 -13.81
CA VAL X 30 8.52 23.99 -14.62
C VAL X 30 8.36 22.74 -15.49
N LEU X 31 9.44 21.97 -15.68
CA LEU X 31 9.35 20.77 -16.50
C LEU X 31 8.60 19.65 -15.78
N VAL X 32 8.68 19.61 -14.45
CA VAL X 32 8.02 18.56 -13.68
C VAL X 32 7.01 19.11 -12.68
N GLY X 33 7.15 20.36 -12.23
CA GLY X 33 6.20 20.90 -11.26
C GLY X 33 4.93 21.42 -11.88
N ALA X 34 4.98 21.83 -13.15
CA ALA X 34 3.81 22.35 -13.84
C ALA X 34 3.03 21.27 -14.58
N VAL X 35 3.49 20.02 -14.56
CA VAL X 35 2.82 18.92 -15.23
C VAL X 35 2.34 17.85 -14.27
N MET X 36 2.59 18.02 -12.97
CA MET X 36 2.16 17.04 -11.97
C MET X 36 0.73 17.26 -11.51
N TYR X 37 -0.05 18.06 -12.23
CA TYR X 37 -1.47 18.26 -11.91
C TYR X 37 -2.34 17.10 -12.35
N MET X 38 -1.77 16.05 -12.94
CA MET X 38 -2.56 14.92 -13.41
C MET X 38 -3.01 14.05 -12.25
N MET X 39 -2.07 13.61 -11.40
CA MET X 39 -2.39 12.74 -10.29
C MET X 39 -2.66 13.50 -9.00
N THR X 40 -1.83 14.51 -8.69
CA THR X 40 -1.99 15.28 -7.45
C THR X 40 -3.08 16.33 -7.60
N LYS X 41 -2.84 17.33 -8.44
CA LYS X 41 -3.77 18.44 -8.66
C LYS X 41 -4.09 19.15 -7.34
N ASN X 42 -3.04 19.68 -6.71
CA ASN X 42 -3.16 20.39 -5.45
C ASN X 42 -2.09 21.47 -5.38
N VAL X 43 -2.34 22.48 -4.55
CA VAL X 43 -1.39 23.57 -4.33
C VAL X 43 -0.33 23.06 -3.37
N LYS X 44 0.78 22.55 -3.91
CA LYS X 44 1.84 22.00 -3.09
C LYS X 44 3.21 22.46 -3.57
N PHE X 45 3.51 22.25 -4.84
CA PHE X 45 4.81 22.59 -5.42
C PHE X 45 4.77 24.03 -5.95
N LEU X 46 4.56 24.96 -5.01
CA LEU X 46 4.52 26.37 -5.34
C LEU X 46 5.50 27.21 -4.53
N ALA X 47 6.26 26.60 -3.63
CA ALA X 47 7.22 27.31 -2.80
C ALA X 47 8.62 27.30 -3.37
N GLY X 48 8.77 27.07 -4.67
CA GLY X 48 10.07 27.04 -5.32
C GLY X 48 10.34 28.15 -6.30
N PHE X 49 9.41 29.10 -6.45
CA PHE X 49 9.58 30.22 -7.37
C PHE X 49 10.30 31.40 -6.73
N ALA X 50 10.99 31.19 -5.61
CA ALA X 50 11.70 32.26 -4.94
C ALA X 50 13.02 31.77 -4.38
N ILE X 51 13.15 30.46 -4.20
CA ILE X 51 14.38 29.88 -3.67
C ILE X 51 15.44 29.63 -4.73
N ILE X 52 15.18 30.01 -5.99
CA ILE X 52 16.17 29.80 -7.05
C ILE X 52 17.27 30.84 -6.94
N SER X 53 16.90 32.12 -6.81
CA SER X 53 17.89 33.18 -6.70
C SER X 53 18.52 33.23 -5.31
N VAL X 54 17.91 32.61 -4.31
CA VAL X 54 18.47 32.62 -2.96
C VAL X 54 19.57 31.57 -2.83
N PHE X 55 19.36 30.38 -3.39
CA PHE X 55 20.38 29.33 -3.29
C PHE X 55 21.63 29.67 -4.09
N ILE X 56 21.48 30.39 -5.20
CA ILE X 56 22.63 30.76 -6.02
C ILE X 56 23.42 31.91 -5.40
N ALA X 57 22.81 32.67 -4.49
CA ALA X 57 23.50 33.79 -3.86
C ALA X 57 24.21 33.40 -2.58
N VAL X 58 23.87 32.24 -2.01
CA VAL X 58 24.50 31.78 -0.78
C VAL X 58 25.56 30.72 -1.11
N GLY X 59 25.88 30.61 -2.40
CA GLY X 59 26.86 29.64 -2.85
C GLY X 59 27.95 30.25 -3.70
N MET X 60 27.56 31.17 -4.60
CA MET X 60 28.53 31.82 -5.47
C MET X 60 29.29 32.94 -4.76
N ALA X 61 28.62 33.65 -3.86
CA ALA X 61 29.24 34.75 -3.12
C ALA X 61 29.92 34.30 -1.85
N VAL X 62 30.38 33.05 -1.79
CA VAL X 62 31.05 32.55 -0.59
C VAL X 62 32.52 32.95 -0.60
N VAL X 63 33.24 32.60 -1.66
CA VAL X 63 34.65 32.92 -1.78
C VAL X 63 34.82 34.14 -2.68
N GLY X 64 34.46 33.99 -3.96
CA GLY X 64 34.56 35.09 -4.90
C GLY X 64 35.99 35.43 -5.26
N LEU X 65 36.79 34.41 -5.56
CA LEU X 65 38.20 34.58 -5.93
C LEU X 65 38.97 35.35 -4.87
N GLN Y 1 70.40 14.74 11.04
CA GLN Y 1 70.06 15.83 10.13
C GLN Y 1 68.62 16.27 10.32
N ASP Y 2 68.14 17.14 9.43
CA ASP Y 2 66.78 17.63 9.48
C ASP Y 2 65.90 16.79 8.55
N LEU Y 3 64.66 17.23 8.35
CA LEU Y 3 63.73 16.50 7.49
C LEU Y 3 63.89 16.96 6.04
N MET Y 4 63.42 16.11 5.12
CA MET Y 4 63.49 16.39 3.70
C MET Y 4 62.14 16.32 3.00
N ALA Y 5 61.05 16.08 3.74
CA ALA Y 5 59.73 16.00 3.12
C ALA Y 5 59.11 17.37 2.88
N SER Y 6 59.62 18.41 3.52
CA SER Y 6 59.08 19.75 3.35
C SER Y 6 60.16 20.71 2.83
N GLY Y 7 60.22 21.91 3.39
CA GLY Y 7 61.20 22.90 2.98
C GLY Y 7 60.89 23.62 1.70
N ASN Y 8 59.64 23.58 1.23
CA ASN Y 8 59.23 24.24 0.00
C ASN Y 8 57.95 25.04 0.11
N THR Y 9 57.06 24.71 1.04
CA THR Y 9 55.78 25.41 1.22
C THR Y 9 54.98 25.42 -0.07
N THR Y 10 54.93 24.26 -0.73
CA THR Y 10 54.20 24.10 -1.98
C THR Y 10 52.82 23.49 -1.78
N VAL Y 11 52.72 22.42 -0.97
CA VAL Y 11 51.44 21.78 -0.73
C VAL Y 11 50.54 22.64 0.16
N LYS Y 12 51.13 23.55 0.95
CA LYS Y 12 50.32 24.40 1.81
C LYS Y 12 49.59 25.47 1.00
N ALA Y 13 50.22 25.98 -0.06
CA ALA Y 13 49.59 26.97 -0.91
C ALA Y 13 48.68 26.37 -1.96
N THR Y 14 48.64 25.05 -2.08
CA THR Y 14 47.79 24.36 -3.05
C THR Y 14 46.53 23.79 -2.41
N PHE Y 15 46.66 23.11 -1.28
CA PHE Y 15 45.53 22.52 -0.56
C PHE Y 15 45.33 23.30 0.73
N GLY Y 16 44.74 24.49 0.59
CA GLY Y 16 44.50 25.35 1.74
C GLY Y 16 43.26 26.21 1.59
N LYS Y 17 43.13 27.22 2.44
CA LYS Y 17 41.96 28.10 2.39
C LYS Y 17 42.11 29.14 1.28
N ASP Y 18 43.27 29.79 1.20
CA ASP Y 18 43.53 30.81 0.18
C ASP Y 18 44.10 30.20 -1.10
N SER Y 19 43.50 29.10 -1.56
CA SER Y 19 43.96 28.43 -2.76
C SER Y 19 42.81 28.20 -3.72
N SER Y 20 42.78 27.03 -4.37
CA SER Y 20 41.73 26.69 -5.32
C SER Y 20 40.85 25.54 -4.86
N VAL Y 21 41.14 24.94 -3.71
CA VAL Y 21 40.33 23.83 -3.23
C VAL Y 21 38.97 24.32 -2.75
N VAL Y 22 38.92 25.53 -2.16
CA VAL Y 22 37.67 26.06 -1.64
C VAL Y 22 36.70 26.42 -2.76
N LYS Y 23 37.18 26.56 -3.99
CA LYS Y 23 36.31 26.90 -5.11
C LYS Y 23 35.71 25.67 -5.78
N TRP Y 24 36.38 24.52 -5.70
CA TRP Y 24 35.85 23.31 -6.31
C TRP Y 24 34.89 22.57 -5.38
N VAL Y 25 35.00 22.78 -4.07
CA VAL Y 25 34.12 22.11 -3.12
C VAL Y 25 32.81 22.87 -2.89
N VAL Y 26 32.67 24.06 -3.46
CA VAL Y 26 31.45 24.85 -3.28
C VAL Y 26 30.47 24.68 -4.43
N LEU Y 27 30.96 24.32 -5.62
CA LEU Y 27 30.09 24.14 -6.78
C LEU Y 27 29.53 22.73 -6.89
N ALA Y 28 30.10 21.77 -6.17
CA ALA Y 28 29.62 20.39 -6.23
C ALA Y 28 28.28 20.22 -5.54
N GLU Y 29 27.94 21.10 -4.60
CA GLU Y 29 26.66 20.99 -3.91
C GLU Y 29 25.52 21.50 -4.77
N VAL Y 30 25.71 22.67 -5.40
CA VAL Y 30 24.67 23.23 -6.25
C VAL Y 30 24.55 22.46 -7.56
N LEU Y 31 25.58 21.69 -7.94
CA LEU Y 31 25.52 20.92 -9.19
C LEU Y 31 24.57 19.74 -9.07
N VAL Y 32 24.41 19.18 -7.88
CA VAL Y 32 23.53 18.03 -7.68
C VAL Y 32 22.41 18.30 -6.69
N GLY Y 33 22.55 19.25 -5.78
CA GLY Y 33 21.51 19.52 -4.80
C GLY Y 33 20.41 20.41 -5.34
N ALA Y 34 20.74 21.24 -6.32
CA ALA Y 34 19.77 22.15 -6.92
C ALA Y 34 19.06 21.56 -8.14
N VAL Y 35 19.41 20.34 -8.54
CA VAL Y 35 18.80 19.68 -9.69
C VAL Y 35 18.04 18.43 -9.29
N MET Y 36 18.05 18.05 -8.02
CA MET Y 36 17.34 16.86 -7.55
C MET Y 36 15.87 17.12 -7.24
N TYR Y 37 15.33 18.24 -7.70
CA TYR Y 37 13.91 18.55 -7.52
C TYR Y 37 13.03 17.82 -8.51
N MET Y 38 13.60 16.98 -9.38
CA MET Y 38 12.79 16.26 -10.36
C MET Y 38 12.07 15.07 -9.73
N MET Y 39 12.84 14.17 -9.12
CA MET Y 39 12.26 12.97 -8.52
C MET Y 39 11.83 13.19 -7.07
N THR Y 40 12.67 13.86 -6.28
CA THR Y 40 12.38 14.09 -4.87
C THR Y 40 11.43 15.27 -4.68
N LYS Y 41 11.91 16.48 -4.96
CA LYS Y 41 11.14 17.72 -4.79
C LYS Y 41 10.67 17.86 -3.34
N ASN Y 42 11.64 17.91 -2.43
CA ASN Y 42 11.36 18.04 -1.01
C ASN Y 42 12.49 18.81 -0.35
N VAL Y 43 12.17 19.51 0.74
CA VAL Y 43 13.15 20.28 1.48
C VAL Y 43 13.98 19.31 2.33
N LYS Y 44 15.13 18.91 1.82
CA LYS Y 44 16.00 17.96 2.53
C LYS Y 44 17.45 18.38 2.45
N PHE Y 45 17.94 18.63 1.24
CA PHE Y 45 19.35 18.99 1.01
C PHE Y 45 19.54 20.50 1.14
N LEU Y 46 19.22 21.02 2.33
CA LEU Y 46 19.37 22.43 2.64
C LEU Y 46 20.25 22.72 3.83
N ALA Y 47 20.73 21.68 4.54
CA ALA Y 47 21.58 21.88 5.70
C ALA Y 47 23.07 21.91 5.36
N GLY Y 48 23.41 21.99 4.08
CA GLY Y 48 24.80 22.02 3.64
C GLY Y 48 25.33 23.38 3.27
N PHE Y 49 24.56 24.45 3.48
CA PHE Y 49 24.98 25.80 3.16
C PHE Y 49 25.67 26.49 4.32
N ALA Y 50 26.11 25.73 5.33
CA ALA Y 50 26.78 26.32 6.49
C ALA Y 50 27.93 25.44 6.95
N ILE Y 51 27.92 24.17 6.53
CA ILE Y 51 28.98 23.24 6.93
C ILE Y 51 30.19 23.30 6.02
N ILE Y 52 30.19 24.19 5.03
CA ILE Y 52 31.34 24.29 4.13
C ILE Y 52 32.49 25.03 4.83
N SER Y 53 32.20 26.17 5.44
CA SER Y 53 33.23 26.93 6.15
C SER Y 53 33.60 26.31 7.48
N VAL Y 54 32.76 25.44 8.03
CA VAL Y 54 33.07 24.81 9.32
C VAL Y 54 34.04 23.66 9.14
N PHE Y 55 33.84 22.85 8.10
CA PHE Y 55 34.73 21.70 7.87
C PHE Y 55 36.12 22.14 7.45
N ILE Y 56 36.24 23.26 6.73
CA ILE Y 56 37.55 23.75 6.31
C ILE Y 56 38.29 24.42 7.46
N ALA Y 57 37.59 24.84 8.51
CA ALA Y 57 38.24 25.49 9.65
C ALA Y 57 38.67 24.51 10.73
N VAL Y 58 38.14 23.29 10.71
CA VAL Y 58 38.50 22.28 11.70
C VAL Y 58 39.49 21.31 11.08
N GLY Y 59 40.02 21.67 9.92
CA GLY Y 59 40.98 20.83 9.24
C GLY Y 59 42.26 21.56 8.86
N MET Y 60 42.12 22.79 8.39
CA MET Y 60 43.29 23.59 8.01
C MET Y 60 43.99 24.19 9.21
N ALA Y 61 43.23 24.59 10.24
CA ALA Y 61 43.80 25.19 11.43
C ALA Y 61 44.20 24.17 12.49
N VAL Y 62 44.52 22.94 12.07
CA VAL Y 62 44.92 21.91 13.03
C VAL Y 62 46.40 22.05 13.38
N VAL Y 63 47.27 22.05 12.37
CA VAL Y 63 48.71 22.18 12.59
C VAL Y 63 49.12 23.62 12.31
N GLY Y 64 48.99 24.05 11.06
CA GLY Y 64 49.35 25.40 10.69
C GLY Y 64 50.85 25.64 10.68
N LEU Y 65 51.60 24.72 10.08
CA LEU Y 65 53.06 24.81 9.99
C LEU Y 65 53.70 24.95 11.37
N GLN Z 1 79.88 -4.87 21.30
CA GLN Z 1 79.78 -3.48 20.90
C GLN Z 1 78.34 -2.98 21.04
N ASP Z 2 78.09 -1.77 20.55
CA ASP Z 2 76.77 -1.16 20.59
C ASP Z 2 76.04 -1.39 19.29
N LEU Z 3 74.92 -0.71 19.10
CA LEU Z 3 74.11 -0.83 17.90
C LEU Z 3 74.58 0.17 16.83
N MET Z 4 74.22 -0.13 15.58
CA MET Z 4 74.58 0.71 14.45
C MET Z 4 73.39 1.10 13.60
N ALA Z 5 72.16 0.80 14.03
CA ALA Z 5 70.98 1.15 13.25
C ALA Z 5 70.50 2.57 13.53
N SER Z 6 71.00 3.21 14.60
CA SER Z 6 70.58 4.56 14.92
C SER Z 6 71.78 5.47 15.11
N GLY Z 7 71.73 6.37 16.09
CA GLY Z 7 72.83 7.28 16.34
C GLY Z 7 72.91 8.47 15.42
N ASN Z 8 71.80 8.81 14.74
CA ASN Z 8 71.79 9.95 13.84
C ASN Z 8 70.57 10.82 14.09
N THR Z 9 69.52 10.24 14.67
CA THR Z 9 68.26 10.93 14.97
C THR Z 9 67.71 11.61 13.72
N THR Z 10 67.69 10.86 12.62
CA THR Z 10 67.19 11.35 11.34
C THR Z 10 65.75 10.92 11.07
N VAL Z 11 65.43 9.65 11.32
CA VAL Z 11 64.07 9.17 11.09
C VAL Z 11 63.10 9.73 12.13
N LYS Z 12 63.60 10.13 13.30
CA LYS Z 12 62.72 10.68 14.32
C LYS Z 12 62.24 12.08 13.95
N ALA Z 13 63.10 12.89 13.33
CA ALA Z 13 62.73 14.22 12.90
C ALA Z 13 61.98 14.24 11.58
N THR Z 14 61.93 13.11 10.87
CA THR Z 14 61.23 13.02 9.60
C THR Z 14 59.83 12.44 9.73
N PHE Z 15 59.68 11.35 10.49
CA PHE Z 15 58.39 10.70 10.71
C PHE Z 15 58.01 10.91 12.18
N GLY Z 16 57.49 12.09 12.47
CA GLY Z 16 57.09 12.42 13.83
C GLY Z 16 55.98 13.44 13.91
N LYS Z 17 55.76 14.02 15.09
CA LYS Z 17 54.71 15.01 15.26
C LYS Z 17 55.14 16.37 14.73
N ASP Z 18 56.35 16.80 15.08
CA ASP Z 18 56.88 18.10 14.65
C ASP Z 18 57.62 17.99 13.32
N SER Z 19 57.00 17.30 12.35
CA SER Z 19 57.60 17.13 11.05
C SER Z 19 56.60 17.46 9.94
N SER Z 20 56.70 16.75 8.81
CA SER Z 20 55.80 16.97 7.68
C SER Z 20 54.77 15.87 7.52
N VAL Z 21 54.82 14.82 8.35
CA VAL Z 21 53.86 13.73 8.21
C VAL Z 21 52.47 14.17 8.69
N VAL Z 22 52.41 15.03 9.71
CA VAL Z 22 51.13 15.47 10.24
C VAL Z 22 50.39 16.37 9.25
N LYS Z 23 51.07 16.93 8.26
CA LYS Z 23 50.43 17.79 7.29
C LYS Z 23 49.88 17.03 6.09
N TRP Z 24 50.54 15.95 5.67
CA TRP Z 24 50.07 15.16 4.54
C TRP Z 24 48.92 14.24 4.91
N VAL Z 25 48.67 14.03 6.21
CA VAL Z 25 47.57 13.15 6.63
C VAL Z 25 46.31 13.92 6.98
N VAL Z 26 46.36 15.25 7.05
CA VAL Z 26 45.17 16.04 7.37
C VAL Z 26 44.44 16.51 6.13
N LEU Z 27 45.12 16.61 4.98
CA LEU Z 27 44.49 17.04 3.74
C LEU Z 27 43.91 15.89 2.94
N ALA Z 28 44.21 14.64 3.30
CA ALA Z 28 43.66 13.51 2.57
C ALA Z 28 42.19 13.28 2.84
N GLU Z 29 41.71 13.66 4.03
CA GLU Z 29 40.30 13.49 4.36
C GLU Z 29 39.43 14.52 3.65
N VAL Z 30 39.88 15.79 3.63
CA VAL Z 30 39.11 16.84 2.97
C VAL Z 30 39.18 16.71 1.45
N LEU Z 31 40.16 15.96 0.93
CA LEU Z 31 40.27 15.81 -0.51
C LEU Z 31 39.16 14.92 -1.08
N VAL Z 32 38.66 13.97 -0.29
CA VAL Z 32 37.61 13.08 -0.75
C VAL Z 32 36.37 13.11 0.13
N GLY Z 33 36.48 13.46 1.41
CA GLY Z 33 35.33 13.50 2.28
C GLY Z 33 34.46 14.72 2.06
N ALA Z 34 35.04 15.79 1.53
CA ALA Z 34 34.32 17.02 1.28
C ALA Z 34 33.74 17.10 -0.14
N VAL Z 35 34.10 16.16 -1.01
CA VAL Z 35 33.61 16.14 -2.38
C VAL Z 35 32.74 14.93 -2.67
N MET Z 36 32.50 14.07 -1.69
CA MET Z 36 31.67 12.89 -1.87
C MET Z 36 30.18 13.18 -1.68
N TYR Z 37 29.78 14.44 -1.67
CA TYR Z 37 28.38 14.81 -1.58
C TYR Z 37 27.65 14.69 -2.92
N MET Z 38 28.32 14.21 -3.97
CA MET Z 38 27.67 14.07 -5.26
C MET Z 38 26.78 12.84 -5.31
N MET Z 39 27.37 11.66 -5.09
CA MET Z 39 26.61 10.41 -5.17
C MET Z 39 25.94 10.06 -3.84
N THR Z 40 26.66 10.22 -2.72
CA THR Z 40 26.11 9.88 -1.41
C THR Z 40 25.23 10.98 -0.86
N LYS Z 41 25.82 12.13 -0.52
CA LYS Z 41 25.11 13.27 0.06
C LYS Z 41 24.38 12.84 1.34
N ASN Z 42 25.17 12.40 2.32
CA ASN Z 42 24.65 11.96 3.60
C ASN Z 42 25.68 12.25 4.69
N VAL Z 43 25.18 12.49 5.91
CA VAL Z 43 26.06 12.74 7.05
C VAL Z 43 26.68 11.41 7.49
N LYS Z 44 27.88 11.13 7.01
CA LYS Z 44 28.56 9.87 7.32
C LYS Z 44 30.03 10.10 7.64
N PHE Z 45 30.76 10.75 6.73
CA PHE Z 45 32.19 10.98 6.90
C PHE Z 45 32.42 12.25 7.71
N LEU Z 46 31.98 12.20 8.97
CA LEU Z 46 32.14 13.31 9.90
C LEU Z 46 32.83 12.93 11.19
N ALA Z 47 33.07 11.66 11.46
CA ALA Z 47 33.72 11.22 12.68
C ALA Z 47 35.25 11.21 12.57
N GLY Z 48 35.79 11.62 11.44
CA GLY Z 48 37.23 11.64 11.23
C GLY Z 48 37.92 12.93 11.59
N PHE Z 49 37.18 13.93 12.09
CA PHE Z 49 37.75 15.21 12.45
C PHE Z 49 38.21 15.26 13.90
N ALA Z 50 38.41 14.10 14.53
CA ALA Z 50 38.86 14.06 15.91
C ALA Z 50 39.83 12.90 16.13
N ILE Z 51 39.81 11.92 15.22
CA ILE Z 51 40.70 10.77 15.34
C ILE Z 51 42.08 11.00 14.74
N ILE Z 52 42.35 12.21 14.25
CA ILE Z 52 43.65 12.49 13.67
C ILE Z 52 44.69 12.71 14.77
N SER Z 53 44.36 13.55 15.76
CA SER Z 53 45.28 13.82 16.86
C SER Z 53 45.34 12.66 17.85
N VAL Z 54 44.35 11.77 17.84
CA VAL Z 54 44.33 10.64 18.76
C VAL Z 54 45.23 9.51 18.26
N PHE Z 55 45.16 9.20 16.96
CA PHE Z 55 45.98 8.12 16.41
C PHE Z 55 47.45 8.47 16.40
N ILE Z 56 47.78 9.76 16.24
CA ILE Z 56 49.19 10.16 16.24
C ILE Z 56 49.77 10.21 17.65
N ALA Z 57 48.93 10.26 18.67
CA ALA Z 57 49.42 10.30 20.05
C ALA Z 57 49.56 8.92 20.67
N VAL Z 58 48.92 7.90 20.09
CA VAL Z 58 49.00 6.54 20.59
C VAL Z 58 49.99 5.75 19.75
N GLY Z 59 50.74 6.46 18.90
CA GLY Z 59 51.72 5.81 18.05
C GLY Z 59 53.10 6.42 18.17
N MET Z 60 53.17 7.74 18.32
CA MET Z 60 54.46 8.41 18.44
C MET Z 60 55.00 8.35 19.87
N ALA Z 61 54.12 8.43 20.86
CA ALA Z 61 54.51 8.39 22.27
C ALA Z 61 54.60 6.97 22.82
N VAL Z 62 54.89 5.99 21.97
CA VAL Z 62 55.00 4.61 22.44
C VAL Z 62 56.38 4.36 23.04
N VAL Z 63 57.43 4.64 22.29
CA VAL Z 63 58.80 4.44 22.76
C VAL Z 63 59.38 5.77 23.19
N GLY Z 64 59.54 6.68 22.24
CA GLY Z 64 60.08 8.00 22.54
C GLY Z 64 61.56 7.98 22.85
N LEU Z 65 62.34 7.31 22.00
CA LEU Z 65 63.79 7.19 22.17
C LEU Z 65 64.16 6.62 23.54
N GLN AA 1 85.63 -28.26 22.85
CA GLN AA 1 85.69 -26.82 23.10
C GLN AA 1 84.30 -26.21 23.21
N ASP AA 2 84.24 -24.89 23.30
CA ASP AA 2 82.99 -24.17 23.42
C ASP AA 2 82.53 -23.71 22.04
N LEU AA 3 81.50 -22.86 22.02
CA LEU AA 3 80.96 -22.33 20.78
C LEU AA 3 81.70 -21.06 20.37
N MET AA 4 81.58 -20.73 19.08
CA MET AA 4 82.22 -19.55 18.51
C MET AA 4 81.25 -18.63 17.80
N ALA AA 5 79.96 -18.93 17.81
CA ALA AA 5 78.99 -18.09 17.12
C ALA AA 5 78.57 -16.88 17.95
N SER AA 6 78.87 -16.87 19.24
CA SER AA 6 78.51 -15.75 20.10
C SER AA 6 79.73 -15.18 20.80
N GLY AA 7 79.61 -14.88 22.09
CA GLY AA 7 80.73 -14.33 22.84
C GLY AA 7 81.00 -12.87 22.60
N ASN AA 8 80.05 -12.13 22.03
CA ASN AA 8 80.24 -10.71 21.74
C ASN AA 8 79.09 -9.83 22.17
N THR AA 9 77.88 -10.37 22.31
CA THR AA 9 76.69 -9.60 22.70
C THR AA 9 76.48 -8.42 21.76
N THR AA 10 76.57 -8.67 20.46
CA THR AA 10 76.40 -7.65 19.43
C THR AA 10 75.02 -7.69 18.80
N VAL AA 11 74.53 -8.87 18.44
CA VAL AA 11 73.21 -9.00 17.85
C VAL AA 11 72.10 -8.75 18.87
N LYS AA 12 72.39 -8.95 20.16
CA LYS AA 12 71.39 -8.73 21.19
C LYS AA 12 71.11 -7.24 21.39
N ALA AA 13 72.15 -6.41 21.31
CA ALA AA 13 72.00 -4.97 21.47
C ALA AA 13 71.51 -4.29 20.19
N THR AA 14 71.50 -4.99 19.06
CA THR AA 14 71.03 -4.45 17.79
C THR AA 14 69.60 -4.83 17.48
N PHE AA 15 69.24 -6.09 17.66
CA PHE AA 15 67.89 -6.59 17.41
C PHE AA 15 67.27 -6.98 18.75
N GLY AA 16 66.79 -5.98 19.47
CA GLY AA 16 66.18 -6.21 20.75
C GLY AA 16 65.16 -5.15 21.09
N LYS AA 17 64.75 -5.12 22.36
CA LYS AA 17 63.75 -4.15 22.80
C LYS AA 17 64.38 -2.78 23.01
N ASP AA 18 65.52 -2.72 23.68
CA ASP AA 18 66.21 -1.46 23.96
C ASP AA 18 67.19 -1.10 22.83
N SER AA 19 66.71 -1.18 21.59
CA SER AA 19 67.54 -0.87 20.43
C SER AA 19 66.80 0.06 19.48
N SER AA 20 67.04 -0.10 18.18
CA SER AA 20 66.40 0.72 17.15
C SER AA 20 65.35 -0.03 16.36
N VAL AA 21 65.16 -1.32 16.64
CA VAL AA 21 64.16 -2.09 15.90
C VAL AA 21 62.74 -1.68 16.29
N VAL AA 22 62.54 -1.32 17.56
CA VAL AA 22 61.20 -0.96 18.02
C VAL AA 22 60.75 0.38 17.46
N LYS AA 23 61.67 1.20 16.95
CA LYS AA 23 61.30 2.48 16.38
C LYS AA 23 60.93 2.39 14.90
N TRP AA 24 61.60 1.52 14.14
CA TRP AA 24 61.30 1.37 12.71
C TRP AA 24 60.02 0.58 12.46
N VAL AA 25 59.49 -0.11 13.47
CA VAL AA 25 58.27 -0.89 13.31
C VAL AA 25 57.03 -0.17 13.84
N VAL AA 26 57.20 0.92 14.60
CA VAL AA 26 56.06 1.64 15.14
C VAL AA 26 55.54 2.71 14.19
N LEU AA 27 56.38 3.20 13.27
CA LEU AA 27 55.97 4.21 12.30
C LEU AA 27 55.51 3.61 10.98
N ALA AA 28 55.63 2.30 10.80
CA ALA AA 28 55.18 1.68 9.55
C ALA AA 28 53.67 1.58 9.45
N GLU AA 29 52.97 1.55 10.59
CA GLU AA 29 51.52 1.47 10.56
C GLU AA 29 50.88 2.82 10.23
N VAL AA 30 51.40 3.89 10.82
CA VAL AA 30 50.85 5.22 10.54
C VAL AA 30 51.22 5.70 9.14
N LEU AA 31 52.24 5.09 8.53
CA LEU AA 31 52.63 5.49 7.18
C LEU AA 31 51.61 5.03 6.15
N VAL AA 32 50.92 3.92 6.41
CA VAL AA 32 49.95 3.39 5.46
C VAL AA 32 48.54 3.31 6.04
N GLY AA 33 48.38 3.24 7.36
CA GLY AA 33 47.05 3.15 7.95
C GLY AA 33 46.35 4.49 8.07
N ALA AA 34 47.13 5.56 8.20
CA ALA AA 34 46.59 6.91 8.33
C ALA AA 34 46.39 7.60 7.00
N VAL AA 35 46.76 6.95 5.89
CA VAL AA 35 46.59 7.54 4.56
C VAL AA 35 45.65 6.74 3.67
N MET AA 36 45.17 5.59 4.11
CA MET AA 36 44.26 4.78 3.33
C MET AA 36 42.80 5.21 3.45
N TYR AA 37 42.55 6.38 4.03
CA TYR AA 37 41.20 6.93 4.11
C TYR AA 37 40.76 7.60 2.82
N MET AA 38 41.61 7.63 1.80
CA MET AA 38 41.24 8.29 0.54
C MET AA 38 40.35 7.41 -0.31
N MET AA 39 40.64 6.11 -0.37
CA MET AA 39 39.88 5.17 -1.20
C MET AA 39 38.88 4.35 -0.38
N THR AA 40 39.32 3.81 0.76
CA THR AA 40 38.45 2.97 1.57
C THR AA 40 37.59 3.82 2.51
N LYS AA 41 38.25 4.54 3.44
CA LYS AA 41 37.56 5.36 4.44
C LYS AA 41 36.57 4.52 5.26
N ASN AA 42 37.13 3.60 6.03
CA ASN AA 42 36.33 2.72 6.87
C ASN AA 42 37.13 2.37 8.12
N VAL AA 43 36.42 1.96 9.17
CA VAL AA 43 37.04 1.55 10.42
C VAL AA 43 37.48 0.09 10.25
N LYS AA 44 38.72 -0.11 9.83
CA LYS AA 44 39.23 -1.46 9.57
C LYS AA 44 40.62 -1.64 10.15
N PHE AA 45 41.54 -0.75 9.79
CA PHE AA 45 42.94 -0.85 10.25
C PHE AA 45 43.11 -0.10 11.56
N LEU AA 46 42.40 -0.59 12.58
CA LEU AA 46 42.46 -0.01 13.92
C LEU AA 46 42.84 -1.00 15.00
N ALA AA 47 43.06 -2.27 14.66
CA ALA AA 47 43.43 -3.29 15.64
C ALA AA 47 44.94 -3.49 15.76
N GLY AA 48 45.73 -2.54 15.28
CA GLY AA 48 47.17 -2.62 15.34
C GLY AA 48 47.84 -1.73 16.36
N PHE AA 49 47.07 -0.98 17.14
CA PHE AA 49 47.61 -0.09 18.15
C PHE AA 49 47.81 -0.76 19.50
N ALA AA 50 47.85 -2.09 19.53
CA ALA AA 50 48.03 -2.82 20.79
C ALA AA 50 48.85 -4.08 20.56
N ILE AA 51 48.91 -4.56 19.32
CA ILE AA 51 49.66 -5.76 19.00
C ILE AA 51 51.15 -5.49 18.79
N ILE AA 52 51.58 -4.23 18.87
CA ILE AA 52 52.98 -3.92 18.67
C ILE AA 52 53.80 -4.32 19.89
N SER AA 53 53.34 -3.94 21.09
CA SER AA 53 54.05 -4.29 22.31
C SER AA 53 53.88 -5.75 22.68
N VAL AA 54 52.85 -6.42 22.14
CA VAL AA 54 52.63 -7.83 22.44
C VAL AA 54 53.52 -8.74 21.61
N PHE AA 55 53.66 -8.43 20.31
CA PHE AA 55 54.49 -9.26 19.44
C PHE AA 55 55.97 -9.15 19.80
N ILE AA 56 56.39 -7.99 20.30
CA ILE AA 56 57.79 -7.82 20.66
C ILE AA 56 58.12 -8.48 21.99
N ALA AA 57 57.11 -8.77 22.82
CA ALA AA 57 57.34 -9.40 24.11
C ALA AA 57 57.29 -10.93 24.04
N VAL AA 58 56.56 -11.48 23.07
CA VAL AA 58 56.45 -12.93 22.92
C VAL AA 58 57.54 -13.51 22.04
N GLY AA 59 58.51 -12.70 21.61
CA GLY AA 59 59.58 -13.19 20.77
C GLY AA 59 60.96 -12.90 21.34
N MET AA 60 61.10 -11.78 22.04
CA MET AA 60 62.38 -11.43 22.63
C MET AA 60 62.62 -12.15 23.95
N ALA AA 61 61.57 -12.38 24.75
CA ALA AA 61 61.68 -13.04 26.04
C ALA AA 61 61.57 -14.55 25.92
N VAL AA 62 61.89 -15.13 24.77
CA VAL AA 62 61.81 -16.57 24.60
C VAL AA 62 63.05 -17.25 25.19
N VAL AA 63 64.24 -16.85 24.74
CA VAL AA 63 65.48 -17.42 25.24
C VAL AA 63 66.05 -16.51 26.31
N GLY AA 64 66.44 -15.30 25.93
CA GLY AA 64 67.00 -14.34 26.86
C GLY AA 64 68.39 -14.70 27.33
N LEU AA 65 69.25 -15.06 26.39
CA LEU AA 65 70.64 -15.44 26.67
C LEU AA 65 70.72 -16.59 27.68
N GLN BA 1 89.41 -50.55 14.35
CA GLN BA 1 89.50 -49.38 15.22
C GLN BA 1 88.14 -48.71 15.38
N ASP BA 2 88.14 -47.56 16.03
CA ASP BA 2 86.92 -46.79 16.26
C ASP BA 2 86.77 -45.73 15.18
N LEU BA 3 85.97 -44.70 15.46
CA LEU BA 3 85.74 -43.61 14.52
C LEU BA 3 86.63 -42.41 14.85
N MET BA 4 86.81 -41.56 13.85
CA MET BA 4 87.64 -40.36 14.00
C MET BA 4 86.89 -39.08 13.65
N ALA BA 5 85.59 -39.16 13.37
CA ALA BA 5 84.80 -38.00 13.01
C ALA BA 5 84.27 -37.24 14.21
N SER BA 6 84.35 -37.81 15.41
CA SER BA 6 83.86 -37.16 16.62
C SER BA 6 84.92 -37.14 17.71
N GLY BA 7 84.50 -37.31 18.96
CA GLY BA 7 85.43 -37.32 20.07
C GLY BA 7 85.92 -35.96 20.50
N ASN BA 8 85.20 -34.90 20.15
CA ASN BA 8 85.62 -33.55 20.54
C ASN BA 8 84.46 -32.77 21.15
N THR BA 9 83.23 -33.19 20.83
CA THR BA 9 82.02 -32.53 21.32
C THR BA 9 82.03 -31.04 21.01
N THR BA 10 82.40 -30.71 19.78
CA THR BA 10 82.47 -29.33 19.31
C THR BA 10 81.22 -28.89 18.56
N VAL BA 11 80.76 -29.71 17.62
CA VAL BA 11 79.57 -29.36 16.85
C VAL BA 11 78.30 -29.46 17.70
N LYS BA 12 78.34 -30.24 18.79
CA LYS BA 12 77.16 -30.35 19.65
C LYS BA 12 76.95 -29.08 20.46
N ALA BA 13 78.03 -28.45 20.92
CA ALA BA 13 77.94 -27.22 21.68
C ALA BA 13 77.74 -25.99 20.80
N THR BA 14 77.90 -26.12 19.47
CA THR BA 14 77.73 -25.02 18.55
C THR BA 14 76.33 -25.01 17.92
N PHE BA 15 75.87 -26.16 17.44
CA PHE BA 15 74.56 -26.29 16.82
C PHE BA 15 73.67 -27.11 17.75
N GLY BA 16 73.11 -26.45 18.76
CA GLY BA 16 72.26 -27.12 19.71
C GLY BA 16 71.28 -26.15 20.34
N LYS BA 17 70.64 -26.62 21.42
CA LYS BA 17 69.65 -25.80 22.11
C LYS BA 17 70.34 -24.75 22.99
N ASP BA 18 71.32 -25.17 23.78
CA ASP BA 18 72.04 -24.27 24.68
C ASP BA 18 73.23 -23.61 23.99
N SER BA 19 73.00 -23.08 22.79
CA SER BA 19 74.04 -22.44 22.02
C SER BA 19 73.58 -21.09 21.49
N SER BA 20 74.06 -20.71 20.30
CA SER BA 20 73.68 -19.45 19.68
C SER BA 20 72.75 -19.62 18.49
N VAL BA 21 72.43 -20.85 18.12
CA VAL BA 21 71.54 -21.07 16.98
C VAL BA 21 70.11 -20.67 17.32
N VAL BA 22 69.68 -20.88 18.57
CA VAL BA 22 68.31 -20.56 18.96
C VAL BA 22 68.07 -19.06 19.00
N LYS BA 23 69.13 -18.24 19.03
CA LYS BA 23 68.96 -16.80 19.05
C LYS BA 23 68.89 -16.18 17.66
N TRP BA 24 69.61 -16.75 16.69
CA TRP BA 24 69.58 -16.22 15.33
C TRP BA 24 68.32 -16.62 14.59
N VAL BA 25 67.56 -17.59 15.10
CA VAL BA 25 66.33 -18.03 14.44
C VAL BA 25 65.08 -17.45 15.09
N VAL BA 26 65.20 -16.75 16.21
CA VAL BA 26 64.03 -16.17 16.87
C VAL BA 26 63.79 -14.72 16.47
N LEU BA 27 64.81 -14.01 16.00
CA LEU BA 27 64.66 -12.63 15.57
C LEU BA 27 64.42 -12.50 14.07
N ALA BA 28 64.64 -13.56 13.30
CA ALA BA 28 64.41 -13.50 11.86
C ALA BA 28 62.93 -13.45 11.51
N GLU BA 29 62.04 -13.89 12.40
CA GLU BA 29 60.62 -13.84 12.12
C GLU BA 29 60.07 -12.42 12.29
N VAL BA 30 60.43 -11.74 13.38
CA VAL BA 30 59.95 -10.39 13.59
C VAL BA 30 60.63 -9.40 12.66
N LEU BA 31 61.75 -9.78 12.04
CA LEU BA 31 62.44 -8.88 11.13
C LEU BA 31 61.63 -8.65 9.86
N VAL BA 32 60.83 -9.63 9.44
CA VAL BA 32 60.02 -9.50 8.23
C VAL BA 32 58.54 -9.59 8.61
N GLY BA 33 58.26 -10.00 9.85
CA GLY BA 33 56.88 -10.11 10.28
C GLY BA 33 56.29 -8.82 10.78
N ALA BA 34 57.09 -7.98 11.44
CA ALA BA 34 56.61 -6.70 11.97
C ALA BA 34 56.68 -5.57 10.94
N VAL BA 35 57.18 -5.84 9.74
CA VAL BA 35 57.30 -4.83 8.70
C VAL BA 35 56.45 -5.13 7.47
N MET BA 36 55.80 -6.28 7.42
CA MET BA 36 54.96 -6.64 6.28
C MET BA 36 53.55 -6.08 6.36
N TYR BA 37 53.29 -5.19 7.33
CA TYR BA 37 52.01 -4.52 7.42
C TYR BA 37 51.89 -3.33 6.48
N MET BA 38 52.90 -3.08 5.65
CA MET BA 38 52.86 -1.94 4.73
C MET BA 38 52.00 -2.26 3.51
N MET BA 39 52.34 -3.32 2.77
CA MET BA 39 51.61 -3.68 1.57
C MET BA 39 50.45 -4.61 1.86
N THR BA 40 50.67 -5.63 2.68
CA THR BA 40 49.61 -6.61 2.97
C THR BA 40 48.65 -6.08 4.03
N LYS BA 41 49.14 -5.89 5.25
CA LYS BA 41 48.34 -5.43 6.39
C LYS BA 41 47.16 -6.38 6.62
N ASN BA 42 47.49 -7.60 7.03
CA ASN BA 42 46.50 -8.63 7.30
C ASN BA 42 47.02 -9.54 8.40
N VAL BA 43 46.10 -10.26 9.03
CA VAL BA 43 46.45 -11.22 10.09
C VAL BA 43 46.74 -12.55 9.39
N LYS BA 44 48.01 -12.80 9.09
CA LYS BA 44 48.40 -14.02 8.39
C LYS BA 44 49.65 -14.63 9.01
N PHE BA 45 50.71 -13.84 9.15
CA PHE BA 45 51.98 -14.32 9.69
C PHE BA 45 51.98 -14.26 11.21
N LEU BA 46 51.06 -15.03 11.81
CA LEU BA 46 50.93 -15.10 13.25
C LEU BA 46 51.02 -16.53 13.79
N ALA BA 47 51.10 -17.53 12.92
CA ALA BA 47 51.18 -18.92 13.35
C ALA BA 47 52.60 -19.39 13.61
N GLY BA 48 53.57 -18.48 13.62
CA GLY BA 48 54.96 -18.84 13.85
C GLY BA 48 55.48 -18.53 15.24
N PHE BA 49 54.63 -18.06 16.15
CA PHE BA 49 55.04 -17.72 17.50
C PHE BA 49 54.91 -18.91 18.46
N ALA BA 50 54.90 -20.14 17.93
CA ALA BA 50 54.79 -21.33 18.77
C ALA BA 50 55.52 -22.51 18.14
N ILE BA 51 55.76 -22.42 16.83
CA ILE BA 51 56.45 -23.50 16.13
C ILE BA 51 57.96 -23.41 16.22
N ILE BA 52 58.49 -22.37 16.88
CA ILE BA 52 59.94 -22.23 17.02
C ILE BA 52 60.47 -23.23 18.04
N SER BA 53 59.81 -23.32 19.19
CA SER BA 53 60.24 -24.26 20.23
C SER BA 53 59.86 -25.70 19.90
N VAL BA 54 58.93 -25.91 18.98
CA VAL BA 54 58.53 -27.27 18.63
C VAL BA 54 59.50 -27.87 17.61
N PHE BA 55 59.89 -27.08 16.61
CA PHE BA 55 60.81 -27.59 15.59
C PHE BA 55 62.20 -27.84 16.16
N ILE BA 56 62.61 -27.07 17.16
CA ILE BA 56 63.93 -27.27 17.76
C ILE BA 56 63.95 -28.46 18.71
N ALA BA 57 62.78 -28.93 19.17
CA ALA BA 57 62.72 -30.06 20.08
C ALA BA 57 62.59 -31.39 19.36
N VAL BA 58 61.95 -31.41 18.18
CA VAL BA 58 61.79 -32.63 17.42
C VAL BA 58 62.96 -32.92 16.50
N GLY BA 59 64.01 -32.09 16.53
CA GLY BA 59 65.17 -32.31 15.68
C GLY BA 59 66.45 -32.49 16.46
N MET BA 60 66.52 -31.87 17.64
CA MET BA 60 67.73 -31.98 18.47
C MET BA 60 67.71 -33.25 19.32
N ALA BA 61 66.54 -33.68 19.79
CA ALA BA 61 66.42 -34.86 20.63
C ALA BA 61 66.22 -36.14 19.81
N VAL BA 62 66.70 -36.16 18.56
CA VAL BA 62 66.56 -37.35 17.73
C VAL BA 62 67.61 -38.40 18.12
N VAL BA 63 68.88 -38.01 18.09
CA VAL BA 63 69.97 -38.93 18.44
C VAL BA 63 70.38 -38.68 19.88
N GLY BA 64 70.93 -37.49 20.15
CA GLY BA 64 71.37 -37.15 21.48
C GLY BA 64 72.62 -37.89 21.92
N LEU BA 65 73.64 -37.89 21.06
CA LEU BA 65 74.90 -38.56 21.33
C LEU BA 65 74.71 -40.04 21.65
N GLN CA 1 92.96 -67.32 -2.98
CA GLN CA 1 92.98 -66.69 -1.67
C GLN CA 1 91.66 -65.99 -1.38
N ASP CA 2 91.64 -65.22 -0.30
CA ASP CA 2 90.46 -64.48 0.11
C ASP CA 2 90.57 -63.03 -0.36
N LEU CA 3 89.71 -62.16 0.17
CA LEU CA 3 89.70 -60.76 -0.18
C LEU CA 3 90.62 -59.97 0.74
N MET CA 4 91.02 -58.79 0.27
CA MET CA 4 91.91 -57.92 1.03
C MET CA 4 91.37 -56.50 1.17
N ALA CA 5 90.15 -56.23 0.73
CA ALA CA 5 89.58 -54.89 0.83
C ALA CA 5 88.89 -54.64 2.17
N SER CA 6 88.74 -55.67 3.01
CA SER CA 6 88.10 -55.50 4.30
C SER CA 6 88.96 -56.10 5.42
N GLY CA 7 88.32 -56.69 6.43
CA GLY CA 7 89.04 -57.29 7.53
C GLY CA 7 89.54 -56.32 8.58
N ASN CA 8 89.07 -55.07 8.56
CA ASN CA 8 89.50 -54.07 9.53
C ASN CA 8 88.35 -53.43 10.29
N THR CA 9 87.12 -53.48 9.79
CA THR CA 9 85.95 -52.89 10.43
C THR CA 9 86.19 -51.41 10.74
N THR CA 10 86.70 -50.69 9.74
CA THR CA 10 86.99 -49.27 9.87
C THR CA 10 85.90 -48.40 9.27
N VAL CA 11 85.46 -48.70 8.04
CA VAL CA 11 84.41 -47.91 7.41
C VAL CA 11 83.05 -48.21 8.02
N LYS CA 12 82.88 -49.36 8.66
CA LYS CA 12 81.60 -49.69 9.27
C LYS CA 12 81.37 -48.87 10.54
N ALA CA 13 82.41 -48.69 11.35
CA ALA CA 13 82.30 -47.91 12.57
C ALA CA 13 82.32 -46.40 12.33
N THR CA 14 82.69 -45.97 11.12
CA THR CA 14 82.73 -44.55 10.78
C THR CA 14 81.46 -44.09 10.06
N PHE CA 15 81.00 -44.85 9.07
CA PHE CA 15 79.79 -44.53 8.30
C PHE CA 15 78.72 -45.55 8.68
N GLY CA 16 78.03 -45.30 9.78
CA GLY CA 16 76.98 -46.19 10.23
C GLY CA 16 75.98 -45.46 11.09
N LYS CA 17 75.15 -46.25 11.77
CA LYS CA 17 74.12 -45.68 12.64
C LYS CA 17 74.72 -45.22 13.97
N ASP CA 18 75.53 -46.07 14.59
CA ASP CA 18 76.15 -45.75 15.88
C ASP CA 18 77.49 -45.04 15.69
N SER CA 19 77.50 -44.01 14.85
CA SER CA 19 78.72 -43.25 14.59
C SER CA 19 78.44 -41.75 14.65
N SER CA 20 79.14 -40.98 13.82
CA SER CA 20 78.97 -39.53 13.79
C SER CA 20 78.23 -39.04 12.55
N VAL CA 21 77.86 -39.94 11.62
CA VAL CA 21 77.17 -39.50 10.42
C VAL CA 21 75.74 -39.08 10.74
N VAL CA 22 75.09 -39.75 11.71
CA VAL CA 22 73.72 -39.42 12.04
C VAL CA 22 73.59 -38.06 12.71
N LYS CA 23 74.69 -37.52 13.24
CA LYS CA 23 74.64 -36.21 13.89
C LYS CA 23 74.86 -35.06 12.93
N TRP CA 24 75.54 -35.29 11.80
CA TRP CA 24 75.76 -34.22 10.84
C TRP CA 24 74.60 -34.08 9.86
N VAL CA 25 73.82 -35.14 9.65
CA VAL CA 25 72.70 -35.09 8.73
C VAL CA 25 71.40 -34.66 9.40
N VAL CA 26 71.43 -34.37 10.70
CA VAL CA 26 70.23 -33.96 11.41
C VAL CA 26 70.16 -32.44 11.60
N LEU CA 27 71.29 -31.75 11.58
CA LEU CA 27 71.34 -30.31 11.74
C LEU CA 27 71.39 -29.56 10.41
N ALA CA 28 71.61 -30.27 9.30
CA ALA CA 28 71.66 -29.62 8.00
C ALA CA 28 70.31 -29.11 7.54
N GLU CA 29 69.22 -29.73 8.01
CA GLU CA 29 67.89 -29.29 7.63
C GLU CA 29 67.48 -28.03 8.37
N VAL CA 30 67.67 -27.99 9.68
CA VAL CA 30 67.29 -26.83 10.47
C VAL CA 30 68.21 -25.65 10.21
N LEU CA 31 69.38 -25.88 9.60
CA LEU CA 31 70.32 -24.80 9.34
C LEU CA 31 69.78 -23.85 8.26
N VAL CA 32 68.99 -24.37 7.33
CA VAL CA 32 68.43 -23.54 6.26
C VAL CA 32 66.91 -23.60 6.30
N GLY CA 33 66.37 -24.54 7.09
CA GLY CA 33 64.93 -24.66 7.18
C GLY CA 33 64.28 -23.72 8.16
N ALA CA 34 64.98 -23.37 9.24
CA ALA CA 34 64.44 -22.47 10.25
C ALA CA 34 64.78 -21.01 9.99
N VAL CA 35 65.55 -20.71 8.93
CA VAL CA 35 65.93 -19.35 8.60
C VAL CA 35 65.39 -18.91 7.25
N MET CA 36 64.67 -19.78 6.55
CA MET CA 36 64.11 -19.43 5.24
C MET CA 36 62.74 -18.75 5.36
N TYR CA 37 62.34 -18.32 6.56
CA TYR CA 37 61.12 -17.57 6.75
C TYR CA 37 61.23 -16.11 6.33
N MET CA 38 62.39 -15.68 5.83
CA MET CA 38 62.56 -14.30 5.43
C MET CA 38 61.89 -14.02 4.09
N MET CA 39 62.25 -14.77 3.06
CA MET CA 39 61.71 -14.57 1.72
C MET CA 39 60.47 -15.42 1.47
N THR CA 40 60.52 -16.70 1.84
CA THR CA 40 59.38 -17.61 1.60
C THR CA 40 58.28 -17.38 2.62
N LYS CA 41 58.53 -17.78 3.87
CA LYS CA 41 57.55 -17.69 4.96
C LYS CA 41 56.27 -18.44 4.60
N ASN CA 42 56.42 -19.76 4.51
CA ASN CA 42 55.31 -20.64 4.17
C ASN CA 42 55.51 -21.98 4.86
N VAL CA 43 54.45 -22.78 4.89
CA VAL CA 43 54.49 -24.12 5.47
C VAL CA 43 54.83 -25.08 4.34
N LYS CA 44 56.13 -25.36 4.19
CA LYS CA 44 56.59 -26.24 3.12
C LYS CA 44 57.63 -27.23 3.63
N PHE CA 45 58.73 -26.73 4.19
CA PHE CA 45 59.82 -27.58 4.66
C PHE CA 45 59.49 -28.12 6.05
N LEU CA 46 58.49 -29.01 6.08
CA LEU CA 46 58.05 -29.65 7.31
C LEU CA 46 57.98 -31.17 7.23
N ALA CA 47 58.09 -31.76 6.04
CA ALA CA 47 58.03 -33.21 5.89
C ALA CA 47 59.37 -33.88 6.08
N GLY CA 48 60.43 -33.12 6.33
CA GLY CA 48 61.76 -33.69 6.53
C GLY CA 48 62.09 -34.10 7.95
N PHE CA 49 61.18 -33.89 8.89
CA PHE CA 49 61.40 -34.26 10.29
C PHE CA 49 61.00 -35.70 10.58
N ALA CA 50 60.94 -36.56 9.57
CA ALA CA 50 60.57 -37.94 9.77
C ALA CA 50 61.29 -38.85 8.78
N ILE CA 51 61.81 -38.27 7.69
CA ILE CA 51 62.52 -39.05 6.69
C ILE CA 51 63.99 -39.25 7.02
N ILE CA 52 64.46 -38.71 8.16
CA ILE CA 52 65.86 -38.87 8.53
C ILE CA 52 66.11 -40.29 9.06
N SER CA 53 65.24 -40.75 9.97
CA SER CA 53 65.40 -42.08 10.52
C SER CA 53 64.95 -43.17 9.55
N VAL CA 54 64.18 -42.83 8.53
CA VAL CA 54 63.71 -43.81 7.56
C VAL CA 54 64.77 -44.08 6.50
N PHE CA 55 65.40 -43.03 5.97
CA PHE CA 55 66.41 -43.20 4.93
C PHE CA 55 67.66 -43.88 5.48
N ILE CA 56 67.99 -43.67 6.76
CA ILE CA 56 69.15 -44.30 7.35
C ILE CA 56 68.92 -45.77 7.68
N ALA CA 57 67.66 -46.19 7.75
CA ALA CA 57 67.34 -47.58 8.06
C ALA CA 57 67.16 -48.44 6.82
N VAL CA 58 66.93 -47.82 5.66
CA VAL CA 58 66.75 -48.56 4.41
C VAL CA 58 68.05 -48.51 3.62
N GLY CA 59 69.11 -48.01 4.25
CA GLY CA 59 70.40 -47.92 3.59
C GLY CA 59 71.50 -48.63 4.34
N MET CA 60 71.44 -48.60 5.68
CA MET CA 60 72.45 -49.26 6.49
C MET CA 60 72.17 -50.74 6.67
N ALA CA 61 70.89 -51.12 6.79
CA ALA CA 61 70.51 -52.51 6.97
C ALA CA 61 70.34 -53.26 5.66
N VAL CA 62 71.05 -52.85 4.61
CA VAL CA 62 70.93 -53.54 3.32
C VAL CA 62 71.78 -54.79 3.31
N VAL CA 63 73.07 -54.68 3.62
CA VAL CA 63 73.97 -55.82 3.64
C VAL CA 63 74.18 -56.27 5.09
N GLY CA 64 74.78 -55.41 5.89
CA GLY CA 64 75.02 -55.73 7.29
C GLY CA 64 76.11 -56.75 7.48
N LEU CA 65 77.27 -56.52 6.85
CA LEU CA 65 78.41 -57.42 6.94
C LEU CA 65 78.06 -58.85 6.52
N GLN DA 1 97.75 -75.04 -25.32
CA GLN DA 1 97.61 -75.01 -23.87
C GLN DA 1 96.41 -74.19 -23.45
N ASP DA 2 96.13 -74.17 -22.14
CA ASP DA 2 95.00 -73.43 -21.60
C ASP DA 2 95.40 -71.98 -21.34
N LEU DA 3 94.46 -71.20 -20.82
CA LEU DA 3 94.72 -69.80 -20.51
C LEU DA 3 95.47 -69.67 -19.20
N MET DA 4 96.08 -68.50 -19.00
CA MET DA 4 96.84 -68.21 -17.79
C MET DA 4 96.33 -66.96 -17.07
N ALA DA 5 95.25 -66.34 -17.56
CA ALA DA 5 94.71 -65.16 -16.92
C ALA DA 5 93.87 -65.49 -15.69
N SER DA 6 93.36 -66.71 -15.59
CA SER DA 6 92.55 -67.10 -14.44
C SER DA 6 93.20 -68.26 -13.69
N GLY DA 7 92.39 -69.08 -13.03
CA GLY DA 7 92.88 -70.21 -12.28
C GLY DA 7 93.30 -69.90 -10.86
N ASN DA 8 93.07 -68.68 -10.37
CA ASN DA 8 93.43 -68.31 -9.02
C ASN DA 8 92.26 -67.85 -8.16
N THR DA 9 91.13 -67.50 -8.77
CA THR DA 9 89.93 -67.04 -8.05
C THR DA 9 90.27 -65.85 -7.15
N THR DA 10 90.98 -64.88 -7.72
CA THR DA 10 91.39 -63.67 -6.99
C THR DA 10 90.49 -62.49 -7.29
N VAL DA 11 90.24 -62.21 -8.57
CA VAL DA 11 89.38 -61.09 -8.93
C VAL DA 11 87.92 -61.38 -8.62
N LYS DA 12 87.52 -62.65 -8.56
CA LYS DA 12 86.14 -62.99 -8.25
C LYS DA 12 85.84 -62.83 -6.77
N ALA DA 13 86.78 -63.23 -5.90
CA ALA DA 13 86.57 -63.09 -4.46
C ALA DA 13 86.75 -61.65 -3.99
N THR DA 14 87.43 -60.81 -4.77
CA THR DA 14 87.63 -59.42 -4.40
C THR DA 14 86.52 -58.52 -4.92
N PHE DA 15 86.15 -58.67 -6.19
CA PHE DA 15 85.09 -57.89 -6.82
C PHE DA 15 83.91 -58.82 -7.07
N GLY DA 16 83.06 -58.97 -6.06
CA GLY DA 16 81.91 -59.83 -6.16
C GLY DA 16 80.82 -59.40 -5.21
N LYS DA 17 79.81 -60.26 -5.09
CA LYS DA 17 78.68 -59.98 -4.20
C LYS DA 17 79.03 -60.24 -2.74
N ASP DA 18 79.70 -61.36 -2.47
CA ASP DA 18 80.09 -61.74 -1.11
C ASP DA 18 81.48 -61.21 -0.77
N SER DA 19 81.74 -59.95 -1.11
CA SER DA 19 83.04 -59.34 -0.83
C SER DA 19 82.85 -58.01 -0.11
N SER DA 20 83.77 -57.07 -0.35
CA SER DA 20 83.72 -55.76 0.28
C SER DA 20 83.27 -54.66 -0.68
N VAL DA 21 83.01 -55.00 -1.95
CA VAL DA 21 82.59 -53.98 -2.90
C VAL DA 21 81.18 -53.51 -2.61
N VAL DA 22 80.30 -54.40 -2.16
CA VAL DA 22 78.91 -54.04 -1.89
C VAL DA 22 78.78 -53.13 -0.68
N LYS DA 23 79.81 -53.06 0.18
CA LYS DA 23 79.75 -52.20 1.35
C LYS DA 23 80.22 -50.79 1.06
N TRP DA 24 81.21 -50.64 0.17
CA TRP DA 24 81.71 -49.31 -0.18
C TRP DA 24 80.78 -48.56 -1.12
N VAL DA 25 79.81 -49.23 -1.74
CA VAL DA 25 78.87 -48.58 -2.64
C VAL DA 25 77.50 -48.35 -2.01
N VAL DA 26 77.22 -48.97 -0.86
CA VAL DA 26 75.92 -48.77 -0.22
C VAL DA 26 75.89 -47.52 0.63
N LEU DA 27 77.05 -47.03 1.08
CA LEU DA 27 77.12 -45.82 1.89
C LEU DA 27 77.54 -44.60 1.08
N ALA DA 28 77.79 -44.75 -0.21
CA ALA DA 28 78.18 -43.62 -1.04
C ALA DA 28 76.98 -42.75 -1.43
N GLU DA 29 75.77 -43.28 -1.36
CA GLU DA 29 74.58 -42.50 -1.71
C GLU DA 29 74.22 -41.51 -0.61
N VAL DA 30 74.33 -41.93 0.65
CA VAL DA 30 74.01 -41.05 1.77
C VAL DA 30 75.05 -39.96 1.95
N LEU DA 31 76.25 -40.14 1.40
CA LEU DA 31 77.31 -39.15 1.55
C LEU DA 31 77.14 -37.98 0.59
N VAL DA 32 76.55 -38.21 -0.59
CA VAL DA 32 76.37 -37.16 -1.57
C VAL DA 32 74.91 -36.88 -1.89
N GLY DA 33 73.98 -37.79 -1.60
CA GLY DA 33 72.59 -37.58 -1.90
C GLY DA 33 71.79 -37.01 -0.74
N ALA DA 34 72.20 -37.35 0.48
CA ALA DA 34 71.53 -36.87 1.68
C ALA DA 34 72.12 -35.57 2.22
N VAL DA 35 73.07 -34.96 1.50
CA VAL DA 35 73.69 -33.71 1.94
C VAL DA 35 73.27 -32.52 1.10
N MET DA 36 72.50 -32.72 0.03
CA MET DA 36 72.06 -31.63 -0.82
C MET DA 36 70.79 -30.94 -0.31
N TYR DA 37 70.39 -31.23 0.93
CA TYR DA 37 69.24 -30.55 1.52
C TYR DA 37 69.52 -29.09 1.86
N MET DA 38 70.78 -28.68 1.87
CA MET DA 38 71.11 -27.30 2.20
C MET DA 38 70.86 -26.36 1.03
N MET DA 39 71.06 -26.83 -0.19
CA MET DA 39 70.89 -26.01 -1.39
C MET DA 39 69.58 -26.31 -2.11
N THR DA 40 69.44 -27.51 -2.66
CA THR DA 40 68.24 -27.85 -3.43
C THR DA 40 67.05 -28.08 -2.51
N LYS DA 41 67.14 -29.07 -1.63
CA LYS DA 41 66.07 -29.44 -0.71
C LYS DA 41 64.80 -29.77 -1.48
N ASN DA 42 64.76 -30.94 -2.12
CA ASN DA 42 63.60 -31.37 -2.89
C ASN DA 42 63.50 -32.89 -2.79
N VAL DA 43 62.55 -33.46 -3.52
CA VAL DA 43 62.34 -34.90 -3.54
C VAL DA 43 62.64 -35.42 -4.94
N LYS DA 44 63.90 -35.80 -5.18
CA LYS DA 44 64.31 -36.30 -6.49
C LYS DA 44 65.28 -37.46 -6.34
N PHE DA 45 66.21 -37.37 -5.39
CA PHE DA 45 67.22 -38.41 -5.17
C PHE DA 45 66.68 -39.47 -4.20
N LEU DA 46 65.60 -40.13 -4.62
CA LEU DA 46 64.98 -41.18 -3.82
C LEU DA 46 64.86 -42.50 -4.58
N ALA DA 47 65.28 -42.55 -5.84
CA ALA DA 47 65.20 -43.77 -6.62
C ALA DA 47 66.45 -44.65 -6.50
N GLY DA 48 67.46 -44.19 -5.76
CA GLY DA 48 68.68 -44.95 -5.58
C GLY DA 48 68.63 -46.02 -4.51
N PHE DA 49 67.51 -46.16 -3.81
CA PHE DA 49 67.36 -47.16 -2.77
C PHE DA 49 66.85 -48.51 -3.30
N ALA DA 50 66.98 -48.75 -4.60
CA ALA DA 50 66.52 -50.00 -5.19
C ALA DA 50 67.39 -50.40 -6.37
N ILE DA 51 68.05 -49.41 -7.00
CA ILE DA 51 68.89 -49.68 -8.15
C ILE DA 51 70.26 -50.24 -7.77
N ILE DA 52 70.59 -50.26 -6.48
CA ILE DA 52 71.89 -50.79 -6.06
C ILE DA 52 71.89 -52.31 -6.10
N SER DA 53 70.83 -52.94 -5.60
CA SER DA 53 70.77 -54.40 -5.60
C SER DA 53 70.48 -54.95 -6.99
N VAL DA 54 69.94 -54.15 -7.90
CA VAL DA 54 69.65 -54.61 -9.25
C VAL DA 54 70.87 -54.53 -10.15
N PHE DA 55 71.60 -53.41 -10.09
CA PHE DA 55 72.79 -53.26 -10.94
C PHE DA 55 73.91 -54.19 -10.51
N ILE DA 56 73.95 -54.58 -9.25
CA ILE DA 56 74.99 -55.49 -8.77
C ILE DA 56 74.70 -56.94 -9.15
N ALA DA 57 73.45 -57.26 -9.51
CA ALA DA 57 73.08 -58.61 -9.89
C ALA DA 57 73.08 -58.84 -11.39
N VAL DA 58 72.80 -57.80 -12.19
CA VAL DA 58 72.79 -57.95 -13.64
C VAL DA 58 74.16 -57.88 -14.26
N GLY DA 59 75.19 -57.51 -13.48
CA GLY DA 59 76.54 -57.43 -14.01
C GLY DA 59 77.45 -58.51 -13.47
N MET DA 60 77.10 -59.08 -12.32
CA MET DA 60 77.91 -60.13 -11.73
C MET DA 60 77.57 -61.51 -12.29
N ALA DA 61 76.30 -61.74 -12.61
CA ALA DA 61 75.85 -63.02 -13.15
C ALA DA 61 75.99 -63.12 -14.67
N VAL DA 62 76.86 -62.31 -15.27
CA VAL DA 62 77.06 -62.35 -16.71
C VAL DA 62 77.88 -63.58 -17.09
N VAL DA 63 79.04 -63.74 -16.46
CA VAL DA 63 79.92 -64.88 -16.74
C VAL DA 63 79.65 -65.98 -15.72
N GLY DA 64 79.92 -65.69 -14.44
CA GLY DA 64 79.71 -66.67 -13.40
C GLY DA 64 80.68 -67.82 -13.39
N LEU DA 65 81.88 -67.62 -13.95
CA LEU DA 65 82.92 -68.64 -14.01
C LEU DA 65 82.42 -69.92 -14.69
N GLN EA 1 -70.85 -6.91 -6.49
CA GLN EA 1 -71.41 -7.64 -5.36
C GLN EA 1 -72.68 -6.96 -4.84
N ASP EA 2 -73.18 -7.44 -3.71
CA ASP EA 2 -74.38 -6.90 -3.09
C ASP EA 2 -74.00 -5.84 -2.05
N LEU EA 3 -74.95 -5.53 -1.18
CA LEU EA 3 -74.72 -4.54 -0.12
C LEU EA 3 -74.31 -5.23 1.18
N MET EA 4 -73.69 -4.46 2.06
CA MET EA 4 -73.22 -4.96 3.35
C MET EA 4 -73.73 -4.14 4.53
N ALA EA 5 -74.60 -3.16 4.29
CA ALA EA 5 -75.12 -2.34 5.38
C ALA EA 5 -76.29 -2.98 6.11
N SER EA 6 -76.91 -4.01 5.51
CA SER EA 6 -78.05 -4.67 6.13
C SER EA 6 -77.79 -6.18 6.26
N GLY EA 7 -78.83 -6.98 6.14
CA GLY EA 7 -78.70 -8.42 6.23
C GLY EA 7 -78.68 -8.97 7.64
N ASN EA 8 -79.05 -8.18 8.64
CA ASN EA 8 -79.06 -8.63 10.02
C ASN EA 8 -80.40 -8.47 10.72
N THR EA 9 -81.26 -7.56 10.26
CA THR EA 9 -82.58 -7.31 10.86
C THR EA 9 -82.45 -7.01 12.35
N THR EA 10 -81.50 -6.13 12.68
CA THR EA 10 -81.26 -5.73 14.06
C THR EA 10 -81.90 -4.40 14.42
N VAL EA 11 -81.75 -3.38 13.57
CA VAL EA 11 -82.33 -2.07 13.84
C VAL EA 11 -83.85 -2.10 13.66
N LYS EA 12 -84.38 -3.05 12.89
CA LYS EA 12 -85.81 -3.11 12.68
C LYS EA 12 -86.54 -3.58 13.94
N ALA EA 13 -85.96 -4.52 14.68
CA ALA EA 13 -86.58 -5.02 15.90
C ALA EA 13 -86.33 -4.10 17.10
N THR EA 14 -85.41 -3.14 16.97
CA THR EA 14 -85.11 -2.22 18.06
C THR EA 14 -85.92 -0.93 17.94
N PHE EA 15 -85.95 -0.34 16.76
CA PHE EA 15 -86.69 0.90 16.50
C PHE EA 15 -87.83 0.57 15.55
N GLY EA 16 -89.00 0.29 16.10
CA GLY EA 16 -90.15 -0.03 15.29
C GLY EA 16 -91.43 0.02 16.09
N LYS EA 17 -92.48 -0.55 15.50
CA LYS EA 17 -93.78 -0.58 16.17
C LYS EA 17 -93.85 -1.67 17.21
N ASP EA 18 -93.34 -2.86 16.88
CA ASP EA 18 -93.35 -4.00 17.80
C ASP EA 18 -92.08 -4.06 18.64
N SER EA 19 -91.67 -2.92 19.18
CA SER EA 19 -90.45 -2.85 19.99
C SER EA 19 -90.73 -2.17 21.32
N SER EA 20 -89.75 -1.44 21.84
CA SER EA 20 -89.89 -0.75 23.12
C SER EA 20 -89.87 0.76 22.97
N VAL EA 21 -89.76 1.28 21.75
CA VAL EA 21 -89.73 2.74 21.57
C VAL EA 21 -91.12 3.33 21.73
N VAL EA 22 -92.17 2.59 21.32
CA VAL EA 22 -93.52 3.11 21.40
C VAL EA 22 -94.01 3.23 22.84
N LYS EA 23 -93.35 2.56 23.78
CA LYS EA 23 -93.77 2.63 25.18
C LYS EA 23 -93.16 3.80 25.93
N TRP EA 24 -92.00 4.30 25.50
CA TRP EA 24 -91.36 5.43 26.15
C TRP EA 24 -91.80 6.78 25.60
N VAL EA 25 -92.39 6.80 24.40
CA VAL EA 25 -92.85 8.07 23.82
C VAL EA 25 -94.24 8.46 24.30
N VAL EA 26 -94.95 7.57 25.00
CA VAL EA 26 -96.28 7.90 25.50
C VAL EA 26 -96.25 8.43 26.93
N LEU EA 27 -95.21 8.10 27.71
CA LEU EA 27 -95.12 8.56 29.08
C LEU EA 27 -94.50 9.95 29.20
N ALA EA 28 -93.81 10.41 28.15
CA ALA EA 28 -93.17 11.72 28.18
C ALA EA 28 -94.18 12.86 28.04
N GLU EA 29 -95.36 12.60 27.49
CA GLU EA 29 -96.36 13.65 27.33
C GLU EA 29 -97.08 13.95 28.64
N VAL EA 30 -97.48 12.89 29.37
CA VAL EA 30 -98.19 13.10 30.64
C VAL EA 30 -97.25 13.59 31.73
N LEU EA 31 -95.93 13.40 31.59
CA LEU EA 31 -95.00 13.85 32.62
C LEU EA 31 -94.87 15.36 32.63
N VAL EA 32 -95.02 16.02 31.47
CA VAL EA 32 -94.90 17.46 31.39
C VAL EA 32 -96.18 18.15 30.94
N GLY EA 33 -97.18 17.42 30.46
CA GLY EA 33 -98.41 18.03 30.01
C GLY EA 33 -99.49 18.05 31.08
N ALA EA 34 -99.38 17.17 32.06
CA ALA EA 34 -100.35 17.08 33.15
C ALA EA 34 -99.85 17.72 34.43
N VAL EA 35 -98.73 18.43 34.39
CA VAL EA 35 -98.18 19.09 35.57
C VAL EA 35 -98.13 20.60 35.44
N MET EA 36 -98.42 21.16 34.26
CA MET EA 36 -98.38 22.60 34.06
C MET EA 36 -99.70 23.29 34.41
N TYR EA 37 -100.58 22.61 35.15
CA TYR EA 37 -101.84 23.21 35.57
C TYR EA 37 -101.65 24.24 36.68
N MET EA 38 -100.44 24.38 37.22
CA MET EA 38 -100.19 25.32 38.30
C MET EA 38 -99.76 26.70 37.79
N MET EA 39 -99.03 26.74 36.68
CA MET EA 39 -98.54 28.00 36.12
C MET EA 39 -99.48 28.55 35.05
N THR EA 40 -99.80 27.73 34.05
CA THR EA 40 -100.64 28.16 32.93
C THR EA 40 -102.11 27.87 33.18
N LYS EA 41 -102.46 26.60 33.38
CA LYS EA 41 -103.83 26.15 33.60
C LYS EA 41 -104.71 26.56 32.41
N ASN EA 42 -104.43 25.93 31.27
CA ASN EA 42 -105.17 26.19 30.04
C ASN EA 42 -105.20 24.91 29.22
N VAL EA 43 -106.24 24.79 28.38
CA VAL EA 43 -106.40 23.64 27.51
C VAL EA 43 -105.64 23.89 26.21
N LYS EA 44 -104.39 23.43 26.16
CA LYS EA 44 -103.56 23.63 24.98
C LYS EA 44 -102.81 22.35 24.62
N PHE EA 45 -102.24 21.70 25.63
CA PHE EA 45 -101.48 20.46 25.43
C PHE EA 45 -102.36 19.23 25.61
N LEU EA 46 -103.55 19.25 25.01
CA LEU EA 46 -104.48 18.13 25.10
C LEU EA 46 -104.79 17.48 23.76
N ALA EA 47 -104.30 18.05 22.65
CA ALA EA 47 -104.55 17.49 21.33
C ALA EA 47 -103.53 16.44 20.92
N GLY EA 48 -102.57 16.12 21.79
CA GLY EA 48 -101.55 15.14 21.50
C GLY EA 48 -101.89 13.72 21.90
N PHE EA 49 -103.16 13.43 22.21
CA PHE EA 49 -103.59 12.10 22.59
C PHE EA 49 -104.09 11.28 21.41
N ALA EA 50 -103.79 11.69 20.19
CA ALA EA 50 -104.23 10.96 19.00
C ALA EA 50 -103.19 11.03 17.89
N ILE EA 51 -102.24 11.97 18.02
CA ILE EA 51 -101.19 12.12 17.01
C ILE EA 51 -100.01 11.21 17.25
N ILE EA 52 -100.05 10.37 18.27
CA ILE EA 52 -98.93 9.47 18.54
C ILE EA 52 -98.94 8.30 17.57
N SER EA 53 -100.10 7.66 17.41
CA SER EA 53 -100.23 6.53 16.50
C SER EA 53 -100.28 6.95 15.04
N VAL EA 54 -100.56 8.23 14.76
CA VAL EA 54 -100.62 8.70 13.38
C VAL EA 54 -99.21 8.99 12.86
N PHE EA 55 -98.37 9.62 13.67
CA PHE EA 55 -97.02 9.94 13.24
C PHE EA 55 -96.16 8.69 13.08
N ILE EA 56 -96.40 7.66 13.90
CA ILE EA 56 -95.62 6.43 13.79
C ILE EA 56 -96.06 5.57 12.62
N ALA EA 57 -97.27 5.80 12.09
CA ALA EA 57 -97.76 5.02 10.96
C ALA EA 57 -97.40 5.63 9.62
N VAL EA 58 -97.02 6.91 9.59
CA VAL EA 58 -96.64 7.58 8.36
C VAL EA 58 -95.12 7.66 8.28
N GLY EA 59 -94.45 6.95 9.18
CA GLY EA 59 -92.99 6.95 9.20
C GLY EA 59 -92.41 5.55 9.14
N MET EA 60 -93.06 4.59 9.80
CA MET EA 60 -92.56 3.22 9.79
C MET EA 60 -92.98 2.47 8.52
N ALA EA 61 -94.17 2.76 7.99
CA ALA EA 61 -94.67 2.09 6.80
C ALA EA 61 -94.26 2.82 5.51
N VAL EA 62 -93.12 3.49 5.51
CA VAL EA 62 -92.67 4.20 4.31
C VAL EA 62 -91.96 3.24 3.36
N VAL EA 63 -90.95 2.54 3.85
CA VAL EA 63 -90.20 1.60 3.03
C VAL EA 63 -90.67 0.18 3.34
N GLY EA 64 -90.47 -0.26 4.59
CA GLY EA 64 -90.88 -1.58 4.99
C GLY EA 64 -90.00 -2.68 4.43
N LEU EA 65 -88.69 -2.54 4.59
CA LEU EA 65 -87.71 -3.50 4.10
C LEU EA 65 -87.87 -3.77 2.61
N GLN FA 1 -56.98 4.47 -23.05
CA GLN FA 1 -57.76 3.39 -22.46
C GLN FA 1 -59.04 3.93 -21.83
N ASP FA 2 -59.76 3.05 -21.12
CA ASP FA 2 -61.00 3.43 -20.46
C ASP FA 2 -60.72 3.81 -19.01
N LEU FA 3 -61.77 3.89 -18.21
CA LEU FA 3 -61.63 4.24 -16.80
C LEU FA 3 -61.54 2.98 -15.94
N MET FA 4 -61.00 3.16 -14.73
CA MET FA 4 -60.84 2.06 -13.80
C MET FA 4 -61.48 2.31 -12.44
N ALA FA 5 -62.20 3.42 -12.27
CA ALA FA 5 -62.84 3.72 -11.00
C ALA FA 5 -64.18 3.04 -10.84
N SER FA 6 -64.75 2.52 -11.92
CA SER FA 6 -66.05 1.84 -11.86
C SER FA 6 -65.94 0.43 -12.42
N GLY FA 7 -67.00 -0.03 -13.10
CA GLY FA 7 -67.01 -1.35 -13.68
C GLY FA 7 -67.36 -2.47 -12.71
N ASN FA 8 -67.77 -2.14 -11.49
CA ASN FA 8 -68.12 -3.16 -10.50
C ASN FA 8 -69.55 -3.06 -10.00
N THR FA 9 -70.19 -1.88 -10.10
CA THR FA 9 -71.56 -1.67 -9.63
C THR FA 9 -71.70 -2.05 -8.17
N THR FA 10 -70.74 -1.61 -7.36
CA THR FA 10 -70.74 -1.90 -5.93
C THR FA 10 -71.33 -0.75 -5.11
N VAL FA 11 -70.92 0.48 -5.40
CA VAL FA 11 -71.45 1.64 -4.68
C VAL FA 11 -72.89 1.93 -5.06
N LYS FA 12 -73.34 1.48 -6.23
CA LYS FA 12 -74.72 1.71 -6.63
C LYS FA 12 -75.69 0.85 -5.83
N ALA FA 13 -75.31 -0.39 -5.52
CA ALA FA 13 -76.16 -1.27 -4.74
C ALA FA 13 -76.08 -1.00 -3.23
N THR FA 14 -75.14 -0.16 -2.80
CA THR FA 14 -74.98 0.17 -1.39
C THR FA 14 -75.61 1.53 -1.04
N PHE FA 15 -75.34 2.55 -1.86
CA PHE FA 15 -75.88 3.89 -1.65
C PHE FA 15 -76.87 4.18 -2.76
N GLY FA 16 -78.12 3.73 -2.56
CA GLY FA 16 -79.15 3.94 -3.53
C GLY FA 16 -80.53 3.84 -2.91
N LYS FA 17 -81.54 3.81 -3.78
CA LYS FA 17 -82.92 3.70 -3.30
C LYS FA 17 -83.26 2.28 -2.86
N ASP FA 18 -82.84 1.28 -3.63
CA ASP FA 18 -83.12 -0.11 -3.32
C ASP FA 18 -82.01 -0.74 -2.48
N SER FA 19 -81.58 -0.02 -1.44
CA SER FA 19 -80.51 -0.49 -0.57
C SER FA 19 -80.90 -0.34 0.89
N SER FA 20 -79.94 0.05 1.73
CA SER FA 20 -80.18 0.24 3.15
C SER FA 20 -80.06 1.69 3.61
N VAL FA 21 -79.73 2.61 2.70
CA VAL FA 21 -79.60 4.01 3.08
C VAL FA 21 -80.97 4.61 3.34
N VAL FA 22 -81.99 4.19 2.59
CA VAL FA 22 -83.33 4.76 2.75
C VAL FA 22 -83.97 4.34 4.06
N LYS FA 23 -83.45 3.32 4.73
CA LYS FA 23 -84.00 2.86 6.00
C LYS FA 23 -83.37 3.56 7.20
N TRP FA 24 -82.08 3.88 7.12
CA TRP FA 24 -81.41 4.56 8.23
C TRP FA 24 -81.72 6.05 8.28
N VAL FA 25 -82.30 6.62 7.22
CA VAL FA 25 -82.64 8.03 7.20
C VAL FA 25 -84.09 8.29 7.60
N VAL FA 26 -84.91 7.26 7.72
CA VAL FA 26 -86.30 7.44 8.11
C VAL FA 26 -86.53 7.24 9.60
N LEU FA 27 -85.67 6.49 10.29
CA LEU FA 27 -85.80 6.28 11.72
C LEU FA 27 -85.08 7.33 12.56
N ALA FA 28 -84.23 8.16 11.92
CA ALA FA 28 -83.52 9.19 12.66
C ALA FA 28 -84.42 10.36 13.04
N GLU FA 29 -85.47 10.61 12.26
CA GLU FA 29 -86.38 11.72 12.58
C GLU FA 29 -87.27 11.36 13.77
N VAL FA 30 -87.79 10.13 13.80
CA VAL FA 30 -88.65 9.71 14.90
C VAL FA 30 -87.84 9.48 16.17
N LEU FA 31 -86.52 9.30 16.05
CA LEU FA 31 -85.70 9.08 17.23
C LEU FA 31 -85.56 10.35 18.07
N VAL FA 32 -85.59 11.52 17.42
CA VAL FA 32 -85.44 12.79 18.12
C VAL FA 32 -86.65 13.69 17.99
N GLY FA 33 -87.50 13.50 16.98
CA GLY FA 33 -88.67 14.34 16.81
C GLY FA 33 -89.84 13.91 17.66
N ALA FA 34 -89.97 12.61 17.90
CA ALA FA 34 -91.05 12.07 18.71
C ALA FA 34 -90.76 12.13 20.21
N VAL FA 35 -89.57 12.59 20.61
CA VAL FA 35 -89.21 12.68 22.01
C VAL FA 35 -88.93 14.11 22.47
N MET FA 36 -88.95 15.08 21.56
CA MET FA 36 -88.71 16.48 21.92
C MET FA 36 -89.96 17.20 22.40
N TYR FA 37 -91.04 16.46 22.67
CA TYR FA 37 -92.25 17.05 23.24
C TYR FA 37 -92.17 17.21 24.75
N MET FA 38 -91.02 16.91 25.37
CA MET FA 38 -90.89 17.04 26.80
C MET FA 38 -90.53 18.47 27.20
N MET FA 39 -89.49 19.02 26.58
CA MET FA 39 -89.04 20.38 26.90
C MET FA 39 -89.74 21.43 26.06
N THR FA 40 -89.82 21.22 24.75
CA THR FA 40 -90.43 22.19 23.85
C THR FA 40 -91.96 22.05 23.83
N LYS FA 41 -92.45 20.94 23.30
CA LYS FA 41 -93.89 20.67 23.18
C LYS FA 41 -94.57 21.77 22.36
N ASN FA 42 -94.21 21.81 21.08
CA ASN FA 42 -94.75 22.78 20.14
C ASN FA 42 -94.82 22.17 18.76
N VAL FA 43 -95.79 22.62 17.97
CA VAL FA 43 -95.96 22.13 16.60
C VAL FA 43 -94.98 22.87 15.69
N LYS FA 44 -93.81 22.28 15.47
CA LYS FA 44 -92.79 22.91 14.64
C LYS FA 44 -92.10 21.87 13.76
N PHE FA 45 -91.67 20.76 14.34
CA PHE FA 45 -90.97 19.71 13.61
C PHE FA 45 -91.95 18.72 13.01
N LEU FA 46 -92.82 19.24 12.14
CA LEU FA 46 -93.82 18.42 11.45
C LEU FA 46 -93.72 18.48 9.94
N ALA FA 47 -92.85 19.32 9.38
CA ALA FA 47 -92.70 19.43 7.93
C ALA FA 47 -91.69 18.46 7.36
N GLY FA 48 -91.18 17.52 8.16
CA GLY FA 48 -90.21 16.56 7.71
C GLY FA 48 -90.76 15.20 7.36
N PHE FA 49 -92.08 15.02 7.41
CA PHE FA 49 -92.72 13.76 7.09
C PHE FA 49 -93.08 13.64 5.61
N ALA FA 50 -92.50 14.47 4.75
CA ALA FA 50 -92.79 14.42 3.32
C ALA FA 50 -91.56 14.76 2.50
N ILE FA 51 -90.54 15.33 3.14
CA ILE FA 51 -89.31 15.70 2.44
C ILE FA 51 -88.30 14.58 2.38
N ILE FA 52 -88.65 13.39 2.87
CA ILE FA 52 -87.71 12.27 2.84
C ILE FA 52 -87.65 11.67 1.44
N SER FA 53 -88.82 11.39 0.85
CA SER FA 53 -88.87 10.82 -0.49
C SER FA 53 -88.60 11.85 -1.58
N VAL FA 54 -88.69 13.15 -1.25
CA VAL FA 54 -88.43 14.18 -2.25
C VAL FA 54 -86.93 14.42 -2.40
N PHE FA 55 -86.20 14.46 -1.29
CA PHE FA 55 -84.76 14.69 -1.36
C PHE FA 55 -84.03 13.52 -2.00
N ILE FA 56 -84.52 12.29 -1.80
CA ILE FA 56 -83.86 11.12 -2.39
C ILE FA 56 -84.17 11.00 -3.87
N ALA FA 57 -85.22 11.66 -4.37
CA ALA FA 57 -85.55 11.58 -5.78
C ALA FA 57 -84.83 12.64 -6.61
N VAL FA 58 -84.38 13.71 -5.97
CA VAL FA 58 -83.67 14.78 -6.67
C VAL FA 58 -82.17 14.62 -6.44
N GLY FA 59 -81.77 13.49 -5.88
CA GLY FA 59 -80.37 13.22 -5.61
C GLY FA 59 -79.88 11.93 -6.25
N MET FA 60 -80.74 10.93 -6.29
CA MET FA 60 -80.35 9.64 -6.88
C MET FA 60 -80.54 9.64 -8.39
N ALA FA 61 -81.59 10.30 -8.89
CA ALA FA 61 -81.88 10.36 -10.31
C ALA FA 61 -81.16 11.49 -11.02
N VAL FA 62 -79.98 11.89 -10.53
CA VAL FA 62 -79.24 12.98 -11.16
C VAL FA 62 -78.46 12.47 -12.37
N VAL FA 63 -77.63 11.44 -12.16
CA VAL FA 63 -76.83 10.87 -13.24
C VAL FA 63 -77.48 9.57 -13.71
N GLY FA 64 -77.55 8.58 -12.82
CA GLY FA 64 -78.16 7.31 -13.15
C GLY FA 64 -77.30 6.48 -14.09
N LEU FA 65 -76.03 6.27 -13.72
CA LEU FA 65 -75.09 5.49 -14.52
C LEU FA 65 -74.96 6.03 -15.94
N GLN GA 1 -39.32 18.93 -30.88
CA GLN GA 1 -40.29 17.84 -30.89
C GLN GA 1 -41.62 18.28 -30.29
N ASP GA 2 -42.52 17.32 -30.08
CA ASP GA 2 -43.83 17.59 -29.52
C ASP GA 2 -43.81 17.32 -28.02
N LEU GA 3 -45.00 17.19 -27.43
CA LEU GA 3 -45.13 16.94 -26.00
C LEU GA 3 -45.25 15.44 -25.74
N MET GA 4 -44.94 15.06 -24.49
CA MET GA 4 -45.01 13.67 -24.07
C MET GA 4 -45.89 13.45 -22.85
N ALA GA 5 -46.48 14.51 -22.32
CA ALA GA 5 -47.34 14.41 -21.15
C ALA GA 5 -48.73 13.86 -21.46
N SER GA 6 -49.12 13.82 -22.73
CA SER GA 6 -50.43 13.32 -23.11
C SER GA 6 -50.32 12.23 -24.17
N GLY GA 7 -51.23 12.24 -25.14
CA GLY GA 7 -51.21 11.26 -26.20
C GLY GA 7 -51.84 9.92 -25.85
N ASN GA 8 -52.55 9.83 -24.74
CA ASN GA 8 -53.19 8.58 -24.32
C ASN GA 8 -54.67 8.70 -24.04
N THR GA 9 -55.19 9.89 -23.74
CA THR GA 9 -56.60 10.11 -23.44
C THR GA 9 -57.06 9.20 -22.30
N THR GA 10 -56.26 9.15 -21.24
CA THR GA 10 -56.54 8.33 -20.07
C THR GA 10 -57.16 9.15 -18.93
N VAL GA 11 -56.57 10.31 -18.61
CA VAL GA 11 -57.10 11.13 -17.55
C VAL GA 11 -58.40 11.80 -17.94
N LYS GA 12 -58.67 11.96 -19.24
CA LYS GA 12 -59.91 12.58 -19.67
C LYS GA 12 -61.10 11.64 -19.47
N ALA GA 13 -60.89 10.34 -19.67
CA ALA GA 13 -61.96 9.37 -19.48
C ALA GA 13 -62.13 8.97 -18.02
N THR GA 14 -61.22 9.36 -17.14
CA THR GA 14 -61.30 9.05 -15.72
C THR GA 14 -61.86 10.20 -14.90
N PHE GA 15 -61.38 11.41 -15.12
CA PHE GA 15 -61.84 12.60 -14.40
C PHE GA 15 -62.60 13.47 -15.39
N GLY GA 16 -63.85 13.08 -15.67
CA GLY GA 16 -64.67 13.82 -16.61
C GLY GA 16 -66.16 13.72 -16.29
N LYS GA 17 -67.00 14.14 -17.25
CA LYS GA 17 -68.44 14.08 -17.04
C LYS GA 17 -68.97 12.67 -17.23
N ASP GA 18 -68.56 12.00 -18.30
CA ASP GA 18 -69.00 10.64 -18.60
C ASP GA 18 -68.09 9.59 -17.96
N SER GA 19 -67.76 9.80 -16.69
CA SER GA 19 -66.90 8.87 -15.96
C SER GA 19 -67.53 8.45 -14.64
N SER GA 20 -66.70 8.16 -13.64
CA SER GA 20 -67.17 7.75 -12.33
C SER GA 20 -67.07 8.84 -11.27
N VAL GA 21 -66.48 9.99 -11.61
CA VAL GA 21 -66.35 11.06 -10.62
C VAL GA 21 -67.71 11.70 -10.33
N VAL GA 22 -68.59 11.78 -11.34
CA VAL GA 22 -69.88 12.41 -11.15
C VAL GA 22 -70.79 11.58 -10.25
N LYS GA 23 -70.48 10.30 -10.04
CA LYS GA 23 -71.30 9.44 -9.19
C LYS GA 23 -70.88 9.49 -7.73
N TRP GA 24 -69.59 9.68 -7.45
CA TRP GA 24 -69.12 9.74 -6.08
C TRP GA 24 -69.35 11.10 -5.43
N VAL GA 25 -69.56 12.16 -6.24
CA VAL GA 25 -69.79 13.49 -5.69
C VAL GA 25 -71.26 13.80 -5.47
N VAL GA 26 -72.17 12.93 -5.94
CA VAL GA 26 -73.59 13.17 -5.76
C VAL GA 26 -74.15 12.49 -4.52
N LEU GA 27 -73.49 11.44 -4.01
CA LEU GA 27 -73.94 10.74 -2.82
C LEU GA 27 -73.32 11.28 -1.54
N ALA GA 28 -72.29 12.14 -1.63
CA ALA GA 28 -71.67 12.70 -0.45
C ALA GA 28 -72.54 13.73 0.24
N GLU GA 29 -73.45 14.38 -0.49
CA GLU GA 29 -74.33 15.37 0.12
C GLU GA 29 -75.43 14.72 0.93
N VAL GA 30 -76.05 13.67 0.39
CA VAL GA 30 -77.11 12.97 1.10
C VAL GA 30 -76.57 12.14 2.25
N LEU GA 31 -75.27 11.82 2.24
CA LEU GA 31 -74.70 11.01 3.31
C LEU GA 31 -74.57 11.82 4.60
N VAL GA 32 -74.37 13.13 4.50
CA VAL GA 32 -74.22 13.97 5.68
C VAL GA 32 -75.28 15.05 5.77
N GLY GA 33 -75.93 15.44 4.68
CA GLY GA 33 -76.95 16.47 4.75
C GLY GA 33 -78.31 15.95 5.16
N ALA GA 34 -78.60 14.69 4.88
CA ALA GA 34 -79.88 14.09 5.24
C ALA GA 34 -79.87 13.46 6.63
N VAL GA 35 -78.73 13.45 7.31
CA VAL GA 35 -78.64 12.86 8.65
C VAL GA 35 -78.34 13.89 9.73
N MET GA 36 -78.13 15.16 9.37
CA MET GA 36 -77.84 16.21 10.34
C MET GA 36 -79.11 16.82 10.94
N TYR GA 37 -80.26 16.16 10.80
CA TYR GA 37 -81.51 16.62 11.39
C TYR GA 37 -81.61 16.32 12.88
N MET GA 38 -80.56 15.75 13.49
CA MET GA 38 -80.57 15.42 14.90
C MET GA 38 -80.23 16.62 15.77
N MET GA 39 -79.08 17.24 15.55
CA MET GA 39 -78.64 18.37 16.35
C MET GA 39 -79.16 19.70 15.82
N THR GA 40 -79.23 19.86 14.50
CA THR GA 40 -79.67 21.13 13.90
C THR GA 40 -81.18 21.12 13.67
N LYS GA 41 -81.64 20.27 12.76
CA LYS GA 41 -83.06 20.17 12.39
C LYS GA 41 -83.59 21.54 11.93
N ASN GA 42 -82.99 22.03 10.85
CA ASN GA 42 -83.38 23.31 10.27
C ASN GA 42 -83.16 23.26 8.77
N VAL GA 43 -84.01 23.98 8.03
CA VAL GA 43 -83.89 24.06 6.59
C VAL GA 43 -82.71 24.95 6.24
N LYS GA 44 -81.55 24.34 5.97
CA LYS GA 44 -80.34 25.09 5.66
C LYS GA 44 -79.58 24.46 4.51
N PHE GA 45 -79.27 23.18 4.63
CA PHE GA 45 -78.49 22.46 3.61
C PHE GA 45 -79.40 21.98 2.47
N LEU GA 46 -79.98 22.96 1.76
CA LEU GA 46 -80.85 22.67 0.63
C LEU GA 46 -80.42 23.39 -0.64
N ALA GA 47 -79.32 24.13 -0.63
CA ALA GA 47 -78.85 24.86 -1.80
C ALA GA 47 -77.85 24.05 -2.62
N GLY GA 48 -77.63 22.77 -2.30
CA GLY GA 48 -76.71 21.93 -3.01
C GLY GA 48 -77.33 20.96 -4.00
N PHE GA 49 -78.65 21.01 -4.18
CA PHE GA 49 -79.34 20.12 -5.10
C PHE GA 49 -79.43 20.68 -6.51
N ALA GA 50 -78.56 21.63 -6.86
CA ALA GA 50 -78.58 22.21 -8.19
C ALA GA 50 -77.18 22.69 -8.59
N ILE GA 51 -76.31 22.91 -7.60
CA ILE GA 51 -74.96 23.36 -7.88
C ILE GA 51 -74.01 22.23 -8.27
N ILE GA 52 -74.48 20.99 -8.22
CA ILE GA 52 -73.62 19.86 -8.58
C ILE GA 52 -73.44 19.80 -10.09
N SER GA 53 -74.54 19.91 -10.84
CA SER GA 53 -74.45 19.87 -12.29
C SER GA 53 -73.87 21.16 -12.88
N VAL GA 54 -73.89 22.25 -12.11
CA VAL GA 54 -73.34 23.52 -12.60
C VAL GA 54 -71.83 23.57 -12.41
N PHE GA 55 -71.33 23.12 -11.26
CA PHE GA 55 -69.89 23.17 -11.01
C PHE GA 55 -69.14 22.20 -11.90
N ILE GA 56 -69.77 21.09 -12.29
CA ILE GA 56 -69.11 20.12 -13.16
C ILE GA 56 -69.09 20.58 -14.61
N ALA GA 57 -69.94 21.53 -14.99
CA ALA GA 57 -69.98 22.02 -16.35
C ALA GA 57 -69.08 23.24 -16.57
N VAL GA 58 -68.86 24.04 -15.53
CA VAL GA 58 -68.00 25.23 -15.66
C VAL GA 58 -66.53 24.91 -15.43
N GLY GA 59 -66.19 23.65 -15.19
CA GLY GA 59 -64.80 23.27 -14.96
C GLY GA 59 -64.29 22.27 -15.97
N MET GA 60 -65.18 21.46 -16.53
CA MET GA 60 -64.78 20.46 -17.51
C MET GA 60 -64.72 21.05 -18.91
N ALA GA 61 -65.60 21.97 -19.25
CA ALA GA 61 -65.64 22.59 -20.57
C ALA GA 61 -64.74 23.82 -20.67
N VAL GA 62 -63.69 23.90 -19.85
CA VAL GA 62 -62.78 25.04 -19.91
C VAL GA 62 -61.83 24.90 -21.09
N VAL GA 63 -61.11 23.79 -21.18
CA VAL GA 63 -60.17 23.55 -22.26
C VAL GA 63 -60.83 22.66 -23.31
N GLY GA 64 -61.15 21.44 -22.93
CA GLY GA 64 -61.79 20.50 -23.85
C GLY GA 64 -60.85 19.99 -24.91
N LEU GA 65 -59.67 19.53 -24.49
CA LEU GA 65 -58.65 19.00 -25.41
C LEU GA 65 -58.29 19.99 -26.50
N GLN HA 1 -19.46 32.62 -29.13
CA GLN HA 1 -20.50 31.79 -29.76
C GLN HA 1 -21.88 32.16 -29.21
N ASP HA 2 -22.88 31.35 -29.56
CA ASP HA 2 -24.24 31.55 -29.13
C ASP HA 2 -24.53 30.68 -27.90
N LEU HA 3 -25.81 30.48 -27.60
CA LEU HA 3 -26.22 29.69 -26.46
C LEU HA 3 -26.53 28.25 -26.90
N MET HA 4 -26.49 27.34 -25.93
CA MET HA 4 -26.76 25.93 -26.17
C MET HA 4 -27.85 25.36 -25.28
N ALA HA 5 -28.53 26.19 -24.50
CA ALA HA 5 -29.59 25.71 -23.61
C ALA HA 5 -30.93 25.59 -24.31
N SER HA 6 -31.07 26.17 -25.51
CA SER HA 6 -32.33 26.10 -26.25
C SER HA 6 -32.10 25.59 -27.65
N GLY HA 7 -32.85 26.11 -28.62
CA GLY HA 7 -32.70 25.68 -30.00
C GLY HA 7 -33.41 24.39 -30.35
N ASN HA 8 -34.37 23.95 -29.53
CA ASN HA 8 -35.10 22.72 -29.80
C ASN HA 8 -36.60 22.95 -29.68
N THR HA 9 -36.99 23.98 -28.94
CA THR HA 9 -38.40 24.31 -28.72
C THR HA 9 -39.17 23.11 -28.17
N THR HA 10 -38.58 22.44 -27.19
CA THR HA 10 -39.18 21.27 -26.57
C THR HA 10 -39.93 21.61 -25.30
N VAL HA 11 -39.34 22.42 -24.42
CA VAL HA 11 -40.00 22.79 -23.17
C VAL HA 11 -41.15 23.75 -23.43
N LYS HA 12 -41.13 24.48 -24.54
CA LYS HA 12 -42.22 25.41 -24.84
C LYS HA 12 -43.49 24.67 -25.24
N ALA HA 13 -43.34 23.58 -26.01
CA ALA HA 13 -44.50 22.79 -26.42
C ALA HA 13 -44.99 21.84 -25.33
N THR HA 14 -44.20 21.65 -24.27
CA THR HA 14 -44.59 20.78 -23.16
C THR HA 14 -45.22 21.54 -22.01
N PHE HA 15 -44.61 22.64 -21.57
CA PHE HA 15 -45.12 23.46 -20.47
C PHE HA 15 -45.62 24.77 -21.06
N GLY HA 16 -46.83 24.75 -21.60
CA GLY HA 16 -47.41 25.94 -22.19
C GLY HA 16 -48.91 25.91 -22.14
N LYS HA 17 -49.53 26.83 -22.89
CA LYS HA 17 -50.98 26.91 -22.93
C LYS HA 17 -51.58 25.81 -23.81
N ASP HA 18 -51.02 25.64 -25.01
CA ASP HA 18 -51.51 24.63 -25.95
C ASP HA 18 -50.82 23.28 -25.74
N SER HA 19 -50.80 22.83 -24.49
CA SER HA 19 -50.17 21.55 -24.15
C SER HA 19 -51.05 20.74 -23.20
N SER HA 20 -50.43 19.96 -22.32
CA SER HA 20 -51.16 19.14 -21.37
C SER HA 20 -51.13 19.71 -19.96
N VAL HA 21 -50.43 20.82 -19.73
CA VAL HA 21 -50.36 21.39 -18.39
C VAL HA 21 -51.69 22.04 -18.02
N VAL HA 22 -52.40 22.64 -18.99
CA VAL HA 22 -53.66 23.31 -18.69
C VAL HA 22 -54.75 22.31 -18.33
N LYS HA 23 -54.58 21.03 -18.66
CA LYS HA 23 -55.58 20.03 -18.33
C LYS HA 23 -55.39 19.43 -16.94
N TRP HA 24 -54.14 19.25 -16.50
CA TRP HA 24 -53.88 18.70 -15.18
C TRP HA 24 -54.13 19.70 -14.06
N VAL HA 25 -54.22 20.99 -14.39
CA VAL HA 25 -54.46 22.02 -13.37
C VAL HA 25 -55.92 22.41 -13.26
N VAL HA 26 -56.77 21.97 -14.19
CA VAL HA 26 -58.19 22.32 -14.14
C VAL HA 26 -59.03 21.26 -13.42
N LEU HA 27 -58.55 20.03 -13.34
CA LEU HA 27 -59.27 18.97 -12.65
C LEU HA 27 -58.84 18.80 -11.19
N ALA HA 28 -57.79 19.52 -10.76
CA ALA HA 28 -57.34 19.42 -9.37
C ALA HA 28 -58.27 20.16 -8.42
N GLU HA 29 -59.04 21.12 -8.92
CA GLU HA 29 -59.95 21.87 -8.05
C GLU HA 29 -61.19 21.05 -7.71
N VAL HA 30 -61.76 20.34 -8.69
CA VAL HA 30 -62.94 19.54 -8.45
C VAL HA 30 -62.61 18.30 -7.61
N LEU HA 31 -61.34 17.90 -7.57
CA LEU HA 31 -60.97 16.73 -6.77
C LEU HA 31 -60.96 17.05 -5.28
N VAL HA 32 -60.70 18.31 -4.92
CA VAL HA 32 -60.65 18.72 -3.52
C VAL HA 32 -61.71 19.74 -3.16
N GLY HA 33 -62.31 20.44 -4.12
CA GLY HA 33 -63.32 21.43 -3.82
C GLY HA 33 -64.73 20.88 -3.79
N ALA HA 34 -64.99 19.86 -4.61
CA ALA HA 34 -66.30 19.23 -4.67
C ALA HA 34 -66.47 18.12 -3.63
N VAL HA 35 -65.47 17.89 -2.80
CA VAL HA 35 -65.54 16.85 -1.77
C VAL HA 35 -65.50 17.41 -0.36
N MET HA 36 -65.23 18.70 -0.18
CA MET HA 36 -65.18 19.30 1.14
C MET HA 36 -66.56 19.68 1.68
N TYR HA 37 -67.63 19.29 0.99
CA TYR HA 37 -68.98 19.50 1.49
C TYR HA 37 -69.39 18.49 2.55
N MET HA 38 -68.51 17.56 2.91
CA MET HA 38 -68.83 16.54 3.91
C MET HA 38 -68.63 17.07 5.32
N MET HA 39 -67.43 17.56 5.62
CA MET HA 39 -67.11 18.05 6.95
C MET HA 39 -67.45 19.52 7.13
N THR HA 40 -67.16 20.35 6.12
CA THR HA 40 -67.41 21.78 6.24
C THR HA 40 -68.80 22.14 5.77
N LYS HA 41 -69.10 21.88 4.49
CA LYS HA 41 -70.39 22.21 3.87
C LYS HA 41 -70.69 23.71 4.01
N ASN HA 42 -69.83 24.50 3.35
CA ASN HA 42 -69.95 25.94 3.38
C ASN HA 42 -69.44 26.50 2.06
N VAL HA 43 -70.00 27.63 1.65
CA VAL HA 43 -69.59 28.31 0.41
C VAL HA 43 -68.27 29.02 0.67
N LYS HA 44 -67.17 28.38 0.30
CA LYS HA 44 -65.84 28.96 0.52
C LYS HA 44 -64.93 28.73 -0.68
N PHE HA 45 -64.82 27.48 -1.13
CA PHE HA 45 -63.94 27.12 -2.24
C PHE HA 45 -64.69 27.29 -3.56
N LEU HA 46 -65.04 28.56 -3.85
CA LEU HA 46 -65.74 28.90 -5.07
C LEU HA 46 -65.05 30.00 -5.87
N ALA HA 47 -63.95 30.56 -5.37
CA ALA HA 47 -63.23 31.62 -6.05
C ALA HA 47 -62.16 31.10 -7.00
N GLY HA 48 -62.12 29.80 -7.26
CA GLY HA 48 -61.14 29.21 -8.14
C GLY HA 48 -61.61 28.95 -9.56
N PHE HA 49 -62.84 29.29 -9.89
CA PHE HA 49 -63.39 29.09 -11.22
C PHE HA 49 -63.09 30.24 -12.16
N ALA HA 50 -62.08 31.06 -11.87
CA ALA HA 50 -61.74 32.19 -12.72
C ALA HA 50 -60.24 32.48 -12.65
N ILE HA 51 -59.60 32.08 -11.55
CA ILE HA 51 -58.17 32.32 -11.39
C ILE HA 51 -57.30 31.34 -12.16
N ILE HA 52 -57.90 30.31 -12.76
CA ILE HA 52 -57.12 29.33 -13.52
C ILE HA 52 -56.68 29.93 -14.86
N SER HA 53 -57.61 30.57 -15.57
CA SER HA 53 -57.28 31.17 -16.86
C SER HA 53 -56.47 32.45 -16.72
N VAL HA 54 -56.49 33.07 -15.54
CA VAL HA 54 -55.74 34.31 -15.32
C VAL HA 54 -54.29 34.01 -14.96
N PHE HA 55 -54.06 33.04 -14.06
CA PHE HA 55 -52.69 32.72 -13.66
C PHE HA 55 -51.89 32.10 -14.80
N ILE HA 56 -52.56 31.42 -15.73
CA ILE HA 56 -51.86 30.81 -16.85
C ILE HA 56 -51.51 31.85 -17.93
N ALA HA 57 -52.18 33.01 -17.93
CA ALA HA 57 -51.90 34.04 -18.91
C ALA HA 57 -50.89 35.06 -18.44
N VAL HA 58 -50.79 35.29 -17.12
CA VAL HA 58 -49.84 36.25 -16.59
C VAL HA 58 -48.45 35.65 -16.37
N GLY HA 59 -48.25 34.39 -16.72
CA GLY HA 59 -46.96 33.75 -16.54
C GLY HA 59 -46.37 33.24 -17.83
N MET HA 60 -47.23 32.84 -18.77
CA MET HA 60 -46.76 32.32 -20.06
C MET HA 60 -46.41 33.44 -21.03
N ALA HA 61 -47.16 34.55 -20.99
CA ALA HA 61 -46.93 35.68 -21.88
C ALA HA 61 -45.92 36.68 -21.33
N VAL HA 62 -45.02 36.23 -20.44
CA VAL HA 62 -44.02 37.13 -19.88
C VAL HA 62 -42.87 37.33 -20.87
N VAL HA 63 -42.24 36.24 -21.30
CA VAL HA 63 -41.14 36.31 -22.25
C VAL HA 63 -41.66 36.06 -23.65
N GLY HA 64 -42.14 34.84 -23.89
CA GLY HA 64 -42.67 34.48 -25.20
C GLY HA 64 -41.60 34.34 -26.26
N LEU HA 65 -40.54 33.60 -25.94
CA LEU HA 65 -39.42 33.38 -26.85
C LEU HA 65 -38.81 34.69 -27.34
N GLN IA 1 0.63 41.32 -18.80
CA GLN IA 1 -0.31 41.01 -19.86
C GLN IA 1 -1.74 41.29 -19.44
N ASP IA 2 -2.69 40.89 -20.29
CA ASP IA 2 -4.10 41.09 -20.01
C ASP IA 2 -4.67 39.84 -19.34
N LEU IA 3 -6.00 39.73 -19.31
CA LEU IA 3 -6.67 38.59 -18.71
C LEU IA 3 -6.97 37.52 -19.77
N MET IA 4 -7.19 36.29 -19.29
CA MET IA 4 -7.49 35.17 -20.17
C MET IA 4 -8.77 34.45 -19.80
N ALA IA 5 -9.51 34.91 -18.80
CA ALA IA 5 -10.74 34.26 -18.38
C ALA IA 5 -11.93 34.63 -19.26
N SER IA 6 -11.82 35.69 -20.05
CA SER IA 6 -12.92 36.11 -20.92
C SER IA 6 -12.46 36.19 -22.37
N GLY IA 7 -12.89 37.23 -23.08
CA GLY IA 7 -12.51 37.39 -24.47
C GLY IA 7 -13.31 36.57 -25.45
N ASN IA 8 -14.41 35.97 -25.03
CA ASN IA 8 -15.23 35.13 -25.90
C ASN IA 8 -16.71 35.50 -25.91
N THR IA 9 -17.23 36.16 -24.87
CA THR IA 9 -18.63 36.54 -24.77
C THR IA 9 -19.55 35.33 -24.95
N THR IA 10 -19.20 34.25 -24.26
CA THR IA 10 -19.96 33.00 -24.31
C THR IA 10 -20.92 32.85 -23.13
N VAL IA 11 -20.44 33.11 -21.91
CA VAL IA 11 -21.31 33.00 -20.74
C VAL IA 11 -22.32 34.13 -20.67
N LYS IA 12 -22.05 35.25 -21.34
CA LYS IA 12 -23.00 36.36 -21.34
C LYS IA 12 -24.23 36.05 -22.19
N ALA IA 13 -24.04 35.36 -23.31
CA ALA IA 13 -25.15 34.99 -24.17
C ALA IA 13 -25.88 33.74 -23.70
N THR IA 14 -25.34 33.03 -22.72
CA THR IA 14 -25.97 31.83 -22.17
C THR IA 14 -26.75 32.11 -20.89
N PHE IA 15 -26.14 32.85 -19.95
CA PHE IA 15 -26.78 33.20 -18.68
C PHE IA 15 -27.06 34.70 -18.69
N GLY IA 16 -28.14 35.08 -19.36
CA GLY IA 16 -28.51 36.48 -19.46
C GLY IA 16 -30.00 36.69 -19.63
N LYS IA 17 -30.40 37.91 -20.00
CA LYS IA 17 -31.81 38.22 -20.20
C LYS IA 17 -32.31 37.69 -21.54
N ASP IA 18 -31.54 37.91 -22.60
CA ASP IA 18 -31.90 37.47 -23.95
C ASP IA 18 -31.38 36.07 -24.24
N SER IA 19 -31.58 35.15 -23.29
CA SER IA 19 -31.12 33.78 -23.45
C SER IA 19 -32.23 32.79 -23.12
N SER IA 20 -31.87 31.67 -22.52
CA SER IA 20 -32.83 30.63 -22.14
C SER IA 20 -33.02 30.52 -20.64
N VAL IA 21 -32.31 31.31 -19.84
CA VAL IA 21 -32.45 31.23 -18.40
C VAL IA 21 -33.77 31.83 -17.95
N VAL IA 22 -34.24 32.89 -18.63
CA VAL IA 22 -35.48 33.54 -18.23
C VAL IA 22 -36.69 32.67 -18.50
N LYS IA 23 -36.57 31.63 -19.33
CA LYS IA 23 -37.69 30.75 -19.62
C LYS IA 23 -37.80 29.60 -18.64
N TRP IA 24 -36.68 29.09 -18.13
CA TRP IA 24 -36.71 27.98 -17.19
C TRP IA 24 -37.05 28.43 -15.77
N VAL IA 25 -37.01 29.73 -15.49
CA VAL IA 25 -37.33 30.25 -14.17
C VAL IA 25 -38.74 30.79 -14.06
N VAL IA 26 -39.49 30.85 -15.16
CA VAL IA 26 -40.85 31.37 -15.13
C VAL IA 26 -41.90 30.26 -15.04
N LEU IA 27 -41.57 29.04 -15.47
CA LEU IA 27 -42.50 27.91 -15.40
C LEU IA 27 -42.32 27.05 -14.16
N ALA IA 28 -41.33 27.37 -13.32
CA ALA IA 28 -41.12 26.58 -12.10
C ALA IA 28 -42.13 26.90 -11.02
N GLU IA 29 -42.69 28.11 -11.03
CA GLU IA 29 -43.69 28.48 -10.02
C GLU IA 29 -45.05 27.85 -10.33
N VAL IA 30 -45.44 27.87 -11.61
CA VAL IA 30 -46.72 27.30 -12.00
C VAL IA 30 -46.69 25.77 -11.97
N LEU IA 31 -45.49 25.17 -11.96
CA LEU IA 31 -45.40 23.72 -11.93
C LEU IA 31 -45.79 23.15 -10.57
N VAL IA 32 -45.53 23.89 -9.50
CA VAL IA 32 -45.85 23.42 -8.15
C VAL IA 32 -46.78 24.36 -7.39
N GLY IA 33 -46.78 25.67 -7.67
CA GLY IA 33 -47.66 26.57 -6.95
C GLY IA 33 -49.09 26.54 -7.43
N ALA IA 34 -49.33 26.03 -8.64
CA ALA IA 34 -50.67 25.95 -9.20
C ALA IA 34 -51.31 24.58 -8.99
N VAL IA 35 -50.57 23.60 -8.49
CA VAL IA 35 -51.09 22.26 -8.24
C VAL IA 35 -51.09 21.90 -6.76
N MET IA 36 -50.66 22.81 -5.89
CA MET IA 36 -50.61 22.55 -4.46
C MET IA 36 -51.94 22.85 -3.76
N TYR IA 37 -53.03 22.95 -4.52
CA TYR IA 37 -54.35 23.17 -3.93
C TYR IA 37 -54.92 21.92 -3.28
N MET IA 38 -54.24 20.78 -3.39
CA MET IA 38 -54.77 19.55 -2.80
C MET IA 38 -54.63 19.56 -1.28
N MET IA 39 -53.54 20.13 -0.78
CA MET IA 39 -53.28 20.17 0.66
C MET IA 39 -53.50 21.55 1.28
N THR IA 40 -53.03 22.60 0.62
CA THR IA 40 -53.16 23.96 1.16
C THR IA 40 -54.52 24.55 0.80
N LYS IA 41 -54.73 24.84 -0.49
CA LYS IA 41 -55.96 25.46 -0.99
C LYS IA 41 -56.25 26.78 -0.26
N ASN IA 42 -55.33 27.73 -0.46
CA ASN IA 42 -55.45 29.05 0.15
C ASN IA 42 -54.81 30.08 -0.77
N VAL IA 43 -54.90 31.34 -0.36
CA VAL IA 43 -54.31 32.45 -1.11
C VAL IA 43 -53.00 32.78 -0.41
N LYS IA 44 -51.92 32.16 -0.87
CA LYS IA 44 -50.61 32.36 -0.27
C LYS IA 44 -49.53 32.59 -1.32
N PHE IA 45 -49.36 31.63 -2.23
CA PHE IA 45 -48.33 31.70 -3.26
C PHE IA 45 -48.85 32.50 -4.46
N LEU IA 46 -49.06 33.79 -4.22
CA LEU IA 46 -49.52 34.70 -5.25
C LEU IA 46 -48.62 35.93 -5.44
N ALA IA 47 -47.59 36.10 -4.62
CA ALA IA 47 -46.70 37.25 -4.73
C ALA IA 47 -45.49 36.98 -5.62
N GLY IA 48 -45.45 35.85 -6.31
CA GLY IA 48 -44.33 35.51 -7.17
C GLY IA 48 -44.52 35.82 -8.63
N PHE IA 49 -45.66 36.40 -9.01
CA PHE IA 49 -45.95 36.74 -10.40
C PHE IA 49 -45.50 38.14 -10.77
N ALA IA 50 -44.58 38.72 -10.00
CA ALA IA 50 -44.09 40.07 -10.29
C ALA IA 50 -42.62 40.21 -9.91
N ILE IA 51 -42.13 39.31 -9.05
CA ILE IA 51 -40.74 39.35 -8.62
C ILE IA 51 -39.79 38.63 -9.56
N ILE IA 52 -40.30 38.09 -10.66
CA ILE IA 52 -39.44 37.39 -11.61
C ILE IA 52 -38.65 38.38 -12.46
N SER IA 53 -39.34 39.39 -13.01
CA SER IA 53 -38.66 40.40 -13.82
C SER IA 53 -37.87 41.38 -12.97
N VAL IA 54 -38.14 41.44 -11.67
CA VAL IA 54 -37.41 42.37 -10.79
C VAL IA 54 -36.07 41.77 -10.36
N PHE IA 55 -36.04 40.48 -10.02
CA PHE IA 55 -34.79 39.86 -9.59
C PHE IA 55 -33.80 39.73 -10.74
N ILE IA 56 -34.29 39.55 -11.97
CA ILE IA 56 -33.39 39.43 -13.11
C ILE IA 56 -32.82 40.79 -13.53
N ALA IA 57 -33.46 41.89 -13.13
CA ALA IA 57 -32.97 43.21 -13.49
C ALA IA 57 -32.02 43.80 -12.46
N VAL IA 58 -32.01 43.26 -11.25
CA VAL IA 58 -31.12 43.75 -10.20
C VAL IA 58 -29.91 42.81 -10.08
N GLY IA 59 -29.78 41.90 -11.05
CA GLY IA 59 -28.67 40.97 -11.05
C GLY IA 59 -27.87 40.99 -12.35
N MET IA 60 -28.57 41.17 -13.48
CA MET IA 60 -27.89 41.21 -14.76
C MET IA 60 -27.28 42.57 -15.05
N ALA IA 61 -27.95 43.65 -14.61
CA ALA IA 61 -27.46 45.01 -14.84
C ALA IA 61 -26.52 45.49 -13.75
N VAL IA 62 -25.82 44.58 -13.08
CA VAL IA 62 -24.89 44.98 -12.03
C VAL IA 62 -23.57 45.44 -12.62
N VAL IA 63 -22.94 44.59 -13.43
CA VAL IA 63 -21.67 44.91 -14.07
C VAL IA 63 -21.92 45.35 -15.51
N GLY IA 64 -22.43 44.44 -16.33
CA GLY IA 64 -22.72 44.75 -17.72
C GLY IA 64 -21.46 44.90 -18.56
N LEU IA 65 -20.55 43.93 -18.47
CA LEU IA 65 -19.30 43.94 -19.21
C LEU IA 65 -18.50 45.21 -18.96
N GLN JA 1 19.01 41.80 -3.26
CA GLN JA 1 18.27 42.07 -4.49
C GLN JA 1 16.80 42.35 -4.20
N ASP JA 2 16.00 42.49 -5.26
CA ASP JA 2 14.58 42.74 -5.12
C ASP JA 2 13.81 41.43 -5.17
N LEU JA 3 12.49 41.51 -5.27
CA LEU JA 3 11.63 40.33 -5.32
C LEU JA 3 11.46 39.86 -6.76
N MET JA 4 11.07 38.59 -6.90
CA MET JA 4 10.86 37.99 -8.21
C MET JA 4 9.49 37.36 -8.37
N ALA JA 5 8.60 37.50 -7.37
CA ALA JA 5 7.28 36.91 -7.46
C ALA JA 5 6.30 37.79 -8.24
N SER JA 6 6.64 39.05 -8.47
CA SER JA 6 5.77 39.95 -9.22
C SER JA 6 6.49 40.54 -10.42
N GLY JA 7 6.31 41.83 -10.67
CA GLY JA 7 6.95 42.49 -11.78
C GLY JA 7 6.29 42.27 -13.12
N ASN JA 8 5.06 41.77 -13.16
CA ASN JA 8 4.34 41.53 -14.40
C ASN JA 8 2.93 42.07 -14.43
N THR JA 9 2.30 42.31 -13.27
CA THR JA 9 0.93 42.82 -13.18
C THR JA 9 -0.04 41.95 -13.98
N THR JA 10 0.09 40.63 -13.81
CA THR JA 10 -0.74 39.66 -14.48
C THR JA 10 -1.91 39.19 -13.62
N VAL JA 11 -1.63 38.84 -12.36
CA VAL JA 11 -2.69 38.40 -11.46
C VAL JA 11 -3.62 39.54 -11.06
N LYS JA 12 -3.14 40.79 -11.13
CA LYS JA 12 -3.99 41.92 -10.77
C LYS JA 12 -5.04 42.17 -11.83
N ALA JA 13 -4.69 42.02 -13.11
CA ALA JA 13 -5.64 42.21 -14.19
C ALA JA 13 -6.55 41.01 -14.40
N THR JA 14 -6.26 39.88 -13.77
CA THR JA 14 -7.06 38.67 -13.91
C THR JA 14 -8.04 38.49 -12.75
N PHE JA 15 -7.59 38.65 -11.51
CA PHE JA 15 -8.43 38.51 -10.33
C PHE JA 15 -8.59 39.89 -9.70
N GLY JA 16 -9.49 40.68 -10.27
CA GLY JA 16 -9.74 42.01 -9.79
C GLY JA 16 -11.15 42.47 -10.07
N LYS JA 17 -11.38 43.77 -9.90
CA LYS JA 17 -12.69 44.34 -10.15
C LYS JA 17 -12.96 44.50 -11.65
N ASP JA 18 -12.01 45.08 -12.37
CA ASP JA 18 -12.15 45.29 -13.81
C ASP JA 18 -11.67 44.09 -14.61
N SER JA 19 -12.16 42.91 -14.25
CA SER JA 19 -11.77 41.68 -14.93
C SER JA 19 -12.99 40.80 -15.21
N SER JA 20 -12.81 39.49 -15.16
CA SER JA 20 -13.88 38.54 -15.40
C SER JA 20 -14.36 37.85 -14.14
N VAL JA 21 -13.74 38.12 -12.99
CA VAL JA 21 -14.17 37.48 -11.75
C VAL JA 21 -15.50 38.04 -11.28
N VAL JA 22 -15.73 39.35 -11.49
CA VAL JA 22 -16.97 39.96 -11.03
C VAL JA 22 -18.17 39.48 -11.82
N LYS JA 23 -17.96 38.88 -12.99
CA LYS JA 23 -19.08 38.37 -13.79
C LYS JA 23 -19.46 36.95 -13.43
N TRP JA 24 -18.49 36.10 -13.07
CA TRP JA 24 -18.79 34.72 -12.71
C TRP JA 24 -19.38 34.60 -11.31
N VAL JA 25 -19.28 35.65 -10.48
CA VAL JA 25 -19.82 35.62 -9.12
C VAL JA 25 -21.20 36.24 -9.03
N VAL JA 26 -21.66 36.94 -10.08
CA VAL JA 26 -22.98 37.56 -10.03
C VAL JA 26 -24.06 36.66 -10.61
N LEU JA 27 -23.71 35.70 -11.46
CA LEU JA 27 -24.68 34.78 -12.04
C LEU JA 27 -24.84 33.50 -11.23
N ALA JA 28 -24.00 33.27 -10.21
CA ALA JA 28 -24.12 32.07 -9.40
C ALA JA 28 -25.30 32.13 -8.45
N GLU JA 29 -25.77 33.33 -8.10
CA GLU JA 29 -26.90 33.45 -7.19
C GLU JA 29 -28.22 33.22 -7.91
N VAL JA 30 -28.37 33.78 -9.12
CA VAL JA 30 -29.59 33.60 -9.88
C VAL JA 30 -29.72 32.18 -10.41
N LEU JA 31 -28.60 31.45 -10.51
CA LEU JA 31 -28.67 30.07 -10.97
C LEU JA 31 -29.30 29.15 -9.93
N VAL JA 32 -29.16 29.49 -8.65
CA VAL JA 32 -29.69 28.65 -7.58
C VAL JA 32 -30.77 29.35 -6.75
N GLY JA 33 -30.81 30.68 -6.73
CA GLY JA 33 -31.79 31.38 -5.94
C GLY JA 33 -33.14 31.53 -6.64
N ALA JA 34 -33.11 31.63 -7.97
CA ALA JA 34 -34.33 31.76 -8.75
C ALA JA 34 -34.98 30.42 -9.05
N VAL JA 35 -34.37 29.31 -8.65
CA VAL JA 35 -34.93 27.99 -8.90
C VAL JA 35 -35.32 27.25 -7.63
N MET JA 36 -34.99 27.79 -6.45
CA MET JA 36 -35.33 27.15 -5.19
C MET JA 36 -36.75 27.50 -4.71
N TYR JA 37 -37.57 28.09 -5.58
CA TYR JA 37 -38.96 28.37 -5.26
C TYR JA 37 -39.88 27.16 -5.45
N MET JA 38 -39.30 25.96 -5.63
CA MET JA 38 -40.09 24.75 -5.82
C MET JA 38 -40.36 24.04 -4.51
N MET JA 39 -39.31 23.52 -3.88
CA MET JA 39 -39.46 22.78 -2.62
C MET JA 39 -39.75 23.70 -1.45
N THR JA 40 -39.11 24.87 -1.40
CA THR JA 40 -39.27 25.81 -0.30
C THR JA 40 -40.35 26.86 -0.58
N LYS JA 41 -40.12 27.73 -1.56
CA LYS JA 41 -41.04 28.81 -1.92
C LYS JA 41 -41.31 29.71 -0.70
N ASN JA 42 -40.24 30.39 -0.28
CA ASN JA 42 -40.31 31.29 0.85
C ASN JA 42 -39.30 32.42 0.65
N VAL JA 43 -39.63 33.59 1.20
CA VAL JA 43 -38.74 34.75 1.10
C VAL JA 43 -37.58 34.57 2.08
N LYS JA 44 -36.46 34.06 1.57
CA LYS JA 44 -35.30 33.81 2.41
C LYS JA 44 -34.01 34.24 1.73
N PHE JA 45 -33.77 33.74 0.51
CA PHE JA 45 -32.54 34.03 -0.23
C PHE JA 45 -32.73 35.34 -1.02
N LEU JA 46 -32.90 36.43 -0.26
CA LEU JA 46 -33.04 37.76 -0.84
C LEU JA 46 -32.05 38.77 -0.30
N ALA JA 47 -31.22 38.39 0.67
CA ALA JA 47 -30.23 39.30 1.24
C ALA JA 47 -28.90 39.27 0.50
N GLY JA 48 -28.81 38.59 -0.63
CA GLY JA 48 -27.59 38.52 -1.40
C GLY JA 48 -27.48 39.46 -2.56
N PHE JA 49 -28.47 40.36 -2.74
CA PHE JA 49 -28.47 41.32 -3.83
C PHE JA 49 -27.79 42.63 -3.46
N ALA JA 50 -26.93 42.63 -2.43
CA ALA JA 50 -26.24 43.84 -2.01
C ALA JA 50 -24.86 43.51 -1.45
N ILE JA 51 -24.67 42.27 -1.00
CA ILE JA 51 -23.39 41.85 -0.44
C ILE JA 51 -22.37 41.49 -1.51
N ILE JA 52 -22.74 41.55 -2.78
CA ILE JA 52 -21.79 41.23 -3.84
C ILE JA 52 -20.80 42.36 -4.04
N SER JA 53 -21.30 43.59 -4.13
CA SER JA 53 -20.43 44.75 -4.32
C SER JA 53 -19.70 45.14 -3.04
N VAL JA 54 -20.18 44.69 -1.89
CA VAL JA 54 -19.54 45.02 -0.62
C VAL JA 54 -18.35 44.09 -0.35
N PHE JA 55 -18.52 42.79 -0.59
CA PHE JA 55 -17.43 41.85 -0.34
C PHE JA 55 -16.27 42.06 -1.30
N ILE JA 56 -16.55 42.50 -2.53
CA ILE JA 56 -15.48 42.73 -3.50
C ILE JA 56 -14.72 44.03 -3.22
N ALA JA 57 -15.30 44.93 -2.44
CA ALA JA 57 -14.64 46.20 -2.13
C ALA JA 57 -13.84 46.15 -0.83
N VAL JA 58 -14.10 45.16 0.02
CA VAL JA 58 -13.38 45.02 1.28
C VAL JA 58 -12.29 43.96 1.13
N GLY JA 59 -12.05 43.54 -0.12
CA GLY JA 59 -11.04 42.55 -0.40
C GLY JA 59 -10.03 43.00 -1.43
N MET JA 60 -10.50 43.72 -2.45
CA MET JA 60 -9.61 44.21 -3.50
C MET JA 60 -8.87 45.47 -3.09
N ALA JA 61 -9.52 46.34 -2.32
CA ALA JA 61 -8.92 47.59 -1.87
C ALA JA 61 -8.13 47.44 -0.57
N VAL JA 62 -7.63 46.24 -0.27
CA VAL JA 62 -6.88 46.03 0.95
C VAL JA 62 -5.44 46.50 0.78
N VAL JA 63 -4.75 45.98 -0.23
CA VAL JA 63 -3.36 46.36 -0.50
C VAL JA 63 -3.33 47.40 -1.62
N GLY JA 64 -3.75 46.99 -2.81
CA GLY JA 64 -3.76 47.88 -3.95
C GLY JA 64 -2.38 48.20 -4.48
N LEU JA 65 -1.55 47.18 -4.65
CA LEU JA 65 -0.19 47.32 -5.15
C LEU JA 65 0.63 48.31 -4.31
N GLN KA 1 34.25 32.91 13.00
CA GLN KA 1 33.79 33.80 11.95
C GLN KA 1 32.31 34.16 12.13
N ASP KA 2 31.74 34.85 11.14
CA ASP KA 2 30.35 35.25 11.18
C ASP KA 2 29.49 34.21 10.48
N LEU KA 3 28.21 34.53 10.27
CA LEU KA 3 27.30 33.62 9.61
C LEU KA 3 27.34 33.81 8.09
N MET KA 4 26.90 32.79 7.37
CA MET KA 4 26.87 32.81 5.92
C MET KA 4 25.49 32.53 5.34
N ALA KA 5 24.47 32.36 6.18
CA ALA KA 5 23.12 32.09 5.69
C ALA KA 5 22.39 33.35 5.24
N SER KA 6 22.86 34.52 5.65
CA SER KA 6 22.22 35.78 5.25
C SER KA 6 23.20 36.68 4.52
N GLY KA 7 23.17 37.97 4.82
CA GLY KA 7 24.06 38.93 4.18
C GLY KA 7 23.62 39.40 2.82
N ASN KA 8 22.37 39.14 2.42
CA ASN KA 8 21.86 39.56 1.12
C ASN KA 8 20.52 40.26 1.17
N THR KA 9 19.72 40.06 2.23
CA THR KA 9 18.40 40.68 2.36
C THR KA 9 17.52 40.39 1.15
N THR KA 10 17.52 39.11 0.73
CA THR KA 10 16.73 38.67 -0.42
C THR KA 10 15.40 38.04 0.00
N VAL KA 11 15.41 37.16 0.99
CA VAL KA 11 14.18 36.53 1.44
C VAL KA 11 13.30 37.51 2.21
N LYS KA 12 13.88 38.57 2.78
CA LYS KA 12 13.08 39.54 3.51
C LYS KA 12 12.25 40.39 2.56
N ALA KA 13 12.79 40.72 1.39
CA ALA KA 13 12.06 41.51 0.40
C ALA KA 13 11.12 40.68 -0.45
N THR KA 14 11.17 39.34 -0.34
CA THR KA 14 10.31 38.46 -1.09
C THR KA 14 9.13 37.95 -0.26
N PHE KA 15 9.39 37.50 0.96
CA PHE KA 15 8.35 36.99 1.86
C PHE KA 15 8.18 37.99 3.00
N GLY KA 16 7.48 39.09 2.70
CA GLY KA 16 7.25 40.13 3.68
C GLY KA 16 5.95 40.87 3.48
N LYS KA 17 5.80 42.02 4.14
CA LYS KA 17 4.59 42.81 4.01
C LYS KA 17 4.58 43.62 2.71
N ASP KA 18 5.68 44.30 2.42
CA ASP KA 18 5.80 45.13 1.22
C ASP KA 18 6.35 44.32 0.05
N SER KA 19 5.77 43.14 -0.18
CA SER KA 19 6.19 42.28 -1.27
C SER KA 19 4.99 41.78 -2.07
N SER KA 20 5.06 40.54 -2.55
CA SER KA 20 3.97 39.96 -3.34
C SER KA 20 3.21 38.87 -2.59
N VAL KA 21 3.63 38.52 -1.38
CA VAL KA 21 2.93 37.48 -0.63
C VAL KA 21 1.58 37.98 -0.14
N VAL KA 22 1.49 39.26 0.23
CA VAL KA 22 0.24 39.81 0.74
C VAL KA 22 -0.83 39.90 -0.34
N LYS KA 23 -0.45 39.85 -1.61
CA LYS KA 23 -1.42 39.91 -2.69
C LYS KA 23 -1.99 38.54 -3.06
N TRP KA 24 -1.16 37.49 -3.00
CA TRP KA 24 -1.63 36.16 -3.32
C TRP KA 24 -2.48 35.55 -2.22
N VAL KA 25 -2.46 36.11 -1.01
CA VAL KA 25 -3.25 35.59 0.10
C VAL KA 25 -4.57 36.33 0.30
N VAL KA 26 -4.74 37.49 -0.35
CA VAL KA 26 -5.98 38.26 -0.20
C VAL KA 26 -7.02 37.87 -1.25
N LEU KA 27 -6.61 37.31 -2.38
CA LEU KA 27 -7.54 36.90 -3.42
C LEU KA 27 -7.95 35.44 -3.31
N ALA KA 28 -7.31 34.67 -2.43
CA ALA KA 28 -7.65 33.26 -2.28
C ALA KA 28 -8.95 33.07 -1.52
N GLU KA 29 -9.36 34.04 -0.70
CA GLU KA 29 -10.60 33.91 0.05
C GLU KA 29 -11.81 34.18 -0.83
N VAL KA 30 -11.73 35.22 -1.67
CA VAL KA 30 -12.85 35.54 -2.55
C VAL KA 30 -12.99 34.51 -3.67
N LEU KA 31 -11.92 33.76 -3.95
CA LEU KA 31 -12.01 32.73 -4.99
C LEU KA 31 -12.84 31.54 -4.54
N VAL KA 32 -12.84 31.25 -3.23
CA VAL KA 32 -13.58 30.10 -2.71
C VAL KA 32 -14.70 30.51 -1.76
N GLY KA 33 -14.69 31.71 -1.21
CA GLY KA 33 -15.74 32.13 -0.29
C GLY KA 33 -16.94 32.73 -0.98
N ALA KA 34 -16.72 33.36 -2.13
CA ALA KA 34 -17.79 33.97 -2.91
C ALA KA 34 -18.46 33.00 -3.86
N VAL KA 35 -18.00 31.74 -3.91
CA VAL KA 35 -18.58 30.74 -4.79
C VAL KA 35 -19.25 29.60 -4.04
N MET KA 36 -19.15 29.55 -2.71
CA MET KA 36 -19.76 28.49 -1.93
C MET KA 36 -21.22 28.77 -1.60
N TYR KA 37 -21.83 29.76 -2.24
CA TYR KA 37 -23.25 30.03 -2.07
C TYR KA 37 -24.15 29.11 -2.87
N MET KA 38 -23.57 28.13 -3.58
CA MET KA 38 -24.38 27.22 -4.39
C MET KA 38 -24.93 26.07 -3.56
N MET KA 39 -24.05 25.33 -2.88
CA MET KA 39 -24.47 24.19 -2.08
C MET KA 39 -24.87 24.58 -0.66
N THR KA 40 -24.08 25.44 -0.01
CA THR KA 40 -24.36 25.84 1.37
C THR KA 40 -25.33 27.02 1.43
N LYS KA 41 -24.91 28.18 0.92
CA LYS KA 41 -25.71 29.40 0.94
C LYS KA 41 -26.11 29.76 2.37
N ASN KA 42 -25.10 30.15 3.15
CA ASN KA 42 -25.30 30.52 4.55
C ASN KA 42 -24.27 31.58 4.93
N VAL KA 43 -24.53 32.25 6.05
CA VAL KA 43 -23.62 33.27 6.57
C VAL KA 43 -22.68 32.57 7.56
N LYS KA 44 -21.55 32.09 7.07
CA LYS KA 44 -20.59 31.37 7.91
C LYS KA 44 -19.17 31.81 7.62
N PHE KA 45 -18.80 31.87 6.34
CA PHE KA 45 -17.44 32.23 5.94
C PHE KA 45 -17.31 33.74 5.76
N LEU KA 46 -17.60 34.46 6.84
CA LEU KA 46 -17.51 35.92 6.85
C LEU KA 46 -16.56 36.48 7.91
N ALA KA 47 -15.86 35.63 8.67
CA ALA KA 47 -14.94 36.09 9.69
C ALA KA 47 -13.51 36.23 9.20
N GLY KA 48 -13.26 35.95 7.92
CA GLY KA 48 -11.93 36.06 7.34
C GLY KA 48 -11.59 37.39 6.73
N PHE KA 49 -12.47 38.38 6.84
CA PHE KA 49 -12.23 39.70 6.28
C PHE KA 49 -11.53 40.64 7.26
N ALA KA 50 -10.90 40.10 8.30
CA ALA KA 50 -10.21 40.93 9.29
C ALA KA 50 -8.97 40.22 9.82
N ILE KA 51 -8.93 38.89 9.68
CA ILE KA 51 -7.79 38.12 10.15
C ILE KA 51 -6.63 38.10 9.17
N ILE KA 52 -6.77 38.74 8.01
CA ILE KA 52 -5.68 38.76 7.03
C ILE KA 52 -4.59 39.71 7.48
N SER KA 53 -4.96 40.92 7.87
CA SER KA 53 -3.99 41.91 8.33
C SER KA 53 -3.45 41.61 9.71
N VAL KA 54 -4.14 40.78 10.49
CA VAL KA 54 -3.69 40.43 11.83
C VAL KA 54 -2.66 39.31 11.80
N PHE KA 55 -2.89 38.28 10.98
CA PHE KA 55 -1.95 37.17 10.90
C PHE KA 55 -0.62 37.59 10.27
N ILE KA 56 -0.66 38.56 9.36
CA ILE KA 56 0.57 39.02 8.72
C ILE KA 56 1.38 39.94 9.63
N ALA KA 57 0.75 40.50 10.66
CA ALA KA 57 1.46 41.40 11.58
C ALA KA 57 2.03 40.68 12.78
N VAL KA 58 1.43 39.55 13.19
CA VAL KA 58 1.92 38.79 14.34
C VAL KA 58 3.01 37.79 13.95
N GLY KA 59 3.43 37.77 12.69
CA GLY KA 59 4.46 36.85 12.26
C GLY KA 59 5.66 37.55 11.64
N MET KA 60 5.41 38.67 10.97
CA MET KA 60 6.50 39.41 10.34
C MET KA 60 7.26 40.28 11.34
N ALA KA 61 6.56 40.83 12.33
CA ALA KA 61 7.17 41.70 13.34
C ALA KA 61 7.73 40.92 14.52
N VAL KA 62 8.02 39.63 14.35
CA VAL KA 62 8.57 38.83 15.44
C VAL KA 62 10.05 39.12 15.63
N VAL KA 63 10.84 38.92 14.57
CA VAL KA 63 12.28 39.17 14.63
C VAL KA 63 12.58 40.57 14.09
N GLY KA 64 12.32 40.79 12.81
CA GLY KA 64 12.57 42.08 12.20
C GLY KA 64 14.04 42.39 12.03
N LEU KA 65 14.80 41.42 11.52
CA LEU KA 65 16.24 41.57 11.31
C LEU KA 65 16.96 41.98 12.58
N GLN LA 1 45.61 16.09 25.85
CA GLN LA 1 45.40 17.39 25.24
C GLN LA 1 43.96 17.84 25.38
N ASP LA 2 43.61 18.94 24.71
CA ASP LA 2 42.26 19.48 24.76
C ASP LA 2 41.46 18.95 23.56
N LEU LA 3 40.30 19.55 23.32
CA LEU LA 3 39.44 19.15 22.21
C LEU LA 3 39.77 19.94 20.95
N MET LA 4 39.38 19.39 19.81
CA MET LA 4 39.62 20.03 18.52
C MET LA 4 38.37 20.19 17.68
N ALA LA 5 37.20 19.86 18.21
CA ALA LA 5 35.96 20.00 17.45
C ALA LA 5 35.39 21.41 17.50
N SER LA 6 35.89 22.26 18.41
CA SER LA 6 35.41 23.63 18.51
C SER LA 6 36.56 24.61 18.39
N GLY LA 7 36.57 25.64 19.25
CA GLY LA 7 37.62 26.63 19.21
C GLY LA 7 37.48 27.68 18.13
N ASN LA 8 36.29 27.83 17.54
CA ASN LA 8 36.07 28.82 16.50
C ASN LA 8 34.80 29.62 16.67
N THR LA 9 33.80 29.13 17.41
CA THR LA 9 32.53 29.82 17.63
C THR LA 9 31.88 30.20 16.30
N THR LA 10 31.84 29.24 15.38
CA THR LA 10 31.25 29.43 14.06
C THR LA 10 29.84 28.88 13.97
N VAL LA 11 29.62 27.66 14.47
CA VAL LA 11 28.29 27.07 14.43
C VAL LA 11 27.34 27.74 15.41
N LYS LA 12 27.87 28.39 16.45
CA LYS LA 12 27.01 29.08 17.41
C LYS LA 12 26.42 30.36 16.82
N ALA LA 13 27.21 31.09 16.04
CA ALA LA 13 26.74 32.32 15.41
C ALA LA 13 25.91 32.05 14.16
N THR LA 14 25.92 30.83 13.64
CA THR LA 14 25.15 30.47 12.46
C THR LA 14 23.81 29.84 12.80
N PHE LA 15 23.79 28.89 13.73
CA PHE LA 15 22.57 28.21 14.16
C PHE LA 15 22.26 28.66 15.58
N GLY LA 16 21.68 29.85 15.71
CA GLY LA 16 21.34 30.39 17.00
C GLY LA 16 20.15 31.34 16.97
N LYS LA 17 19.98 32.11 18.04
CA LYS LA 17 18.85 33.05 18.10
C LYS LA 17 19.14 34.30 17.29
N ASP LA 18 20.31 34.90 17.48
CA ASP LA 18 20.70 36.12 16.78
C ASP LA 18 21.37 35.81 15.45
N SER LA 19 20.76 34.92 14.66
CA SER LA 19 21.30 34.53 13.37
C SER LA 19 20.23 34.59 12.29
N SER LA 20 20.32 33.70 11.30
CA SER LA 20 19.36 33.66 10.21
C SER LA 20 18.42 32.47 10.29
N VAL LA 21 18.58 31.60 11.30
CA VAL LA 21 17.70 30.44 11.43
C VAL LA 21 16.31 30.87 11.89
N VAL LA 22 16.23 31.88 12.76
CA VAL LA 22 14.93 32.32 13.28
C VAL LA 22 14.09 32.98 12.20
N LYS LA 23 14.69 33.41 11.09
CA LYS LA 23 13.93 34.05 10.02
C LYS LA 23 13.36 33.05 9.03
N TRP LA 24 14.09 31.98 8.73
CA TRP LA 24 13.61 30.98 7.79
C TRP LA 24 12.55 30.06 8.39
N VAL LA 25 12.37 30.06 9.71
CA VAL LA 25 11.37 29.22 10.36
C VAL LA 25 10.09 29.97 10.68
N VAL LA 26 10.08 31.30 10.57
CA VAL LA 26 8.87 32.06 10.88
C VAL LA 26 8.01 32.28 9.64
N LEU LA 27 8.58 32.21 8.44
CA LEU LA 27 7.82 32.39 7.20
C LEU LA 27 7.29 31.08 6.63
N ALA LA 28 7.71 29.94 7.17
CA ALA LA 28 7.23 28.65 6.66
C ALA LA 28 5.80 28.37 7.09
N GLU LA 29 5.34 28.97 8.18
CA GLU LA 29 3.97 28.73 8.65
C GLU LA 29 2.96 29.52 7.82
N VAL LA 30 3.26 30.80 7.55
CA VAL LA 30 2.34 31.62 6.77
C VAL LA 30 2.32 31.19 5.31
N LEU LA 31 3.35 30.47 4.85
CA LEU LA 31 3.37 29.99 3.47
C LEU LA 31 2.34 28.89 3.25
N VAL LA 32 2.03 28.12 4.29
CA VAL LA 32 1.10 27.01 4.17
C VAL LA 32 -0.13 27.17 5.06
N GLY LA 33 -0.04 27.92 6.16
CA GLY LA 33 -1.18 28.10 7.04
C GLY LA 33 -2.16 29.14 6.56
N ALA LA 34 -1.69 30.07 5.74
CA ALA LA 34 -2.54 31.13 5.19
C ALA LA 34 -3.11 30.79 3.83
N VAL LA 35 -2.76 29.64 3.26
CA VAL LA 35 -3.27 29.23 1.95
C VAL LA 35 -4.11 27.97 2.01
N MET LA 36 -4.26 27.36 3.19
CA MET LA 36 -5.06 26.15 3.34
C MET LA 36 -6.55 26.44 3.57
N TYR LA 37 -6.99 27.67 3.32
CA TYR LA 37 -8.39 28.02 3.42
C TYR LA 37 -9.21 27.59 2.21
N MET LA 38 -8.60 26.90 1.24
CA MET LA 38 -9.32 26.48 0.05
C MET LA 38 -10.09 25.18 0.30
N MET LA 39 -9.37 24.14 0.74
CA MET LA 39 -10.00 22.84 0.97
C MET LA 39 -10.60 22.73 2.37
N THR LA 40 -9.87 23.18 3.39
CA THR LA 40 -10.33 23.07 4.78
C THR LA 40 -11.25 24.24 5.14
N LYS LA 41 -10.69 25.45 5.19
CA LYS LA 41 -11.41 26.66 5.59
C LYS LA 41 -12.02 26.49 6.98
N ASN LA 42 -11.15 26.38 7.97
CA ASN LA 42 -11.56 26.21 9.36
C ASN LA 42 -10.53 26.86 10.26
N VAL LA 43 -10.88 27.00 11.54
CA VAL LA 43 -9.98 27.56 12.55
C VAL LA 43 -9.28 26.38 13.22
N LYS LA 44 -8.09 26.04 12.72
CA LYS LA 44 -7.35 24.89 13.24
C LYS LA 44 -5.87 25.23 13.40
N PHE LA 45 -5.25 25.72 12.33
CA PHE LA 45 -3.82 26.02 12.33
C PHE LA 45 -3.60 27.46 12.83
N LEU LA 46 -3.96 27.67 14.10
CA LEU LA 46 -3.80 28.97 14.74
C LEU LA 46 -3.00 28.92 16.03
N ALA LA 47 -2.56 27.74 16.48
CA ALA LA 47 -1.79 27.62 17.71
C ALA LA 47 -0.30 27.76 17.50
N GLY LA 48 0.16 27.86 16.24
CA GLY LA 48 1.57 28.00 15.94
C GLY LA 48 2.11 29.41 15.99
N PHE LA 49 1.29 30.39 16.38
CA PHE LA 49 1.71 31.78 16.47
C PHE LA 49 2.26 32.15 17.84
N ALA LA 50 2.68 31.17 18.63
CA ALA LA 50 3.21 31.43 19.96
C ALA LA 50 4.27 30.40 20.34
N ILE LA 51 4.25 29.24 19.67
CA ILE LA 51 5.21 28.18 19.96
C ILE LA 51 6.53 28.36 19.24
N ILE LA 52 6.67 29.43 18.44
CA ILE LA 52 7.92 29.65 17.72
C ILE LA 52 8.99 30.18 18.67
N SER LA 53 8.65 31.20 19.47
CA SER LA 53 9.61 31.76 20.41
C SER LA 53 9.84 30.85 21.62
N VAL LA 54 8.93 29.92 21.87
CA VAL LA 54 9.08 29.01 23.00
C VAL LA 54 10.01 27.85 22.67
N PHE LA 55 9.87 27.27 21.47
CA PHE LA 55 10.71 26.15 21.09
C PHE LA 55 12.16 26.58 20.87
N ILE LA 56 12.38 27.81 20.42
CA ILE LA 56 13.74 28.30 20.20
C ILE LA 56 14.43 28.66 21.51
N ALA LA 57 13.67 28.88 22.59
CA ALA LA 57 14.25 29.22 23.87
C ALA LA 57 14.56 28.01 24.73
N VAL LA 58 13.81 26.91 24.56
CA VAL LA 58 14.05 25.70 25.33
C VAL LA 58 15.07 24.77 24.67
N GLY LA 59 15.65 25.18 23.56
CA GLY LA 59 16.63 24.35 22.88
C GLY LA 59 17.98 25.02 22.74
N MET LA 60 17.99 26.35 22.65
CA MET LA 60 19.24 27.08 22.52
C MET LA 60 19.90 27.34 23.87
N ALA LA 61 19.12 27.57 24.92
CA ALA LA 61 19.64 27.83 26.25
C ALA LA 61 19.87 26.56 27.05
N VAL LA 62 20.10 25.43 26.39
CA VAL LA 62 20.35 24.18 27.10
C VAL LA 62 21.77 24.13 27.61
N VAL LA 63 22.75 24.30 26.73
CA VAL LA 63 24.16 24.28 27.10
C VAL LA 63 24.66 25.70 27.25
N GLY LA 64 24.69 26.45 26.15
CA GLY LA 64 25.14 27.82 26.17
C GLY LA 64 26.64 27.95 26.36
N LEU LA 65 27.41 27.20 25.57
CA LEU LA 65 28.88 27.21 25.63
C LEU LA 65 29.37 26.89 27.04
N GLN MA 1 52.99 -6.13 31.31
CA GLN MA 1 53.01 -4.67 31.28
C GLN MA 1 51.60 -4.09 31.39
N ASP MA 2 51.48 -2.78 31.26
CA ASP MA 2 50.20 -2.10 31.34
C ASP MA 2 49.60 -1.94 29.94
N LEU MA 3 48.50 -1.19 29.85
CA LEU MA 3 47.84 -0.97 28.58
C LEU MA 3 48.47 0.22 27.85
N MET MA 4 48.24 0.26 26.54
CA MET MA 4 48.78 1.33 25.69
C MET MA 4 47.71 2.04 24.88
N ALA MA 5 46.44 1.72 25.06
CA ALA MA 5 45.38 2.36 24.31
C ALA MA 5 44.96 3.70 24.91
N SER MA 6 45.30 3.97 26.17
CA SER MA 6 44.95 5.22 26.80
C SER MA 6 46.19 5.97 27.26
N GLY MA 7 46.16 6.51 28.47
CA GLY MA 7 47.30 7.25 29.00
C GLY MA 7 47.44 8.66 28.51
N ASN MA 8 46.40 9.23 27.88
CA ASN MA 8 46.46 10.59 27.37
C ASN MA 8 45.24 11.43 27.69
N THR MA 9 44.09 10.82 27.99
CA THR MA 9 42.85 11.53 28.32
C THR MA 9 42.49 12.53 27.22
N THR MA 10 42.57 12.06 25.98
CA THR MA 10 42.26 12.88 24.81
C THR MA 10 40.84 12.64 24.30
N VAL MA 11 40.42 11.37 24.20
CA VAL MA 11 39.08 11.06 23.73
C VAL MA 11 38.02 11.43 24.77
N LYS MA 12 38.41 11.50 26.05
CA LYS MA 12 37.44 11.86 27.09
C LYS MA 12 37.09 13.34 27.02
N ALA MA 13 38.06 14.19 26.71
CA ALA MA 13 37.82 15.63 26.59
C ALA MA 13 37.22 16.02 25.25
N THR MA 14 37.18 15.10 24.28
CA THR MA 14 36.62 15.37 22.97
C THR MA 14 35.19 14.87 22.83
N PHE MA 15 34.92 13.64 23.27
CA PHE MA 15 33.59 13.04 23.21
C PHE MA 15 33.07 12.88 24.64
N GLY MA 16 32.56 13.98 25.18
CA GLY MA 16 32.04 13.97 26.52
C GLY MA 16 30.97 15.03 26.72
N LYS MA 17 30.65 15.27 27.99
CA LYS MA 17 29.63 16.27 28.31
C LYS MA 17 30.18 17.68 28.20
N ASP MA 18 31.35 17.92 28.79
CA ASP MA 18 31.98 19.25 28.75
C ASP MA 18 32.87 19.42 27.52
N SER MA 19 32.32 19.08 26.35
CA SER MA 19 33.06 19.20 25.11
C SER MA 19 32.20 19.88 24.04
N SER MA 20 32.41 19.50 22.78
CA SER MA 20 31.66 20.07 21.67
C SER MA 20 30.61 19.12 21.10
N VAL MA 21 30.52 17.90 21.61
CA VAL MA 21 29.54 16.95 21.10
C VAL MA 21 28.12 17.35 21.53
N VAL MA 22 27.98 17.90 22.74
CA VAL MA 22 26.66 18.28 23.23
C VAL MA 22 26.08 19.46 22.48
N LYS MA 23 26.91 20.22 21.76
CA LYS MA 23 26.43 21.37 21.00
C LYS MA 23 25.97 20.99 19.60
N TRP MA 24 26.62 20.02 18.96
CA TRP MA 24 26.23 19.61 17.62
C TRP MA 24 24.99 18.73 17.62
N VAL MA 25 24.58 18.20 18.79
CA VAL MA 25 23.39 17.37 18.87
C VAL MA 25 22.18 18.11 19.42
N VAL MA 26 22.37 19.32 19.97
CA VAL MA 26 21.24 20.07 20.51
C VAL MA 26 20.56 20.91 19.45
N LEU MA 27 21.26 21.25 18.36
CA LEU MA 27 20.68 22.02 17.28
C LEU MA 27 20.22 21.16 16.11
N ALA MA 28 20.44 19.85 16.16
CA ALA MA 28 20.01 18.97 15.09
C ALA MA 28 18.50 18.74 15.10
N GLU MA 29 17.86 18.93 16.25
CA GLU MA 29 16.41 18.74 16.32
C GLU MA 29 15.65 19.94 15.76
N VAL MA 30 16.12 21.15 16.07
CA VAL MA 30 15.46 22.35 15.57
C VAL MA 30 15.66 22.53 14.07
N LEU MA 31 16.70 21.90 13.51
CA LEU MA 31 16.94 22.01 12.08
C LEU MA 31 15.90 21.22 11.27
N VAL MA 32 15.36 20.15 11.84
CA VAL MA 32 14.38 19.33 11.15
C VAL MA 32 13.02 19.34 11.84
N GLY MA 33 12.93 19.75 13.09
CA GLY MA 33 11.67 19.78 13.80
C GLY MA 33 10.89 21.06 13.58
N ALA MA 34 11.61 22.17 13.42
CA ALA MA 34 10.97 23.47 13.20
C ALA MA 34 10.64 23.72 11.73
N VAL MA 35 10.94 22.78 10.84
CA VAL MA 35 10.66 22.92 9.42
C VAL MA 35 9.66 21.89 8.91
N MET MA 36 9.30 20.89 9.70
CA MET MA 36 8.36 19.86 9.26
C MET MA 36 6.91 20.29 9.43
N TYR MA 37 6.65 21.55 9.79
CA TYR MA 37 5.30 22.08 9.84
C TYR MA 37 4.76 22.49 8.48
N MET MA 38 5.52 22.29 7.41
CA MET MA 38 5.07 22.67 6.08
C MET MA 38 4.10 21.65 5.51
N MET MA 39 4.50 20.38 5.47
CA MET MA 39 3.66 19.32 4.91
C MET MA 39 2.78 18.66 5.96
N THR MA 40 3.36 18.30 7.11
CA THR MA 40 2.61 17.62 8.15
C THR MA 40 1.77 18.61 8.96
N LYS MA 41 2.43 19.53 9.66
CA LYS MA 41 1.77 20.51 10.53
C LYS MA 41 0.90 19.82 11.57
N ASN MA 42 1.57 19.09 12.46
CA ASN MA 42 0.89 18.36 13.53
C ASN MA 42 1.79 18.31 14.75
N VAL MA 43 1.18 18.22 15.92
CA VAL MA 43 1.91 18.13 17.18
C VAL MA 43 2.36 16.67 17.32
N LYS MA 44 3.59 16.39 16.89
CA LYS MA 44 4.11 15.03 16.94
C LYS MA 44 5.57 15.02 17.40
N PHE MA 45 6.40 15.84 16.76
CA PHE MA 45 7.83 15.89 17.07
C PHE MA 45 8.10 16.88 18.21
N LEU MA 46 7.51 16.59 19.37
CA LEU MA 46 7.67 17.42 20.56
C LEU MA 46 8.20 16.64 21.75
N ALA MA 47 8.45 15.35 21.61
CA ALA MA 47 8.98 14.54 22.70
C ALA MA 47 10.50 14.46 22.73
N GLY MA 48 11.18 15.38 22.04
CA GLY MA 48 12.62 15.40 22.00
C GLY MA 48 13.29 16.51 22.78
N PHE MA 49 12.51 17.38 23.43
CA PHE MA 49 13.05 18.48 24.22
C PHE MA 49 13.35 18.09 25.66
N ALA MA 50 13.54 16.79 25.93
CA ALA MA 50 13.84 16.33 27.27
C ALA MA 50 14.72 15.09 27.24
N ILE MA 51 14.70 14.37 26.11
CA ILE MA 51 15.51 13.16 25.97
C ILE MA 51 16.96 13.46 25.62
N ILE MA 52 17.30 14.73 25.40
CA ILE MA 52 18.68 15.07 25.05
C ILE MA 52 19.58 14.97 26.28
N SER MA 53 19.14 15.55 27.39
CA SER MA 53 19.92 15.50 28.62
C SER MA 53 19.87 14.14 29.28
N VAL MA 54 18.89 13.31 28.95
CA VAL MA 54 18.78 11.97 29.54
C VAL MA 54 19.67 10.97 28.82
N PHE MA 55 19.70 11.01 27.48
CA PHE MA 55 20.52 10.07 26.74
C PHE MA 55 22.01 10.35 26.93
N ILE MA 56 22.38 11.61 27.18
CA ILE MA 56 23.78 11.94 27.38
C ILE MA 56 24.25 11.57 28.79
N ALA MA 57 23.33 11.38 29.74
CA ALA MA 57 23.70 11.03 31.10
C ALA MA 57 23.73 9.53 31.34
N VAL MA 58 22.96 8.76 30.57
CA VAL MA 58 22.94 7.30 30.72
C VAL MA 58 24.02 6.62 29.90
N GLY MA 59 24.88 7.36 29.23
CA GLY MA 59 25.93 6.78 28.42
C GLY MA 59 27.32 7.24 28.83
N MET MA 60 27.42 8.49 29.30
CA MET MA 60 28.72 9.01 29.71
C MET MA 60 29.10 8.58 31.11
N ALA MA 61 28.12 8.45 32.01
CA ALA MA 61 28.36 8.05 33.39
C ALA MA 61 28.37 6.53 33.57
N VAL MA 62 28.64 5.78 32.52
CA VAL MA 62 28.66 4.33 32.63
C VAL MA 62 29.98 3.85 33.24
N VAL MA 63 31.11 4.23 32.63
CA VAL MA 63 32.42 3.85 33.13
C VAL MA 63 32.99 4.98 33.97
N GLY MA 64 33.27 6.12 33.33
CA GLY MA 64 33.81 7.26 34.04
C GLY MA 64 35.25 7.07 34.46
N LEU MA 65 36.09 6.60 33.54
CA LEU MA 65 37.51 6.36 33.80
C LEU MA 65 37.71 5.44 34.98
N GLN NA 1 57.64 -29.49 27.52
CA GLN NA 1 57.73 -28.17 28.14
C GLN NA 1 56.36 -27.53 28.28
N ASP NA 2 56.33 -26.27 28.69
CA ASP NA 2 55.10 -25.53 28.87
C ASP NA 2 54.79 -24.71 27.61
N LEU NA 3 53.84 -23.79 27.73
CA LEU NA 3 53.44 -22.94 26.62
C LEU NA 3 54.28 -21.67 26.60
N MET NA 4 54.32 -21.03 25.42
CA MET NA 4 55.07 -19.79 25.23
C MET NA 4 54.22 -18.65 24.67
N ALA NA 5 52.92 -18.86 24.48
CA ALA NA 5 52.05 -17.82 23.94
C ALA NA 5 51.60 -16.82 25.00
N SER NA 6 51.77 -17.13 26.28
CA SER NA 6 51.36 -16.22 27.34
C SER NA 6 52.53 -15.91 28.27
N GLY NA 7 52.27 -15.88 29.58
CA GLY NA 7 53.31 -15.62 30.55
C GLY NA 7 53.67 -14.16 30.72
N ASN NA 8 52.84 -13.25 30.22
CA ASN NA 8 53.11 -11.82 30.32
C ASN NA 8 51.95 -11.00 30.84
N THR NA 9 50.71 -11.48 30.74
CA THR NA 9 49.52 -10.75 31.19
C THR NA 9 49.46 -9.36 30.56
N THR NA 10 49.68 -9.29 29.26
CA THR NA 10 49.65 -8.02 28.54
C THR NA 10 48.34 -7.81 27.80
N VAL NA 11 47.86 -8.85 27.10
CA VAL NA 11 46.60 -8.74 26.37
C VAL NA 11 45.41 -8.71 27.31
N LYS NA 12 45.55 -9.22 28.53
CA LYS NA 12 44.44 -9.20 29.48
C LYS NA 12 44.20 -7.81 30.01
N ALA NA 13 45.27 -7.06 30.30
CA ALA NA 13 45.15 -5.69 30.80
C ALA NA 13 44.84 -4.69 29.69
N THR NA 14 44.98 -5.07 28.43
CA THR NA 14 44.70 -4.19 27.31
C THR NA 14 43.28 -4.37 26.78
N PHE NA 15 42.84 -5.62 26.64
CA PHE NA 15 41.50 -5.95 26.16
C PHE NA 15 40.73 -6.59 27.30
N GLY NA 16 40.18 -5.75 28.18
CA GLY NA 16 39.43 -6.24 29.31
C GLY NA 16 38.42 -5.23 29.78
N LYS NA 17 37.88 -5.48 30.99
CA LYS NA 17 36.89 -4.58 31.56
C LYS NA 17 37.54 -3.35 32.18
N ASP NA 18 38.66 -3.54 32.88
CA ASP NA 18 39.35 -2.44 33.52
C ASP NA 18 40.42 -1.85 32.60
N SER NA 19 40.09 -1.69 31.32
CA SER NA 19 41.03 -1.15 30.35
C SER NA 19 40.41 0.02 29.58
N SER NA 20 40.86 0.24 28.36
CA SER NA 20 40.36 1.33 27.53
C SER NA 20 39.38 0.86 26.45
N VAL NA 21 39.10 -0.44 26.37
CA VAL NA 21 38.18 -0.93 25.36
C VAL NA 21 36.74 -0.56 25.71
N VAL NA 22 36.41 -0.53 27.00
CA VAL NA 22 35.04 -0.22 27.41
C VAL NA 22 34.69 1.23 27.16
N LYS NA 23 35.68 2.11 26.94
CA LYS NA 23 35.41 3.51 26.69
C LYS NA 23 35.21 3.83 25.21
N TRP NA 24 35.90 3.11 24.32
CA TRP NA 24 35.75 3.35 22.89
C TRP NA 24 34.47 2.75 22.33
N VAL NA 25 33.84 1.83 23.06
CA VAL NA 25 32.60 1.20 22.60
C VAL NA 25 31.36 1.83 23.20
N VAL NA 26 31.50 2.77 24.14
CA VAL NA 26 30.34 3.41 24.74
C VAL NA 26 30.00 4.74 24.09
N LEU NA 27 30.95 5.38 23.42
CA LEU NA 27 30.69 6.65 22.74
C LEU NA 27 30.34 6.47 21.26
N ALA NA 28 30.64 5.31 20.68
CA ALA NA 28 30.32 5.08 19.27
C ALA NA 28 28.82 4.94 19.03
N GLU NA 29 28.04 4.62 20.06
CA GLU NA 29 26.60 4.48 19.90
C GLU NA 29 25.92 5.85 19.81
N VAL NA 30 26.29 6.78 20.70
CA VAL NA 30 25.68 8.10 20.69
C VAL NA 30 26.20 8.95 19.54
N LEU NA 31 27.31 8.55 18.92
CA LEU NA 31 27.87 9.32 17.82
C LEU NA 31 26.97 9.29 16.59
N VAL NA 32 26.23 8.19 16.39
CA VAL NA 32 25.33 8.07 15.25
C VAL NA 32 23.91 7.85 15.74
N GLY NA 33 23.75 7.65 17.05
CA GLY NA 33 22.42 7.43 17.60
C GLY NA 33 21.69 8.73 17.94
N ALA NA 34 22.43 9.76 18.34
CA ALA NA 34 21.83 11.04 18.70
C ALA NA 34 21.72 12.00 17.52
N VAL NA 35 22.21 11.61 16.34
CA VAL NA 35 22.16 12.45 15.15
C VAL NA 35 21.32 11.85 14.04
N MET NA 36 20.74 10.67 14.25
CA MET NA 36 19.91 10.03 13.25
C MET NA 36 18.46 10.47 13.30
N TYR NA 37 18.15 11.56 14.01
CA TYR NA 37 16.81 12.11 14.06
C TYR NA 37 16.48 12.96 12.83
N MET NA 38 17.37 13.02 11.85
CA MET NA 38 17.15 13.81 10.64
C MET NA 38 16.30 13.06 9.62
N MET NA 39 16.79 11.91 9.15
CA MET NA 39 16.09 11.13 8.14
C MET NA 39 15.02 10.23 8.75
N THR NA 40 15.30 9.60 9.89
CA THR NA 40 14.36 8.68 10.51
C THR NA 40 13.40 9.40 11.46
N LYS NA 41 13.94 9.95 12.55
CA LYS NA 41 13.14 10.63 13.58
C LYS NA 41 12.05 9.70 14.12
N ASN NA 42 12.50 8.60 14.72
CA ASN NA 42 11.61 7.61 15.30
C ASN NA 42 12.28 6.97 16.50
N VAL NA 43 11.47 6.36 17.35
CA VAL NA 43 11.95 5.67 18.55
C VAL NA 43 12.36 4.26 18.11
N LYS NA 44 13.66 4.07 17.84
CA LYS NA 44 14.15 2.78 17.38
C LYS NA 44 15.46 2.42 18.07
N PHE NA 45 16.46 3.29 17.95
CA PHE NA 45 17.79 3.04 18.52
C PHE NA 45 17.83 3.47 19.99
N LEU NA 46 17.01 2.81 20.80
CA LEU NA 46 16.94 3.07 22.23
C LEU NA 46 17.18 1.85 23.10
N ALA NA 47 17.20 0.65 22.52
CA ALA NA 47 17.41 -0.57 23.29
C ALA NA 47 18.89 -0.90 23.49
N GLY NA 48 19.80 -0.09 22.96
CA GLY NA 48 21.21 -0.32 23.08
C GLY NA 48 21.87 0.29 24.30
N PHE NA 49 21.10 0.93 25.17
CA PHE NA 49 21.62 1.56 26.38
C PHE NA 49 21.65 0.61 27.57
N ALA NA 50 21.53 -0.70 27.33
CA ALA NA 50 21.56 -1.68 28.42
C ALA NA 50 22.32 -2.93 28.00
N ILE NA 51 22.51 -3.11 26.68
CA ILE NA 51 23.23 -4.28 26.18
C ILE NA 51 24.73 -4.09 26.17
N ILE NA 52 25.23 -2.92 26.59
CA ILE NA 52 26.66 -2.69 26.61
C ILE NA 52 27.31 -3.42 27.78
N SER NA 53 26.73 -3.29 28.97
CA SER NA 53 27.27 -3.95 30.15
C SER NA 53 26.97 -5.45 30.16
N VAL NA 54 25.98 -5.89 29.39
CA VAL NA 54 25.64 -7.31 29.35
C VAL NA 54 26.55 -8.07 28.40
N PHE NA 55 26.81 -7.53 27.22
CA PHE NA 55 27.66 -8.21 26.26
C PHE NA 55 29.11 -8.25 26.72
N ILE NA 56 29.56 -7.26 27.49
CA ILE NA 56 30.92 -7.25 27.98
C ILE NA 56 31.11 -8.21 29.16
N ALA NA 57 30.04 -8.61 29.83
CA ALA NA 57 30.14 -9.53 30.95
C ALA NA 57 30.04 -10.99 30.55
N VAL NA 58 29.34 -11.28 29.44
CA VAL NA 58 29.20 -12.66 28.97
C VAL NA 58 30.32 -13.07 28.04
N GLY NA 59 31.31 -12.20 27.81
CA GLY NA 59 32.42 -12.53 26.93
C GLY NA 59 33.77 -12.47 27.61
N MET NA 60 33.88 -11.61 28.63
CA MET NA 60 35.14 -11.48 29.36
C MET NA 60 35.27 -12.52 30.46
N ALA NA 61 34.16 -12.87 31.13
CA ALA NA 61 34.16 -13.85 32.21
C ALA NA 61 33.99 -15.28 31.71
N VAL NA 62 34.40 -15.57 30.48
CA VAL NA 62 34.28 -16.92 29.95
C VAL NA 62 35.40 -17.82 30.48
N VAL NA 63 36.64 -17.39 30.28
CA VAL NA 63 37.79 -18.16 30.75
C VAL NA 63 38.29 -17.57 32.06
N GLY NA 64 38.77 -16.33 32.02
CA GLY NA 64 39.28 -15.66 33.22
C GLY NA 64 40.59 -16.22 33.70
N LEU NA 65 41.54 -16.39 32.78
CA LEU NA 65 42.87 -16.92 33.10
C LEU NA 65 42.78 -18.29 33.78
N GLN OA 1 60.64 -49.45 14.15
CA GLN OA 1 60.75 -48.58 15.32
C GLN OA 1 59.45 -47.82 15.57
N ASP OA 2 59.49 -46.90 16.53
CA ASP OA 2 58.32 -46.09 16.87
C ASP OA 2 58.35 -44.78 16.10
N LEU OA 3 57.46 -43.86 16.45
CA LEU OA 3 57.40 -42.58 15.77
C LEU OA 3 58.32 -41.56 16.46
N MET OA 4 58.67 -40.51 15.72
CA MET OA 4 59.53 -39.46 16.23
C MET OA 4 58.93 -38.07 16.12
N ALA OA 5 57.67 -37.95 15.68
CA ALA OA 5 57.03 -36.64 15.57
C ALA OA 5 56.44 -36.15 16.88
N SER OA 6 56.30 -37.03 17.88
CA SER OA 6 55.75 -36.63 19.17
C SER OA 6 56.70 -37.00 20.30
N GLY OA 7 56.16 -37.43 21.43
CA GLY OA 7 56.97 -37.81 22.57
C GLY OA 7 57.44 -36.66 23.44
N ASN OA 8 56.93 -35.44 23.21
CA ASN OA 8 57.32 -34.28 23.99
C ASN OA 8 56.16 -33.58 24.67
N THR OA 9 54.93 -33.75 24.18
CA THR OA 9 53.74 -33.11 24.74
C THR OA 9 53.91 -31.59 24.82
N THR OA 10 54.41 -31.02 23.72
CA THR OA 10 54.63 -29.58 23.61
C THR OA 10 53.49 -28.87 22.90
N VAL OA 11 53.03 -29.40 21.77
CA VAL OA 11 51.94 -28.77 21.04
C VAL OA 11 50.61 -28.94 21.77
N LYS OA 12 50.50 -29.96 22.64
CA LYS OA 12 49.26 -30.15 23.38
C LYS OA 12 49.06 -29.09 24.45
N ALA OA 13 50.14 -28.67 25.11
CA ALA OA 13 50.07 -27.64 26.13
C ALA OA 13 50.04 -26.23 25.55
N THR OA 14 50.27 -26.08 24.24
CA THR OA 14 50.26 -24.78 23.59
C THR OA 14 48.96 -24.52 22.83
N PHE OA 15 48.49 -25.50 22.06
CA PHE OA 15 47.26 -25.39 21.30
C PHE OA 15 46.23 -26.33 21.91
N GLY OA 16 45.60 -25.88 22.99
CA GLY OA 16 44.61 -26.68 23.67
C GLY OA 16 43.62 -25.81 24.42
N LYS OA 17 42.85 -26.47 25.28
CA LYS OA 17 41.85 -25.76 26.08
C LYS OA 17 42.48 -25.04 27.26
N ASP OA 18 43.39 -25.72 27.96
CA ASP OA 18 44.05 -25.14 29.13
C ASP OA 18 45.36 -24.47 28.72
N SER OA 19 45.27 -23.59 27.72
CA SER OA 19 46.43 -22.88 27.22
C SER OA 19 46.09 -21.41 26.98
N SER OA 20 46.69 -20.81 25.95
CA SER OA 20 46.46 -19.42 25.62
C SER OA 20 45.65 -19.22 24.35
N VAL OA 21 45.30 -20.30 23.64
CA VAL OA 21 44.53 -20.16 22.42
C VAL OA 21 43.09 -19.75 22.73
N VAL OA 22 42.53 -20.24 23.84
CA VAL OA 22 41.16 -19.93 24.19
C VAL OA 22 40.98 -18.47 24.59
N LYS OA 23 42.07 -17.77 24.92
CA LYS OA 23 41.98 -16.36 25.31
C LYS OA 23 42.07 -15.43 24.10
N TRP OA 24 42.86 -15.80 23.08
CA TRP OA 24 42.98 -14.96 21.90
C TRP OA 24 41.76 -15.07 20.99
N VAL OA 25 40.91 -16.09 21.18
CA VAL OA 25 39.72 -16.26 20.36
C VAL OA 25 38.46 -15.77 21.05
N VAL OA 26 38.51 -15.49 22.36
CA VAL OA 26 37.33 -15.04 23.07
C VAL OA 26 37.17 -13.52 23.03
N LEU OA 27 38.24 -12.77 22.80
CA LEU OA 27 38.18 -11.32 22.70
C LEU OA 27 38.22 -10.82 21.26
N ALA OA 28 38.27 -11.72 20.28
CA ALA OA 28 38.28 -11.31 18.89
C ALA OA 28 36.90 -10.88 18.40
N GLU OA 29 35.83 -11.35 19.04
CA GLU OA 29 34.48 -10.95 18.62
C GLU OA 29 34.12 -9.57 19.14
N VAL OA 30 34.49 -9.26 20.38
CA VAL OA 30 34.18 -7.95 20.94
C VAL OA 30 34.99 -6.84 20.27
N LEU OA 31 36.10 -7.19 19.62
CA LEU OA 31 36.90 -6.17 18.93
C LEU OA 31 36.20 -5.67 17.68
N VAL OA 32 35.38 -6.50 17.04
CA VAL OA 32 34.67 -6.11 15.84
C VAL OA 32 33.16 -6.12 16.00
N GLY OA 33 32.61 -6.81 17.01
CA GLY OA 33 31.18 -6.85 17.21
C GLY OA 33 30.65 -5.68 18.01
N ALA OA 34 31.45 -5.19 18.96
CA ALA OA 34 31.06 -4.07 19.80
C ALA OA 34 31.32 -2.72 19.13
N VAL OA 35 31.91 -2.70 17.94
CA VAL OA 35 32.20 -1.45 17.24
C VAL OA 35 31.42 -1.32 15.94
N MET OA 36 30.73 -2.37 15.48
CA MET OA 36 29.96 -2.31 14.25
C MET OA 36 28.57 -1.71 14.45
N TYR OA 37 28.30 -1.14 15.61
CA TYR OA 37 27.04 -0.44 15.85
C TYR OA 37 27.03 0.97 15.28
N MET OA 38 28.08 1.38 14.56
CA MET OA 38 28.14 2.71 13.99
C MET OA 38 27.48 2.75 12.61
N MET OA 39 27.97 1.92 11.69
CA MET OA 39 27.44 1.91 10.32
C MET OA 39 26.17 1.09 10.20
N THR OA 40 26.13 -0.10 10.82
CA THR OA 40 24.97 -0.98 10.72
C THR OA 40 23.94 -0.69 11.81
N LYS OA 41 24.28 -0.96 13.07
CA LYS OA 41 23.39 -0.78 14.21
C LYS OA 41 22.10 -1.58 14.02
N ASN OA 42 22.28 -2.90 14.02
CA ASN OA 42 21.17 -3.83 13.86
C ASN OA 42 21.50 -5.12 14.60
N VAL OA 43 20.45 -5.80 15.05
CA VAL OA 43 20.61 -7.08 15.75
C VAL OA 43 20.96 -8.15 14.73
N LYS OA 44 22.26 -8.39 14.55
CA LYS OA 44 22.72 -9.36 13.57
C LYS OA 44 23.86 -10.21 14.13
N PHE OA 45 24.93 -9.55 14.61
CA PHE OA 45 26.10 -10.25 15.13
C PHE OA 45 25.92 -10.52 16.62
N LEU OA 46 24.91 -11.35 16.91
CA LEU OA 46 24.61 -11.74 18.28
C LEU OA 46 24.61 -13.24 18.51
N ALA OA 47 24.84 -14.05 17.48
CA ALA OA 47 24.85 -15.50 17.60
C ALA OA 47 26.25 -16.06 17.84
N GLY OA 48 27.21 -15.23 18.23
CA GLY OA 48 28.56 -15.67 18.47
C GLY OA 48 28.96 -15.81 19.92
N PHE OA 49 28.07 -15.48 20.85
CA PHE OA 49 28.34 -15.58 22.28
C PHE OA 49 28.02 -16.95 22.85
N ALA OA 50 27.98 -17.98 22.01
CA ALA OA 50 27.68 -19.33 22.47
C ALA OA 50 28.41 -20.37 21.63
N ILE OA 51 28.84 -19.98 20.43
CA ILE OA 51 29.55 -20.90 19.54
C ILE OA 51 31.04 -20.96 19.83
N ILE OA 52 31.54 -20.18 20.79
CA ILE OA 52 32.95 -20.20 21.10
C ILE OA 52 33.31 -21.45 21.89
N SER OA 53 32.52 -21.76 22.93
CA SER OA 53 32.78 -22.94 23.74
C SER OA 53 32.38 -24.23 23.03
N VAL OA 54 31.55 -24.14 22.00
CA VAL OA 54 31.13 -25.34 21.26
C VAL OA 54 32.17 -25.74 20.21
N PHE OA 55 32.71 -24.76 19.48
CA PHE OA 55 33.70 -25.08 18.45
C PHE OA 55 35.01 -25.56 19.05
N ILE OA 56 35.35 -25.13 20.27
CA ILE OA 56 36.57 -25.56 20.90
C ILE OA 56 36.44 -26.95 21.51
N ALA OA 57 35.21 -27.43 21.73
CA ALA OA 57 35.00 -28.75 22.30
C ALA OA 57 34.82 -29.84 21.24
N VAL OA 58 34.34 -29.48 20.05
CA VAL OA 58 34.14 -30.46 18.98
C VAL OA 58 35.40 -30.67 18.15
N GLY OA 59 36.51 -30.02 18.51
CA GLY OA 59 37.75 -30.17 17.77
C GLY OA 59 38.89 -30.67 18.61
N MET OA 60 38.89 -30.32 19.90
CA MET OA 60 39.95 -30.74 20.80
C MET OA 60 39.73 -32.17 21.30
N ALA OA 61 38.48 -32.56 21.53
CA ALA OA 61 38.15 -33.89 22.02
C ALA OA 61 37.98 -34.91 20.91
N VAL OA 62 38.60 -34.68 19.75
CA VAL OA 62 38.49 -35.63 18.65
C VAL OA 62 39.43 -36.81 18.85
N VAL OA 63 40.72 -36.53 19.02
CA VAL OA 63 41.71 -37.57 19.22
C VAL OA 63 41.98 -37.73 20.71
N GLY OA 64 42.54 -36.69 21.33
CA GLY OA 64 42.84 -36.73 22.76
C GLY OA 64 43.99 -37.65 23.10
N LEU OA 65 45.10 -37.52 22.38
CA LEU OA 65 46.30 -38.34 22.59
C LEU OA 65 45.98 -39.83 22.51
N GLN PA 1 65.18 -62.07 -5.75
CA GLN PA 1 65.12 -61.76 -4.33
C GLN PA 1 63.83 -61.02 -3.98
N ASP PA 2 63.73 -60.55 -2.74
CA ASP PA 2 62.57 -59.83 -2.28
C ASP PA 2 62.80 -58.32 -2.42
N LEU PA 3 61.97 -57.53 -1.77
CA LEU PA 3 62.08 -56.08 -1.82
C LEU PA 3 62.93 -55.56 -0.66
N MET PA 4 63.45 -54.35 -0.82
CA MET PA 4 64.28 -53.72 0.19
C MET PA 4 63.78 -52.35 0.60
N ALA PA 5 62.65 -51.89 0.07
CA ALA PA 5 62.12 -50.58 0.43
C ALA PA 5 61.36 -50.58 1.75
N SER PA 6 60.99 -51.75 2.27
CA SER PA 6 60.27 -51.83 3.53
C SER PA 6 61.01 -52.72 4.52
N GLY PA 7 60.28 -53.57 5.23
CA GLY PA 7 60.88 -54.46 6.20
C GLY PA 7 61.20 -53.84 7.54
N ASN PA 8 60.73 -52.63 7.81
CA ASN PA 8 60.99 -51.95 9.07
C ASN PA 8 59.76 -51.45 9.79
N THR PA 9 58.64 -51.23 9.09
CA THR PA 9 57.40 -50.72 9.69
C THR PA 9 57.66 -49.41 10.45
N THR PA 10 58.40 -48.50 9.81
CA THR PA 10 58.71 -47.22 10.42
C THR PA 10 57.79 -46.11 9.92
N VAL PA 11 57.57 -46.05 8.60
CA VAL PA 11 56.70 -45.03 8.04
C VAL PA 11 55.23 -45.30 8.35
N LYS PA 12 54.87 -46.55 8.66
CA LYS PA 12 53.49 -46.84 9.00
C LYS PA 12 53.12 -46.31 10.38
N ALA PA 13 54.07 -46.37 11.33
CA ALA PA 13 53.82 -45.86 12.67
C ALA PA 13 54.01 -44.35 12.78
N THR PA 14 54.53 -43.70 11.73
CA THR PA 14 54.74 -42.26 11.73
C THR PA 14 53.62 -41.51 11.02
N PHE PA 15 53.22 -41.97 9.85
CA PHE PA 15 52.15 -41.35 9.06
C PHE PA 15 50.97 -42.32 9.04
N GLY PA 16 50.19 -42.30 10.12
CA GLY PA 16 49.03 -43.16 10.24
C GLY PA 16 47.95 -42.61 11.14
N LYS PA 17 47.00 -43.47 11.54
CA LYS PA 17 45.92 -43.02 12.40
C LYS PA 17 46.38 -42.93 13.86
N ASP PA 18 47.08 -43.95 14.34
CA ASP PA 18 47.56 -43.98 15.72
C ASP PA 18 48.95 -43.37 15.84
N SER PA 19 49.14 -42.21 15.23
CA SER PA 19 50.43 -41.53 15.26
C SER PA 19 50.27 -40.07 15.68
N SER PA 20 51.12 -39.19 15.17
CA SER PA 20 51.07 -37.77 15.48
C SER PA 20 50.52 -36.91 14.35
N VAL PA 21 50.22 -37.50 13.19
CA VAL PA 21 49.71 -36.72 12.08
C VAL PA 21 48.28 -36.28 12.34
N VAL PA 22 47.48 -37.10 13.02
CA VAL PA 22 46.09 -36.76 13.29
C VAL PA 22 45.97 -35.62 14.29
N LYS PA 23 47.02 -35.32 15.05
CA LYS PA 23 46.98 -34.24 16.01
C LYS PA 23 47.38 -32.90 15.41
N TRP PA 24 48.18 -32.88 14.35
CA TRP PA 24 48.58 -31.63 13.72
C TRP PA 24 47.56 -31.15 12.69
N VAL PA 25 46.80 -32.07 12.09
CA VAL PA 25 45.80 -31.69 11.09
C VAL PA 25 44.48 -31.27 11.71
N VAL PA 26 44.32 -31.40 13.03
CA VAL PA 26 43.07 -31.03 13.68
C VAL PA 26 43.12 -29.61 14.23
N LEU PA 27 44.30 -29.06 14.49
CA LEU PA 27 44.43 -27.71 15.02
C LEU PA 27 44.62 -26.66 13.93
N ALA PA 28 44.87 -27.07 12.69
CA ALA PA 28 45.06 -26.11 11.61
C ALA PA 28 43.75 -25.44 11.20
N GLU PA 29 42.61 -26.09 11.45
CA GLU PA 29 41.32 -25.49 11.09
C GLU PA 29 40.92 -24.42 12.10
N VAL PA 30 41.06 -24.72 13.40
CA VAL PA 30 40.68 -23.77 14.43
C VAL PA 30 41.66 -22.61 14.52
N LEU PA 31 42.88 -22.78 13.98
CA LEU PA 31 43.87 -21.72 14.04
C LEU PA 31 43.51 -20.57 13.10
N VAL PA 32 42.82 -20.86 12.00
CA VAL PA 32 42.46 -19.83 11.03
C VAL PA 32 40.95 -19.73 10.81
N GLY PA 33 40.17 -20.78 11.05
CA GLY PA 33 38.75 -20.73 10.84
C GLY PA 33 38.00 -20.06 11.98
N ALA PA 34 38.56 -20.11 13.18
CA ALA PA 34 37.95 -19.51 14.35
C ALA PA 34 38.36 -18.06 14.58
N VAL PA 35 39.30 -17.55 13.78
CA VAL PA 35 39.75 -16.16 13.90
C VAL PA 35 39.43 -15.34 12.66
N MET PA 36 38.80 -15.92 11.65
CA MET PA 36 38.44 -15.20 10.44
C MET PA 36 37.11 -14.48 10.55
N TYR PA 37 36.58 -14.31 11.76
CA TYR PA 37 35.36 -13.55 11.98
C TYR PA 37 35.58 -12.04 11.93
N MET PA 38 36.80 -11.59 11.69
CA MET PA 38 37.08 -10.15 11.64
C MET PA 38 36.63 -9.53 10.33
N MET PA 39 37.04 -10.12 9.20
CA MET PA 39 36.70 -9.61 7.88
C MET PA 39 35.43 -10.23 7.31
N THR PA 40 35.29 -11.55 7.41
CA THR PA 40 34.12 -12.23 6.85
C THR PA 40 32.93 -12.18 7.80
N LYS PA 41 33.05 -12.84 8.96
CA LYS PA 41 31.98 -12.91 9.95
C LYS PA 41 30.71 -13.49 9.34
N ASN PA 42 30.81 -14.75 8.91
CA ASN PA 42 29.70 -15.45 8.29
C ASN PA 42 29.80 -16.94 8.62
N VAL PA 43 28.68 -17.64 8.43
CA VAL PA 43 28.63 -19.08 8.67
C VAL PA 43 28.99 -19.77 7.35
N LYS PA 44 30.28 -20.07 7.17
CA LYS PA 44 30.75 -20.69 5.93
C LYS PA 44 31.74 -21.80 6.22
N PHE PA 45 32.72 -21.52 7.08
CA PHE PA 45 33.77 -22.49 7.41
C PHE PA 45 33.35 -23.36 8.60
N LEU PA 46 32.22 -24.06 8.41
CA LEU PA 46 31.68 -24.95 9.42
C LEU PA 46 31.51 -26.39 8.94
N ALA PA 47 31.80 -26.68 7.68
CA ALA PA 47 31.65 -28.03 7.14
C ALA PA 47 32.89 -28.90 7.36
N GLY PA 48 33.97 -28.34 7.90
CA GLY PA 48 35.19 -29.07 8.14
C GLY PA 48 35.27 -29.79 9.47
N PHE PA 49 34.21 -29.75 10.27
CA PHE PA 49 34.17 -30.40 11.57
C PHE PA 49 33.69 -31.85 11.50
N ALA PA 50 33.76 -32.47 10.33
CA ALA PA 50 33.31 -33.85 10.18
C ALA PA 50 34.10 -34.56 9.08
N ILE PA 51 34.73 -33.78 8.19
CA ILE PA 51 35.51 -34.36 7.10
C ILE PA 51 36.93 -34.74 7.51
N ILE PA 52 37.31 -34.48 8.77
CA ILE PA 52 38.65 -34.82 9.22
C ILE PA 52 38.76 -36.32 9.46
N SER PA 53 37.79 -36.90 10.16
CA SER PA 53 37.81 -38.33 10.42
C SER PA 53 37.44 -39.15 9.19
N VAL PA 54 36.80 -38.54 8.20
CA VAL PA 54 36.44 -39.26 6.98
C VAL PA 54 37.61 -39.34 6.00
N PHE PA 55 38.33 -38.24 5.83
CA PHE PA 55 39.47 -38.24 4.90
C PHE PA 55 40.61 -39.11 5.41
N ILE PA 56 40.76 -39.22 6.73
CA ILE PA 56 41.83 -40.05 7.28
C ILE PA 56 41.49 -41.53 7.21
N ALA PA 57 40.22 -41.89 7.05
CA ALA PA 57 39.81 -43.28 6.98
C ALA PA 57 39.77 -43.81 5.55
N VAL PA 58 39.52 -42.95 4.57
CA VAL PA 58 39.45 -43.38 3.17
C VAL PA 58 40.83 -43.37 2.51
N GLY PA 59 41.89 -43.05 3.24
CA GLY PA 59 43.22 -43.04 2.68
C GLY PA 59 44.18 -43.99 3.37
N MET PA 60 43.94 -44.22 4.67
CA MET PA 60 44.81 -45.12 5.42
C MET PA 60 44.42 -46.58 5.24
N ALA PA 61 43.12 -46.86 5.10
CA ALA PA 61 42.64 -48.23 4.94
C ALA PA 61 42.61 -48.67 3.47
N VAL PA 62 43.43 -48.06 2.62
CA VAL PA 62 43.46 -48.44 1.21
C VAL PA 62 44.25 -49.72 1.02
N VAL PA 63 45.51 -49.73 1.47
CA VAL PA 63 46.37 -50.90 1.34
C VAL PA 63 46.35 -51.68 2.65
N GLY PA 64 46.86 -51.07 3.71
CA GLY PA 64 46.90 -51.71 5.02
C GLY PA 64 47.91 -52.84 5.09
N LEU PA 65 49.12 -52.60 4.61
CA LEU PA 65 50.20 -53.58 4.61
C LEU PA 65 49.80 -54.87 3.90
N GLN QA 1 72.08 -65.93 -28.56
CA GLN QA 1 71.78 -66.20 -27.16
C GLN QA 1 70.53 -65.46 -26.71
N ASP QA 2 70.24 -65.52 -25.41
CA ASP QA 2 69.08 -64.86 -24.84
C ASP QA 2 69.48 -63.51 -24.26
N LEU QA 3 68.59 -62.93 -23.46
CA LEU QA 3 68.83 -61.64 -22.84
C LEU QA 3 69.48 -61.82 -21.47
N MET QA 4 70.13 -60.75 -21.01
CA MET QA 4 70.80 -60.76 -19.72
C MET QA 4 70.34 -59.63 -18.80
N ALA QA 5 69.33 -58.87 -19.21
CA ALA QA 5 68.83 -57.76 -18.41
C ALA QA 5 67.79 -58.18 -17.38
N SER QA 6 67.31 -59.42 -17.43
CA SER QA 6 66.31 -59.89 -16.48
C SER QA 6 66.73 -61.24 -15.89
N GLY QA 7 65.76 -62.11 -15.65
CA GLY QA 7 66.04 -63.41 -15.08
C GLY QA 7 66.31 -63.42 -13.60
N ASN QA 8 65.90 -62.39 -12.87
CA ASN QA 8 66.12 -62.32 -11.43
C ASN QA 8 64.83 -61.98 -10.69
N THR QA 9 63.90 -61.35 -11.40
CA THR QA 9 62.61 -60.94 -10.82
C THR QA 9 62.80 -60.08 -9.57
N THR QA 10 63.73 -59.13 -9.66
CA THR QA 10 64.04 -58.25 -8.54
C THR QA 10 63.26 -56.94 -8.61
N VAL QA 11 63.25 -56.30 -9.78
CA VAL QA 11 62.54 -55.04 -9.93
C VAL QA 11 61.02 -55.25 -9.92
N LYS QA 12 60.55 -56.45 -10.25
CA LYS QA 12 59.12 -56.71 -10.23
C LYS QA 12 58.58 -56.78 -8.81
N ALA QA 13 59.37 -57.31 -7.88
CA ALA QA 13 58.96 -57.40 -6.49
C ALA QA 13 59.20 -56.09 -5.72
N THR QA 14 59.93 -55.14 -6.30
CA THR QA 14 60.22 -53.87 -5.67
C THR QA 14 59.28 -52.76 -6.15
N PHE QA 15 59.09 -52.63 -7.46
CA PHE QA 15 58.22 -51.63 -8.05
C PHE QA 15 56.99 -52.34 -8.62
N GLY QA 16 56.05 -52.65 -7.73
CA GLY QA 16 54.84 -53.34 -8.13
C GLY QA 16 53.65 -53.02 -7.24
N LYS QA 17 52.57 -53.81 -7.38
CA LYS QA 17 51.39 -53.59 -6.57
C LYS QA 17 51.55 -54.17 -5.17
N ASP QA 18 52.07 -55.39 -5.08
CA ASP QA 18 52.26 -56.05 -3.78
C ASP QA 18 53.66 -55.77 -3.22
N SER QA 19 54.06 -54.49 -3.26
CA SER QA 19 55.36 -54.09 -2.76
C SER QA 19 55.23 -52.92 -1.79
N SER QA 20 56.21 -52.01 -1.81
CA SER QA 20 56.20 -50.84 -0.94
C SER QA 20 55.93 -49.54 -1.68
N VAL QA 21 55.84 -49.57 -3.01
CA VAL QA 21 55.58 -48.34 -3.75
C VAL QA 21 54.17 -47.84 -3.53
N VAL QA 22 53.21 -48.76 -3.37
CA VAL QA 22 51.81 -48.36 -3.19
C VAL QA 22 51.58 -47.70 -1.84
N LYS QA 23 52.50 -47.87 -0.88
CA LYS QA 23 52.35 -47.26 0.43
C LYS QA 23 52.94 -45.86 0.49
N TRP QA 24 54.04 -45.61 -0.24
CA TRP QA 24 54.65 -44.29 -0.24
C TRP QA 24 53.88 -43.30 -1.10
N VAL QA 25 52.99 -43.77 -1.98
CA VAL QA 25 52.21 -42.88 -2.83
C VAL QA 25 50.83 -42.58 -2.26
N VAL QA 26 50.40 -43.30 -1.23
CA VAL QA 26 49.07 -43.07 -0.65
C VAL QA 26 49.12 -42.06 0.51
N LEU QA 27 50.27 -41.89 1.16
CA LEU QA 27 50.40 -40.94 2.24
C LEU QA 27 50.88 -39.56 1.80
N ALA QA 28 51.26 -39.41 0.53
CA ALA QA 28 51.72 -38.12 0.04
C ALA QA 28 50.57 -37.14 -0.19
N GLU QA 29 49.35 -37.64 -0.39
CA GLU QA 29 48.21 -36.75 -0.61
C GLU QA 29 47.72 -36.17 0.71
N VAL QA 30 47.64 -36.99 1.76
CA VAL QA 30 47.19 -36.51 3.05
C VAL QA 30 48.23 -35.59 3.69
N LEU QA 31 49.49 -35.68 3.26
CA LEU QA 31 50.52 -34.81 3.82
C LEU QA 31 50.38 -33.38 3.32
N VAL QA 32 49.83 -33.19 2.13
CA VAL QA 32 49.67 -31.87 1.54
C VAL QA 32 48.21 -31.48 1.33
N GLY QA 33 47.29 -32.44 1.30
CA GLY QA 33 45.89 -32.13 1.10
C GLY QA 33 45.16 -31.77 2.38
N ALA QA 34 45.55 -32.40 3.48
CA ALA QA 34 44.93 -32.13 4.78
C ALA QA 34 45.52 -30.91 5.47
N VAL QA 35 46.49 -30.24 4.87
CA VAL QA 35 47.11 -29.05 5.46
C VAL QA 35 46.90 -27.80 4.62
N MET QA 36 46.37 -27.91 3.41
CA MET QA 36 46.15 -26.76 2.55
C MET QA 36 44.84 -26.04 2.86
N TYR QA 37 44.18 -26.36 3.98
CA TYR QA 37 43.00 -25.65 4.41
C TYR QA 37 43.31 -24.36 5.17
N MET QA 38 44.58 -23.96 5.22
CA MET QA 38 44.95 -22.75 5.94
C MET QA 38 44.83 -21.52 5.06
N MET QA 39 45.64 -21.46 3.99
CA MET QA 39 45.64 -20.30 3.09
C MET QA 39 44.47 -20.33 2.11
N THR QA 40 44.17 -21.49 1.53
CA THR QA 40 43.11 -21.61 0.54
C THR QA 40 41.76 -21.87 1.19
N LYS QA 41 41.60 -23.03 1.84
CA LYS QA 41 40.35 -23.46 2.46
C LYS QA 41 39.21 -23.45 1.44
N ASN QA 42 39.32 -24.37 0.49
CA ASN QA 42 38.34 -24.53 -0.57
C ASN QA 42 38.30 -26.00 -0.99
N VAL QA 43 37.10 -26.47 -1.33
CA VAL QA 43 36.92 -27.84 -1.78
C VAL QA 43 37.44 -27.96 -3.22
N LYS QA 44 38.69 -28.38 -3.37
CA LYS QA 44 39.30 -28.50 -4.69
C LYS QA 44 40.13 -29.77 -4.80
N PHE QA 45 40.98 -30.03 -3.83
CA PHE QA 45 41.87 -31.19 -3.86
C PHE QA 45 41.18 -32.41 -3.24
N LEU QA 46 40.07 -32.80 -3.88
CA LEU QA 46 39.30 -33.95 -3.45
C LEU QA 46 39.12 -35.00 -4.54
N ALA QA 47 39.66 -34.77 -5.73
CA ALA QA 47 39.53 -35.71 -6.84
C ALA QA 47 40.64 -36.76 -6.85
N GLY QA 48 41.53 -36.76 -5.87
CA GLY QA 48 42.62 -37.71 -5.80
C GLY QA 48 42.37 -38.91 -4.93
N PHE QA 49 41.16 -39.07 -4.38
CA PHE QA 49 40.83 -40.19 -3.52
C PHE QA 49 40.30 -41.39 -4.30
N ALA QA 50 40.58 -41.48 -5.58
CA ALA QA 50 40.10 -42.59 -6.40
C ALA QA 50 41.06 -42.87 -7.55
N ILE QA 51 41.85 -41.86 -7.94
CA ILE QA 51 42.80 -42.03 -9.05
C ILE QA 51 44.07 -42.75 -8.63
N ILE QA 52 44.23 -43.07 -7.34
CA ILE QA 52 45.43 -43.75 -6.88
C ILE QA 52 45.37 -45.23 -7.28
N SER QA 53 44.23 -45.88 -7.04
CA SER QA 53 44.09 -47.29 -7.40
C SER QA 53 43.90 -47.49 -8.89
N VAL QA 54 43.53 -46.45 -9.63
CA VAL QA 54 43.35 -46.56 -11.08
C VAL QA 54 44.66 -46.40 -11.82
N PHE QA 55 45.48 -45.42 -11.43
CA PHE QA 55 46.75 -45.20 -12.11
C PHE QA 55 47.73 -46.33 -11.85
N ILE QA 56 47.62 -47.01 -10.71
CA ILE QA 56 48.51 -48.12 -10.41
C ILE QA 56 48.11 -49.40 -11.14
N ALA QA 57 46.87 -49.48 -11.64
CA ALA QA 57 46.41 -50.66 -12.35
C ALA QA 57 46.56 -50.53 -13.86
N VAL QA 58 46.52 -49.31 -14.39
CA VAL QA 58 46.66 -49.11 -15.84
C VAL QA 58 48.11 -49.03 -16.28
N GLY QA 59 49.06 -49.16 -15.36
CA GLY QA 59 50.46 -49.11 -15.71
C GLY QA 59 51.22 -50.38 -15.38
N MET QA 60 50.75 -51.09 -14.35
CA MET QA 60 51.41 -52.34 -13.96
C MET QA 60 50.95 -53.52 -14.81
N ALA QA 61 49.68 -53.54 -15.21
CA ALA QA 61 49.13 -54.63 -16.00
C ALA QA 61 49.32 -54.41 -17.51
N VAL QA 62 50.32 -53.63 -17.90
CA VAL QA 62 50.56 -53.39 -19.32
C VAL QA 62 51.30 -54.57 -19.94
N VAL QA 63 52.46 -54.93 -19.39
CA VAL QA 63 53.24 -56.04 -19.89
C VAL QA 63 52.93 -57.29 -19.08
N GLY QA 64 53.29 -57.27 -17.79
CA GLY QA 64 53.04 -58.40 -16.92
C GLY QA 64 53.93 -59.58 -17.21
N LEU QA 65 55.23 -59.33 -17.34
CA LEU QA 65 56.22 -60.37 -17.63
C LEU QA 65 55.88 -61.15 -18.89
N GLN RA 1 82.79 -60.72 -49.69
CA GLN RA 1 82.18 -61.49 -48.60
C GLN RA 1 80.94 -60.80 -48.06
N ASP RA 2 80.39 -61.34 -46.98
CA ASP RA 2 79.20 -60.80 -46.34
C ASP RA 2 79.61 -59.92 -45.16
N LEU RA 3 78.64 -59.57 -44.32
CA LEU RA 3 78.90 -58.74 -43.16
C LEU RA 3 79.26 -59.61 -41.96
N MET RA 4 79.91 -58.98 -40.97
CA MET RA 4 80.32 -59.66 -39.76
C MET RA 4 79.82 -58.99 -38.48
N ALA RA 5 78.96 -57.98 -38.59
CA ALA RA 5 78.44 -57.29 -37.42
C ALA RA 5 77.16 -57.93 -36.88
N SER RA 6 76.61 -58.92 -37.56
CA SER RA 6 75.39 -59.57 -37.10
C SER RA 6 75.55 -61.09 -37.09
N GLY RA 7 74.48 -61.81 -37.40
CA GLY RA 7 74.52 -63.26 -37.41
C GLY RA 7 74.49 -63.92 -36.06
N ASN RA 8 74.13 -63.19 -35.00
CA ASN RA 8 74.08 -63.76 -33.66
C ASN RA 8 72.73 -63.58 -32.97
N THR RA 9 71.91 -62.63 -33.41
CA THR RA 9 70.60 -62.36 -32.82
C THR RA 9 70.71 -62.12 -31.31
N THR RA 10 71.68 -61.30 -30.93
CA THR RA 10 71.93 -60.96 -29.54
C THR RA 10 71.28 -59.64 -29.13
N VAL RA 11 71.49 -58.59 -29.93
CA VAL RA 11 70.91 -57.29 -29.61
C VAL RA 11 69.40 -57.28 -29.86
N LYS RA 12 68.90 -58.17 -30.72
CA LYS RA 12 67.47 -58.21 -30.99
C LYS RA 12 66.70 -58.78 -29.82
N ALA RA 13 67.25 -59.79 -29.15
CA ALA RA 13 66.59 -60.39 -27.99
C ALA RA 13 66.77 -59.57 -26.72
N THR RA 14 67.67 -58.58 -26.72
CA THR RA 14 67.91 -57.73 -25.56
C THR RA 14 67.15 -56.41 -25.63
N PHE RA 15 67.20 -55.73 -26.78
CA PHE RA 15 66.51 -54.46 -26.98
C PHE RA 15 65.36 -54.70 -27.97
N GLY RA 16 64.23 -55.16 -27.43
CA GLY RA 16 63.08 -55.43 -28.26
C GLY RA 16 61.80 -55.38 -27.45
N LYS RA 17 60.72 -55.85 -28.08
CA LYS RA 17 59.42 -55.86 -27.41
C LYS RA 17 59.32 -57.00 -26.42
N ASP RA 18 59.72 -58.21 -26.82
CA ASP RA 18 59.66 -59.38 -25.94
C ASP RA 18 60.94 -59.54 -25.13
N SER RA 19 61.38 -58.45 -24.50
CA SER RA 19 62.59 -58.47 -23.70
C SER RA 19 62.36 -57.80 -22.34
N SER RA 20 63.37 -57.12 -21.83
CA SER RA 20 63.28 -56.43 -20.55
C SER RA 20 63.24 -54.92 -20.70
N VAL RA 21 63.34 -54.39 -21.91
CA VAL RA 21 63.31 -52.94 -22.10
C VAL RA 21 61.90 -52.40 -21.87
N VAL RA 22 60.87 -53.17 -22.25
CA VAL RA 22 59.50 -52.70 -22.10
C VAL RA 22 59.07 -52.62 -20.64
N LYS RA 23 59.80 -53.28 -19.74
CA LYS RA 23 59.45 -53.24 -18.32
C LYS RA 23 60.10 -52.09 -17.58
N TRP RA 24 61.30 -51.67 -18.00
CA TRP RA 24 61.99 -50.57 -17.34
C TRP RA 24 61.49 -49.21 -17.79
N VAL RA 25 60.79 -49.13 -18.94
CA VAL RA 25 60.27 -47.86 -19.45
C VAL RA 25 58.87 -47.56 -18.96
N VAL RA 26 58.23 -48.48 -18.23
CA VAL RA 26 56.88 -48.25 -17.73
C VAL RA 26 56.86 -47.84 -16.26
N LEU RA 27 57.89 -48.18 -15.49
CA LEU RA 27 57.95 -47.81 -14.09
C LEU RA 27 58.64 -46.47 -13.85
N ALA RA 28 59.41 -45.97 -14.81
CA ALA RA 28 60.07 -44.68 -14.65
C ALA RA 28 59.09 -43.52 -14.67
N GLU RA 29 57.93 -43.68 -15.32
CA GLU RA 29 56.96 -42.61 -15.35
C GLU RA 29 56.21 -42.46 -14.03
N VAL RA 30 55.77 -43.58 -13.44
CA VAL RA 30 55.04 -43.53 -12.19
C VAL RA 30 55.97 -43.25 -11.02
N LEU RA 31 57.29 -43.37 -11.22
CA LEU RA 31 58.23 -43.14 -10.12
C LEU RA 31 58.26 -41.67 -9.71
N VAL RA 32 58.02 -40.76 -10.64
CA VAL RA 32 58.03 -39.33 -10.34
C VAL RA 32 56.69 -38.72 -10.73
N GLY RA 33 55.87 -39.47 -11.48
CA GLY RA 33 54.59 -38.96 -11.92
C GLY RA 33 53.50 -39.03 -10.88
N ALA RA 34 53.53 -40.05 -10.01
CA ALA RA 34 52.51 -40.21 -8.99
C ALA RA 34 52.89 -39.60 -7.66
N VAL RA 35 54.11 -39.09 -7.52
CA VAL RA 35 54.58 -38.49 -6.28
C VAL RA 35 54.82 -36.99 -6.41
N MET RA 36 54.53 -36.40 -7.58
CA MET RA 36 54.71 -34.97 -7.79
C MET RA 36 53.50 -34.15 -7.38
N TYR RA 37 52.56 -34.74 -6.64
CA TYR RA 37 51.41 -34.01 -6.13
C TYR RA 37 51.73 -33.13 -4.93
N MET RA 38 53.01 -33.08 -4.52
CA MET RA 38 53.38 -32.26 -3.35
C MET RA 38 53.52 -30.80 -3.74
N MET RA 39 54.39 -30.50 -4.71
CA MET RA 39 54.63 -29.12 -5.12
C MET RA 39 53.68 -28.68 -6.23
N THR RA 40 53.37 -29.56 -7.17
CA THR RA 40 52.50 -29.19 -8.29
C THR RA 40 51.04 -29.38 -7.92
N LYS RA 41 50.60 -30.63 -7.76
CA LYS RA 41 49.21 -30.98 -7.45
C LYS RA 41 48.26 -30.41 -8.51
N ASN RA 42 48.43 -30.93 -9.72
CA ASN RA 42 47.62 -30.52 -10.86
C ASN RA 42 47.44 -31.70 -11.79
N VAL RA 43 46.56 -31.52 -12.78
CA VAL RA 43 46.30 -32.55 -13.78
C VAL RA 43 47.11 -32.15 -15.02
N LYS RA 44 48.32 -32.69 -15.13
CA LYS RA 44 49.21 -32.37 -16.23
C LYS RA 44 49.86 -33.62 -16.79
N PHE RA 45 50.54 -34.39 -15.94
CA PHE RA 45 51.28 -35.57 -16.36
C PHE RA 45 50.33 -36.78 -16.37
N LEU RA 46 49.35 -36.71 -17.28
CA LEU RA 46 48.38 -37.77 -17.46
C LEU RA 46 48.26 -38.28 -18.89
N ALA RA 47 48.98 -37.68 -19.84
CA ALA RA 47 48.92 -38.10 -21.24
C ALA RA 47 49.96 -39.15 -21.59
N GLY RA 48 50.82 -39.54 -20.66
CA GLY RA 48 51.83 -40.53 -20.90
C GLY RA 48 51.43 -41.97 -20.67
N PHE RA 49 50.16 -42.22 -20.34
CA PHE RA 49 49.68 -43.57 -20.09
C PHE RA 49 49.15 -44.24 -21.36
N ALA RA 50 49.54 -43.76 -22.53
CA ALA RA 50 49.10 -44.35 -23.79
C ALA RA 50 50.20 -44.26 -24.84
N ILE RA 51 51.17 -43.38 -24.64
CA ILE RA 51 52.27 -43.21 -25.59
C ILE RA 51 53.39 -44.21 -25.37
N ILE RA 52 53.29 -45.08 -24.37
CA ILE RA 52 54.33 -46.06 -24.12
C ILE RA 52 54.25 -47.20 -25.14
N SER RA 53 53.05 -47.72 -25.35
CA SER RA 53 52.87 -48.81 -26.31
C SER RA 53 52.93 -48.33 -27.75
N VAL RA 54 52.77 -47.03 -27.98
CA VAL RA 54 52.83 -46.49 -29.34
C VAL RA 54 54.25 -46.22 -29.78
N PHE RA 55 55.07 -45.63 -28.90
CA PHE RA 55 56.45 -45.33 -29.25
C PHE RA 55 57.28 -46.61 -29.40
N ILE RA 56 56.92 -47.67 -28.69
CA ILE RA 56 57.66 -48.93 -28.80
C ILE RA 56 57.29 -49.70 -30.05
N ALA RA 57 56.15 -49.39 -30.68
CA ALA RA 57 55.73 -50.08 -31.89
C ALA RA 57 56.16 -49.37 -33.16
N VAL RA 58 56.32 -48.04 -33.11
CA VAL RA 58 56.75 -47.29 -34.30
C VAL RA 58 58.26 -47.25 -34.46
N GLY RA 59 59.01 -47.87 -33.56
CA GLY RA 59 60.46 -47.87 -33.65
C GLY RA 59 61.04 -49.26 -33.81
N MET RA 60 60.34 -50.27 -33.29
CA MET RA 60 60.82 -51.64 -33.38
C MET RA 60 60.46 -52.29 -34.72
N ALA RA 61 59.30 -51.96 -35.27
CA ALA RA 61 58.85 -52.52 -36.54
C ALA RA 61 59.34 -51.72 -37.74
N VAL RA 62 60.46 -51.00 -37.61
CA VAL RA 62 60.99 -50.23 -38.72
C VAL RA 62 61.73 -51.13 -39.70
N VAL RA 63 62.70 -51.89 -39.19
CA VAL RA 63 63.48 -52.79 -40.03
C VAL RA 63 62.92 -54.20 -39.91
N GLY RA 64 63.02 -54.77 -38.71
CA GLY RA 64 62.51 -56.12 -38.47
C GLY RA 64 63.35 -57.19 -39.12
N LEU RA 65 64.67 -57.08 -38.99
CA LEU RA 65 65.62 -58.03 -39.55
C LEU RA 65 65.42 -58.20 -41.05
N GLN SA 1 97.91 -47.98 -63.90
CA GLN SA 1 97.10 -49.07 -63.36
C GLN SA 1 95.85 -48.54 -62.68
N ASP SA 2 94.99 -49.45 -62.22
CA ASP SA 2 93.76 -49.08 -61.56
C ASP SA 2 94.01 -48.86 -60.07
N LEU SA 3 92.93 -48.53 -59.34
CA LEU SA 3 93.04 -48.30 -57.91
C LEU SA 3 93.07 -49.64 -57.15
N MET SA 4 93.54 -49.56 -55.90
CA MET SA 4 93.64 -50.73 -55.05
C MET SA 4 92.87 -50.56 -53.73
N ALA SA 5 92.17 -49.45 -53.56
CA ALA SA 5 91.40 -49.23 -52.33
C ALA SA 5 90.08 -49.99 -52.33
N SER SA 6 89.55 -50.34 -53.50
CA SER SA 6 88.29 -51.07 -53.58
C SER SA 6 88.49 -52.43 -54.23
N GLY SA 7 87.45 -52.95 -54.87
CA GLY SA 7 87.52 -54.24 -55.52
C GLY SA 7 87.22 -55.43 -54.64
N ASN SA 8 86.80 -55.21 -53.39
CA ASN SA 8 86.48 -56.29 -52.47
C ASN SA 8 85.05 -56.27 -51.95
N THR SA 9 84.34 -55.15 -52.07
CA THR SA 9 82.96 -55.01 -51.61
C THR SA 9 82.85 -55.40 -50.13
N THR SA 10 83.75 -54.85 -49.33
CA THR SA 10 83.77 -55.11 -47.89
C THR SA 10 83.14 -53.98 -47.07
N VAL SA 11 83.54 -52.73 -47.34
CA VAL SA 11 82.97 -51.61 -46.61
C VAL SA 11 81.53 -51.33 -47.02
N LYS SA 12 81.14 -51.73 -48.24
CA LYS SA 12 79.77 -51.50 -48.69
C LYS SA 12 78.80 -52.48 -48.06
N ALA SA 13 79.20 -53.75 -47.92
CA ALA SA 13 78.34 -54.75 -47.30
C ALA SA 13 78.28 -54.62 -45.79
N THR SA 14 79.25 -53.95 -45.18
CA THR SA 14 79.27 -53.77 -43.73
C THR SA 14 78.56 -52.48 -43.32
N PHE SA 15 78.85 -51.38 -43.98
CA PHE SA 15 78.24 -50.08 -43.71
C PHE SA 15 77.31 -49.74 -44.86
N GLY SA 16 76.07 -50.24 -44.79
CA GLY SA 16 75.10 -50.00 -45.82
C GLY SA 16 73.67 -50.08 -45.33
N LYS SA 17 72.71 -50.14 -46.27
CA LYS SA 17 71.31 -50.22 -45.89
C LYS SA 17 70.91 -51.65 -45.53
N ASP SA 18 71.37 -52.62 -46.32
CA ASP SA 18 71.06 -54.03 -46.08
C ASP SA 18 72.12 -54.70 -45.21
N SER SA 19 72.54 -54.01 -44.15
CA SER SA 19 73.54 -54.54 -43.25
C SER SA 19 73.06 -54.48 -41.80
N SER SA 20 73.98 -54.30 -40.86
CA SER SA 20 73.65 -54.24 -39.44
C SER SA 20 73.72 -52.81 -38.88
N VAL SA 21 74.09 -51.83 -39.71
CA VAL SA 21 74.18 -50.46 -39.23
C VAL SA 21 72.78 -49.88 -38.98
N VAL SA 22 71.81 -50.26 -39.80
CA VAL SA 22 70.47 -49.71 -39.66
C VAL SA 22 69.77 -50.24 -38.40
N LYS SA 23 70.27 -51.32 -37.82
CA LYS SA 23 69.66 -51.86 -36.61
C LYS SA 23 70.22 -51.25 -35.34
N TRP SA 24 71.51 -50.93 -35.31
CA TRP SA 24 72.12 -50.33 -34.14
C TRP SA 24 71.80 -48.85 -33.98
N VAL SA 25 71.26 -48.20 -35.01
CA VAL SA 25 70.92 -46.79 -34.94
C VAL SA 25 69.44 -46.55 -34.66
N VAL SA 26 68.60 -47.58 -34.78
CA VAL SA 26 67.17 -47.42 -34.52
C VAL SA 26 66.82 -47.64 -33.06
N LEU SA 27 67.65 -48.37 -32.30
CA LEU SA 27 67.40 -48.59 -30.89
C LEU SA 27 68.11 -47.60 -29.98
N ALA SA 28 68.98 -46.75 -30.54
CA ALA SA 28 69.69 -45.76 -29.74
C ALA SA 28 68.82 -44.57 -29.38
N GLU SA 29 67.71 -44.35 -30.11
CA GLU SA 29 66.84 -43.22 -29.80
C GLU SA 29 66.01 -43.49 -28.55
N VAL SA 30 65.51 -44.72 -28.39
CA VAL SA 30 64.72 -45.06 -27.22
C VAL SA 30 65.58 -45.18 -25.97
N LEU SA 31 66.88 -45.36 -26.13
CA LEU SA 31 67.76 -45.51 -24.97
C LEU SA 31 68.10 -44.18 -24.33
N VAL SA 32 68.15 -43.10 -25.10
CA VAL SA 32 68.49 -41.79 -24.56
C VAL SA 32 67.38 -40.77 -24.72
N GLY SA 33 66.40 -41.00 -25.59
CA GLY SA 33 65.33 -40.04 -25.80
C GLY SA 33 64.08 -40.34 -24.99
N ALA SA 34 63.78 -41.63 -24.82
CA ALA SA 34 62.60 -42.05 -24.07
C ALA SA 34 62.88 -42.24 -22.58
N VAL SA 35 64.06 -41.83 -22.10
CA VAL SA 35 64.40 -41.98 -20.69
C VAL SA 35 64.45 -40.64 -19.96
N MET SA 36 64.29 -39.51 -20.66
CA MET SA 36 64.32 -38.21 -20.03
C MET SA 36 62.96 -37.78 -19.49
N TYR SA 37 62.00 -38.69 -19.40
CA TYR SA 37 60.70 -38.38 -18.81
C TYR SA 37 60.76 -38.19 -17.31
N MET SA 38 61.87 -38.57 -16.66
CA MET SA 38 61.98 -38.44 -15.21
C MET SA 38 62.37 -37.02 -14.82
N MET SA 39 63.16 -36.34 -15.65
CA MET SA 39 63.64 -34.99 -15.36
C MET SA 39 62.83 -33.93 -16.11
N THR SA 40 62.90 -33.92 -17.44
CA THR SA 40 62.21 -32.90 -18.23
C THR SA 40 60.73 -33.21 -18.35
N LYS SA 41 60.40 -34.39 -18.91
CA LYS SA 41 59.02 -34.80 -19.14
C LYS SA 41 58.28 -33.78 -19.99
N ASN SA 42 58.53 -33.80 -21.30
CA ASN SA 42 57.90 -32.87 -22.22
C ASN SA 42 57.67 -33.58 -23.55
N VAL SA 43 57.17 -32.81 -24.52
CA VAL SA 43 56.93 -33.32 -25.87
C VAL SA 43 57.82 -32.49 -26.80
N LYS SA 44 59.07 -32.93 -26.95
CA LYS SA 44 60.03 -32.22 -27.79
C LYS SA 44 60.86 -33.20 -28.61
N PHE SA 45 61.23 -34.33 -28.01
CA PHE SA 45 62.05 -35.34 -28.68
C PHE SA 45 61.16 -36.36 -29.39
N LEU SA 46 60.35 -35.85 -30.32
CA LEU SA 46 59.46 -36.68 -31.11
C LEU SA 46 59.68 -36.54 -32.61
N ALA SA 47 60.68 -35.78 -33.03
CA ALA SA 47 60.97 -35.59 -34.45
C ALA SA 47 61.95 -36.62 -34.99
N GLY SA 48 62.50 -37.48 -34.14
CA GLY SA 48 63.44 -38.49 -34.56
C GLY SA 48 62.84 -39.76 -35.13
N PHE SA 49 61.51 -39.83 -35.23
CA PHE SA 49 60.83 -41.00 -35.76
C PHE SA 49 60.61 -40.92 -37.27
N ALA SA 50 61.36 -40.07 -37.97
CA ALA SA 50 61.22 -39.94 -39.41
C ALA SA 50 62.54 -39.54 -40.05
N ILE SA 51 63.44 -38.93 -39.27
CA ILE SA 51 64.72 -38.50 -39.80
C ILE SA 51 65.73 -39.63 -39.90
N ILE SA 52 65.41 -40.82 -39.36
CA ILE SA 52 66.34 -41.94 -39.44
C ILE SA 52 66.35 -42.54 -40.83
N SER SA 53 65.18 -42.75 -41.43
CA SER SA 53 65.11 -43.32 -42.77
C SER SA 53 65.51 -42.31 -43.85
N VAL SA 54 65.48 -41.03 -43.54
CA VAL SA 54 65.86 -40.00 -44.52
C VAL SA 54 67.36 -39.79 -44.55
N PHE SA 55 68.00 -39.69 -43.38
CA PHE SA 55 69.44 -39.46 -43.32
C PHE SA 55 70.22 -40.68 -43.81
N ILE SA 56 69.64 -41.88 -43.69
CA ILE SA 56 70.32 -43.08 -44.14
C ILE SA 56 70.22 -43.25 -45.65
N ALA SA 57 69.29 -42.55 -46.31
CA ALA SA 57 69.12 -42.66 -47.75
C ALA SA 57 69.83 -41.55 -48.52
N VAL SA 58 69.98 -40.36 -47.92
CA VAL SA 58 70.65 -39.26 -48.60
C VAL SA 58 72.18 -39.34 -48.52
N GLY SA 59 72.71 -40.25 -47.72
CA GLY SA 59 74.14 -40.39 -47.59
C GLY SA 59 74.68 -41.67 -48.21
N MET SA 60 73.81 -42.68 -48.35
CA MET SA 60 74.23 -43.94 -48.94
C MET SA 60 74.16 -43.91 -50.47
N ALA SA 61 73.19 -43.20 -51.03
CA ALA SA 61 73.02 -43.10 -52.48
C ALA SA 61 73.87 -42.00 -53.10
N VAL SA 62 74.93 -41.56 -52.42
CA VAL SA 62 75.78 -40.52 -52.98
C VAL SA 62 76.67 -41.09 -54.09
N VAL SA 63 77.40 -42.16 -53.79
CA VAL SA 63 78.27 -42.80 -54.76
C VAL SA 63 77.54 -43.96 -55.42
N GLY SA 64 77.19 -44.97 -54.63
CA GLY SA 64 76.49 -46.12 -55.16
C GLY SA 64 77.33 -47.03 -56.02
N LEU SA 65 78.65 -47.02 -55.82
CA LEU SA 65 79.58 -47.85 -56.58
C LEU SA 65 79.45 -47.63 -58.08
N GLN TA 1 -58.71 37.94 -23.10
CA GLN TA 1 -59.72 36.96 -23.48
C GLN TA 1 -61.08 37.34 -22.87
N ASP TA 2 -62.05 36.44 -23.03
CA ASP TA 2 -63.39 36.64 -22.52
C ASP TA 2 -63.54 35.97 -21.15
N LEU TA 3 -64.78 35.83 -20.70
CA LEU TA 3 -65.07 35.20 -19.42
C LEU TA 3 -65.31 33.71 -19.59
N MET TA 4 -65.18 32.97 -18.49
CA MET TA 4 -65.38 31.53 -18.49
C MET TA 4 -66.41 31.08 -17.46
N ALA TA 5 -67.05 32.02 -16.75
CA ALA TA 5 -68.05 31.67 -15.75
C ALA TA 5 -69.41 31.37 -16.35
N SER TA 6 -69.68 31.81 -17.57
CA SER TA 6 -70.97 31.58 -18.21
C SER TA 6 -70.80 30.80 -19.51
N GLY TA 7 -71.63 31.10 -20.51
CA GLY TA 7 -71.56 30.43 -21.79
C GLY TA 7 -72.25 29.09 -21.85
N ASN TA 8 -73.07 28.74 -20.84
CA ASN TA 8 -73.77 27.46 -20.83
C ASN TA 8 -75.27 27.58 -20.62
N THR TA 9 -75.77 28.68 -20.05
CA THR TA 9 -77.19 28.88 -19.80
C THR TA 9 -77.78 27.73 -19.00
N THR TA 10 -77.06 27.34 -17.94
CA THR TA 10 -77.48 26.25 -17.07
C THR TA 10 -78.25 26.75 -15.86
N VAL TA 11 -77.73 27.78 -15.19
CA VAL TA 11 -78.40 28.33 -14.01
C VAL TA 11 -79.66 29.10 -14.40
N LYS TA 12 -79.75 29.57 -15.65
CA LYS TA 12 -80.94 30.32 -16.07
C LYS TA 12 -82.15 29.41 -16.21
N ALA TA 13 -81.94 28.16 -16.64
CA ALA TA 13 -83.02 27.20 -16.79
C ALA TA 13 -83.38 26.49 -15.48
N THR TA 14 -82.55 26.63 -14.45
CA THR TA 14 -82.80 26.00 -13.15
C THR TA 14 -83.46 26.96 -12.16
N PHE TA 15 -82.92 28.17 -12.03
CA PHE TA 15 -83.45 29.18 -11.11
C PHE TA 15 -84.00 30.32 -11.94
N GLY TA 16 -85.31 30.31 -12.18
CA GLY TA 16 -85.93 31.35 -12.96
C GLY TA 16 -87.44 31.27 -12.88
N LYS TA 17 -88.09 32.04 -13.76
CA LYS TA 17 -89.54 32.06 -13.80
C LYS TA 17 -90.11 30.85 -14.52
N ASP TA 18 -89.50 30.46 -15.63
CA ASP TA 18 -89.96 29.31 -16.42
C ASP TA 18 -89.22 28.04 -16.03
N SER TA 19 -89.05 27.82 -14.72
CA SER TA 19 -88.36 26.65 -14.22
C SER TA 19 -89.22 25.89 -13.23
N SER TA 20 -88.60 25.32 -12.20
CA SER TA 20 -89.32 24.57 -11.18
C SER TA 20 -89.30 25.21 -9.80
N VAL TA 21 -88.59 26.34 -9.64
CA VAL TA 21 -88.53 26.99 -8.34
C VAL TA 21 -89.84 27.68 -8.02
N VAL TA 22 -90.53 28.22 -9.03
CA VAL TA 22 -91.77 28.94 -8.80
C VAL TA 22 -92.91 28.01 -8.38
N LYS TA 23 -92.76 26.70 -8.59
CA LYS TA 23 -93.79 25.75 -8.21
C LYS TA 23 -93.67 25.26 -6.78
N TRP TA 24 -92.46 25.29 -6.21
CA TRP TA 24 -92.25 24.86 -4.83
C TRP TA 24 -92.43 25.97 -3.81
N VAL TA 25 -92.28 27.24 -4.23
CA VAL TA 25 -92.44 28.36 -3.31
C VAL TA 25 -93.90 28.71 -3.06
N VAL TA 26 -94.83 28.16 -3.82
CA VAL TA 26 -96.25 28.45 -3.63
C VAL TA 26 -96.93 27.46 -2.69
N LEU TA 27 -96.39 26.24 -2.57
CA LEU TA 27 -96.97 25.23 -1.69
C LEU TA 27 -96.45 25.31 -0.26
N ALA TA 28 -95.34 26.02 -0.03
CA ALA TA 28 -94.80 26.14 1.32
C ALA TA 28 -95.58 27.11 2.19
N GLU TA 29 -96.36 28.02 1.58
CA GLU TA 29 -97.13 28.98 2.36
C GLU TA 29 -98.36 28.31 2.99
N VAL TA 30 -99.05 27.46 2.23
CA VAL TA 30 -100.24 26.80 2.76
C VAL TA 30 -99.88 25.70 3.75
N LEU TA 31 -98.65 25.20 3.71
CA LEU TA 31 -98.24 24.14 4.62
C LEU TA 31 -98.02 24.65 6.04
N VAL TA 32 -97.58 25.89 6.18
CA VAL TA 32 -97.34 26.46 7.51
C VAL TA 32 -98.23 27.65 7.83
N GLY TA 33 -99.06 28.11 6.89
CA GLY TA 33 -99.93 29.25 7.15
C GLY TA 33 -101.36 28.85 7.41
N ALA TA 34 -101.85 27.84 6.71
CA ALA TA 34 -103.22 27.36 6.86
C ALA TA 34 -103.35 26.25 7.89
N VAL TA 35 -102.36 26.07 8.76
CA VAL TA 35 -102.40 25.03 9.79
C VAL TA 35 -102.43 25.60 11.20
N MET TA 36 -102.19 26.89 11.38
CA MET TA 36 -102.19 27.52 12.69
C MET TA 36 -103.57 28.03 13.10
N TYR TA 37 -104.63 27.57 12.44
CA TYR TA 37 -105.99 27.98 12.79
C TYR TA 37 -106.48 27.33 14.09
N MET TA 38 -105.72 26.41 14.67
CA MET TA 38 -106.13 25.74 15.90
C MET TA 38 -105.55 26.41 17.14
N MET TA 39 -104.32 26.93 17.05
CA MET TA 39 -103.67 27.55 18.19
C MET TA 39 -103.95 29.06 18.25
N THR TA 40 -103.67 29.77 17.16
CA THR TA 40 -103.84 31.22 17.11
C THR TA 40 -105.21 31.61 16.57
N LYS TA 41 -105.53 31.18 15.34
CA LYS TA 41 -106.78 31.51 14.67
C LYS TA 41 -106.97 33.03 14.58
N ASN TA 42 -106.22 33.61 13.64
CA ASN TA 42 -106.25 35.05 13.40
C ASN TA 42 -106.04 35.31 11.93
N VAL TA 43 -106.40 36.52 11.49
CA VAL TA 43 -106.23 36.94 10.11
C VAL TA 43 -105.01 37.85 10.09
N LYS TA 44 -103.83 37.25 9.93
CA LYS TA 44 -102.59 38.00 9.90
C LYS TA 44 -101.68 37.51 8.79
N PHE TA 45 -101.61 36.18 8.61
CA PHE TA 45 -100.77 35.56 7.59
C PHE TA 45 -101.52 35.34 6.29
N LEU TA 46 -102.33 36.31 5.87
CA LEU TA 46 -103.09 36.22 4.64
C LEU TA 46 -102.65 37.23 3.59
N ALA TA 47 -101.63 38.03 3.87
CA ALA TA 47 -101.13 39.03 2.93
C ALA TA 47 -100.08 38.47 1.98
N GLY TA 48 -99.76 37.19 2.06
CA GLY TA 48 -98.77 36.57 1.21
C GLY TA 48 -99.32 35.95 -0.07
N PHE TA 49 -100.58 36.22 -0.41
CA PHE TA 49 -101.19 35.68 -1.61
C PHE TA 49 -101.05 36.61 -2.81
N ALA TA 50 -100.15 37.57 -2.76
CA ALA TA 50 -99.95 38.52 -3.86
C ALA TA 50 -98.50 38.95 -3.95
N ILE TA 51 -97.73 38.75 -2.87
CA ILE TA 51 -96.33 39.14 -2.86
C ILE TA 51 -95.41 38.09 -3.46
N ILE TA 52 -95.96 36.97 -3.93
CA ILE TA 52 -95.13 35.92 -4.52
C ILE TA 52 -94.69 36.33 -5.93
N SER TA 53 -95.64 36.78 -6.75
CA SER TA 53 -95.32 37.20 -8.11
C SER TA 53 -94.64 38.56 -8.16
N VAL TA 54 -94.73 39.36 -7.09
CA VAL TA 54 -94.10 40.67 -7.08
C VAL TA 54 -92.61 40.54 -6.75
N PHE TA 55 -92.27 39.70 -5.78
CA PHE TA 55 -90.87 39.54 -5.39
C PHE TA 55 -90.07 38.84 -6.47
N ILE TA 56 -90.70 37.94 -7.24
CA ILE TA 56 -89.98 37.24 -8.30
C ILE TA 56 -89.80 38.10 -9.54
N ALA TA 57 -90.59 39.17 -9.67
CA ALA TA 57 -90.48 40.06 -10.84
C ALA TA 57 -89.51 41.20 -10.61
N VAL TA 58 -89.14 41.48 -9.36
CA VAL TA 58 -88.21 42.55 -9.06
C VAL TA 58 -86.84 41.95 -8.76
N GLY TA 59 -86.69 40.66 -9.02
CA GLY TA 59 -85.43 39.98 -8.80
C GLY TA 59 -84.90 39.27 -10.03
N MET TA 60 -85.80 38.74 -10.85
CA MET TA 60 -85.40 38.05 -12.06
C MET TA 60 -85.12 39.00 -13.21
N ALA TA 61 -85.91 40.08 -13.32
CA ALA TA 61 -85.75 41.06 -14.38
C ALA TA 61 -84.75 42.16 -14.03
N VAL TA 62 -83.74 41.86 -13.21
CA VAL TA 62 -82.76 42.87 -12.83
C VAL TA 62 -81.69 43.00 -13.91
N VAL TA 63 -81.05 41.88 -14.26
CA VAL TA 63 -80.01 41.89 -15.29
C VAL TA 63 -80.58 41.35 -16.59
N GLY TA 64 -81.01 40.09 -16.58
CA GLY TA 64 -81.57 39.48 -17.77
C GLY TA 64 -80.54 39.17 -18.83
N LEU TA 65 -79.47 38.47 -18.44
CA LEU TA 65 -78.38 38.09 -19.35
C LEU TA 65 -77.79 39.31 -20.04
N GLN UA 1 -38.62 49.44 -16.39
CA GLN UA 1 -39.62 48.85 -17.28
C GLN UA 1 -41.04 49.12 -16.78
N ASP UA 2 -42.02 48.50 -17.42
CA ASP UA 2 -43.42 48.66 -17.08
C ASP UA 2 -43.85 47.51 -16.16
N LEU UA 3 -45.16 47.41 -15.94
CA LEU UA 3 -45.71 46.37 -15.08
C LEU UA 3 -46.01 45.12 -15.91
N MET UA 4 -46.12 43.99 -15.21
CA MET UA 4 -46.41 42.71 -15.84
C MET UA 4 -47.61 41.99 -15.23
N ALA UA 5 -48.32 42.62 -14.30
CA ALA UA 5 -49.48 42.00 -13.67
C ALA UA 5 -50.76 42.17 -14.48
N SER UA 6 -50.75 43.02 -15.50
CA SER UA 6 -51.94 43.23 -16.32
C SER UA 6 -51.61 43.06 -17.80
N GLY UA 7 -52.22 43.89 -18.65
CA GLY UA 7 -51.97 43.81 -20.07
C GLY UA 7 -52.70 42.70 -20.79
N ASN UA 8 -53.78 42.16 -20.20
CA ASN UA 8 -54.53 41.09 -20.83
C ASN UA 8 -56.03 41.39 -20.78
N THR UA 9 -56.45 42.22 -19.83
CA THR UA 9 -57.85 42.58 -19.64
C THR UA 9 -58.73 41.34 -19.51
N THR UA 10 -58.28 40.41 -18.69
CA THR UA 10 -59.00 39.15 -18.45
C THR UA 10 -59.86 39.21 -17.19
N VAL UA 11 -59.31 39.70 -16.08
CA VAL UA 11 -60.07 39.78 -14.84
C VAL UA 11 -61.12 40.86 -14.90
N LYS UA 12 -60.96 41.85 -15.78
CA LYS UA 12 -61.96 42.91 -15.90
C LYS UA 12 -63.23 42.42 -16.56
N ALA UA 13 -63.10 41.50 -17.54
CA ALA UA 13 -64.25 40.95 -18.22
C ALA UA 13 -64.90 39.80 -17.45
N THR UA 14 -64.27 39.33 -16.37
CA THR UA 14 -64.81 38.24 -15.56
C THR UA 14 -65.50 38.73 -14.31
N PHE UA 15 -64.88 39.66 -13.58
CA PHE UA 15 -65.45 40.22 -12.36
C PHE UA 15 -65.83 41.68 -12.65
N GLY UA 16 -66.97 41.85 -13.30
CA GLY UA 16 -67.45 43.18 -13.65
C GLY UA 16 -68.95 43.27 -13.75
N LYS UA 17 -69.45 44.37 -14.33
CA LYS UA 17 -70.89 44.55 -14.47
C LYS UA 17 -71.44 43.74 -15.64
N ASP UA 18 -70.76 43.81 -16.78
CA ASP UA 18 -71.19 43.09 -17.99
C ASP UA 18 -70.58 41.69 -18.05
N SER UA 19 -70.66 40.95 -16.95
CA SER UA 19 -70.10 39.60 -16.89
C SER UA 19 -71.12 38.63 -16.31
N SER UA 20 -70.66 37.68 -15.49
CA SER UA 20 -71.53 36.69 -14.88
C SER UA 20 -71.63 36.82 -13.37
N VAL UA 21 -70.88 37.74 -12.76
CA VAL UA 21 -70.94 37.90 -11.31
C VAL UA 21 -72.26 38.54 -10.89
N VAL UA 22 -72.78 39.45 -11.71
CA VAL UA 22 -74.02 40.14 -11.36
C VAL UA 22 -75.23 39.21 -11.40
N LYS UA 23 -75.11 38.05 -12.05
CA LYS UA 23 -76.22 37.11 -12.13
C LYS UA 23 -76.24 36.13 -10.95
N TRP UA 24 -75.08 35.83 -10.38
CA TRP UA 24 -75.03 34.91 -9.24
C TRP UA 24 -75.30 35.59 -7.91
N VAL UA 25 -75.13 36.91 -7.84
CA VAL UA 25 -75.36 37.65 -6.60
C VAL UA 25 -76.81 38.07 -6.42
N VAL UA 26 -77.66 37.80 -7.41
CA VAL UA 26 -79.07 38.17 -7.32
C VAL UA 26 -79.98 36.99 -7.01
N LEU UA 27 -79.57 35.76 -7.34
CA LEU UA 27 -80.37 34.58 -7.06
C LEU UA 27 -80.19 34.05 -5.65
N ALA UA 28 -79.11 34.44 -4.96
CA ALA UA 28 -78.87 33.96 -3.60
C ALA UA 28 -79.83 34.58 -2.59
N GLU UA 29 -80.39 35.75 -2.90
CA GLU UA 29 -81.32 36.39 -1.97
C GLU UA 29 -82.69 35.72 -2.02
N VAL UA 30 -83.19 35.43 -3.22
CA VAL UA 30 -84.50 34.80 -3.36
C VAL UA 30 -84.43 33.31 -3.00
N LEU UA 31 -83.24 32.72 -2.99
CA LEU UA 31 -83.11 31.30 -2.67
C LEU UA 31 -83.32 31.04 -1.18
N VAL UA 32 -82.92 31.98 -0.33
CA VAL UA 32 -83.05 31.80 1.11
C VAL UA 32 -83.96 32.83 1.77
N GLY UA 33 -84.16 34.00 1.17
CA GLY UA 33 -85.03 34.99 1.77
C GLY UA 33 -86.49 34.77 1.51
N ALA UA 34 -86.82 33.93 0.53
CA ALA UA 34 -88.21 33.63 0.19
C ALA UA 34 -88.68 32.29 0.72
N VAL UA 35 -87.82 31.54 1.41
CA VAL UA 35 -88.17 30.24 1.97
C VAL UA 35 -88.10 30.22 3.49
N MET UA 36 -87.69 31.32 4.12
CA MET UA 36 -87.57 31.38 5.57
C MET UA 36 -88.89 31.77 6.25
N TYR UA 37 -90.02 31.65 5.55
CA TYR UA 37 -91.31 31.94 6.14
C TYR UA 37 -91.80 30.84 7.07
N MET UA 38 -91.08 29.72 7.18
CA MET UA 38 -91.52 28.64 8.04
C MET UA 38 -91.23 28.94 9.51
N MET UA 39 -90.09 29.55 9.80
CA MET UA 39 -89.69 29.86 11.16
C MET UA 39 -89.92 31.32 11.53
N THR UA 40 -89.47 32.25 10.68
CA THR UA 40 -89.61 33.67 10.99
C THR UA 40 -91.00 34.17 10.61
N LYS UA 41 -91.29 34.24 9.31
CA LYS UA 41 -92.55 34.75 8.79
C LYS UA 41 -92.81 36.18 9.29
N ASN UA 42 -92.01 37.11 8.77
CA ASN UA 42 -92.13 38.50 9.14
C ASN UA 42 -91.73 39.37 7.94
N VAL UA 43 -91.77 40.68 8.14
CA VAL UA 43 -91.37 41.64 7.11
C VAL UA 43 -90.08 42.29 7.60
N LYS UA 44 -88.95 41.67 7.25
CA LYS UA 44 -87.65 42.16 7.69
C LYS UA 44 -86.65 42.13 6.55
N PHE UA 45 -86.57 41.01 5.84
CA PHE UA 45 -85.62 40.83 4.73
C PHE UA 45 -86.23 41.31 3.41
N LEU UA 46 -86.61 42.59 3.40
CA LEU UA 46 -87.19 43.21 2.22
C LEU UA 46 -86.43 44.44 1.73
N ALA UA 47 -85.40 44.88 2.45
CA ALA UA 47 -84.63 46.05 2.05
C ALA UA 47 -83.45 45.69 1.15
N GLY UA 48 -83.36 44.45 0.69
CA GLY UA 48 -82.28 44.01 -0.18
C GLY UA 48 -82.60 43.98 -1.65
N PHE UA 49 -83.77 44.48 -2.05
CA PHE UA 49 -84.18 44.50 -3.45
C PHE UA 49 -83.79 45.79 -4.17
N ALA UA 50 -82.88 46.58 -3.59
CA ALA UA 50 -82.47 47.84 -4.20
C ALA UA 50 -81.00 48.10 -3.95
N ILE UA 51 -80.40 47.38 -2.99
CA ILE UA 51 -78.99 47.55 -2.67
C ILE UA 51 -78.07 46.72 -3.54
N ILE UA 52 -78.62 45.96 -4.49
CA ILE UA 52 -77.78 45.14 -5.35
C ILE UA 52 -77.10 45.99 -6.40
N SER UA 53 -77.87 46.85 -7.08
CA SER UA 53 -77.30 47.72 -8.11
C SER UA 53 -76.54 48.89 -7.52
N VAL UA 54 -76.74 49.21 -6.24
CA VAL UA 54 -76.03 50.32 -5.62
C VAL UA 54 -74.64 49.89 -5.19
N PHE UA 55 -74.52 48.70 -4.60
CA PHE UA 55 -73.22 48.21 -4.14
C PHE UA 55 -72.29 47.91 -5.31
N ILE UA 56 -72.83 47.46 -6.44
CA ILE UA 56 -72.00 47.15 -7.59
C ILE UA 56 -71.56 48.41 -8.34
N ALA UA 57 -72.24 49.54 -8.11
CA ALA UA 57 -71.89 50.78 -8.78
C ALA UA 57 -70.84 51.58 -8.00
N VAL UA 58 -70.72 51.33 -6.71
CA VAL UA 58 -69.74 52.02 -5.87
C VAL UA 58 -68.53 51.12 -5.66
N GLY UA 59 -68.48 50.01 -6.41
CA GLY UA 59 -67.37 49.09 -6.29
C GLY UA 59 -66.66 48.85 -7.60
N MET UA 60 -67.41 48.86 -8.71
CA MET UA 60 -66.82 48.64 -10.03
C MET UA 60 -66.27 49.94 -10.61
N ALA UA 61 -66.95 51.06 -10.38
CA ALA UA 61 -66.54 52.36 -10.91
C ALA UA 61 -65.55 53.08 -9.99
N VAL UA 62 -64.72 52.34 -9.25
CA VAL UA 62 -63.75 52.96 -8.36
C VAL UA 62 -62.52 53.39 -9.13
N VAL UA 63 -61.90 52.46 -9.86
CA VAL UA 63 -60.71 52.76 -10.65
C VAL UA 63 -61.10 52.90 -12.12
N GLY UA 64 -61.58 51.81 -12.70
CA GLY UA 64 -61.99 51.81 -14.10
C GLY UA 64 -60.82 51.87 -15.05
N LEU UA 65 -59.83 51.00 -14.83
CA LEU UA 65 -58.63 50.92 -15.66
C LEU UA 65 -57.91 52.27 -15.76
N GLN VA 1 -19.17 53.78 -2.73
CA GLN VA 1 -20.03 53.79 -3.91
C GLN VA 1 -21.48 54.05 -3.52
N ASP VA 2 -22.38 53.93 -4.50
CA ASP VA 2 -23.80 54.15 -4.29
C ASP VA 2 -24.49 52.82 -4.00
N LEU VA 3 -25.82 52.83 -4.08
CA LEU VA 3 -26.61 51.63 -3.84
C LEU VA 3 -26.86 50.88 -5.14
N MET VA 4 -27.19 49.60 -5.00
CA MET VA 4 -27.47 48.74 -6.16
C MET VA 4 -28.80 48.03 -6.07
N ALA VA 5 -29.62 48.32 -5.06
CA ALA VA 5 -30.92 47.66 -4.92
C ALA VA 5 -32.01 48.32 -5.75
N SER VA 6 -31.76 49.52 -6.30
CA SER VA 6 -32.76 50.21 -7.11
C SER VA 6 -32.16 50.63 -8.45
N GLY VA 7 -32.54 51.82 -8.92
CA GLY VA 7 -32.03 52.32 -10.18
C GLY VA 7 -32.69 51.74 -11.41
N ASN VA 8 -33.90 51.18 -11.28
CA ASN VA 8 -34.61 50.61 -12.41
C ASN VA 8 -36.05 51.09 -12.44
N THR VA 9 -36.57 51.48 -11.28
CA THR VA 9 -37.95 51.95 -11.13
C THR VA 9 -38.94 50.93 -11.67
N THR VA 10 -38.72 49.67 -11.30
CA THR VA 10 -39.56 48.55 -11.73
C THR VA 10 -40.62 48.20 -10.71
N VAL VA 11 -40.24 48.08 -9.44
CA VAL VA 11 -41.21 47.74 -8.39
C VAL VA 11 -42.16 48.90 -8.11
N LYS VA 12 -41.76 50.13 -8.43
CA LYS VA 12 -42.65 51.27 -8.21
C LYS VA 12 -43.81 51.28 -9.19
N ALA VA 13 -43.56 50.88 -10.43
CA ALA VA 13 -44.61 50.84 -11.45
C ALA VA 13 -45.45 49.57 -11.37
N THR VA 14 -45.06 48.60 -10.55
CA THR VA 14 -45.81 47.35 -10.38
C THR VA 14 -46.67 47.36 -9.14
N PHE VA 15 -46.13 47.78 -8.01
CA PHE VA 15 -46.86 47.85 -6.74
C PHE VA 15 -47.06 49.32 -6.38
N GLY VA 16 -48.02 49.94 -7.06
CA GLY VA 16 -48.31 51.35 -6.82
C GLY VA 16 -49.76 51.70 -7.05
N LYS VA 17 -50.05 53.01 -7.17
CA LYS VA 17 -51.42 53.45 -7.39
C LYS VA 17 -51.83 53.28 -8.85
N ASP VA 18 -50.99 53.72 -9.77
CA ASP VA 18 -51.27 53.63 -11.20
C ASP VA 18 -50.77 52.32 -11.78
N SER VA 19 -51.10 51.21 -11.12
CA SER VA 19 -50.68 49.88 -11.58
C SER VA 19 -51.85 48.91 -11.57
N SER VA 20 -51.58 47.64 -11.29
CA SER VA 20 -52.61 46.61 -11.25
C SER VA 20 -52.97 46.17 -9.84
N VAL VA 21 -52.29 46.69 -8.81
CA VAL VA 21 -52.59 46.29 -7.44
C VAL VA 21 -53.92 46.88 -6.99
N VAL VA 22 -54.25 48.10 -7.44
CA VAL VA 22 -55.48 48.74 -7.02
C VAL VA 22 -56.71 48.06 -7.61
N LYS VA 23 -56.54 47.24 -8.65
CA LYS VA 23 -57.67 46.54 -9.25
C LYS VA 23 -57.95 45.20 -8.59
N TRP VA 24 -56.92 44.49 -8.14
CA TRP VA 24 -57.11 43.19 -7.49
C TRP VA 24 -57.60 43.32 -6.05
N VAL VA 25 -57.51 44.52 -5.47
CA VAL VA 25 -57.95 44.73 -4.09
C VAL VA 25 -59.37 45.28 -4.00
N VAL VA 26 -59.96 45.72 -5.12
CA VAL VA 26 -61.31 46.26 -5.11
C VAL VA 26 -62.36 45.21 -5.43
N LEU VA 27 -62.00 44.13 -6.12
CA LEU VA 27 -62.93 43.06 -6.46
C LEU VA 27 -62.98 41.95 -5.42
N ALA VA 28 -62.03 41.93 -4.47
CA ALA VA 28 -62.03 40.88 -3.46
C ALA VA 28 -63.12 41.09 -2.42
N GLU VA 29 -63.63 42.31 -2.26
CA GLU VA 29 -64.68 42.56 -1.28
C GLU VA 29 -66.04 42.10 -1.78
N VAL VA 30 -66.34 42.37 -3.05
CA VAL VA 30 -67.62 41.96 -3.62
C VAL VA 30 -67.68 40.45 -3.83
N LEU VA 31 -66.52 39.78 -3.86
CA LEU VA 31 -66.53 38.32 -4.04
C LEU VA 31 -67.03 37.61 -2.80
N VAL VA 32 -66.83 38.19 -1.61
CA VAL VA 32 -67.25 37.58 -0.36
C VAL VA 32 -68.25 38.42 0.41
N GLY VA 33 -68.30 39.73 0.20
CA GLY VA 33 -69.23 40.58 0.91
C GLY VA 33 -70.62 40.57 0.33
N ALA VA 34 -70.73 40.33 -0.97
CA ALA VA 34 -72.01 40.30 -1.67
C ALA VA 34 -72.64 38.91 -1.67
N VAL VA 35 -71.96 37.91 -1.13
CA VAL VA 35 -72.49 36.54 -1.09
C VAL VA 35 -72.71 36.04 0.33
N MET VA 36 -72.36 36.82 1.35
CA MET VA 36 -72.54 36.41 2.74
C MET VA 36 -73.94 36.72 3.27
N TYR VA 37 -74.88 37.08 2.38
CA TYR VA 37 -76.27 37.30 2.77
C TYR VA 37 -77.06 36.01 2.92
N MET VA 38 -76.41 34.85 2.82
CA MET VA 38 -77.12 33.58 2.94
C MET VA 38 -77.21 33.12 4.39
N MET VA 39 -76.06 32.96 5.04
CA MET VA 39 -76.02 32.49 6.42
C MET VA 39 -76.26 33.61 7.42
N THR VA 40 -75.72 34.81 7.16
CA THR VA 40 -75.85 35.93 8.08
C THR VA 40 -77.05 36.82 7.73
N LYS VA 41 -77.01 37.44 6.55
CA LYS VA 41 -78.05 38.37 6.10
C LYS VA 41 -78.26 39.49 7.10
N ASN VA 42 -77.22 40.30 7.26
CA ASN VA 42 -77.23 41.43 8.18
C ASN VA 42 -76.34 42.53 7.63
N VAL VA 43 -76.64 43.77 8.01
CA VAL VA 43 -75.86 44.92 7.59
C VAL VA 43 -74.63 45.04 8.49
N LYS VA 44 -73.50 44.50 8.04
CA LYS VA 44 -72.28 44.51 8.83
C LYS VA 44 -71.07 44.82 7.95
N PHE VA 45 -70.91 44.09 6.85
CA PHE VA 45 -69.76 44.26 5.96
C PHE VA 45 -70.04 45.37 4.96
N LEU VA 46 -70.19 46.58 5.49
CA LEU VA 46 -70.43 47.77 4.68
C LEU VA 46 -69.43 48.89 4.94
N ALA VA 47 -68.46 48.69 5.82
CA ALA VA 47 -67.47 49.72 6.14
C ALA VA 47 -66.25 49.67 5.22
N GLY VA 48 -66.21 48.74 4.26
CA GLY VA 48 -65.10 48.62 3.35
C GLY VA 48 -65.27 49.34 2.03
N PHE VA 49 -66.34 50.12 1.87
CA PHE VA 49 -66.60 50.85 0.63
C PHE VA 49 -65.99 52.26 0.64
N ALA VA 50 -65.03 52.52 1.52
CA ALA VA 50 -64.41 53.83 1.60
C ALA VA 50 -62.97 53.72 2.09
N ILE VA 51 -62.65 52.63 2.77
CA ILE VA 51 -61.29 52.44 3.30
C ILE VA 51 -60.32 51.91 2.26
N ILE VA 52 -60.79 51.63 1.04
CA ILE VA 52 -59.90 51.13 0.00
C ILE VA 52 -59.03 52.24 -0.55
N SER VA 53 -59.64 53.39 -0.88
CA SER VA 53 -58.87 54.51 -1.40
C SER VA 53 -58.08 55.23 -0.32
N VAL VA 54 -58.42 55.03 0.95
CA VAL VA 54 -57.69 55.66 2.03
C VAL VA 54 -56.44 54.87 2.41
N PHE VA 55 -56.54 53.55 2.47
CA PHE VA 55 -55.38 52.73 2.84
C PHE VA 55 -54.32 52.75 1.75
N ILE VA 56 -54.72 52.92 0.49
CA ILE VA 56 -53.76 52.96 -0.61
C ILE VA 56 -53.05 54.31 -0.69
N ALA VA 57 -53.59 55.36 -0.07
CA ALA VA 57 -52.97 56.67 -0.09
C ALA VA 57 -52.07 56.92 1.11
N VAL VA 58 -52.36 56.30 2.26
CA VAL VA 58 -51.55 56.48 3.45
C VAL VA 58 -50.35 55.55 3.50
N GLY VA 59 -50.16 54.70 2.48
CA GLY VA 59 -49.04 53.79 2.46
C GLY VA 59 -48.12 54.01 1.28
N MET VA 60 -48.68 54.51 0.17
CA MET VA 60 -47.87 54.76 -1.02
C MET VA 60 -47.15 56.09 -0.95
N ALA VA 61 -47.77 57.11 -0.35
CA ALA VA 61 -47.19 58.44 -0.24
C ALA VA 61 -46.31 58.60 0.99
N VAL VA 62 -45.78 57.50 1.54
CA VAL VA 62 -44.92 57.58 2.71
C VAL VA 62 -43.52 58.05 2.34
N VAL VA 63 -42.88 57.35 1.40
CA VAL VA 63 -41.54 57.70 0.95
C VAL VA 63 -41.64 58.51 -0.34
N GLY VA 64 -42.14 57.88 -1.40
CA GLY VA 64 -42.28 58.54 -2.67
C GLY VA 64 -40.95 58.80 -3.37
N LEU VA 65 -40.10 57.78 -3.42
CA LEU VA 65 -38.78 57.86 -4.05
C LEU VA 65 -37.95 58.99 -3.46
N GLN WA 1 -2.41 49.08 13.90
CA GLN WA 1 -3.00 49.73 12.73
C GLN WA 1 -4.47 50.04 12.96
N ASP WA 2 -5.15 50.48 11.90
CA ASP WA 2 -6.56 50.82 11.97
C ASP WA 2 -7.40 49.62 11.54
N LEU WA 3 -8.70 49.83 11.37
CA LEU WA 3 -9.59 48.76 10.96
C LEU WA 3 -9.65 48.67 9.44
N MET WA 4 -10.08 47.50 8.95
CA MET WA 4 -10.19 47.25 7.53
C MET WA 4 -11.59 46.78 7.11
N ALA WA 5 -12.54 46.74 8.04
CA ALA WA 5 -13.89 46.30 7.71
C ALA WA 5 -14.74 47.41 7.08
N SER WA 6 -14.32 48.67 7.23
CA SER WA 6 -15.06 49.78 6.66
C SER WA 6 -14.19 50.59 5.70
N GLY WA 7 -14.29 51.92 5.77
CA GLY WA 7 -13.50 52.78 4.91
C GLY WA 7 -14.05 52.96 3.51
N ASN WA 8 -15.29 52.55 3.25
CA ASN WA 8 -15.90 52.69 1.94
C ASN WA 8 -17.27 53.33 1.94
N THR WA 9 -17.99 53.31 3.06
CA THR WA 9 -19.33 53.90 3.18
C THR WA 9 -20.26 53.34 2.10
N THR WA 10 -20.24 52.02 1.94
CA THR WA 10 -21.08 51.33 0.96
C THR WA 10 -22.33 50.73 1.57
N VAL WA 11 -22.20 50.03 2.70
CA VAL WA 11 -23.37 49.43 3.35
C VAL WA 11 -24.27 50.49 3.97
N LYS WA 12 -23.73 51.68 4.29
CA LYS WA 12 -24.54 52.73 4.87
C LYS WA 12 -25.49 53.34 3.84
N ALA WA 13 -25.02 53.47 2.60
CA ALA WA 13 -25.85 54.01 1.54
C ALA WA 13 -26.79 52.98 0.93
N THR WA 14 -26.63 51.71 1.27
CA THR WA 14 -27.48 50.64 0.75
C THR WA 14 -28.56 50.22 1.74
N PHE WA 15 -28.19 50.03 3.01
CA PHE WA 15 -29.13 49.63 4.06
C PHE WA 15 -29.29 50.81 5.02
N GLY WA 16 -30.06 51.80 4.58
CA GLY WA 16 -30.30 52.99 5.38
C GLY WA 16 -31.66 53.62 5.15
N LYS WA 17 -31.82 54.87 5.58
CA LYS WA 17 -33.09 55.56 5.39
C LYS WA 17 -33.23 56.11 3.98
N ASP WA 18 -32.19 56.78 3.47
CA ASP WA 18 -32.21 57.35 2.12
C ASP WA 18 -31.70 56.35 1.08
N SER WA 19 -32.24 55.13 1.13
CA SER WA 19 -31.84 54.09 0.19
C SER WA 19 -33.07 53.39 -0.40
N SER WA 20 -32.97 52.09 -0.64
CA SER WA 20 -34.05 51.31 -1.21
C SER WA 20 -34.70 50.36 -0.21
N VAL WA 21 -34.17 50.26 1.01
CA VAL WA 21 -34.74 49.35 2.00
C VAL WA 21 -36.09 49.88 2.50
N VAL WA 22 -36.23 51.21 2.60
CA VAL WA 22 -37.46 51.79 3.11
C VAL WA 22 -38.61 51.61 2.12
N LYS WA 23 -38.32 51.31 0.86
CA LYS WA 23 -39.37 51.11 -0.13
C LYS WA 23 -39.85 49.67 -0.19
N TRP WA 24 -38.96 48.70 0.02
CA TRP WA 24 -39.36 47.30 -0.01
C TRP WA 24 -40.10 46.88 1.26
N VAL WA 25 -40.02 47.67 2.33
CA VAL WA 25 -40.71 47.34 3.58
C VAL WA 25 -42.06 48.04 3.70
N VAL WA 26 -42.36 48.99 2.83
CA VAL WA 26 -43.64 49.70 2.91
C VAL WA 26 -44.72 49.08 2.04
N LEU WA 27 -44.34 48.32 1.00
CA LEU WA 27 -45.30 47.66 0.13
C LEU WA 27 -45.59 46.23 0.54
N ALA WA 28 -44.85 45.68 1.50
CA ALA WA 28 -45.09 44.31 1.95
C ALA WA 28 -46.32 44.21 2.85
N GLU WA 29 -46.76 45.32 3.44
CA GLU WA 29 -47.94 45.29 4.30
C GLU WA 29 -49.23 45.29 3.48
N VAL WA 30 -49.29 46.11 2.43
CA VAL WA 30 -50.49 46.17 1.59
C VAL WA 30 -50.63 44.91 0.76
N LEU WA 31 -49.55 44.15 0.56
CA LEU WA 31 -49.63 42.92 -0.21
C LEU WA 31 -50.36 41.82 0.56
N VAL WA 32 -50.28 41.85 1.89
CA VAL WA 32 -50.92 40.83 2.72
C VAL WA 32 -51.99 41.40 3.64
N GLY WA 33 -51.98 42.69 3.92
CA GLY WA 33 -52.96 43.28 4.81
C GLY WA 33 -54.24 43.70 4.10
N ALA WA 34 -54.12 44.11 2.85
CA ALA WA 34 -55.26 44.53 2.05
C ALA WA 34 -55.96 43.36 1.35
N VAL WA 35 -55.47 42.14 1.54
CA VAL WA 35 -56.08 40.97 0.91
C VAL WA 35 -56.65 39.99 1.93
N MET WA 36 -56.45 40.22 3.22
CA MET WA 36 -56.99 39.33 4.25
C MET WA 36 -58.44 39.62 4.59
N TYR WA 37 -59.12 40.48 3.81
CA TYR WA 37 -60.54 40.71 3.98
C TYR WA 37 -61.41 39.63 3.34
N MET WA 38 -60.80 38.58 2.79
CA MET WA 38 -61.57 37.52 2.14
C MET WA 38 -62.04 36.48 3.16
N MET WA 39 -61.10 35.85 3.87
CA MET WA 39 -61.44 34.82 4.84
C MET WA 39 -61.82 35.40 6.20
N THR WA 40 -61.07 36.39 6.68
CA THR WA 40 -61.32 36.97 7.99
C THR WA 40 -62.34 38.10 7.93
N LYS WA 41 -62.00 39.17 7.20
CA LYS WA 41 -62.84 40.37 7.08
C LYS WA 41 -63.15 40.96 8.46
N ASN WA 42 -62.09 41.45 9.10
CA ASN WA 42 -62.19 42.04 10.43
C ASN WA 42 -61.14 43.13 10.57
N VAL WA 43 -61.46 44.16 11.34
CA VAL WA 43 -60.54 45.26 11.59
C VAL WA 43 -59.53 44.83 12.64
N LYS WA 44 -58.38 44.33 12.20
CA LYS WA 44 -57.34 43.85 13.12
C LYS WA 44 -55.96 44.28 12.65
N PHE WA 45 -55.66 44.06 11.37
CA PHE WA 45 -54.35 44.38 10.82
C PHE WA 45 -54.31 45.84 10.36
N LEU WA 46 -54.48 46.74 11.34
CA LEU WA 46 -54.44 48.16 11.09
C LEU WA 46 -53.45 48.90 11.98
N ALA WA 47 -52.66 48.20 12.79
CA ALA WA 47 -51.69 48.83 13.67
C ALA WA 47 -50.32 48.99 13.03
N GLY WA 48 -50.16 48.62 11.75
CA GLY WA 48 -48.90 48.73 11.06
C GLY WA 48 -48.74 49.96 10.20
N PHE WA 49 -49.70 50.87 10.20
CA PHE WA 49 -49.65 52.08 9.40
C PHE WA 49 -48.95 53.24 10.12
N ALA WA 50 -48.12 52.94 11.12
CA ALA WA 50 -47.42 53.98 11.86
C ALA WA 50 -46.11 53.45 12.43
N ILE WA 51 -46.00 52.14 12.59
CA ILE WA 51 -44.79 51.53 13.13
C ILE WA 51 -43.70 51.36 12.10
N ILE WA 52 -43.96 51.71 10.84
CA ILE WA 52 -42.94 51.57 9.79
C ILE WA 52 -41.89 52.66 9.92
N SER WA 53 -42.35 53.92 10.07
CA SER WA 53 -41.42 55.03 10.21
C SER WA 53 -40.77 55.09 11.58
N VAL WA 54 -41.33 54.40 12.58
CA VAL WA 54 -40.76 54.39 13.92
C VAL WA 54 -39.67 53.35 14.05
N PHE WA 55 -39.88 52.15 13.51
CA PHE WA 55 -38.87 51.10 13.60
C PHE WA 55 -37.63 51.43 12.79
N ILE WA 56 -37.78 52.19 11.71
CA ILE WA 56 -36.63 52.56 10.89
C ILE WA 56 -35.82 53.68 11.53
N ALA WA 57 -36.40 54.42 12.46
CA ALA WA 57 -35.69 55.52 13.12
C ALA WA 57 -35.01 55.10 14.42
N VAL WA 58 -35.55 54.09 15.11
CA VAL WA 58 -34.95 53.62 16.35
C VAL WA 58 -33.84 52.61 16.13
N GLY WA 59 -33.52 52.28 14.89
CA GLY WA 59 -32.46 51.33 14.60
C GLY WA 59 -31.34 51.91 13.79
N MET WA 60 -31.65 52.90 12.94
CA MET WA 60 -30.65 53.53 12.11
C MET WA 60 -29.86 54.59 12.87
N ALA WA 61 -30.52 55.32 13.77
CA ALA WA 61 -29.89 56.38 14.55
C ALA WA 61 -29.22 55.86 15.83
N VAL WA 62 -28.87 54.57 15.87
CA VAL WA 62 -28.23 54.02 17.06
C VAL WA 62 -26.76 54.39 17.09
N VAL WA 63 -26.02 54.06 16.04
CA VAL WA 63 -24.60 54.38 15.95
C VAL WA 63 -24.41 55.66 15.15
N GLY WA 64 -24.76 55.62 13.87
CA GLY WA 64 -24.62 56.77 13.01
C GLY WA 64 -23.17 57.10 12.68
N LEU WA 65 -22.40 56.09 12.31
CA LEU WA 65 -20.99 56.25 11.96
C LEU WA 65 -20.20 56.91 13.08
N GLN XA 1 10.85 35.62 28.72
CA GLN XA 1 10.50 36.75 27.88
C GLN XA 1 9.03 37.13 28.03
N ASP XA 2 8.57 38.06 27.22
CA ASP XA 2 7.19 38.53 27.25
C ASP XA 2 6.36 37.74 26.22
N LEU XA 3 5.14 38.20 25.99
CA LEU XA 3 4.24 37.56 25.04
C LEU XA 3 4.44 38.12 23.64
N MET XA 4 4.00 37.35 22.64
CA MET XA 4 4.12 37.75 21.24
C MET XA 4 2.79 37.69 20.50
N ALA XA 5 1.68 37.44 21.19
CA ALA XA 5 0.38 37.37 20.52
C ALA XA 5 -0.26 38.74 20.35
N SER XA 6 0.25 39.76 21.04
CA SER XA 6 -0.33 41.10 20.93
C SER XA 6 0.76 42.11 20.57
N GLY XA 7 0.69 43.31 21.14
CA GLY XA 7 1.66 44.35 20.86
C GLY XA 7 1.43 45.10 19.57
N ASN XA 8 0.23 45.06 19.01
CA ASN XA 8 -0.07 45.77 17.78
C ASN XA 8 -1.38 46.56 17.91
N THR XA 9 -2.25 46.12 18.81
CA THR XA 9 -3.55 46.75 19.04
C THR XA 9 -4.35 46.85 17.74
N THR XA 10 -4.37 45.74 17.00
CA THR XA 10 -5.09 45.66 15.72
C THR XA 10 -6.47 45.05 15.86
N VAL XA 11 -6.58 43.93 16.59
CA VAL XA 11 -7.88 43.29 16.76
C VAL XA 11 -8.79 44.10 17.69
N LYS XA 12 -8.20 44.94 18.54
CA LYS XA 12 -9.03 45.75 19.44
C LYS XA 12 -9.75 46.86 18.69
N ALA XA 13 -9.09 47.47 17.71
CA ALA XA 13 -9.69 48.52 16.90
C ALA XA 13 -10.58 47.99 15.80
N THR XA 14 -10.57 46.68 15.55
CA THR XA 14 -11.39 46.06 14.51
C THR XA 14 -12.67 45.44 15.07
N PHE XA 15 -12.55 44.70 16.17
CA PHE XA 15 -13.69 44.05 16.81
C PHE XA 15 -13.93 44.75 18.15
N GLY XA 16 -14.53 45.94 18.07
CA GLY XA 16 -14.80 46.72 19.27
C GLY XA 16 -16.05 47.57 19.15
N LYS XA 17 -16.21 48.54 20.06
CA LYS XA 17 -17.37 49.42 20.03
C LYS XA 17 -17.23 50.49 18.97
N ASP XA 18 -16.09 51.17 18.95
CA ASP XA 18 -15.83 52.25 17.99
C ASP XA 18 -15.22 51.71 16.69
N SER XA 19 -15.83 50.66 16.15
CA SER XA 19 -15.34 50.06 14.92
C SER XA 19 -16.49 49.86 13.93
N SER XA 20 -16.43 48.78 13.15
CA SER XA 20 -17.45 48.47 12.16
C SER XA 20 -18.32 47.28 12.55
N VAL XA 21 -18.03 46.62 13.68
CA VAL XA 21 -18.83 45.48 14.09
C VAL XA 21 -20.20 45.92 14.58
N VAL XA 22 -20.28 47.08 15.24
CA VAL XA 22 -21.55 47.55 15.78
C VAL XA 22 -22.52 47.97 14.67
N LYS XA 23 -22.03 48.19 13.45
CA LYS XA 23 -22.91 48.58 12.35
C LYS XA 23 -23.48 47.38 11.61
N TRP XA 24 -22.71 46.30 11.47
CA TRP XA 24 -23.20 45.11 10.78
C TRP XA 24 -24.17 44.29 11.62
N VAL XA 25 -24.23 44.55 12.93
CA VAL XA 25 -25.14 43.80 13.81
C VAL XA 25 -26.45 44.53 14.06
N VAL XA 26 -26.57 45.79 13.65
CA VAL XA 26 -27.80 46.54 13.87
C VAL XA 26 -28.73 46.50 12.66
N LEU XA 27 -28.20 46.23 11.46
CA LEU XA 27 -29.04 46.15 10.27
C LEU XA 27 -29.56 44.75 9.99
N ALA XA 28 -29.02 43.74 10.67
CA ALA XA 28 -29.47 42.38 10.44
C ALA XA 28 -30.84 42.11 11.06
N GLU XA 29 -31.25 42.92 12.04
CA GLU XA 29 -32.56 42.72 12.66
C GLU XA 29 -33.68 43.28 11.78
N VAL XA 30 -33.49 44.49 11.26
CA VAL XA 30 -34.50 45.09 10.41
C VAL XA 30 -34.58 44.40 9.05
N LEU XA 31 -33.54 43.66 8.67
CA LEU XA 31 -33.55 42.97 7.38
C LEU XA 31 -34.51 41.78 7.39
N VAL XA 32 -34.69 41.15 8.55
CA VAL XA 32 -35.56 39.99 8.66
C VAL XA 32 -36.71 40.19 9.64
N GLY XA 33 -36.59 41.06 10.63
CA GLY XA 33 -37.65 41.26 11.59
C GLY XA 33 -38.74 42.19 11.10
N ALA XA 34 -38.40 43.07 10.17
CA ALA XA 34 -39.36 44.02 9.61
C ALA XA 34 -40.06 43.50 8.36
N VAL XA 35 -39.69 42.30 7.88
CA VAL XA 35 -40.30 41.71 6.69
C VAL XA 35 -41.01 40.42 7.00
N MET XA 36 -41.05 39.99 8.26
CA MET XA 36 -41.72 38.74 8.64
C MET XA 36 -43.21 38.93 8.91
N TYR XA 37 -43.78 40.07 8.48
CA TYR XA 37 -45.21 40.30 8.62
C TYR XA 37 -46.03 39.60 7.53
N MET XA 38 -45.39 38.84 6.65
CA MET XA 38 -46.13 38.17 5.58
C MET XA 38 -46.84 36.92 6.11
N MET XA 39 -46.09 36.02 6.74
CA MET XA 39 -46.65 34.77 7.24
C MET XA 39 -47.13 34.90 8.69
N THR XA 40 -46.34 35.55 9.54
CA THR XA 40 -46.71 35.67 10.96
C THR XA 40 -47.69 36.82 11.17
N LYS XA 41 -47.24 38.05 10.91
CA LYS XA 41 -48.04 39.26 11.11
C LYS XA 41 -48.52 39.35 12.56
N ASN XA 42 -47.56 39.43 13.47
CA ASN XA 42 -47.84 39.53 14.89
C ASN XA 42 -46.74 40.35 15.56
N VAL XA 43 -47.03 40.79 16.79
CA VAL XA 43 -46.07 41.57 17.58
C VAL XA 43 -45.28 40.56 18.43
N LYS XA 44 -44.12 40.15 17.92
CA LYS XA 44 -43.29 39.18 18.63
C LYS XA 44 -41.82 39.58 18.59
N PHE XA 45 -41.30 39.88 17.42
CA PHE XA 45 -39.89 40.22 17.24
C PHE XA 45 -39.67 41.71 17.51
N LEU XA 46 -39.97 42.12 18.74
CA LEU XA 46 -39.80 43.51 19.16
C LEU XA 46 -38.94 43.64 20.41
N ALA XA 47 -38.39 42.56 20.93
CA ALA XA 47 -37.55 42.60 22.12
C ALA XA 47 -36.08 42.81 21.82
N GLY XA 48 -35.72 42.98 20.55
CA GLY XA 48 -34.34 43.19 20.15
C GLY XA 48 -33.95 44.63 19.90
N PHE XA 49 -34.83 45.58 20.19
CA PHE XA 49 -34.55 47.00 19.97
C PHE XA 49 -33.91 47.66 21.19
N ALA XA 50 -33.33 46.88 22.10
CA ALA XA 50 -32.70 47.45 23.29
C ALA XA 50 -31.56 46.56 23.77
N ILE XA 51 -31.56 45.29 23.36
CA ILE XA 51 -30.51 44.36 23.77
C ILE XA 51 -29.27 44.46 22.90
N ILE XA 52 -29.26 45.33 21.90
CA ILE XA 52 -28.09 45.47 21.05
C ILE XA 52 -26.99 46.25 21.77
N SER XA 53 -27.35 47.38 22.38
CA SER XA 53 -26.37 48.19 23.11
C SER XA 53 -25.99 47.57 24.44
N VAL XA 54 -26.79 46.63 24.96
CA VAL XA 54 -26.50 45.99 26.23
C VAL XA 54 -25.52 44.83 26.05
N PHE XA 55 -25.71 44.01 25.01
CA PHE XA 55 -24.82 42.88 24.79
C PHE XA 55 -23.43 43.33 24.37
N ILE XA 56 -23.32 44.47 23.71
CA ILE XA 56 -22.01 44.97 23.29
C ILE XA 56 -21.25 45.61 24.45
N ALA XA 57 -21.93 45.98 25.53
CA ALA XA 57 -21.28 46.59 26.68
C ALA XA 57 -20.87 45.57 27.73
N VAL XA 58 -21.58 44.44 27.83
CA VAL XA 58 -21.24 43.42 28.80
C VAL XA 58 -20.21 42.42 28.29
N GLY XA 59 -19.68 42.63 27.08
CA GLY XA 59 -18.69 41.74 26.52
C GLY XA 59 -17.38 42.44 26.18
N MET XA 60 -17.47 43.71 25.80
CA MET XA 60 -16.28 44.47 25.45
C MET XA 60 -15.56 45.00 26.67
N ALA XA 61 -16.31 45.39 27.71
CA ALA XA 61 -15.73 45.94 28.93
C ALA XA 61 -15.37 44.85 29.95
N VAL XA 62 -15.13 43.62 29.49
CA VAL XA 62 -14.76 42.55 30.40
C VAL XA 62 -13.29 42.65 30.78
N VAL XA 63 -12.40 42.66 29.79
CA VAL XA 63 -10.97 42.77 30.03
C VAL XA 63 -10.53 44.22 29.89
N GLY XA 64 -10.64 44.76 28.67
CA GLY XA 64 -10.26 46.13 28.42
C GLY XA 64 -8.76 46.36 28.47
N LEU XA 65 -8.01 45.49 27.79
CA LEU XA 65 -6.55 45.57 27.73
C LEU XA 65 -5.93 45.56 29.12
N GLN YA 1 19.97 15.21 37.76
CA GLN YA 1 19.88 16.63 37.47
C GLN YA 1 18.45 17.13 37.60
N ASP YA 2 18.23 18.37 37.20
CA ASP YA 2 16.91 19.00 37.25
C ASP YA 2 16.21 18.85 35.90
N LEU YA 3 15.08 19.53 35.75
CA LEU YA 3 14.32 19.49 34.51
C LEU YA 3 14.82 20.55 33.53
N MET YA 4 14.51 20.34 32.25
CA MET YA 4 14.91 21.26 31.19
C MET YA 4 13.75 21.72 30.33
N ALA YA 5 12.51 21.38 30.69
CA ALA YA 5 11.36 21.79 29.90
C ALA YA 5 10.87 23.19 30.27
N SER YA 6 11.31 23.74 31.39
CA SER YA 6 10.89 25.07 31.80
C SER YA 6 12.10 25.96 32.08
N GLY YA 7 12.01 26.80 33.11
CA GLY YA 7 13.10 27.68 33.46
C GLY YA 7 13.20 28.94 32.64
N ASN YA 8 12.11 29.33 31.96
CA ASN YA 8 12.13 30.54 31.15
C ASN YA 8 10.90 31.39 31.43
N THR YA 9 9.83 30.75 31.92
CA THR YA 9 8.57 31.42 32.23
C THR YA 9 8.04 32.20 31.02
N THR YA 10 8.06 31.53 29.87
CA THR YA 10 7.61 32.13 28.61
C THR YA 10 6.18 31.72 28.27
N VAL YA 11 5.84 30.44 28.40
CA VAL YA 11 4.49 29.99 28.10
C VAL YA 11 3.49 30.45 29.15
N LYS YA 12 3.95 30.77 30.36
CA LYS YA 12 3.04 31.25 31.40
C LYS YA 12 2.56 32.66 31.10
N ALA YA 13 3.45 33.51 30.59
CA ALA YA 13 3.09 34.88 30.26
C ALA YA 13 2.38 35.00 28.91
N THR YA 14 2.36 33.94 28.12
CA THR YA 14 1.69 33.94 26.82
C THR YA 14 0.29 33.33 26.88
N PHE YA 15 0.15 32.19 27.55
CA PHE YA 15 -1.14 31.52 27.69
C PHE YA 15 -1.57 31.62 29.16
N GLY YA 16 -2.07 32.79 29.53
CA GLY YA 16 -2.50 33.03 30.90
C GLY YA 16 -3.63 34.03 31.01
N LYS YA 17 -3.85 34.55 32.22
CA LYS YA 17 -4.92 35.52 32.43
C LYS YA 17 -4.49 36.92 31.99
N ASP YA 18 -3.30 37.35 32.40
CA ASP YA 18 -2.78 38.67 32.06
C ASP YA 18 -2.00 38.65 30.75
N SER YA 19 -2.60 38.03 29.72
CA SER YA 19 -1.95 37.93 28.42
C SER YA 19 -2.90 38.35 27.31
N SER YA 20 -2.81 37.70 26.15
CA SER YA 20 -3.66 38.00 25.01
C SER YA 20 -4.68 36.91 24.72
N VAL YA 21 -4.64 35.80 25.47
CA VAL YA 21 -5.59 34.71 25.23
C VAL YA 21 -6.99 35.12 25.70
N VAL YA 22 -7.08 35.90 26.78
CA VAL YA 22 -8.38 36.29 27.31
C VAL YA 22 -9.11 37.26 26.38
N LYS YA 23 -8.40 37.89 25.45
CA LYS YA 23 -9.02 38.83 24.53
C LYS YA 23 -9.56 38.14 23.28
N TRP YA 24 -8.87 37.11 22.79
CA TRP YA 24 -9.31 36.40 21.60
C TRP YA 24 -10.49 35.47 21.88
N VAL YA 25 -10.77 35.17 23.16
CA VAL YA 25 -11.87 34.29 23.50
C VAL YA 25 -13.13 35.04 23.90
N VAL YA 26 -13.05 36.36 24.07
CA VAL YA 26 -14.23 37.14 24.45
C VAL YA 26 -14.95 37.74 23.25
N LEU YA 27 -14.26 37.90 22.11
CA LEU YA 27 -14.87 38.44 20.91
C LEU YA 27 -15.40 37.36 19.96
N ALA YA 28 -15.09 36.10 20.21
CA ALA YA 28 -15.58 35.02 19.35
C ALA YA 28 -17.06 34.74 19.57
N GLU YA 29 -17.61 35.08 20.74
CA GLU YA 29 -19.01 34.85 21.01
C GLU YA 29 -19.88 35.88 20.31
N VAL YA 30 -19.47 37.15 20.36
CA VAL YA 30 -20.25 38.21 19.73
C VAL YA 30 -20.16 38.15 18.21
N LEU YA 31 -19.17 37.43 17.68
CA LEU YA 31 -19.04 37.32 16.23
C LEU YA 31 -20.12 36.41 15.64
N VAL YA 32 -20.60 35.44 16.41
CA VAL YA 32 -21.62 34.52 15.94
C VAL YA 32 -22.90 34.55 16.78
N GLY YA 33 -22.83 34.91 18.06
CA GLY YA 33 -24.01 34.94 18.89
C GLY YA 33 -24.89 36.15 18.66
N ALA YA 34 -24.30 37.23 18.16
CA ALA YA 34 -25.02 38.46 17.90
C ALA YA 34 -25.54 38.55 16.45
N VAL YA 35 -25.15 37.62 15.59
CA VAL YA 35 -25.59 37.62 14.20
C VAL YA 35 -26.50 36.44 13.89
N MET YA 36 -26.78 35.57 14.86
CA MET YA 36 -27.65 34.42 14.65
C MET YA 36 -29.12 34.77 14.81
N TYR YA 37 -29.47 36.06 14.86
CA TYR YA 37 -30.86 36.49 14.89
C TYR YA 37 -31.51 36.51 13.51
N MET YA 38 -30.81 36.05 12.47
CA MET YA 38 -31.37 36.06 11.13
C MET YA 38 -32.21 34.81 10.87
N MET YA 39 -31.59 33.63 10.99
CA MET YA 39 -32.30 32.38 10.74
C MET YA 39 -33.09 31.89 11.94
N THR YA 40 -32.52 32.00 13.14
CA THR YA 40 -33.18 31.52 14.34
C THR YA 40 -34.07 32.59 14.98
N LYS YA 41 -33.45 33.70 15.44
CA LYS YA 41 -34.15 34.78 16.11
C LYS YA 41 -34.91 34.27 17.33
N ASN YA 42 -34.15 33.80 18.32
CA ASN YA 42 -34.71 33.26 19.55
C ASN YA 42 -33.73 33.52 20.69
N VAL YA 43 -34.28 33.76 21.88
CA VAL YA 43 -33.47 33.98 23.07
C VAL YA 43 -32.90 32.64 23.54
N LYS YA 44 -31.69 32.32 23.12
CA LYS YA 44 -31.07 31.05 23.47
C LYS YA 44 -29.60 31.24 23.85
N PHE YA 45 -28.82 31.84 22.95
CA PHE YA 45 -27.38 32.01 23.17
C PHE YA 45 -27.15 33.24 24.06
N LEU YA 46 -27.55 33.10 25.32
CA LEU YA 46 -27.38 34.16 26.32
C LEU YA 46 -26.70 33.69 27.59
N ALA YA 47 -26.33 32.41 27.71
CA ALA YA 47 -25.69 31.91 28.90
C ALA YA 47 -24.17 31.99 28.86
N GLY YA 48 -23.60 32.44 27.75
CA GLY YA 48 -22.16 32.56 27.60
C GLY YA 48 -21.57 33.87 28.08
N PHE YA 49 -22.38 34.77 28.62
CA PHE YA 49 -21.90 36.07 29.10
C PHE YA 49 -21.48 36.03 30.57
N ALA YA 50 -21.17 34.85 31.10
CA ALA YA 50 -20.76 34.72 32.48
C ALA YA 50 -19.79 33.56 32.67
N ILE YA 51 -19.80 32.61 31.73
CA ILE YA 51 -18.92 31.44 31.81
C ILE YA 51 -17.54 31.70 31.26
N ILE YA 52 -17.26 32.93 30.80
CA ILE YA 52 -15.94 33.23 30.25
C ILE YA 52 -14.92 33.40 31.38
N SER YA 53 -15.28 34.20 32.39
CA SER YA 53 -14.37 34.42 33.51
C SER YA 53 -14.34 33.25 34.47
N VAL YA 54 -15.31 32.35 34.39
CA VAL YA 54 -15.34 31.18 35.27
C VAL YA 54 -14.44 30.07 34.74
N PHE YA 55 -14.47 29.82 33.43
CA PHE YA 55 -13.64 28.76 32.85
C PHE YA 55 -12.16 29.11 32.91
N ILE YA 56 -11.81 30.39 32.83
CA ILE YA 56 -10.41 30.79 32.88
C ILE YA 56 -9.86 30.73 34.30
N ALA YA 57 -10.73 30.71 35.31
CA ALA YA 57 -10.28 30.66 36.69
C ALA YA 57 -10.20 29.23 37.23
N VAL YA 58 -10.83 28.28 36.57
CA VAL YA 58 -10.81 26.88 36.99
C VAL YA 58 -9.80 26.12 36.13
N GLY YA 59 -9.01 26.85 35.36
CA GLY YA 59 -8.01 26.24 34.50
C GLY YA 59 -6.62 26.80 34.71
N MET YA 60 -6.53 28.12 34.94
CA MET YA 60 -5.24 28.74 35.16
C MET YA 60 -4.76 28.58 36.59
N ALA YA 61 -5.66 28.58 37.56
CA ALA YA 61 -5.31 28.46 38.97
C ALA YA 61 -5.24 27.00 39.42
N VAL YA 62 -4.99 26.07 38.50
CA VAL YA 62 -4.89 24.66 38.87
C VAL YA 62 -3.53 24.35 39.48
N VAL YA 63 -2.46 24.68 38.77
CA VAL YA 63 -1.10 24.44 39.25
C VAL YA 63 -0.53 25.74 39.80
N GLY YA 64 -0.35 26.72 38.94
CA GLY YA 64 0.20 28.00 39.35
C GLY YA 64 1.67 27.95 39.69
N LEU YA 65 2.46 27.34 38.81
CA LEU YA 65 3.90 27.19 39.01
C LEU YA 65 4.24 26.52 40.33
N GLN ZA 1 25.66 -8.22 38.18
CA GLN ZA 1 25.72 -6.80 38.52
C GLN ZA 1 24.32 -6.20 38.63
N ASP ZA 2 24.27 -4.88 38.79
CA ASP ZA 2 23.01 -4.17 38.93
C ASP ZA 2 22.58 -3.62 37.56
N LEU ZA 3 21.57 -2.77 37.57
CA LEU ZA 3 21.04 -2.18 36.34
C LEU ZA 3 21.79 -0.89 36.02
N MET ZA 4 21.71 -0.48 34.75
CA MET ZA 4 22.37 0.72 34.27
C MET ZA 4 21.43 1.68 33.55
N ALA ZA 5 20.12 1.41 33.55
CA ALA ZA 5 19.17 2.27 32.88
C ALA ZA 5 18.71 3.44 33.74
N SER ZA 6 18.99 3.40 35.05
CA SER ZA 6 18.60 4.48 35.95
C SER ZA 6 19.79 4.97 36.75
N GLY ZA 7 19.56 5.32 38.02
CA GLY ZA 7 20.63 5.79 38.88
C GLY ZA 7 20.98 7.25 38.70
N ASN ZA 8 20.10 8.05 38.11
CA ASN ZA 8 20.35 9.48 37.91
C ASN ZA 8 19.16 10.31 38.37
N THR ZA 9 17.98 9.69 38.39
CA THR ZA 9 16.73 10.36 38.77
C THR ZA 9 16.51 11.63 37.96
N THR ZA 10 16.71 11.51 36.64
CA THR ZA 10 16.54 12.62 35.72
C THR ZA 10 15.16 12.63 35.06
N VAL ZA 11 14.71 11.48 34.57
CA VAL ZA 11 13.40 11.41 33.93
C VAL ZA 11 12.26 11.54 34.94
N LYS ZA 12 12.53 11.25 36.22
CA LYS ZA 12 11.48 11.38 37.23
C LYS ZA 12 11.19 12.84 37.54
N ALA ZA 13 12.21 13.68 37.55
CA ALA ZA 13 12.04 15.10 37.80
C ALA ZA 13 11.60 15.87 36.57
N THR ZA 14 11.61 15.26 35.39
CA THR ZA 14 11.20 15.91 34.16
C THR ZA 14 9.77 15.56 33.77
N PHE ZA 15 9.39 14.29 33.84
CA PHE ZA 15 8.05 13.82 33.51
C PHE ZA 15 7.38 13.36 34.80
N GLY ZA 16 6.90 14.33 35.58
CA GLY ZA 16 6.24 14.03 36.83
C GLY ZA 16 5.20 15.05 37.22
N LYS ZA 17 4.78 15.02 38.49
CA LYS ZA 17 3.77 15.96 38.96
C LYS ZA 17 4.38 17.33 39.26
N ASP ZA 18 5.51 17.35 39.96
CA ASP ZA 18 6.18 18.60 40.32
C ASP ZA 18 7.20 19.00 39.25
N SER ZA 19 6.78 18.97 37.99
CA SER ZA 19 7.65 19.33 36.89
C SER ZA 19 6.96 20.33 35.95
N SER ZA 20 7.20 20.19 34.65
CA SER ZA 20 6.61 21.08 33.66
C SER ZA 20 5.57 20.38 32.79
N VAL ZA 21 5.37 19.08 32.97
CA VAL ZA 21 4.39 18.36 32.16
C VAL ZA 21 2.97 18.74 32.56
N VAL ZA 22 2.74 19.00 33.85
CA VAL ZA 22 1.40 19.34 34.32
C VAL ZA 22 0.94 20.71 33.83
N LYS ZA 23 1.87 21.56 33.37
CA LYS ZA 23 1.51 22.88 32.89
C LYS ZA 23 1.15 22.87 31.40
N TRP ZA 24 1.84 22.05 30.60
CA TRP ZA 24 1.56 21.97 29.18
C TRP ZA 24 0.28 21.19 28.85
N VAL ZA 25 -0.26 20.45 29.82
CA VAL ZA 25 -1.48 19.68 29.59
C VAL ZA 25 -2.73 20.37 30.14
N VAL ZA 26 -2.57 21.45 30.91
CA VAL ZA 26 -3.73 22.15 31.47
C VAL ZA 26 -4.21 23.28 30.56
N LEU ZA 27 -3.34 23.82 29.71
CA LEU ZA 27 -3.71 24.90 28.80
C LEU ZA 27 -4.13 24.41 27.43
N ALA ZA 28 -3.97 23.12 27.14
CA ALA ZA 28 -4.37 22.59 25.84
C ALA ZA 28 -5.88 22.47 25.69
N GLU ZA 29 -6.61 22.35 26.80
CA GLU ZA 29 -8.06 22.25 26.72
C GLU ZA 29 -8.71 23.59 26.42
N VAL ZA 30 -8.23 24.65 27.07
CA VAL ZA 30 -8.81 25.98 26.85
C VAL ZA 30 -8.41 26.53 25.48
N LEU ZA 31 -7.36 25.98 24.86
CA LEU ZA 31 -6.93 26.47 23.55
C LEU ZA 31 -7.88 26.03 22.45
N VAL ZA 32 -8.54 24.88 22.62
CA VAL ZA 32 -9.45 24.37 21.61
C VAL ZA 32 -10.87 24.19 22.12
N GLY ZA 33 -11.08 24.09 23.43
CA GLY ZA 33 -12.41 23.90 23.97
C GLY ZA 33 -13.17 25.20 24.16
N ALA ZA 34 -12.44 26.29 24.39
CA ALA ZA 34 -13.05 27.60 24.59
C ALA ZA 34 -13.20 28.38 23.30
N VAL ZA 35 -12.76 27.84 22.18
CA VAL ZA 35 -12.86 28.53 20.89
C VAL ZA 35 -13.78 27.81 19.91
N MET ZA 36 -14.30 26.64 20.26
CA MET ZA 36 -15.20 25.90 19.38
C MET ZA 36 -16.65 26.36 19.48
N TYR ZA 37 -16.90 27.50 20.12
CA TYR ZA 37 -18.24 28.08 20.17
C TYR ZA 37 -18.62 28.80 18.88
N MET ZA 38 -17.69 28.92 17.93
CA MET ZA 38 -18.00 29.62 16.68
C MET ZA 38 -18.85 28.76 15.75
N MET ZA 39 -18.60 27.46 15.71
CA MET ZA 39 -19.32 26.55 14.82
C MET ZA 39 -20.32 25.68 15.56
N THR ZA 40 -19.94 25.08 16.69
CA THR ZA 40 -20.84 24.22 17.42
C THR ZA 40 -21.73 25.02 18.38
N LYS ZA 41 -21.12 25.73 19.32
CA LYS ZA 41 -21.82 26.51 20.33
C LYS ZA 41 -22.79 25.62 21.13
N ASN ZA 42 -22.21 24.68 21.86
CA ASN ZA 42 -22.97 23.75 22.67
C ASN ZA 42 -22.18 23.39 23.92
N VAL ZA 43 -22.89 22.99 24.97
CA VAL ZA 43 -22.27 22.58 26.22
C VAL ZA 43 -21.91 21.09 26.08
N LYS ZA 44 -20.68 20.82 25.66
CA LYS ZA 44 -20.23 19.44 25.44
C LYS ZA 44 -18.83 19.22 25.99
N PHE ZA 45 -17.92 20.13 25.66
CA PHE ZA 45 -16.52 20.02 26.09
C PHE ZA 45 -16.31 20.67 27.45
N LEU ZA 46 -17.04 20.15 28.44
CA LEU ZA 46 -16.95 20.63 29.81
C LEU ZA 46 -16.61 19.54 30.81
N ALA ZA 47 -16.45 18.29 30.37
CA ALA ZA 47 -16.11 17.18 31.26
C ALA ZA 47 -14.61 17.04 31.49
N GLY ZA 48 -13.80 17.93 30.96
CA GLY ZA 48 -12.36 17.87 31.11
C GLY ZA 48 -11.78 18.73 32.21
N PHE ZA 49 -12.62 19.44 32.97
CA PHE ZA 49 -12.17 20.31 34.05
C PHE ZA 49 -12.02 19.57 35.37
N ALA ZA 50 -11.92 18.23 35.34
CA ALA ZA 50 -11.77 17.45 36.56
C ALA ZA 50 -10.94 16.20 36.31
N ILE ZA 51 -10.87 15.77 35.05
CA ILE ZA 51 -10.10 14.56 34.70
C ILE ZA 51 -8.61 14.84 34.56
N ILE ZA 52 -8.18 16.09 34.67
CA ILE ZA 52 -6.76 16.40 34.54
C ILE ZA 52 -6.00 15.96 35.79
N SER ZA 53 -6.52 16.30 36.97
CA SER ZA 53 -5.87 15.91 38.21
C SER ZA 53 -6.06 14.44 38.53
N VAL ZA 54 -7.06 13.79 37.93
CA VAL ZA 54 -7.31 12.37 38.18
C VAL ZA 54 -6.41 11.49 37.32
N PHE ZA 55 -6.26 11.82 36.04
CA PHE ZA 55 -5.42 11.02 35.16
C PHE ZA 55 -3.95 11.14 35.51
N ILE ZA 56 -3.53 12.27 36.07
CA ILE ZA 56 -2.13 12.44 36.45
C ILE ZA 56 -1.80 11.73 37.75
N ALA ZA 57 -2.81 11.39 38.56
CA ALA ZA 57 -2.57 10.71 39.82
C ALA ZA 57 -2.63 9.20 39.69
N VAL ZA 58 -3.39 8.68 38.73
CA VAL ZA 58 -3.51 7.23 38.52
C VAL ZA 58 -2.41 6.69 37.62
N GLY ZA 59 -1.48 7.52 37.16
CA GLY ZA 59 -0.41 7.07 36.31
C GLY ZA 59 0.97 7.31 36.90
N MET ZA 60 1.09 8.37 37.71
CA MET ZA 60 2.37 8.69 38.32
C MET ZA 60 2.62 7.88 39.58
N ALA ZA 61 1.58 7.61 40.37
CA ALA ZA 61 1.70 6.85 41.60
C ALA ZA 61 1.59 5.34 41.39
N VAL ZA 62 1.91 4.86 40.20
CA VAL ZA 62 1.85 3.43 39.93
C VAL ZA 62 3.06 2.71 40.53
N VAL ZA 63 4.25 3.14 40.15
CA VAL ZA 63 5.49 2.54 40.66
C VAL ZA 63 6.02 3.39 41.80
N GLY ZA 64 6.42 4.61 41.49
CA GLY ZA 64 6.96 5.51 42.50
C GLY ZA 64 8.34 5.12 42.98
N LEU ZA 65 9.23 4.81 42.04
CA LEU ZA 65 10.60 4.41 42.33
C LEU ZA 65 10.65 3.21 43.29
N GLN AB 1 29.27 -30.23 29.03
CA GLN AB 1 29.37 -29.11 29.96
C GLN AB 1 28.03 -28.40 30.12
N ASP AB 2 28.04 -27.30 30.86
CA ASP AB 2 26.83 -26.51 31.09
C ASP AB 2 26.74 -25.39 30.06
N LEU AB 3 25.84 -24.44 30.29
CA LEU AB 3 25.65 -23.32 29.40
C LEU AB 3 26.54 -22.15 29.80
N MET AB 4 26.76 -21.25 28.84
CA MET AB 4 27.59 -20.07 29.07
C MET AB 4 26.88 -18.77 28.74
N ALA AB 5 25.60 -18.80 28.36
CA ALA AB 5 24.87 -17.60 28.03
C ALA AB 5 24.33 -16.87 29.26
N SER AB 6 24.33 -17.52 30.42
CA SER AB 6 23.84 -16.89 31.64
C SER AB 6 24.89 -16.95 32.74
N GLY AB 7 24.46 -17.25 33.97
CA GLY AB 7 25.37 -17.33 35.09
C GLY AB 7 25.78 -16.01 35.68
N ASN AB 8 25.11 -14.91 35.32
CA ASN AB 8 25.45 -13.59 35.85
C ASN AB 8 24.28 -12.84 36.46
N THR AB 9 23.04 -13.18 36.11
CA THR AB 9 21.84 -12.50 36.63
C THR AB 9 21.91 -11.00 36.40
N THR AB 10 22.31 -10.62 35.18
CA THR AB 10 22.44 -9.22 34.80
C THR AB 10 21.23 -8.72 34.02
N VAL AB 11 20.77 -9.49 33.03
CA VAL AB 11 19.61 -9.09 32.24
C VAL AB 11 18.32 -9.18 33.05
N LYS AB 12 18.29 -10.01 34.10
CA LYS AB 12 17.09 -10.12 34.91
C LYS AB 12 16.87 -8.88 35.78
N ALA AB 13 17.95 -8.29 36.29
CA ALA AB 13 17.83 -7.08 37.10
C ALA AB 13 17.70 -5.82 36.27
N THR AB 14 17.86 -5.90 34.95
CA THR AB 14 17.74 -4.75 34.06
C THR AB 14 16.39 -4.69 33.36
N PHE AB 15 15.93 -5.81 32.81
CA PHE AB 15 14.64 -5.89 32.12
C PHE AB 15 13.70 -6.75 32.97
N GLY AB 16 13.20 -6.15 34.05
CA GLY AB 16 12.30 -6.86 34.95
C GLY AB 16 11.28 -5.95 35.60
N LYS AB 17 10.63 -6.45 36.65
CA LYS AB 17 9.63 -5.65 37.35
C LYS AB 17 10.28 -4.62 38.29
N ASP AB 18 11.24 -5.06 39.09
CA ASP AB 18 11.93 -4.19 40.03
C ASP AB 18 13.15 -3.52 39.39
N SER AB 19 12.96 -2.96 38.20
CA SER AB 19 14.05 -2.30 37.49
C SER AB 19 13.62 -0.93 37.00
N SER AB 20 14.10 -0.53 35.82
CA SER AB 20 13.77 0.76 35.23
C SER AB 20 12.86 0.65 34.02
N VAL AB 21 12.53 -0.56 33.57
CA VAL AB 21 11.67 -0.71 32.40
C VAL AB 21 10.23 -0.33 32.73
N VAL AB 22 9.79 -0.62 33.96
CA VAL AB 22 8.41 -0.32 34.34
C VAL AB 22 8.16 1.18 34.45
N LYS AB 23 9.22 2.00 34.55
CA LYS AB 23 9.05 3.44 34.66
C LYS AB 23 8.99 4.11 33.29
N TRP AB 24 9.76 3.61 32.32
CA TRP AB 24 9.75 4.19 30.98
C TRP AB 24 8.50 3.83 30.18
N VAL AB 25 7.74 2.82 30.62
CA VAL AB 25 6.53 2.41 29.92
C VAL AB 25 5.26 3.01 30.52
N VAL AB 26 5.35 3.65 31.69
CA VAL AB 26 4.17 4.22 32.32
C VAL AB 26 4.01 5.71 32.00
N LEU AB 27 5.09 6.41 31.62
CA LEU AB 27 5.01 7.81 31.25
C LEU AB 27 4.80 8.04 29.77
N ALA AB 28 4.90 6.99 28.94
CA ALA AB 28 4.70 7.14 27.52
C ALA AB 28 3.23 7.31 27.14
N GLU AB 29 2.31 6.90 28.01
CA GLU AB 29 0.89 7.04 27.72
C GLU AB 29 0.41 8.45 27.99
N VAL AB 30 0.83 9.03 29.13
CA VAL AB 30 0.44 10.40 29.46
C VAL AB 30 1.11 11.41 28.54
N LEU AB 31 2.21 11.02 27.89
CA LEU AB 31 2.89 11.93 26.97
C LEU AB 31 2.09 12.10 25.67
N VAL AB 32 1.33 11.09 25.27
CA VAL AB 32 0.57 11.15 24.03
C VAL AB 32 -0.94 11.05 24.25
N GLY AB 33 -1.39 10.50 25.37
CA GLY AB 33 -2.81 10.38 25.63
C GLY AB 33 -3.43 11.63 26.21
N ALA AB 34 -2.62 12.46 26.86
CA ALA AB 34 -3.09 13.70 27.46
C ALA AB 34 -2.92 14.91 26.55
N VAL AB 35 -2.39 14.72 25.33
CA VAL AB 35 -2.20 15.81 24.39
C VAL AB 35 -3.00 15.63 23.11
N MET AB 36 -3.67 14.49 22.92
CA MET AB 36 -4.47 14.27 21.71
C MET AB 36 -5.87 14.85 21.81
N TYR AB 37 -6.14 15.68 22.82
CA TYR AB 37 -7.43 16.36 22.93
C TYR AB 37 -7.51 17.60 22.04
N MET AB 38 -6.43 17.96 21.35
CA MET AB 38 -6.44 19.15 20.51
C MET AB 38 -7.20 18.90 19.21
N MET AB 39 -7.00 17.73 18.60
CA MET AB 39 -7.64 17.39 17.33
C MET AB 39 -8.83 16.45 17.50
N THR AB 40 -8.64 15.33 18.20
CA THR AB 40 -9.73 14.37 18.37
C THR AB 40 -10.72 14.84 19.43
N LYS AB 41 -10.26 14.97 20.67
CA LYS AB 41 -11.10 15.38 21.80
C LYS AB 41 -12.29 14.44 21.96
N ASN AB 42 -11.98 13.20 22.34
CA ASN AB 42 -12.99 12.17 22.53
C ASN AB 42 -12.55 11.23 23.63
N VAL AB 43 -13.46 10.36 24.06
CA VAL AB 43 -13.17 9.35 25.08
C VAL AB 43 -12.92 8.03 24.36
N LYS AB 44 -11.66 7.76 24.03
CA LYS AB 44 -11.31 6.54 23.32
C LYS AB 44 -10.04 5.91 23.90
N PHE AB 45 -9.04 6.74 24.18
CA PHE AB 45 -7.76 6.26 24.69
C PHE AB 45 -7.75 6.29 26.22
N LEU AB 46 -8.74 5.60 26.80
CA LEU AB 46 -8.87 5.50 28.25
C LEU AB 46 -8.83 4.06 28.75
N ALA AB 47 -8.58 3.08 27.89
CA ALA AB 47 -8.52 1.69 28.28
C ALA AB 47 -7.11 1.23 28.59
N GLY AB 48 -6.14 2.14 28.63
CA GLY AB 48 -4.76 1.81 28.93
C GLY AB 48 -4.31 2.10 30.34
N PHE AB 49 -5.21 2.50 31.23
CA PHE AB 49 -4.87 2.80 32.61
C PHE AB 49 -5.01 1.59 33.53
N ALA AB 50 -4.99 0.38 32.98
CA ALA AB 50 -5.12 -0.82 33.79
C ALA AB 50 -4.36 -1.99 33.15
N ILE AB 51 -4.08 -1.88 31.85
CA ILE AB 51 -3.37 -2.95 31.13
C ILE AB 51 -1.87 -2.84 31.27
N ILE AB 52 -1.35 -1.85 31.99
CA ILE AB 52 0.09 -1.72 32.16
C ILE AB 52 0.63 -2.75 33.14
N SER AB 53 -0.02 -2.88 34.30
CA SER AB 53 0.41 -3.85 35.29
C SER AB 53 0.03 -5.27 34.91
N VAL AB 54 -0.88 -5.45 33.97
CA VAL AB 54 -1.31 -6.79 33.55
C VAL AB 54 -0.34 -7.36 32.52
N PHE AB 55 0.12 -6.55 31.57
CA PHE AB 55 1.04 -7.04 30.56
C PHE AB 55 2.41 -7.39 31.15
N ILE AB 56 2.84 -6.66 32.18
CA ILE AB 56 4.13 -6.94 32.80
C ILE AB 56 4.08 -8.18 33.68
N ALA AB 57 2.88 -8.62 34.09
CA ALA AB 57 2.75 -9.80 34.94
C ALA AB 57 2.57 -11.09 34.13
N VAL AB 58 2.15 -10.97 32.88
CA VAL AB 58 1.95 -12.14 32.02
C VAL AB 58 3.16 -12.31 31.10
N GLY AB 59 4.22 -11.54 31.37
CA GLY AB 59 5.42 -11.60 30.57
C GLY AB 59 6.66 -11.88 31.39
N MET AB 60 6.71 -11.34 32.60
CA MET AB 60 7.87 -11.55 33.47
C MET AB 60 7.77 -12.87 34.23
N ALA AB 61 6.57 -13.27 34.63
CA ALA AB 61 6.35 -14.50 35.38
C ALA AB 61 6.16 -15.71 34.48
N VAL AB 62 6.71 -15.68 33.27
CA VAL AB 62 6.56 -16.81 32.35
C VAL AB 62 7.55 -17.92 32.72
N VAL AB 63 8.82 -17.58 32.80
CA VAL AB 63 9.86 -18.56 33.15
C VAL AB 63 10.25 -18.38 34.61
N GLY AB 64 10.82 -17.22 34.94
CA GLY AB 64 11.23 -16.94 36.29
C GLY AB 64 12.46 -17.72 36.72
N LEU AB 65 13.48 -17.70 35.88
CA LEU AB 65 14.75 -18.40 36.14
C LEU AB 65 14.52 -19.89 36.42
N GLN BB 1 33.18 -46.36 11.48
CA GLN BB 1 33.21 -45.77 12.82
C GLN BB 1 31.91 -45.02 13.13
N ASP BB 2 31.88 -44.34 14.26
CA ASP BB 2 30.72 -43.58 14.68
C ASP BB 2 30.87 -42.12 14.25
N LEU BB 3 29.94 -41.27 14.72
CA LEU BB 3 29.97 -39.85 14.39
C LEU BB 3 30.86 -39.09 15.37
N MET BB 4 31.29 -37.90 14.94
CA MET BB 4 32.14 -37.06 15.76
C MET BB 4 31.58 -35.65 15.95
N ALA BB 5 30.38 -35.37 15.45
CA ALA BB 5 29.79 -34.05 15.59
C ALA BB 5 29.12 -33.84 16.94
N SER BB 6 28.85 -34.92 17.68
CA SER BB 6 28.22 -34.81 18.99
C SER BB 6 29.09 -35.44 20.07
N GLY BB 7 28.47 -36.16 21.00
CA GLY BB 7 29.20 -36.81 22.06
C GLY BB 7 29.63 -35.90 23.19
N ASN BB 8 29.04 -34.70 23.29
CA ASN BB 8 29.40 -33.76 24.34
C ASN BB 8 28.21 -33.15 25.06
N THR BB 9 27.01 -33.14 24.47
CA THR BB 9 25.82 -32.55 25.07
C THR BB 9 26.06 -31.10 25.49
N THR BB 10 26.69 -30.33 24.59
CA THR BB 10 26.99 -28.93 24.87
C THR BB 10 25.95 -28.00 24.25
N VAL BB 11 25.59 -28.22 22.99
CA VAL BB 11 24.61 -27.38 22.32
C VAL BB 11 23.21 -27.64 22.85
N LYS BB 12 22.96 -28.82 23.43
CA LYS BB 12 21.63 -29.11 23.96
C LYS BB 12 21.37 -28.33 25.24
N ALA BB 13 22.39 -28.13 26.06
CA ALA BB 13 22.24 -27.36 27.30
C ALA BB 13 22.29 -25.86 27.07
N THR BB 14 22.67 -25.41 25.88
CA THR BB 14 22.75 -23.99 25.56
C THR BB 14 21.52 -23.51 24.80
N PHE BB 15 21.09 -24.23 23.78
CA PHE BB 15 19.92 -23.88 22.98
C PHE BB 15 18.82 -24.90 23.28
N GLY BB 16 18.12 -24.69 24.39
CA GLY BB 16 17.07 -25.59 24.78
C GLY BB 16 16.03 -24.89 25.63
N LYS BB 17 15.16 -25.69 26.24
CA LYS BB 17 14.11 -25.14 27.10
C LYS BB 17 14.65 -24.73 28.46
N ASP BB 18 15.45 -25.59 29.08
CA ASP BB 18 16.03 -25.31 30.39
C ASP BB 18 17.38 -24.60 30.28
N SER BB 19 17.43 -23.56 29.46
CA SER BB 19 18.66 -22.80 29.26
C SER BB 19 18.40 -21.30 29.37
N SER BB 20 19.15 -20.51 28.61
CA SER BB 20 19.00 -19.07 28.63
C SER BB 20 18.31 -18.51 27.39
N VAL BB 21 17.99 -19.35 26.41
CA VAL BB 21 17.34 -18.86 25.20
C VAL BB 21 15.89 -18.47 25.49
N VAL BB 22 15.23 -19.19 26.39
CA VAL BB 22 13.83 -18.89 26.70
C VAL BB 22 13.67 -17.57 27.44
N LYS BB 23 14.75 -17.04 28.02
CA LYS BB 23 14.67 -15.76 28.73
C LYS BB 23 14.90 -14.57 27.82
N TRP BB 24 15.77 -14.70 26.80
CA TRP BB 24 16.03 -13.60 25.88
C TRP BB 24 14.91 -13.42 24.86
N VAL BB 25 14.02 -14.40 24.71
CA VAL BB 25 12.92 -14.30 23.76
C VAL BB 25 11.62 -13.85 24.41
N VAL BB 26 11.54 -13.85 25.74
CA VAL BB 26 10.31 -13.44 26.41
C VAL BB 26 10.29 -11.94 26.72
N LEU BB 27 11.45 -11.29 26.80
CA LEU BB 27 11.52 -9.86 27.06
C LEU BB 27 11.57 -9.01 25.79
N ALA BB 28 11.70 -9.65 24.62
CA ALA BB 28 11.74 -8.89 23.37
C ALA BB 28 10.38 -8.36 22.96
N GLU BB 29 9.30 -8.97 23.45
CA GLU BB 29 7.96 -8.49 23.09
C GLU BB 29 7.58 -7.25 23.89
N VAL BB 30 7.85 -7.27 25.20
CA VAL BB 30 7.52 -6.12 26.04
C VAL BB 30 8.43 -4.93 25.73
N LEU BB 31 9.61 -5.19 25.15
CA LEU BB 31 10.52 -4.11 24.81
C LEU BB 31 10.03 -3.28 23.62
N VAL BB 32 9.28 -3.88 22.70
CA VAL BB 32 8.79 -3.19 21.52
C VAL BB 32 7.27 -3.13 21.45
N GLY BB 33 6.56 -4.02 22.12
CA GLY BB 33 5.11 -4.02 22.08
C GLY BB 33 4.48 -3.08 23.06
N ALA BB 34 5.13 -2.86 24.20
CA ALA BB 34 4.63 -1.96 25.24
C ALA BB 34 5.03 -0.51 25.01
N VAL BB 35 5.77 -0.23 23.94
CA VAL BB 35 6.20 1.14 23.65
C VAL BB 35 5.68 1.65 22.32
N MET BB 36 4.95 0.83 21.56
CA MET BB 36 4.40 1.25 20.27
C MET BB 36 3.06 1.95 20.40
N TYR BB 37 2.67 2.37 21.61
CA TYR BB 37 1.44 3.12 21.82
C TYR BB 37 1.58 4.60 21.47
N MET BB 38 2.74 5.02 20.95
CA MET BB 38 2.94 6.43 20.63
C MET BB 38 2.39 6.76 19.25
N MET BB 39 2.83 6.03 18.22
CA MET BB 39 2.39 6.28 16.86
C MET BB 39 1.12 5.53 16.50
N THR BB 40 1.00 4.28 16.93
CA THR BB 40 -0.17 3.46 16.60
C THR BB 40 -1.27 3.61 17.64
N LYS BB 41 -1.00 3.22 18.89
CA LYS BB 41 -1.97 3.25 19.98
C LYS BB 41 -3.23 2.45 19.61
N ASN BB 42 -3.03 1.14 19.47
CA ASN BB 42 -4.12 0.24 19.12
C ASN BB 42 -3.85 -1.12 19.76
N VAL BB 43 -4.87 -1.99 19.71
CA VAL BB 43 -4.76 -3.35 20.23
C VAL BB 43 -4.54 -4.27 19.04
N LYS BB 44 -3.27 -4.55 18.73
CA LYS BB 44 -2.94 -5.40 17.59
C LYS BB 44 -1.82 -6.37 17.94
N PHE BB 45 -0.82 -5.90 18.68
CA PHE BB 45 0.34 -6.72 19.04
C PHE BB 45 0.10 -7.41 20.38
N LEU BB 46 -1.00 -8.16 20.45
CA LEU BB 46 -1.37 -8.91 21.64
C LEU BB 46 -1.51 -10.40 21.39
N ALA BB 47 -1.12 -10.89 20.22
CA ALA BB 47 -1.22 -12.31 19.89
C ALA BB 47 0.05 -13.07 20.24
N GLY BB 48 1.03 -12.43 20.86
CA GLY BB 48 2.27 -13.07 21.24
C GLY BB 48 2.36 -13.48 22.69
N PHE BB 49 1.26 -13.40 23.44
CA PHE BB 49 1.25 -13.77 24.85
C PHE BB 49 0.90 -15.23 25.08
N ALA BB 50 1.02 -16.07 24.04
CA ALA BB 50 0.70 -17.48 24.18
C ALA BB 50 1.49 -18.32 23.18
N ILE BB 51 1.94 -17.69 22.08
CA ILE BB 51 2.70 -18.41 21.06
C ILE BB 51 4.17 -18.59 21.43
N ILE BB 52 4.60 -18.05 22.57
CA ILE BB 52 5.99 -18.21 22.99
C ILE BB 52 6.24 -19.63 23.51
N SER BB 53 5.35 -20.11 24.38
CA SER BB 53 5.49 -21.45 24.92
C SER BB 53 5.11 -22.53 23.92
N VAL BB 54 4.37 -22.18 22.87
CA VAL BB 54 3.97 -23.15 21.86
C VAL BB 54 5.07 -23.35 20.82
N PHE BB 55 5.69 -22.26 20.36
CA PHE BB 55 6.75 -22.38 19.36
C PHE BB 55 7.99 -23.06 19.93
N ILE BB 56 8.24 -22.91 21.23
CA ILE BB 56 9.41 -23.55 21.83
C ILE BB 56 9.18 -25.03 22.09
N ALA BB 57 7.92 -25.48 22.10
CA ALA BB 57 7.61 -26.88 22.34
C ALA BB 57 7.49 -27.68 21.05
N VAL BB 58 7.12 -27.04 19.95
CA VAL BB 58 6.97 -27.73 18.67
C VAL BB 58 8.29 -27.80 17.89
N GLY BB 59 9.39 -27.32 18.47
CA GLY BB 59 10.67 -27.37 17.80
C GLY BB 59 11.73 -28.12 18.59
N MET BB 60 11.66 -28.04 19.91
CA MET BB 60 12.63 -28.72 20.76
C MET BB 60 12.30 -30.20 20.92
N ALA BB 61 11.02 -30.56 20.95
CA ALA BB 61 10.59 -31.94 21.11
C ALA BB 61 10.48 -32.68 19.79
N VAL BB 62 11.17 -32.21 18.74
CA VAL BB 62 11.11 -32.89 17.46
C VAL BB 62 12.02 -34.11 17.45
N VAL BB 63 13.30 -33.93 17.76
CA VAL BB 63 14.25 -35.04 17.80
C VAL BB 63 14.37 -35.54 19.23
N GLY BB 64 14.90 -34.70 20.12
CA GLY BB 64 15.06 -35.07 21.51
C GLY BB 64 16.16 -36.10 21.73
N LEU BB 65 17.32 -35.87 21.11
CA LEU BB 65 18.47 -36.78 21.22
C LEU BB 65 18.12 -38.20 20.81
N GLN CB 1 38.81 -54.37 -10.61
CA GLN CB 1 38.62 -54.37 -9.15
C GLN CB 1 37.34 -53.63 -8.78
N ASP CB 2 37.15 -53.40 -7.47
CA ASP CB 2 35.96 -52.72 -6.99
C ASP CB 2 36.25 -51.24 -6.77
N LEU CB 3 35.46 -50.60 -5.91
CA LEU CB 3 35.60 -49.19 -5.60
C LEU CB 3 36.34 -49.01 -4.28
N MET CB 4 36.90 -47.82 -4.10
CA MET CB 4 37.64 -47.48 -2.89
C MET CB 4 37.15 -46.20 -2.22
N ALA CB 5 36.07 -45.60 -2.70
CA ALA CB 5 35.55 -44.38 -2.10
C ALA CB 5 34.67 -44.64 -0.88
N SER CB 6 34.21 -45.87 -0.69
CA SER CB 6 33.37 -46.20 0.44
C SER CB 6 33.94 -47.38 1.22
N GLY CB 7 33.07 -48.27 1.71
CA GLY CB 7 33.52 -49.42 2.46
C GLY CB 7 33.87 -49.15 3.90
N ASN CB 8 33.38 -48.05 4.47
CA ASN CB 8 33.67 -47.72 5.87
C ASN CB 8 32.40 -47.32 6.60
N THR CB 9 31.40 -46.86 5.85
CA THR CB 9 30.12 -46.42 6.40
C THR CB 9 30.32 -45.36 7.49
N THR CB 10 31.18 -44.38 7.19
CA THR CB 10 31.48 -43.30 8.11
C THR CB 10 30.65 -42.05 7.83
N VAL CB 11 30.55 -41.65 6.57
CA VAL CB 11 29.76 -40.46 6.23
C VAL CB 11 28.27 -40.71 6.38
N LYS CB 12 27.84 -41.97 6.33
CA LYS CB 12 26.41 -42.26 6.47
C LYS CB 12 25.97 -42.09 7.92
N ALA CB 13 26.82 -42.43 8.88
CA ALA CB 13 26.50 -42.27 10.30
C ALA CB 13 26.72 -40.85 10.80
N THR CB 14 27.34 -39.98 9.99
CA THR CB 14 27.60 -38.60 10.38
C THR CB 14 26.58 -37.63 9.78
N PHE CB 15 26.30 -37.76 8.48
CA PHE CB 15 25.35 -36.90 7.78
C PHE CB 15 24.12 -37.75 7.43
N GLY CB 16 23.29 -37.99 8.44
CA GLY CB 16 22.09 -38.77 8.26
C GLY CB 16 20.95 -38.36 9.17
N LYS CB 17 19.93 -39.22 9.27
CA LYS CB 17 18.79 -38.90 10.12
C LYS CB 17 19.08 -39.18 11.59
N ASP CB 18 19.67 -40.35 11.87
CA ASP CB 18 20.00 -40.74 13.25
C ASP CB 18 21.40 -40.29 13.63
N SER CB 19 21.73 -39.03 13.33
CA SER CB 19 23.03 -38.48 13.65
C SER CB 19 22.90 -37.15 14.38
N SER CB 20 23.79 -36.20 14.06
CA SER CB 20 23.77 -34.90 14.70
C SER CB 20 23.35 -33.77 13.76
N VAL CB 21 23.12 -34.07 12.47
CA VAL CB 21 22.73 -33.03 11.52
C VAL CB 21 21.30 -32.57 11.80
N VAL CB 22 20.43 -33.49 12.22
CA VAL CB 22 19.04 -33.13 12.46
C VAL CB 22 18.88 -32.23 13.68
N LYS CB 23 19.89 -32.15 14.55
CA LYS CB 23 19.82 -31.30 15.72
C LYS CB 23 20.32 -29.88 15.46
N TRP CB 24 21.28 -29.72 14.56
CA TRP CB 24 21.81 -28.40 14.25
C TRP CB 24 20.93 -27.62 13.27
N VAL CB 25 20.05 -28.31 12.53
CA VAL CB 25 19.17 -27.63 11.58
C VAL CB 25 17.83 -27.24 12.18
N VAL CB 26 17.55 -27.64 13.42
CA VAL CB 26 16.28 -27.29 14.05
C VAL CB 26 16.39 -26.07 14.96
N LEU CB 27 17.60 -25.75 15.44
CA LEU CB 27 17.78 -24.58 16.29
C LEU CB 27 18.12 -23.32 15.51
N ALA CB 28 18.44 -23.44 14.22
CA ALA CB 28 18.77 -22.26 13.43
C ALA CB 28 17.54 -21.44 13.07
N GLU CB 29 16.34 -22.04 13.09
CA GLU CB 29 15.13 -21.30 12.78
C GLU CB 29 14.69 -20.44 13.96
N VAL CB 30 14.74 -21.01 15.17
CA VAL CB 30 14.33 -20.26 16.36
C VAL CB 30 15.34 -19.18 16.71
N LEU CB 31 16.57 -19.28 16.19
CA LEU CB 31 17.59 -18.28 16.52
C LEU CB 31 17.32 -16.95 15.81
N VAL CB 32 16.71 -16.99 14.63
CA VAL CB 32 16.42 -15.77 13.88
C VAL CB 32 14.95 -15.61 13.53
N GLY CB 33 14.18 -16.69 13.36
CA GLY CB 33 12.78 -16.55 13.01
C GLY CB 33 11.90 -16.18 14.20
N ALA CB 34 12.41 -16.37 15.42
CA ALA CB 34 11.65 -16.05 16.62
C ALA CB 34 12.04 -14.72 17.25
N VAL CB 35 13.17 -14.13 16.82
CA VAL CB 35 13.62 -12.85 17.36
C VAL CB 35 13.36 -11.69 16.40
N MET CB 36 12.72 -11.94 15.26
CA MET CB 36 12.43 -10.90 14.29
C MET CB 36 11.14 -10.14 14.60
N TYR CB 37 10.61 -10.28 15.81
CA TYR CB 37 9.44 -9.52 16.22
C TYR CB 37 9.76 -8.08 16.59
N MET CB 38 11.03 -7.69 16.53
CA MET CB 38 11.41 -6.33 16.89
C MET CB 38 11.11 -5.35 15.75
N MET CB 39 11.60 -5.64 14.55
CA MET CB 39 11.40 -4.76 13.41
C MET CB 39 10.15 -5.10 12.61
N THR CB 40 9.93 -6.38 12.33
CA THR CB 40 8.79 -6.82 11.53
C THR CB 40 7.53 -6.94 12.39
N LYS CB 41 7.53 -7.87 13.33
CA LYS CB 41 6.38 -8.15 14.20
C LYS CB 41 5.14 -8.49 13.36
N ASN CB 42 5.25 -9.61 12.64
CA ASN CB 42 4.16 -10.08 11.79
C ASN CB 42 4.20 -11.59 11.73
N VAL CB 43 3.10 -12.17 11.27
CA VAL CB 43 2.99 -13.63 11.12
C VAL CB 43 3.48 -13.97 9.71
N LYS CB 44 4.77 -14.31 9.61
CA LYS CB 44 5.37 -14.62 8.31
C LYS CB 44 6.24 -15.86 8.38
N PHE CB 45 7.21 -15.87 9.30
CA PHE CB 45 8.14 -16.99 9.44
C PHE CB 45 7.54 -18.09 10.31
N LEU CB 46 6.45 -18.68 9.81
CA LEU CB 46 5.77 -19.76 10.49
C LEU CB 46 5.59 -21.00 9.64
N ALA CB 47 6.04 -21.01 8.39
CA ALA CB 47 5.90 -22.16 7.51
C ALA CB 47 7.05 -23.14 7.64
N GLY CB 48 8.10 -22.81 8.39
CA GLY CB 48 9.24 -23.68 8.58
C GLY CB 48 9.10 -24.69 9.69
N PHE CB 49 7.94 -24.78 10.33
CA PHE CB 49 7.71 -25.72 11.42
C PHE CB 49 7.15 -27.06 10.93
N ALA CB 50 7.32 -27.37 9.65
CA ALA CB 50 6.81 -28.62 9.10
C ALA CB 50 7.67 -29.09 7.93
N ILE CB 51 8.41 -28.16 7.33
CA ILE CB 51 9.27 -28.51 6.19
C ILE CB 51 10.62 -29.08 6.60
N ILE CB 52 10.88 -29.16 7.91
CA ILE CB 52 12.17 -29.71 8.37
C ILE CB 52 12.17 -31.23 8.23
N SER CB 53 11.09 -31.88 8.69
CA SER CB 53 11.01 -33.33 8.60
C SER CB 53 10.71 -33.81 7.19
N VAL CB 54 10.21 -32.93 6.31
CA VAL CB 54 9.91 -33.33 4.95
C VAL CB 54 11.15 -33.25 4.07
N PHE CB 55 11.94 -32.18 4.21
CA PHE CB 55 13.14 -32.04 3.40
C PHE CB 55 14.21 -33.05 3.78
N ILE CB 56 14.23 -33.49 5.04
CA ILE CB 56 15.22 -34.46 5.47
C ILE CB 56 14.85 -35.87 5.04
N ALA CB 57 13.59 -36.12 4.68
CA ALA CB 57 13.16 -37.44 4.24
C ALA CB 57 13.23 -37.62 2.73
N VAL CB 58 13.10 -36.53 1.97
CA VAL CB 58 13.17 -36.62 0.51
C VAL CB 58 14.59 -36.52 -0.02
N GLY CB 59 15.59 -36.41 0.86
CA GLY CB 59 16.96 -36.31 0.43
C GLY CB 59 17.83 -37.44 0.96
N MET CB 60 17.47 -37.97 2.13
CA MET CB 60 18.24 -39.05 2.73
C MET CB 60 17.83 -40.41 2.18
N ALA CB 61 16.54 -40.61 1.91
CA ALA CB 61 16.02 -41.87 1.40
C ALA CB 61 16.07 -41.95 -0.13
N VAL CB 62 17.00 -41.24 -0.76
CA VAL CB 62 17.11 -41.29 -2.22
C VAL CB 62 17.83 -42.55 -2.66
N VAL CB 63 19.04 -42.77 -2.15
CA VAL CB 63 19.83 -43.95 -2.51
C VAL CB 63 19.68 -44.99 -1.41
N GLY CB 64 20.16 -44.67 -0.21
CA GLY CB 64 20.08 -45.58 0.91
C GLY CB 64 21.03 -46.77 0.79
N LEU CB 65 22.29 -46.48 0.47
CA LEU CB 65 23.31 -47.51 0.32
C LEU CB 65 22.91 -48.57 -0.71
N GLN DB 1 47.27 -53.15 -33.24
CA GLN DB 1 46.85 -53.78 -32.01
C GLN DB 1 45.60 -53.10 -31.45
N ASP DB 2 45.21 -53.50 -30.24
CA ASP DB 2 44.03 -52.94 -29.59
C ASP DB 2 44.44 -51.80 -28.66
N LEU DB 3 43.50 -51.31 -27.85
CA LEU DB 3 43.79 -50.23 -26.93
C LEU DB 3 44.30 -50.78 -25.60
N MET DB 4 44.96 -49.91 -24.84
CA MET DB 4 45.51 -50.27 -23.54
C MET DB 4 45.01 -49.38 -22.42
N ALA DB 5 44.13 -48.42 -22.72
CA ALA DB 5 43.61 -47.52 -21.70
C ALA DB 5 42.48 -48.13 -20.87
N SER DB 6 41.90 -49.24 -21.32
CA SER DB 6 40.82 -49.88 -20.60
C SER DB 6 41.14 -51.34 -20.32
N GLY DB 7 40.12 -52.20 -20.36
CA GLY DB 7 40.31 -53.61 -20.11
C GLY DB 7 40.38 -54.01 -18.67
N ASN DB 8 40.03 -53.11 -17.74
CA ASN DB 8 40.07 -53.40 -16.31
C ASN DB 8 38.74 -53.20 -15.60
N THR DB 9 37.85 -52.38 -16.15
CA THR DB 9 36.54 -52.09 -15.54
C THR DB 9 36.71 -51.59 -14.11
N THR DB 10 37.64 -50.65 -13.93
CA THR DB 10 37.92 -50.06 -12.62
C THR DB 10 37.25 -48.71 -12.43
N VAL DB 11 37.36 -47.82 -13.43
CA VAL DB 11 36.73 -46.50 -13.33
C VAL DB 11 35.22 -46.59 -13.44
N LYS DB 12 34.69 -47.65 -14.05
CA LYS DB 12 33.24 -47.79 -14.18
C LYS DB 12 32.59 -48.14 -12.85
N ALA DB 13 33.25 -48.97 -12.03
CA ALA DB 13 32.72 -49.33 -10.73
C ALA DB 13 32.99 -48.28 -9.66
N THR DB 14 33.80 -47.28 -9.96
CA THR DB 14 34.12 -46.21 -9.02
C THR DB 14 33.29 -44.94 -9.27
N PHE DB 15 33.19 -44.53 -10.54
CA PHE DB 15 32.43 -43.34 -10.91
C PHE DB 15 31.23 -43.79 -11.75
N GLY DB 16 30.15 -44.15 -11.05
CA GLY DB 16 28.95 -44.59 -11.72
C GLY DB 16 27.74 -44.46 -10.83
N LYS DB 17 26.65 -45.10 -11.25
CA LYS DB 17 25.41 -45.05 -10.48
C LYS DB 17 25.46 -46.01 -9.29
N ASP DB 18 25.96 -47.23 -9.52
CA ASP DB 18 26.05 -48.24 -8.46
C ASP DB 18 27.38 -48.16 -7.73
N SER DB 19 27.79 -46.95 -7.35
CA SER DB 19 29.05 -46.75 -6.65
C SER DB 19 28.85 -45.85 -5.44
N SER DB 20 29.83 -44.97 -5.17
CA SER DB 20 29.77 -44.05 -4.05
C SER DB 20 29.62 -42.59 -4.48
N VAL DB 21 29.61 -42.32 -5.79
CA VAL DB 21 29.49 -40.94 -6.25
C VAL DB 21 28.07 -40.41 -6.02
N VAL DB 22 27.07 -41.28 -6.16
CA VAL DB 22 25.68 -40.85 -6.00
C VAL DB 22 25.35 -40.50 -4.55
N LYS DB 23 26.18 -40.92 -3.60
CA LYS DB 23 25.93 -40.62 -2.19
C LYS DB 23 26.56 -39.30 -1.75
N TRP DB 24 27.74 -38.97 -2.28
CA TRP DB 24 28.41 -37.73 -1.92
C TRP DB 24 27.80 -36.51 -2.60
N VAL DB 25 26.97 -36.69 -3.62
CA VAL DB 25 26.35 -35.57 -4.32
C VAL DB 25 24.96 -35.25 -3.80
N VAL DB 26 24.41 -36.07 -2.90
CA VAL DB 26 23.07 -35.82 -2.36
C VAL DB 26 23.12 -35.15 -0.99
N LEU DB 27 24.23 -35.28 -0.26
CA LEU DB 27 24.35 -34.67 1.06
C LEU DB 27 24.91 -33.26 1.00
N ALA DB 28 25.60 -32.88 -0.09
CA ALA DB 28 26.15 -31.54 -0.22
C ALA DB 28 25.08 -30.48 -0.41
N GLU DB 29 23.90 -30.86 -0.91
CA GLU DB 29 22.83 -29.88 -1.10
C GLU DB 29 22.18 -29.51 0.23
N VAL DB 30 21.82 -30.50 1.05
CA VAL DB 30 21.19 -30.22 2.32
C VAL DB 30 22.19 -29.64 3.32
N LEU DB 31 23.50 -29.79 3.07
CA LEU DB 31 24.50 -29.26 3.98
C LEU DB 31 24.52 -27.73 3.95
N VAL DB 32 24.15 -27.13 2.83
CA VAL DB 32 24.16 -25.67 2.71
C VAL DB 32 22.74 -25.19 2.43
N GLY DB 33 21.84 -26.12 2.11
CA GLY DB 33 20.47 -25.74 1.81
C GLY DB 33 19.57 -25.64 3.03
N ALA DB 34 19.78 -26.50 4.03
CA ALA DB 34 18.98 -26.49 5.23
C ALA DB 34 19.52 -25.55 6.31
N VAL DB 35 20.61 -24.84 6.04
CA VAL DB 35 21.20 -23.93 7.00
C VAL DB 35 21.22 -22.50 6.52
N MET DB 36 20.80 -22.25 5.27
CA MET DB 36 20.78 -20.89 4.73
C MET DB 36 19.50 -20.13 5.07
N TYR DB 37 18.70 -20.63 6.01
CA TYR DB 37 17.52 -19.92 6.48
C TYR DB 37 17.84 -18.78 7.43
N MET DB 38 19.12 -18.59 7.77
CA MET DB 38 19.49 -17.53 8.71
C MET DB 38 19.70 -16.21 7.99
N MET DB 39 20.24 -16.25 6.76
CA MET DB 39 20.55 -15.03 6.01
C MET DB 39 19.38 -14.66 5.08
N THR DB 40 19.14 -15.49 4.06
CA THR DB 40 18.12 -15.17 3.08
C THR DB 40 16.72 -15.46 3.62
N LYS DB 41 16.47 -16.72 4.01
CA LYS DB 41 15.17 -17.16 4.49
C LYS DB 41 14.09 -16.88 3.45
N ASN DB 42 14.11 -17.63 2.35
CA ASN DB 42 13.14 -17.46 1.28
C ASN DB 42 12.88 -18.82 0.64
N VAL DB 43 12.17 -18.81 -0.48
CA VAL DB 43 11.89 -20.02 -1.24
C VAL DB 43 12.56 -19.93 -2.61
N LYS DB 44 13.81 -20.39 -2.69
CA LYS DB 44 14.56 -20.33 -3.94
C LYS DB 44 15.34 -21.62 -4.17
N PHE DB 45 15.96 -22.14 -3.12
CA PHE DB 45 16.77 -23.36 -3.23
C PHE DB 45 15.93 -24.59 -2.91
N LEU DB 46 14.83 -24.73 -3.67
CA LEU DB 46 13.93 -25.86 -3.52
C LEU DB 46 13.75 -26.67 -4.80
N ALA DB 47 14.34 -26.27 -5.91
CA ALA DB 47 14.22 -26.98 -7.17
C ALA DB 47 15.30 -28.04 -7.37
N GLY DB 48 16.23 -28.18 -6.43
CA GLY DB 48 17.29 -29.15 -6.54
C GLY DB 48 16.98 -30.53 -5.99
N PHE DB 49 15.76 -30.76 -5.52
CA PHE DB 49 15.37 -32.05 -4.98
C PHE DB 49 14.80 -32.98 -6.04
N ALA DB 50 15.12 -32.75 -7.31
CA ALA DB 50 14.63 -33.59 -8.39
C ALA DB 50 15.64 -33.66 -9.53
N ILE DB 51 16.57 -32.69 -9.57
CA ILE DB 51 17.59 -32.67 -10.61
C ILE DB 51 18.80 -33.53 -10.29
N ILE DB 52 18.80 -34.23 -9.16
CA ILE DB 52 19.92 -35.08 -8.81
C ILE DB 52 19.92 -36.35 -9.65
N SER DB 53 18.76 -37.01 -9.74
CA SER DB 53 18.65 -38.23 -10.54
C SER DB 53 18.55 -37.95 -12.03
N VAL DB 54 18.27 -36.71 -12.42
CA VAL DB 54 18.16 -36.38 -13.84
C VAL DB 54 19.54 -36.14 -14.44
N PHE DB 55 20.40 -35.41 -13.71
CA PHE DB 55 21.74 -35.12 -14.23
C PHE DB 55 22.60 -36.38 -14.29
N ILE DB 56 22.38 -37.33 -13.38
CA ILE DB 56 23.17 -38.55 -13.39
C ILE DB 56 22.70 -39.52 -14.47
N ALA DB 57 21.48 -39.36 -14.98
CA ALA DB 57 20.96 -40.24 -16.01
C ALA DB 57 21.24 -39.74 -17.43
N VAL DB 58 21.60 -38.47 -17.57
CA VAL DB 58 21.90 -37.89 -18.88
C VAL DB 58 23.42 -37.83 -19.05
N GLY DB 59 24.15 -38.47 -18.16
CA GLY DB 59 25.60 -38.49 -18.23
C GLY DB 59 26.18 -39.89 -18.18
N MET DB 60 25.60 -40.75 -17.36
CA MET DB 60 26.09 -42.13 -17.26
C MET DB 60 25.61 -42.99 -18.41
N ALA DB 61 24.39 -42.77 -18.89
CA ALA DB 61 23.82 -43.54 -19.98
C ALA DB 61 24.17 -42.98 -21.36
N VAL DB 62 25.30 -42.27 -21.48
CA VAL DB 62 25.69 -41.71 -22.76
C VAL DB 62 26.42 -42.74 -23.60
N VAL DB 63 27.49 -43.33 -23.06
CA VAL DB 63 28.25 -44.35 -23.76
C VAL DB 63 27.82 -45.73 -23.30
N GLY DB 64 28.06 -46.03 -22.03
CA GLY DB 64 27.69 -47.33 -21.48
C GLY DB 64 28.53 -48.47 -21.99
N LEU DB 65 29.85 -48.28 -21.97
CA LEU DB 65 30.80 -49.29 -22.44
C LEU DB 65 30.52 -49.72 -23.87
N GLN EB 1 60.03 -43.63 -51.31
CA GLN EB 1 59.36 -44.65 -50.50
C GLN EB 1 58.10 -44.09 -49.86
N ASP EB 2 57.45 -44.90 -49.04
CA ASP EB 2 56.24 -44.50 -48.35
C ASP EB 2 56.57 -43.95 -46.96
N LEU EB 3 55.53 -43.68 -46.18
CA LEU EB 3 55.71 -43.14 -44.84
C LEU EB 3 55.94 -44.27 -43.84
N MET EB 4 56.51 -43.91 -42.69
CA MET EB 4 56.79 -44.86 -41.64
C MET EB 4 56.16 -44.48 -40.30
N ALA EB 5 55.42 -43.37 -40.25
CA ALA EB 5 54.79 -42.92 -39.02
C ALA EB 5 53.50 -43.67 -38.70
N SER EB 6 52.92 -44.37 -39.68
CA SER EB 6 51.69 -45.10 -39.46
C SER EB 6 51.85 -46.57 -39.81
N GLY EB 7 50.81 -47.18 -40.38
CA GLY EB 7 50.86 -48.58 -40.76
C GLY EB 7 50.61 -49.56 -39.64
N ASN EB 8 50.16 -49.09 -38.48
CA ASN EB 8 49.89 -49.98 -37.35
C ASN EB 8 48.48 -49.86 -36.79
N THR EB 9 47.77 -48.76 -37.06
CA THR EB 9 46.41 -48.56 -36.57
C THR EB 9 46.34 -48.71 -35.06
N THR EB 10 47.30 -48.11 -34.36
CA THR EB 10 47.38 -48.17 -32.90
C THR EB 10 46.78 -46.93 -32.24
N VAL EB 11 47.13 -45.74 -32.72
CA VAL EB 11 46.60 -44.51 -32.13
C VAL EB 11 45.13 -44.31 -32.51
N LYS EB 12 44.66 -44.93 -33.60
CA LYS EB 12 43.27 -44.77 -33.99
C LYS EB 12 42.35 -45.56 -33.05
N ALA EB 13 42.79 -46.73 -32.60
CA ALA EB 13 42.01 -47.53 -31.68
C ALA EB 13 42.12 -47.08 -30.23
N THR EB 14 43.05 -46.18 -29.93
CA THR EB 14 43.25 -45.67 -28.57
C THR EB 14 42.59 -44.31 -28.36
N PHE EB 15 42.77 -43.39 -29.30
CA PHE EB 15 42.19 -42.05 -29.22
C PHE EB 15 41.13 -41.94 -30.32
N GLY EB 16 39.92 -42.38 -29.99
CA GLY EB 16 38.83 -42.34 -30.94
C GLY EB 16 37.49 -42.41 -30.25
N LYS EB 17 36.45 -42.62 -31.05
CA LYS EB 17 35.10 -42.71 -30.51
C LYS EB 17 34.85 -44.08 -29.86
N ASP EB 18 35.24 -45.16 -30.53
CA ASP EB 18 35.06 -46.50 -30.02
C ASP EB 18 36.26 -46.97 -29.19
N SER EB 19 36.68 -46.11 -28.26
CA SER EB 19 37.82 -46.43 -27.40
C SER EB 19 37.50 -46.12 -25.94
N SER EB 20 38.49 -45.65 -25.20
CA SER EB 20 38.33 -45.30 -23.80
C SER EB 20 38.38 -43.81 -23.52
N VAL EB 21 38.64 -42.99 -24.53
CA VAL EB 21 38.72 -41.55 -24.31
C VAL EB 21 37.34 -40.96 -24.04
N VAL EB 22 36.30 -41.51 -24.68
CA VAL EB 22 34.95 -40.99 -24.50
C VAL EB 22 34.41 -41.27 -23.11
N LYS EB 23 35.00 -42.21 -22.38
CA LYS EB 23 34.54 -42.52 -21.04
C LYS EB 23 35.21 -41.67 -19.96
N TRP EB 24 36.41 -41.16 -20.23
CA TRP EB 24 37.09 -40.31 -19.25
C TRP EB 24 36.67 -38.85 -19.36
N VAL EB 25 36.12 -38.45 -20.52
CA VAL EB 25 35.69 -37.06 -20.71
C VAL EB 25 34.22 -36.85 -20.37
N VAL EB 26 33.51 -37.91 -19.94
CA VAL EB 26 32.10 -37.79 -19.60
C VAL EB 26 31.86 -37.70 -18.10
N LEU EB 27 32.78 -38.21 -17.28
CA LEU EB 27 32.64 -38.17 -15.82
C LEU EB 27 33.38 -36.99 -15.19
N ALA EB 28 34.25 -36.31 -15.94
CA ALA EB 28 34.97 -35.17 -15.38
C ALA EB 28 34.08 -33.95 -15.19
N GLU EB 29 32.99 -33.84 -15.95
CA GLU EB 29 32.09 -32.70 -15.80
C GLU EB 29 31.22 -32.85 -14.55
N VAL EB 30 30.67 -34.05 -14.34
CA VAL EB 30 29.82 -34.28 -13.18
C VAL EB 30 30.64 -34.38 -11.90
N LEU EB 31 31.95 -34.57 -12.01
CA LEU EB 31 32.79 -34.69 -10.83
C LEU EB 31 32.92 -33.37 -10.08
N VAL EB 32 32.87 -32.25 -10.81
CA VAL EB 32 33.00 -30.93 -10.19
C VAL EB 32 31.75 -30.10 -10.49
N GLY EB 33 30.85 -30.65 -11.29
CA GLY EB 33 29.64 -29.95 -11.65
C GLY EB 33 28.48 -30.24 -10.72
N ALA EB 34 28.41 -31.46 -10.20
CA ALA EB 34 27.34 -31.86 -9.30
C ALA EB 34 27.68 -31.61 -7.84
N VAL EB 35 28.88 -31.10 -7.54
CA VAL EB 35 29.29 -30.83 -6.17
C VAL EB 35 29.59 -29.36 -5.93
N MET EB 36 29.48 -28.51 -6.95
CA MET EB 36 29.75 -27.09 -6.81
C MET EB 36 28.53 -26.30 -6.31
N TYR EB 37 27.52 -26.98 -5.79
CA TYR EB 37 26.36 -26.32 -5.21
C TYR EB 37 26.62 -25.76 -3.82
N MET EB 38 27.84 -25.90 -3.30
CA MET EB 38 28.13 -25.40 -1.96
C MET EB 38 28.29 -23.88 -1.97
N MET EB 39 29.22 -23.37 -2.78
CA MET EB 39 29.50 -21.93 -2.85
C MET EB 39 28.67 -21.24 -3.92
N THR EB 40 28.58 -21.81 -5.11
CA THR EB 40 27.84 -21.18 -6.21
C THR EB 40 26.33 -21.36 -6.02
N LYS EB 41 25.83 -22.58 -6.25
CA LYS EB 41 24.41 -22.91 -6.15
C LYS EB 41 23.58 -22.01 -7.07
N ASN EB 42 23.75 -22.25 -8.37
CA ASN EB 42 23.06 -21.50 -9.39
C ASN EB 42 22.79 -22.41 -10.58
N VAL EB 43 22.16 -21.85 -11.61
CA VAL EB 43 21.85 -22.58 -12.84
C VAL EB 43 22.70 -21.92 -13.93
N LYS EB 44 23.93 -22.42 -14.08
CA LYS EB 44 24.85 -21.87 -15.07
C LYS EB 44 25.61 -22.98 -15.77
N PHE EB 45 26.01 -24.00 -15.02
CA PHE EB 45 26.79 -25.12 -15.58
C PHE EB 45 25.86 -26.25 -16.03
N LEU EB 46 24.92 -25.89 -16.91
CA LEU EB 46 23.97 -26.84 -17.45
C LEU EB 46 24.01 -26.96 -18.97
N ALA EB 47 24.84 -26.17 -19.64
CA ALA EB 47 24.95 -26.21 -21.10
C ALA EB 47 26.03 -27.16 -21.59
N GLY EB 48 26.63 -27.95 -20.71
CA GLY EB 48 27.67 -28.87 -21.09
C GLY EB 48 27.24 -30.32 -21.23
N PHE EB 49 25.96 -30.61 -21.04
CA PHE EB 49 25.44 -31.97 -21.16
C PHE EB 49 25.02 -32.32 -22.58
N ALA EB 50 25.39 -31.50 -23.57
CA ALA EB 50 25.03 -31.76 -24.95
C ALA EB 50 26.21 -31.49 -25.88
N ILE EB 51 27.22 -30.77 -25.38
CA ILE EB 51 28.39 -30.45 -26.18
C ILE EB 51 29.46 -31.53 -26.13
N ILE EB 52 29.20 -32.65 -25.44
CA ILE EB 52 30.18 -33.72 -25.37
C ILE EB 52 30.21 -34.50 -26.67
N SER EB 53 29.04 -34.90 -27.17
CA SER EB 53 28.97 -35.63 -28.42
C SER EB 53 29.17 -34.75 -29.65
N VAL EB 54 29.05 -33.43 -29.49
CA VAL EB 54 29.23 -32.53 -30.63
C VAL EB 54 30.71 -32.27 -30.86
N PHE EB 55 31.49 -32.06 -29.79
CA PHE EB 55 32.91 -31.79 -29.95
C PHE EB 55 33.67 -33.02 -30.43
N ILE EB 56 33.22 -34.21 -30.06
CA ILE EB 56 33.90 -35.43 -30.49
C ILE EB 56 33.58 -35.78 -31.94
N ALA EB 57 32.50 -35.22 -32.50
CA ALA EB 57 32.13 -35.51 -33.88
C ALA EB 57 32.71 -34.51 -34.87
N VAL EB 58 33.18 -33.35 -34.38
CA VAL EB 58 33.77 -32.34 -35.25
C VAL EB 58 35.28 -32.42 -35.16
N GLY EB 59 35.78 -33.49 -34.55
CA GLY EB 59 37.21 -33.68 -34.40
C GLY EB 59 37.68 -35.04 -34.91
N MET EB 60 36.89 -36.09 -34.63
CA MET EB 60 37.26 -37.42 -35.07
C MET EB 60 36.94 -37.65 -36.55
N ALA EB 61 35.85 -37.06 -37.05
CA ALA EB 61 35.44 -37.22 -38.44
C ALA EB 61 36.07 -36.18 -39.36
N VAL EB 62 37.25 -35.66 -39.01
CA VAL EB 62 37.91 -34.68 -39.85
C VAL EB 62 38.69 -35.35 -40.97
N VAL EB 63 39.59 -36.27 -40.61
CA VAL EB 63 40.39 -36.99 -41.59
C VAL EB 63 39.76 -38.35 -41.85
N GLY EB 64 39.75 -39.20 -40.83
CA GLY EB 64 39.17 -40.53 -40.96
C GLY EB 64 40.01 -41.46 -41.82
N LEU EB 65 41.32 -41.49 -41.55
CA LEU EB 65 42.26 -42.34 -42.28
C LEU EB 65 42.20 -42.08 -43.79
N GLN FB 1 77.03 -29.76 -61.29
CA GLN FB 1 76.10 -30.88 -61.16
C GLN FB 1 74.76 -30.41 -60.58
N ASP FB 2 73.91 -31.37 -60.23
CA ASP FB 2 72.61 -31.10 -59.66
C ASP FB 2 72.67 -31.17 -58.14
N LEU FB 3 71.51 -31.21 -57.50
CA LEU FB 3 71.42 -31.29 -56.05
C LEU FB 3 71.36 -32.74 -55.60
N MET FB 4 71.73 -32.95 -54.33
CA MET FB 4 71.73 -34.28 -53.74
C MET FB 4 70.92 -34.37 -52.44
N ALA FB 5 70.18 -33.31 -52.09
CA ALA FB 5 69.39 -33.33 -50.86
C ALA FB 5 68.00 -33.93 -51.05
N SER FB 6 67.57 -34.12 -52.30
CA SER FB 6 66.25 -34.69 -52.57
C SER FB 6 66.38 -35.89 -53.50
N GLY FB 7 65.40 -36.04 -54.41
CA GLY FB 7 65.43 -37.14 -55.35
C GLY FB 7 64.95 -38.46 -54.79
N ASN FB 8 64.25 -38.45 -53.66
CA ASN FB 8 63.74 -39.68 -53.05
C ASN FB 8 62.26 -39.55 -52.72
N THR FB 9 61.79 -38.32 -52.56
CA THR FB 9 60.39 -38.03 -52.22
C THR FB 9 59.97 -38.79 -50.96
N THR FB 10 60.82 -38.74 -49.94
CA THR FB 10 60.54 -39.43 -48.68
C THR FB 10 59.92 -38.51 -47.65
N VAL FB 11 60.49 -37.30 -47.49
CA VAL FB 11 59.95 -36.36 -46.51
C VAL FB 11 58.61 -35.78 -46.97
N LYS FB 12 58.33 -35.79 -48.27
CA LYS FB 12 57.05 -35.27 -48.76
C LYS FB 12 55.91 -36.20 -48.40
N ALA FB 13 56.14 -37.51 -48.46
CA ALA FB 13 55.11 -38.48 -48.11
C ALA FB 13 54.98 -38.70 -46.61
N THR FB 14 55.91 -38.18 -45.81
CA THR FB 14 55.87 -38.32 -44.36
C THR FB 14 55.28 -37.09 -43.68
N PHE FB 15 55.72 -35.89 -44.06
CA PHE FB 15 55.23 -34.64 -43.51
C PHE FB 15 54.41 -33.93 -44.58
N GLY FB 16 53.15 -34.34 -44.70
CA GLY FB 16 52.27 -33.76 -45.68
C GLY FB 16 50.83 -33.86 -45.27
N LYS FB 17 49.94 -33.59 -46.23
CA LYS FB 17 48.50 -33.67 -45.96
C LYS FB 17 48.01 -35.11 -45.96
N ASP FB 18 48.40 -35.88 -46.97
CA ASP FB 18 47.98 -37.28 -47.09
C ASP FB 18 48.96 -38.22 -46.39
N SER FB 19 49.30 -37.89 -45.15
CA SER FB 19 50.24 -38.70 -44.37
C SER FB 19 49.68 -38.98 -42.99
N SER FB 20 50.56 -39.05 -41.99
CA SER FB 20 50.16 -39.31 -40.61
C SER FB 20 50.28 -38.08 -39.70
N VAL FB 21 50.80 -36.96 -40.21
CA VAL FB 21 50.93 -35.78 -39.37
C VAL FB 21 49.57 -35.16 -39.09
N VAL FB 22 48.64 -35.23 -40.04
CA VAL FB 22 47.32 -34.62 -39.85
C VAL FB 22 46.51 -35.37 -38.81
N LYS FB 23 46.87 -36.60 -38.47
CA LYS FB 23 46.15 -37.35 -37.47
C LYS FB 23 46.66 -37.11 -36.06
N TRP FB 24 47.94 -36.80 -35.90
CA TRP FB 24 48.51 -36.55 -34.58
C TRP FB 24 48.25 -35.12 -34.11
N VAL FB 25 47.90 -34.20 -35.02
CA VAL FB 25 47.65 -32.82 -34.63
C VAL FB 25 46.17 -32.55 -34.37
N VAL FB 26 45.29 -33.52 -34.62
CA VAL FB 26 43.86 -33.32 -34.39
C VAL FB 26 43.41 -33.88 -33.04
N LEU FB 27 44.13 -34.84 -32.47
CA LEU FB 27 43.77 -35.40 -31.17
C LEU FB 27 44.43 -34.69 -30.00
N ALA FB 28 45.41 -33.82 -30.25
CA ALA FB 28 46.06 -33.10 -29.17
C ALA FB 28 45.18 -32.03 -28.56
N GLU FB 29 44.18 -31.54 -29.31
CA GLU FB 29 43.30 -30.51 -28.77
C GLU FB 29 42.22 -31.12 -27.88
N VAL FB 30 41.64 -32.24 -28.30
CA VAL FB 30 40.61 -32.89 -27.50
C VAL FB 30 41.20 -33.56 -26.26
N LEU FB 31 42.52 -33.81 -26.25
CA LEU FB 31 43.14 -34.42 -25.09
C LEU FB 31 43.20 -33.46 -23.91
N VAL FB 32 43.30 -32.16 -24.18
CA VAL FB 32 43.41 -31.16 -23.12
C VAL FB 32 42.28 -30.14 -23.14
N GLY FB 33 41.66 -29.89 -24.30
CA GLY FB 33 40.58 -28.92 -24.37
C GLY FB 33 39.27 -29.44 -23.86
N ALA FB 34 39.06 -30.75 -23.95
CA ALA FB 34 37.83 -31.39 -23.50
C ALA FB 34 37.89 -31.80 -22.03
N VAL FB 35 39.04 -31.67 -21.38
CA VAL FB 35 39.18 -32.03 -19.97
C VAL FB 35 39.52 -30.84 -19.09
N MET FB 36 39.65 -29.64 -19.67
CA MET FB 36 39.97 -28.44 -18.88
C MET FB 36 38.74 -27.77 -18.30
N TYR FB 37 37.59 -28.46 -18.28
CA TYR FB 37 36.38 -27.93 -17.67
C TYR FB 37 36.37 -28.07 -16.15
N MET FB 38 37.48 -28.52 -15.55
CA MET FB 38 37.51 -28.69 -14.10
C MET FB 38 37.86 -27.39 -13.40
N MET FB 39 39.00 -26.79 -13.76
CA MET FB 39 39.45 -25.55 -13.15
C MET FB 39 38.89 -24.32 -13.85
N THR FB 40 38.85 -24.34 -15.19
CA THR FB 40 38.36 -23.19 -15.94
C THR FB 40 36.84 -23.22 -16.08
N LYS FB 41 36.32 -24.18 -16.85
CA LYS FB 41 34.89 -24.32 -17.10
C LYS FB 41 34.32 -23.03 -17.70
N ASN FB 42 34.75 -22.74 -18.93
CA ASN FB 42 34.31 -21.54 -19.64
C ASN FB 42 34.29 -21.84 -21.13
N VAL FB 43 33.97 -20.80 -21.90
CA VAL FB 43 33.93 -20.92 -23.37
C VAL FB 43 35.09 -20.06 -23.88
N LYS FB 44 36.26 -20.68 -24.02
CA LYS FB 44 37.46 -19.97 -24.47
C LYS FB 44 38.21 -20.80 -25.50
N PHE FB 45 38.40 -22.09 -25.23
CA PHE FB 45 39.15 -22.97 -26.12
C PHE FB 45 38.20 -23.66 -27.11
N LEU FB 46 37.45 -22.84 -27.84
CA LEU FB 46 36.52 -23.32 -28.84
C LEU FB 46 36.80 -22.80 -30.24
N ALA FB 47 37.87 -22.04 -30.44
CA ALA FB 47 38.21 -21.51 -31.76
C ALA FB 47 39.18 -22.40 -32.52
N GLY FB 48 39.73 -23.43 -31.90
CA GLY FB 48 40.66 -24.33 -32.55
C GLY FB 48 40.02 -25.42 -33.38
N PHE FB 49 38.70 -25.43 -33.50
CA PHE FB 49 37.98 -26.44 -34.28
C PHE FB 49 37.80 -26.03 -35.74
N ALA FB 50 38.60 -25.09 -36.23
CA ALA FB 50 38.49 -24.65 -37.61
C ALA FB 50 39.85 -24.22 -38.16
N ILE FB 51 40.79 -23.92 -37.26
CA ILE FB 51 42.12 -23.48 -37.69
C ILE FB 51 43.07 -24.64 -37.96
N ILE FB 52 42.59 -25.88 -37.87
CA ILE FB 52 43.45 -27.03 -38.14
C ILE FB 52 43.64 -27.21 -39.64
N SER FB 53 42.55 -27.19 -40.40
CA SER FB 53 42.63 -27.34 -41.85
C SER FB 53 43.12 -26.08 -42.54
N VAL FB 54 43.09 -24.94 -41.87
CA VAL FB 54 43.56 -23.69 -42.46
C VAL FB 54 45.07 -23.56 -42.38
N PHE FB 55 45.65 -23.90 -41.23
CA PHE FB 55 47.10 -23.79 -41.07
C PHE FB 55 47.84 -24.83 -41.91
N ILE FB 56 47.24 -26.00 -42.12
CA ILE FB 56 47.89 -27.03 -42.92
C ILE FB 56 47.81 -26.71 -44.42
N ALA FB 57 46.91 -25.83 -44.84
CA ALA FB 57 46.78 -25.47 -46.24
C ALA FB 57 47.60 -24.25 -46.62
N VAL FB 58 48.03 -23.45 -45.64
CA VAL FB 58 48.83 -22.27 -45.91
C VAL FB 58 50.30 -22.59 -45.63
N GLY FB 59 50.60 -23.87 -45.43
CA GLY FB 59 51.96 -24.30 -45.16
C GLY FB 59 52.44 -25.37 -46.11
N MET FB 60 51.55 -26.30 -46.47
CA MET FB 60 51.92 -27.37 -47.37
C MET FB 60 51.89 -26.93 -48.83
N ALA FB 61 50.96 -26.06 -49.19
CA ALA FB 61 50.81 -25.57 -50.56
C ALA FB 61 51.68 -24.35 -50.83
N VAL FB 62 52.78 -24.18 -50.12
CA VAL FB 62 53.65 -23.02 -50.34
C VAL FB 62 54.57 -23.28 -51.53
N VAL FB 63 55.32 -24.37 -51.50
CA VAL FB 63 56.23 -24.71 -52.59
C VAL FB 63 55.57 -25.75 -53.48
N GLY FB 64 55.32 -26.94 -52.94
CA GLY FB 64 54.70 -28.01 -53.70
C GLY FB 64 55.62 -28.60 -54.75
N LEU FB 65 56.84 -28.96 -54.34
CA LEU FB 65 57.84 -29.54 -55.24
C LEU FB 65 58.11 -28.66 -56.46
N GLN GB 1 96.62 -15.34 -61.66
CA GLN GB 1 95.59 -16.24 -62.17
C GLN GB 1 94.22 -15.85 -61.62
N ASP GB 2 93.24 -16.72 -61.85
CA ASP GB 2 91.88 -16.50 -61.39
C ASP GB 2 91.64 -17.29 -60.09
N LEU GB 3 90.38 -17.37 -59.68
CA LEU GB 3 90.00 -18.09 -58.48
C LEU GB 3 89.75 -19.56 -58.79
N MET GB 4 89.83 -20.39 -57.75
CA MET GB 4 89.61 -21.82 -57.87
C MET GB 4 88.56 -22.35 -56.88
N ALA GB 5 87.90 -21.46 -56.14
CA ALA GB 5 86.90 -21.88 -55.18
C ALA GB 5 85.51 -22.07 -55.79
N SER GB 6 85.33 -21.68 -57.05
CA SER GB 6 84.04 -21.84 -57.72
C SER GB 6 84.21 -22.50 -59.08
N GLY GB 7 83.42 -22.07 -60.05
CA GLY GB 7 83.49 -22.63 -61.39
C GLY GB 7 82.82 -23.97 -61.57
N ASN GB 8 81.96 -24.38 -60.63
CA ASN GB 8 81.26 -25.65 -60.72
C ASN GB 8 79.75 -25.55 -60.58
N THR GB 9 79.23 -24.46 -60.00
CA THR GB 9 77.80 -24.26 -59.80
C THR GB 9 77.17 -25.44 -59.06
N THR GB 10 77.83 -25.85 -57.98
CA THR GB 10 77.37 -26.96 -57.16
C THR GB 10 76.62 -26.49 -55.91
N VAL GB 11 77.18 -25.54 -55.17
CA VAL GB 11 76.52 -25.04 -53.96
C VAL GB 11 75.34 -24.16 -54.30
N LYS GB 12 75.30 -23.59 -55.51
CA LYS GB 12 74.18 -22.73 -55.89
C LYS GB 12 72.93 -23.56 -56.17
N ALA GB 13 73.09 -24.70 -56.83
CA ALA GB 13 71.95 -25.57 -57.13
C ALA GB 13 71.52 -26.40 -55.93
N THR GB 14 72.33 -26.49 -54.88
CA THR GB 14 72.01 -27.24 -53.68
C THR GB 14 71.39 -26.37 -52.60
N PHE GB 15 71.97 -25.20 -52.34
CA PHE GB 15 71.47 -24.26 -51.34
C PHE GB 15 70.94 -23.03 -52.06
N GLY GB 16 69.67 -23.11 -52.49
CA GLY GB 16 69.05 -22.02 -53.19
C GLY GB 16 67.53 -22.05 -53.11
N LYS GB 17 66.87 -21.25 -53.97
CA LYS GB 17 65.41 -21.21 -53.96
C LYS GB 17 64.83 -22.39 -54.71
N ASP GB 18 65.39 -22.72 -55.87
CA ASP GB 18 64.91 -23.84 -56.69
C ASP GB 18 65.62 -25.14 -56.33
N SER GB 19 65.75 -25.40 -55.03
CA SER GB 19 66.42 -26.62 -54.56
C SER GB 19 65.56 -27.33 -53.52
N SER GB 20 66.21 -27.98 -52.56
CA SER GB 20 65.52 -28.71 -51.50
C SER GB 20 65.57 -27.99 -50.16
N VAL GB 21 66.24 -26.84 -50.08
CA VAL GB 21 66.33 -26.12 -48.83
C VAL GB 21 65.00 -25.47 -48.48
N VAL GB 22 64.25 -25.01 -49.48
CA VAL GB 22 62.97 -24.34 -49.25
C VAL GB 22 61.91 -25.31 -48.72
N LYS GB 23 62.11 -26.62 -48.90
CA LYS GB 23 61.14 -27.60 -48.41
C LYS GB 23 61.40 -28.02 -46.97
N TRP GB 24 62.65 -28.10 -46.55
CA TRP GB 24 62.98 -28.48 -45.18
C TRP GB 24 62.77 -27.36 -44.18
N VAL GB 25 62.59 -26.12 -44.65
CA VAL GB 25 62.37 -24.99 -43.75
C VAL GB 25 60.90 -24.64 -43.58
N VAL GB 26 60.01 -25.23 -44.39
CA VAL GB 26 58.58 -24.94 -44.28
C VAL GB 26 57.85 -25.93 -43.39
N LEU GB 27 58.38 -27.14 -43.21
CA LEU GB 27 57.76 -28.15 -42.37
C LEU GB 27 58.30 -28.16 -40.95
N ALA GB 28 59.31 -27.34 -40.65
CA ALA GB 28 59.85 -27.30 -39.29
C ALA GB 28 58.95 -26.53 -38.32
N GLU GB 29 58.14 -25.59 -38.82
CA GLU GB 29 57.25 -24.85 -37.96
C GLU GB 29 56.00 -25.64 -37.61
N VAL GB 30 55.46 -26.40 -38.57
CA VAL GB 30 54.27 -27.20 -38.30
C VAL GB 30 54.58 -28.39 -37.41
N LEU GB 31 55.86 -28.78 -37.30
CA LEU GB 31 56.22 -29.90 -36.45
C LEU GB 31 56.09 -29.55 -34.98
N VAL GB 32 56.28 -28.29 -34.61
CA VAL GB 32 56.20 -27.86 -33.22
C VAL GB 32 55.14 -26.80 -32.98
N GLY GB 33 54.80 -25.98 -33.97
CA GLY GB 33 53.81 -24.94 -33.78
C GLY GB 33 52.38 -25.47 -33.77
N ALA GB 34 52.16 -26.58 -34.46
CA ALA GB 34 50.83 -27.19 -34.53
C ALA GB 34 50.58 -28.19 -33.41
N VAL GB 35 51.59 -28.51 -32.59
CA VAL GB 35 51.42 -29.44 -31.49
C VAL GB 35 51.63 -28.79 -30.13
N MET GB 36 51.96 -27.50 -30.08
CA MET GB 36 52.17 -26.81 -28.81
C MET GB 36 50.88 -26.32 -28.18
N TYR GB 37 49.71 -26.74 -28.71
CA TYR GB 37 48.43 -26.41 -28.10
C TYR GB 37 48.11 -27.27 -26.89
N MET GB 38 48.98 -28.22 -26.54
CA MET GB 38 48.71 -29.09 -25.40
C MET GB 38 48.94 -28.36 -24.09
N MET GB 39 50.11 -27.72 -23.94
CA MET GB 39 50.46 -27.02 -22.71
C MET GB 39 50.14 -25.53 -22.77
N THR GB 40 50.53 -24.85 -23.85
CA THR GB 40 50.30 -23.42 -23.97
C THR GB 40 48.87 -23.11 -24.35
N LYS GB 41 48.47 -23.49 -25.57
CA LYS GB 41 47.14 -23.24 -26.12
C LYS GB 41 46.83 -21.73 -26.11
N ASN GB 42 47.62 -21.01 -26.89
CA ASN GB 42 47.49 -19.57 -27.02
C ASN GB 42 47.89 -19.15 -28.43
N VAL GB 43 47.39 -17.98 -28.84
CA VAL GB 43 47.70 -17.44 -30.15
C VAL GB 43 49.04 -16.70 -30.07
N LYS GB 44 50.11 -17.38 -30.46
CA LYS GB 44 51.44 -16.79 -30.41
C LYS GB 44 52.25 -17.17 -31.65
N PHE GB 45 52.33 -18.46 -31.95
CA PHE GB 45 53.12 -18.95 -33.09
C PHE GB 45 52.27 -18.93 -34.36
N LEU GB 46 51.88 -17.72 -34.76
CA LEU GB 46 51.09 -17.52 -35.96
C LEU GB 46 51.71 -16.53 -36.93
N ALA GB 47 52.77 -15.83 -36.55
CA ALA GB 47 53.43 -14.87 -37.44
C ALA GB 47 54.49 -15.50 -38.33
N GLY GB 48 54.78 -16.78 -38.16
CA GLY GB 48 55.77 -17.46 -38.96
C GLY GB 48 55.30 -17.98 -40.29
N PHE GB 49 54.02 -17.78 -40.64
CA PHE GB 49 53.46 -18.24 -41.89
C PHE GB 49 53.61 -17.22 -43.02
N ALA GB 50 54.50 -16.25 -42.85
CA ALA GB 50 54.71 -15.22 -43.88
C ALA GB 50 56.17 -14.82 -43.97
N ILE GB 51 56.93 -15.10 -42.90
CA ILE GB 51 58.35 -14.74 -42.87
C ILE GB 51 59.24 -15.78 -43.52
N ILE GB 52 58.66 -16.87 -44.06
CA ILE GB 52 59.46 -17.89 -44.71
C ILE GB 52 59.90 -17.43 -46.10
N SER GB 53 58.96 -16.92 -46.89
CA SER GB 53 59.27 -16.44 -48.23
C SER GB 53 59.99 -15.09 -48.22
N VAL GB 54 59.94 -14.36 -47.11
CA VAL GB 54 60.62 -13.07 -47.02
C VAL GB 54 62.08 -13.22 -46.65
N PHE GB 55 62.39 -14.10 -45.69
CA PHE GB 55 63.78 -14.29 -45.29
C PHE GB 55 64.60 -14.99 -46.38
N ILE GB 56 63.96 -15.82 -47.19
CA ILE GB 56 64.68 -16.50 -48.26
C ILE GB 56 64.95 -15.58 -49.45
N ALA GB 57 64.22 -14.47 -49.56
CA ALA GB 57 64.42 -13.55 -50.67
C ALA GB 57 65.39 -12.42 -50.33
N VAL GB 58 65.64 -12.18 -49.06
CA VAL GB 58 66.57 -11.12 -48.64
C VAL GB 58 67.92 -11.75 -48.32
N GLY GB 59 68.08 -13.02 -48.67
CA GLY GB 59 69.33 -13.72 -48.42
C GLY GB 59 69.91 -14.35 -49.67
N MET GB 60 69.04 -14.84 -50.55
CA MET GB 60 69.50 -15.46 -51.79
C MET GB 60 69.81 -14.43 -52.87
N ALA GB 61 69.03 -13.35 -52.93
CA ALA GB 61 69.20 -12.30 -53.92
C ALA GB 61 70.20 -11.24 -53.50
N VAL GB 62 71.15 -11.59 -52.61
CA VAL GB 62 72.13 -10.60 -52.16
C VAL GB 62 73.24 -10.45 -53.19
N VAL GB 63 73.88 -11.56 -53.58
CA VAL GB 63 74.95 -11.52 -54.56
C VAL GB 63 74.40 -11.94 -55.92
N GLY GB 64 73.95 -13.19 -56.02
CA GLY GB 64 73.40 -13.69 -57.27
C GLY GB 64 74.45 -13.92 -58.33
N LEU GB 65 75.53 -14.61 -57.96
CA LEU GB 65 76.64 -14.91 -58.87
C LEU GB 65 77.20 -13.65 -59.51
N GLN HB 1 116.56 -5.40 -52.33
CA GLN HB 1 115.57 -5.86 -53.29
C GLN HB 1 114.15 -5.69 -52.76
N ASP HB 2 113.17 -5.99 -53.61
CA ASP HB 2 111.77 -5.86 -53.24
C ASP HB 2 111.30 -7.13 -52.53
N LEU HB 3 110.02 -7.15 -52.16
CA LEU HB 3 109.45 -8.30 -51.49
C LEU HB 3 109.10 -9.39 -52.49
N MET HB 4 108.92 -10.61 -51.97
CA MET HB 4 108.59 -11.77 -52.79
C MET HB 4 107.30 -12.45 -52.34
N ALA HB 5 106.61 -11.90 -51.34
CA ALA HB 5 105.36 -12.49 -50.87
C ALA HB 5 104.18 -12.16 -51.77
N SER HB 6 104.27 -11.09 -52.55
CA SER HB 6 103.18 -10.71 -53.45
C SER HB 6 103.64 -10.73 -54.90
N GLY HB 7 103.00 -9.91 -55.74
CA GLY HB 7 103.35 -9.85 -57.14
C GLY HB 7 102.65 -10.86 -58.03
N ASN HB 8 101.69 -11.62 -57.50
CA ASN HB 8 100.98 -12.61 -58.27
C ASN HB 8 99.46 -12.41 -58.30
N THR HB 9 98.91 -11.60 -57.39
CA THR HB 9 97.47 -11.34 -57.31
C THR HB 9 96.69 -12.65 -57.21
N THR HB 10 97.14 -13.52 -56.31
CA THR HB 10 96.51 -14.81 -56.08
C THR HB 10 95.58 -14.80 -54.87
N VAL HB 11 96.07 -14.31 -53.73
CA VAL HB 11 95.24 -14.26 -52.53
C VAL HB 11 94.17 -13.19 -52.63
N LYS HB 12 94.36 -12.16 -53.45
CA LYS HB 12 93.37 -11.11 -53.61
C LYS HB 12 92.20 -11.57 -54.47
N ALA HB 13 92.48 -12.29 -55.55
CA ALA HB 13 91.43 -12.77 -56.43
C ALA HB 13 90.66 -13.94 -55.83
N THR HB 14 91.25 -14.65 -54.86
CA THR HB 14 90.58 -15.78 -54.22
C THR HB 14 89.77 -15.35 -53.01
N PHE HB 15 90.37 -14.55 -52.12
CA PHE HB 15 89.70 -14.06 -50.92
C PHE HB 15 89.42 -12.57 -51.11
N GLY HB 16 88.31 -12.27 -51.79
CA GLY HB 16 87.93 -10.90 -52.04
C GLY HB 16 86.43 -10.71 -52.17
N LYS HB 17 86.02 -9.54 -52.68
CA LYS HB 17 84.59 -9.27 -52.84
C LYS HB 17 84.05 -9.90 -54.11
N ASP HB 18 84.79 -9.78 -55.20
CA ASP HB 18 84.37 -10.34 -56.49
C ASP HB 18 84.88 -11.76 -56.69
N SER HB 19 84.79 -12.57 -55.63
CA SER HB 19 85.25 -13.96 -55.69
C SER HB 19 84.15 -14.90 -55.26
N SER HB 20 84.53 -16.01 -54.62
CA SER HB 20 83.57 -17.01 -54.14
C SER HB 20 83.41 -16.99 -52.62
N VAL HB 21 84.13 -16.13 -51.91
CA VAL HB 21 84.02 -16.08 -50.46
C VAL HB 21 82.68 -15.49 -50.04
N VAL HB 22 82.18 -14.51 -50.78
CA VAL HB 22 80.93 -13.85 -50.43
C VAL HB 22 79.73 -14.77 -50.61
N LYS HB 23 79.87 -15.85 -51.37
CA LYS HB 23 78.77 -16.78 -51.59
C LYS HB 23 78.71 -17.87 -50.53
N TRP HB 24 79.85 -18.32 -50.02
CA TRP HB 24 79.87 -19.35 -49.00
C TRP HB 24 79.53 -18.80 -47.62
N VAL HB 25 79.49 -17.48 -47.44
CA VAL HB 25 79.16 -16.88 -46.16
C VAL HB 25 77.74 -16.33 -46.11
N VAL HB 26 77.07 -16.21 -47.26
CA VAL HB 26 75.71 -15.69 -47.28
C VAL HB 26 74.66 -16.78 -47.04
N LEU HB 27 74.99 -18.04 -47.31
CA LEU HB 27 74.07 -19.14 -47.09
C LEU HB 27 74.32 -19.88 -45.79
N ALA HB 28 75.34 -19.48 -45.03
CA ALA HB 28 75.64 -20.13 -43.75
C ALA HB 28 74.71 -19.69 -42.64
N GLU HB 29 74.05 -18.53 -42.79
CA GLU HB 29 73.14 -18.06 -41.75
C GLU HB 29 71.82 -18.81 -41.78
N VAL HB 30 71.31 -19.13 -42.98
CA VAL HB 30 70.05 -19.84 -43.09
C VAL HB 30 70.21 -21.31 -42.69
N LEU HB 31 71.43 -21.83 -42.68
CA LEU HB 31 71.65 -23.23 -42.34
C LEU HB 31 71.65 -23.46 -40.83
N VAL HB 32 72.05 -22.46 -40.05
CA VAL HB 32 72.12 -22.60 -38.60
C VAL HB 32 71.19 -21.63 -37.87
N GLY HB 33 70.74 -20.56 -38.50
CA GLY HB 33 69.89 -19.59 -37.83
C GLY HB 33 68.41 -19.82 -38.09
N ALA HB 34 68.08 -20.31 -39.28
CA ALA HB 34 66.70 -20.57 -39.65
C ALA HB 34 66.24 -21.98 -39.31
N VAL HB 35 67.05 -22.75 -38.59
CA VAL HB 35 66.70 -24.12 -38.22
C VAL HB 35 66.40 -24.26 -36.74
N MET HB 36 66.54 -23.20 -35.95
CA MET HB 36 66.26 -23.26 -34.52
C MET HB 36 64.79 -23.02 -34.18
N TYR HB 37 63.91 -23.06 -35.18
CA TYR HB 37 62.48 -22.90 -34.93
C TYR HB 37 61.89 -24.11 -34.22
N MET HB 38 62.61 -25.24 -34.18
CA MET HB 38 62.10 -26.43 -33.51
C MET HB 38 62.40 -26.41 -32.02
N MET HB 39 63.54 -25.85 -31.61
CA MET HB 39 63.95 -25.82 -30.21
C MET HB 39 63.53 -24.52 -29.52
N THR HB 40 64.20 -23.41 -29.85
CA THR HB 40 63.92 -22.13 -29.21
C THR HB 40 62.65 -21.49 -29.74
N LYS HB 41 62.62 -21.21 -31.06
CA LYS HB 41 61.50 -20.56 -31.71
C LYS HB 41 61.20 -19.20 -31.07
N ASN HB 42 62.04 -18.24 -31.42
CA ASN HB 42 61.93 -16.87 -30.92
C ASN HB 42 62.40 -15.91 -32.01
N VAL HB 43 62.43 -14.63 -31.66
CA VAL HB 43 62.88 -13.59 -32.59
C VAL HB 43 64.17 -12.97 -32.04
N LYS HB 44 65.31 -13.55 -32.42
CA LYS HB 44 66.60 -13.07 -31.94
C LYS HB 44 67.63 -13.06 -33.05
N PHE HB 45 67.65 -14.12 -33.87
CA PHE HB 45 68.62 -14.24 -34.96
C PHE HB 45 68.08 -13.59 -36.23
N LEU HB 46 67.82 -12.28 -36.13
CA LEU HB 46 67.32 -11.50 -37.25
C LEU HB 46 68.19 -10.31 -37.59
N ALA HB 47 69.25 -10.06 -36.83
CA ALA HB 47 70.15 -8.94 -37.08
C ALA HB 47 71.29 -9.29 -38.01
N GLY HB 48 71.37 -10.52 -38.50
CA GLY HB 48 72.42 -10.93 -39.40
C GLY HB 48 72.18 -10.68 -40.86
N PHE HB 49 71.06 -10.05 -41.21
CA PHE HB 49 70.72 -9.75 -42.60
C PHE HB 49 71.25 -8.39 -43.04
N ALA HB 50 72.24 -7.83 -42.34
CA ALA HB 50 72.79 -6.53 -42.70
C ALA HB 50 74.27 -6.45 -42.32
N ILE HB 51 74.69 -7.27 -41.36
CA ILE HB 51 76.08 -7.27 -40.92
C ILE HB 51 77.00 -8.04 -41.86
N ILE HB 52 76.45 -8.74 -42.85
CA ILE HB 52 77.29 -9.49 -43.78
C ILE HB 52 77.95 -8.57 -44.79
N SER HB 53 77.19 -7.65 -45.36
CA SER HB 53 77.74 -6.71 -46.34
C SER HB 53 78.61 -5.64 -45.70
N VAL HB 54 78.46 -5.42 -44.40
CA VAL HB 54 79.26 -4.41 -43.70
C VAL HB 54 80.61 -4.97 -43.26
N PHE HB 55 80.61 -6.18 -42.69
CA PHE HB 55 81.87 -6.77 -42.24
C PHE HB 55 82.76 -7.16 -43.41
N ILE HB 56 82.18 -7.43 -44.58
CA ILE HB 56 82.98 -7.78 -45.74
C ILE HB 56 83.61 -6.56 -46.40
N ALA HB 57 83.12 -5.36 -46.10
CA ALA HB 57 83.65 -4.14 -46.68
C ALA HB 57 84.64 -3.43 -45.77
N VAL HB 58 84.49 -3.54 -44.45
CA VAL HB 58 85.41 -2.87 -43.52
C VAL HB 58 86.71 -3.65 -43.34
N GLY HB 59 86.79 -4.87 -43.83
CA GLY HB 59 88.00 -5.66 -43.69
C GLY HB 59 88.74 -5.83 -45.00
N MET HB 60 88.05 -5.68 -46.12
CA MET HB 60 88.68 -5.83 -47.43
C MET HB 60 89.35 -4.54 -47.88
N ALA HB 61 88.77 -3.38 -47.55
CA ALA HB 61 89.31 -2.09 -47.93
C ALA HB 61 90.37 -1.57 -46.95
N VAL HB 62 90.99 -2.45 -46.17
CA VAL HB 62 92.01 -2.01 -45.23
C VAL HB 62 93.31 -1.69 -45.96
N VAL HB 63 93.79 -2.63 -46.77
CA VAL HB 63 95.03 -2.44 -47.53
C VAL HB 63 94.68 -1.96 -48.94
N GLY HB 64 93.98 -2.79 -49.70
CA GLY HB 64 93.60 -2.42 -51.05
C GLY HB 64 94.74 -2.41 -52.03
N LEU HB 65 95.81 -3.16 -51.77
CA LEU HB 65 96.97 -3.23 -52.64
C LEU HB 65 97.57 -1.86 -52.91
N GLN IB 1 -38.92 63.08 14.15
CA GLN IB 1 -39.69 63.49 12.99
C GLN IB 1 -41.13 63.81 13.36
N ASP IB 2 -41.97 63.99 12.35
CA ASP IB 2 -43.38 64.30 12.54
C ASP IB 2 -44.20 63.01 12.44
N LEU IB 3 -45.46 63.13 12.05
CA LEU IB 3 -46.35 61.99 11.90
C LEU IB 3 -46.57 61.65 10.44
N MET IB 4 -47.02 60.41 10.19
CA MET IB 4 -47.28 59.94 8.84
C MET IB 4 -48.68 59.39 8.65
N ALA IB 5 -49.56 59.49 9.66
CA ALA IB 5 -50.92 58.99 9.54
C ALA IB 5 -51.85 59.97 8.83
N SER IB 6 -51.49 61.25 8.77
CA SER IB 6 -52.32 62.25 8.11
C SER IB 6 -51.57 62.92 6.97
N GLY IB 7 -51.85 64.20 6.75
CA GLY IB 7 -51.19 64.94 5.69
C GLY IB 7 -51.79 64.76 4.32
N ASN IB 8 -52.98 64.17 4.21
CA ASN IB 8 -53.63 63.96 2.92
C ASN IB 8 -55.04 64.52 2.85
N THR IB 9 -55.72 64.72 3.98
CA THR IB 9 -57.09 65.24 4.03
C THR IB 9 -58.02 64.40 3.15
N THR IB 10 -57.91 63.08 3.28
CA THR IB 10 -58.72 62.13 2.51
C THR IB 10 -59.95 61.68 3.28
N VAL IB 11 -59.79 61.30 4.55
CA VAL IB 11 -60.92 60.85 5.35
C VAL IB 11 -61.84 62.01 5.73
N LYS IB 12 -61.32 63.25 5.72
CA LYS IB 12 -62.15 64.39 6.07
C LYS IB 12 -63.18 64.70 5.00
N ALA IB 13 -62.83 64.47 3.73
CA ALA IB 13 -63.75 64.71 2.62
C ALA IB 13 -64.69 63.56 2.37
N THR IB 14 -64.44 62.39 2.96
CA THR IB 14 -65.30 61.22 2.80
C THR IB 14 -66.32 61.08 3.92
N PHE IB 15 -65.88 61.18 5.17
CA PHE IB 15 -66.74 61.06 6.34
C PHE IB 15 -66.79 62.43 7.03
N GLY IB 16 -67.78 63.23 6.65
CA GLY IB 16 -67.91 64.55 7.24
C GLY IB 16 -69.28 65.13 6.96
N LYS IB 17 -69.41 66.43 7.26
CA LYS IB 17 -70.68 67.12 7.04
C LYS IB 17 -70.88 67.46 5.57
N ASP IB 18 -69.84 67.96 4.91
CA ASP IB 18 -69.92 68.34 3.50
C ASP IB 18 -69.49 67.20 2.58
N SER IB 19 -69.99 65.99 2.88
CA SER IB 19 -69.65 64.82 2.08
C SER IB 19 -70.91 64.12 1.57
N SER IB 20 -70.91 62.78 1.58
CA SER IB 20 -72.04 62.00 1.11
C SER IB 20 -72.64 61.13 2.21
N VAL IB 21 -72.08 61.13 3.42
CA VAL IB 21 -72.60 60.31 4.49
C VAL IB 21 -73.90 60.89 5.04
N VAL IB 22 -74.02 62.22 5.06
CA VAL IB 22 -75.21 62.85 5.62
C VAL IB 22 -76.43 62.65 4.73
N LYS IB 23 -76.24 62.24 3.47
CA LYS IB 23 -77.36 62.03 2.57
C LYS IB 23 -77.94 60.62 2.65
N TRP IB 24 -77.13 59.63 3.05
CA TRP IB 24 -77.60 58.26 3.16
C TRP IB 24 -78.18 57.93 4.53
N VAL IB 25 -77.86 58.72 5.56
CA VAL IB 25 -78.38 58.47 6.90
C VAL IB 25 -79.78 59.04 7.10
N VAL IB 26 -80.27 59.84 6.16
CA VAL IB 26 -81.61 60.42 6.29
C VAL IB 26 -82.68 59.59 5.59
N LEU IB 27 -82.30 58.78 4.60
CA LEU IB 27 -83.25 57.95 3.88
C LEU IB 27 -83.47 56.59 4.53
N ALA IB 28 -82.57 56.16 5.40
CA ALA IB 28 -82.72 54.86 6.07
C ALA IB 28 -83.76 54.90 7.18
N GLU IB 29 -84.14 56.08 7.66
CA GLU IB 29 -85.13 56.17 8.72
C GLU IB 29 -86.55 55.96 8.19
N VAL IB 30 -86.87 56.57 7.05
CA VAL IB 30 -88.21 56.41 6.49
C VAL IB 30 -88.39 55.04 5.83
N LEU IB 31 -87.29 54.36 5.50
CA LEU IB 31 -87.40 53.05 4.86
C LEU IB 31 -87.90 51.99 5.84
N VAL IB 32 -87.56 52.12 7.12
CA VAL IB 32 -87.99 51.17 8.15
C VAL IB 32 -88.79 51.85 9.26
N GLY IB 33 -89.27 53.08 9.02
CA GLY IB 33 -90.04 53.79 10.02
C GLY IB 33 -91.48 53.99 9.62
N ALA IB 34 -91.70 54.42 8.37
CA ALA IB 34 -93.05 54.65 7.86
C ALA IB 34 -93.65 53.43 7.18
N VAL IB 35 -93.07 52.25 7.39
CA VAL IB 35 -93.56 51.02 6.79
C VAL IB 35 -94.21 50.08 7.80
N MET IB 36 -94.06 50.34 9.09
CA MET IB 36 -94.64 49.50 10.14
C MET IB 36 -96.04 49.95 10.54
N TYR IB 37 -96.69 50.77 9.73
CA TYR IB 37 -98.05 51.23 10.01
C TYR IB 37 -99.10 50.15 9.82
N MET IB 38 -98.73 48.98 9.33
CA MET IB 38 -99.69 47.90 9.10
C MET IB 38 -99.76 46.94 10.28
N MET IB 39 -98.63 46.68 10.94
CA MET IB 39 -98.60 45.74 12.06
C MET IB 39 -98.85 46.42 13.40
N THR IB 40 -98.18 47.54 13.66
CA THR IB 40 -98.31 48.25 14.94
C THR IB 40 -99.23 49.46 14.83
N LYS IB 41 -98.90 50.40 13.94
CA LYS IB 41 -99.67 51.63 13.75
C LYS IB 41 -99.76 52.42 15.05
N ASN IB 42 -98.61 52.93 15.47
CA ASN IB 42 -98.49 53.70 16.70
C ASN IB 42 -97.42 54.75 16.52
N VAL IB 43 -97.67 55.96 17.03
CA VAL IB 43 -96.71 57.05 16.95
C VAL IB 43 -95.60 56.80 17.96
N LYS IB 44 -94.49 56.19 17.51
CA LYS IB 44 -93.38 55.88 18.39
C LYS IB 44 -92.06 56.27 17.73
N PHE IB 45 -91.87 55.89 16.47
CA PHE IB 45 -90.63 56.16 15.74
C PHE IB 45 -90.73 57.47 14.96
N LEU IB 46 -91.18 58.53 15.62
CA LEU IB 46 -91.32 59.84 15.00
C LEU IB 46 -90.46 60.91 15.66
N ALA IB 47 -89.69 60.57 16.70
CA ALA IB 47 -88.84 61.53 17.40
C ALA IB 47 -87.46 61.63 16.79
N GLY IB 48 -87.19 60.93 15.69
CA GLY IB 48 -85.89 60.96 15.04
C GLY IB 48 -85.77 61.96 13.90
N PHE IB 49 -86.69 62.91 13.79
CA PHE IB 49 -86.65 63.91 12.73
C PHE IB 49 -85.95 65.19 13.17
N ALA IB 50 -85.17 65.13 14.24
CA ALA IB 50 -84.45 66.32 14.72
C ALA IB 50 -83.12 65.93 15.35
N ILE IB 51 -82.95 64.65 15.66
CA ILE IB 51 -81.70 64.18 16.27
C ILE IB 51 -80.65 63.83 15.25
N ILE IB 52 -80.93 64.01 13.95
CA ILE IB 52 -79.94 63.69 12.93
C ILE IB 52 -78.86 64.77 12.87
N SER IB 53 -79.28 66.04 12.85
CA SER IB 53 -78.32 67.14 12.80
C SER IB 53 -77.68 67.40 14.16
N VAL IB 54 -78.26 66.89 15.25
CA VAL IB 54 -77.68 67.09 16.57
C VAL IB 54 -76.55 66.11 16.81
N PHE IB 55 -76.72 64.85 16.41
CA PHE IB 55 -75.68 63.85 16.63
C PHE IB 55 -74.45 64.13 15.77
N ILE IB 56 -74.64 64.68 14.56
CA ILE IB 56 -73.51 64.98 13.70
C ILE IB 56 -72.77 66.24 14.12
N ALA IB 57 -73.41 67.10 14.92
CA ALA IB 57 -72.78 68.34 15.36
C ALA IB 57 -71.97 68.16 16.65
N VAL IB 58 -72.23 67.08 17.39
CA VAL IB 58 -71.52 66.82 18.63
C VAL IB 58 -70.49 65.72 18.39
N GLY IB 59 -70.26 65.39 17.13
CA GLY IB 59 -69.29 64.37 16.77
C GLY IB 59 -68.24 64.84 15.79
N MET IB 60 -68.66 65.69 14.84
CA MET IB 60 -67.72 66.20 13.85
C MET IB 60 -66.93 67.39 14.38
N ALA IB 61 -67.55 68.24 15.19
CA ALA IB 61 -66.90 69.42 15.74
C ALA IB 61 -66.17 69.13 17.05
N VAL IB 62 -65.69 67.91 17.24
CA VAL IB 62 -64.98 67.57 18.47
C VAL IB 62 -63.53 67.99 18.38
N VAL IB 63 -62.82 67.56 17.34
CA VAL IB 63 -61.42 67.91 17.16
C VAL IB 63 -61.30 69.00 16.10
N GLY IB 64 -61.71 68.68 14.87
CA GLY IB 64 -61.66 69.65 13.79
C GLY IB 64 -60.25 69.91 13.30
N LEU IB 65 -59.53 68.84 12.94
CA LEU IB 65 -58.16 68.94 12.46
C LEU IB 65 -57.26 69.67 13.43
N GLN JB 1 -24.28 53.43 30.81
CA GLN JB 1 -24.72 54.36 29.78
C GLN JB 1 -26.20 54.70 29.95
N ASP JB 2 -26.75 55.42 28.98
CA ASP JB 2 -28.14 55.83 29.00
C ASP JB 2 -28.99 54.83 28.21
N LEU JB 3 -30.25 55.19 27.96
CA LEU JB 3 -31.16 54.33 27.22
C LEU JB 3 -31.07 54.63 25.73
N MET JB 4 -31.52 53.65 24.93
CA MET JB 4 -31.49 53.77 23.48
C MET JB 4 -32.85 53.53 22.84
N ALA JB 5 -33.92 53.41 23.63
CA ALA JB 5 -35.25 53.17 23.09
C ALA JB 5 -35.97 54.46 22.72
N SER JB 6 -35.49 55.61 23.18
CA SER JB 6 -36.12 56.89 22.87
C SER JB 6 -35.11 57.85 22.24
N GLY JB 7 -35.24 59.13 22.56
CA GLY JB 7 -34.33 60.13 22.01
C GLY JB 7 -34.64 60.57 20.61
N ASN JB 8 -35.87 60.35 20.13
CA ASN JB 8 -36.24 60.76 18.78
C ASN JB 8 -37.57 61.50 18.78
N THR JB 9 -38.38 61.26 19.81
CA THR JB 9 -39.70 61.88 19.96
C THR JB 9 -40.55 61.67 18.70
N THR JB 10 -40.56 60.42 18.23
CA THR JB 10 -41.32 60.03 17.04
C THR JB 10 -42.68 59.45 17.38
N VAL JB 11 -42.73 58.51 18.34
CA VAL JB 11 -44.00 57.90 18.71
C VAL JB 11 -44.88 58.88 19.49
N LYS JB 12 -44.29 59.91 20.10
CA LYS JB 12 -45.10 60.88 20.84
C LYS JB 12 -45.91 61.76 19.90
N ALA JB 13 -45.33 62.12 18.76
CA ALA JB 13 -46.03 62.93 17.77
C ALA JB 13 -46.97 62.13 16.89
N THR JB 14 -46.93 60.81 16.96
CA THR JB 14 -47.80 59.95 16.16
C THR JB 14 -49.00 59.46 16.95
N PHE JB 15 -48.80 58.99 18.18
CA PHE JB 15 -49.87 58.49 19.04
C PHE JB 15 -50.03 59.47 20.21
N GLY JB 16 -50.73 60.56 19.96
CA GLY JB 16 -50.95 61.56 20.98
C GLY JB 16 -52.22 62.34 20.73
N LYS JB 17 -52.36 63.43 21.48
CA LYS JB 17 -53.54 64.28 21.34
C LYS JB 17 -53.46 65.16 20.09
N ASP JB 18 -52.30 65.78 19.88
CA ASP JB 18 -52.09 66.66 18.73
C ASP JB 18 -51.57 65.89 17.51
N SER JB 19 -52.20 64.76 17.23
CA SER JB 19 -51.79 63.93 16.10
C SER JB 19 -52.99 63.55 15.24
N SER JB 20 -53.03 62.31 14.75
CA SER JB 20 -54.12 61.83 13.92
C SER JB 20 -54.93 60.72 14.57
N VAL JB 21 -54.55 60.28 15.77
CA VAL JB 21 -55.28 59.20 16.44
C VAL JB 21 -56.62 59.71 16.94
N VAL JB 22 -56.69 60.96 17.38
CA VAL JB 22 -57.93 61.51 17.92
C VAL JB 22 -58.99 61.71 16.84
N LYS JB 23 -58.59 61.70 15.57
CA LYS JB 23 -59.55 61.89 14.48
C LYS JB 23 -60.14 60.58 13.98
N TRP JB 24 -59.41 59.47 14.10
CA TRP JB 24 -59.92 58.18 13.66
C TRP JB 24 -60.79 57.50 14.72
N VAL JB 25 -60.63 57.86 15.99
CA VAL JB 25 -61.41 57.25 17.06
C VAL JB 25 -62.77 57.91 17.26
N VAL JB 26 -63.06 58.97 16.52
CA VAL JB 26 -64.35 59.66 16.64
C VAL JB 26 -65.31 59.32 15.50
N LEU JB 27 -64.80 58.91 14.34
CA LEU JB 27 -65.65 58.55 13.22
C LEU JB 27 -66.14 57.11 13.27
N ALA JB 28 -65.47 56.24 14.03
CA ALA JB 28 -65.89 54.84 14.11
C ALA JB 28 -67.17 54.68 14.92
N GLU JB 29 -67.51 55.65 15.77
CA GLU JB 29 -68.73 55.56 16.56
C GLU JB 29 -69.97 55.84 15.72
N VAL JB 30 -69.97 56.95 14.98
CA VAL JB 30 -71.13 57.31 14.18
C VAL JB 30 -71.23 56.44 12.93
N LEU JB 31 -70.16 55.74 12.56
CA LEU JB 31 -70.19 54.90 11.37
C LEU JB 31 -71.05 53.66 11.58
N VAL JB 32 -71.14 53.17 12.82
CA VAL JB 32 -71.90 51.96 13.12
C VAL JB 32 -73.01 52.29 14.11
N GLY JB 33 -72.94 53.48 14.72
CA GLY JB 33 -73.94 53.87 15.70
C GLY JB 33 -75.17 54.54 15.11
N ALA JB 34 -75.00 55.35 14.07
CA ALA JB 34 -76.12 56.06 13.46
C ALA JB 34 -76.76 55.28 12.32
N VAL JB 35 -76.33 54.04 12.08
CA VAL JB 35 -76.89 53.22 11.00
C VAL JB 35 -77.58 51.97 11.54
N MET JB 36 -77.52 51.72 12.84
CA MET JB 36 -78.16 50.55 13.42
C MET JB 36 -79.63 50.80 13.80
N TYR JB 37 -80.23 51.86 13.29
CA TYR JB 37 -81.64 52.15 13.53
C TYR JB 37 -82.57 51.26 12.72
N MET JB 38 -82.04 50.38 11.88
CA MET JB 38 -82.89 49.50 11.08
C MET JB 38 -83.43 48.35 11.91
N MET JB 39 -82.54 47.66 12.64
CA MET JB 39 -82.95 46.51 13.44
C MET JB 39 -83.27 46.90 14.89
N THR JB 40 -82.43 47.72 15.51
CA THR JB 40 -82.64 48.10 16.90
C THR JB 40 -83.67 49.22 17.02
N LYS JB 41 -83.29 50.42 16.58
CA LYS JB 41 -84.14 51.61 16.65
C LYS JB 41 -84.56 51.89 18.10
N ASN JB 42 -83.55 52.12 18.94
CA ASN JB 42 -83.77 52.39 20.36
C ASN JB 42 -82.67 53.34 20.85
N VAL JB 43 -83.03 54.19 21.80
CA VAL JB 43 -82.07 55.13 22.39
C VAL JB 43 -81.18 54.36 23.37
N LYS JB 44 -80.00 53.95 22.90
CA LYS JB 44 -79.08 53.19 23.73
C LYS JB 44 -77.64 53.65 23.53
N PHE JB 45 -77.21 53.70 22.27
CA PHE JB 45 -75.82 54.08 21.94
C PHE JB 45 -75.70 55.60 21.89
N LEU JB 46 -75.90 56.22 23.05
CA LEU JB 46 -75.79 57.66 23.19
C LEU JB 46 -74.84 58.09 24.30
N ALA JB 47 -74.27 57.16 25.06
CA ALA JB 47 -73.35 57.49 26.15
C ALA JB 47 -71.91 57.61 25.68
N GLY JB 48 -71.65 57.54 24.38
CA GLY JB 48 -70.31 57.64 23.86
C GLY JB 48 -69.93 59.00 23.29
N PHE JB 49 -70.80 60.00 23.41
CA PHE JB 49 -70.53 61.34 22.91
C PHE JB 49 -69.86 62.23 23.96
N ALA JB 50 -69.24 61.64 24.98
CA ALA JB 50 -68.59 62.42 26.02
C ALA JB 50 -67.38 61.66 26.58
N ILE JB 51 -67.34 60.35 26.37
CA ILE JB 51 -66.25 59.53 26.87
C ILE JB 51 -65.04 59.53 25.95
N ILE JB 52 -65.10 60.24 24.82
CA ILE JB 52 -63.98 60.27 23.89
C ILE JB 52 -62.86 61.15 24.44
N SER JB 53 -63.22 62.36 24.90
CA SER JB 53 -62.22 63.27 25.45
C SER JB 53 -61.81 62.89 26.86
N VAL JB 54 -62.59 62.07 27.55
CA VAL JB 54 -62.24 61.67 28.90
C VAL JB 54 -61.23 60.53 28.89
N PHE JB 55 -61.42 59.55 28.01
CA PHE JB 55 -60.50 58.42 27.94
C PHE JB 55 -59.13 58.84 27.42
N ILE JB 56 -59.09 59.83 26.52
CA ILE JB 56 -57.80 60.28 25.99
C ILE JB 56 -57.05 61.16 26.97
N ALA JB 57 -57.72 61.71 27.99
CA ALA JB 57 -57.08 62.56 28.96
C ALA JB 57 -56.54 61.79 30.16
N VAL JB 58 -57.05 60.57 30.40
CA VAL JB 58 -56.60 59.75 31.51
C VAL JB 58 -55.62 58.69 30.99
N GLY JB 59 -55.20 58.84 29.74
CA GLY JB 59 -54.27 57.90 29.15
C GLY JB 59 -53.02 58.58 28.60
N MET JB 60 -53.18 59.78 28.04
CA MET JB 60 -52.04 60.49 27.48
C MET JB 60 -51.28 61.26 28.55
N ALA JB 61 -51.97 61.80 29.55
CA ALA JB 61 -51.35 62.56 30.62
C ALA JB 61 -50.89 61.68 31.79
N VAL JB 62 -50.56 60.42 31.52
CA VAL JB 62 -50.12 59.53 32.58
C VAL JB 62 -48.65 59.76 32.90
N VAL JB 63 -47.79 59.69 31.88
CA VAL JB 63 -46.36 59.89 32.07
C VAL JB 63 -46.00 61.29 31.59
N GLY JB 64 -46.17 61.55 30.29
CA GLY JB 64 -45.86 62.85 29.74
C GLY JB 64 -44.37 63.12 29.65
N LEU JB 65 -43.62 62.18 29.08
CA LEU JB 65 -42.17 62.29 28.91
C LEU JB 65 -41.48 62.54 30.25
N GLN KB 1 -13.59 35.62 43.02
CA GLN KB 1 -13.78 36.95 42.46
C GLN KB 1 -15.23 37.40 42.58
N ASP KB 2 -15.55 38.52 41.95
CA ASP KB 2 -16.89 39.08 41.98
C ASP KB 2 -17.66 38.63 40.73
N LEU KB 3 -18.81 39.26 40.48
CA LEU KB 3 -19.64 38.94 39.34
C LEU KB 3 -19.25 39.80 38.14
N MET KB 4 -19.62 39.32 36.95
CA MET KB 4 -19.33 40.04 35.71
C MET KB 4 -20.56 40.28 34.85
N ALA KB 5 -21.76 39.97 35.35
CA ALA KB 5 -22.97 40.18 34.56
C ALA KB 5 -23.53 41.59 34.71
N SER KB 6 -23.01 42.39 35.65
CA SER KB 6 -23.48 43.75 35.84
C SER KB 6 -22.32 44.73 35.83
N GLY KB 7 -22.38 45.74 36.69
CA GLY KB 7 -21.33 46.73 36.76
C GLY KB 7 -21.35 47.77 35.66
N ASN KB 8 -22.49 47.96 34.99
CA ASN KB 8 -22.59 48.95 33.94
C ASN KB 8 -23.84 49.80 34.11
N THR KB 9 -24.83 49.28 34.82
CA THR KB 9 -26.11 49.96 35.06
C THR KB 9 -26.74 50.40 33.75
N THR KB 10 -26.77 49.50 32.77
CA THR KB 10 -27.34 49.79 31.45
C THR KB 10 -28.77 49.27 31.32
N VAL KB 11 -29.02 48.03 31.74
CA VAL KB 11 -30.36 47.48 31.64
C VAL KB 11 -31.32 48.13 32.64
N LYS KB 12 -30.79 48.70 33.73
CA LYS KB 12 -31.65 49.34 34.71
C LYS KB 12 -32.20 50.65 34.18
N ALA KB 13 -31.40 51.41 33.42
CA ALA KB 13 -31.85 52.67 32.85
C ALA KB 13 -32.65 52.48 31.57
N THR KB 14 -32.70 51.27 31.02
CA THR KB 14 -33.45 51.00 29.79
C THR KB 14 -34.82 50.39 30.09
N PHE KB 15 -34.89 49.41 30.98
CA PHE KB 15 -36.14 48.75 31.35
C PHE KB 15 -36.46 49.14 32.79
N GLY KB 16 -37.01 50.34 32.96
CA GLY KB 16 -37.35 50.83 34.28
C GLY KB 16 -38.52 51.81 34.28
N LYS KB 17 -38.70 52.53 35.38
CA LYS KB 17 -39.80 53.48 35.48
C LYS KB 17 -39.46 54.78 34.76
N ASP KB 18 -38.27 55.32 34.99
CA ASP KB 18 -37.83 56.56 34.35
C ASP KB 18 -37.14 56.31 33.03
N SER KB 19 -37.74 55.46 32.20
CA SER KB 19 -37.17 55.14 30.89
C SER KB 19 -38.21 55.28 29.80
N SER KB 20 -38.13 54.43 28.77
CA SER KB 20 -39.07 54.47 27.65
C SER KB 20 -40.07 53.32 27.66
N VAL KB 21 -39.95 52.39 28.61
CA VAL KB 21 -40.88 51.27 28.65
C VAL KB 21 -42.27 51.71 29.11
N VAL KB 22 -42.33 52.69 30.01
CA VAL KB 22 -43.62 53.15 30.53
C VAL KB 22 -44.42 53.90 29.46
N LYS KB 23 -43.78 54.35 28.39
CA LYS KB 23 -44.49 55.06 27.33
C LYS KB 23 -45.05 54.13 26.27
N TRP KB 24 -44.39 53.00 26.01
CA TRP KB 24 -44.87 52.06 25.01
C TRP KB 24 -45.98 51.15 25.55
N VAL KB 25 -46.13 51.05 26.87
CA VAL KB 25 -47.16 50.20 27.46
C VAL KB 25 -48.45 50.94 27.75
N VAL KB 26 -48.47 52.27 27.56
CA VAL KB 26 -49.67 53.05 27.83
C VAL KB 26 -50.47 53.33 26.56
N LEU KB 27 -49.84 53.29 25.38
CA LEU KB 27 -50.53 53.54 24.13
C LEU KB 27 -51.13 52.27 23.51
N ALA KB 28 -50.76 51.09 24.00
CA ALA KB 28 -51.29 49.86 23.46
C ALA KB 28 -52.75 49.64 23.85
N GLU KB 29 -53.19 50.20 24.97
CA GLU KB 29 -54.58 50.04 25.38
C GLU KB 29 -55.52 50.91 24.57
N VAL KB 30 -55.13 52.18 24.37
CA VAL KB 30 -55.97 53.09 23.58
C VAL KB 30 -55.91 52.76 22.10
N LEU KB 31 -54.92 51.99 21.65
CA LEU KB 31 -54.83 51.63 20.24
C LEU KB 31 -55.88 50.60 19.86
N VAL KB 32 -56.30 49.75 20.80
CA VAL KB 32 -57.27 48.72 20.51
C VAL KB 32 -58.53 48.83 21.39
N GLY KB 33 -58.44 49.41 22.57
CA GLY KB 33 -59.60 49.51 23.45
C GLY KB 33 -60.53 50.65 23.07
N ALA KB 34 -59.99 51.70 22.47
CA ALA KB 34 -60.77 52.85 22.04
C ALA KB 34 -61.37 52.69 20.65
N VAL KB 35 -61.01 51.63 19.93
CA VAL KB 35 -61.53 51.39 18.58
C VAL KB 35 -62.36 50.12 18.49
N MET KB 36 -62.52 49.37 19.58
CA MET KB 36 -63.29 48.13 19.56
C MET KB 36 -64.78 48.37 19.76
N TYR KB 37 -65.26 49.61 19.63
CA TYR KB 37 -66.68 49.92 19.72
C TYR KB 37 -67.44 49.58 18.44
N MET KB 38 -66.78 48.98 17.45
CA MET KB 38 -67.46 48.65 16.20
C MET KB 38 -68.26 47.37 16.33
N MET KB 39 -67.59 46.26 16.66
CA MET KB 39 -68.25 44.97 16.79
C MET KB 39 -68.86 44.75 18.16
N THR KB 40 -68.14 45.14 19.22
CA THR KB 40 -68.62 44.94 20.58
C THR KB 40 -69.57 46.06 21.02
N LYS KB 41 -69.04 47.28 21.18
CA LYS KB 41 -69.81 48.44 21.63
C LYS KB 41 -70.46 48.16 22.98
N ASN KB 42 -69.61 47.90 23.97
CA ASN KB 42 -70.06 47.60 25.32
C ASN KB 42 -69.01 48.09 26.31
N VAL KB 43 -69.48 48.45 27.51
CA VAL KB 43 -68.59 48.91 28.57
C VAL KB 43 -67.94 47.70 29.22
N LYS KB 44 -66.72 47.38 28.78
CA LYS KB 44 -66.00 46.22 29.30
C LYS KB 44 -64.53 46.53 29.53
N PHE KB 45 -63.85 47.06 28.50
CA PHE KB 45 -62.43 47.35 28.56
C PHE KB 45 -62.21 48.74 29.18
N LEU KB 46 -62.60 48.85 30.44
CA LEU KB 46 -62.44 50.09 31.19
C LEU KB 46 -61.68 49.92 32.50
N ALA KB 47 -61.33 48.70 32.90
CA ALA KB 47 -60.61 48.47 34.14
C ALA KB 47 -59.09 48.52 33.96
N GLY KB 48 -58.60 48.91 32.79
CA GLY KB 48 -57.18 48.98 32.53
C GLY KB 48 -56.56 50.35 32.68
N PHE KB 49 -57.34 51.36 33.07
CA PHE KB 49 -56.85 52.72 33.23
C PHE KB 49 -56.27 52.98 34.62
N ALA KB 50 -55.88 51.93 35.34
CA ALA KB 50 -55.32 52.09 36.68
C ALA KB 50 -54.31 50.98 36.99
N ILE KB 51 -54.41 49.86 36.26
CA ILE KB 51 -53.50 48.75 36.48
C ILE KB 51 -52.15 48.94 35.81
N ILE KB 52 -51.98 50.04 35.06
CA ILE KB 52 -50.69 50.28 34.39
C ILE KB 52 -49.65 50.74 35.40
N SER KB 53 -50.02 51.71 36.24
CA SER KB 53 -49.08 52.21 37.25
C SER KB 53 -48.90 51.25 38.40
N VAL KB 54 -49.81 50.30 38.59
CA VAL KB 54 -49.70 49.33 39.67
C VAL KB 54 -48.78 48.17 39.28
N PHE KB 55 -48.92 47.66 38.06
CA PHE KB 55 -48.08 46.55 37.62
C PHE KB 55 -46.62 46.97 37.47
N ILE KB 56 -46.37 48.23 37.13
CA ILE KB 56 -45.00 48.71 36.97
C ILE KB 56 -44.34 48.99 38.32
N ALA KB 57 -45.13 49.14 39.39
CA ALA KB 57 -44.58 49.40 40.71
C ALA KB 57 -44.34 48.14 41.52
N VAL KB 58 -45.12 47.08 41.27
CA VAL KB 58 -44.94 45.82 41.99
C VAL KB 58 -43.89 44.92 41.35
N GLY KB 59 -43.23 45.37 40.29
CA GLY KB 59 -42.22 44.56 39.64
C GLY KB 59 -40.86 45.22 39.61
N MET KB 60 -40.84 46.56 39.56
CA MET KB 60 -39.58 47.28 39.52
C MET KB 60 -38.98 47.45 40.91
N ALA KB 61 -39.82 47.63 41.93
CA ALA KB 61 -39.36 47.81 43.30
C ALA KB 61 -39.16 46.50 44.04
N VAL KB 62 -38.93 45.40 43.31
CA VAL KB 62 -38.72 44.11 43.96
C VAL KB 62 -37.31 44.00 44.51
N VAL KB 63 -36.31 44.18 43.64
CA VAL KB 63 -34.92 44.10 44.03
C VAL KB 63 -34.38 45.51 44.29
N GLY KB 64 -34.33 46.32 43.24
CA GLY KB 64 -33.84 47.69 43.37
C GLY KB 64 -32.35 47.77 43.60
N LEU KB 65 -31.58 47.03 42.81
CA LEU KB 65 -30.12 46.99 42.91
C LEU KB 65 -29.66 46.62 44.32
N GLN LB 1 -6.64 12.87 47.20
CA GLN LB 1 -6.63 14.32 47.26
C GLN LB 1 -8.04 14.88 47.38
N ASP LB 2 -8.17 16.20 47.28
CA ASP LB 2 -9.44 16.89 47.38
C ASP LB 2 -10.01 17.12 45.97
N LEU LB 3 -11.00 18.00 45.89
CA LEU LB 3 -11.62 18.32 44.62
C LEU LB 3 -10.98 19.56 44.00
N MET LB 4 -11.14 19.70 42.67
CA MET LB 4 -10.58 20.82 41.94
C MET LB 4 -11.62 21.58 41.12
N ALA LB 5 -12.91 21.26 41.27
CA ALA LB 5 -13.94 21.96 40.51
C ALA LB 5 -14.40 23.24 41.19
N SER LB 6 -14.03 23.46 42.45
CA SER LB 6 -14.43 24.66 43.16
C SER LB 6 -13.22 25.37 43.77
N GLY LB 7 -13.38 25.92 44.97
CA GLY LB 7 -12.30 26.60 45.63
C GLY LB 7 -12.04 28.01 45.15
N ASN LB 8 -13.00 28.63 44.47
CA ASN LB 8 -12.83 29.99 43.97
C ASN LB 8 -14.04 30.85 44.34
N THR LB 9 -15.19 30.20 44.57
CA THR LB 9 -16.44 30.87 44.92
C THR LB 9 -16.78 31.95 43.89
N THR LB 10 -16.66 31.58 42.61
CA THR LB 10 -16.95 32.48 41.50
C THR LB 10 -18.36 32.29 40.94
N VAL LB 11 -18.79 31.05 40.73
CA VAL LB 11 -20.12 30.80 40.21
C VAL LB 11 -21.19 31.09 41.25
N LYS LB 12 -20.84 31.05 42.54
CA LYS LB 12 -21.82 31.34 43.58
C LYS LB 12 -22.17 32.82 43.63
N ALA LB 13 -21.18 33.69 43.41
CA ALA LB 13 -21.41 35.12 43.40
C ALA LB 13 -21.99 35.63 42.09
N THR LB 14 -22.01 34.80 41.05
CA THR LB 14 -22.54 35.18 39.75
C THR LB 14 -23.98 34.70 39.54
N PHE LB 15 -24.27 33.46 39.88
CA PHE LB 15 -25.61 32.88 39.75
C PHE LB 15 -26.16 32.64 41.14
N GLY LB 16 -26.69 33.71 41.75
CA GLY LB 16 -27.24 33.63 43.08
C GLY LB 16 -28.30 34.67 43.37
N LYS LB 17 -28.64 34.86 44.64
CA LYS LB 17 -29.65 35.84 45.01
C LYS LB 17 -29.07 37.25 45.00
N ASP LB 18 -27.92 37.45 45.62
CA ASP LB 18 -27.27 38.75 45.68
C ASP LB 18 -26.36 39.00 44.48
N SER LB 19 -26.87 38.71 43.29
CA SER LB 19 -26.10 38.90 42.07
C SER LB 19 -26.91 39.67 41.03
N SER LB 20 -26.72 39.34 39.75
CA SER LB 20 -27.43 39.99 38.66
C SER LB 20 -28.49 39.10 38.03
N VAL LB 21 -28.61 37.85 38.47
CA VAL LB 21 -29.61 36.95 37.89
C VAL LB 21 -31.01 37.36 38.30
N VAL LB 22 -31.18 37.86 39.52
CA VAL LB 22 -32.50 38.24 40.01
C VAL LB 22 -33.05 39.46 39.29
N LYS LB 23 -32.19 40.23 38.62
CA LYS LB 23 -32.66 41.41 37.89
C LYS LB 23 -33.08 41.08 36.46
N TRP LB 24 -32.41 40.14 35.81
CA TRP LB 24 -32.77 39.79 34.44
C TRP LB 24 -34.01 38.91 34.36
N VAL LB 25 -34.46 38.35 35.49
CA VAL LB 25 -35.65 37.51 35.50
C VAL LB 25 -36.90 38.25 35.99
N VAL LB 26 -36.75 39.46 36.52
CA VAL LB 26 -37.91 40.21 37.01
C VAL LB 26 -38.50 41.14 35.94
N LEU LB 27 -37.71 41.51 34.93
CA LEU LB 27 -38.19 42.36 33.85
C LEU LB 27 -38.66 41.58 32.62
N ALA LB 28 -38.48 40.26 32.61
CA ALA LB 28 -38.91 39.46 31.47
C ALA LB 28 -40.41 39.28 31.42
N GLU LB 29 -41.09 39.35 32.56
CA GLU LB 29 -42.55 39.20 32.58
C GLU LB 29 -43.23 40.48 32.12
N VAL LB 30 -42.74 41.64 32.58
CA VAL LB 30 -43.34 42.90 32.19
C VAL LB 30 -43.04 43.24 30.73
N LEU LB 31 -42.03 42.60 30.14
CA LEU LB 31 -41.69 42.88 28.75
C LEU LB 31 -42.73 42.29 27.79
N VAL LB 32 -43.37 41.18 28.17
CA VAL LB 32 -44.35 40.54 27.31
C VAL LB 32 -45.73 40.44 27.96
N GLY LB 33 -45.83 40.40 29.28
CA GLY LB 33 -47.12 40.30 29.94
C GLY LB 33 -47.88 41.60 29.98
N ALA LB 34 -47.15 42.72 29.98
CA ALA LB 34 -47.77 44.04 30.02
C ALA LB 34 -48.09 44.60 28.64
N VAL LB 35 -47.67 43.91 27.57
CA VAL LB 35 -47.92 44.36 26.21
C VAL LB 35 -48.84 43.43 25.44
N MET LB 36 -49.27 42.32 26.04
CA MET LB 36 -50.15 41.37 25.38
C MET LB 36 -51.62 41.76 25.48
N TYR LB 37 -51.93 42.99 25.89
CA TYR LB 37 -53.29 43.48 25.92
C TYR LB 37 -53.83 43.86 24.55
N MET LB 38 -53.06 43.64 23.49
CA MET LB 38 -53.51 44.00 22.15
C MET LB 38 -54.45 42.94 21.58
N MET LB 39 -53.93 41.72 21.38
CA MET LB 39 -54.72 40.64 20.82
C MET LB 39 -55.61 39.94 21.85
N THR LB 40 -55.07 39.69 23.04
CA THR LB 40 -55.82 38.99 24.08
C THR LB 40 -56.72 39.94 24.86
N LYS LB 41 -56.12 40.85 25.63
CA LYS LB 41 -56.83 41.79 26.48
C LYS LB 41 -57.76 41.06 27.45
N ASN LB 42 -57.15 40.26 28.32
CA ASN LB 42 -57.88 39.48 29.30
C ASN LB 42 -57.00 39.31 30.54
N VAL LB 43 -57.65 39.32 31.71
CA VAL LB 43 -56.95 39.12 32.97
C VAL LB 43 -56.53 37.66 33.09
N LYS LB 44 -55.28 37.37 32.72
CA LYS LB 44 -54.79 36.00 32.75
C LYS LB 44 -53.37 35.94 33.31
N PHE LB 45 -52.45 36.68 32.71
CA PHE LB 45 -51.05 36.66 33.12
C PHE LB 45 -50.84 37.60 34.30
N LEU LB 46 -51.44 37.23 35.43
CA LEU LB 46 -51.32 37.98 36.66
C LEU LB 46 -50.85 37.16 37.85
N ALA LB 47 -50.66 35.85 37.69
CA ALA LB 47 -50.21 34.99 38.79
C ALA LB 47 -48.70 34.89 38.87
N GLY LB 48 -47.97 35.64 38.05
CA GLY LB 48 -46.51 35.59 38.06
C GLY LB 48 -45.83 36.67 38.86
N PHE LB 49 -46.59 37.55 39.52
CA PHE LB 49 -46.03 38.62 40.33
C PHE LB 49 -45.74 38.19 41.77
N ALA LB 50 -45.60 36.89 42.01
CA ALA LB 50 -45.32 36.39 43.35
C ALA LB 50 -44.48 35.13 43.31
N ILE LB 51 -44.47 34.45 42.15
CA ILE LB 51 -43.69 33.23 42.00
C ILE LB 51 -42.24 33.50 41.65
N ILE LB 52 -41.84 34.76 41.51
CA ILE LB 52 -40.46 35.08 41.19
C ILE LB 52 -39.57 34.90 42.42
N SER LB 53 -40.00 35.45 43.56
CA SER LB 53 -39.23 35.32 44.79
C SER LB 53 -39.35 33.93 45.40
N VAL LB 54 -40.36 33.15 45.02
CA VAL LB 54 -40.51 31.81 45.56
C VAL LB 54 -39.61 30.82 44.82
N PHE LB 55 -39.56 30.92 43.49
CA PHE LB 55 -38.74 30.00 42.72
C PHE LB 55 -37.25 30.22 42.96
N ILE LB 56 -36.85 31.46 43.26
CA ILE LB 56 -35.45 31.75 43.53
C ILE LB 56 -35.02 31.32 44.93
N ALA LB 57 -35.98 31.10 45.83
CA ALA LB 57 -35.66 30.68 47.20
C ALA LB 57 -35.65 29.17 47.36
N VAL LB 58 -36.46 28.44 46.58
CA VAL LB 58 -36.50 26.99 46.67
C VAL LB 58 -35.43 26.32 45.83
N GLY LB 59 -34.59 27.08 45.15
CA GLY LB 59 -33.54 26.51 44.32
C GLY LB 59 -32.15 26.91 44.76
N MET LB 60 -32.03 28.10 45.36
CA MET LB 60 -30.73 28.57 45.82
C MET LB 60 -30.37 28.02 47.18
N ALA LB 61 -31.36 27.85 48.07
CA ALA LB 61 -31.13 27.34 49.41
C ALA LB 61 -31.17 25.82 49.48
N VAL LB 62 -30.88 25.13 48.38
CA VAL LB 62 -30.89 23.67 48.38
C VAL LB 62 -29.62 23.13 49.01
N VAL LB 63 -28.46 23.52 48.47
CA VAL LB 63 -27.18 23.07 49.00
C VAL LB 63 -26.61 24.13 49.93
N GLY LB 64 -26.29 25.30 49.38
CA GLY LB 64 -25.75 26.38 50.17
C GLY LB 64 -24.33 26.14 50.62
N LEU LB 65 -23.47 25.74 49.68
CA LEU LB 65 -22.05 25.46 49.95
C LEU LB 65 -21.89 24.43 51.07
N GLN MB 1 -2.38 -10.30 42.07
CA GLN MB 1 -2.27 -9.02 42.76
C GLN MB 1 -3.64 -8.37 42.93
N ASP MB 2 -3.64 -7.12 43.39
CA ASP MB 2 -4.86 -6.36 43.59
C ASP MB 2 -5.15 -5.49 42.37
N LEU MB 3 -6.04 -4.52 42.55
CA LEU MB 3 -6.40 -3.61 41.47
C LEU MB 3 -5.54 -2.34 41.54
N MET MB 4 -5.47 -1.64 40.40
CA MET MB 4 -4.70 -0.42 40.29
C MET MB 4 -5.51 0.76 39.76
N ALA MB 5 -6.83 0.61 39.61
CA ALA MB 5 -7.66 1.69 39.10
C ALA MB 5 -8.12 2.64 40.20
N SER MB 6 -7.98 2.25 41.46
CA SER MB 6 -8.40 3.10 42.57
C SER MB 6 -7.26 3.31 43.56
N GLY MB 7 -7.57 3.31 44.85
CA GLY MB 7 -6.56 3.50 45.87
C GLY MB 7 -6.11 4.93 46.07
N ASN MB 8 -6.89 5.90 45.61
CA ASN MB 8 -6.52 7.31 45.76
C ASN MB 8 -7.69 8.11 46.31
N THR MB 9 -8.91 7.61 46.11
CA THR MB 9 -10.13 8.28 46.55
C THR MB 9 -10.20 9.71 46.04
N THR MB 10 -9.91 9.89 44.75
CA THR MB 10 -9.91 11.19 44.11
C THR MB 10 -11.21 11.46 43.36
N VAL MB 11 -11.69 10.50 42.57
CA VAL MB 11 -12.93 10.69 41.82
C VAL MB 11 -14.14 10.68 42.74
N LYS MB 12 -14.03 10.06 43.92
CA LYS MB 12 -15.16 10.04 44.84
C LYS MB 12 -15.40 11.40 45.47
N ALA MB 13 -14.32 12.13 45.79
CA ALA MB 13 -14.44 13.46 46.37
C ALA MB 13 -14.71 14.54 45.33
N THR MB 14 -14.59 14.23 44.04
CA THR MB 14 -14.85 15.18 42.97
C THR MB 14 -16.26 15.06 42.41
N PHE MB 15 -16.72 13.84 42.14
CA PHE MB 15 -18.04 13.59 41.61
C PHE MB 15 -18.86 12.87 42.69
N GLY MB 16 -19.41 13.67 43.60
CA GLY MB 16 -20.20 13.13 44.69
C GLY MB 16 -21.22 14.11 45.25
N LYS MB 17 -21.76 13.80 46.43
CA LYS MB 17 -22.74 14.68 47.05
C LYS MB 17 -22.08 15.86 47.73
N ASP MB 18 -21.02 15.60 48.50
CA ASP MB 18 -20.29 16.66 49.22
C ASP MB 18 -19.17 17.24 48.37
N SER MB 19 -19.47 17.54 47.11
CA SER MB 19 -18.49 18.10 46.20
C SER MB 19 -19.03 19.35 45.51
N SER MB 20 -18.62 19.56 44.25
CA SER MB 20 -19.06 20.71 43.48
C SER MB 20 -20.05 20.33 42.38
N VAL MB 21 -20.35 19.05 42.21
CA VAL MB 21 -21.28 18.63 41.16
C VAL MB 21 -22.70 19.03 41.52
N VAL MB 22 -23.06 18.97 42.80
CA VAL MB 22 -24.42 19.30 43.21
C VAL MB 22 -24.73 20.78 43.05
N LYS MB 23 -23.71 21.63 42.92
CA LYS MB 23 -23.93 23.06 42.73
C LYS MB 23 -24.11 23.45 41.27
N TRP MB 24 -23.40 22.80 40.36
CA TRP MB 24 -23.52 23.11 38.94
C TRP MB 24 -24.79 22.55 38.31
N VAL MB 25 -25.47 21.62 38.99
CA VAL MB 25 -26.70 21.04 38.47
C VAL MB 25 -27.95 21.66 39.07
N VAL MB 26 -27.82 22.49 40.10
CA VAL MB 26 -28.99 23.12 40.71
C VAL MB 26 -29.30 24.48 40.11
N LEU MB 27 -28.33 25.13 39.47
CA LEU MB 27 -28.54 26.43 38.84
C LEU MB 27 -28.87 26.33 37.36
N ALA MB 28 -28.78 25.14 36.77
CA ALA MB 28 -29.10 24.98 35.36
C ALA MB 28 -30.60 25.04 35.08
N GLU MB 29 -31.43 24.72 36.07
CA GLU MB 29 -32.88 24.77 35.88
C GLU MB 29 -33.39 26.21 35.93
N VAL MB 30 -32.90 26.99 36.90
CA VAL MB 30 -33.33 28.38 37.01
C VAL MB 30 -32.75 29.24 35.89
N LEU MB 31 -31.68 28.77 35.24
CA LEU MB 31 -31.09 29.54 34.15
C LEU MB 31 -31.97 29.51 32.91
N VAL MB 32 -32.75 28.45 32.73
CA VAL MB 32 -33.60 28.31 31.55
C VAL MB 32 -35.07 28.20 31.90
N GLY MB 33 -35.43 27.78 33.11
CA GLY MB 33 -36.83 27.66 33.49
C GLY MB 33 -37.45 28.97 33.92
N ALA MB 34 -36.66 29.85 34.52
CA ALA MB 34 -37.13 31.15 34.98
C ALA MB 34 -37.12 32.21 33.88
N VAL MB 35 -36.62 31.88 32.69
CA VAL MB 35 -36.57 32.83 31.59
C VAL MB 35 -37.42 32.41 30.40
N MET MB 36 -38.04 31.23 30.44
CA MET MB 36 -38.87 30.75 29.35
C MET MB 36 -40.30 31.25 29.42
N TYR MB 37 -40.58 32.25 30.26
CA TYR MB 37 -41.91 32.87 30.35
C TYR MB 37 -42.17 33.86 29.23
N MET MB 38 -41.29 33.96 28.23
CA MET MB 38 -41.48 34.92 27.15
C MET MB 38 -42.35 34.33 26.04
N MET MB 39 -41.86 33.30 25.36
CA MET MB 39 -42.61 32.71 24.26
C MET MB 39 -43.70 31.77 24.75
N THR MB 40 -43.41 30.97 25.77
CA THR MB 40 -44.38 30.01 26.30
C THR MB 40 -45.33 30.66 27.30
N LYS MB 41 -44.80 31.01 28.48
CA LYS MB 41 -45.58 31.59 29.57
C LYS MB 41 -46.73 30.65 29.96
N ASN MB 42 -46.34 29.50 30.49
CA ASN MB 42 -47.28 28.48 30.93
C ASN MB 42 -46.68 27.71 32.10
N VAL MB 43 -47.55 27.14 32.92
CA VAL MB 43 -47.12 26.34 34.05
C VAL MB 43 -46.81 24.92 33.59
N LYS MB 44 -45.54 24.65 33.30
CA LYS MB 44 -45.13 23.34 32.82
C LYS MB 44 -43.83 22.90 33.48
N PHE MB 45 -42.82 23.76 33.46
CA PHE MB 45 -41.50 23.44 34.01
C PHE MB 45 -41.45 23.74 35.50
N LEU MB 46 -42.31 23.05 36.25
CA LEU MB 46 -42.38 23.21 37.69
C LEU MB 46 -42.20 21.91 38.46
N ALA MB 47 -42.08 20.77 37.79
CA ALA MB 47 -41.89 19.48 38.46
C ALA MB 47 -40.43 19.12 38.65
N GLY MB 48 -39.51 20.06 38.45
CA GLY MB 48 -38.10 19.81 38.61
C GLY MB 48 -37.48 20.32 39.90
N PHE MB 49 -38.28 20.91 40.78
CA PHE MB 49 -37.80 21.44 42.05
C PHE MB 49 -37.80 20.39 43.16
N ALA MB 50 -37.81 19.10 42.81
CA ALA MB 50 -37.83 18.03 43.80
C ALA MB 50 -37.05 16.82 43.30
N ILE MB 51 -36.89 16.71 41.98
CA ILE MB 51 -36.17 15.58 41.39
C ILE MB 51 -34.66 15.76 41.41
N ILE MB 52 -34.17 16.88 41.93
CA ILE MB 52 -32.73 17.10 41.99
C ILE MB 52 -32.10 16.27 43.10
N SER MB 53 -32.69 16.32 44.30
CA SER MB 53 -32.16 15.55 45.42
C SER MB 53 -32.50 14.06 45.32
N VAL MB 54 -33.48 13.70 44.49
CA VAL MB 54 -33.84 12.30 44.32
C VAL MB 54 -32.91 11.59 43.35
N PHE MB 55 -32.57 12.23 42.23
CA PHE MB 55 -31.69 11.60 41.26
C PHE MB 55 -30.27 11.44 41.79
N ILE MB 56 -29.83 12.35 42.65
CA ILE MB 56 -28.48 12.25 43.21
C ILE MB 56 -28.41 11.20 44.31
N ALA MB 57 -29.54 10.79 44.88
CA ALA MB 57 -29.55 9.79 45.94
C ALA MB 57 -29.74 8.37 45.40
N VAL MB 58 -30.21 8.23 44.17
CA VAL MB 58 -30.41 6.92 43.56
C VAL MB 58 -29.24 6.61 42.63
N GLY MB 59 -28.18 7.42 42.71
CA GLY MB 59 -27.01 7.22 41.88
C GLY MB 59 -25.72 7.16 42.69
N MET MB 60 -25.62 8.01 43.72
CA MET MB 60 -24.42 8.02 44.54
C MET MB 60 -24.42 6.90 45.57
N ALA MB 61 -25.59 6.55 46.11
CA ALA MB 61 -25.72 5.50 47.11
C ALA MB 61 -25.90 4.11 46.50
N VAL MB 62 -25.42 3.91 45.27
CA VAL MB 62 -25.55 2.60 44.64
C VAL MB 62 -24.48 1.64 45.14
N VAL MB 63 -23.21 2.04 45.01
CA VAL MB 63 -22.10 1.21 45.46
C VAL MB 63 -21.61 1.71 46.82
N GLY MB 64 -21.10 2.93 46.86
CA GLY MB 64 -20.62 3.51 48.10
C GLY MB 64 -19.32 2.88 48.58
N LEU MB 65 -18.36 2.75 47.68
CA LEU MB 65 -17.04 2.16 47.98
C LEU MB 65 -17.18 0.77 48.59
N GLN NB 1 0.92 -29.49 27.79
CA GLN NB 1 1.00 -28.68 29.01
C GLN NB 1 -0.31 -27.95 29.27
N ASP NB 2 -0.29 -27.04 30.24
CA ASP NB 2 -1.46 -26.26 30.61
C ASP NB 2 -1.42 -24.91 29.91
N LEU NB 3 -2.34 -24.02 30.29
CA LEU NB 3 -2.40 -22.70 29.70
C LEU NB 3 -1.47 -21.74 30.43
N MET NB 4 -1.13 -20.64 29.74
CA MET NB 4 -0.25 -19.63 30.31
C MET NB 4 -0.88 -18.24 30.30
N ALA NB 5 -2.13 -18.10 29.85
CA ALA NB 5 -2.79 -16.82 29.80
C ALA NB 5 -3.35 -16.38 31.16
N SER NB 6 -3.50 -17.31 32.11
CA SER NB 6 -4.04 -16.99 33.41
C SER NB 6 -3.04 -17.33 34.52
N GLY NB 7 -3.53 -17.84 35.64
CA GLY NB 7 -2.67 -18.21 36.74
C GLY NB 7 -2.23 -17.06 37.62
N ASN NB 8 -2.85 -15.88 37.48
CA ASN NB 8 -2.49 -14.71 38.28
C ASN NB 8 -3.65 -14.03 38.96
N THR NB 9 -4.88 -14.18 38.46
CA THR NB 9 -6.07 -13.55 39.03
C THR NB 9 -5.89 -12.04 39.16
N THR NB 10 -5.40 -11.43 38.08
CA THR NB 10 -5.16 -9.99 38.03
C THR NB 10 -6.28 -9.24 37.33
N VAL NB 11 -6.72 -9.72 36.17
CA VAL NB 11 -7.81 -9.06 35.44
C VAL NB 11 -9.14 -9.27 36.13
N LYS NB 12 -9.28 -10.32 36.94
CA LYS NB 12 -10.55 -10.56 37.63
C LYS NB 12 -10.76 -9.56 38.76
N ALA NB 13 -9.68 -9.21 39.47
CA ALA NB 13 -9.77 -8.24 40.56
C ALA NB 13 -9.79 -6.80 40.07
N THR NB 14 -9.47 -6.56 38.80
CA THR NB 14 -9.47 -5.22 38.23
C THR NB 14 -10.77 -4.91 37.47
N PHE NB 15 -11.22 -5.83 36.63
CA PHE NB 15 -12.45 -5.66 35.85
C PHE NB 15 -13.48 -6.64 36.40
N GLY NB 16 -14.14 -6.25 37.48
CA GLY NB 16 -15.15 -7.09 38.09
C GLY NB 16 -16.16 -6.27 38.86
N LYS NB 17 -16.96 -6.98 39.67
CA LYS NB 17 -17.98 -6.32 40.47
C LYS NB 17 -17.37 -5.65 41.70
N ASP NB 18 -16.50 -6.36 42.42
CA ASP NB 18 -15.85 -5.84 43.62
C ASP NB 18 -14.55 -5.11 43.29
N SER NB 19 -14.60 -4.24 42.28
CA SER NB 19 -13.43 -3.48 41.87
C SER NB 19 -13.75 -2.00 41.72
N SER NB 20 -13.10 -1.33 40.77
CA SER NB 20 -13.31 0.09 40.52
C SER NB 20 -14.09 0.36 39.25
N VAL NB 21 -14.44 -0.68 38.49
CA VAL NB 21 -15.19 -0.47 37.25
C VAL NB 21 -16.63 -0.06 37.54
N VAL NB 22 -17.22 -0.58 38.62
CA VAL NB 22 -18.60 -0.26 38.95
C VAL NB 22 -18.77 1.18 39.41
N LYS NB 23 -17.68 1.85 39.79
CA LYS NB 23 -17.76 3.23 40.23
C LYS NB 23 -17.63 4.22 39.07
N TRP NB 24 -16.80 3.92 38.08
CA TRP NB 24 -16.63 4.80 36.94
C TRP NB 24 -17.80 4.75 35.97
N VAL NB 25 -18.68 3.75 36.10
CA VAL NB 25 -19.83 3.64 35.20
C VAL NB 25 -21.11 4.18 35.83
N VAL NB 26 -21.10 4.50 37.12
CA VAL NB 26 -22.30 5.02 37.78
C VAL NB 26 -22.34 6.54 37.80
N LEU NB 27 -21.19 7.20 37.68
CA LEU NB 27 -21.13 8.66 37.68
C LEU NB 27 -21.15 9.25 36.27
N ALA NB 28 -21.04 8.42 35.23
CA ALA NB 28 -21.07 8.93 33.86
C ALA NB 28 -22.47 9.33 33.43
N GLU NB 29 -23.51 8.79 34.06
CA GLU NB 29 -24.88 9.13 33.68
C GLU NB 29 -25.28 10.48 34.27
N VAL NB 30 -24.91 10.74 35.52
CA VAL NB 30 -25.24 12.01 36.15
C VAL NB 30 -24.42 13.15 35.57
N LEU NB 31 -23.31 12.85 34.91
CA LEU NB 31 -22.49 13.91 34.32
C LEU NB 31 -23.16 14.52 33.10
N VAL NB 32 -23.97 13.74 32.38
CA VAL NB 32 -24.63 14.23 31.18
C VAL NB 32 -26.15 14.17 31.26
N GLY NB 33 -26.72 13.28 32.08
CA GLY NB 33 -28.15 13.17 32.20
C GLY NB 33 -28.77 14.24 33.09
N ALA NB 34 -28.01 14.70 34.07
CA ALA NB 34 -28.48 15.72 34.99
C ALA NB 34 -28.23 17.14 34.50
N VAL NB 35 -27.53 17.30 33.37
CA VAL NB 35 -27.25 18.62 32.82
C VAL NB 35 -27.90 18.86 31.47
N MET NB 36 -28.62 17.88 30.93
CA MET NB 36 -29.29 18.04 29.65
C MET NB 36 -30.65 18.71 29.77
N TYR NB 37 -30.98 19.28 30.92
CA TYR NB 37 -32.22 20.04 31.09
C TYR NB 37 -32.15 21.43 30.50
N MET NB 38 -31.02 21.82 29.90
CA MET NB 38 -30.89 23.15 29.33
C MET NB 38 -31.52 23.23 27.94
N MET NB 39 -31.08 22.36 27.02
CA MET NB 39 -31.60 22.38 25.66
C MET NB 39 -32.85 21.53 25.49
N THR NB 40 -32.84 20.31 26.03
CA THR NB 40 -33.98 19.40 25.90
C THR NB 40 -35.06 19.68 26.94
N LYS NB 41 -34.73 19.49 28.23
CA LYS NB 41 -35.67 19.67 29.33
C LYS NB 41 -36.91 18.79 29.14
N ASN NB 42 -36.68 17.49 29.26
CA ASN NB 42 -37.74 16.50 29.10
C ASN NB 42 -37.44 15.31 30.00
N VAL NB 43 -38.45 14.46 30.15
CA VAL NB 43 -38.31 13.23 30.96
C VAL NB 43 -38.09 12.09 29.98
N LYS NB 44 -36.82 11.84 29.67
CA LYS NB 44 -36.47 10.79 28.71
C LYS NB 44 -35.30 9.96 29.20
N PHE NB 45 -34.29 10.62 29.75
CA PHE NB 45 -33.08 9.95 30.22
C PHE NB 45 -33.23 9.51 31.68
N LEU NB 46 -34.26 8.69 31.92
CA LEU NB 46 -34.55 8.15 33.24
C LEU NB 46 -34.56 6.64 33.28
N ALA NB 47 -34.34 5.96 32.15
CA ALA NB 47 -34.34 4.50 32.11
C ALA NB 47 -32.99 3.90 32.46
N GLY NB 48 -32.00 4.72 32.82
CA GLY NB 48 -30.68 4.24 33.16
C GLY NB 48 -30.40 4.09 34.64
N PHE NB 49 -31.40 4.35 35.50
CA PHE NB 49 -31.25 4.25 36.94
C PHE NB 49 -31.55 2.85 37.47
N ALA NB 50 -31.51 1.83 36.61
CA ALA NB 50 -31.80 0.47 37.03
C ALA NB 50 -31.06 -0.54 36.16
N ILE NB 51 -30.66 -0.12 34.95
CA ILE NB 51 -29.94 -1.01 34.05
C ILE NB 51 -28.45 -1.09 34.35
N ILE NB 52 -27.97 -0.35 35.35
CA ILE NB 52 -26.55 -0.41 35.68
C ILE NB 52 -26.23 -1.70 36.43
N SER NB 53 -27.03 -2.04 37.43
CA SER NB 53 -26.80 -3.26 38.19
C SER NB 53 -27.20 -4.52 37.42
N VAL NB 54 -28.02 -4.37 36.39
CA VAL NB 54 -28.45 -5.52 35.59
C VAL NB 54 -27.42 -5.89 34.54
N PHE NB 55 -26.85 -4.89 33.85
CA PHE NB 55 -25.86 -5.17 32.82
C PHE NB 55 -24.56 -5.70 33.42
N ILE NB 56 -24.23 -5.30 34.65
CA ILE NB 56 -23.01 -5.78 35.28
C ILE NB 56 -23.17 -7.20 35.82
N ALA NB 57 -24.42 -7.67 36.01
CA ALA NB 57 -24.65 -9.01 36.52
C ALA NB 57 -24.83 -10.03 35.42
N VAL NB 58 -25.29 -9.62 34.23
CA VAL NB 58 -25.48 -10.55 33.12
C VAL NB 58 -24.23 -10.73 32.28
N GLY NB 59 -23.11 -10.11 32.68
CA GLY NB 59 -21.87 -10.24 31.94
C GLY NB 59 -20.74 -10.80 32.77
N MET NB 60 -20.75 -10.50 34.07
CA MET NB 60 -19.70 -11.00 34.95
C MET NB 60 -19.96 -12.43 35.40
N ALA NB 61 -21.21 -12.81 35.60
CA ALA NB 61 -21.58 -14.15 36.04
C ALA NB 61 -21.76 -15.12 34.88
N VAL NB 62 -21.14 -14.85 33.73
CA VAL NB 62 -21.25 -15.75 32.59
C VAL NB 62 -20.32 -16.95 32.75
N VAL NB 63 -19.03 -16.69 32.95
CA VAL NB 63 -18.05 -17.76 33.13
C VAL NB 63 -17.82 -17.98 34.61
N GLY NB 64 -17.26 -16.98 35.28
CA GLY NB 64 -16.99 -17.08 36.70
C GLY NB 64 -15.84 -18.02 37.02
N LEU NB 65 -14.72 -17.84 36.33
CA LEU NB 65 -13.52 -18.67 36.53
C LEU NB 65 -13.82 -20.15 36.35
N GLN OB 1 5.77 -41.22 7.07
CA GLN OB 1 5.66 -40.97 8.51
C GLN OB 1 4.35 -40.24 8.83
N ASP OB 2 4.24 -39.78 10.07
CA ASP OB 2 3.05 -39.06 10.50
C ASP OB 2 3.27 -37.56 10.46
N LEU OB 3 2.48 -36.81 11.24
CA LEU OB 3 2.58 -35.36 11.29
C LEU OB 3 3.39 -34.93 12.51
N MET OB 4 3.91 -33.70 12.45
CA MET OB 4 4.71 -33.14 13.53
C MET OB 4 4.19 -31.78 13.99
N ALA OB 5 3.06 -31.31 13.45
CA ALA OB 5 2.51 -30.02 13.83
C ALA OB 5 1.71 -30.08 15.13
N SER OB 6 1.38 -31.28 15.62
CA SER OB 6 0.61 -31.40 16.85
C SER OB 6 1.26 -32.39 17.80
N GLY OB 7 0.45 -33.16 18.53
CA GLY OB 7 0.98 -34.13 19.46
C GLY OB 7 1.41 -33.57 20.80
N ASN OB 8 0.94 -32.37 21.17
CA ASN OB 8 1.32 -31.77 22.44
C ASN OB 8 0.09 -31.30 23.19
N THR OB 9 -1.01 -31.06 22.48
CA THR OB 9 -2.26 -30.58 23.06
C THR OB 9 -2.04 -29.32 23.89
N THR OB 10 -1.27 -28.38 23.33
CA THR OB 10 -0.97 -27.13 24.02
C THR OB 10 -1.88 -25.99 23.57
N VAL OB 11 -2.07 -25.85 22.26
CA VAL OB 11 -2.92 -24.78 21.75
C VAL OB 11 -4.39 -25.04 22.04
N LYS OB 12 -4.78 -26.31 22.26
CA LYS OB 12 -6.17 -26.61 22.55
C LYS OB 12 -6.54 -26.18 23.97
N ALA OB 13 -5.64 -26.39 24.93
CA ALA OB 13 -5.90 -25.98 26.31
C ALA OB 13 -5.68 -24.49 26.54
N THR OB 14 -5.03 -23.81 25.59
CA THR OB 14 -4.78 -22.37 25.72
C THR OB 14 -5.88 -21.55 25.05
N PHE OB 15 -6.29 -21.93 23.85
CA PHE OB 15 -7.33 -21.24 23.09
C PHE OB 15 -8.52 -22.19 22.97
N GLY OB 16 -9.39 -22.17 23.99
CA GLY OB 16 -10.55 -23.02 23.99
C GLY OB 16 -11.63 -22.47 24.90
N LYS OB 17 -12.59 -23.33 25.21
CA LYS OB 17 -13.70 -22.93 26.08
C LYS OB 17 -13.29 -22.94 27.54
N ASP OB 18 -12.62 -24.00 27.98
CA ASP OB 18 -12.18 -24.14 29.36
C ASP OB 18 -10.79 -23.54 29.57
N SER OB 19 -10.57 -22.34 29.06
CA SER OB 19 -9.29 -21.66 29.17
C SER OB 19 -9.55 -20.23 29.65
N SER OB 20 -8.61 -19.33 29.32
CA SER OB 20 -8.72 -17.92 29.71
C SER OB 20 -9.20 -17.04 28.57
N VAL OB 21 -9.48 -17.61 27.39
CA VAL OB 21 -9.93 -16.80 26.27
C VAL OB 21 -11.36 -16.33 26.49
N VAL OB 22 -12.20 -17.15 27.13
CA VAL OB 22 -13.59 -16.78 27.33
C VAL OB 22 -13.75 -15.65 28.33
N LYS OB 23 -12.72 -15.34 29.11
CA LYS OB 23 -12.80 -14.27 30.09
C LYS OB 23 -12.35 -12.92 29.52
N TRP OB 24 -11.37 -12.92 28.61
CA TRP OB 24 -10.90 -11.68 28.02
C TRP OB 24 -11.84 -11.13 26.95
N VAL OB 25 -12.79 -11.94 26.48
CA VAL OB 25 -13.74 -11.51 25.46
C VAL OB 25 -15.10 -11.13 26.03
N VAL OB 26 -15.33 -11.37 27.33
CA VAL OB 26 -16.61 -11.04 27.93
C VAL OB 26 -16.60 -9.66 28.60
N LEU OB 27 -15.42 -9.15 28.97
CA LEU OB 27 -15.32 -7.83 29.59
C LEU OB 27 -15.04 -6.72 28.60
N ALA OB 28 -14.66 -7.05 27.37
CA ALA OB 28 -14.39 -6.03 26.36
C ALA OB 28 -15.65 -5.33 25.88
N GLU OB 29 -16.82 -5.97 26.02
CA GLU OB 29 -18.06 -5.34 25.60
C GLU OB 29 -18.52 -4.29 26.60
N VAL OB 30 -18.53 -4.63 27.89
CA VAL OB 30 -18.97 -3.69 28.91
C VAL OB 30 -17.94 -2.58 29.13
N LEU OB 31 -16.71 -2.76 28.65
CA LEU OB 31 -15.69 -1.73 28.83
C LEU OB 31 -15.99 -0.49 28.01
N VAL OB 32 -16.68 -0.64 26.86
CA VAL OB 32 -17.01 0.49 26.02
C VAL OB 32 -18.52 0.59 25.87
N GLY OB 33 -19.24 -0.45 26.30
CA GLY OB 33 -20.69 -0.46 26.18
C GLY OB 33 -21.41 0.27 27.29
N ALA OB 34 -20.91 0.18 28.52
CA ALA OB 34 -21.54 0.85 29.66
C ALA OB 34 -21.04 2.26 29.88
N VAL OB 35 -20.11 2.74 29.06
CA VAL OB 35 -19.56 4.09 29.20
C VAL OB 35 -19.87 4.97 28.00
N MET OB 36 -20.52 4.43 26.97
CA MET OB 36 -20.85 5.21 25.78
C MET OB 36 -22.17 5.96 25.92
N TYR OB 37 -22.72 6.05 27.13
CA TYR OB 37 -23.92 6.84 27.38
C TYR OB 37 -23.65 8.34 27.44
N MET OB 38 -22.40 8.77 27.26
CA MET OB 38 -22.08 10.18 27.34
C MET OB 38 -22.53 10.93 26.09
N MET OB 39 -22.01 10.54 24.93
CA MET OB 39 -22.34 11.20 23.67
C MET OB 39 -23.58 10.61 23.02
N THR OB 40 -23.67 9.29 22.95
CA THR OB 40 -24.80 8.62 22.28
C THR OB 40 -26.04 8.65 23.17
N LYS OB 41 -26.00 7.91 24.28
CA LYS OB 41 -27.12 7.79 25.22
C LYS OB 41 -28.38 7.28 24.49
N ASN OB 42 -28.26 6.06 23.97
CA ASN OB 42 -29.35 5.43 23.24
C ASN OB 42 -29.27 3.92 23.45
N VAL OB 43 -30.42 3.26 23.31
CA VAL OB 43 -30.50 1.81 23.44
C VAL OB 43 -30.06 1.22 22.11
N LYS OB 44 -28.79 0.82 22.02
CA LYS OB 44 -28.24 0.27 20.78
C LYS OB 44 -27.39 -0.97 21.06
N PHE OB 45 -26.31 -0.80 21.80
CA PHE OB 45 -25.38 -1.89 22.09
C PHE OB 45 -25.93 -2.75 23.24
N LEU OB 46 -27.02 -3.46 22.94
CA LEU OB 46 -27.66 -4.34 23.90
C LEU OB 46 -27.88 -5.76 23.39
N ALA OB 47 -27.69 -6.01 22.10
CA ALA OB 47 -27.89 -7.35 21.54
C ALA OB 47 -26.64 -8.23 21.64
N GLY OB 48 -25.57 -7.74 22.25
CA GLY OB 48 -24.35 -8.50 22.39
C GLY OB 48 -24.24 -9.33 23.65
N PHE OB 49 -25.26 -9.32 24.50
CA PHE OB 49 -25.26 -10.09 25.74
C PHE OB 49 -25.79 -11.51 25.56
N ALA OB 50 -25.76 -12.02 24.33
CA ALA OB 50 -26.23 -13.38 24.07
C ALA OB 50 -25.43 -14.02 22.94
N ILE OB 51 -24.75 -13.21 22.15
CA ILE OB 51 -23.95 -13.73 21.03
C ILE OB 51 -22.56 -14.15 21.46
N ILE OB 52 -22.22 -14.05 22.75
CA ILE OB 52 -20.90 -14.45 23.21
C ILE OB 52 -20.80 -15.97 23.28
N SER OB 53 -21.80 -16.61 23.89
CA SER OB 53 -21.80 -18.07 23.98
C SER OB 53 -22.19 -18.74 22.67
N VAL OB 54 -22.81 -18.01 21.75
CA VAL OB 54 -23.19 -18.60 20.47
C VAL OB 54 -22.01 -18.64 19.51
N PHE OB 55 -21.22 -17.57 19.46
CA PHE OB 55 -20.07 -17.54 18.55
C PHE OB 55 -18.99 -18.51 19.00
N ILE OB 56 -18.84 -18.74 20.30
CA ILE OB 56 -17.82 -19.66 20.79
C ILE OB 56 -18.24 -21.12 20.61
N ALA OB 57 -19.54 -21.38 20.41
CA ALA OB 57 -20.02 -22.74 20.23
C ALA OB 57 -19.97 -23.19 18.77
N VAL OB 58 -19.99 -22.24 17.84
CA VAL OB 58 -19.94 -22.56 16.41
C VAL OB 58 -18.53 -22.32 15.90
N GLY OB 59 -17.59 -22.12 16.82
CA GLY OB 59 -16.21 -21.88 16.46
C GLY OB 59 -15.25 -22.87 17.07
N MET OB 60 -15.55 -23.32 18.30
CA MET OB 60 -14.69 -24.28 18.97
C MET OB 60 -15.09 -25.71 18.68
N ALA OB 61 -16.40 -25.98 18.53
CA ALA OB 61 -16.90 -27.32 18.25
C ALA OB 61 -16.96 -27.62 16.76
N VAL OB 62 -16.04 -27.07 15.97
CA VAL OB 62 -16.03 -27.33 14.54
C VAL OB 62 -15.33 -28.65 14.23
N VAL OB 63 -14.09 -28.80 14.72
CA VAL OB 63 -13.33 -30.03 14.49
C VAL OB 63 -13.35 -30.86 15.76
N GLY OB 64 -12.78 -30.33 16.84
CA GLY OB 64 -12.74 -31.04 18.10
C GLY OB 64 -11.77 -32.20 18.11
N LEU OB 65 -10.53 -31.94 17.70
CA LEU OB 65 -9.47 -32.95 17.64
C LEU OB 65 -9.88 -34.15 16.80
N GLN PB 1 12.61 -43.28 -16.16
CA GLN PB 1 12.32 -43.69 -14.79
C GLN PB 1 11.10 -42.94 -14.25
N ASP PB 2 10.79 -43.16 -12.97
CA ASP PB 2 9.66 -42.53 -12.33
C ASP PB 2 10.11 -41.25 -11.62
N LEU PB 3 9.18 -40.64 -10.88
CA LEU PB 3 9.48 -39.42 -10.15
C LEU PB 3 10.07 -39.75 -8.78
N MET PB 4 10.74 -38.75 -8.20
CA MET PB 4 11.36 -38.89 -6.89
C MET PB 4 10.90 -37.84 -5.89
N ALA PB 5 9.96 -36.97 -6.26
CA ALA PB 5 9.48 -35.94 -5.35
C ALA PB 5 8.43 -36.46 -4.37
N SER PB 6 7.83 -37.61 -4.65
CA SER PB 6 6.81 -38.18 -3.77
C SER PB 6 7.21 -39.58 -3.33
N GLY PB 7 6.22 -40.46 -3.16
CA GLY PB 7 6.46 -41.82 -2.74
C GLY PB 7 6.62 -42.02 -1.24
N ASN PB 8 6.32 -41.00 -0.44
CA ASN PB 8 6.44 -41.11 1.01
C ASN PB 8 5.16 -40.79 1.77
N THR PB 9 4.21 -40.08 1.15
CA THR PB 9 2.95 -39.71 1.78
C THR PB 9 3.18 -38.98 3.10
N THR PB 10 4.12 -38.03 3.07
CA THR PB 10 4.47 -37.23 4.24
C THR PB 10 3.75 -35.90 4.29
N VAL PB 11 3.73 -35.17 3.17
CA VAL PB 11 3.05 -33.88 3.13
C VAL PB 11 1.53 -34.04 3.16
N LYS PB 12 1.02 -35.21 2.75
CA LYS PB 12 -0.42 -35.42 2.77
C LYS PB 12 -0.93 -35.59 4.19
N ALA PB 13 -0.16 -36.23 5.06
CA ALA PB 13 -0.55 -36.41 6.45
C ALA PB 13 -0.28 -35.18 7.31
N THR PB 14 0.46 -34.20 6.81
CA THR PB 14 0.78 -32.98 7.53
C THR PB 14 -0.11 -31.81 7.12
N PHE PB 15 -0.28 -31.60 5.82
CA PHE PB 15 -1.10 -30.52 5.28
C PHE PB 15 -2.32 -31.15 4.62
N GLY PB 16 -3.37 -31.37 5.40
CA GLY PB 16 -4.58 -31.96 4.89
C GLY PB 16 -5.75 -31.73 5.82
N LYS PB 17 -6.83 -32.46 5.56
CA LYS PB 17 -8.03 -32.33 6.38
C LYS PB 17 -7.88 -33.09 7.70
N ASP PB 18 -7.37 -34.32 7.64
CA ASP PB 18 -7.18 -35.14 8.83
C ASP PB 18 -5.81 -34.93 9.47
N SER PB 19 -5.42 -33.66 9.64
CA SER PB 19 -4.13 -33.34 10.22
C SER PB 19 -4.28 -32.26 11.29
N SER PB 20 -3.35 -31.31 11.31
CA SER PB 20 -3.37 -30.22 12.28
C SER PB 20 -3.59 -28.86 11.64
N VAL PB 21 -3.70 -28.79 10.31
CA VAL PB 21 -3.89 -27.50 9.66
C VAL PB 21 -5.30 -26.97 9.92
N VAL PB 22 -6.29 -27.87 10.00
CA VAL PB 22 -7.67 -27.44 10.19
C VAL PB 22 -7.89 -26.88 11.60
N LYS PB 23 -7.01 -27.17 12.54
CA LYS PB 23 -7.16 -26.67 13.90
C LYS PB 23 -6.53 -25.29 14.09
N TRP PB 24 -5.41 -25.02 13.41
CA TRP PB 24 -4.76 -23.72 13.53
C TRP PB 24 -5.47 -22.63 12.74
N VAL PB 25 -6.42 -22.99 11.87
CA VAL PB 25 -7.16 -22.00 11.08
C VAL PB 25 -8.57 -21.77 11.62
N VAL PB 26 -9.05 -22.59 12.54
CA VAL PB 26 -10.40 -22.42 13.09
C VAL PB 26 -10.41 -21.50 14.31
N LEU PB 27 -9.29 -21.35 15.01
CA LEU PB 27 -9.21 -20.48 16.16
C LEU PB 27 -8.56 -19.14 15.87
N ALA PB 28 -8.18 -18.87 14.62
CA ALA PB 28 -7.56 -17.61 14.28
C ALA PB 28 -8.58 -16.48 14.13
N GLU PB 29 -9.84 -16.81 13.82
CA GLU PB 29 -10.85 -15.78 13.67
C GLU PB 29 -11.32 -15.25 15.02
N VAL PB 30 -11.49 -16.15 16.01
CA VAL PB 30 -11.93 -15.74 17.33
C VAL PB 30 -10.83 -14.98 18.07
N LEU PB 31 -9.58 -15.13 17.64
CA LEU PB 31 -8.49 -14.42 18.31
C LEU PB 31 -8.52 -12.93 18.01
N VAL PB 32 -9.02 -12.55 16.85
CA VAL PB 32 -9.07 -11.14 16.44
C VAL PB 32 -10.48 -10.64 16.20
N GLY PB 33 -11.45 -11.52 15.98
CA GLY PB 33 -12.82 -11.09 15.72
C GLY PB 33 -13.63 -10.88 16.98
N ALA PB 34 -13.34 -11.66 18.02
CA ALA PB 34 -14.06 -11.54 19.28
C ALA PB 34 -13.45 -10.51 20.23
N VAL PB 35 -12.39 -9.82 19.81
CA VAL PB 35 -11.75 -8.82 20.65
C VAL PB 35 -11.80 -7.42 20.05
N MET PB 36 -12.27 -7.26 18.82
CA MET PB 36 -12.34 -5.97 18.17
C MET PB 36 -13.63 -5.22 18.48
N TYR PB 37 -14.38 -5.65 19.49
CA TYR PB 37 -15.59 -4.95 19.92
C TYR PB 37 -15.29 -3.71 20.74
N MET PB 38 -14.02 -3.44 21.06
CA MET PB 38 -13.65 -2.27 21.85
C MET PB 38 -13.62 -1.00 21.03
N MET PB 39 -13.12 -1.06 19.80
CA MET PB 39 -13.00 0.11 18.93
C MET PB 39 -14.12 0.20 17.91
N THR PB 40 -14.33 -0.85 17.11
CA THR PB 40 -15.35 -0.83 16.07
C THR PB 40 -16.74 -1.10 16.64
N LYS PB 41 -16.96 -2.32 17.13
CA LYS PB 41 -18.24 -2.76 17.68
C LYS PB 41 -19.36 -2.59 16.64
N ASN PB 42 -19.30 -3.46 15.63
CA ASN PB 42 -20.27 -3.45 14.56
C ASN PB 42 -20.45 -4.87 14.05
N VAL PB 43 -21.63 -5.13 13.49
CA VAL PB 43 -21.95 -6.44 12.94
C VAL PB 43 -21.42 -6.52 11.51
N LYS PB 44 -20.18 -6.98 11.36
CA LYS PB 44 -19.56 -7.08 10.04
C LYS PB 44 -18.77 -8.36 9.91
N PHE PB 45 -18.00 -8.71 10.95
CA PHE PB 45 -17.15 -9.90 10.93
C PHE PB 45 -17.94 -11.13 11.39
N LEU PB 46 -19.00 -11.44 10.66
CA LEU PB 46 -19.85 -12.59 10.95
C LEU PB 46 -19.97 -13.57 9.80
N ALA PB 47 -19.39 -13.26 8.63
CA ALA PB 47 -19.47 -14.16 7.48
C ALA PB 47 -18.32 -15.16 7.43
N GLY PB 48 -17.51 -15.25 8.48
CA GLY PB 48 -16.39 -16.15 8.51
C GLY PB 48 -16.65 -17.47 9.24
N PHE PB 49 -17.83 -17.65 9.80
CA PHE PB 49 -18.18 -18.87 10.52
C PHE PB 49 -18.78 -19.94 9.61
N ALA PB 50 -18.55 -19.84 8.30
CA ALA PB 50 -19.09 -20.82 7.37
C ALA PB 50 -18.13 -21.03 6.20
N ILE PB 51 -17.19 -20.09 6.01
CA ILE PB 51 -16.24 -20.20 4.91
C ILE PB 51 -15.01 -21.00 5.28
N ILE PB 52 -14.93 -21.52 6.50
CA ILE PB 52 -13.77 -22.31 6.92
C ILE PB 52 -13.82 -23.69 6.30
N SER PB 53 -14.97 -24.36 6.41
CA SER PB 53 -15.12 -25.70 5.83
C SER PB 53 -15.28 -25.68 4.32
N VAL PB 54 -15.61 -24.53 3.74
CA VAL PB 54 -15.77 -24.45 2.29
C VAL PB 54 -14.42 -24.26 1.61
N PHE PB 55 -13.56 -23.41 2.17
CA PHE PB 55 -12.26 -23.17 1.58
C PHE PB 55 -11.35 -24.39 1.69
N ILE PB 56 -11.52 -25.20 2.73
CA ILE PB 56 -10.70 -26.39 2.90
C ILE PB 56 -11.17 -27.53 2.00
N ALA PB 57 -12.40 -27.47 1.50
CA ALA PB 57 -12.92 -28.52 0.63
C ALA PB 57 -12.66 -28.26 -0.85
N VAL PB 58 -12.60 -26.99 -1.25
CA VAL PB 58 -12.34 -26.65 -2.65
C VAL PB 58 -10.86 -26.58 -2.97
N GLY PB 59 -9.99 -26.90 -2.03
CA GLY PB 59 -8.56 -26.87 -2.27
C GLY PB 59 -7.88 -28.20 -2.04
N MET PB 60 -8.42 -29.00 -1.11
CA MET PB 60 -7.84 -30.30 -0.83
C MET PB 60 -8.30 -31.37 -1.82
N ALA PB 61 -9.55 -31.30 -2.27
CA ALA PB 61 -10.11 -32.26 -3.21
C ALA PB 61 -9.85 -31.89 -4.66
N VAL PB 62 -8.79 -31.12 -4.94
CA VAL PB 62 -8.48 -30.75 -6.30
C VAL PB 62 -7.78 -31.89 -7.03
N VAL PB 63 -6.69 -32.39 -6.47
CA VAL PB 63 -5.94 -33.50 -7.07
C VAL PB 63 -6.33 -34.79 -6.39
N GLY PB 64 -6.02 -34.91 -5.10
CA GLY PB 64 -6.35 -36.11 -4.34
C GLY PB 64 -5.49 -37.30 -4.71
N LEU PB 65 -4.18 -37.09 -4.75
CA LEU PB 65 -3.22 -38.14 -5.09
C LEU PB 65 -3.53 -38.79 -6.43
N GLN QB 1 23.78 -36.97 -36.35
CA GLN QB 1 23.18 -37.85 -35.35
C GLN QB 1 21.93 -37.22 -34.74
N ASP QB 2 21.37 -37.90 -33.74
CA ASP QB 2 20.18 -37.42 -33.06
C ASP QB 2 20.57 -36.60 -31.83
N LEU QB 3 19.59 -36.25 -31.01
CA LEU QB 3 19.83 -35.47 -29.81
C LEU QB 3 20.16 -36.39 -28.64
N MET QB 4 20.80 -35.80 -27.61
CA MET QB 4 21.19 -36.53 -26.42
C MET QB 4 20.66 -35.90 -25.13
N ALA QB 5 19.84 -34.85 -25.22
CA ALA QB 5 19.31 -34.21 -24.03
C ALA QB 5 18.08 -34.91 -23.48
N SER QB 6 17.47 -35.81 -24.26
CA SER QB 6 16.28 -36.52 -23.82
C SER QB 6 16.49 -38.03 -23.91
N GLY QB 7 15.49 -38.75 -24.41
CA GLY QB 7 15.58 -40.18 -24.54
C GLY QB 7 15.41 -40.97 -23.27
N ASN QB 8 14.85 -40.36 -22.22
CA ASN QB 8 14.64 -41.04 -20.95
C ASN QB 8 13.27 -40.84 -20.34
N THR QB 9 12.55 -39.78 -20.71
CA THR QB 9 11.21 -39.47 -20.18
C THR QB 9 11.24 -39.42 -18.66
N THR QB 10 12.23 -38.72 -18.12
CA THR QB 10 12.40 -38.55 -16.69
C THR QB 10 11.86 -37.23 -16.18
N VAL QB 11 12.18 -36.12 -16.87
CA VAL QB 11 11.70 -34.82 -16.45
C VAL QB 11 10.21 -34.66 -16.72
N LYS QB 12 9.65 -35.43 -17.66
CA LYS QB 12 8.23 -35.33 -17.96
C LYS QB 12 7.38 -35.92 -16.84
N ALA QB 13 7.85 -37.00 -16.21
CA ALA QB 13 7.12 -37.62 -15.11
C ALA QB 13 7.35 -36.91 -13.78
N THR QB 14 8.28 -35.97 -13.72
CA THR QB 14 8.58 -35.23 -12.49
C THR QB 14 7.89 -33.87 -12.46
N PHE QB 15 7.98 -33.11 -13.54
CA PHE QB 15 7.36 -31.79 -13.65
C PHE QB 15 6.22 -31.87 -14.65
N GLY QB 16 5.08 -32.37 -14.20
CA GLY QB 16 3.92 -32.51 -15.05
C GLY QB 16 2.61 -32.50 -14.30
N LYS QB 17 1.53 -32.89 -14.97
CA LYS QB 17 0.22 -32.91 -14.32
C LYS QB 17 0.07 -34.10 -13.39
N ASP QB 18 0.42 -35.30 -13.87
CA ASP QB 18 0.31 -36.52 -13.08
C ASP QB 18 1.58 -36.79 -12.27
N SER QB 19 2.06 -35.76 -11.56
CA SER QB 19 3.27 -35.89 -10.77
C SER QB 19 3.04 -35.37 -9.35
N SER QB 20 4.09 -34.79 -8.75
CA SER QB 20 4.00 -34.24 -7.40
C SER QB 20 4.04 -32.72 -7.35
N VAL QB 21 4.24 -32.06 -8.50
CA VAL QB 21 4.29 -30.60 -8.50
C VAL QB 21 2.91 -30.01 -8.26
N VAL QB 22 1.86 -30.67 -8.77
CA VAL QB 22 0.50 -30.15 -8.60
C VAL QB 22 0.03 -30.23 -7.15
N LYS QB 23 0.68 -31.04 -6.32
CA LYS QB 23 0.30 -31.15 -4.92
C LYS QB 23 0.98 -30.13 -4.03
N TRP QB 24 2.16 -29.63 -4.42
CA TRP QB 24 2.85 -28.64 -3.61
C TRP QB 24 2.37 -27.22 -3.93
N VAL QB 25 1.86 -26.98 -5.13
CA VAL QB 25 1.39 -25.65 -5.51
C VAL QB 25 -0.06 -25.40 -5.12
N VAL QB 26 -0.74 -26.41 -4.55
CA VAL QB 26 -2.14 -26.24 -4.16
C VAL QB 26 -2.28 -25.92 -2.67
N LEU QB 27 -1.30 -26.28 -1.84
CA LEU QB 27 -1.35 -26.00 -0.41
C LEU QB 27 -0.70 -24.68 -0.03
N ALA QB 28 0.05 -24.06 -0.96
CA ALA QB 28 0.70 -22.79 -0.65
C ALA QB 28 -0.28 -21.63 -0.57
N GLU QB 29 -1.45 -21.75 -1.20
CA GLU QB 29 -2.42 -20.67 -1.16
C GLU QB 29 -3.17 -20.66 0.17
N VAL QB 30 -3.59 -21.83 0.64
CA VAL QB 30 -4.30 -21.91 1.91
C VAL QB 30 -3.37 -21.70 3.09
N LEU QB 31 -2.06 -21.87 2.89
CA LEU QB 31 -1.10 -21.69 3.98
C LEU QB 31 -0.93 -20.23 4.35
N VAL QB 32 -1.05 -19.33 3.36
CA VAL QB 32 -0.86 -17.90 3.60
C VAL QB 32 -2.13 -17.09 3.33
N GLY QB 33 -3.09 -17.62 2.59
CA GLY QB 33 -4.31 -16.89 2.30
C GLY QB 33 -5.36 -17.02 3.37
N ALA QB 34 -5.30 -18.11 4.14
CA ALA QB 34 -6.26 -18.37 5.21
C ALA QB 34 -5.75 -17.91 6.57
N VAL QB 35 -4.57 -17.31 6.64
CA VAL QB 35 -4.01 -16.83 7.90
C VAL QB 35 -3.79 -15.33 7.91
N MET QB 36 -4.00 -14.63 6.80
CA MET QB 36 -3.80 -13.19 6.73
C MET QB 36 -5.03 -12.40 7.16
N TYR QB 37 -5.98 -13.05 7.83
CA TYR QB 37 -7.16 -12.36 8.36
C TYR QB 37 -6.87 -11.56 9.62
N MET QB 38 -5.64 -11.61 10.14
CA MET QB 38 -5.30 -10.87 11.35
C MET QB 38 -5.08 -9.40 11.06
N MET QB 39 -4.46 -9.08 9.93
CA MET QB 39 -4.16 -7.71 9.55
C MET QB 39 -5.14 -7.13 8.52
N THR QB 40 -5.42 -7.88 7.45
CA THR QB 40 -6.30 -7.41 6.39
C THR QB 40 -7.77 -7.67 6.74
N LYS QB 41 -8.16 -8.94 6.81
CA LYS QB 41 -9.53 -9.35 7.10
C LYS QB 41 -10.50 -8.73 6.08
N ASN QB 42 -10.32 -9.13 4.83
CA ASN QB 42 -11.14 -8.64 3.73
C ASN QB 42 -11.27 -9.73 2.68
N VAL QB 43 -12.23 -9.55 1.78
CA VAL QB 43 -12.45 -10.49 0.68
C VAL QB 43 -11.65 -9.98 -0.52
N LYS QB 44 -10.41 -10.44 -0.66
CA LYS QB 44 -9.55 -10.00 -1.74
C LYS QB 44 -8.79 -11.17 -2.36
N PHE QB 45 -8.24 -12.04 -1.52
CA PHE QB 45 -7.45 -13.18 -1.99
C PHE QB 45 -8.34 -14.41 -2.17
N LEU QB 46 -9.39 -14.24 -2.97
CA LEU QB 46 -10.33 -15.31 -3.27
C LEU QB 46 -10.42 -15.63 -4.76
N ALA QB 47 -9.68 -14.93 -5.61
CA ALA QB 47 -9.71 -15.18 -7.05
C ALA QB 47 -8.67 -16.21 -7.49
N GLY QB 48 -8.07 -16.94 -6.56
CA GLY QB 48 -7.08 -17.95 -6.87
C GLY QB 48 -7.53 -19.38 -6.72
N PHE QB 49 -8.82 -19.60 -6.46
CA PHE QB 49 -9.37 -20.94 -6.31
C PHE QB 49 -9.85 -21.54 -7.63
N ALA QB 50 -9.36 -21.03 -8.76
CA ALA QB 50 -9.77 -21.54 -10.06
C ALA QB 50 -8.63 -21.42 -11.06
N ILE QB 51 -7.67 -20.52 -10.79
CA ILE QB 51 -6.54 -20.34 -11.70
C ILE QB 51 -5.45 -21.37 -11.52
N ILE QB 52 -5.60 -22.29 -10.55
CA ILE QB 52 -4.58 -23.30 -10.34
C ILE QB 52 -4.65 -24.37 -11.43
N SER QB 53 -5.86 -24.86 -11.72
CA SER QB 53 -6.02 -25.87 -12.75
C SER QB 53 -5.91 -25.29 -14.16
N VAL QB 54 -6.04 -23.98 -14.31
CA VAL QB 54 -5.92 -23.35 -15.61
C VAL QB 54 -4.46 -23.11 -15.99
N PHE QB 55 -3.66 -22.64 -15.05
CA PHE QB 55 -2.25 -22.37 -15.33
C PHE QB 55 -1.48 -23.65 -15.61
N ILE QB 56 -1.88 -24.77 -15.01
CA ILE QB 56 -1.19 -26.04 -15.23
C ILE QB 56 -1.58 -26.67 -16.56
N ALA QB 57 -2.71 -26.25 -17.15
CA ALA QB 57 -3.15 -26.80 -18.42
C ALA QB 57 -2.66 -25.99 -19.63
N VAL QB 58 -2.44 -24.69 -19.45
CA VAL QB 58 -1.97 -23.85 -20.54
C VAL QB 58 -0.45 -23.86 -20.69
N GLY QB 59 0.25 -24.65 -19.87
CA GLY QB 59 1.70 -24.72 -19.95
C GLY QB 59 2.21 -26.12 -20.23
N MET QB 60 1.48 -27.13 -19.75
CA MET QB 60 1.89 -28.51 -19.96
C MET QB 60 1.50 -29.02 -21.34
N ALA QB 61 0.36 -28.58 -21.87
CA ALA QB 61 -0.11 -29.00 -23.18
C ALA QB 61 0.43 -28.14 -24.32
N VAL QB 62 1.56 -27.46 -24.11
CA VAL QB 62 2.14 -26.63 -25.15
C VAL QB 62 2.88 -27.50 -26.17
N VAL QB 63 3.84 -28.29 -25.70
CA VAL QB 63 4.62 -29.17 -26.56
C VAL QB 63 4.01 -30.57 -26.54
N GLY QB 64 4.07 -31.22 -25.39
CA GLY QB 64 3.52 -32.56 -25.25
C GLY QB 64 4.33 -33.62 -25.98
N LEU QB 65 5.64 -33.57 -25.80
CA LEU QB 65 6.56 -34.53 -26.44
C LEU QB 65 6.40 -34.54 -27.96
N GLN RB 1 39.05 -24.62 -50.20
CA GLN RB 1 38.21 -25.75 -49.79
C GLN RB 1 36.90 -25.25 -49.16
N ASP RB 2 36.12 -26.18 -48.63
CA ASP RB 2 34.84 -25.85 -48.01
C ASP RB 2 35.04 -25.65 -46.50
N LEU RB 3 33.95 -25.56 -45.76
CA LEU RB 3 33.99 -25.36 -44.33
C LEU RB 3 34.05 -26.71 -43.60
N MET RB 4 34.51 -26.67 -42.35
CA MET RB 4 34.62 -27.87 -41.53
C MET RB 4 33.90 -27.74 -40.20
N ALA RB 5 33.20 -26.63 -39.95
CA ALA RB 5 32.50 -26.46 -38.68
C ALA RB 5 31.14 -27.17 -38.66
N SER RB 6 30.63 -27.56 -39.82
CA SER RB 6 29.34 -28.25 -39.89
C SER RB 6 29.48 -29.59 -40.58
N GLY RB 7 28.52 -29.92 -41.46
CA GLY RB 7 28.57 -31.18 -42.18
C GLY RB 7 28.08 -32.37 -41.40
N ASN RB 8 27.42 -32.17 -40.27
CA ASN RB 8 26.94 -33.27 -39.44
C ASN RB 8 25.49 -33.14 -39.02
N THR RB 9 24.92 -31.93 -39.01
CA THR RB 9 23.52 -31.69 -38.61
C THR RB 9 23.26 -32.26 -37.22
N THR RB 10 24.18 -32.00 -36.29
CA THR RB 10 24.07 -32.46 -34.91
C THR RB 10 23.55 -31.38 -33.97
N VAL RB 11 24.08 -30.15 -34.09
CA VAL RB 11 23.63 -29.06 -33.23
C VAL RB 11 22.23 -28.60 -33.61
N LYS RB 12 21.80 -28.84 -34.86
CA LYS RB 12 20.45 -28.44 -35.26
C LYS RB 12 19.39 -29.32 -34.62
N ALA RB 13 19.67 -30.62 -34.49
CA ALA RB 13 18.74 -31.54 -33.86
C ALA RB 13 18.75 -31.48 -32.34
N THR RB 14 19.73 -30.79 -31.75
CA THR RB 14 19.83 -30.66 -30.30
C THR RB 14 19.24 -29.35 -29.80
N PHE RB 15 19.57 -28.23 -30.44
CA PHE RB 15 19.07 -26.91 -30.06
C PHE RB 15 18.13 -26.43 -31.17
N GLY RB 16 16.90 -26.91 -31.12
CA GLY RB 16 15.92 -26.53 -32.11
C GLY RB 16 14.51 -26.62 -31.55
N LYS RB 17 13.54 -26.56 -32.47
CA LYS RB 17 12.14 -26.63 -32.08
C LYS RB 17 11.72 -28.06 -31.76
N ASP RB 18 12.07 -29.00 -32.65
CA ASP RB 18 11.72 -30.41 -32.47
C ASP RB 18 12.80 -31.16 -31.68
N SER RB 19 13.21 -30.59 -30.54
CA SER RB 19 14.23 -31.21 -29.71
C SER RB 19 13.78 -31.23 -28.25
N SER RB 20 14.74 -31.14 -27.33
CA SER RB 20 14.44 -31.16 -25.90
C SER RB 20 14.59 -29.79 -25.24
N VAL RB 21 15.05 -28.77 -25.97
CA VAL RB 21 15.20 -27.45 -25.37
C VAL RB 21 13.85 -26.81 -25.08
N VAL RB 22 12.85 -27.07 -25.94
CA VAL RB 22 11.53 -26.47 -25.75
C VAL RB 22 10.82 -27.03 -24.53
N LYS RB 23 11.25 -28.17 -24.01
CA LYS RB 23 10.64 -28.76 -22.83
C LYS RB 23 11.24 -28.27 -21.53
N TRP RB 24 12.55 -27.98 -21.51
CA TRP RB 24 13.20 -27.49 -20.31
C TRP RB 24 12.93 -26.02 -20.04
N VAL RB 25 12.46 -25.28 -21.06
CA VAL RB 25 12.18 -23.85 -20.90
C VAL RB 25 10.72 -23.57 -20.57
N VAL RB 26 9.83 -24.56 -20.71
CA VAL RB 26 8.42 -24.35 -20.41
C VAL RB 26 8.08 -24.65 -18.95
N LEU RB 27 8.89 -25.46 -18.26
CA LEU RB 27 8.66 -25.78 -16.86
C LEU RB 27 9.35 -24.83 -15.91
N ALA RB 28 10.26 -23.98 -16.39
CA ALA RB 28 10.95 -23.04 -15.51
C ALA RB 28 10.05 -21.89 -15.09
N GLU RB 29 9.00 -21.58 -15.85
CA GLU RB 29 8.10 -20.51 -15.48
C GLU RB 29 7.14 -20.94 -14.38
N VAL RB 30 6.59 -22.15 -14.50
CA VAL RB 30 5.67 -22.65 -13.48
C VAL RB 30 6.39 -23.02 -12.20
N LEU RB 31 7.71 -23.19 -12.25
CA LEU RB 31 8.46 -23.54 -11.05
C LEU RB 31 8.56 -22.36 -10.09
N VAL RB 32 8.56 -21.13 -10.60
CA VAL RB 32 8.66 -19.94 -9.77
C VAL RB 32 7.46 -19.02 -9.91
N GLY RB 33 6.75 -19.05 -11.03
CA GLY RB 33 5.60 -18.17 -11.23
C GLY RB 33 4.35 -18.66 -10.54
N ALA RB 34 4.31 -19.96 -10.21
CA ALA RB 34 3.16 -20.54 -9.55
C ALA RB 34 3.34 -20.68 -8.04
N VAL RB 35 4.52 -20.36 -7.50
CA VAL RB 35 4.78 -20.45 -6.08
C VAL RB 35 5.09 -19.10 -5.46
N MET RB 36 5.08 -18.02 -6.25
CA MET RB 36 5.35 -16.69 -5.75
C MET RB 36 4.12 -15.99 -5.17
N TYR RB 37 3.04 -16.75 -4.93
CA TYR RB 37 1.84 -16.21 -4.29
C TYR RB 37 1.97 -16.11 -2.77
N MET RB 38 3.14 -16.40 -2.21
CA MET RB 38 3.32 -16.35 -0.77
C MET RB 38 3.57 -14.91 -0.31
N MET RB 39 4.67 -14.31 -0.76
CA MET RB 39 5.03 -12.95 -0.35
C MET RB 39 4.28 -11.89 -1.16
N THR RB 40 4.19 -12.06 -2.48
CA THR RB 40 3.55 -11.08 -3.33
C THR RB 40 2.03 -11.25 -3.35
N LYS RB 41 1.56 -12.37 -3.91
CA LYS RB 41 0.13 -12.66 -4.05
C LYS RB 41 -0.58 -11.55 -4.83
N ASN RB 42 -0.18 -11.41 -6.09
CA ASN RB 42 -0.75 -10.41 -6.97
C ASN RB 42 -0.70 -10.92 -8.41
N VAL RB 43 -1.67 -10.47 -9.20
CA VAL RB 43 -1.74 -10.84 -10.61
C VAL RB 43 -0.68 -10.04 -11.38
N LYS RB 44 0.48 -10.65 -11.60
CA LYS RB 44 1.58 -9.96 -12.27
C LYS RB 44 2.26 -10.87 -13.28
N PHE RB 45 2.73 -12.04 -12.83
CA PHE RB 45 3.46 -12.98 -13.69
C PHE RB 45 2.47 -13.82 -14.48
N LEU RB 46 1.76 -13.14 -15.40
CA LEU RB 46 0.80 -13.80 -16.26
C LEU RB 46 1.01 -13.51 -17.74
N ALA RB 47 1.94 -12.62 -18.10
CA ALA RB 47 2.19 -12.29 -19.50
C ALA RB 47 3.21 -13.20 -20.16
N GLY RB 48 3.66 -14.25 -19.47
CA GLY RB 48 4.63 -15.16 -20.03
C GLY RB 48 4.09 -16.46 -20.57
N PHE RB 49 2.76 -16.60 -20.64
CA PHE RB 49 2.12 -17.81 -21.14
C PHE RB 49 1.84 -17.73 -22.64
N ALA RB 50 2.49 -16.82 -23.36
CA ALA RB 50 2.27 -16.68 -24.79
C ALA RB 50 3.56 -16.29 -25.50
N ILE RB 51 4.53 -15.74 -24.74
CA ILE RB 51 5.80 -15.33 -25.33
C ILE RB 51 6.78 -16.47 -25.48
N ILE RB 52 6.41 -17.68 -25.07
CA ILE RB 52 7.31 -18.83 -25.19
C ILE RB 52 7.37 -19.31 -26.63
N SER RB 53 6.20 -19.46 -27.26
CA SER RB 53 6.15 -19.91 -28.66
C SER RB 53 6.56 -18.81 -29.63
N VAL RB 54 6.54 -17.55 -29.20
CA VAL RB 54 6.92 -16.44 -30.07
C VAL RB 54 8.43 -16.27 -30.11
N PHE RB 55 9.08 -16.35 -28.95
CA PHE RB 55 10.54 -16.18 -28.91
C PHE RB 55 11.26 -17.33 -29.58
N ILE RB 56 10.68 -18.53 -29.56
CA ILE RB 56 11.31 -19.68 -30.21
C ILE RB 56 11.13 -19.66 -31.72
N ALA RB 57 10.16 -18.90 -32.23
CA ALA RB 57 9.92 -18.83 -33.66
C ALA RB 57 10.69 -17.70 -34.33
N VAL RB 58 10.98 -16.62 -33.61
CA VAL RB 58 11.73 -15.49 -34.17
C VAL RB 58 13.23 -15.67 -34.04
N GLY RB 59 13.70 -16.81 -33.53
CA GLY RB 59 15.12 -17.04 -33.37
C GLY RB 59 15.60 -18.27 -34.11
N MET RB 60 14.73 -19.27 -34.24
CA MET RB 60 15.09 -20.50 -34.93
C MET RB 60 14.95 -20.37 -36.44
N ALA RB 61 13.94 -19.63 -36.91
CA ALA RB 61 13.70 -19.44 -38.32
C ALA RB 61 14.48 -18.27 -38.92
N VAL RB 62 15.60 -17.89 -38.31
CA VAL RB 62 16.39 -16.79 -38.82
C VAL RB 62 17.24 -17.24 -40.00
N VAL RB 63 18.04 -18.29 -39.81
CA VAL RB 63 18.89 -18.81 -40.87
C VAL RB 63 18.20 -20.01 -41.52
N GLY RB 64 18.02 -21.07 -40.76
CA GLY RB 64 17.38 -22.27 -41.27
C GLY RB 64 18.23 -23.04 -42.25
N LEU RB 65 19.49 -23.26 -41.89
CA LEU RB 65 20.44 -23.99 -42.73
C LEU RB 65 20.57 -23.36 -44.12
N GLN SB 1 57.68 -10.13 -54.99
CA GLN SB 1 56.69 -11.17 -55.21
C GLN SB 1 55.34 -10.77 -54.63
N ASP SB 2 54.39 -11.71 -54.65
CA ASP SB 2 53.05 -11.46 -54.13
C ASP SB 2 52.97 -11.92 -52.68
N LEU SB 3 51.75 -12.05 -52.16
CA LEU SB 3 51.53 -12.48 -50.80
C LEU SB 3 51.33 -13.99 -50.73
N MET SB 4 51.54 -14.54 -49.53
CA MET SB 4 51.39 -15.97 -49.30
C MET SB 4 50.45 -16.30 -48.16
N ALA SB 5 49.78 -15.30 -47.57
CA ALA SB 5 48.87 -15.56 -46.47
C ALA SB 5 47.48 -15.97 -46.93
N SER SB 6 47.16 -15.79 -48.22
CA SER SB 6 45.85 -16.17 -48.74
C SER SB 6 46.00 -17.08 -49.96
N GLY SB 7 45.14 -16.88 -50.96
CA GLY SB 7 45.20 -17.69 -52.16
C GLY SB 7 44.56 -19.04 -52.05
N ASN SB 8 43.69 -19.26 -51.06
CA ASN SB 8 43.02 -20.55 -50.89
C ASN SB 8 41.53 -20.36 -50.67
N THR SB 9 41.14 -19.17 -50.19
CA THR SB 9 39.74 -18.84 -49.90
C THR SB 9 39.11 -19.88 -48.98
N THR SB 10 39.83 -20.22 -47.91
CA THR SB 10 39.38 -21.18 -46.93
C THR SB 10 38.75 -20.53 -45.70
N VAL SB 11 39.40 -19.50 -45.16
CA VAL SB 11 38.86 -18.81 -43.99
C VAL SB 11 37.62 -18.00 -44.35
N LYS SB 12 37.47 -17.61 -45.61
CA LYS SB 12 36.29 -16.84 -46.00
C LYS SB 12 35.03 -17.71 -46.00
N ALA SB 13 35.16 -18.97 -46.42
CA ALA SB 13 34.03 -19.88 -46.43
C ALA SB 13 33.74 -20.50 -45.07
N THR SB 14 34.64 -20.33 -44.09
CA THR SB 14 34.45 -20.87 -42.75
C THR SB 14 33.88 -19.84 -41.79
N PHE SB 15 34.42 -18.63 -41.79
CA PHE SB 15 33.97 -17.54 -40.92
C PHE SB 15 33.31 -16.49 -41.80
N GLY SB 16 32.05 -16.74 -42.17
CA GLY SB 16 31.30 -15.83 -43.00
C GLY SB 16 29.81 -15.90 -42.79
N LYS SB 17 29.04 -15.32 -43.71
CA LYS SB 17 27.58 -15.33 -43.59
C LYS SB 17 27.00 -16.67 -44.01
N ASP SB 18 27.43 -17.18 -45.16
CA ASP SB 18 26.94 -18.46 -45.68
C ASP SB 18 27.78 -19.63 -45.17
N SER SB 19 28.03 -19.65 -43.86
CA SER SB 19 28.81 -20.72 -43.24
C SER SB 19 28.09 -21.28 -42.03
N SER SB 20 28.85 -21.66 -41.00
CA SER SB 20 28.30 -22.23 -39.79
C SER SB 20 28.42 -21.30 -38.59
N VAL SB 21 29.04 -20.13 -38.75
CA VAL SB 21 29.20 -19.20 -37.63
C VAL SB 21 27.87 -18.58 -37.25
N VAL SB 22 27.01 -18.31 -38.23
CA VAL SB 22 25.73 -17.67 -37.95
C VAL SB 22 24.77 -18.59 -37.19
N LYS SB 23 25.03 -19.90 -37.18
CA LYS SB 23 24.18 -20.83 -36.47
C LYS SB 23 24.59 -21.02 -35.02
N TRP SB 24 25.89 -20.95 -34.72
CA TRP SB 24 26.35 -21.10 -33.35
C TRP SB 24 26.15 -19.84 -32.51
N VAL SB 25 25.88 -18.70 -33.15
CA VAL SB 25 25.66 -17.45 -32.43
C VAL SB 25 24.18 -17.10 -32.29
N VAL SB 26 23.29 -17.83 -32.95
CA VAL SB 26 21.87 -17.53 -32.85
C VAL SB 26 21.17 -18.31 -31.75
N LEU SB 27 21.74 -19.44 -31.31
CA LEU SB 27 21.15 -20.24 -30.24
C LEU SB 27 21.75 -19.94 -28.87
N ALA SB 28 22.76 -19.06 -28.79
CA ALA SB 28 23.36 -18.73 -27.51
C ALA SB 28 22.50 -17.78 -26.70
N GLU SB 29 21.61 -17.02 -27.35
CA GLU SB 29 20.76 -16.09 -26.61
C GLU SB 29 19.59 -16.83 -25.95
N VAL SB 30 18.98 -17.77 -26.67
CA VAL SB 30 17.88 -18.53 -26.11
C VAL SB 30 18.35 -19.51 -25.05
N LEU SB 31 19.65 -19.83 -25.02
CA LEU SB 31 20.17 -20.75 -24.02
C LEU SB 31 20.21 -20.12 -22.64
N VAL SB 32 20.40 -18.81 -22.56
CA VAL SB 32 20.48 -18.12 -21.27
C VAL SB 32 19.43 -17.03 -21.11
N GLY SB 33 18.97 -16.38 -22.18
CA GLY SB 33 17.98 -15.32 -22.04
C GLY SB 33 16.58 -15.84 -21.83
N ALA SB 34 16.35 -17.11 -22.16
CA ALA SB 34 15.03 -17.72 -22.00
C ALA SB 34 14.92 -18.59 -20.75
N VAL SB 35 15.99 -18.73 -19.98
CA VAL SB 35 15.96 -19.53 -18.76
C VAL SB 35 16.25 -18.70 -17.52
N MET SB 36 16.50 -17.39 -17.68
CA MET SB 36 16.79 -16.53 -16.54
C MET SB 36 15.53 -16.00 -15.86
N TYR SB 37 14.36 -16.57 -16.17
CA TYR SB 37 13.12 -16.19 -15.51
C TYR SB 37 13.04 -16.69 -14.07
N MET SB 38 13.94 -17.59 -13.65
CA MET SB 38 13.89 -18.12 -12.31
C MET SB 38 14.36 -17.10 -11.28
N MET SB 39 15.32 -16.25 -11.64
CA MET SB 39 15.89 -15.26 -10.73
C MET SB 39 15.33 -13.86 -10.97
N THR SB 40 15.30 -13.40 -12.22
CA THR SB 40 14.85 -12.04 -12.53
C THR SB 40 13.36 -11.99 -12.83
N LYS SB 41 12.94 -12.65 -13.91
CA LYS SB 41 11.55 -12.64 -14.38
C LYS SB 41 11.07 -11.21 -14.63
N ASN SB 42 11.73 -10.58 -15.61
CA ASN SB 42 11.43 -9.21 -16.01
C ASN SB 42 11.74 -9.04 -17.48
N VAL SB 43 10.99 -8.16 -18.13
CA VAL SB 43 11.21 -7.86 -19.55
C VAL SB 43 12.47 -7.03 -19.68
N LYS SB 44 13.59 -7.68 -20.00
CA LYS SB 44 14.87 -6.99 -20.11
C LYS SB 44 15.66 -7.48 -21.31
N PHE SB 45 15.93 -8.78 -21.37
CA PHE SB 45 16.73 -9.37 -22.45
C PHE SB 45 15.83 -9.66 -23.65
N LEU SB 46 15.33 -8.57 -24.25
CA LEU SB 46 14.49 -8.67 -25.43
C LEU SB 46 14.99 -7.84 -26.62
N ALA SB 47 16.05 -7.07 -26.45
CA ALA SB 47 16.57 -6.24 -27.54
C ALA SB 47 17.63 -6.95 -28.38
N GLY SB 48 17.83 -8.25 -28.16
CA GLY SB 48 18.81 -9.01 -28.91
C GLY SB 48 18.28 -9.81 -30.07
N PHE SB 49 16.98 -9.68 -30.38
CA PHE SB 49 16.37 -10.41 -31.48
C PHE SB 49 16.39 -9.62 -32.79
N ALA SB 50 17.28 -8.64 -32.91
CA ALA SB 50 17.37 -7.84 -34.12
C ALA SB 50 18.82 -7.42 -34.38
N ILE SB 51 19.65 -7.46 -33.34
CA ILE SB 51 21.05 -7.07 -33.49
C ILE SB 51 21.94 -8.19 -33.99
N ILE SB 52 21.37 -9.38 -34.24
CA ILE SB 52 22.16 -10.49 -34.74
C ILE SB 52 22.47 -10.30 -36.22
N SER SB 53 21.45 -9.97 -37.01
CA SER SB 53 21.65 -9.75 -38.45
C SER SB 53 22.34 -8.43 -38.74
N VAL SB 54 22.34 -7.50 -37.80
CA VAL SB 54 23.00 -6.21 -38.02
C VAL SB 54 24.49 -6.30 -37.76
N PHE SB 55 24.89 -6.98 -36.68
CA PHE SB 55 26.31 -7.09 -36.37
C PHE SB 55 27.05 -7.95 -37.39
N ILE SB 56 26.38 -8.93 -37.99
CA ILE SB 56 27.02 -9.78 -38.99
C ILE SB 56 27.14 -9.08 -40.34
N ALA SB 57 26.35 -8.03 -40.58
CA ALA SB 57 26.40 -7.32 -41.84
C ALA SB 57 27.39 -6.16 -41.83
N VAL SB 58 27.64 -5.56 -40.65
CA VAL SB 58 28.58 -4.45 -40.56
C VAL SB 58 30.00 -4.91 -40.32
N GLY SB 59 30.26 -6.21 -40.31
CA GLY SB 59 31.60 -6.72 -40.10
C GLY SB 59 32.10 -7.58 -41.24
N MET SB 60 31.18 -8.26 -41.92
CA MET SB 60 31.57 -9.13 -43.03
C MET SB 60 31.72 -8.34 -44.33
N ALA SB 61 30.90 -7.31 -44.54
CA ALA SB 61 30.95 -6.50 -45.74
C ALA SB 61 31.94 -5.34 -45.63
N VAL SB 62 32.94 -5.45 -44.77
CA VAL SB 62 33.92 -4.38 -44.62
C VAL SB 62 34.93 -4.41 -45.76
N VAL SB 63 35.59 -5.56 -45.94
CA VAL SB 63 36.59 -5.70 -47.00
C VAL SB 63 35.94 -6.40 -48.19
N GLY SB 64 35.54 -7.65 -48.01
CA GLY SB 64 34.91 -8.41 -49.08
C GLY SB 64 35.87 -8.82 -50.17
N LEU SB 65 37.03 -9.35 -49.78
CA LEU SB 65 38.07 -9.79 -50.71
C LEU SB 65 38.49 -8.66 -51.66
N GLN TB 1 77.80 2.36 -50.46
CA GLN TB 1 76.79 1.63 -51.23
C GLN TB 1 75.39 1.94 -50.71
N ASP TB 2 74.40 1.25 -51.25
CA ASP TB 2 73.01 1.42 -50.86
C ASP TB 2 72.64 0.38 -49.80
N LEU TB 3 71.34 0.28 -49.50
CA LEU TB 3 70.85 -0.67 -48.52
C LEU TB 3 70.54 -2.00 -49.17
N MET TB 4 70.48 -3.05 -48.33
CA MET TB 4 70.19 -4.39 -48.79
C MET TB 4 69.03 -5.04 -48.06
N ALA TB 5 68.35 -4.32 -47.17
CA ALA TB 5 67.23 -4.88 -46.43
C ALA TB 5 65.93 -4.84 -47.23
N SER TB 6 65.87 -4.06 -48.31
CA SER TB 6 64.67 -3.97 -49.12
C SER TB 6 64.96 -4.34 -50.58
N GLY TB 7 64.39 -3.58 -51.50
CA GLY TB 7 64.60 -3.84 -52.91
C GLY TB 7 63.81 -4.98 -53.50
N ASN TB 8 62.79 -5.47 -52.78
CA ASN TB 8 61.97 -6.57 -53.27
C ASN TB 8 60.48 -6.31 -53.21
N THR TB 9 60.00 -5.39 -52.37
CA THR TB 9 58.59 -5.07 -52.24
C THR TB 9 57.76 -6.33 -51.92
N THR TB 10 58.27 -7.12 -50.98
CA THR TB 10 57.61 -8.35 -50.57
C THR TB 10 56.81 -8.19 -49.29
N VAL TB 11 57.39 -7.54 -48.27
CA VAL TB 11 56.69 -7.33 -47.02
C VAL TB 11 55.58 -6.30 -47.16
N LYS TB 12 55.67 -5.41 -48.15
CA LYS TB 12 54.63 -4.41 -48.34
C LYS TB 12 53.36 -5.03 -48.89
N ALA TB 13 53.49 -6.03 -49.77
CA ALA TB 13 52.33 -6.71 -50.34
C ALA TB 13 51.77 -7.78 -49.41
N THR TB 14 52.47 -8.12 -48.33
CA THR TB 14 52.01 -9.12 -47.38
C THR TB 14 51.35 -8.50 -46.16
N PHE TB 15 51.96 -7.48 -45.58
CA PHE TB 15 51.42 -6.79 -44.40
C PHE TB 15 51.02 -5.38 -44.83
N GLY TB 16 49.83 -5.28 -45.41
CA GLY TB 16 49.33 -4.00 -45.86
C GLY TB 16 47.82 -3.98 -45.90
N LYS TB 17 47.28 -2.93 -46.55
CA LYS TB 17 45.84 -2.79 -46.66
C LYS TB 17 45.27 -3.73 -47.72
N ASP TB 18 45.89 -3.76 -48.90
CA ASP TB 18 45.43 -4.61 -50.00
C ASP TB 18 46.07 -6.00 -49.94
N SER TB 19 46.03 -6.61 -48.75
CA SER TB 19 46.60 -7.94 -48.55
C SER TB 19 45.63 -8.84 -47.81
N SER TB 20 46.15 -9.73 -46.97
CA SER TB 20 45.32 -10.64 -46.19
C SER TB 20 45.29 -10.31 -44.71
N VAL TB 21 46.00 -9.27 -44.27
CA VAL TB 21 46.01 -8.91 -42.86
C VAL TB 21 44.68 -8.30 -42.45
N VAL TB 22 44.05 -7.53 -43.35
CA VAL TB 22 42.80 -6.85 -43.01
C VAL TB 22 41.65 -7.85 -42.86
N LYS TB 23 41.80 -9.07 -43.37
CA LYS TB 23 40.74 -10.07 -43.25
C LYS TB 23 40.84 -10.88 -41.96
N TRP TB 24 42.06 -11.15 -41.49
CA TRP TB 24 42.22 -11.92 -40.26
C TRP TB 24 41.97 -11.08 -39.00
N VAL TB 25 41.91 -9.76 -39.14
CA VAL TB 25 41.67 -8.89 -37.99
C VAL TB 25 40.23 -8.42 -37.88
N VAL TB 26 39.40 -8.69 -38.90
CA VAL TB 26 38.00 -8.26 -38.85
C VAL TB 26 37.08 -9.33 -38.30
N LEU TB 27 37.48 -10.60 -38.35
CA LEU TB 27 36.65 -11.69 -37.83
C LEU TB 27 37.01 -12.07 -36.39
N ALA TB 28 38.04 -11.48 -35.82
CA ALA TB 28 38.42 -11.80 -34.44
C ALA TB 28 37.48 -11.18 -33.42
N GLU TB 29 36.80 -10.09 -33.78
CA GLU TB 29 35.88 -9.45 -32.84
C GLU TB 29 34.57 -10.22 -32.74
N VAL TB 30 34.03 -10.65 -33.89
CA VAL TB 30 32.78 -11.40 -33.89
C VAL TB 30 32.96 -12.81 -33.33
N LEU TB 31 34.21 -13.30 -33.28
CA LEU TB 31 34.43 -14.64 -32.75
C LEU TB 31 34.27 -14.70 -31.24
N VAL TB 32 34.51 -13.58 -30.56
CA VAL TB 32 34.39 -13.54 -29.10
C VAL TB 32 33.42 -12.48 -28.61
N GLY TB 33 33.21 -11.40 -29.34
CA GLY TB 33 32.30 -10.36 -28.90
C GLY TB 33 30.84 -10.68 -29.16
N ALA TB 34 30.59 -11.68 -30.00
CA ALA TB 34 29.24 -12.09 -30.34
C ALA TB 34 28.82 -13.37 -29.63
N VAL TB 35 29.70 -13.99 -28.86
CA VAL TB 35 29.40 -15.22 -28.14
C VAL TB 35 29.49 -15.05 -26.62
N MET TB 36 29.89 -13.86 -26.15
CA MET TB 36 30.01 -13.61 -24.72
C MET TB 36 28.69 -13.22 -24.08
N TYR TB 37 27.56 -13.41 -24.76
CA TYR TB 37 26.26 -13.14 -24.18
C TYR TB 37 25.82 -14.21 -23.18
N MET TB 38 26.58 -15.31 -23.05
CA MET TB 38 26.20 -16.37 -22.13
C MET TB 38 26.47 -15.96 -20.68
N MET TB 39 27.57 -15.25 -20.45
CA MET TB 39 27.96 -14.84 -19.10
C MET TB 39 27.70 -13.37 -18.83
N THR TB 40 27.98 -12.49 -19.78
CA THR TB 40 27.80 -11.06 -19.57
C THR TB 40 26.40 -10.60 -20.00
N LYS TB 41 26.12 -10.65 -21.30
CA LYS TB 41 24.86 -10.20 -21.88
C LYS TB 41 24.59 -8.74 -21.50
N ASN TB 42 25.47 -7.88 -22.02
CA ASN TB 42 25.39 -6.44 -21.78
C ASN TB 42 25.95 -5.72 -23.00
N VAL TB 43 25.38 -4.53 -23.28
CA VAL TB 43 25.84 -3.69 -24.37
C VAL TB 43 27.16 -3.06 -23.94
N LYS TB 44 28.28 -3.67 -24.32
CA LYS TB 44 29.59 -3.17 -23.92
C LYS TB 44 30.57 -3.23 -25.09
N PHE TB 45 30.76 -4.41 -25.66
CA PHE TB 45 31.71 -4.61 -26.75
C PHE TB 45 31.05 -4.24 -28.08
N LEU TB 46 30.76 -2.94 -28.22
CA LEU TB 46 30.17 -2.40 -29.43
C LEU TB 46 30.95 -1.25 -30.03
N ALA TB 47 32.04 -0.81 -29.40
CA ALA TB 47 32.84 0.29 -29.89
C ALA TB 47 33.98 -0.17 -30.81
N GLY TB 48 33.98 -1.43 -31.22
CA GLY TB 48 35.02 -1.95 -32.10
C GLY TB 48 34.63 -2.06 -33.56
N PHE TB 49 33.43 -1.64 -33.94
CA PHE TB 49 32.97 -1.68 -35.32
C PHE TB 49 33.31 -0.42 -36.10
N ALA TB 50 34.30 0.35 -35.64
CA ALA TB 50 34.69 1.57 -36.32
C ALA TB 50 36.18 1.83 -36.17
N ILE TB 51 36.79 1.23 -35.14
CA ILE TB 51 38.22 1.42 -34.90
C ILE TB 51 39.09 0.51 -35.76
N ILE TB 52 38.48 -0.35 -36.58
CA ILE TB 52 39.27 -1.24 -37.43
C ILE TB 52 39.85 -0.47 -38.61
N SER TB 53 39.02 0.32 -39.29
CA SER TB 53 39.49 1.09 -40.43
C SER TB 53 40.32 2.29 -40.02
N VAL TB 54 40.22 2.73 -38.77
CA VAL TB 54 41.00 3.87 -38.29
C VAL TB 54 42.40 3.46 -37.90
N PHE TB 55 42.54 2.33 -37.19
CA PHE TB 55 43.87 1.89 -36.76
C PHE TB 55 44.71 1.43 -37.94
N ILE TB 56 44.08 0.90 -38.99
CA ILE TB 56 44.83 0.45 -40.15
C ILE TB 56 45.26 1.61 -41.04
N ALA TB 57 44.62 2.77 -40.91
CA ALA TB 57 44.96 3.93 -41.72
C ALA TB 57 46.01 4.82 -41.07
N VAL TB 58 46.09 4.83 -39.73
CA VAL TB 58 47.06 5.65 -39.02
C VAL TB 58 48.40 4.94 -38.84
N GLY TB 59 48.55 3.74 -39.39
CA GLY TB 59 49.80 3.00 -39.25
C GLY TB 59 50.42 2.64 -40.58
N MET TB 60 49.59 2.39 -41.59
CA MET TB 60 50.08 2.04 -42.91
C MET TB 60 50.53 3.26 -43.71
N ALA TB 61 49.83 4.38 -43.55
CA ALA TB 61 50.15 5.61 -44.27
C ALA TB 61 51.18 6.47 -43.54
N VAL TB 62 52.01 5.87 -42.70
CA VAL TB 62 53.03 6.64 -41.98
C VAL TB 62 54.23 6.91 -42.88
N VAL TB 63 54.82 5.86 -43.44
CA VAL TB 63 55.98 6.00 -44.31
C VAL TB 63 55.51 5.95 -45.76
N GLY TB 64 54.99 4.81 -46.18
CA GLY TB 64 54.51 4.66 -47.55
C GLY TB 64 55.63 4.61 -48.57
N LEU TB 65 56.64 3.80 -48.30
CA LEU TB 65 57.80 3.64 -49.18
C LEU TB 65 58.47 4.97 -49.49
N GLN UB 1 97.71 8.33 -38.17
CA GLN UB 1 96.80 8.19 -39.30
C GLN UB 1 95.36 8.48 -38.88
N ASP UB 2 94.43 8.23 -39.79
CA ASP UB 2 93.01 8.45 -39.54
C ASP UB 2 92.36 7.15 -39.09
N LEU UB 3 91.03 7.10 -39.12
CA LEU UB 3 90.28 5.93 -38.71
C LEU UB 3 89.97 5.05 -39.92
N MET UB 4 89.68 3.78 -39.63
CA MET UB 4 89.36 2.81 -40.68
C MET UB 4 88.02 2.11 -40.47
N ALA UB 5 87.25 2.51 -39.46
CA ALA UB 5 85.96 1.87 -39.22
C ALA UB 5 84.84 2.46 -40.06
N SER UB 6 85.05 3.63 -40.67
CA SER UB 6 84.04 4.25 -41.50
C SER UB 6 84.56 4.48 -42.91
N GLY UB 7 84.18 5.59 -43.53
CA GLY UB 7 84.61 5.91 -44.87
C GLY UB 7 83.87 5.18 -45.97
N ASN UB 8 82.73 4.56 -45.67
CA ASN UB 8 81.96 3.83 -46.67
C ASN UB 8 80.50 4.24 -46.74
N THR UB 9 79.95 4.82 -45.67
CA THR UB 9 78.54 5.24 -45.61
C THR UB 9 77.61 4.08 -45.96
N THR UB 10 77.87 2.93 -45.35
CA THR UB 10 77.08 1.72 -45.57
C THR UB 10 76.03 1.52 -44.48
N VAL UB 11 76.43 1.62 -43.21
CA VAL UB 11 75.49 1.43 -42.11
C VAL UB 11 74.54 2.62 -41.99
N LYS UB 12 74.92 3.79 -42.50
CA LYS UB 12 74.04 4.95 -42.41
C LYS UB 12 72.86 4.82 -43.37
N ALA UB 13 73.09 4.23 -44.54
CA ALA UB 13 72.01 4.02 -45.51
C ALA UB 13 71.17 2.79 -45.22
N THR UB 14 71.60 1.93 -44.28
CA THR UB 14 70.88 0.72 -43.93
C THR UB 14 70.05 0.90 -42.66
N PHE UB 15 70.65 1.47 -41.62
CA PHE UB 15 69.97 1.70 -40.33
C PHE UB 15 69.78 3.21 -40.18
N GLY UB 16 68.70 3.72 -40.77
CA GLY UB 16 68.42 5.14 -40.69
C GLY UB 16 66.95 5.41 -40.93
N LYS UB 17 66.65 6.70 -41.13
CA LYS UB 17 65.26 7.11 -41.37
C LYS UB 17 64.84 6.81 -42.80
N ASP UB 18 65.67 7.16 -43.77
CA ASP UB 18 65.37 6.93 -45.18
C ASP UB 18 65.86 5.56 -45.65
N SER UB 19 65.55 4.52 -44.88
CA SER UB 19 65.97 3.17 -45.20
C SER UB 19 64.80 2.20 -45.06
N SER UB 20 65.09 0.97 -44.64
CA SER UB 20 64.08 -0.06 -44.46
C SER UB 20 63.77 -0.35 -43.00
N VAL UB 21 64.47 0.27 -42.06
CA VAL UB 21 64.20 0.01 -40.64
C VAL UB 21 62.87 0.62 -40.22
N VAL UB 22 62.50 1.77 -40.78
CA VAL UB 22 61.26 2.43 -40.40
C VAL UB 22 60.03 1.67 -40.87
N LYS UB 23 60.19 0.74 -41.81
CA LYS UB 23 59.07 -0.04 -42.30
C LYS UB 23 58.84 -1.32 -41.50
N TRP UB 24 59.91 -1.94 -40.98
CA TRP UB 24 59.78 -3.16 -40.20
C TRP UB 24 59.35 -2.89 -38.76
N VAL UB 25 59.48 -1.65 -38.28
CA VAL UB 25 59.09 -1.32 -36.91
C VAL UB 25 57.67 -0.79 -36.81
N VAL UB 26 57.00 -0.54 -37.94
CA VAL UB 26 55.65 -0.02 -37.90
C VAL UB 26 54.59 -1.12 -38.02
N LEU UB 27 54.95 -2.27 -38.58
CA LEU UB 27 54.01 -3.39 -38.73
C LEU UB 27 54.03 -4.35 -37.57
N ALA UB 28 55.01 -4.23 -36.65
CA ALA UB 28 55.07 -5.12 -35.52
C ALA UB 28 54.02 -4.81 -34.47
N GLU UB 29 53.55 -3.56 -34.40
CA GLU UB 29 52.52 -3.21 -33.42
C GLU UB 29 51.14 -3.68 -33.88
N VAL UB 30 50.83 -3.51 -35.17
CA VAL UB 30 49.54 -3.94 -35.69
C VAL UB 30 49.46 -5.47 -35.80
N LEU UB 31 50.60 -6.15 -35.78
CA LEU UB 31 50.60 -7.61 -35.89
C LEU UB 31 50.08 -8.26 -34.62
N VAL UB 32 50.32 -7.64 -33.46
CA VAL UB 32 49.88 -8.21 -32.19
C VAL UB 32 48.97 -7.28 -31.40
N GLY UB 33 49.07 -5.97 -31.54
CA GLY UB 33 48.22 -5.07 -30.79
C GLY UB 33 46.80 -4.99 -31.34
N ALA UB 34 46.62 -5.40 -32.59
CA ALA UB 34 45.32 -5.36 -33.23
C ALA UB 34 44.62 -6.71 -33.22
N VAL UB 35 45.27 -7.76 -32.73
CA VAL UB 35 44.68 -9.09 -32.66
C VAL UB 35 44.54 -9.59 -31.23
N MET UB 36 44.95 -8.81 -30.24
CA MET UB 36 44.85 -9.21 -28.84
C MET UB 36 43.48 -8.91 -28.25
N TYR UB 37 42.48 -8.60 -29.07
CA TYR UB 37 41.12 -8.39 -28.60
C TYR UB 37 40.39 -9.70 -28.31
N MET UB 38 41.01 -10.85 -28.57
CA MET UB 38 40.34 -12.13 -28.33
C MET UB 38 40.31 -12.46 -26.84
N MET UB 39 41.35 -12.11 -26.11
CA MET UB 39 41.46 -12.41 -24.69
C MET UB 39 41.21 -11.20 -23.80
N THR UB 40 41.84 -10.07 -24.09
CA THR UB 40 41.71 -8.87 -23.26
C THR UB 40 40.48 -8.05 -23.66
N LYS UB 41 40.47 -7.54 -24.90
CA LYS UB 41 39.40 -6.69 -25.41
C LYS UB 41 39.19 -5.48 -24.50
N ASN UB 42 40.21 -4.62 -24.46
CA ASN UB 42 40.18 -3.42 -23.65
C ASN UB 42 41.00 -2.33 -24.35
N VAL UB 43 40.81 -1.09 -23.90
CA VAL UB 43 41.55 0.05 -24.41
C VAL UB 43 42.83 0.16 -23.60
N LYS UB 44 43.91 -0.46 -24.10
CA LYS UB 44 45.17 -0.47 -23.39
C LYS UB 44 46.34 -0.16 -24.33
N PHE UB 45 46.48 -0.97 -25.39
CA PHE UB 45 47.60 -0.82 -26.33
C PHE UB 45 47.19 0.17 -27.43
N LEU UB 46 46.97 1.42 -27.01
CA LEU UB 46 46.61 2.48 -27.93
C LEU UB 46 47.54 3.69 -27.88
N ALA UB 47 48.48 3.73 -26.94
CA ALA UB 47 49.41 4.85 -26.83
C ALA UB 47 50.69 4.65 -27.64
N GLY UB 48 50.71 3.69 -28.55
CA GLY UB 48 51.88 3.42 -29.36
C GLY UB 48 51.81 3.93 -30.78
N PHE UB 49 50.75 4.65 -31.15
CA PHE UB 49 50.59 5.18 -32.49
C PHE UB 49 51.17 6.58 -32.65
N ALA UB 50 52.06 6.99 -31.73
CA ALA UB 50 52.66 8.32 -31.80
C ALA UB 50 54.11 8.27 -31.34
N ILE UB 51 54.48 7.22 -30.59
CA ILE UB 51 55.85 7.09 -30.10
C ILE UB 51 56.80 6.48 -31.12
N ILE UB 52 56.30 6.13 -32.30
CA ILE UB 52 57.17 5.53 -33.32
C ILE UB 52 58.03 6.60 -33.97
N SER UB 53 57.42 7.72 -34.36
CA SER UB 53 58.17 8.80 -34.98
C SER UB 53 58.99 9.60 -33.99
N VAL UB 54 58.67 9.49 -32.69
CA VAL UB 54 59.43 10.23 -31.68
C VAL UB 54 60.72 9.50 -31.32
N PHE UB 55 60.64 8.17 -31.16
CA PHE UB 55 61.82 7.39 -30.80
C PHE UB 55 62.84 7.35 -31.94
N ILE UB 56 62.37 7.41 -33.19
CA ILE UB 56 63.28 7.37 -34.32
C ILE UB 56 63.95 8.72 -34.56
N ALA UB 57 63.39 9.80 -34.01
CA ALA UB 57 63.97 11.13 -34.19
C ALA UB 57 64.95 11.51 -33.09
N VAL UB 58 64.78 10.95 -31.88
CA VAL UB 58 65.67 11.25 -30.76
C VAL UB 58 66.88 10.34 -30.72
N GLY UB 59 67.04 9.46 -31.70
CA GLY UB 59 68.17 8.55 -31.73
C GLY UB 59 69.00 8.68 -32.99
N MET UB 60 68.37 9.05 -34.10
CA MET UB 60 69.08 9.19 -35.35
C MET UB 60 69.78 10.55 -35.47
N ALA UB 61 69.17 11.61 -34.93
CA ALA UB 61 69.73 12.95 -34.99
C ALA UB 61 70.66 13.25 -33.82
N VAL UB 62 71.27 12.22 -33.23
CA VAL UB 62 72.17 12.44 -32.11
C VAL UB 62 73.55 12.88 -32.61
N VAL UB 63 74.15 12.09 -33.48
CA VAL UB 63 75.47 12.41 -34.04
C VAL UB 63 75.29 13.04 -35.41
N GLY UB 64 74.76 12.28 -36.36
CA GLY UB 64 74.55 12.79 -37.70
C GLY UB 64 75.84 12.98 -38.48
N LEU UB 65 76.70 11.96 -38.46
CA LEU UB 65 77.99 11.99 -39.16
C LEU UB 65 78.83 13.19 -38.74
N GLN VB 1 115.33 5.63 -21.70
CA GLN VB 1 114.60 6.09 -22.89
C GLN VB 1 113.13 6.35 -22.57
N ASP VB 2 112.36 6.68 -23.59
CA ASP VB 2 110.94 6.96 -23.45
C ASP VB 2 110.14 5.69 -23.73
N LEU VB 3 108.85 5.86 -24.00
CA LEU VB 3 107.97 4.74 -24.28
C LEU VB 3 107.86 4.51 -25.79
N MET VB 4 107.41 3.31 -26.16
CA MET VB 4 107.25 2.94 -27.55
C MET VB 4 105.86 2.42 -27.88
N ALA VB 5 104.91 2.49 -26.95
CA ALA VB 5 103.56 2.01 -27.21
C ALA VB 5 102.64 3.08 -27.80
N SER VB 6 103.11 4.32 -27.90
CA SER VB 6 102.30 5.39 -28.46
C SER VB 6 103.07 6.14 -29.54
N GLY VB 7 102.86 7.45 -29.64
CA GLY VB 7 103.53 8.26 -30.63
C GLY VB 7 102.98 8.14 -32.04
N ASN VB 8 101.77 7.61 -32.20
CA ASN VB 8 101.17 7.46 -33.51
C ASN VB 8 99.77 8.05 -33.62
N THR VB 9 99.07 8.24 -32.50
CA THR VB 9 97.71 8.79 -32.49
C THR VB 9 96.78 8.00 -33.40
N THR VB 10 96.85 6.68 -33.28
CA THR VB 10 96.02 5.76 -34.07
C THR VB 10 94.79 5.30 -33.32
N VAL VB 11 94.94 4.86 -32.07
CA VAL VB 11 93.79 4.40 -31.30
C VAL VB 11 92.93 5.56 -30.84
N LYS VB 12 93.49 6.77 -30.75
CA LYS VB 12 92.71 7.92 -30.33
C LYS VB 12 91.72 8.36 -31.42
N ALA VB 13 92.14 8.28 -32.68
CA ALA VB 13 91.29 8.65 -33.79
C ALA VB 13 90.30 7.56 -34.18
N THR VB 14 90.48 6.35 -33.66
CA THR VB 14 89.59 5.23 -33.94
C THR VB 14 88.56 5.01 -32.85
N PHE VB 15 88.98 5.00 -31.60
CA PHE VB 15 88.10 4.81 -30.45
C PHE VB 15 88.00 6.12 -29.69
N GLY VB 16 87.14 7.00 -30.17
CA GLY VB 16 86.95 8.29 -29.53
C GLY VB 16 85.58 8.86 -29.83
N LYS VB 17 85.41 10.15 -29.49
CA LYS VB 17 84.15 10.81 -29.71
C LYS VB 17 83.97 11.20 -31.18
N ASP VB 18 85.01 11.77 -31.79
CA ASP VB 18 84.96 12.19 -33.19
C ASP VB 18 85.41 11.07 -34.13
N SER VB 19 84.88 9.87 -33.91
CA SER VB 19 85.23 8.72 -34.73
C SER VB 19 83.97 7.98 -35.19
N SER VB 20 84.06 6.66 -35.29
CA SER VB 20 82.93 5.83 -35.71
C SER VB 20 82.33 5.01 -34.59
N VAL VB 21 82.90 5.06 -33.38
CA VAL VB 21 82.36 4.28 -32.28
C VAL VB 21 81.04 4.88 -31.80
N VAL VB 22 80.91 6.21 -31.84
CA VAL VB 22 79.69 6.85 -31.36
C VAL VB 22 78.50 6.56 -32.26
N LYS VB 23 78.73 6.10 -33.49
CA LYS VB 23 77.64 5.79 -34.40
C LYS VB 23 77.14 4.35 -34.26
N TRP VB 24 78.02 3.41 -33.87
CA TRP VB 24 77.62 2.03 -33.71
C TRP VB 24 76.97 1.76 -32.37
N VAL VB 25 77.15 2.64 -31.38
CA VAL VB 25 76.57 2.45 -30.06
C VAL VB 25 75.20 3.09 -29.93
N VAL VB 26 74.70 3.77 -30.97
CA VAL VB 26 73.40 4.40 -30.92
C VAL VB 26 72.33 3.63 -31.68
N LEU VB 27 72.71 2.80 -32.66
CA LEU VB 27 71.76 2.01 -33.41
C LEU VB 27 71.53 0.63 -32.82
N ALA VB 28 72.41 0.16 -31.93
CA ALA VB 28 72.22 -1.15 -31.32
C ALA VB 28 71.05 -1.17 -30.34
N GLU VB 29 70.68 -0.02 -29.77
CA GLU VB 29 69.56 0.02 -28.84
C GLU VB 29 68.23 -0.04 -29.56
N VAL VB 30 68.07 0.73 -30.64
CA VAL VB 30 66.82 0.74 -31.39
C VAL VB 30 66.64 -0.52 -32.22
N LEU VB 31 67.71 -1.31 -32.40
CA LEU VB 31 67.61 -2.52 -33.20
C LEU VB 31 66.76 -3.58 -32.51
N VAL VB 32 66.76 -3.62 -31.18
CA VAL VB 32 65.99 -4.62 -30.44
C VAL VB 32 65.02 -3.90 -29.49
N GLY VB 33 65.25 -2.61 -29.27
CA GLY VB 33 64.39 -1.85 -28.37
C GLY VB 33 63.07 -1.42 -28.97
N ALA VB 34 63.04 -1.14 -30.28
CA ALA VB 34 61.83 -0.71 -30.95
C ALA VB 34 61.03 -1.86 -31.54
N VAL VB 35 61.54 -3.08 -31.48
CA VAL VB 35 60.85 -4.25 -32.03
C VAL VB 35 60.44 -5.24 -30.94
N MET VB 36 60.73 -4.95 -29.67
CA MET VB 36 60.35 -5.84 -28.58
C MET VB 36 58.95 -5.56 -28.06
N TYR VB 37 58.15 -4.78 -28.79
CA TYR VB 37 56.76 -4.55 -28.43
C TYR VB 37 55.85 -5.72 -28.76
N MET VB 38 56.39 -6.81 -29.32
CA MET VB 38 55.56 -7.96 -29.68
C MET VB 38 55.18 -8.77 -28.44
N MET VB 39 56.18 -9.23 -27.68
CA MET VB 39 55.93 -10.05 -26.51
C MET VB 39 55.71 -9.21 -25.25
N THR VB 40 56.53 -8.18 -25.04
CA THR VB 40 56.43 -7.36 -23.84
C THR VB 40 55.35 -6.29 -23.97
N LYS VB 41 55.58 -5.30 -24.84
CA LYS VB 41 54.66 -4.18 -25.03
C LYS VB 41 54.40 -3.45 -23.71
N ASN VB 42 55.47 -2.86 -23.18
CA ASN VB 42 55.40 -2.12 -21.93
C ASN VB 42 56.42 -0.99 -21.96
N VAL VB 43 56.16 0.03 -21.14
CA VAL VB 43 57.07 1.17 -21.02
C VAL VB 43 58.20 0.76 -20.09
N LYS VB 44 59.31 0.28 -20.66
CA LYS VB 44 60.42 -0.20 -19.85
C LYS VB 44 61.75 0.32 -20.41
N PHE VB 45 62.07 -0.05 -21.66
CA PHE VB 45 63.33 0.32 -22.29
C PHE VB 45 63.20 1.72 -22.89
N LEU VB 46 63.09 2.71 -22.00
CA LEU VB 46 62.98 4.11 -22.40
C LEU VB 46 64.00 5.01 -21.73
N ALA VB 47 64.74 4.53 -20.73
CA ALA VB 47 65.73 5.35 -20.04
C ALA VB 47 67.11 5.30 -20.70
N GLY VB 48 67.24 4.62 -21.83
CA GLY VB 48 68.50 4.51 -22.53
C GLY VB 48 68.75 5.56 -23.58
N PHE VB 49 67.82 6.51 -23.77
CA PHE VB 49 67.97 7.58 -24.74
C PHE VB 49 68.66 8.81 -24.18
N ALA VB 50 69.42 8.66 -23.08
CA ALA VB 50 70.12 9.78 -22.48
C ALA VB 50 71.43 9.33 -21.86
N ILE VB 51 71.56 8.03 -21.60
CA ILE VB 51 72.79 7.49 -21.01
C ILE VB 51 73.87 7.24 -22.04
N ILE VB 52 73.59 7.43 -23.33
CA ILE VB 52 74.59 7.20 -24.36
C ILE VB 52 75.61 8.34 -24.38
N SER VB 53 75.13 9.59 -24.33
CA SER VB 53 76.03 10.73 -24.33
C SER VB 53 76.71 10.93 -22.99
N VAL VB 54 76.18 10.35 -21.91
CA VAL VB 54 76.78 10.51 -20.60
C VAL VB 54 77.92 9.51 -20.41
N PHE VB 55 77.71 8.25 -20.82
CA PHE VB 55 78.75 7.24 -20.65
C PHE VB 55 79.94 7.49 -21.57
N ILE VB 56 79.70 8.11 -22.72
CA ILE VB 56 80.81 8.40 -23.64
C ILE VB 56 81.62 9.60 -23.20
N ALA VB 57 81.08 10.45 -22.32
CA ALA VB 57 81.81 11.63 -21.85
C ALA VB 57 82.58 11.37 -20.57
N VAL VB 58 82.12 10.43 -19.73
CA VAL VB 58 82.81 10.12 -18.48
C VAL VB 58 83.91 9.09 -18.66
N GLY VB 59 84.15 8.64 -19.89
CA GLY VB 59 85.20 7.65 -20.13
C GLY VB 59 86.27 8.14 -21.09
N MET VB 60 85.88 9.04 -21.99
CA MET VB 60 86.84 9.56 -22.96
C MET VB 60 87.65 10.72 -22.40
N ALA VB 61 87.03 11.56 -21.57
CA ALA VB 61 87.71 12.71 -20.97
C ALA VB 61 88.41 12.38 -19.67
N VAL VB 62 88.83 11.13 -19.49
CA VAL VB 62 89.51 10.74 -18.25
C VAL VB 62 90.98 11.15 -18.31
N VAL VB 63 91.69 10.71 -19.35
CA VAL VB 63 93.11 11.04 -19.51
C VAL VB 63 93.25 12.20 -20.48
N GLY VB 64 92.85 11.99 -21.73
CA GLY VB 64 92.94 13.02 -22.74
C GLY VB 64 94.36 13.31 -23.18
N LEU VB 65 95.13 12.25 -23.42
CA LEU VB 65 96.52 12.38 -23.85
C LEU VB 65 97.35 13.22 -22.89
N GLN WB 1 128.77 -7.63 -6.43
CA GLN WB 1 128.35 -6.59 -7.37
C GLN WB 1 126.86 -6.29 -7.22
N ASP WB 2 126.39 -5.28 -7.96
CA ASP WB 2 125.00 -4.87 -7.92
C ASP WB 2 124.18 -5.72 -8.90
N LEU WB 3 122.88 -5.44 -8.97
CA LEU WB 3 122.00 -6.16 -9.86
C LEU WB 3 122.13 -5.65 -11.29
N MET WB 4 121.66 -6.46 -12.24
CA MET WB 4 121.70 -6.12 -13.65
C MET WB 4 120.33 -6.16 -14.30
N ALA WB 5 119.27 -6.41 -13.54
CA ALA WB 5 117.92 -6.44 -14.10
C ALA WB 5 117.34 -5.06 -14.31
N SER WB 6 117.85 -4.05 -13.60
CA SER WB 6 117.34 -2.69 -13.75
C SER WB 6 118.44 -1.75 -14.24
N GLY WB 7 118.34 -0.48 -13.90
CA GLY WB 7 119.33 0.51 -14.31
C GLY WB 7 119.08 1.13 -15.67
N ASN WB 8 117.96 0.83 -16.32
CA ASN WB 8 117.65 1.39 -17.62
C ASN WB 8 116.36 2.19 -17.67
N THR WB 9 115.48 2.04 -16.67
CA THR WB 9 114.20 2.75 -16.62
C THR WB 9 113.39 2.53 -17.90
N THR WB 10 113.30 1.26 -18.32
CA THR WB 10 112.58 0.88 -19.51
C THR WB 10 111.19 0.33 -19.20
N VAL WB 11 111.09 -0.62 -18.27
CA VAL WB 11 109.80 -1.18 -17.90
C VAL WB 11 108.96 -0.19 -17.11
N LYS WB 12 109.59 0.77 -16.43
CA LYS WB 12 108.84 1.74 -15.66
C LYS WB 12 108.21 2.81 -16.55
N ALA WB 13 108.95 3.28 -17.56
CA ALA WB 13 108.41 4.27 -18.48
C ALA WB 13 107.39 3.71 -19.45
N THR WB 14 107.39 2.38 -19.65
CA THR WB 14 106.45 1.72 -20.55
C THR WB 14 105.16 1.30 -19.84
N PHE WB 15 105.28 0.64 -18.70
CA PHE WB 15 104.14 0.17 -17.91
C PHE WB 15 104.05 1.04 -16.66
N GLY WB 16 103.43 2.21 -16.82
CA GLY WB 16 103.28 3.13 -15.71
C GLY WB 16 102.03 3.99 -15.80
N LYS WB 17 101.98 5.06 -15.00
CA LYS WB 17 100.81 5.94 -15.03
C LYS WB 17 100.92 6.97 -16.15
N ASP WB 18 102.10 7.55 -16.33
CA ASP WB 18 102.33 8.56 -17.36
C ASP WB 18 102.83 7.92 -18.66
N SER WB 19 102.22 6.80 -19.03
CA SER WB 19 102.60 6.10 -20.26
C SER WB 19 101.39 5.88 -21.16
N SER WB 20 101.35 4.75 -21.85
CA SER WB 20 100.25 4.42 -22.75
C SER WB 20 99.37 3.31 -22.22
N VAL WB 21 99.69 2.74 -21.06
CA VAL WB 21 98.87 1.67 -20.50
C VAL WB 21 97.54 2.20 -20.01
N VAL WB 22 97.53 3.42 -19.46
CA VAL WB 22 96.29 3.98 -18.92
C VAL WB 22 95.29 4.33 -20.02
N LYS WB 23 95.74 4.41 -21.27
CA LYS WB 23 94.84 4.73 -22.38
C LYS WB 23 94.20 3.48 -22.97
N TRP WB 24 94.95 2.37 -23.03
CA TRP WB 24 94.40 1.14 -23.58
C TRP WB 24 93.45 0.43 -22.61
N VAL WB 25 93.42 0.83 -21.35
CA VAL WB 25 92.53 0.20 -20.37
C VAL WB 25 91.28 1.02 -20.11
N VAL WB 26 91.22 2.28 -20.57
CA VAL WB 26 90.05 3.11 -20.36
C VAL WB 26 89.01 2.95 -21.46
N LEU WB 27 89.42 2.53 -22.66
CA LEU WB 27 88.49 2.33 -23.77
C LEU WB 27 88.04 0.88 -23.90
N ALA WB 28 88.61 -0.04 -23.12
CA ALA WB 28 88.19 -1.43 -23.20
C ALA WB 28 86.89 -1.71 -22.48
N GLU WB 29 86.46 -0.81 -21.58
CA GLU WB 29 85.20 -1.02 -20.86
C GLU WB 29 84.00 -0.73 -21.76
N VAL WB 30 84.09 0.32 -22.59
CA VAL WB 30 82.98 0.65 -23.48
C VAL WB 30 82.87 -0.34 -24.63
N LEU WB 31 83.93 -1.10 -24.91
CA LEU WB 31 83.90 -2.05 -26.02
C LEU WB 31 83.19 -3.34 -25.66
N VAL WB 32 83.23 -3.74 -24.39
CA VAL WB 32 82.59 -4.98 -23.96
C VAL WB 32 81.50 -4.77 -22.92
N GLY WB 33 81.45 -3.61 -22.25
CA GLY WB 33 80.45 -3.37 -21.23
C GLY WB 33 79.24 -2.62 -21.74
N ALA WB 34 79.46 -1.66 -22.64
CA ALA WB 34 78.39 -0.86 -23.20
C ALA WB 34 77.78 -1.48 -24.45
N VAL WB 35 78.11 -2.72 -24.77
CA VAL WB 35 77.56 -3.39 -25.95
C VAL WB 35 76.59 -4.50 -25.60
N MET WB 36 76.45 -4.84 -24.32
CA MET WB 36 75.52 -5.90 -23.90
C MET WB 36 74.10 -5.40 -23.69
N TYR WB 37 73.79 -4.17 -24.12
CA TYR WB 37 72.43 -3.65 -24.03
C TYR WB 37 71.49 -4.32 -25.03
N MET WB 38 72.03 -5.07 -26.00
CA MET WB 38 71.17 -5.72 -26.99
C MET WB 38 70.54 -6.99 -26.45
N MET WB 39 71.24 -7.72 -25.58
CA MET WB 39 70.74 -8.97 -25.02
C MET WB 39 70.20 -8.81 -23.61
N THR WB 40 71.02 -8.31 -22.68
CA THR WB 40 70.62 -8.18 -21.29
C THR WB 40 69.83 -6.89 -21.06
N LYS WB 41 70.46 -5.74 -21.29
CA LYS WB 41 69.86 -4.41 -21.08
C LYS WB 41 69.40 -4.27 -19.62
N ASN WB 42 70.40 -4.12 -18.75
CA ASN WB 42 70.16 -3.96 -17.32
C ASN WB 42 71.25 -3.06 -16.74
N VAL WB 43 70.93 -2.45 -15.60
CA VAL WB 43 71.87 -1.58 -14.91
C VAL WB 43 72.72 -2.42 -13.97
N LYS WB 44 73.87 -2.89 -14.46
CA LYS WB 44 74.75 -3.73 -13.66
C LYS WB 44 76.21 -3.35 -13.88
N PHE WB 45 76.61 -3.19 -15.14
CA PHE WB 45 77.99 -2.84 -15.48
C PHE WB 45 78.19 -1.33 -15.47
N LEU WB 46 77.97 -0.74 -14.30
CA LEU WB 46 78.14 0.69 -14.11
C LEU WB 46 79.12 1.04 -13.00
N ALA WB 47 79.66 0.04 -12.30
CA ALA WB 47 80.61 0.28 -11.22
C ALA WB 47 82.06 0.35 -11.70
N GLY WB 48 82.30 0.16 -12.99
CA GLY WB 48 83.64 0.20 -13.54
C GLY WB 48 84.16 1.57 -13.88
N PHE WB 49 83.39 2.63 -13.61
CA PHE WB 49 83.81 3.99 -13.90
C PHE WB 49 84.57 4.63 -12.74
N ALA WB 50 85.11 3.83 -11.83
CA ALA WB 50 85.85 4.36 -10.69
C ALA WB 50 86.95 3.39 -10.27
N ILE WB 51 86.78 2.11 -10.58
CA ILE WB 51 87.77 1.10 -10.20
C ILE WB 51 89.00 1.12 -11.10
N ILE WB 52 88.97 1.86 -12.20
CA ILE WB 52 90.13 1.91 -13.09
C ILE WB 52 91.24 2.77 -12.50
N SER WB 53 90.89 3.94 -11.97
CA SER WB 53 91.90 4.81 -11.38
C SER WB 53 92.38 4.31 -10.03
N VAL WB 54 91.61 3.44 -9.37
CA VAL WB 54 92.02 2.92 -8.07
C VAL WB 54 92.95 1.73 -8.21
N PHE WB 55 92.63 0.79 -9.11
CA PHE WB 55 93.48 -0.38 -9.30
C PHE WB 55 94.82 -0.02 -9.93
N ILE WB 56 94.86 1.07 -10.70
CA ILE WB 56 96.13 1.49 -11.32
C ILE WB 56 97.02 2.23 -10.34
N ALA WB 57 96.48 2.70 -9.21
CA ALA WB 57 97.26 3.41 -8.22
C ALA WB 57 97.74 2.54 -7.07
N VAL WB 58 96.98 1.50 -6.72
CA VAL WB 58 97.38 0.60 -5.63
C VAL WB 58 98.40 -0.43 -6.05
N GLY WB 59 98.68 -0.55 -7.35
CA GLY WB 59 99.66 -1.51 -7.84
C GLY WB 59 100.92 -0.86 -8.36
N MET WB 60 100.83 0.42 -8.73
CA MET WB 60 101.99 1.12 -9.24
C MET WB 60 102.84 1.70 -8.12
N ALA WB 61 102.22 2.14 -7.03
CA ALA WB 61 102.94 2.71 -5.89
C ALA WB 61 103.43 1.67 -4.90
N VAL WB 62 103.57 0.42 -5.33
CA VAL WB 62 104.05 -0.63 -4.42
C VAL WB 62 105.55 -0.50 -4.22
N VAL WB 63 106.32 -0.44 -5.31
CA VAL WB 63 107.77 -0.31 -5.23
C VAL WB 63 108.14 1.15 -5.37
N GLY WB 64 107.86 1.74 -6.53
CA GLY WB 64 108.17 3.13 -6.77
C GLY WB 64 109.65 3.42 -6.94
N LEU WB 65 110.44 2.42 -7.35
CA LEU WB 65 111.88 2.56 -7.56
C LEU WB 65 112.58 3.09 -6.30
N MET XB 1 -25.99 -44.49 -23.03
CA MET XB 1 -26.60 -43.33 -23.67
C MET XB 1 -27.98 -43.67 -24.23
N ARG XB 2 -28.82 -42.65 -24.36
CA ARG XB 2 -30.17 -42.84 -24.88
C ARG XB 2 -30.56 -41.69 -25.80
N ALA XB 3 -31.81 -41.68 -26.25
CA ALA XB 3 -32.29 -40.63 -27.14
C ALA XB 3 -32.69 -39.39 -26.34
N PHE XB 4 -32.24 -38.23 -26.79
CA PHE XB 4 -32.55 -36.98 -26.12
C PHE XB 4 -32.50 -35.85 -27.15
N SER XB 5 -33.37 -34.86 -26.95
CA SER XB 5 -33.45 -33.71 -27.85
C SER XB 5 -32.69 -32.53 -27.26
N THR XB 6 -32.24 -31.64 -28.15
CA THR XB 6 -31.49 -30.46 -27.75
C THR XB 6 -32.22 -29.15 -28.06
N LEU XB 7 -33.31 -29.20 -28.80
CA LEU XB 7 -34.06 -27.99 -29.13
C LEU XB 7 -34.85 -27.51 -27.93
N ASP XB 8 -34.65 -26.26 -27.54
CA ASP XB 8 -35.34 -25.67 -26.40
C ASP XB 8 -36.74 -25.27 -26.81
N ARG XB 9 -37.75 -25.98 -26.30
CA ARG XB 9 -39.14 -25.71 -26.60
C ARG XB 9 -39.89 -25.41 -25.31
N GLU XB 10 -41.04 -24.76 -25.46
CA GLU XB 10 -41.89 -24.38 -24.33
C GLU XB 10 -43.31 -24.83 -24.59
N ASN XB 11 -44.04 -25.10 -23.52
CA ASN XB 11 -45.43 -25.53 -23.59
C ASN XB 11 -46.27 -24.72 -22.62
N GLU XB 12 -47.54 -24.54 -22.96
CA GLU XB 12 -48.49 -23.78 -22.15
C GLU XB 12 -49.66 -24.68 -21.81
N THR XB 13 -49.85 -24.96 -20.53
CA THR XB 13 -50.94 -25.80 -20.04
C THR XB 13 -51.87 -24.96 -19.18
N PHE XB 14 -53.16 -25.00 -19.50
CA PHE XB 14 -54.17 -24.26 -18.77
C PHE XB 14 -54.70 -25.09 -17.61
N VAL XB 15 -55.10 -24.39 -16.54
CA VAL XB 15 -55.63 -25.05 -15.36
C VAL XB 15 -57.10 -24.70 -15.18
CA PRO XB 16 -61.29 -23.46 -16.15
CA SER XB 17 -59.73 -21.83 -12.53
CA VAL XB 18 -62.72 -22.77 -10.20
CA ARG XB 19 -66.43 -23.54 -11.07
CA VAL XB 20 -69.23 -21.25 -9.65
CA TYR XB 21 -72.43 -22.52 -7.82
CA ALA XB 22 -74.83 -19.90 -6.25
CA ASP XB 23 -77.78 -21.20 -8.43
CA GLY XB 24 -77.32 -22.78 -11.93
CA GLU XB 25 -74.83 -20.02 -13.01
CA THR XB 26 -71.15 -21.22 -13.49
CA GLU XB 27 -68.33 -19.34 -15.40
CA ASP XB 28 -64.63 -18.43 -14.60
CA ASN XB 29 -61.39 -17.60 -16.58
CA SER XB 30 -58.17 -19.78 -16.72
CA PHE XB 31 -54.33 -19.35 -16.31
CA SER XB 32 -51.71 -19.44 -19.19
CA LEU XB 33 -48.41 -20.44 -17.05
CA LYS XB 34 -45.37 -19.35 -19.72
N TYR XB 35 -44.20 -22.68 -19.20
CA TYR XB 35 -42.99 -23.27 -18.64
C TYR XB 35 -42.10 -23.84 -19.74
N ARG XB 36 -40.88 -24.21 -19.37
CA ARG XB 36 -39.91 -24.78 -20.31
C ARG XB 36 -40.01 -26.29 -20.29
N SER XB 37 -40.06 -26.88 -21.48
CA SER XB 37 -40.17 -28.34 -21.59
C SER XB 37 -38.80 -29.02 -21.47
N ASN XB 38 -37.74 -28.37 -21.93
CA ASN XB 38 -36.40 -28.94 -21.86
C ASN XB 38 -35.39 -27.80 -21.80
N TRP XB 39 -34.13 -28.18 -21.59
CA TRP XB 39 -33.05 -27.21 -21.51
C TRP XB 39 -31.75 -27.89 -21.93
N THR XB 40 -30.91 -27.16 -22.67
CA THR XB 40 -29.64 -27.69 -23.14
C THR XB 40 -28.54 -26.64 -22.96
N PRO XB 41 -27.49 -26.96 -22.20
CA PRO XB 41 -26.39 -25.99 -22.02
C PRO XB 41 -25.61 -25.75 -23.30
N GLY XB 42 -24.62 -24.87 -23.23
CA GLY XB 42 -23.81 -24.57 -24.40
C GLY XB 42 -22.92 -25.73 -24.79
N ARG XB 43 -22.65 -25.83 -26.09
CA ARG XB 43 -21.81 -26.89 -26.63
C ARG XB 43 -20.36 -26.59 -26.28
N PHE XB 44 -19.76 -27.44 -25.44
CA PHE XB 44 -18.37 -27.27 -25.03
C PHE XB 44 -17.49 -28.07 -25.98
N ASN XB 45 -16.78 -27.37 -26.86
CA ASN XB 45 -15.90 -27.99 -27.84
C ASN XB 45 -14.46 -27.67 -27.45
N SER XB 46 -13.71 -28.70 -27.08
CA SER XB 46 -12.31 -28.56 -26.69
C SER XB 46 -11.43 -29.39 -27.59
N THR XB 47 -10.15 -29.05 -27.62
CA THR XB 47 -9.15 -29.74 -28.43
C THR XB 47 -8.01 -30.22 -27.54
N GLY XB 48 -7.09 -30.99 -28.15
CA GLY XB 48 -5.96 -31.52 -27.45
C GLY XB 48 -4.71 -31.49 -28.32
N ALA XB 49 -3.62 -31.97 -27.75
CA ALA XB 49 -2.35 -32.01 -28.47
C ALA XB 49 -2.34 -33.17 -29.46
N LYS XB 50 -1.73 -32.92 -30.63
CA LYS XB 50 -1.64 -33.92 -31.69
C LYS XB 50 -0.17 -34.12 -32.02
N THR XB 51 0.37 -35.29 -31.70
CA THR XB 51 1.76 -35.61 -31.96
C THR XB 51 1.86 -36.51 -33.20
N LYS XB 52 2.99 -37.19 -33.36
CA LYS XB 52 3.21 -38.08 -34.49
C LYS XB 52 3.13 -39.55 -34.11
N GLN XB 53 2.77 -39.86 -32.87
CA GLN XB 53 2.65 -41.23 -32.40
C GLN XB 53 1.23 -41.61 -32.03
N TRP XB 54 0.59 -40.83 -31.16
CA TRP XB 54 -0.79 -41.12 -30.75
C TRP XB 54 -1.51 -39.81 -30.48
N HIS XB 55 -2.77 -39.75 -30.89
CA HIS XB 55 -3.57 -38.54 -30.70
C HIS XB 55 -4.13 -38.49 -29.28
N TYR XB 56 -3.91 -37.37 -28.60
CA TYR XB 56 -4.40 -37.22 -27.24
C TYR XB 56 -5.89 -36.90 -27.24
N PRO XB 57 -6.65 -37.46 -26.31
CA PRO XB 57 -8.09 -37.17 -26.27
C PRO XB 57 -8.37 -35.76 -25.79
N SER XB 58 -9.56 -35.27 -26.14
CA SER XB 58 -9.99 -33.93 -25.77
C SER XB 58 -11.25 -34.00 -24.92
N PRO XB 59 -11.37 -33.13 -23.91
CA PRO XB 59 -12.58 -33.15 -23.08
C PRO XB 59 -13.81 -32.74 -23.89
N TYR XB 60 -14.93 -33.38 -23.60
CA TYR XB 60 -16.19 -33.11 -24.28
C TYR XB 60 -17.34 -33.51 -23.39
N SER XB 61 -18.37 -32.67 -23.33
CA SER XB 61 -19.53 -32.94 -22.50
C SER XB 61 -20.75 -32.26 -23.11
N ARG XB 62 -21.92 -32.86 -22.87
CA ARG XB 62 -23.17 -32.31 -23.38
C ARG XB 62 -24.20 -32.19 -22.27
N GLY XB 63 -25.07 -33.18 -22.14
CA GLY XB 63 -26.08 -33.19 -21.12
C GLY XB 63 -27.36 -32.50 -21.59
N ALA XB 64 -28.49 -32.96 -21.05
CA ALA XB 64 -29.77 -32.40 -21.41
C ALA XB 64 -30.74 -32.63 -20.26
N LEU XB 65 -31.51 -31.60 -19.92
CA LEU XB 65 -32.50 -31.66 -18.83
C LEU XB 65 -33.89 -31.53 -19.46
N SER XB 66 -34.48 -32.67 -19.80
CA SER XB 66 -35.80 -32.70 -20.42
C SER XB 66 -36.87 -32.99 -19.36
N VAL XB 67 -38.00 -32.32 -19.49
CA VAL XB 67 -39.13 -32.47 -18.57
C VAL XB 67 -40.34 -32.91 -19.38
N THR XB 68 -40.97 -34.01 -18.95
CA THR XB 68 -42.14 -34.53 -19.65
C THR XB 68 -43.40 -33.77 -19.22
N SER XB 69 -44.43 -34.51 -18.82
CA SER XB 69 -45.68 -33.89 -18.40
C SER XB 69 -45.55 -33.34 -16.98
N ILE XB 70 -46.51 -32.48 -16.62
CA ILE XB 70 -46.52 -31.88 -15.30
C ILE XB 70 -47.71 -32.41 -14.49
CA ASP XB 71 -51.22 -34.22 -12.03
CA GLN XB 72 -53.60 -30.50 -11.27
CA GLY XB 73 -55.69 -31.82 -8.02
CA ALA XB 74 -59.67 -31.50 -7.34
CA TYR XB 75 -59.39 -29.23 -4.18
CA LYS XB 76 -62.26 -26.60 -4.03
CA ARG XB 77 -65.51 -28.44 -2.96
CA SER XB 78 -68.03 -25.66 -1.96
CA GLY XB 79 -68.88 -23.14 0.83
CA SER XB 80 -69.85 -19.52 -0.07
CA SER XB 81 -70.88 -16.84 2.57
CA TRP XB 82 -70.89 -13.47 0.62
CA GLY XB 83 -74.36 -14.54 -0.69
CA ARG XB 84 -73.77 -16.17 -4.14
CA PRO XB 85 -71.21 -18.54 -5.85
CA TYR XB 86 -68.74 -21.42 -5.00
CA GLU XB 87 -68.64 -24.76 -7.00
CA GLU XB 88 -65.67 -27.38 -7.14
CA LYS XB 89 -62.91 -26.95 -10.18
CA ALA XB 90 -59.07 -27.90 -8.99
CA GLY XB 91 -57.45 -23.84 -9.45
N PHE XB 92 -54.62 -25.91 -8.20
CA PHE XB 92 -53.35 -25.20 -8.32
C PHE XB 92 -52.34 -26.00 -9.14
N GLY XB 93 -52.00 -25.48 -10.31
CA GLY XB 93 -51.05 -26.14 -11.18
C GLY XB 93 -49.62 -26.03 -10.71
N PHE XB 94 -49.14 -24.79 -10.58
CA PHE XB 94 -47.78 -24.49 -10.13
C PHE XB 94 -46.75 -25.17 -11.02
N SER XB 95 -46.40 -24.53 -12.13
CA SER XB 95 -45.43 -25.09 -13.06
C SER XB 95 -44.02 -24.96 -12.49
N LEU XB 96 -43.12 -25.79 -13.01
CA LEU XB 96 -41.73 -25.81 -12.60
C LEU XB 96 -40.83 -25.50 -13.78
N ASP XB 97 -39.74 -24.80 -13.51
CA ASP XB 97 -38.77 -24.43 -14.55
C ASP XB 97 -37.86 -25.62 -14.84
N ALA XB 98 -37.53 -25.79 -16.12
CA ALA XB 98 -36.67 -26.89 -16.54
C ALA XB 98 -35.21 -26.65 -16.22
N ARG XB 99 -34.83 -25.44 -15.82
CA ARG XB 99 -33.45 -25.13 -15.47
C ARG XB 99 -33.14 -25.36 -14.00
N SER XB 100 -33.99 -26.10 -13.29
CA SER XB 100 -33.76 -26.38 -11.87
C SER XB 100 -34.38 -27.70 -11.44
N CYS XB 101 -34.36 -28.70 -12.31
CA CYS XB 101 -34.92 -30.01 -12.01
C CYS XB 101 -33.86 -31.03 -11.62
N TYR XB 102 -32.63 -30.60 -11.37
CA TYR XB 102 -31.54 -31.49 -10.99
C TYR XB 102 -31.25 -31.44 -9.49
N SER XB 103 -32.20 -30.96 -8.68
CA SER XB 103 -31.99 -30.89 -7.25
C SER XB 103 -31.99 -32.28 -6.61
N LEU XB 104 -32.70 -33.23 -7.21
CA LEU XB 104 -32.76 -34.60 -6.70
C LEU XB 104 -31.60 -35.46 -7.18
N PHE XB 105 -30.66 -34.90 -7.94
CA PHE XB 105 -29.53 -35.65 -8.45
C PHE XB 105 -28.22 -34.94 -8.10
N PRO XB 106 -27.19 -35.69 -7.71
CA PRO XB 106 -25.90 -35.08 -7.37
C PRO XB 106 -25.10 -34.66 -8.60
N VAL XB 107 -25.68 -33.76 -9.40
CA VAL XB 107 -25.08 -33.27 -10.62
C VAL XB 107 -25.04 -31.75 -10.56
N SER XB 108 -23.91 -31.18 -10.97
CA SER XB 108 -23.73 -29.72 -10.94
C SER XB 108 -24.52 -29.10 -12.10
N GLN XB 109 -24.39 -27.77 -12.24
CA GLN XB 109 -25.11 -27.07 -13.30
C GLN XB 109 -24.53 -27.36 -14.68
N ASN XB 110 -23.21 -27.55 -14.76
CA ASN XB 110 -22.56 -27.83 -16.04
C ASN XB 110 -22.84 -29.25 -16.55
N LEU XB 111 -23.51 -30.08 -15.76
CA LEU XB 111 -23.83 -31.45 -16.14
C LEU XB 111 -22.56 -32.26 -16.45
N THR XB 112 -21.50 -32.00 -15.68
CA THR XB 112 -20.23 -32.68 -15.86
C THR XB 112 -19.81 -33.45 -14.61
N TYR XB 113 -19.68 -32.76 -13.47
CA TYR XB 113 -19.26 -33.44 -12.25
C TYR XB 113 -20.41 -34.24 -11.66
N ILE XB 114 -20.15 -35.51 -11.37
CA ILE XB 114 -21.13 -36.42 -10.79
C ILE XB 114 -20.54 -37.01 -9.52
N GLU XB 115 -21.25 -36.85 -8.40
CA GLU XB 115 -20.78 -37.38 -7.13
C GLU XB 115 -20.88 -38.89 -7.12
N VAL XB 116 -19.73 -39.57 -7.15
CA VAL XB 116 -19.69 -41.03 -7.17
C VAL XB 116 -19.48 -41.54 -5.75
N PRO XB 117 -20.26 -42.53 -5.30
CA PRO XB 117 -20.06 -43.08 -3.96
C PRO XB 117 -18.74 -43.82 -3.85
N GLN XB 118 -18.39 -44.16 -2.60
CA GLN XB 118 -17.15 -44.87 -2.35
C GLN XB 118 -17.22 -46.34 -2.75
N ASN XB 119 -18.42 -46.90 -2.83
CA ASN XB 119 -18.61 -48.29 -3.21
C ASN XB 119 -18.78 -48.48 -4.71
N VAL XB 120 -18.58 -47.43 -5.50
CA VAL XB 120 -18.71 -47.48 -6.95
C VAL XB 120 -17.38 -47.19 -7.64
N ALA XB 121 -16.70 -46.12 -7.22
CA ALA XB 121 -15.42 -45.77 -7.83
C ALA XB 121 -14.33 -46.75 -7.45
N ASN XB 122 -14.43 -47.36 -6.27
CA ASN XB 122 -13.42 -48.33 -5.84
C ASN XB 122 -13.53 -49.64 -6.58
N ARG XB 123 -14.76 -50.08 -6.86
CA ARG XB 123 -14.96 -51.34 -7.58
C ARG XB 123 -14.66 -51.18 -9.07
N ALA XB 124 -14.80 -49.98 -9.60
CA ALA XB 124 -14.53 -49.75 -11.02
C ALA XB 124 -13.05 -49.74 -11.35
N SER XB 125 -12.19 -49.49 -10.36
CA SER XB 125 -10.75 -49.47 -10.58
C SER XB 125 -10.10 -50.82 -10.39
N THR XB 126 -10.68 -51.70 -9.56
CA THR XB 126 -10.12 -53.02 -9.32
C THR XB 126 -10.46 -54.01 -10.43
N GLU XB 127 -11.61 -53.84 -11.08
CA GLU XB 127 -12.00 -54.75 -12.16
C GLU XB 127 -11.20 -54.52 -13.44
N VAL XB 128 -10.61 -53.34 -13.60
CA VAL XB 128 -9.81 -53.07 -14.80
C VAL XB 128 -8.38 -53.56 -14.62
N LEU XB 129 -7.80 -53.35 -13.45
CA LEU XB 129 -6.42 -53.77 -13.21
C LEU XB 129 -6.29 -55.29 -13.14
N GLN XB 130 -7.35 -55.98 -12.69
CA GLN XB 130 -7.29 -57.43 -12.59
C GLN XB 130 -7.32 -58.12 -13.96
N LYS XB 131 -7.76 -57.41 -15.00
CA LYS XB 131 -7.81 -58.00 -16.34
C LYS XB 131 -6.59 -57.67 -17.17
N VAL XB 132 -5.87 -56.59 -16.86
CA VAL XB 132 -4.68 -56.25 -17.63
C VAL XB 132 -3.51 -57.13 -17.24
N THR XB 133 -3.32 -57.37 -15.94
CA THR XB 133 -2.20 -58.20 -15.49
C THR XB 133 -2.43 -59.66 -15.83
N GLN XB 134 -3.67 -60.15 -15.66
CA GLN XB 134 -3.97 -61.54 -15.96
C GLN XB 134 -4.06 -61.82 -17.45
N GLY XB 135 -4.23 -60.79 -18.28
CA GLY XB 135 -4.31 -60.96 -19.71
C GLY XB 135 -5.73 -61.02 -20.22
N ASN XB 136 -6.38 -59.86 -20.31
CA ASN XB 136 -7.74 -59.78 -20.81
C ASN XB 136 -8.03 -58.40 -21.38
N PHE XB 137 -7.51 -58.11 -22.57
CA PHE XB 137 -7.68 -56.83 -23.23
C PHE XB 137 -7.95 -57.05 -24.72
N ASN XB 138 -8.08 -55.95 -25.45
CA ASN XB 138 -8.34 -55.98 -26.88
C ASN XB 138 -7.09 -55.54 -27.63
N LEU XB 139 -6.85 -56.18 -28.78
CA LEU XB 139 -5.70 -55.85 -29.60
C LEU XB 139 -5.91 -54.52 -30.33
N GLY XB 140 -4.80 -53.98 -30.84
CA GLY XB 140 -4.85 -52.72 -31.56
C GLY XB 140 -4.49 -52.86 -33.02
N VAL XB 141 -4.13 -51.74 -33.66
CA VAL XB 141 -3.77 -51.76 -35.07
C VAL XB 141 -2.38 -52.36 -35.26
N ALA XB 142 -1.40 -51.88 -34.48
CA ALA XB 142 -0.05 -52.40 -34.60
C ALA XB 142 0.10 -53.79 -34.03
N LEU XB 143 -0.81 -54.22 -33.14
CA LEU XB 143 -0.73 -55.55 -32.57
C LEU XB 143 -1.21 -56.63 -33.54
N ALA XB 144 -1.93 -56.25 -34.59
CA ALA XB 144 -2.42 -57.24 -35.55
C ALA XB 144 -1.28 -57.75 -36.44
N GLU XB 145 -0.45 -56.83 -36.95
CA GLU XB 145 0.67 -57.22 -37.80
C GLU XB 145 1.87 -57.70 -37.00
N ALA XB 146 1.94 -57.41 -35.70
CA ALA XB 146 3.06 -57.85 -34.89
C ALA XB 146 2.92 -59.30 -34.49
N ARG XB 147 1.72 -59.70 -34.03
CA ARG XB 147 1.50 -61.09 -33.62
C ARG XB 147 1.31 -62.01 -34.81
N SER XB 148 1.07 -61.48 -36.01
CA SER XB 148 0.88 -62.32 -37.18
C SER XB 148 2.21 -62.88 -37.67
N THR XB 149 3.24 -62.03 -37.74
CA THR XB 149 4.56 -62.47 -38.19
C THR XB 149 5.39 -63.09 -37.07
N ALA XB 150 4.98 -62.95 -35.81
CA ALA XB 150 5.73 -63.54 -34.71
C ALA XB 150 5.32 -64.98 -34.45
N SER XB 151 4.08 -65.35 -34.76
CA SER XB 151 3.63 -66.72 -34.56
C SER XB 151 4.16 -67.67 -35.62
N GLN XB 152 4.64 -67.15 -36.75
CA GLN XB 152 5.18 -68.01 -37.79
C GLN XB 152 6.53 -68.59 -37.43
N LEU XB 153 7.25 -67.98 -36.49
CA LEU XB 153 8.55 -68.51 -36.08
C LEU XB 153 8.39 -69.77 -35.24
N ALA XB 154 7.51 -69.72 -34.24
CA ALA XB 154 7.29 -70.88 -33.39
C ALA XB 154 6.55 -71.99 -34.11
N THR XB 155 5.82 -71.66 -35.17
CA THR XB 155 5.09 -72.69 -35.91
C THR XB 155 6.04 -73.55 -36.74
N GLN XB 156 7.05 -72.93 -37.36
CA GLN XB 156 8.00 -73.67 -38.17
C GLN XB 156 8.93 -74.54 -37.33
N THR XB 157 9.09 -74.23 -36.04
CA THR XB 157 9.92 -75.04 -35.17
C THR XB 157 9.28 -76.37 -34.82
N ILE XB 158 7.98 -76.55 -35.07
CA ILE XB 158 7.33 -77.82 -34.77
C ILE XB 158 7.83 -78.90 -35.72
N ALA XB 159 7.97 -78.58 -37.01
CA ALA XB 159 8.46 -79.53 -37.99
C ALA XB 159 9.98 -79.67 -37.98
N LEU XB 160 10.69 -78.87 -37.17
CA LEU XB 160 12.14 -78.93 -37.10
C LEU XB 160 12.64 -79.59 -35.83
N VAL XB 161 12.05 -79.28 -34.68
CA VAL XB 161 12.48 -79.89 -33.43
C VAL XB 161 12.04 -81.35 -33.37
N LYS XB 162 10.82 -81.64 -33.80
CA LYS XB 162 10.34 -83.02 -33.80
C LYS XB 162 11.09 -83.88 -34.81
N ALA XB 163 11.56 -83.28 -35.91
CA ALA XB 163 12.33 -84.03 -36.90
C ALA XB 163 13.79 -84.18 -36.50
N TYR XB 164 14.30 -83.33 -35.61
CA TYR XB 164 15.69 -83.44 -35.16
C TYR XB 164 15.86 -84.59 -34.17
N THR XB 165 14.88 -84.79 -33.30
CA THR XB 165 14.95 -85.88 -32.32
C THR XB 165 14.68 -87.25 -32.93
N ALA XB 166 14.05 -87.28 -34.11
CA ALA XB 166 13.76 -88.57 -34.76
C ALA XB 166 15.01 -89.21 -35.35
N ALA XB 167 16.04 -88.41 -35.66
CA ALA XB 167 17.26 -88.98 -36.21
C ALA XB 167 18.08 -89.72 -35.15
N ARG XB 168 18.03 -89.25 -33.90
CA ARG XB 168 18.77 -89.90 -32.83
C ARG XB 168 18.10 -91.17 -32.32
N ARG XB 169 16.80 -91.34 -32.58
CA ARG XB 169 16.07 -92.52 -32.15
C ARG XB 169 16.14 -93.64 -33.19
N GLY XB 170 15.84 -93.33 -34.44
CA GLY XB 170 15.88 -94.32 -35.50
C GLY XB 170 14.57 -94.46 -36.25
N ASN XB 171 13.79 -93.38 -36.28
CA ASN XB 171 12.50 -93.35 -36.97
C ASN XB 171 12.56 -92.25 -38.03
N TRP XB 172 12.99 -92.62 -39.23
CA TRP XB 172 13.10 -91.69 -40.34
C TRP XB 172 11.79 -91.52 -41.09
N ARG XB 173 10.75 -92.27 -40.75
CA ARG XB 173 9.46 -92.17 -41.42
C ARG XB 173 8.62 -91.00 -40.92
N GLN XB 174 8.98 -90.40 -39.79
CA GLN XB 174 8.24 -89.27 -39.26
C GLN XB 174 8.79 -87.93 -39.70
N ALA XB 175 10.09 -87.86 -40.00
CA ALA XB 175 10.72 -86.62 -40.46
C ALA XB 175 10.42 -86.30 -41.91
N LEU XB 176 9.93 -87.26 -42.69
CA LEU XB 176 9.63 -87.00 -44.10
C LEU XB 176 8.33 -86.23 -44.27
N ARG XB 177 7.34 -86.47 -43.42
CA ARG XB 177 6.07 -85.76 -43.50
C ARG XB 177 6.16 -84.34 -42.97
N TYR XB 178 7.14 -84.05 -42.12
CA TYR XB 178 7.28 -82.70 -41.57
C TYR XB 178 8.09 -81.78 -42.47
N LEU XB 179 9.01 -82.33 -43.26
CA LEU XB 179 9.84 -81.55 -44.17
C LEU XB 179 9.21 -81.38 -45.55
N ALA XB 180 7.92 -81.67 -45.68
CA ALA XB 180 7.20 -81.55 -46.96
C ALA XB 180 7.87 -82.38 -48.05
N LEU XB 181 8.05 -83.68 -47.78
CA LEU XB 181 8.68 -84.58 -48.73
C LEU XB 181 7.77 -85.75 -49.04
N ASN XB 182 8.36 -86.88 -49.45
CA ASN XB 182 7.60 -88.08 -49.78
C ASN XB 182 8.27 -89.28 -49.16
N GLU XB 183 7.46 -90.27 -48.78
CA GLU XB 183 7.93 -91.49 -48.15
C GLU XB 183 8.26 -92.59 -49.16
N ASP XB 184 8.42 -92.23 -50.44
CA ASP XB 184 8.72 -93.20 -51.49
C ASP XB 184 10.15 -93.03 -52.02
N ARG XB 185 11.08 -92.65 -51.16
CA ARG XB 185 12.47 -92.45 -51.54
C ARG XB 185 13.37 -93.15 -50.52
N LYS XB 186 14.30 -93.96 -51.03
CA LYS XB 186 15.22 -94.70 -50.18
C LYS XB 186 16.47 -93.87 -49.91
N PHE XB 187 17.27 -94.33 -48.95
CA PHE XB 187 18.51 -93.69 -48.57
C PHE XB 187 19.70 -94.51 -49.03
N ARG XB 188 20.87 -93.87 -49.04
CA ARG XB 188 22.11 -94.50 -49.45
C ARG XB 188 23.10 -94.68 -48.31
N SER XB 189 23.29 -93.66 -47.47
CA SER XB 189 24.22 -93.76 -46.36
C SER XB 189 23.63 -94.62 -45.24
N LYS XB 190 24.50 -95.02 -44.32
CA LYS XB 190 24.10 -95.86 -43.19
C LYS XB 190 24.42 -95.18 -41.86
N HIS XB 191 25.34 -94.22 -41.89
CA HIS XB 191 25.72 -93.52 -40.68
C HIS XB 191 24.65 -92.48 -40.30
N VAL XB 192 24.72 -92.02 -39.06
CA VAL XB 192 23.77 -91.03 -38.57
C VAL XB 192 24.07 -89.65 -39.14
N ALA XB 193 25.31 -89.39 -39.55
CA ALA XB 193 25.67 -88.10 -40.12
C ALA XB 193 25.53 -88.06 -41.63
N GLY XB 194 25.51 -89.21 -42.30
CA GLY XB 194 25.38 -89.23 -43.74
C GLY XB 194 23.96 -89.20 -44.24
N ARG XB 195 22.99 -89.62 -43.42
CA ARG XB 195 21.60 -89.60 -43.85
C ARG XB 195 21.03 -88.19 -43.88
N TRP XB 196 21.53 -87.31 -43.01
CA TRP XB 196 21.04 -85.94 -42.99
C TRP XB 196 21.60 -85.10 -44.13
N LEU XB 197 22.80 -85.43 -44.61
CA LEU XB 197 23.40 -84.69 -45.72
C LEU XB 197 22.78 -85.04 -47.06
N GLU XB 198 22.03 -86.15 -47.15
CA GLU XB 198 21.40 -86.52 -48.41
C GLU XB 198 20.24 -85.60 -48.74
N LEU XB 199 19.33 -85.41 -47.78
CA LEU XB 199 18.18 -84.53 -47.97
C LEU XB 199 18.49 -83.12 -47.47
N GLN XB 200 19.51 -82.51 -48.09
CA GLN XB 200 19.93 -81.18 -47.69
C GLN XB 200 18.93 -80.13 -48.16
N PHE XB 201 18.42 -80.27 -49.39
CA PHE XB 201 17.48 -79.30 -49.94
C PHE XB 201 16.11 -79.36 -49.28
N GLY XB 202 15.84 -80.39 -48.48
CA GLY XB 202 14.56 -80.51 -47.81
C GLY XB 202 14.38 -79.54 -46.64
N TRP XB 203 15.46 -78.89 -46.19
CA TRP XB 203 15.37 -77.95 -45.09
C TRP XB 203 16.03 -76.61 -45.42
N LEU XB 204 16.45 -76.40 -46.67
CA LEU XB 204 17.05 -75.11 -47.02
C LEU XB 204 16.02 -73.98 -47.07
N PRO XB 205 14.85 -74.12 -47.69
CA PRO XB 205 13.88 -73.02 -47.65
C PRO XB 205 13.35 -72.74 -46.26
N LEU XB 206 13.39 -73.73 -45.35
CA LEU XB 206 12.92 -73.49 -43.99
C LEU XB 206 13.87 -72.62 -43.20
N MET XB 207 15.15 -72.59 -43.58
CA MET XB 207 16.13 -71.76 -42.88
C MET XB 207 16.01 -70.30 -43.26
N SER XB 208 15.70 -70.01 -44.53
CA SER XB 208 15.56 -68.62 -44.96
C SER XB 208 14.27 -68.00 -44.44
N ASP XB 209 13.25 -68.81 -44.15
CA ASP XB 209 12.00 -68.28 -43.64
C ASP XB 209 12.11 -67.86 -42.18
N ILE XB 210 13.08 -68.40 -41.44
CA ILE XB 210 13.24 -68.01 -40.04
C ILE XB 210 13.87 -66.62 -39.94
N GLN XB 211 14.92 -66.38 -40.73
CA GLN XB 211 15.58 -65.08 -40.71
C GLN XB 211 14.73 -63.99 -41.38
N GLY XB 212 13.76 -64.37 -42.21
CA GLY XB 212 12.91 -63.38 -42.85
C GLY XB 212 11.96 -62.69 -41.88
N ALA XB 213 11.56 -63.39 -40.82
CA ALA XB 213 10.68 -62.82 -39.81
C ALA XB 213 11.38 -62.44 -38.52
N TYR XB 214 12.55 -63.01 -38.23
CA TYR XB 214 13.27 -62.66 -37.02
C TYR XB 214 13.92 -61.29 -37.13
N GLU XB 215 14.38 -60.91 -38.33
CA GLU XB 215 15.01 -59.61 -38.53
C GLU XB 215 14.00 -58.47 -38.55
N MET XB 216 12.72 -58.77 -38.73
CA MET XB 216 11.69 -57.74 -38.76
C MET XB 216 11.07 -57.49 -37.39
N LEU XB 217 11.31 -58.38 -36.42
CA LEU XB 217 10.74 -58.19 -35.09
C LEU XB 217 11.69 -57.41 -34.19
N THR XB 218 12.96 -57.82 -34.14
CA THR XB 218 13.94 -57.18 -33.27
C THR XB 218 14.50 -55.89 -33.85
N LYS XB 219 13.99 -55.43 -34.99
CA LYS XB 219 14.46 -54.20 -35.62
C LYS XB 219 13.36 -53.24 -36.03
N VAL XB 220 12.12 -53.69 -36.18
CA VAL XB 220 11.01 -52.86 -36.62
C VAL XB 220 9.84 -52.92 -35.63
N HIS XB 221 9.43 -54.14 -35.25
CA HIS XB 221 8.27 -54.28 -34.38
C HIS XB 221 8.59 -53.83 -32.96
N LEU XB 222 9.84 -54.02 -32.52
CA LEU XB 222 10.25 -53.62 -31.18
C LEU XB 222 10.80 -52.20 -31.13
N GLN XB 223 10.54 -51.39 -32.15
CA GLN XB 223 11.00 -50.01 -32.17
C GLN XB 223 9.89 -49.05 -32.62
N GLU XB 224 8.64 -49.40 -32.33
CA GLU XB 224 7.52 -48.55 -32.71
C GLU XB 224 6.60 -48.29 -31.52
N PHE XB 225 5.30 -48.25 -31.76
CA PHE XB 225 4.30 -48.00 -30.72
C PHE XB 225 3.24 -49.08 -30.78
N LEU XB 226 2.99 -49.72 -29.64
CA LEU XB 226 2.01 -50.80 -29.52
C LEU XB 226 0.89 -50.37 -28.59
N PRO XB 227 -0.18 -49.77 -29.10
CA PRO XB 227 -1.27 -49.33 -28.23
C PRO XB 227 -2.15 -50.50 -27.80
N MET XB 228 -2.73 -50.36 -26.61
CA MET XB 228 -3.63 -51.35 -26.06
C MET XB 228 -4.84 -50.65 -25.45
N ARG XB 229 -6.01 -51.26 -25.63
CA ARG XB 229 -7.28 -50.71 -25.15
C ARG XB 229 -7.97 -51.71 -24.25
N ALA XB 230 -8.52 -51.22 -23.14
CA ALA XB 230 -9.25 -52.04 -22.19
C ALA XB 230 -10.63 -51.44 -21.98
N VAL XB 231 -11.66 -52.26 -22.14
CA VAL XB 231 -13.05 -51.83 -22.02
C VAL XB 231 -13.67 -52.53 -20.81
N ARG XB 232 -14.23 -51.74 -19.89
CA ARG XB 232 -14.87 -52.28 -18.70
C ARG XB 232 -15.85 -51.24 -18.18
N GLN XB 233 -17.15 -51.53 -18.30
CA GLN XB 233 -18.19 -50.62 -17.86
C GLN XB 233 -18.76 -51.10 -16.53
N VAL XB 234 -18.90 -50.17 -15.59
CA VAL XB 234 -19.43 -50.46 -14.27
C VAL XB 234 -20.61 -49.52 -14.02
N GLY XB 235 -21.77 -50.10 -13.73
CA GLY XB 235 -22.96 -49.29 -13.47
C GLY XB 235 -23.84 -49.87 -12.39
N THR XB 236 -24.15 -49.05 -11.38
CA THR XB 236 -24.99 -49.45 -10.26
C THR XB 236 -26.21 -48.53 -10.18
N ASN XB 237 -27.21 -48.98 -9.44
CA ASN XB 237 -28.45 -48.24 -9.25
C ASN XB 237 -28.46 -47.60 -7.87
N ILE XB 238 -28.85 -46.33 -7.81
CA ILE XB 238 -28.92 -45.56 -6.57
C ILE XB 238 -30.32 -45.00 -6.44
N LYS XB 239 -30.98 -45.31 -5.33
CA LYS XB 239 -32.34 -44.83 -5.05
C LYS XB 239 -32.27 -43.84 -3.90
N LEU XB 240 -32.63 -42.59 -4.17
CA LEU XB 240 -32.63 -41.54 -3.18
C LEU XB 240 -34.04 -41.01 -2.96
N ASP XB 241 -34.23 -40.31 -1.84
CA ASP XB 241 -35.51 -39.74 -1.47
C ASP XB 241 -35.33 -38.25 -1.19
N GLY XB 242 -36.28 -37.44 -1.66
CA GLY XB 242 -36.23 -36.01 -1.46
C GLY XB 242 -37.48 -35.29 -1.92
CA ARG XB 243 -38.22 -32.07 2.22
CA LEU XB 244 -39.75 -28.76 0.27
CA SER XB 245 -38.26 -26.98 -3.24
CA TYR XB 246 -40.63 -24.04 -4.71
CA PRO XB 247 -43.88 -25.36 -3.02
CA ALA XB 248 -44.21 -27.59 0.15
CA ALA XB 249 -43.95 -30.35 -2.78
CA ASN XB 250 -41.73 -33.55 -0.86
CA PHE XB 251 -40.26 -34.90 -4.41
N GLN XB 252 -38.29 -39.27 -3.74
CA GLN XB 252 -38.26 -40.58 -4.38
C GLN XB 252 -37.83 -40.47 -5.84
N THR XB 253 -36.61 -40.90 -6.11
CA THR XB 253 -36.06 -40.85 -7.47
C THR XB 253 -35.04 -41.97 -7.63
N THR XB 254 -34.81 -42.35 -8.89
CA THR XB 254 -33.85 -43.39 -9.24
C THR XB 254 -32.86 -42.85 -10.26
N CYS XB 255 -31.68 -43.46 -10.27
CA CYS XB 255 -30.63 -43.06 -11.20
C CYS XB 255 -29.68 -44.22 -11.40
N ASN XB 256 -29.08 -44.29 -12.59
CA ASN XB 256 -28.13 -45.33 -12.96
C ASN XB 256 -26.84 -44.65 -13.41
N ILE XB 257 -25.84 -44.62 -12.54
CA ILE XB 257 -24.56 -44.00 -12.83
C ILE XB 257 -23.64 -45.06 -13.43
N SER XB 258 -23.27 -44.87 -14.69
CA SER XB 258 -22.38 -45.78 -15.40
C SER XB 258 -21.01 -45.14 -15.58
N ARG XB 259 -19.99 -45.99 -15.69
CA ARG XB 259 -18.61 -45.54 -15.86
C ARG XB 259 -17.83 -46.61 -16.60
N ARG XB 260 -17.20 -46.21 -17.71
CA ARG XB 260 -16.40 -47.11 -18.53
C ARG XB 260 -14.98 -46.54 -18.59
N ILE XB 261 -14.09 -47.11 -17.77
CA ILE XB 261 -12.71 -46.64 -17.70
C ILE XB 261 -11.93 -47.23 -18.86
N VAL XB 262 -11.36 -46.36 -19.69
CA VAL XB 262 -10.55 -46.75 -20.84
C VAL XB 262 -9.18 -46.11 -20.67
N ILE XB 263 -8.17 -46.94 -20.42
CA ILE XB 263 -6.81 -46.48 -20.20
C ILE XB 263 -5.94 -46.95 -21.36
N TRP XB 264 -5.23 -46.03 -22.00
CA TRP XB 264 -4.34 -46.33 -23.10
C TRP XB 264 -2.92 -46.45 -22.59
N PHE XB 265 -2.24 -47.54 -22.94
CA PHE XB 265 -0.88 -47.79 -22.49
C PHE XB 265 -0.14 -48.60 -23.55
N TYR XB 266 1.18 -48.60 -23.45
CA TYR XB 266 2.04 -49.31 -24.39
C TYR XB 266 3.08 -50.10 -23.62
N ILE XB 267 3.76 -50.99 -24.34
CA ILE XB 267 4.79 -51.83 -23.75
C ILE XB 267 6.07 -51.01 -23.59
N ASN XB 268 6.59 -50.96 -22.37
CA ASN XB 268 7.81 -50.21 -22.07
C ASN XB 268 8.62 -51.00 -21.05
N ASP XB 269 9.84 -51.38 -21.42
CA ASP XB 269 10.71 -52.14 -20.54
C ASP XB 269 12.16 -51.90 -20.95
N ALA XB 270 13.07 -52.11 -19.99
CA ALA XB 270 14.49 -51.89 -20.24
C ALA XB 270 15.21 -53.13 -20.72
N ARG XB 271 14.77 -54.32 -20.29
CA ARG XB 271 15.41 -55.56 -20.70
C ARG XB 271 15.07 -55.99 -22.12
N LEU XB 272 14.05 -55.36 -22.74
CA LEU XB 272 13.68 -55.72 -24.10
C LEU XB 272 14.67 -55.19 -25.14
N ALA XB 273 15.50 -54.22 -24.78
CA ALA XB 273 16.47 -53.68 -25.72
C ALA XB 273 17.68 -54.59 -25.89
N TRP XB 274 17.92 -55.51 -24.96
CA TRP XB 274 19.06 -56.42 -25.08
C TRP XB 274 18.81 -57.50 -26.13
N LEU XB 275 17.56 -57.97 -26.24
CA LEU XB 275 17.23 -59.00 -27.22
C LEU XB 275 17.09 -58.44 -28.63
N SER XB 276 16.99 -57.11 -28.77
CA SER XB 276 16.85 -56.51 -30.09
C SER XB 276 18.20 -56.27 -30.76
N SER XB 277 19.29 -56.29 -30.01
CA SER XB 277 20.63 -56.08 -30.57
C SER XB 277 21.38 -57.37 -30.84
N LEU XB 278 20.78 -58.52 -30.56
CA LEU XB 278 21.43 -59.80 -30.79
C LEU XB 278 21.35 -60.19 -32.26
N GLY XB 279 22.31 -60.99 -32.70
CA GLY XB 279 22.39 -61.46 -34.06
C GLY XB 279 22.02 -62.93 -34.20
N ILE XB 280 22.19 -63.43 -35.41
CA ILE XB 280 21.89 -64.83 -35.73
C ILE XB 280 22.83 -65.28 -36.84
N LEU XB 281 23.15 -66.57 -36.83
CA LEU XB 281 24.04 -67.13 -37.83
C LEU XB 281 23.32 -67.29 -39.17
N ASN XB 282 24.12 -67.36 -40.24
CA ASN XB 282 23.60 -67.52 -41.58
C ASN XB 282 23.93 -68.90 -42.10
N PRO XB 283 22.94 -69.74 -42.44
CA PRO XB 283 23.26 -71.08 -42.96
C PRO XB 283 23.83 -71.08 -44.36
N LEU XB 284 23.61 -70.02 -45.14
CA LEU XB 284 24.13 -69.98 -46.51
C LEU XB 284 25.63 -69.71 -46.52
N GLY XB 285 26.13 -68.91 -45.57
CA GLY XB 285 27.53 -68.59 -45.48
C GLY XB 285 28.38 -69.56 -44.69
N ILE XB 286 27.78 -70.63 -44.17
CA ILE XB 286 28.49 -71.63 -43.38
C ILE XB 286 28.39 -72.97 -44.11
N VAL XB 287 29.55 -73.56 -44.41
CA VAL XB 287 29.57 -74.85 -45.10
C VAL XB 287 29.12 -75.94 -44.14
N TRP XB 288 28.11 -76.69 -44.54
CA TRP XB 288 27.55 -77.75 -43.70
C TRP XB 288 28.32 -79.07 -43.83
N GLU XB 289 29.43 -79.08 -44.57
CA GLU XB 289 30.23 -80.30 -44.73
C GLU XB 289 31.15 -80.54 -43.54
N LYS XB 290 31.95 -79.54 -43.17
CA LYS XB 290 32.86 -79.67 -42.04
C LYS XB 290 32.15 -79.55 -40.71
N VAL XB 291 30.98 -78.93 -40.66
CA VAL XB 291 30.25 -78.80 -39.40
C VAL XB 291 29.60 -80.14 -39.06
N PRO XB 292 29.78 -80.66 -37.84
CA PRO XB 292 29.18 -81.96 -37.49
C PRO XB 292 27.67 -81.88 -37.34
N PHE XB 293 27.04 -83.00 -36.99
CA PHE XB 293 25.60 -83.03 -36.85
C PHE XB 293 25.14 -82.25 -35.62
N SER XB 294 25.96 -82.19 -34.58
CA SER XB 294 25.63 -81.47 -33.36
C SER XB 294 25.87 -79.97 -33.59
N PHE XB 295 24.85 -79.29 -34.09
CA PHE XB 295 24.96 -77.86 -34.37
C PHE XB 295 23.58 -77.21 -34.32
N VAL XB 296 22.53 -78.01 -34.46
CA VAL XB 296 21.17 -77.45 -34.41
C VAL XB 296 20.84 -76.96 -33.02
N VAL XB 297 21.27 -77.68 -31.99
CA VAL XB 297 21.00 -77.27 -30.61
C VAL XB 297 21.77 -75.99 -30.28
N ASP XB 298 23.02 -75.90 -30.71
CA ASP XB 298 23.83 -74.71 -30.46
C ASP XB 298 23.36 -73.50 -31.27
N TRP XB 299 22.62 -73.73 -32.36
CA TRP XB 299 22.13 -72.62 -33.17
C TRP XB 299 20.88 -71.99 -32.57
N LEU XB 300 20.12 -72.73 -31.76
CA LEU XB 300 18.89 -72.25 -31.17
C LEU XB 300 19.12 -71.42 -29.92
N LEU XB 301 20.32 -70.86 -29.73
CA LEU XB 301 20.55 -70.02 -28.55
C LEU XB 301 19.85 -68.67 -28.66
N PRO XB 302 19.99 -67.90 -29.74
CA PRO XB 302 19.22 -66.65 -29.82
C PRO XB 302 17.75 -66.86 -30.12
N VAL XB 303 17.39 -67.97 -30.76
CA VAL XB 303 15.99 -68.25 -31.07
C VAL XB 303 15.25 -68.76 -29.84
N GLY XB 304 15.90 -69.63 -29.05
CA GLY XB 304 15.27 -70.15 -27.86
C GLY XB 304 15.05 -69.10 -26.78
N ASN XB 305 15.90 -68.07 -26.75
CA ASN XB 305 15.75 -67.01 -25.76
C ASN XB 305 14.56 -66.10 -26.08
N MET XB 306 14.17 -66.00 -27.36
CA MET XB 306 13.03 -65.17 -27.72
C MET XB 306 11.70 -65.84 -27.37
N LEU XB 307 11.64 -67.18 -27.41
CA LEU XB 307 10.42 -67.87 -27.07
C LEU XB 307 10.14 -67.80 -25.56
N GLU XB 308 11.17 -67.69 -24.75
CA GLU XB 308 11.02 -67.59 -23.30
C GLU XB 308 10.81 -66.16 -22.83
N GLY XB 309 11.14 -65.16 -23.65
CA GLY XB 309 10.96 -63.78 -23.28
C GLY XB 309 9.57 -63.26 -23.59
N LEU XB 310 8.91 -63.87 -24.58
CA LEU XB 310 7.57 -63.47 -24.97
C LEU XB 310 6.49 -64.03 -24.05
N THR XB 311 6.86 -64.86 -23.08
CA THR XB 311 5.91 -65.43 -22.13
C THR XB 311 5.97 -64.78 -20.75
N ALA XB 312 7.08 -64.14 -20.41
CA ALA XB 312 7.21 -63.48 -19.12
C ALA XB 312 6.41 -62.18 -19.11
N PRO XB 313 5.86 -61.79 -17.96
CA PRO XB 313 5.09 -60.54 -17.89
C PRO XB 313 6.00 -59.33 -18.05
N VAL XB 314 5.61 -58.43 -18.94
CA VAL XB 314 6.38 -57.21 -19.23
C VAL XB 314 5.59 -56.01 -18.74
N GLY XB 315 6.26 -55.13 -18.02
CA GLY XB 315 5.61 -53.94 -17.52
C GLY XB 315 5.21 -52.98 -18.63
N CYS XB 316 4.26 -52.10 -18.31
CA CYS XB 316 3.75 -51.13 -19.26
C CYS XB 316 3.75 -49.75 -18.64
N SER XB 317 3.56 -48.74 -19.49
CA SER XB 317 3.52 -47.35 -19.08
C SER XB 317 2.26 -46.69 -19.63
N TYR XB 318 1.52 -46.03 -18.75
CA TYR XB 318 0.28 -45.38 -19.15
C TYR XB 318 0.56 -44.05 -19.86
N MET XB 319 -0.50 -43.47 -20.43
CA MET XB 319 -0.38 -42.20 -21.13
C MET XB 319 -1.45 -41.23 -20.65
N SER XB 320 -2.69 -41.41 -21.13
CA SER XB 320 -3.80 -40.54 -20.74
C SER XB 320 -5.09 -41.34 -20.90
N GLY XB 321 -5.69 -41.74 -19.78
CA GLY XB 321 -6.91 -42.50 -19.82
C GLY XB 321 -8.15 -41.61 -19.79
N THR XB 322 -9.28 -42.22 -20.17
CA THR XB 322 -10.56 -41.52 -20.22
C THR XB 322 -11.52 -42.19 -19.24
N VAL XB 323 -12.20 -41.39 -18.43
CA VAL XB 323 -13.16 -41.87 -17.44
C VAL XB 323 -14.52 -41.30 -17.83
N THR XB 324 -15.36 -42.12 -18.43
CA THR XB 324 -16.68 -41.69 -18.85
C THR XB 324 -17.63 -41.61 -17.66
N ASP XB 325 -18.45 -40.56 -17.64
CA ASP XB 325 -19.43 -40.34 -16.58
C ASP XB 325 -20.79 -40.11 -17.22
N VAL XB 326 -21.60 -41.16 -17.30
CA VAL XB 326 -22.92 -41.10 -17.89
C VAL XB 326 -23.93 -41.52 -16.83
N ILE XB 327 -24.92 -40.66 -16.57
CA ILE XB 327 -25.96 -40.92 -15.59
C ILE XB 327 -27.30 -40.96 -16.30
N THR XB 328 -28.13 -41.94 -15.93
CA THR XB 328 -29.46 -42.11 -16.50
C THR XB 328 -30.45 -42.36 -15.39
N GLY XB 329 -31.58 -41.67 -15.44
CA GLY XB 329 -32.61 -41.84 -14.44
C GLY XB 329 -33.69 -40.81 -14.60
N GLU XB 330 -34.75 -40.97 -13.80
CA GLU XB 330 -35.89 -40.08 -13.80
C GLU XB 330 -36.17 -39.60 -12.38
N SER XB 331 -37.07 -38.63 -12.27
CA SER XB 331 -37.44 -38.04 -10.99
C SER XB 331 -38.93 -37.79 -11.00
N ILE XB 332 -39.69 -38.56 -10.21
CA ILE XB 332 -41.13 -38.43 -10.11
C ILE XB 332 -41.45 -37.67 -8.83
N ILE XB 333 -42.08 -36.51 -8.98
CA ILE XB 333 -42.44 -35.68 -7.84
C ILE XB 333 -43.89 -35.95 -7.43
CA SER XB 334 -46.96 -35.07 -3.87
CA VAL XB 335 -47.34 -30.65 -4.67
CA ASP XB 336 -48.56 -29.95 -0.82
CA ALA XB 337 -52.49 -30.08 -0.23
CA PRO XB 338 -53.85 -26.58 0.82
CA TYR XB 339 -56.67 -26.07 3.45
CA GLY XB 340 -60.24 -27.52 3.73
CA TRP XB 341 -61.15 -28.70 0.16
CA THR XB 342 -62.31 -32.29 -0.79
CA VAL XB 343 -61.92 -34.68 -3.83
CA GLU XB 344 -58.46 -36.20 -4.75
CA ARG XB 345 -57.27 -36.99 -8.37
N GLN XB 346 -53.98 -34.78 -6.71
CA GLN XB 346 -52.57 -34.92 -6.44
C GLN XB 346 -51.74 -34.45 -7.62
N GLY XB 347 -50.90 -33.44 -7.40
CA GLY XB 347 -50.06 -32.90 -8.45
C GLY XB 347 -48.68 -33.52 -8.47
N THR XB 348 -48.36 -34.23 -9.56
CA THR XB 348 -47.07 -34.88 -9.74
C THR XB 348 -46.28 -34.19 -10.84
N ALA XB 349 -45.00 -34.54 -10.92
CA ALA XB 349 -44.10 -33.97 -11.92
C ALA XB 349 -43.01 -34.98 -12.23
N LYS XB 350 -42.81 -35.26 -13.51
CA LYS XB 350 -41.80 -36.20 -13.97
C LYS XB 350 -40.74 -35.46 -14.78
N ALA XB 351 -39.48 -35.73 -14.50
CA ALA XB 351 -38.36 -35.10 -15.20
C ALA XB 351 -37.29 -36.15 -15.46
N GLN XB 352 -36.63 -36.02 -16.61
CA GLN XB 352 -35.58 -36.93 -17.03
C GLN XB 352 -34.23 -36.22 -17.03
N ILE XB 353 -33.17 -37.02 -17.10
CA ILE XB 353 -31.81 -36.49 -17.11
C ILE XB 353 -30.94 -37.45 -17.93
N SER XB 354 -29.97 -36.88 -18.64
CA SER XB 354 -29.06 -37.69 -19.46
C SER XB 354 -27.81 -36.85 -19.72
N ALA XB 355 -26.77 -37.08 -18.92
CA ALA XB 355 -25.51 -36.36 -19.02
C ALA XB 355 -24.42 -37.29 -19.52
N MET XB 356 -23.32 -36.68 -19.99
CA MET XB 356 -22.19 -37.45 -20.49
C MET XB 356 -20.93 -36.59 -20.35
N HIS XB 357 -19.88 -37.18 -19.79
CA HIS XB 357 -18.62 -36.47 -19.59
C HIS XB 357 -17.49 -37.49 -19.49
N ARG XB 358 -16.40 -37.22 -20.19
CA ARG XB 358 -15.23 -38.09 -20.20
C ARG XB 358 -14.13 -37.44 -19.36
N GLY XB 359 -13.56 -38.21 -18.43
CA GLY XB 359 -12.52 -37.68 -17.58
C GLY XB 359 -11.19 -37.57 -18.30
N VAL XB 360 -10.23 -36.97 -17.59
CA VAL XB 360 -8.88 -36.75 -18.11
C VAL XB 360 -7.85 -37.54 -17.32
N GLN XB 361 -7.92 -37.47 -15.99
CA GLN XB 361 -6.96 -38.19 -15.16
C GLN XB 361 -7.24 -39.69 -15.19
N SER XB 362 -6.18 -40.48 -15.09
CA SER XB 362 -6.26 -41.93 -15.10
C SER XB 362 -5.84 -42.49 -13.76
N VAL XB 363 -6.09 -43.78 -13.57
CA VAL XB 363 -5.76 -44.49 -12.33
C VAL XB 363 -4.77 -45.59 -12.70
N TRP XB 364 -3.57 -45.54 -12.11
CA TRP XB 364 -2.54 -46.52 -12.36
C TRP XB 364 -1.58 -46.53 -11.19
N PRO XB 365 -1.21 -47.71 -10.67
CA PRO XB 365 -0.29 -47.74 -9.53
C PRO XB 365 1.12 -47.35 -9.94
N THR XB 366 1.74 -46.51 -9.11
CA THR XB 366 3.09 -46.03 -9.38
C THR XB 366 4.17 -47.06 -9.08
N THR XB 367 3.82 -48.16 -8.42
CA THR XB 367 4.77 -49.21 -8.09
C THR XB 367 4.95 -50.24 -9.21
N GLY XB 368 4.33 -50.02 -10.36
CA GLY XB 368 4.44 -50.94 -11.47
C GLY XB 368 3.42 -52.06 -11.41
N ALA XB 369 3.20 -52.69 -12.56
CA ALA XB 369 2.25 -53.78 -12.68
C ALA XB 369 2.72 -54.71 -13.79
N TYR XB 370 2.88 -56.00 -13.45
CA TYR XB 370 3.33 -56.98 -14.43
C TYR XB 370 2.18 -57.32 -15.38
N VAL XB 371 2.31 -56.93 -16.63
CA VAL XB 371 1.29 -57.16 -17.65
C VAL XB 371 1.73 -58.32 -18.53
N LYS XB 372 0.86 -59.30 -18.71
CA LYS XB 372 1.18 -60.45 -19.55
C LYS XB 372 1.23 -60.05 -21.02
N SER XB 373 2.26 -60.52 -21.72
CA SER XB 373 2.40 -60.19 -23.12
C SER XB 373 1.32 -60.88 -23.95
N PRO XB 374 0.86 -60.23 -25.03
CA PRO XB 374 -0.19 -60.85 -25.86
C PRO XB 374 0.35 -61.92 -26.79
N PHE XB 375 1.64 -62.26 -26.64
CA PHE XB 375 2.29 -63.28 -27.45
C PHE XB 375 2.10 -64.68 -26.89
N SER XB 376 1.10 -64.89 -26.04
CA SER XB 376 0.82 -66.21 -25.45
C SER XB 376 -0.14 -67.00 -26.33
N MET XB 377 0.19 -67.13 -27.61
CA MET XB 377 -0.66 -67.87 -28.53
C MET XB 377 -0.50 -69.38 -28.31
N VAL XB 378 -1.54 -70.12 -28.68
CA VAL XB 378 -1.52 -71.57 -28.51
C VAL XB 378 -0.41 -72.19 -29.35
N HIS XB 379 -0.23 -71.70 -30.58
CA HIS XB 379 0.82 -72.23 -31.44
C HIS XB 379 2.21 -71.85 -30.95
N THR XB 380 2.33 -70.81 -30.13
CA THR XB 380 3.63 -70.40 -29.60
C THR XB 380 4.00 -71.14 -28.32
N LEU XB 381 3.02 -71.59 -27.55
CA LEU XB 381 3.30 -72.32 -26.32
C LEU XB 381 3.71 -73.76 -26.57
N ASP XB 382 3.46 -74.30 -27.76
CA ASP XB 382 3.84 -75.67 -28.06
C ASP XB 382 5.34 -75.81 -28.30
N ALA XB 383 6.03 -74.72 -28.64
CA ALA XB 383 7.46 -74.79 -28.87
C ALA XB 383 8.26 -74.87 -27.57
N LEU XB 384 7.69 -74.44 -26.45
CA LEU XB 384 8.41 -74.50 -25.18
C LEU XB 384 8.44 -75.92 -24.63
N ALA XB 385 7.41 -76.72 -24.91
CA ALA XB 385 7.38 -78.11 -24.44
C ALA XB 385 8.29 -79.02 -25.23
N LEU XB 386 8.72 -78.60 -26.42
CA LEU XB 386 9.60 -79.40 -27.26
C LEU XB 386 11.07 -79.12 -27.01
N ILE XB 387 11.40 -78.11 -26.21
CA ILE XB 387 12.78 -77.77 -25.91
C ILE XB 387 13.18 -78.19 -24.50
N ARG XB 388 12.33 -77.90 -23.51
CA ARG XB 388 12.62 -78.24 -22.12
C ARG XB 388 12.33 -79.70 -21.79
N GLN XB 389 12.01 -80.53 -22.78
CA GLN XB 389 11.72 -81.93 -22.53
C GLN XB 389 12.61 -82.82 -23.39
N ARG XB 390 13.12 -82.29 -24.49
CA ARG XB 390 13.98 -83.04 -25.40
C ARG XB 390 15.30 -82.34 -25.68
N LEU XB 391 15.28 -81.06 -26.03
CA LEU XB 391 16.49 -80.32 -26.31
C LEU XB 391 17.22 -79.87 -25.06
N SER XB 392 16.59 -79.96 -23.89
CA SER XB 392 17.24 -79.57 -22.63
C SER XB 392 16.96 -80.59 -21.54
N ARG XB 393 15.86 -80.41 -20.82
CA ARG XB 393 15.45 -81.29 -19.73
C ARG XB 393 16.53 -81.42 -18.66
#